data_8R6S
#
_entry.id   8R6S
#
_cell.length_a   1.00
_cell.length_b   1.00
_cell.length_c   1.00
_cell.angle_alpha   90.00
_cell.angle_beta   90.00
_cell.angle_gamma   90.00
#
_symmetry.space_group_name_H-M   'P 1'
#
loop_
_entity.id
_entity.type
_entity.pdbx_description
1 polymer 'DNA-directed RNA polymerase subunit alpha'
2 polymer 'DNA-directed RNA polymerase subunit beta'
3 polymer "DNA-directed RNA polymerase subunit beta'"
4 polymer "DNA-directed RNA polymerase subunit beta''"
5 polymer PAP1
6 polymer PAP2
7 polymer PAP3
8 polymer PAP4
9 polymer PAP5
10 polymer PAP6
11 polymer PAP7
12 polymer PAP8
13 polymer PAP9
14 polymer PAP10
15 polymer PAP11
16 polymer PAP12
17 polymer FLN2
18 polymer PTAC18
19 polymer PRIN2
20 non-polymer 'ZINC ION'
21 non-polymer 'FE (III) ION'
22 non-polymer S-ADENOSYL-L-HOMOCYSTEINE
23 water water
#
loop_
_entity_poly.entity_id
_entity_poly.type
_entity_poly.pdbx_seq_one_letter_code
_entity_poly.pdbx_strand_id
1 'polypeptide(L)'
;MVREKVKVSTRTLQWKCVESRRDSKRLYYGRFILSPLMKGQADTIGIAMRRALLGEIEGTCITRAKFENIPHDYSNIVGI
QESVHEILMNLNEIVLKSNLYGTRNALICVQGPGYITARDIILPPSVEIVDNTQHIATLTEPINLCIGLKIERNRGYSLK
MSNNFEDRSYPIDAVFMPVQNANHSIHSYGNGNEKQEILFIEIWTNGSLTPKEALHEASRNLINLFIPFLHVEEETFYLE
NNQHQVTLPLFPFHNKLVNLRQKKKELAFQYIFIDQLELPPRIYNCLKKSNIHTLLDLLNNSQEDLIKMEHFHIEDVKKL
LDILEKK
;
A,B
2 'polypeptide(L)'
;MLGDGKEGTSTIPGFNQIQFEGFYRFIDQGLIEELSKFPKIEDIDHEIEFQLFVETYQLVEPLIKERDAVYESLTYSSEL
YVSAGLIWKTNRNMQEQRIFIGNIPLMNSLGTFIVNGIYRVVINQILQSPGIYYQSELDHNGISVYTGTIISDWGGRLEL
EIDKKARIWARVSRKQKISILVLSSAMGSNLREILENVCYPEIFLSFLTDKEKKKIGSKENAILEFYQQFSCVGGDPIFS
ESLCKELQKKFFHQRCELGRIGRRNINWRLNLNIPQNNIFLLPRDILAAADHLIGMKFGMGTLDDMNHLKNKRIRSVADL
LQDQLGLALARLENVVKGTIGGAIRHKLIPTPQNLVTSTPLTTTYESFFGLHPLSQVLDRTNPLTQIVHGRKLSYLGPGG
LTGRTANFRIRDIHPSHYGRICPIDTSEGINVGLIGSLSIHARIGDWGSLESPFYELVEKSKKAQIRMLFLSPSQDEYYM
IAAGNSLALNRGIQEEQVVPARYRQEFLTIAWEEVHLRSIFPFQYFSIGASLIPFIEHNDANRALMSSNMQRQAVPLSRS
EKCIVGTGLERQVALDSGVPAIAEHEGKILYTDTEKIILSGNENTLSIPLIMYQRSNKNTCMHQKPQVRRGKCIKKGQIL
ADGAATVGGELALGKNVLVAYMPWEGYNFEDAVLISECLVYGDIYTSFHIRKYEIQTHVTTQGPERITKEIPHLEGRLLR
NLDKNGIVMLGSWVETGDILVGKLTPQVAKESSYAPEDRLLRAILGIQVSTSKETCLKLPIGGRGRVIDVRWVQKKGGSS
YNPEIIRVYISQKREIKVGDKVAGRHGNKGIISKILPRQDMPYLQDGRPVDMVFNPLGVPSRMNVGQIFECSLGLAGSLL
DRHYRIAPFDERYEQEASRKLVFSELYEASKQTANPWVFEPEYPGKSRIFDGRTGDPFEQPVIIGKPYILKLIHQVDDKI
HGRSSGHYALVTQQPLRGRSKQGGQRVGEMEVWALEGFGVAHILQEMLTYKSDHIRARQEVLGTTIIGGTIPKPEDAPES
FRLLVRELRSLALELNHFLVSEKNFQINRKEV
;
C
3 'polypeptide(L)'
;MIDRYKHQQLRIGLVSPQQISAWATKKIPNGEIVGEVTKPYTFHYKTNKPEKDGLFCERIFGPIKSGICACGNYRVIGDE
KEDPKFCEQCGVEFVDSRIRRYQMGYIKLTCPVTHVWYLKRLPSYIANLLDKPLKELEGLVYCDFSFARPITKKPTFLRL
RGSFEYEIQSWKYSIPLFFTTQGFEIFRNREISTGAGAIREQLADLDLRIIIENSLVEWKQLGEEGPTGNEWEDRKIVRR
KDFLVRRMELAKHFIRTNIEPEWMVLCLLPVLPPELRPIIQIEGGKLMSSDINELYRRVIYRNNTLTDLLTTSRSTPGEL
VMCQEKLVQEAVDTLLDNGIRGQPMRDGHNKVYKSFSDVIEGKEGRFRETLLGKRVDYSGRSVIVVGPSLSLHRCGLPRE
IAIELFQTFVIRGLIRQHLASNIGVAKSQIREKKPIVWEILQEVMQGHPVLLNRAPTLHRLGIQSFQPILVEGRTICLHP
LVCKGFNADFDGDQMAVHVPLSLEAQAEARLLMFSHMNLLSPAIGDPISVPTQDMLIGLYVLTSGTRRGICANRYNPCNR
KNYQNERIYETNYKYMKEPFFCNSYDAIGAYRQKRINLDSPLWLRWQLDQRVIASKEVPIEVHYESFGNYHEIYAHYLIV
RSVKKETLYIYIRTTVGHISFYREIEEAIQGFSQACSYDT
;
D
4 'polypeptide(L)'
;MAERANLVFHNKVIDGTAIKRLISRLIDHFGMAYTSHILDQVKTLGFQQATATSISLGIDDLLTIPSKGWLVQDAEQQSL
ILEKHHHYGNVHAVEKLRQSIEIWYATSEYLRQEMNPNFRMTDPFNPVHMMSFSGARGNASQVHQLVGMRGLMSDPQGQM
IDLPIQSNLREGLSLTEYIISCYGARKGVVDTAVRTSDAGYLTRRLVEVVQHIVVRRTDCGTIRGISVSPRNKSRMMSER
IFIQTLIGRVLADDIYIGSRCVAFRNQDLGIGLVNRFITFGTQSISIRTPFTCRSTSWICRLCYGRSPTHGDLVELGEAV
GIIAGQSIGEPGTQLTLRTFHTGGVFTGGTAEHVRAPYNGKIKFNEDLVHPTRTRHGHPAFLCYIDLSVIIESEDIIHSV
TIPPKSFLLVQNDQYVESEQVIAEIREGTYTFHFKERVRKYIYSDSEGEMHWSTDVSHAPEFTYSNVHLLPKTSHLWILS
GGSCGSSLILFSIHKDQDQMNIPFLSVERKSISSLSVNNDQVSQKFFSSDFSDKKKSGIPNYSELNGIVGTSHYNFIYSA
IFHENSDLLAKRRRNRFLIPFQSIQEQEQEKEFIPHSGISVEIPINGIFRRNSIFAFFDDPRYRRKSSGILKYGTLKADS
IIQKEDMIEYRGVQKFKTKYEMKVDRFFFIPEEVHILPESSAIMVENYSIIGVDTRITLNIRSQVGGLIRVERKKKRIEL
KIFSGDIHFPDKTDKISRHSGILIPPGRGKTNSKESKNLKNWIYVQRITPTKKKFFVLVRPVATYEIADSINLATLFPKD
LFREKDNIQLRVFNYILYGNGKPTRGISDTSIQLVRTCLVLNWDQDNKNSSLEEVRAFFVEVNTKGLIRDFIRIGLVKSH
ISYIRKRNNPPDSGLISADSMNPFYSISPKAGILHQSLRQNHGTIRMFLNRNKESQSLLILSSSNCFRIGPFNHVKYHNV
INQSIKKKPLITIKNSSGPLGTAIQISNFYSFLPLLTYNQISVIKYLQLDNFKYIFQVIHSYLIDENGRIFNLDPYSNLV
LNPFKLNWYFLHQNYNNNYCEETSTIISLGQFFCENVCIAKKEPYLKSGQVLIVQRDSVVIRSAKPYLATPGAKVHGHYR
EILYEGDTLVTFIYEKSRSGDITQGLPKVEQVLEVRSIDSISLNLEKRIKGWNRCITRILGIPWGFLIGAELTIVQSRIS
LVNKIQKVYRSQGVQIHNRHIEIIVRQITSKVLVSEEGMSNVFLPGELIGLLRAERTGRALEEAICYRAVLLGITRASLN
TQSFISEASFQETARVLAKAALRGRIDWLKGLKENVVLGGVIPAGTGFNKGLVHCSRQHTNILLEKKTKNLSLLEGDMRD
ILFYHREFCDSSI
;
E
5 'polypeptide(L)'
;MSLFFLNPALPSNSIHPIPRRAAGISSIRCSISAPEKKPRRRRKQQQKRENEDSSSFGSSEAVSALERSLRLTFMDELME
RARNRDPSGVSEVIYDMIAAGLSPGPRSFHGLVVAHALNGDEQGAMHSLRKELGAGQRPLPETMIALVRLSGSKGNAQRG
LELLAAMEKLNYDIRQAWLILVEELVRTNHLEEANKVFLKGARGGMRATDQLYDLMIEEDCKAGDHSNALDISYEMEAAG
RFATTFHFNCLLSVQATCGIPEVAYATFENMEYGEDFMKPDTETYNWVIQAYTRADSYDRVQDVAELLGMMVEDYKRVQP
NVKTHALLVECFTKYCVVKEAIRHFRALKNFEGGTKVLHNAGNFEDPLSLYLRALCREGRIVELIDALDAMRRDNQPIPP
RAMIMSRKYRTLVSSWIEPLQEEAELGYEIDYLARYVEEGGLTGERKRWVPRRGKTPLDPDAAGFIYSNPIETSFKQRCL
EDWKVHHRKLLRTLQSEGLPVLGDASESDYMRVMERLRNIIKGPAQNLLKPKAASKMVVSELKEELEAQGLPIDGTRNVL
YQRVQKARRINKSRGRPLWVPPIEEEEEEVDEEVDELICRIKLHEGDTEFWKRRFLGEGLIETTAETKETDESSVATGEI
ENKTEVVAKEADDDEDDEEEEQEGDEDDDENEEEEEAVVVEPENRAEGEDLIKNKAADAKRHLQMIGVQLLKESDEANRT
KKRGKRASRMTLEDDADEDWFPEEPFEAFKEMRERKVFDVSDMYTIADVWGWTWEKDFKNKTPRRWSQEWEVELAIVLMA
KVIELGGVPTIGDCAVILRAAIRAPMPSSFLKILQTTHSLGYAFGSPLYDEIITLCLDLGELDAAIAIVADMETTGITVP
DQTLDKVISARQSNEIPKSEHEEPPSSSESS
;
F
6 'polypeptide(L)'
;MNLAIPNPNSHHLSFLIQNSTFIGNRRFANSNHLSFLSGGKRPCSVAKINAKTKDLVLGNPSVSVEKGKYSYDVESLINK
LSSLPPRGSIARCLDIFKNKLSLNDFALVFKEFAGRGDWQRSLRLFKYMQRQIWCKPNEHIYTIMISLLGREGLLDKCLE
VFEEMPSQGVARSVFSYTALINAYGRNGRYETSLELLDRMKSEKISPSILTYNTVINACARGGLDWEGLLGLFAEMRHEG
IQPDIVTYNTLLSACAIRGLGDEAEMVFRTMNDGGIVPDLTTYSHLVETFGKLGRLEKVSDLLSEMASGGSLPDITSYNV
LLEAYAKSGSIKEAMGVFHQMQAAGCSPNANTYSVLLNLFGQNGRYDDVRQLFLEMKSSNTDPDAATYNILIDVFGEGGY
FKEVVTLFHDMVEENIEPDMETYEGIIFACGKGGLHEDARKILQYMTAKDVVPSSKAYTGVIEAFGQAALYEEALVAFNT
MHEVGSNPSIETFHSLLYSFARGGLFKESEVILSRLVNSGIPRNRDTFNATIEAYKQGGKFEEAVKTYVDMEKSRCDPDE
RTLEAVLSVYSCARLVDECREQFEEMKASDILPSIMCYCMMLSVYGKTESWDDVNELLEEMLSNRVSNIHQVIGQMIKGN
YDDDSNWQIVEYVLDKLNSEGCGLGIRFYNALLDALWWLGQKERAARVLNEATKRGIFPELFRKNKLVWSVDVHRMSEGG
MYTALSVWLNDLSDILVKGQDLPQLAVVVSVRGQLEKSSAARESPITRAAFSFLQDHVSSSFSFTGWNGGRIMCQRSQLK
QLLSTQEPTSEESPKSNIVALTNSPIFAAGTRTSTSSDTNHSGGNPSQRKTKMKKELAGSPA
;
G
7 'polypeptide(L)'
;MQICQATLTTFTFTNPSNPNFCKPKPLFPSFQPPRRVTLPPCRGFSSDEFPVDETFLEKFGPKDKDTEDEARRRNWIERG
WAPWEEILTPEADFARKSLNEGEEVPLQSPEAIEAFKMLRPSYRKKKIKEMGITEDEWYAKQFEIRGDKPPPLDTSWAGP
LVVRQIPPRDWPPKGWEVDRKELEFIREAHKLMAERVWLEDLDKDLKVGEDATVDKMCLERFKVFLKQYNEWVEANKDRL
EEDSYKYDQDFYPGRRIRGKDYKEGMYELPFYYPGMICEGTVTTLHLYQGAFVDIGGVHEGWVPIKGNDWFWIRHFIRVG
MHVIVEITAKRDPYRFRFPLELRFVHPNIDHMIFNKFDFPPIFHRDGDTNPDEIRRDCGRPPEPRKDPGSKPEEEGLLSD
HPYVDKLWQLHVAEQMILDDYEANPEKYKGKKLSELSDDEGFDERKEIEHGEAYYKKTKLPKVILKTSVKELDLEAALIE
RKYHNKLMMEAKARGEGYKIEKLRRNIEMDEYDSLHWRRSLEEREALLRDISSRQALGLPLEEPGRYKPGSFFGKDQYDP
TSALYQYDYWGEPKNSEISKQERMKDAHNKSIVGKGNVWYDMSYDDAIKQTIERRKAESNVVTQKEEETESKEEEEDDDD
EYEFDDFDYSILSDESSIGYSEQQPLVNGTQVFTD
;
H
8 'polypeptide(L)'
;MASCLVTTSSFYTVSDSSLRLKPSNLVHLSNQQRRRSLGSRGGLKVEAYYGLKTPPYPLDALEPYMSQRTLEVHWGKHHR
GYVDNLNKQLGKDDRLYGYTMEELIKATYNNGNPLPEFNNAAQVYNHDFFWESMQPGGGDMPIKGVLEQIEKDFGSFTNF
REKFTNAALTQFGSGWVWLVLKREERRLEVVKTSNAINPLVWDDIPIINLDVWEHSYYLDYKNERGKYINTFLNHLVSWN
AAMSRMARAEAFVNLGEPTIPIA
;
I
9 'polypeptide(L)'
;MASISTTSWLYRDKLCTESGKLGTCILQRPVKCGFPVKRLYVGITSKDVLMRDCIKCKKDDDDDDASEGSSKKDGQGYEY
VSVERAPYYSYMDSTSGKMEPASGARASIPGEDYWPEGTSSRVRAARAPQPAGESSSFPSYGKNPGSRRKKNRKATEGNA
AVETYDEVSDSEDSSEEEESDSSNGFVVYNNEVEGEDEEETGFELDKKLGRPHPFIDPTKKKQIETTLTSDESWWNWRKP
EKEQWSRWQRRRPDVETVFLKAMAETGQVKLYGKEPTLTETSLYRARRHLFKEERLQAERERLAKEGPMAFYSEWVKAWK
RDTSREAVQKHFEETGEDENTQLIEMFSHQTDREYRIMMGTDVRIKRDPLAMRMKEDQIKQIWGGDPVYPTINYIQAPDA
VMDFRGPDFHEPTPNMLSYLKENCKVISREMHETLLAKEKTEQVEVPDIDDAMAQAVDIGENDDEEEDTEEAEKDEKVAR
NWSVLKSTPELRNSKPKPKKEGRMSLDEAVDDSENLTDFLMDFDEETDP
;
J
10 'polypeptide(L)'
;MASLHLFPHLHHFDSIIHRREIAAHSRRQFLSPKASINGGVVTNGASAAETAKPSRKGRNKKKQTEETNPDSDPALVDYD
DGIDFPYDDPPLVCCFGAVQKEFVPVVRVHDNPMHPDIYSQWKMLQWDPPEFGRAPGGPPSNVAISHVRLGGRAAFMGKV
GGDDYGEELVLMMNKERVQTRGVKFDEGASTACTRVKIKFEDGKMKAETVKEPPEDSLLASELNLAVLKEARIFHFNSEV
LTSPTMESTLFKAIQWSKKFGGLIFFDLNLPLPLWRSRNETRKLIKKSWDEANIIEVSQQELEFLLDEEYYERRRNYTPQ
YFAEDFEQTKNRRDYYHYTPEEIKPLWHDDLKLLVVTDGTLRLHYYTPKFDGVVVGTEDVLITPFTCDRTGSGDAVVAGI
MRKLTTCPEMFEDQDVLERQLRFAVAAGIISQWTIGAVRGFPTESATQNLKEQVYVPSMW
;
K
11 'polypeptide(L)'
;MASPVSLHYLINTFISKPQGFCNGTVSSPRPRSSFVRERQNSVKPIKVASLETQPFPLFQSPASEESSSSELESADPDFY
KIGYVRRVRAYGVEFKEGPDGFGIYASKDIEPRRRARVIMEIPHELMITIRQKHPWMFFPDIVPIGHPIFDIINSTDPER
DWDLRLACLLLFSFDREDHFWRLYGDFLPAADECSSLLLATEEDLAELQDPQLVSTIRQQQKRVLEFWEKNWHSGVPLKI
KRLAEDAERFIWAVSIAQTRCISMKTRIGALVQDLNMMIPYADMLNHSFEPNCFLHWRPKDRILEVMSNAGQAIKKGEEM
TINYMPGQKNNMLMERYGFSTPVNPWDAIPFSGDSRIHLNSFLSVFNIFGLPEEYYHDSELSGDDSFVDGAVIAAARTLP
TWSDIDLPPIPSAERKAVKELQDECRKMLAEYPTTSEQDQKLLDSLSEARTTFATAVKYRMHRKMFIGKIIKALDIYQER
LLF
;
L
12 'polypeptide(L)'
;MASSAASPSLSLLSLTPKPPPSPSTASATSHRLFPSFRTNGCFAPLTLKPRRGRSIIVKVDDGDADGGGQDEYDMDDEEV
EEVDNKKDYDVEYDPLAAAMAAASGGGGDGDIAFVQSKSFISTQGWDSEMVVDYRINEDEFHKISLLDCDFFIRKPPDPD
NDVYDFREMYVTPPDTDIYSVPRVLAPMPQKYIRCAMSDYGCYDVTEPPIDAPRDPLYKSEREISKVFLTKHYRNRRLND
PEFVLDFEEIYVIDSKTKSITRARVLVTVPGGRKRDRKDDLLVIRDNGNSFKIIHVGERDDPTTVIEREEWTKTREDMEK
HLRKLRDFSVSNWF
;
M
13 'polypeptide(L)'
;MMTSTCSFLSSCSLLPSQEPNQRMQWKRHEKRQFSRKVAVSGVIRAGFELKPPPYPLDALEPHMSRETLDYHWGKHHKTY
VENLNKQIVGTDLDGLSLEEVVLLSYNRGNMLPAFNNAAQAWNHEFFWESIQPGGGGKPSGDLLRLIERDFGSFSDFVER
FKAAAASNFGSGWTWLAYKANRLDVANAVNPLPKEEDKKLVIVKTPNAVNPLVWDYSPLLTIDTWEHAYYLDFENRRIEY
INTFMEKLVSWETVSTRLESAMARAAQREQEGSDTEAEENPDDEEPEVYLDDASEVD
;
N
14 'polypeptide(L)'
;MALVQSRALPRLNVSLSPILSTLHAPPSSLFLRREIRPVVTSPFSSSTTGNLPFSPLTHPRKILCPPPRGKFVREDYLVR
KLSAQELQDLVKGERKVPLIVDFYATWCGPCILMAQELEMLAVEYESNAMIVKVDTDDEYEFARDMQVRGLPTLFFISPD
PSKDAIRTEGLIPLQMMRDIIDNDM
;
O,P
15 'polypeptide(L)'
;MAFTFFSPHPVFLPLGRTTSSFSYKPVYSPFPRNSRNLQLAAGPARRNSYPNPADDDPPEAPEDSMHGVSKFQQIQRQAA
RARKLEEEDFEKNRNTYLSAIADVEDAPETGRDDVESGGDLFSDIDRAISMKRSEFVKKGLLQPNPPKTTSSKKLDEEED
DVTDVVDELDEEEVVDLDEIDKLTGLTEVSDEEDWVDEEGNPRINKKKETGSDHHFEFDLDDFGGSKARIVEPKFRLSLA
ELLDESKVVPISVYGDLDVEITGIQHDSRGVSSGDLFVCCENEGDSVLSEADKRGAVAVVASKEIDIEDTLGCRALVIVE
DTEAVLAALASSFYRHPSKNMAVIGVTGTNGKTTTTYLIKSLYEAMGVRTGMFSTVSCYVHGDNKMDSPTTTSPDAVLVQ
SMMAKMLHNGTEALVMEASPQELASGKCDEVDFDIAVFTNLTREDSDFRGTDEEYRDAEAKLFARMVDPERHRKVVNIDD
PNAAFFVQQGNPDVPVVTFAMENTKADVHPLKFELSLFETQVLVNTPQGILEISSGLLGRHNIYNILAAVAVGIAVGAPL
EDIVRGVEEVDAVPGRCELIDEEQAFGVIVDHANTPDGLSRLLDSVRELKPRRIITVIGCAGENERGKRPVMTKIATEKS
DVTMLTSDNPGNEDPLDILDDMLSGIGWTMQEYLKHGEHDYYPPLSNGHRLFLHDVRRVAVRCAVAMGEEGDMVVVAGKG
HESYQLEGDKKEFYDDREECREALQYVDELHQAGIDTSEFPWRLPESH
;
Q
16 'polypeptide(L)'
;MFCSSFTSSISRIGDARSGNSRASSFTFQTQVSCGIQRDDNGRRIWRRRTLTKKDDMLRYKLQRVPFVEEQVRKIKEVGK
VMTMDIERLLLSEDNRFEFVNSVAAEATEYVEKNRDEYGGTKKAIFHVLSNRVNDLGFDRPEAYAESDPYKPGPGYLKEY
YT
;
R
17 'polypeptide(L)'
;MASLSFTQFLPFPRCSVDVPCLQPHGFVKFRGERWKGKHSFLMVAGRRKLSESAPLDEDDGGNGAVGGKKPTKVPKKSGA
RTAKKKVVAKDEPLEESSQLLVDSDNVSDNESDTKEPVRRTRKKAAASSDVNEGKTEKKVRRKRTVKKDKEVEDGLVTYD
EASDVEEALTVEATDADSEGEEIDLSKHESEDISHTYGWPPLVCCFGSAQHAFVPSGRPANRLLDYERQERMKDAVWAPE
KYIRAPGGCAGGVAIALASLGGKAAFMGKLGDDDFGQAMLYYLNVCQVQTRSVKIDSKRVTACSTMKISKRGRLKSTCVK
PCAEDSLSKSEINVDVLKEAKMFYFTTHSLLDKKMMSTTLQAIKISKQLGNVIFYDLNLPLPLWQSLEETKSLIQEVWDL
ADVIEVTKQELEFLCGIEPTEEFDTKNNDSSKFVHYEPETVEPLWHENLKILFVTNGTSKIHYYTKEHNGAVLGMEDVPI
TPFTRDMSASGDGIVAGLIRMLTVQPDLMNDKGYLERTARYAIECGVVDQWLLAQTRGYPPKDDMEEEEDDDEEEEMESD
PNGIRSITEREYRTSKPYDEPDGPYVMKPVEEREYRKLELVGSMGEDDDSS
;
S
18 'polypeptide(L)'
;MASLVMATPFSGSLTQCKKKTKNLSVQRAFFKVTCSMQTPLEELYNVKVERKVSQRRLEELGVSRWSVWKTGKCKLPWDW
QVDQLVYIEEGEVRVVPEGSKRFMQFLAGDLVRYPKWLEADLFFNAPYSERYCFKAYADD
;
T
19 'polypeptide(L)'
;MQMASLDAALFSSRLQFHSSSSSSSSIRCALPTIFNLSSPAGSSCVLKSTQFLKRRLRAKSTNFSLSSLPRRGFVCRAAE
YKFPDPIPEFAEAETKKFRDHMAKKLAKRDLFEDSVDEIVGVCTEIFETFLRNEYGGPGTLLVIPFIDMADTLNERELPG
GPQAARAAIKWAQDHVDKDWKEWTGTD
;
U
#
# COMPACT_ATOMS: atom_id res chain seq x y z
N THR A 10 37.48 -55.12 -44.60
CA THR A 10 38.35 -55.95 -43.76
C THR A 10 37.80 -56.01 -42.33
N ARG A 11 37.69 -54.85 -41.71
CA ARG A 11 37.13 -54.78 -40.37
C ARG A 11 35.62 -55.00 -40.42
N THR A 12 35.09 -55.61 -39.35
CA THR A 12 33.65 -55.81 -39.28
C THR A 12 32.93 -54.48 -39.03
N LEU A 13 33.42 -53.70 -38.07
CA LEU A 13 32.83 -52.41 -37.75
C LEU A 13 33.63 -51.33 -38.46
N GLN A 14 32.97 -50.57 -39.33
CA GLN A 14 33.61 -49.58 -40.16
C GLN A 14 33.03 -48.20 -39.89
N TRP A 15 33.83 -47.18 -40.20
CA TRP A 15 33.37 -45.80 -40.21
C TRP A 15 33.88 -45.15 -41.49
N LYS A 16 33.16 -44.12 -41.93
CA LYS A 16 33.51 -43.45 -43.17
C LYS A 16 32.82 -42.09 -43.22
N CYS A 17 33.47 -41.13 -43.88
CA CYS A 17 32.82 -39.87 -44.23
C CYS A 17 31.94 -40.10 -45.45
N VAL A 18 30.62 -39.95 -45.27
CA VAL A 18 29.70 -40.13 -46.39
C VAL A 18 29.41 -38.82 -47.11
N GLU A 19 29.74 -37.68 -46.50
CA GLU A 19 29.60 -36.39 -47.16
C GLU A 19 30.53 -35.40 -46.47
N SER A 20 31.27 -34.64 -47.27
CA SER A 20 32.13 -33.58 -46.77
C SER A 20 31.95 -32.36 -47.66
N ARG A 21 31.46 -31.27 -47.09
CA ARG A 21 31.08 -30.10 -47.85
C ARG A 21 31.76 -28.86 -47.28
N ARG A 22 32.06 -27.92 -48.15
CA ARG A 22 32.71 -26.65 -47.81
C ARG A 22 31.73 -25.53 -48.17
N ASP A 23 30.94 -25.09 -47.19
CA ASP A 23 29.95 -24.05 -47.46
C ASP A 23 30.62 -22.71 -47.69
N SER A 24 31.64 -22.39 -46.90
CA SER A 24 32.46 -21.19 -47.10
C SER A 24 33.80 -21.42 -46.41
N LYS A 25 34.63 -20.39 -46.40
CA LYS A 25 35.96 -20.52 -45.82
C LYS A 25 35.92 -20.79 -44.32
N ARG A 26 34.84 -20.41 -43.64
CA ARG A 26 34.70 -20.59 -42.21
C ARG A 26 33.47 -21.41 -41.85
N LEU A 27 32.99 -22.25 -42.76
CA LEU A 27 31.85 -23.11 -42.50
C LEU A 27 32.07 -24.44 -43.21
N TYR A 28 32.47 -25.45 -42.44
CA TYR A 28 32.75 -26.78 -42.96
C TYR A 28 31.69 -27.74 -42.45
N TYR A 29 31.27 -28.68 -43.30
CA TYR A 29 30.29 -29.67 -42.93
C TYR A 29 30.79 -31.07 -43.25
N GLY A 30 30.57 -31.99 -42.33
CA GLY A 30 30.90 -33.38 -42.57
C GLY A 30 29.87 -34.31 -41.98
N ARG A 31 29.57 -35.41 -42.67
CA ARG A 31 28.69 -36.44 -42.15
C ARG A 31 29.42 -37.77 -42.19
N PHE A 32 29.29 -38.55 -41.12
CA PHE A 32 30.03 -39.78 -40.94
C PHE A 32 29.07 -40.90 -40.55
N ILE A 33 29.42 -42.13 -40.93
CA ILE A 33 28.63 -43.30 -40.60
C ILE A 33 29.51 -44.28 -39.83
N LEU A 34 28.90 -44.99 -38.90
CA LEU A 34 29.58 -46.05 -38.14
C LEU A 34 28.61 -47.22 -37.99
N SER A 35 28.96 -48.38 -38.55
CA SER A 35 28.04 -49.50 -38.54
C SER A 35 28.82 -50.79 -38.76
N PRO A 36 28.30 -51.94 -38.31
CA PRO A 36 27.10 -52.11 -37.50
C PRO A 36 27.40 -52.08 -36.00
N LEU A 37 26.52 -51.53 -35.19
CA LEU A 37 26.71 -51.46 -33.74
C LEU A 37 25.65 -52.28 -33.05
N MET A 38 25.99 -52.79 -31.87
CA MET A 38 25.01 -53.46 -31.03
C MET A 38 24.07 -52.45 -30.40
N LYS A 39 22.86 -52.90 -30.05
CA LYS A 39 21.84 -51.98 -29.54
C LYS A 39 22.29 -51.33 -28.24
N GLY A 40 22.15 -50.01 -28.18
CA GLY A 40 22.54 -49.22 -27.04
C GLY A 40 23.91 -48.60 -27.19
N GLN A 41 24.78 -49.21 -27.99
CA GLN A 41 26.11 -48.64 -28.19
C GLN A 41 26.03 -47.33 -28.96
N ALA A 42 25.13 -47.23 -29.93
CA ALA A 42 25.00 -46.01 -30.70
C ALA A 42 24.56 -44.85 -29.82
N ASP A 43 23.65 -45.10 -28.89
CA ASP A 43 23.23 -44.05 -27.96
C ASP A 43 24.37 -43.60 -27.07
N THR A 44 25.17 -44.55 -26.58
CA THR A 44 26.31 -44.21 -25.72
C THR A 44 27.33 -43.39 -26.50
N ILE A 45 27.68 -43.83 -27.71
CA ILE A 45 28.64 -43.10 -28.52
C ILE A 45 28.10 -41.73 -28.89
N GLY A 46 26.82 -41.67 -29.27
CA GLY A 46 26.26 -40.42 -29.76
C GLY A 46 26.31 -39.30 -28.73
N ILE A 47 25.84 -39.57 -27.52
CA ILE A 47 25.78 -38.51 -26.52
C ILE A 47 27.19 -38.14 -26.03
N ALA A 48 28.07 -39.13 -25.86
CA ALA A 48 29.43 -38.83 -25.44
C ALA A 48 30.17 -38.03 -26.51
N MET A 49 30.01 -38.44 -27.78
CA MET A 49 30.64 -37.70 -28.88
C MET A 49 30.07 -36.29 -28.97
N ARG A 50 28.75 -36.13 -28.85
CA ARG A 50 28.16 -34.81 -28.93
C ARG A 50 28.68 -33.90 -27.82
N ARG A 51 28.76 -34.41 -26.60
CA ARG A 51 29.24 -33.60 -25.48
C ARG A 51 30.72 -33.25 -25.66
N ALA A 52 31.52 -34.18 -26.17
CA ALA A 52 32.93 -33.89 -26.43
C ALA A 52 33.08 -32.86 -27.53
N LEU A 53 32.31 -32.99 -28.61
CA LEU A 53 32.41 -32.06 -29.72
C LEU A 53 32.04 -30.64 -29.30
N LEU A 54 30.96 -30.51 -28.53
CA LEU A 54 30.47 -29.19 -28.16
C LEU A 54 31.18 -28.60 -26.95
N GLY A 55 31.88 -29.41 -26.16
CA GLY A 55 32.42 -28.91 -24.91
C GLY A 55 33.86 -29.20 -24.58
N GLU A 56 34.54 -30.06 -25.36
CA GLU A 56 35.89 -30.49 -25.01
C GLU A 56 36.95 -30.16 -26.04
N ILE A 57 36.59 -29.62 -27.20
CA ILE A 57 37.57 -29.31 -28.24
C ILE A 57 38.04 -27.88 -28.07
N GLU A 58 39.35 -27.68 -28.12
CA GLU A 58 39.96 -26.39 -27.90
C GLU A 58 40.16 -25.63 -29.20
N GLY A 59 40.25 -24.30 -29.07
CA GLY A 59 40.54 -23.43 -30.19
C GLY A 59 41.44 -22.31 -29.76
N THR A 60 41.82 -21.47 -30.73
CA THR A 60 42.75 -20.38 -30.47
C THR A 60 42.25 -19.12 -31.15
N CYS A 61 42.31 -18.00 -30.45
CA CYS A 61 41.84 -16.74 -31.01
C CYS A 61 42.49 -15.59 -30.25
N ILE A 62 42.20 -14.38 -30.70
CA ILE A 62 42.80 -13.17 -30.15
C ILE A 62 42.15 -12.87 -28.80
N THR A 63 42.98 -12.70 -27.77
CA THR A 63 42.49 -12.47 -26.41
C THR A 63 42.54 -11.01 -25.99
N ARG A 64 43.44 -10.21 -26.54
CA ARG A 64 43.41 -8.78 -26.26
C ARG A 64 44.18 -8.03 -27.34
N ALA A 65 43.91 -6.73 -27.39
CA ALA A 65 44.54 -5.83 -28.35
C ALA A 65 45.04 -4.60 -27.63
N LYS A 66 46.21 -4.12 -28.02
CA LYS A 66 46.79 -2.90 -27.47
C LYS A 66 46.81 -1.83 -28.55
N PHE A 67 46.26 -0.67 -28.24
CA PHE A 67 46.23 0.46 -29.16
C PHE A 67 47.23 1.51 -28.71
N GLU A 68 47.81 2.21 -29.69
CA GLU A 68 48.94 3.08 -29.43
C GLU A 68 48.51 4.44 -28.86
N ASN A 69 47.62 5.15 -29.55
CA ASN A 69 47.31 6.52 -29.17
C ASN A 69 45.81 6.69 -28.93
N ILE A 70 45.22 5.78 -28.17
CA ILE A 70 43.77 5.72 -27.99
C ILE A 70 43.46 6.05 -26.54
N PRO A 71 42.54 6.99 -26.27
CA PRO A 71 42.10 7.23 -24.89
C PRO A 71 41.32 6.05 -24.32
N HIS A 72 40.26 5.65 -25.01
CA HIS A 72 39.44 4.53 -24.59
C HIS A 72 38.91 3.82 -25.84
N ASP A 73 38.35 2.63 -25.63
CA ASP A 73 37.91 1.79 -26.75
C ASP A 73 36.62 2.30 -27.40
N TYR A 74 36.07 3.44 -26.96
CA TYR A 74 34.84 3.97 -27.53
C TYR A 74 35.08 5.29 -28.27
N SER A 75 36.32 5.58 -28.61
CA SER A 75 36.67 6.79 -29.34
C SER A 75 36.72 6.49 -30.83
N ASN A 76 37.18 7.47 -31.60
CA ASN A 76 37.38 7.31 -33.04
C ASN A 76 38.79 7.74 -33.39
N ILE A 77 39.29 7.19 -34.49
CA ILE A 77 40.61 7.52 -35.02
C ILE A 77 40.42 8.26 -36.33
N VAL A 78 41.16 9.35 -36.51
CA VAL A 78 41.11 10.07 -37.77
C VAL A 78 41.76 9.22 -38.86
N GLY A 79 41.04 8.98 -39.93
CA GLY A 79 41.51 8.18 -41.04
C GLY A 79 40.96 6.76 -41.09
N ILE A 80 40.25 6.33 -40.06
CA ILE A 80 39.63 5.00 -40.03
C ILE A 80 38.12 5.18 -40.06
N GLN A 81 37.46 4.51 -41.01
CA GLN A 81 36.00 4.60 -41.10
C GLN A 81 35.34 4.04 -39.85
N GLU A 82 35.85 2.94 -39.32
CA GLU A 82 35.28 2.29 -38.15
C GLU A 82 35.78 2.94 -36.86
N SER A 83 35.05 2.70 -35.77
CA SER A 83 35.48 3.17 -34.47
C SER A 83 36.33 2.11 -33.77
N VAL A 84 36.94 2.51 -32.66
CA VAL A 84 37.79 1.58 -31.90
C VAL A 84 36.98 0.38 -31.44
N HIS A 85 35.76 0.62 -30.96
CA HIS A 85 34.92 -0.49 -30.50
C HIS A 85 34.58 -1.44 -31.65
N GLU A 86 34.35 -0.90 -32.85
CA GLU A 86 34.09 -1.75 -34.00
C GLU A 86 35.31 -2.57 -34.39
N ILE A 87 36.52 -2.04 -34.16
CA ILE A 87 37.74 -2.80 -34.46
C ILE A 87 37.80 -4.05 -33.61
N LEU A 88 37.52 -3.92 -32.32
CA LEU A 88 37.61 -5.06 -31.41
C LEU A 88 36.65 -6.17 -31.82
N MET A 89 35.44 -5.80 -32.23
CA MET A 89 34.49 -6.81 -32.71
C MET A 89 34.99 -7.51 -33.96
N ASN A 90 35.63 -6.76 -34.87
CA ASN A 90 36.23 -7.39 -36.04
C ASN A 90 37.40 -8.30 -35.66
N LEU A 91 38.17 -7.93 -34.65
CA LEU A 91 39.22 -8.83 -34.17
C LEU A 91 38.65 -10.06 -33.51
N ASN A 92 37.51 -9.92 -32.83
CA ASN A 92 36.91 -11.05 -32.13
C ASN A 92 36.44 -12.14 -33.08
N GLU A 93 36.07 -11.78 -34.30
CA GLU A 93 35.55 -12.76 -35.26
C GLU A 93 36.62 -13.40 -36.11
N ILE A 94 37.91 -13.12 -35.86
CA ILE A 94 38.97 -13.69 -36.67
C ILE A 94 39.26 -15.12 -36.20
N VAL A 95 39.23 -16.06 -37.14
CA VAL A 95 39.39 -17.48 -36.84
C VAL A 95 40.85 -17.86 -37.04
N LEU A 96 41.45 -18.43 -36.00
CA LEU A 96 42.83 -18.89 -36.02
C LEU A 96 42.88 -20.38 -35.71
N LYS A 97 44.00 -20.99 -36.07
CA LYS A 97 44.25 -22.39 -35.77
C LYS A 97 45.66 -22.54 -35.20
N SER A 98 45.81 -23.41 -34.22
CA SER A 98 47.09 -23.74 -33.62
C SER A 98 46.93 -25.00 -32.80
N ASN A 99 47.99 -25.79 -32.76
CA ASN A 99 48.01 -27.00 -31.95
C ASN A 99 48.68 -26.80 -30.59
N LEU A 100 49.42 -25.71 -30.41
CA LEU A 100 50.21 -25.48 -29.20
C LEU A 100 49.46 -24.58 -28.23
N TYR A 101 49.90 -24.63 -26.97
CA TYR A 101 49.36 -23.81 -25.90
C TYR A 101 50.27 -22.61 -25.64
N GLY A 102 49.83 -21.73 -24.76
CA GLY A 102 50.60 -20.58 -24.33
C GLY A 102 50.10 -19.29 -24.95
N THR A 103 50.33 -18.18 -24.23
CA THR A 103 49.95 -16.86 -24.72
C THR A 103 50.97 -16.41 -25.76
N ARG A 104 50.53 -16.35 -27.01
CA ARG A 104 51.34 -15.84 -28.10
C ARG A 104 51.00 -14.37 -28.33
N ASN A 105 51.88 -13.66 -29.03
CA ASN A 105 51.56 -12.31 -29.45
C ASN A 105 51.78 -12.16 -30.95
N ALA A 106 50.96 -11.33 -31.56
CA ALA A 106 51.00 -11.03 -32.99
C ALA A 106 50.90 -9.52 -33.16
N LEU A 107 50.99 -9.06 -34.41
CA LEU A 107 51.13 -7.63 -34.66
C LEU A 107 50.41 -7.21 -35.93
N ILE A 108 49.82 -6.01 -35.88
CA ILE A 108 49.32 -5.32 -37.06
C ILE A 108 50.08 -4.00 -37.13
N CYS A 109 50.88 -3.84 -38.18
CA CYS A 109 51.67 -2.61 -38.38
C CYS A 109 51.52 -2.22 -39.85
N VAL A 110 50.62 -1.27 -40.12
CA VAL A 110 50.21 -0.96 -41.48
C VAL A 110 50.19 0.55 -41.69
N GLN A 111 50.26 0.94 -42.95
CA GLN A 111 50.11 2.33 -43.37
C GLN A 111 49.01 2.41 -44.42
N GLY A 112 48.10 3.37 -44.23
CA GLY A 112 46.95 3.49 -45.12
C GLY A 112 47.25 4.30 -46.36
N PRO A 113 46.22 4.55 -47.19
CA PRO A 113 44.84 4.08 -47.07
C PRO A 113 44.67 2.67 -47.61
N GLY A 114 43.59 1.97 -47.28
CA GLY A 114 43.36 0.67 -47.83
C GLY A 114 42.45 -0.17 -46.94
N TYR A 115 42.43 -1.46 -47.23
CA TYR A 115 41.59 -2.43 -46.54
C TYR A 115 42.47 -3.31 -45.67
N ILE A 116 42.32 -3.19 -44.36
CA ILE A 116 43.01 -4.08 -43.43
C ILE A 116 42.19 -5.36 -43.29
N THR A 117 42.81 -6.49 -43.60
CA THR A 117 42.16 -7.79 -43.45
C THR A 117 42.99 -8.66 -42.52
N ALA A 118 42.58 -9.93 -42.40
CA ALA A 118 43.29 -10.85 -41.53
C ALA A 118 44.65 -11.23 -42.10
N ARG A 119 44.82 -11.17 -43.42
CA ARG A 119 46.10 -11.50 -44.02
C ARG A 119 47.18 -10.48 -43.67
N ASP A 120 46.83 -9.33 -43.10
CA ASP A 120 47.79 -8.32 -42.70
C ASP A 120 48.33 -8.53 -41.28
N ILE A 121 47.90 -9.58 -40.60
CA ILE A 121 48.41 -9.88 -39.26
C ILE A 121 49.75 -10.61 -39.38
N ILE A 122 50.72 -10.17 -38.60
CA ILE A 122 52.02 -10.83 -38.50
C ILE A 122 51.92 -11.88 -37.40
N LEU A 123 51.89 -13.16 -37.79
CA LEU A 123 51.62 -14.23 -36.85
C LEU A 123 52.90 -14.98 -36.47
N PRO A 124 53.00 -15.38 -35.21
CA PRO A 124 54.11 -16.23 -34.79
C PRO A 124 54.04 -17.58 -35.47
N PRO A 125 55.15 -18.30 -35.58
CA PRO A 125 55.17 -19.50 -36.43
C PRO A 125 54.21 -20.61 -36.01
N SER A 126 53.72 -20.62 -34.77
CA SER A 126 52.83 -21.69 -34.34
C SER A 126 51.37 -21.44 -34.68
N VAL A 127 51.01 -20.24 -35.14
CA VAL A 127 49.62 -19.85 -35.33
C VAL A 127 49.37 -19.55 -36.81
N GLU A 128 48.17 -19.89 -37.28
CA GLU A 128 47.79 -19.71 -38.67
C GLU A 128 46.42 -19.08 -38.77
N ILE A 129 46.21 -18.34 -39.83
CA ILE A 129 44.93 -17.70 -40.14
C ILE A 129 44.10 -18.67 -40.96
N VAL A 130 42.79 -18.64 -40.76
CA VAL A 130 41.88 -19.51 -41.50
C VAL A 130 41.32 -18.81 -42.73
N ASP A 131 40.85 -17.58 -42.58
CA ASP A 131 40.20 -16.84 -43.66
C ASP A 131 40.93 -15.53 -43.89
N ASN A 132 41.58 -15.40 -45.05
CA ASN A 132 42.34 -14.20 -45.37
C ASN A 132 41.43 -12.97 -45.46
N THR A 133 40.25 -13.13 -46.04
CA THR A 133 39.41 -12.00 -46.41
C THR A 133 38.70 -11.36 -45.24
N GLN A 134 38.81 -11.91 -44.03
CA GLN A 134 38.09 -11.36 -42.90
C GLN A 134 38.50 -9.92 -42.65
N HIS A 135 37.51 -9.04 -42.52
CA HIS A 135 37.72 -7.60 -42.51
C HIS A 135 38.01 -7.10 -41.10
N ILE A 136 39.03 -6.26 -40.99
CA ILE A 136 39.41 -5.66 -39.71
C ILE A 136 39.07 -4.17 -39.67
N ALA A 137 39.55 -3.41 -40.66
CA ALA A 137 39.31 -1.98 -40.66
C ALA A 137 39.45 -1.44 -42.08
N THR A 138 38.93 -0.23 -42.29
CA THR A 138 39.07 0.51 -43.53
C THR A 138 39.81 1.80 -43.25
N LEU A 139 40.90 2.03 -43.97
CA LEU A 139 41.73 3.22 -43.80
C LEU A 139 41.48 4.16 -44.97
N THR A 140 41.04 5.38 -44.65
CA THR A 140 40.77 6.40 -45.65
C THR A 140 41.81 7.51 -45.68
N GLU A 141 42.98 7.26 -45.09
CA GLU A 141 44.02 8.27 -44.99
C GLU A 141 45.36 7.58 -44.83
N PRO A 142 46.43 8.12 -45.40
CA PRO A 142 47.76 7.52 -45.19
C PRO A 142 48.25 7.73 -43.76
N ILE A 143 47.72 6.97 -42.82
CA ILE A 143 48.09 7.08 -41.41
C ILE A 143 48.84 5.82 -41.00
N ASN A 144 49.42 5.87 -39.80
CA ASN A 144 50.14 4.75 -39.23
C ASN A 144 49.30 4.11 -38.13
N LEU A 145 49.10 2.80 -38.22
CA LEU A 145 48.28 2.07 -37.26
C LEU A 145 49.05 0.85 -36.77
N CYS A 146 49.38 0.82 -35.49
CA CYS A 146 50.07 -0.30 -34.86
C CYS A 146 49.18 -0.83 -33.74
N ILE A 147 48.82 -2.11 -33.85
CA ILE A 147 48.01 -2.78 -32.84
C ILE A 147 48.72 -4.05 -32.41
N GLY A 148 49.02 -4.15 -31.12
CA GLY A 148 49.53 -5.41 -30.59
C GLY A 148 48.41 -6.37 -30.25
N LEU A 149 48.68 -7.65 -30.41
CA LEU A 149 47.69 -8.69 -30.20
C LEU A 149 48.23 -9.76 -29.27
N LYS A 150 47.34 -10.37 -28.49
CA LYS A 150 47.66 -11.55 -27.70
C LYS A 150 46.75 -12.68 -28.14
N ILE A 151 47.28 -13.90 -28.15
CA ILE A 151 46.58 -15.06 -28.68
C ILE A 151 46.77 -16.24 -27.73
N GLU A 152 45.69 -16.96 -27.44
CA GLU A 152 45.75 -18.11 -26.54
C GLU A 152 44.95 -19.26 -27.14
N ARG A 153 45.33 -20.47 -26.75
CA ARG A 153 44.55 -21.68 -27.03
C ARG A 153 43.94 -22.16 -25.73
N ASN A 154 42.61 -22.26 -25.70
CA ASN A 154 41.91 -22.58 -24.47
C ASN A 154 40.65 -23.36 -24.80
N ARG A 155 39.86 -23.66 -23.78
CA ARG A 155 38.56 -24.29 -23.91
C ARG A 155 37.47 -23.31 -23.50
N GLY A 156 36.29 -23.49 -24.05
CA GLY A 156 35.14 -22.70 -23.65
C GLY A 156 35.16 -21.27 -24.17
N TYR A 157 35.16 -20.31 -23.24
CA TYR A 157 35.18 -18.91 -23.61
C TYR A 157 35.77 -18.10 -22.47
N SER A 158 36.24 -16.90 -22.78
CA SER A 158 36.85 -16.02 -21.80
C SER A 158 35.89 -15.64 -20.69
N SER A 169 45.65 -2.02 -22.55
CA SER A 169 45.15 -2.93 -23.57
C SER A 169 43.69 -3.30 -23.32
N TYR A 170 43.01 -3.70 -24.40
CA TYR A 170 41.58 -3.95 -24.35
C TYR A 170 41.31 -5.44 -24.47
N PRO A 171 40.69 -6.05 -23.47
CA PRO A 171 40.35 -7.47 -23.57
C PRO A 171 39.37 -7.72 -24.71
N ILE A 172 39.53 -8.87 -25.36
CA ILE A 172 38.65 -9.30 -26.44
C ILE A 172 37.96 -10.57 -25.96
N ASP A 173 36.63 -10.57 -25.99
CA ASP A 173 35.86 -11.68 -25.45
C ASP A 173 35.95 -12.89 -26.37
N ALA A 174 36.90 -13.77 -26.07
CA ALA A 174 37.21 -14.88 -26.96
C ALA A 174 36.27 -16.05 -26.70
N VAL A 175 35.73 -16.61 -27.76
CA VAL A 175 34.97 -17.86 -27.72
C VAL A 175 35.81 -18.88 -28.48
N PHE A 176 36.48 -19.78 -27.74
CA PHE A 176 37.48 -20.66 -28.34
C PHE A 176 36.89 -21.82 -29.12
N MET A 177 35.64 -22.19 -28.87
CA MET A 177 35.07 -23.43 -29.38
C MET A 177 34.95 -23.43 -30.91
N PRO A 178 35.56 -24.38 -31.61
CA PRO A 178 35.53 -24.37 -33.08
C PRO A 178 34.36 -25.13 -33.70
N VAL A 179 33.71 -26.00 -32.93
CA VAL A 179 32.58 -26.77 -33.44
C VAL A 179 31.32 -25.91 -33.29
N GLN A 180 30.72 -25.52 -34.41
CA GLN A 180 29.53 -24.69 -34.37
C GLN A 180 28.31 -25.50 -33.94
N ASN A 181 28.13 -26.70 -34.48
CA ASN A 181 26.99 -27.54 -34.13
C ASN A 181 27.33 -28.99 -34.43
N ALA A 182 26.54 -29.88 -33.84
CA ALA A 182 26.69 -31.31 -34.08
C ALA A 182 25.33 -31.96 -34.01
N ASN A 183 25.20 -33.10 -34.66
CA ASN A 183 23.96 -33.86 -34.69
C ASN A 183 24.31 -35.33 -34.91
N HIS A 184 23.44 -36.22 -34.43
CA HIS A 184 23.61 -37.64 -34.71
C HIS A 184 22.25 -38.30 -34.81
N SER A 185 22.20 -39.39 -35.58
CA SER A 185 20.99 -40.18 -35.71
C SER A 185 21.33 -41.65 -35.64
N ILE A 186 20.36 -42.46 -35.21
CA ILE A 186 20.52 -43.89 -35.01
C ILE A 186 19.41 -44.60 -35.75
N HIS A 187 19.78 -45.59 -36.56
CA HIS A 187 18.83 -46.30 -37.40
C HIS A 187 19.03 -47.80 -37.27
N SER A 188 17.92 -48.53 -37.34
CA SER A 188 17.97 -49.98 -37.20
C SER A 188 18.62 -50.62 -38.41
N TYR A 189 19.58 -51.51 -38.16
CA TYR A 189 20.29 -52.16 -39.25
C TYR A 189 19.40 -53.15 -39.99
N GLY A 190 18.53 -53.85 -39.28
CA GLY A 190 17.59 -54.70 -39.98
C GLY A 190 16.89 -55.73 -39.11
N ASN A 191 16.82 -56.96 -39.61
CA ASN A 191 16.20 -58.04 -38.87
C ASN A 191 16.97 -58.30 -37.57
N GLY A 192 16.23 -58.69 -36.54
CA GLY A 192 16.80 -58.84 -35.21
C GLY A 192 17.66 -60.06 -35.04
N ASN A 193 18.69 -60.20 -35.89
CA ASN A 193 19.72 -61.20 -35.64
C ASN A 193 20.44 -60.89 -34.33
N GLU A 194 20.96 -59.67 -34.22
CA GLU A 194 21.32 -59.08 -32.95
C GLU A 194 20.94 -57.61 -32.92
N LYS A 195 19.78 -57.27 -33.47
CA LYS A 195 19.21 -55.91 -33.46
C LYS A 195 20.30 -54.85 -33.58
N GLN A 196 21.06 -54.95 -34.66
CA GLN A 196 22.16 -54.04 -34.90
C GLN A 196 21.64 -52.65 -35.28
N GLU A 197 22.51 -51.66 -35.15
CA GLU A 197 22.12 -50.27 -35.40
C GLU A 197 23.20 -49.56 -36.21
N ILE A 198 22.79 -48.48 -36.86
CA ILE A 198 23.66 -47.65 -37.68
C ILE A 198 23.69 -46.25 -37.08
N LEU A 199 24.89 -45.71 -36.91
CA LEU A 199 25.08 -44.38 -36.35
C LEU A 199 25.57 -43.43 -37.41
N PHE A 200 24.95 -42.26 -37.50
CA PHE A 200 25.42 -41.14 -38.31
C PHE A 200 25.79 -39.99 -37.39
N ILE A 201 26.89 -39.30 -37.69
CA ILE A 201 27.31 -38.12 -36.95
C ILE A 201 27.53 -36.98 -37.95
N GLU A 202 26.90 -35.84 -37.68
CA GLU A 202 27.08 -34.63 -38.47
C GLU A 202 27.83 -33.60 -37.64
N ILE A 203 28.81 -32.94 -38.27
CA ILE A 203 29.65 -31.97 -37.58
C ILE A 203 29.78 -30.72 -38.43
N TRP A 204 29.63 -29.56 -37.79
CA TRP A 204 29.89 -28.26 -38.40
C TRP A 204 31.03 -27.57 -37.65
N THR A 205 32.05 -27.14 -38.38
CA THR A 205 33.20 -26.45 -37.79
C THR A 205 33.37 -25.08 -38.45
N ASN A 206 34.26 -24.27 -37.88
CA ASN A 206 34.54 -22.94 -38.39
C ASN A 206 35.76 -22.91 -39.30
N GLY A 207 36.25 -24.07 -39.73
CA GLY A 207 37.41 -24.12 -40.59
C GLY A 207 38.75 -24.19 -39.88
N SER A 208 38.78 -23.89 -38.58
CA SER A 208 40.02 -24.04 -37.83
C SER A 208 40.45 -25.50 -37.76
N LEU A 209 39.52 -26.43 -37.92
CA LEU A 209 39.80 -27.84 -38.12
C LEU A 209 38.66 -28.43 -38.94
N THR A 210 38.98 -29.45 -39.72
CA THR A 210 37.96 -30.08 -40.54
C THR A 210 37.03 -30.92 -39.66
N PRO A 211 35.81 -31.22 -40.14
CA PRO A 211 34.92 -32.10 -39.37
C PRO A 211 35.52 -33.46 -39.07
N LYS A 212 36.30 -34.03 -40.00
CA LYS A 212 36.95 -35.29 -39.73
C LYS A 212 37.97 -35.16 -38.60
N GLU A 213 38.73 -34.06 -38.60
CA GLU A 213 39.69 -33.84 -37.51
C GLU A 213 38.98 -33.61 -36.18
N ALA A 214 37.85 -32.90 -36.19
CA ALA A 214 37.09 -32.72 -34.96
C ALA A 214 36.61 -34.06 -34.43
N LEU A 215 36.19 -34.95 -35.32
CA LEU A 215 35.72 -36.28 -34.90
C LEU A 215 36.85 -37.06 -34.24
N HIS A 216 38.07 -36.95 -34.77
CA HIS A 216 39.20 -37.66 -34.19
C HIS A 216 39.64 -37.05 -32.88
N GLU A 217 39.59 -35.71 -32.78
CA GLU A 217 40.00 -35.04 -31.56
C GLU A 217 39.03 -35.32 -30.42
N ALA A 218 37.73 -35.36 -30.71
CA ALA A 218 36.76 -35.69 -29.67
C ALA A 218 36.96 -37.11 -29.17
N SER A 219 37.25 -38.05 -30.08
CA SER A 219 37.51 -39.42 -29.67
C SER A 219 38.74 -39.51 -28.78
N ARG A 220 39.82 -38.82 -29.15
CA ARG A 220 41.02 -38.82 -28.32
C ARG A 220 40.77 -38.15 -26.98
N ASN A 221 40.05 -37.03 -26.99
CA ASN A 221 39.75 -36.34 -25.74
C ASN A 221 38.90 -37.21 -24.83
N LEU A 222 37.94 -37.93 -25.41
CA LEU A 222 37.09 -38.82 -24.60
C LEU A 222 37.90 -39.93 -23.96
N ILE A 223 38.85 -40.50 -24.71
CA ILE A 223 39.67 -41.59 -24.17
C ILE A 223 40.48 -41.09 -22.98
N ASN A 224 41.08 -39.90 -23.11
CA ASN A 224 41.87 -39.32 -22.03
C ASN A 224 41.01 -38.94 -20.82
N LEU A 225 39.69 -38.87 -20.97
CA LEU A 225 38.82 -38.62 -19.82
C LEU A 225 38.43 -39.90 -19.10
N PHE A 226 38.45 -41.04 -19.78
CA PHE A 226 38.05 -42.31 -19.19
C PHE A 226 39.22 -43.16 -18.72
N ILE A 227 40.38 -42.98 -19.31
CA ILE A 227 41.59 -43.75 -18.98
C ILE A 227 42.15 -43.49 -17.57
N PRO A 228 41.90 -42.34 -16.90
CA PRO A 228 42.41 -42.21 -15.54
C PRO A 228 41.94 -43.30 -14.59
N PHE A 229 40.74 -43.84 -14.80
CA PHE A 229 40.27 -44.94 -13.97
C PHE A 229 41.09 -46.21 -14.16
N LEU A 230 41.89 -46.29 -15.22
CA LEU A 230 42.75 -47.45 -15.46
C LEU A 230 44.17 -47.28 -14.93
N HIS A 231 44.52 -46.11 -14.42
CA HIS A 231 45.73 -45.98 -13.63
C HIS A 231 45.54 -46.66 -12.28
N VAL A 232 46.65 -46.93 -11.59
CA VAL A 232 46.54 -47.48 -10.26
C VAL A 232 45.87 -46.45 -9.34
N GLU A 233 45.11 -46.94 -8.38
CA GLU A 233 44.43 -46.08 -7.43
C GLU A 233 45.43 -45.19 -6.69
N GLU A 234 44.95 -44.03 -6.26
CA GLU A 234 45.77 -43.11 -5.48
C GLU A 234 46.25 -43.77 -4.21
N GLU A 235 47.51 -43.47 -3.84
CA GLU A 235 48.17 -44.06 -2.67
C GLU A 235 48.35 -45.56 -2.79
N THR A 236 48.47 -46.06 -4.01
CA THR A 236 48.77 -47.48 -4.20
C THR A 236 50.24 -47.77 -3.92
N PHE A 237 51.12 -47.08 -4.64
CA PHE A 237 52.55 -47.20 -4.44
C PHE A 237 53.03 -46.20 -3.40
N TYR A 238 54.08 -46.58 -2.68
CA TYR A 238 54.65 -45.72 -1.65
C TYR A 238 55.23 -44.46 -2.27
N LEU A 239 54.92 -43.32 -1.65
CA LEU A 239 55.45 -42.04 -2.11
C LEU A 239 56.29 -41.38 -1.01
N THR A 247 57.40 -40.84 -12.12
CA THR A 247 57.95 -41.31 -13.40
C THR A 247 58.29 -42.79 -13.32
N LEU A 248 58.97 -43.19 -12.25
CA LEU A 248 59.34 -44.59 -12.00
C LEU A 248 58.89 -44.95 -10.60
N PRO A 249 57.68 -45.50 -10.45
CA PRO A 249 57.13 -45.71 -9.09
C PRO A 249 57.91 -46.72 -8.24
N LEU A 250 58.84 -47.46 -8.83
CA LEU A 250 59.66 -48.39 -8.05
C LEU A 250 60.67 -47.66 -7.18
N PHE A 251 61.22 -46.56 -7.68
CA PHE A 251 62.37 -45.93 -7.04
C PHE A 251 62.11 -45.37 -5.64
N PRO A 252 61.00 -44.67 -5.35
CA PRO A 252 60.83 -44.14 -3.97
C PRO A 252 60.86 -45.19 -2.88
N PHE A 253 60.32 -46.39 -3.12
CA PHE A 253 60.39 -47.43 -2.09
C PHE A 253 61.82 -47.91 -1.89
N HIS A 254 62.62 -47.95 -2.97
CA HIS A 254 64.03 -48.33 -2.81
C HIS A 254 64.76 -47.34 -1.93
N ASN A 255 64.52 -46.03 -2.15
CA ASN A 255 65.17 -45.01 -1.32
C ASN A 255 64.75 -45.12 0.13
N LYS A 256 63.53 -45.58 0.38
CA LYS A 256 63.11 -45.83 1.76
C LYS A 256 63.93 -46.95 2.39
N LEU A 257 64.26 -47.98 1.61
CA LEU A 257 65.06 -49.08 2.13
C LEU A 257 66.49 -48.65 2.44
N VAL A 258 67.08 -47.81 1.58
CA VAL A 258 68.40 -47.29 1.87
C VAL A 258 68.40 -46.50 3.17
N ASN A 259 67.35 -45.70 3.38
CA ASN A 259 67.22 -44.96 4.63
C ASN A 259 67.04 -45.90 5.81
N LEU A 260 66.30 -47.00 5.63
CA LEU A 260 66.12 -47.95 6.72
C LEU A 260 67.40 -48.71 7.03
N ARG A 261 68.23 -48.98 6.03
CA ARG A 261 69.48 -49.69 6.27
C ARG A 261 70.39 -48.92 7.21
N GLN A 262 70.64 -47.65 6.91
CA GLN A 262 71.20 -46.76 7.92
C GLN A 262 70.18 -46.59 9.04
N LYS A 263 70.69 -46.40 10.26
CA LYS A 263 69.83 -46.34 11.44
C LYS A 263 68.91 -47.57 11.47
N LYS A 264 69.53 -48.73 11.65
CA LYS A 264 68.86 -50.01 11.53
C LYS A 264 67.51 -49.99 12.23
N LYS A 265 66.45 -50.14 11.44
CA LYS A 265 65.10 -49.81 11.88
C LYS A 265 64.11 -50.93 11.57
N GLU A 266 64.40 -51.71 10.54
CA GLU A 266 63.51 -52.75 10.01
C GLU A 266 62.24 -52.15 9.40
N LEU A 267 61.59 -52.92 8.54
CA LEU A 267 60.48 -52.44 7.72
C LEU A 267 59.15 -52.80 8.38
N ALA A 268 58.20 -51.87 8.30
CA ALA A 268 56.93 -52.02 9.00
C ALA A 268 56.11 -53.16 8.40
N PHE A 269 55.20 -53.68 9.22
CA PHE A 269 54.41 -54.85 8.85
C PHE A 269 53.43 -54.57 7.72
N GLN A 270 53.10 -53.30 7.46
CA GLN A 270 52.22 -52.99 6.33
C GLN A 270 52.89 -53.25 4.99
N TYR A 271 54.22 -53.27 4.94
CA TYR A 271 54.96 -53.54 3.72
C TYR A 271 55.40 -54.99 3.59
N ILE A 272 55.03 -55.85 4.55
CA ILE A 272 55.36 -57.27 4.50
C ILE A 272 54.10 -58.03 4.11
N PHE A 273 54.21 -58.87 3.09
CA PHE A 273 53.07 -59.56 2.52
C PHE A 273 53.09 -61.02 2.92
N ILE A 274 51.90 -61.61 3.00
CA ILE A 274 51.76 -62.99 3.45
C ILE A 274 52.42 -63.96 2.48
N ASP A 275 52.72 -63.52 1.26
CA ASP A 275 53.46 -64.34 0.32
C ASP A 275 54.84 -64.70 0.83
N GLN A 276 55.42 -63.86 1.70
CA GLN A 276 56.77 -64.06 2.21
C GLN A 276 56.81 -64.80 3.53
N LEU A 277 55.66 -65.23 4.06
CA LEU A 277 55.61 -66.16 5.15
C LEU A 277 55.42 -67.57 4.59
N GLU A 278 56.01 -68.55 5.27
CA GLU A 278 56.01 -69.93 4.78
C GLU A 278 54.71 -70.65 5.14
N LEU A 279 53.61 -70.06 4.71
CA LEU A 279 52.30 -70.63 4.98
C LEU A 279 52.00 -71.79 4.02
N PRO A 280 51.28 -72.80 4.48
CA PRO A 280 50.87 -73.86 3.57
C PRO A 280 49.93 -73.31 2.51
N PRO A 281 49.94 -73.92 1.32
CA PRO A 281 49.13 -73.36 0.22
C PRO A 281 47.65 -73.28 0.51
N ARG A 282 47.09 -74.21 1.28
CA ARG A 282 45.68 -74.12 1.62
C ARG A 282 45.40 -72.90 2.49
N ILE A 283 46.27 -72.61 3.45
CA ILE A 283 46.11 -71.42 4.28
C ILE A 283 46.24 -70.16 3.43
N TYR A 284 47.23 -70.14 2.53
CA TYR A 284 47.46 -68.96 1.70
C TYR A 284 46.26 -68.63 0.84
N ASN A 285 45.64 -69.65 0.23
CA ASN A 285 44.49 -69.40 -0.63
C ASN A 285 43.32 -68.84 0.16
N CYS A 286 43.14 -69.30 1.41
CA CYS A 286 42.06 -68.75 2.25
C CYS A 286 42.29 -67.28 2.57
N LEU A 287 43.52 -66.91 2.95
CA LEU A 287 43.79 -65.52 3.30
C LEU A 287 43.63 -64.59 2.09
N LYS A 288 44.09 -65.04 0.92
CA LYS A 288 43.97 -64.21 -0.28
C LYS A 288 42.51 -64.11 -0.73
N LYS A 289 41.75 -65.19 -0.57
CA LYS A 289 40.32 -65.17 -0.89
C LYS A 289 39.58 -64.14 -0.05
N SER A 290 40.02 -63.93 1.19
CA SER A 290 39.44 -62.94 2.08
C SER A 290 40.10 -61.58 1.97
N ASN A 291 40.93 -61.37 0.95
CA ASN A 291 41.59 -60.08 0.69
C ASN A 291 42.49 -59.66 1.84
N ILE A 292 43.07 -60.63 2.53
CA ILE A 292 44.12 -60.38 3.51
C ILE A 292 45.45 -60.52 2.79
N HIS A 293 46.16 -59.40 2.59
CA HIS A 293 47.34 -59.37 1.74
C HIS A 293 48.65 -59.20 2.51
N THR A 294 48.68 -58.26 3.46
CA THR A 294 49.90 -57.94 4.18
C THR A 294 49.90 -58.60 5.56
N LEU A 295 51.06 -58.51 6.22
CA LEU A 295 51.18 -59.04 7.57
C LEU A 295 50.28 -58.28 8.54
N LEU A 296 50.17 -56.96 8.37
CA LEU A 296 49.34 -56.16 9.26
C LEU A 296 47.86 -56.47 9.10
N ASP A 297 47.42 -56.78 7.87
CA ASP A 297 46.04 -57.18 7.67
C ASP A 297 45.73 -58.48 8.41
N LEU A 298 46.66 -59.44 8.36
CA LEU A 298 46.47 -60.70 9.06
C LEU A 298 46.42 -60.50 10.57
N LEU A 299 47.29 -59.64 11.10
CA LEU A 299 47.33 -59.40 12.54
C LEU A 299 46.03 -58.82 13.06
N ASN A 300 45.47 -57.83 12.34
CA ASN A 300 44.24 -57.19 12.79
C ASN A 300 43.06 -58.14 12.80
N ASN A 301 43.13 -59.25 12.06
CA ASN A 301 42.10 -60.26 12.13
C ASN A 301 42.24 -61.06 13.42
N SER A 302 41.12 -61.30 14.09
CA SER A 302 41.14 -62.06 15.33
C SER A 302 41.20 -63.55 15.01
N GLN A 303 41.01 -64.39 16.03
CA GLN A 303 40.97 -65.83 15.83
C GLN A 303 39.58 -66.36 15.50
N GLU A 304 38.53 -65.61 15.87
CA GLU A 304 37.18 -66.04 15.52
C GLU A 304 36.88 -65.74 14.05
N ASP A 305 37.36 -64.61 13.53
CA ASP A 305 37.11 -64.26 12.13
C ASP A 305 37.72 -65.28 11.19
N LEU A 306 38.96 -65.71 11.46
CA LEU A 306 39.62 -66.66 10.58
C LEU A 306 38.87 -67.98 10.51
N ILE A 307 38.27 -68.41 11.62
CA ILE A 307 37.44 -69.61 11.60
C ILE A 307 36.20 -69.39 10.74
N LYS A 308 35.66 -68.16 10.72
CA LYS A 308 34.50 -67.88 9.89
C LYS A 308 34.80 -68.14 8.41
N MET A 309 36.04 -67.98 7.99
CA MET A 309 36.43 -68.29 6.62
C MET A 309 36.28 -69.79 6.37
N GLU A 310 35.78 -70.13 5.19
CA GLU A 310 35.62 -71.53 4.83
C GLU A 310 36.98 -72.20 4.64
N HIS A 311 37.02 -73.49 4.97
CA HIS A 311 38.20 -74.37 4.85
C HIS A 311 39.30 -74.02 5.83
N PHE A 312 39.15 -72.96 6.63
CA PHE A 312 40.14 -72.60 7.64
C PHE A 312 39.51 -72.86 9.01
N HIS A 313 40.07 -73.80 9.74
CA HIS A 313 39.44 -74.32 10.96
C HIS A 313 40.33 -74.07 12.17
N ILE A 314 39.92 -74.62 13.31
CA ILE A 314 40.66 -74.44 14.55
C ILE A 314 42.00 -75.17 14.48
N GLU A 315 42.05 -76.32 13.83
CA GLU A 315 43.30 -77.06 13.70
C GLU A 315 44.34 -76.27 12.90
N ASP A 316 43.91 -75.26 12.14
CA ASP A 316 44.82 -74.44 11.35
C ASP A 316 45.30 -73.20 12.09
N VAL A 317 44.67 -72.85 13.21
CA VAL A 317 45.07 -71.65 13.95
C VAL A 317 46.45 -71.84 14.58
N LYS A 318 46.67 -72.98 15.24
CA LYS A 318 47.92 -73.19 15.95
C LYS A 318 49.11 -73.20 14.99
N LYS A 319 48.97 -73.87 13.85
CA LYS A 319 50.06 -73.91 12.88
C LYS A 319 50.30 -72.54 12.25
N LEU A 320 49.25 -71.75 12.06
CA LEU A 320 49.43 -70.38 11.58
C LEU A 320 50.01 -69.49 12.67
N LEU A 321 49.53 -69.64 13.91
CA LEU A 321 50.07 -68.87 15.02
C LEU A 321 51.53 -69.20 15.26
N ASP A 322 51.90 -70.48 15.13
CA ASP A 322 53.29 -70.88 15.34
C ASP A 322 54.21 -70.25 14.31
N ILE A 323 53.78 -70.19 13.05
CA ILE A 323 54.57 -69.51 12.02
C ILE A 323 54.74 -68.03 12.37
N LEU A 324 53.67 -67.39 12.85
CA LEU A 324 53.78 -66.02 13.32
C LEU A 324 54.48 -65.94 14.67
N GLU A 325 54.34 -66.98 15.50
CA GLU A 325 55.13 -67.05 16.73
C GLU A 325 56.61 -67.15 16.41
N LYS A 326 56.97 -67.96 15.42
CA LYS A 326 58.38 -68.12 15.04
C LYS A 326 58.91 -66.89 14.33
N LYS A 327 58.07 -66.18 13.59
CA LYS A 327 58.51 -64.99 12.86
C LYS A 327 58.99 -63.91 13.84
N THR B 12 47.95 -33.76 -10.54
CA THR B 12 47.62 -34.70 -11.60
C THR B 12 46.29 -35.40 -11.31
N LEU B 13 45.62 -35.84 -12.37
CA LEU B 13 44.32 -36.47 -12.23
C LEU B 13 44.49 -37.86 -11.61
N GLN B 14 43.79 -38.11 -10.50
CA GLN B 14 43.89 -39.38 -9.79
C GLN B 14 42.51 -39.80 -9.32
N TRP B 15 42.33 -41.11 -9.15
CA TRP B 15 41.10 -41.67 -8.62
C TRP B 15 41.39 -42.46 -7.34
N LYS B 16 40.38 -42.55 -6.49
CA LYS B 16 40.51 -43.24 -5.22
C LYS B 16 39.15 -43.77 -4.80
N CYS B 17 39.14 -44.85 -4.05
CA CYS B 17 37.92 -45.37 -3.44
C CYS B 17 37.79 -44.79 -2.03
N VAL B 18 36.71 -44.06 -1.78
CA VAL B 18 36.51 -43.40 -0.50
C VAL B 18 35.58 -44.18 0.44
N GLU B 19 34.75 -45.07 -0.10
CA GLU B 19 33.85 -45.87 0.72
C GLU B 19 33.65 -47.23 0.08
N SER B 20 33.67 -48.27 0.90
CA SER B 20 33.36 -49.62 0.46
C SER B 20 32.56 -50.32 1.54
N ARG B 21 31.68 -51.23 1.10
CA ARG B 21 30.84 -51.96 2.04
C ARG B 21 30.31 -53.21 1.35
N ARG B 22 30.09 -54.25 2.15
CA ARG B 22 29.47 -55.50 1.69
C ARG B 22 28.35 -55.83 2.67
N ASP B 23 27.13 -55.35 2.38
CA ASP B 23 26.01 -55.63 3.26
C ASP B 23 25.69 -57.11 3.31
N SER B 24 25.76 -57.78 2.16
CA SER B 24 25.49 -59.21 2.07
C SER B 24 26.27 -59.75 0.88
N LYS B 25 26.06 -61.04 0.59
CA LYS B 25 26.76 -61.67 -0.53
C LYS B 25 26.31 -61.11 -1.87
N ARG B 26 25.15 -60.47 -1.93
CA ARG B 26 24.60 -59.96 -3.17
C ARG B 26 24.33 -58.45 -3.11
N LEU B 27 25.09 -57.73 -2.28
CA LEU B 27 24.89 -56.31 -2.11
C LEU B 27 26.24 -55.66 -1.80
N TYR B 28 26.87 -55.11 -2.83
CA TYR B 28 28.16 -54.45 -2.69
C TYR B 28 27.98 -52.98 -3.02
N TYR B 29 28.57 -52.11 -2.21
CA TYR B 29 28.50 -50.68 -2.44
C TYR B 29 29.91 -50.11 -2.50
N GLY B 30 30.11 -49.16 -3.41
CA GLY B 30 31.39 -48.50 -3.52
C GLY B 30 31.24 -47.05 -3.97
N ARG B 31 32.02 -46.16 -3.37
CA ARG B 31 32.06 -44.77 -3.75
C ARG B 31 33.47 -44.39 -4.15
N PHE B 32 33.59 -43.65 -5.24
CA PHE B 32 34.88 -43.36 -5.85
C PHE B 32 34.97 -41.87 -6.17
N ILE B 33 36.20 -41.36 -6.19
CA ILE B 33 36.46 -39.94 -6.41
C ILE B 33 37.46 -39.80 -7.55
N LEU B 34 37.24 -38.80 -8.40
CA LEU B 34 38.19 -38.45 -9.45
C LEU B 34 38.40 -36.94 -9.43
N SER B 35 39.64 -36.51 -9.22
CA SER B 35 39.96 -35.10 -9.09
C SER B 35 41.43 -34.90 -9.43
N PRO B 36 41.82 -33.68 -9.84
CA PRO B 36 40.99 -32.50 -10.11
C PRO B 36 40.55 -32.41 -11.58
N LEU B 37 39.33 -31.97 -11.84
CA LEU B 37 38.80 -31.91 -13.19
C LEU B 37 38.49 -30.47 -13.56
N MET B 38 38.61 -30.16 -14.85
CA MET B 38 38.27 -28.85 -15.36
C MET B 38 36.75 -28.72 -15.51
N LYS B 39 36.29 -27.47 -15.56
CA LYS B 39 34.87 -27.19 -15.57
C LYS B 39 34.17 -27.87 -16.75
N GLY B 40 33.08 -28.57 -16.46
CA GLY B 40 32.31 -29.27 -17.47
C GLY B 40 32.75 -30.70 -17.74
N GLN B 41 33.91 -31.11 -17.24
CA GLN B 41 34.42 -32.45 -17.53
C GLN B 41 33.71 -33.51 -16.69
N ALA B 42 33.41 -33.20 -15.42
CA ALA B 42 32.85 -34.20 -14.54
C ALA B 42 31.47 -34.65 -14.99
N ASP B 43 30.66 -33.73 -15.51
CA ASP B 43 29.33 -34.10 -15.97
C ASP B 43 29.41 -35.08 -17.15
N THR B 44 30.30 -34.80 -18.10
CA THR B 44 30.43 -35.67 -19.26
C THR B 44 30.94 -37.05 -18.87
N ILE B 45 31.93 -37.11 -17.97
CA ILE B 45 32.42 -38.41 -17.50
C ILE B 45 31.32 -39.14 -16.75
N GLY B 46 30.62 -38.44 -15.85
CA GLY B 46 29.60 -39.09 -15.05
C GLY B 46 28.46 -39.64 -15.88
N ILE B 47 28.05 -38.89 -16.92
CA ILE B 47 26.98 -39.36 -17.79
C ILE B 47 27.41 -40.60 -18.56
N ALA B 48 28.62 -40.57 -19.14
CA ALA B 48 29.09 -41.70 -19.93
C ALA B 48 29.32 -42.93 -19.08
N MET B 49 29.92 -42.76 -17.90
CA MET B 49 30.20 -43.90 -17.03
C MET B 49 28.91 -44.56 -16.55
N ARG B 50 27.92 -43.74 -16.17
CA ARG B 50 26.66 -44.28 -15.69
C ARG B 50 25.97 -45.11 -16.76
N ARG B 51 25.93 -44.60 -18.00
CA ARG B 51 25.33 -45.36 -19.08
C ARG B 51 26.11 -46.65 -19.35
N ALA B 52 27.44 -46.59 -19.28
CA ALA B 52 28.25 -47.78 -19.45
C ALA B 52 28.03 -48.78 -18.32
N LEU B 53 27.87 -48.28 -17.10
CA LEU B 53 27.70 -49.17 -15.95
C LEU B 53 26.37 -49.90 -15.98
N LEU B 54 25.34 -49.29 -16.55
CA LEU B 54 23.99 -49.86 -16.44
C LEU B 54 23.64 -50.80 -17.59
N GLY B 55 24.26 -50.66 -18.76
CA GLY B 55 23.90 -51.54 -19.85
C GLY B 55 25.04 -52.11 -20.69
N GLU B 56 26.25 -51.60 -20.52
CA GLU B 56 27.38 -52.07 -21.32
C GLU B 56 28.22 -53.12 -20.62
N ILE B 57 27.88 -53.48 -19.39
CA ILE B 57 28.62 -54.49 -18.63
C ILE B 57 27.88 -55.81 -18.75
N GLU B 58 28.60 -56.84 -19.17
CA GLU B 58 27.98 -58.15 -19.40
C GLU B 58 27.73 -58.86 -18.08
N GLY B 59 26.51 -59.40 -17.93
CA GLY B 59 26.17 -60.22 -16.80
C GLY B 59 25.78 -61.63 -17.25
N THR B 60 25.71 -62.53 -16.28
CA THR B 60 25.39 -63.93 -16.54
C THR B 60 24.08 -64.27 -15.83
N CYS B 61 23.16 -64.90 -16.56
CA CYS B 61 21.83 -65.18 -16.04
C CYS B 61 21.32 -66.51 -16.57
N ILE B 62 20.37 -67.09 -15.85
CA ILE B 62 19.62 -68.24 -16.35
C ILE B 62 18.50 -67.72 -17.24
N THR B 63 18.46 -68.21 -18.48
CA THR B 63 17.51 -67.70 -19.46
C THR B 63 16.44 -68.70 -19.88
N ARG B 64 16.63 -69.99 -19.61
CA ARG B 64 15.63 -71.01 -19.94
C ARG B 64 15.72 -72.14 -18.93
N ALA B 65 14.58 -72.74 -18.63
CA ALA B 65 14.52 -73.89 -17.74
C ALA B 65 13.68 -74.99 -18.40
N LYS B 66 14.11 -76.23 -18.22
CA LYS B 66 13.46 -77.38 -18.84
C LYS B 66 13.32 -78.48 -17.80
N PHE B 67 12.09 -78.84 -17.47
CA PHE B 67 11.82 -79.87 -16.47
C PHE B 67 11.78 -81.22 -17.16
N GLU B 68 12.74 -82.08 -16.84
CA GLU B 68 12.85 -83.39 -17.46
C GLU B 68 11.87 -84.34 -16.79
N ASN B 69 12.00 -85.64 -17.08
CA ASN B 69 11.20 -86.72 -16.53
C ASN B 69 9.72 -86.60 -16.90
N ILE B 70 9.37 -85.71 -17.82
CA ILE B 70 7.99 -85.51 -18.28
C ILE B 70 7.10 -85.26 -17.06
N PRO B 71 7.17 -84.08 -16.45
CA PRO B 71 6.43 -83.83 -15.20
C PRO B 71 4.94 -83.59 -15.41
N HIS B 72 4.43 -83.93 -16.59
CA HIS B 72 3.03 -83.88 -17.00
C HIS B 72 2.57 -82.46 -17.37
N ASP B 73 3.49 -81.51 -17.49
CA ASP B 73 3.19 -80.17 -18.00
C ASP B 73 2.11 -79.46 -17.19
N TYR B 74 2.01 -79.77 -15.91
CA TYR B 74 1.03 -79.13 -15.04
C TYR B 74 1.63 -77.90 -14.36
N SER B 75 0.77 -77.16 -13.66
CA SER B 75 1.20 -75.98 -12.94
C SER B 75 1.87 -76.31 -11.61
N ASN B 76 1.67 -77.53 -11.11
CA ASN B 76 2.29 -77.96 -9.87
C ASN B 76 2.80 -79.39 -10.07
N ILE B 77 3.84 -79.74 -9.31
CA ILE B 77 4.50 -81.03 -9.40
C ILE B 77 4.28 -81.77 -8.09
N VAL B 78 3.97 -83.06 -8.18
CA VAL B 78 3.82 -83.87 -6.98
C VAL B 78 5.15 -83.92 -6.24
N GLY B 79 5.10 -83.61 -4.94
CA GLY B 79 6.27 -83.61 -4.10
C GLY B 79 6.95 -82.27 -3.93
N ILE B 80 6.69 -81.32 -4.83
CA ILE B 80 7.28 -79.98 -4.75
C ILE B 80 6.25 -79.03 -4.16
N GLN B 81 6.62 -78.35 -3.08
CA GLN B 81 5.73 -77.40 -2.45
C GLN B 81 5.40 -76.25 -3.40
N GLU B 82 6.39 -75.73 -4.12
CA GLU B 82 6.20 -74.57 -4.99
C GLU B 82 5.69 -75.00 -6.35
N SER B 83 4.91 -74.12 -6.97
CA SER B 83 4.43 -74.34 -8.32
C SER B 83 5.57 -74.17 -9.33
N VAL B 84 5.27 -74.50 -10.59
CA VAL B 84 6.28 -74.37 -11.64
C VAL B 84 6.69 -72.92 -11.82
N HIS B 85 5.71 -72.00 -11.78
CA HIS B 85 6.02 -70.60 -11.98
C HIS B 85 6.91 -70.07 -10.87
N GLU B 86 6.65 -70.45 -9.62
CA GLU B 86 7.46 -69.98 -8.51
C GLU B 86 8.90 -70.49 -8.59
N ILE B 87 9.10 -71.71 -9.09
CA ILE B 87 10.45 -72.19 -9.33
C ILE B 87 11.14 -71.34 -10.38
N LEU B 88 10.42 -70.98 -11.44
CA LEU B 88 11.00 -70.11 -12.46
C LEU B 88 11.35 -68.73 -11.89
N MET B 89 10.49 -68.18 -11.04
CA MET B 89 10.80 -66.91 -10.40
C MET B 89 12.02 -67.02 -9.49
N ASN B 90 12.13 -68.14 -8.76
CA ASN B 90 13.29 -68.34 -7.91
C ASN B 90 14.57 -68.48 -8.74
N LEU B 91 14.49 -69.20 -9.85
CA LEU B 91 15.65 -69.33 -10.74
C LEU B 91 16.03 -68.00 -11.36
N ASN B 92 15.04 -67.13 -11.59
CA ASN B 92 15.31 -65.80 -12.12
C ASN B 92 16.15 -64.95 -11.17
N GLU B 93 16.11 -65.25 -9.88
CA GLU B 93 16.78 -64.44 -8.86
C GLU B 93 18.19 -64.90 -8.53
N ILE B 94 18.66 -65.99 -9.13
CA ILE B 94 19.97 -66.54 -8.78
C ILE B 94 21.07 -65.75 -9.47
N VAL B 95 22.03 -65.26 -8.69
CA VAL B 95 23.10 -64.42 -9.21
C VAL B 95 24.28 -65.30 -9.61
N LEU B 96 24.77 -65.12 -10.83
CA LEU B 96 25.90 -65.87 -11.37
C LEU B 96 26.95 -64.92 -11.91
N LYS B 97 28.16 -65.43 -12.04
CA LYS B 97 29.22 -64.75 -12.77
C LYS B 97 29.93 -65.78 -13.64
N SER B 98 30.53 -65.31 -14.74
CA SER B 98 31.14 -66.25 -15.67
C SER B 98 32.00 -65.47 -16.67
N ASN B 99 32.70 -66.24 -17.50
CA ASN B 99 33.44 -65.72 -18.64
C ASN B 99 33.01 -66.39 -19.94
N LEU B 100 31.82 -66.97 -19.97
CA LEU B 100 31.48 -67.87 -21.07
C LEU B 100 31.23 -67.11 -22.36
N TYR B 101 31.59 -67.76 -23.46
CA TYR B 101 31.35 -67.26 -24.81
C TYR B 101 30.24 -68.11 -25.41
N GLY B 102 29.15 -67.47 -25.81
CA GLY B 102 28.02 -68.22 -26.29
C GLY B 102 27.11 -68.68 -25.17
N THR B 103 26.55 -69.87 -25.29
CA THR B 103 25.58 -70.38 -24.34
C THR B 103 25.96 -71.80 -23.92
N ARG B 104 25.74 -72.11 -22.65
CA ARG B 104 26.01 -73.44 -22.11
C ARG B 104 24.80 -73.92 -21.33
N ASN B 105 24.83 -75.19 -20.97
CA ASN B 105 23.77 -75.81 -20.19
C ASN B 105 24.27 -76.14 -18.79
N ALA B 106 23.43 -75.90 -17.81
CA ALA B 106 23.60 -76.38 -16.45
C ALA B 106 22.49 -77.37 -16.14
N LEU B 107 22.52 -77.90 -14.91
CA LEU B 107 21.61 -78.99 -14.58
C LEU B 107 21.41 -79.05 -13.07
N ILE B 108 20.17 -79.32 -12.68
CA ILE B 108 19.83 -79.62 -11.29
C ILE B 108 19.28 -81.03 -11.25
N CYS B 109 19.87 -81.87 -10.40
CA CYS B 109 19.47 -83.28 -10.28
C CYS B 109 19.46 -83.64 -8.80
N VAL B 110 18.30 -83.54 -8.16
CA VAL B 110 18.17 -83.68 -6.71
C VAL B 110 17.35 -84.94 -6.41
N GLN B 111 17.81 -85.72 -5.44
CA GLN B 111 17.24 -87.04 -5.21
C GLN B 111 15.83 -86.97 -4.63
N GLY B 112 15.61 -86.16 -3.60
CA GLY B 112 14.35 -86.18 -2.90
C GLY B 112 14.16 -85.08 -1.88
N PRO B 113 13.62 -85.44 -0.70
CA PRO B 113 13.17 -84.41 0.24
C PRO B 113 14.33 -83.57 0.76
N GLY B 114 14.04 -82.31 1.02
CA GLY B 114 15.00 -81.33 1.49
C GLY B 114 14.89 -80.05 0.71
N TYR B 115 15.89 -79.19 0.85
CA TYR B 115 15.91 -77.88 0.22
C TYR B 115 16.80 -77.90 -1.02
N ILE B 116 16.24 -77.51 -2.14
CA ILE B 116 17.01 -77.30 -3.36
C ILE B 116 17.46 -75.85 -3.39
N THR B 117 18.76 -75.62 -3.43
CA THR B 117 19.33 -74.29 -3.44
C THR B 117 20.27 -74.15 -4.63
N ALA B 118 20.84 -72.95 -4.79
CA ALA B 118 21.82 -72.73 -5.83
C ALA B 118 23.03 -73.63 -5.66
N ARG B 119 23.30 -74.09 -4.44
CA ARG B 119 24.39 -75.02 -4.18
C ARG B 119 24.26 -76.29 -5.02
N ASP B 120 23.04 -76.67 -5.39
CA ASP B 120 22.79 -77.91 -6.11
C ASP B 120 22.86 -77.77 -7.61
N ILE B 121 23.19 -76.60 -8.14
CA ILE B 121 23.32 -76.43 -9.58
C ILE B 121 24.71 -76.92 -10.01
N ILE B 122 24.74 -77.76 -11.04
CA ILE B 122 25.99 -78.24 -11.62
C ILE B 122 26.40 -77.28 -12.73
N LEU B 123 27.57 -76.66 -12.58
CA LEU B 123 27.81 -75.50 -13.40
C LEU B 123 28.78 -75.80 -14.54
N PRO B 124 28.58 -75.16 -15.67
CA PRO B 124 29.55 -75.22 -16.78
C PRO B 124 30.87 -74.56 -16.37
N PRO B 125 31.95 -74.78 -17.16
CA PRO B 125 33.31 -74.47 -16.68
C PRO B 125 33.54 -73.11 -16.02
N SER B 126 33.29 -72.01 -16.71
CA SER B 126 33.67 -70.71 -16.19
C SER B 126 32.63 -70.11 -15.25
N VAL B 127 31.52 -70.79 -15.04
CA VAL B 127 30.38 -70.21 -14.32
C VAL B 127 30.52 -70.48 -12.83
N GLU B 128 30.29 -69.45 -12.02
CA GLU B 128 30.30 -69.58 -10.57
C GLU B 128 29.03 -68.98 -10.00
N ILE B 129 28.71 -69.40 -8.77
CA ILE B 129 27.52 -68.96 -8.06
C ILE B 129 27.94 -68.05 -6.93
N VAL B 130 27.20 -66.95 -6.74
CA VAL B 130 27.56 -65.93 -5.78
C VAL B 130 27.02 -66.24 -4.39
N ASP B 131 25.73 -66.53 -4.27
CA ASP B 131 25.10 -66.83 -2.99
C ASP B 131 24.63 -68.28 -3.00
N ASN B 132 25.36 -69.14 -2.30
CA ASN B 132 25.05 -70.57 -2.31
C ASN B 132 23.74 -70.90 -1.62
N THR B 133 23.24 -70.01 -0.76
CA THR B 133 22.03 -70.27 0.01
C THR B 133 20.76 -69.81 -0.69
N GLN B 134 20.84 -69.29 -1.91
CA GLN B 134 19.64 -68.85 -2.60
C GLN B 134 18.70 -70.02 -2.85
N HIS B 135 17.41 -69.82 -2.56
CA HIS B 135 16.44 -70.88 -2.54
C HIS B 135 15.85 -71.14 -3.93
N ILE B 136 15.54 -72.40 -4.20
CA ILE B 136 14.97 -72.81 -5.48
C ILE B 136 13.64 -73.52 -5.26
N ALA B 137 13.65 -74.61 -4.50
CA ALA B 137 12.45 -75.41 -4.32
C ALA B 137 12.51 -76.17 -3.01
N THR B 138 11.34 -76.37 -2.42
CA THR B 138 11.18 -77.23 -1.25
C THR B 138 10.58 -78.55 -1.71
N LEU B 139 11.26 -79.65 -1.41
CA LEU B 139 10.84 -80.98 -1.83
C LEU B 139 10.31 -81.74 -0.63
N THR B 140 9.03 -82.12 -0.68
CA THR B 140 8.42 -82.87 0.41
C THR B 140 8.59 -84.38 0.20
N GLU B 141 8.04 -84.90 -0.89
CA GLU B 141 8.15 -86.30 -1.21
C GLU B 141 9.53 -86.62 -1.77
N PRO B 142 9.99 -87.89 -1.67
CA PRO B 142 11.29 -88.28 -2.19
C PRO B 142 11.33 -88.48 -3.71
N ILE B 143 10.78 -87.53 -4.44
CA ILE B 143 10.77 -87.59 -5.89
C ILE B 143 12.09 -87.05 -6.43
N ASN B 144 12.45 -87.49 -7.62
CA ASN B 144 13.62 -86.97 -8.32
C ASN B 144 13.19 -85.81 -9.20
N LEU B 145 13.90 -84.68 -9.07
CA LEU B 145 13.64 -83.50 -9.87
C LEU B 145 14.85 -83.21 -10.74
N CYS B 146 14.62 -83.07 -12.04
CA CYS B 146 15.70 -82.88 -13.01
C CYS B 146 15.34 -81.70 -13.91
N ILE B 147 16.03 -80.58 -13.71
CA ILE B 147 15.79 -79.35 -14.45
C ILE B 147 17.06 -79.01 -15.21
N GLY B 148 16.93 -78.88 -16.53
CA GLY B 148 18.01 -78.36 -17.34
C GLY B 148 17.89 -76.85 -17.48
N LEU B 149 19.03 -76.17 -17.37
CA LEU B 149 19.08 -74.72 -17.40
C LEU B 149 19.89 -74.25 -18.59
N LYS B 150 19.58 -73.06 -19.06
CA LYS B 150 20.33 -72.39 -20.12
C LYS B 150 20.97 -71.13 -19.54
N ILE B 151 22.29 -71.01 -19.70
CA ILE B 151 23.05 -69.93 -19.09
C ILE B 151 23.69 -69.09 -20.19
N GLU B 152 23.50 -67.78 -20.11
CA GLU B 152 23.99 -66.85 -21.11
C GLU B 152 24.70 -65.67 -20.46
N ARG B 153 25.62 -65.07 -21.20
CA ARG B 153 26.31 -63.85 -20.78
C ARG B 153 26.01 -62.76 -21.79
N ASN B 154 25.36 -61.69 -21.34
CA ASN B 154 24.85 -60.66 -22.24
C ASN B 154 25.03 -59.28 -21.64
N ARG B 155 25.02 -58.28 -22.52
CA ARG B 155 25.01 -56.89 -22.09
C ARG B 155 23.63 -56.50 -21.56
N GLY B 156 23.60 -55.44 -20.75
CA GLY B 156 22.34 -54.94 -20.24
C GLY B 156 21.45 -54.35 -21.33
N TYR B 157 22.02 -53.52 -22.21
CA TYR B 157 21.28 -52.94 -23.32
C TYR B 157 21.03 -53.95 -24.42
N SER B 158 21.41 -55.19 -24.22
CA SER B 158 21.38 -56.21 -25.25
C SER B 158 19.95 -56.72 -25.46
N LEU B 159 19.84 -57.84 -26.17
CA LEU B 159 18.75 -58.06 -27.10
C LEU B 159 18.10 -59.43 -26.87
N LYS B 160 17.30 -59.83 -27.85
CA LYS B 160 16.60 -61.11 -27.81
C LYS B 160 17.48 -62.19 -28.44
N MET B 161 17.76 -63.24 -27.67
CA MET B 161 18.44 -64.41 -28.20
C MET B 161 17.44 -65.22 -29.03
N SER B 162 17.79 -65.50 -30.28
CA SER B 162 16.86 -66.08 -31.24
C SER B 162 16.17 -67.31 -30.65
N ASN B 163 14.84 -67.35 -30.81
CA ASN B 163 14.04 -68.36 -30.15
C ASN B 163 14.34 -69.76 -30.66
N ASN B 164 14.49 -70.69 -29.73
CA ASN B 164 14.42 -72.13 -29.98
C ASN B 164 13.28 -72.61 -29.09
N PHE B 165 12.10 -72.76 -29.66
CA PHE B 165 10.87 -72.93 -28.91
C PHE B 165 10.30 -74.33 -29.21
N GLU B 166 10.69 -75.30 -28.38
CA GLU B 166 10.12 -76.64 -28.38
C GLU B 166 10.62 -77.37 -27.15
N ASP B 167 10.31 -78.67 -27.05
CA ASP B 167 10.79 -79.56 -25.99
C ASP B 167 10.38 -79.08 -24.60
N ARG B 168 9.44 -78.13 -24.55
CA ARG B 168 8.84 -77.66 -23.30
C ARG B 168 9.91 -77.05 -22.37
N SER B 169 10.63 -76.08 -22.92
CA SER B 169 11.59 -75.28 -22.17
C SER B 169 10.97 -73.93 -21.87
N TYR B 170 10.78 -73.64 -20.59
CA TYR B 170 10.13 -72.40 -20.18
C TYR B 170 11.12 -71.24 -20.27
N PRO B 171 10.81 -70.18 -21.00
CA PRO B 171 11.70 -69.02 -21.03
C PRO B 171 11.72 -68.30 -19.68
N ILE B 172 12.85 -67.70 -19.37
CA ILE B 172 13.00 -66.90 -18.16
C ILE B 172 13.45 -65.51 -18.59
N ASP B 173 12.59 -64.52 -18.34
CA ASP B 173 12.86 -63.15 -18.76
C ASP B 173 13.86 -62.53 -17.79
N ALA B 174 15.14 -62.78 -18.08
CA ALA B 174 16.21 -62.28 -17.24
C ALA B 174 16.51 -60.83 -17.56
N VAL B 175 16.78 -60.05 -16.52
CA VAL B 175 17.29 -58.69 -16.66
C VAL B 175 18.77 -58.74 -16.34
N PHE B 176 19.60 -58.50 -17.35
CA PHE B 176 21.06 -58.56 -17.19
C PHE B 176 21.53 -57.23 -16.61
N MET B 177 21.67 -57.18 -15.28
CA MET B 177 22.18 -55.98 -14.62
C MET B 177 22.99 -56.35 -13.39
N PRO B 178 24.26 -56.73 -13.59
CA PRO B 178 25.15 -56.91 -12.43
C PRO B 178 25.34 -55.64 -11.62
N VAL B 179 25.30 -54.47 -12.26
CA VAL B 179 25.30 -53.21 -11.54
C VAL B 179 23.84 -52.85 -11.25
N GLN B 180 23.48 -52.85 -9.97
CA GLN B 180 22.10 -52.58 -9.59
C GLN B 180 21.75 -51.11 -9.75
N ASN B 181 22.70 -50.23 -9.45
CA ASN B 181 22.43 -48.80 -9.43
C ASN B 181 23.76 -48.07 -9.54
N ALA B 182 23.71 -46.86 -10.09
CA ALA B 182 24.90 -46.05 -10.23
C ALA B 182 24.50 -44.58 -10.25
N ASN B 183 25.30 -43.75 -9.60
CA ASN B 183 25.01 -42.33 -9.55
C ASN B 183 26.32 -41.55 -9.53
N HIS B 184 26.25 -40.30 -9.95
CA HIS B 184 27.41 -39.42 -9.89
C HIS B 184 26.98 -38.04 -9.41
N SER B 185 27.90 -37.40 -8.69
CA SER B 185 27.70 -36.03 -8.24
C SER B 185 29.00 -35.27 -8.40
N ILE B 186 28.90 -33.95 -8.44
CA ILE B 186 30.05 -33.08 -8.71
C ILE B 186 30.13 -32.03 -7.62
N HIS B 187 31.32 -31.86 -7.06
CA HIS B 187 31.62 -30.78 -6.15
C HIS B 187 32.53 -29.79 -6.84
N SER B 188 32.25 -28.50 -6.67
CA SER B 188 33.06 -27.45 -7.25
C SER B 188 33.74 -26.67 -6.13
N TYR B 189 35.03 -26.38 -6.32
CA TYR B 189 35.80 -25.59 -5.39
C TYR B 189 36.47 -24.46 -6.15
N GLY B 190 36.86 -23.43 -5.42
CA GLY B 190 37.53 -22.30 -6.03
C GLY B 190 38.26 -21.47 -5.01
N ASN B 191 39.33 -20.82 -5.46
CA ASN B 191 40.04 -19.79 -4.69
C ASN B 191 40.28 -18.63 -5.66
N GLY B 192 39.33 -17.71 -5.73
CA GLY B 192 39.46 -16.62 -6.68
C GLY B 192 39.03 -17.07 -8.06
N ASN B 193 39.88 -16.79 -9.05
CA ASN B 193 39.58 -17.14 -10.43
C ASN B 193 39.85 -18.60 -10.76
N GLU B 194 40.58 -19.31 -9.90
CA GLU B 194 40.97 -20.70 -10.18
C GLU B 194 39.85 -21.63 -9.75
N LYS B 195 39.22 -22.29 -10.71
CA LYS B 195 38.17 -23.25 -10.46
C LYS B 195 38.71 -24.67 -10.49
N GLN B 196 37.97 -25.59 -9.87
CA GLN B 196 38.35 -26.99 -9.79
C GLN B 196 37.18 -27.84 -9.36
N GLU B 197 36.86 -28.90 -10.10
CA GLU B 197 35.73 -29.74 -9.76
C GLU B 197 36.15 -31.17 -9.46
N ILE B 198 35.36 -31.83 -8.62
CA ILE B 198 35.64 -33.18 -8.15
C ILE B 198 34.45 -34.05 -8.50
N LEU B 199 34.72 -35.21 -9.09
CA LEU B 199 33.66 -36.13 -9.50
C LEU B 199 33.57 -37.29 -8.52
N PHE B 200 32.36 -37.54 -8.03
CA PHE B 200 32.07 -38.72 -7.22
C PHE B 200 31.21 -39.68 -8.03
N ILE B 201 31.50 -40.97 -7.92
CA ILE B 201 30.73 -42.00 -8.58
C ILE B 201 30.37 -43.08 -7.57
N GLU B 202 29.07 -43.37 -7.44
CA GLU B 202 28.56 -44.41 -6.56
C GLU B 202 28.11 -45.60 -7.38
N ILE B 203 28.47 -46.81 -6.93
CA ILE B 203 28.17 -48.04 -7.66
C ILE B 203 27.61 -49.06 -6.68
N TRP B 204 26.48 -49.67 -7.04
CA TRP B 204 25.90 -50.80 -6.32
C TRP B 204 25.91 -52.01 -7.25
N THR B 205 26.47 -53.12 -6.78
CA THR B 205 26.49 -54.35 -7.55
C THR B 205 25.80 -55.46 -6.77
N ASN B 206 25.41 -56.51 -7.49
CA ASN B 206 24.72 -57.66 -6.91
C ASN B 206 25.67 -58.74 -6.43
N GLY B 207 26.94 -58.42 -6.24
CA GLY B 207 27.92 -59.36 -5.75
C GLY B 207 28.62 -60.18 -6.81
N SER B 208 28.08 -60.23 -8.03
CA SER B 208 28.76 -60.92 -9.10
C SER B 208 30.00 -60.18 -9.57
N LEU B 209 30.29 -59.04 -8.97
CA LEU B 209 31.30 -58.11 -9.43
C LEU B 209 31.50 -57.08 -8.32
N THR B 210 32.74 -56.71 -8.04
CA THR B 210 32.92 -55.67 -7.05
C THR B 210 32.68 -54.30 -7.68
N PRO B 211 32.29 -53.31 -6.88
CA PRO B 211 32.14 -51.95 -7.44
C PRO B 211 33.40 -51.42 -8.09
N LYS B 212 34.58 -51.72 -7.54
CA LYS B 212 35.82 -51.28 -8.16
C LYS B 212 36.05 -51.99 -9.49
N GLU B 213 35.73 -53.27 -9.57
CA GLU B 213 35.86 -53.98 -10.84
C GLU B 213 34.86 -53.48 -11.87
N ALA B 214 33.65 -53.11 -11.43
CA ALA B 214 32.68 -52.53 -12.36
C ALA B 214 33.16 -51.20 -12.91
N LEU B 215 33.82 -50.39 -12.08
CA LEU B 215 34.37 -49.12 -12.55
C LEU B 215 35.40 -49.35 -13.64
N HIS B 216 36.25 -50.37 -13.48
CA HIS B 216 37.27 -50.65 -14.49
C HIS B 216 36.66 -51.16 -15.78
N GLU B 217 35.68 -52.06 -15.70
CA GLU B 217 35.09 -52.59 -16.93
C GLU B 217 34.30 -51.52 -17.68
N ALA B 218 33.64 -50.62 -16.94
CA ALA B 218 32.92 -49.53 -17.59
C ALA B 218 33.88 -48.62 -18.35
N SER B 219 35.03 -48.31 -17.76
CA SER B 219 36.01 -47.46 -18.44
C SER B 219 36.56 -48.15 -19.69
N ARG B 220 36.91 -49.43 -19.58
CA ARG B 220 37.45 -50.14 -20.73
C ARG B 220 36.41 -50.27 -21.84
N ASN B 221 35.16 -50.55 -21.48
CA ASN B 221 34.11 -50.66 -22.48
C ASN B 221 33.87 -49.33 -23.18
N LEU B 222 33.94 -48.22 -22.45
CA LEU B 222 33.82 -46.91 -23.08
C LEU B 222 34.97 -46.65 -24.05
N ILE B 223 36.20 -46.96 -23.62
CA ILE B 223 37.36 -46.73 -24.48
C ILE B 223 37.25 -47.59 -25.74
N ASN B 224 36.82 -48.84 -25.60
CA ASN B 224 36.63 -49.70 -26.76
C ASN B 224 35.58 -49.17 -27.72
N LEU B 225 34.63 -48.37 -27.23
CA LEU B 225 33.61 -47.80 -28.11
C LEU B 225 34.17 -46.68 -28.97
N PHE B 226 35.23 -46.02 -28.53
CA PHE B 226 35.75 -44.85 -29.24
C PHE B 226 37.06 -45.11 -29.96
N ILE B 227 37.74 -46.22 -29.67
CA ILE B 227 38.90 -46.61 -30.48
C ILE B 227 38.57 -46.72 -31.97
N PRO B 228 37.41 -47.28 -32.39
CA PRO B 228 37.18 -47.44 -33.83
C PRO B 228 37.26 -46.16 -34.64
N PHE B 229 36.88 -45.01 -34.08
CA PHE B 229 37.00 -43.76 -34.82
C PHE B 229 38.44 -43.44 -35.19
N LEU B 230 39.41 -43.99 -34.47
CA LEU B 230 40.82 -43.80 -34.77
C LEU B 230 41.39 -44.86 -35.70
N HIS B 231 40.55 -45.76 -36.21
CA HIS B 231 41.03 -46.82 -37.10
C HIS B 231 41.37 -46.27 -38.48
N VAL B 232 42.43 -46.81 -39.08
CA VAL B 232 42.79 -46.50 -40.45
C VAL B 232 42.69 -47.79 -41.28
N GLU B 233 42.72 -47.63 -42.58
CA GLU B 233 42.57 -48.76 -43.50
C GLU B 233 43.86 -49.03 -44.25
N GLU B 234 44.07 -50.29 -44.58
CA GLU B 234 45.18 -50.67 -45.46
C GLU B 234 44.96 -50.09 -46.85
N GLU B 235 46.06 -49.76 -47.51
CA GLU B 235 45.99 -49.15 -48.84
C GLU B 235 46.44 -50.12 -49.92
N PHE B 269 21.95 -21.13 -66.10
CA PHE B 269 20.96 -21.99 -66.75
C PHE B 269 19.61 -21.89 -66.05
N GLN B 270 19.60 -21.24 -64.88
CA GLN B 270 18.35 -21.07 -64.14
C GLN B 270 17.39 -20.09 -64.81
N TYR B 271 17.91 -19.13 -65.57
CA TYR B 271 17.09 -18.12 -66.23
C TYR B 271 16.90 -18.41 -67.72
N ILE B 272 17.29 -19.60 -68.17
CA ILE B 272 17.04 -20.05 -69.54
C ILE B 272 16.01 -21.17 -69.46
N PHE B 273 14.87 -20.97 -70.10
CA PHE B 273 13.79 -21.94 -70.07
C PHE B 273 13.65 -22.65 -71.40
N ILE B 274 12.94 -23.78 -71.37
CA ILE B 274 12.76 -24.61 -72.56
C ILE B 274 12.03 -23.84 -73.65
N ASP B 275 11.15 -22.91 -73.27
CA ASP B 275 10.34 -22.19 -74.25
C ASP B 275 11.20 -21.36 -75.20
N GLN B 276 12.28 -20.77 -74.69
CA GLN B 276 13.14 -19.94 -75.52
C GLN B 276 13.98 -20.75 -76.49
N LEU B 277 14.05 -22.06 -76.34
CA LEU B 277 14.75 -22.92 -77.28
C LEU B 277 13.78 -23.39 -78.36
N GLU B 278 14.17 -23.24 -79.62
CA GLU B 278 13.30 -23.56 -80.75
C GLU B 278 13.18 -25.08 -80.86
N LEU B 279 12.35 -25.65 -79.98
CA LEU B 279 12.20 -27.10 -79.92
C LEU B 279 10.94 -27.54 -80.67
N PRO B 280 10.93 -28.78 -81.17
CA PRO B 280 9.74 -29.28 -81.86
C PRO B 280 8.56 -29.38 -80.92
N PRO B 281 7.34 -29.27 -81.43
CA PRO B 281 6.16 -29.36 -80.55
C PRO B 281 6.11 -30.67 -79.77
N ARG B 282 6.51 -31.79 -80.37
CA ARG B 282 6.50 -33.06 -79.65
C ARG B 282 7.49 -33.06 -78.51
N ILE B 283 8.69 -32.54 -78.72
CA ILE B 283 9.69 -32.48 -77.66
C ILE B 283 9.22 -31.56 -76.54
N TYR B 284 8.74 -30.36 -76.89
CA TYR B 284 8.36 -29.38 -75.88
C TYR B 284 7.19 -29.88 -75.04
N ASN B 285 6.16 -30.42 -75.69
CA ASN B 285 4.97 -30.87 -74.97
C ASN B 285 5.30 -32.04 -74.05
N CYS B 286 6.33 -32.83 -74.39
CA CYS B 286 6.75 -33.91 -73.52
C CYS B 286 7.56 -33.41 -72.34
N LEU B 287 8.33 -32.33 -72.53
CA LEU B 287 9.13 -31.79 -71.45
C LEU B 287 8.26 -31.20 -70.35
N LYS B 288 7.16 -30.54 -70.73
CA LYS B 288 6.22 -30.04 -69.73
C LYS B 288 5.45 -31.16 -69.05
N LYS B 289 5.31 -32.32 -69.70
CA LYS B 289 4.65 -33.47 -69.10
C LYS B 289 5.34 -33.93 -67.83
N SER B 290 6.62 -33.60 -67.65
CA SER B 290 7.39 -33.99 -66.48
C SER B 290 7.73 -32.81 -65.58
N ASN B 291 6.96 -31.73 -65.67
CA ASN B 291 7.14 -30.54 -64.82
C ASN B 291 8.53 -29.95 -64.96
N ILE B 292 9.06 -29.96 -66.18
CA ILE B 292 10.37 -29.39 -66.49
C ILE B 292 10.15 -28.06 -67.21
N HIS B 293 10.65 -26.97 -66.65
CA HIS B 293 10.48 -25.65 -67.22
C HIS B 293 11.79 -24.97 -67.56
N THR B 294 12.76 -25.00 -66.65
CA THR B 294 14.03 -24.32 -66.83
C THR B 294 15.08 -25.30 -67.33
N LEU B 295 16.13 -24.74 -67.95
CA LEU B 295 17.21 -25.58 -68.47
C LEU B 295 18.03 -26.22 -67.37
N LEU B 296 18.01 -25.67 -66.15
CA LEU B 296 18.62 -26.35 -65.02
C LEU B 296 17.94 -27.68 -64.75
N ASP B 297 16.61 -27.71 -64.80
CA ASP B 297 15.88 -28.97 -64.61
C ASP B 297 16.16 -29.94 -65.75
N LEU B 298 16.31 -29.44 -66.98
CA LEU B 298 16.64 -30.30 -68.10
C LEU B 298 18.00 -30.94 -67.91
N LEU B 299 18.99 -30.16 -67.46
CA LEU B 299 20.32 -30.70 -67.21
C LEU B 299 20.43 -31.46 -65.89
N ASN B 300 19.39 -31.42 -65.06
CA ASN B 300 19.37 -32.20 -63.82
C ASN B 300 18.76 -33.58 -64.02
N ASN B 301 18.38 -33.93 -65.24
CA ASN B 301 17.81 -35.24 -65.56
C ASN B 301 18.77 -36.01 -66.43
N SER B 302 19.00 -37.28 -66.08
CA SER B 302 19.92 -38.11 -66.82
C SER B 302 19.32 -38.51 -68.16
N GLN B 303 20.19 -38.98 -69.06
CA GLN B 303 19.72 -39.49 -70.35
C GLN B 303 18.83 -40.71 -70.16
N GLU B 304 19.15 -41.55 -69.16
CA GLU B 304 18.28 -42.67 -68.85
C GLU B 304 16.93 -42.20 -68.33
N ASP B 305 16.94 -41.14 -67.51
CA ASP B 305 15.68 -40.61 -66.97
C ASP B 305 14.81 -40.02 -68.07
N LEU B 306 15.42 -39.35 -69.06
CA LEU B 306 14.66 -38.74 -70.13
C LEU B 306 13.92 -39.76 -70.99
N ILE B 307 14.45 -40.98 -71.08
CA ILE B 307 13.81 -42.00 -71.92
C ILE B 307 12.59 -42.60 -71.22
N LYS B 308 12.60 -42.66 -69.89
CA LYS B 308 11.56 -43.40 -69.16
C LYS B 308 10.19 -42.75 -69.30
N MET B 309 10.14 -41.46 -69.65
CA MET B 309 8.87 -40.74 -69.74
C MET B 309 8.18 -41.04 -71.08
N GLU B 310 6.85 -41.01 -71.04
CA GLU B 310 6.03 -41.40 -72.18
C GLU B 310 6.33 -40.53 -73.40
N HIS B 311 6.35 -41.18 -74.57
CA HIS B 311 6.41 -40.48 -75.86
C HIS B 311 7.71 -39.69 -76.04
N PHE B 312 8.81 -40.23 -75.53
CA PHE B 312 10.13 -39.69 -75.80
C PHE B 312 10.97 -40.76 -76.48
N HIS B 313 11.54 -40.41 -77.64
CA HIS B 313 12.26 -41.35 -78.48
C HIS B 313 13.76 -41.05 -78.46
N ILE B 314 14.53 -41.96 -79.07
CA ILE B 314 15.97 -41.81 -79.11
C ILE B 314 16.37 -40.64 -80.00
N GLU B 315 15.69 -40.48 -81.14
CA GLU B 315 15.97 -39.35 -82.02
C GLU B 315 15.70 -38.02 -81.33
N ASP B 316 14.72 -37.99 -80.42
CA ASP B 316 14.41 -36.77 -79.69
C ASP B 316 15.54 -36.36 -78.75
N VAL B 317 16.23 -37.32 -78.14
CA VAL B 317 17.35 -37.00 -77.26
C VAL B 317 18.48 -36.35 -78.04
N LYS B 318 18.76 -36.87 -79.25
CA LYS B 318 19.85 -36.32 -80.05
C LYS B 318 19.56 -34.89 -80.49
N LYS B 319 18.31 -34.61 -80.88
CA LYS B 319 17.97 -33.27 -81.33
C LYS B 319 18.13 -32.25 -80.20
N LEU B 320 17.78 -32.64 -78.97
CA LEU B 320 17.97 -31.76 -77.83
C LEU B 320 19.45 -31.48 -77.59
N LEU B 321 20.29 -32.51 -77.69
CA LEU B 321 21.73 -32.32 -77.51
C LEU B 321 22.32 -31.49 -78.64
N ASP B 322 21.81 -31.66 -79.86
CA ASP B 322 22.29 -30.85 -80.98
C ASP B 322 22.03 -29.37 -80.76
N ILE B 323 20.83 -29.04 -80.28
CA ILE B 323 20.49 -27.67 -79.97
C ILE B 323 21.28 -27.18 -78.75
N LEU B 324 21.50 -28.07 -77.77
CA LEU B 324 22.25 -27.70 -76.58
C LEU B 324 23.68 -27.28 -76.94
N GLU B 325 24.32 -28.03 -77.83
CA GLU B 325 25.68 -27.68 -78.25
C GLU B 325 25.74 -26.37 -79.00
N LYS B 326 24.61 -25.89 -79.52
CA LYS B 326 24.57 -24.67 -80.32
C LYS B 326 24.47 -23.41 -79.47
N LYS B 327 24.35 -23.53 -78.15
CA LYS B 327 24.19 -22.37 -77.29
C LYS B 327 25.20 -22.42 -76.14
N GLY C 8 -4.31 12.30 -41.82
CA GLY C 8 -5.01 11.34 -41.00
C GLY C 8 -6.23 10.75 -41.69
N THR C 9 -6.49 11.19 -42.92
CA THR C 9 -7.63 10.68 -43.67
C THR C 9 -7.31 9.38 -44.40
N SER C 10 -6.07 9.20 -44.87
CA SER C 10 -5.70 7.98 -45.57
C SER C 10 -4.38 7.39 -45.12
N THR C 11 -3.72 7.98 -44.13
CA THR C 11 -2.54 7.38 -43.50
C THR C 11 -2.72 7.46 -41.99
N ILE C 12 -1.86 6.73 -41.28
CA ILE C 12 -1.73 6.95 -39.85
C ILE C 12 -1.08 8.32 -39.64
N PRO C 13 -1.65 9.21 -38.83
CA PRO C 13 -1.04 10.52 -38.63
C PRO C 13 0.26 10.41 -37.85
N GLY C 14 1.08 11.45 -37.97
CA GLY C 14 2.28 11.55 -37.15
C GLY C 14 1.93 11.52 -35.68
N PHE C 15 2.66 10.71 -34.90
CA PHE C 15 2.30 10.53 -33.51
C PHE C 15 2.47 11.79 -32.68
N ASN C 16 3.27 12.75 -33.14
CA ASN C 16 3.49 14.01 -32.45
C ASN C 16 2.63 15.13 -33.00
N GLN C 17 1.64 14.81 -33.83
CA GLN C 17 0.87 15.86 -34.49
C GLN C 17 0.09 16.71 -33.50
N ILE C 18 -0.46 16.11 -32.45
CA ILE C 18 -1.26 16.88 -31.49
C ILE C 18 -0.39 17.94 -30.82
N GLN C 19 0.83 17.57 -30.41
CA GLN C 19 1.75 18.55 -29.85
C GLN C 19 2.14 19.60 -30.88
N PHE C 20 2.39 19.18 -32.12
CA PHE C 20 2.84 20.10 -33.16
C PHE C 20 1.78 21.14 -33.50
N GLU C 21 0.54 20.70 -33.74
CA GLU C 21 -0.52 21.66 -34.04
C GLU C 21 -0.80 22.59 -32.88
N GLY C 22 -0.76 22.04 -31.66
CA GLY C 22 -1.04 22.86 -30.49
C GLY C 22 -0.05 23.99 -30.32
N PHE C 23 1.23 23.71 -30.52
CA PHE C 23 2.24 24.77 -30.38
C PHE C 23 2.11 25.79 -31.50
N TYR C 24 1.75 25.35 -32.70
CA TYR C 24 1.55 26.30 -33.80
C TYR C 24 0.39 27.24 -33.50
N ARG C 25 -0.69 26.70 -32.90
CA ARG C 25 -1.82 27.55 -32.54
C ARG C 25 -1.45 28.55 -31.46
N PHE C 26 -0.57 28.17 -30.54
CA PHE C 26 -0.13 29.09 -29.50
C PHE C 26 0.65 30.26 -30.08
N ILE C 27 1.58 29.98 -31.00
CA ILE C 27 2.36 31.04 -31.62
C ILE C 27 1.50 31.86 -32.57
N ASP C 28 0.66 31.20 -33.38
CA ASP C 28 -0.06 31.87 -34.44
C ASP C 28 -1.25 32.68 -33.91
N GLN C 29 -1.91 32.21 -32.86
CA GLN C 29 -3.10 32.91 -32.36
C GLN C 29 -3.07 33.11 -30.85
N GLY C 30 -2.38 32.24 -30.13
CA GLY C 30 -2.43 32.31 -28.68
C GLY C 30 -1.75 33.55 -28.11
N LEU C 31 -0.66 33.99 -28.75
CA LEU C 31 0.06 35.15 -28.24
C LEU C 31 -0.80 36.41 -28.26
N ILE C 32 -1.54 36.62 -29.36
CA ILE C 32 -2.31 37.84 -29.51
C ILE C 32 -3.42 37.90 -28.47
N GLU C 33 -4.12 36.79 -28.24
CA GLU C 33 -5.25 36.79 -27.33
C GLU C 33 -4.83 37.19 -25.92
N GLU C 34 -3.59 36.89 -25.53
CA GLU C 34 -3.11 37.27 -24.22
C GLU C 34 -2.44 38.64 -24.21
N LEU C 35 -1.71 38.98 -25.28
CA LEU C 35 -1.05 40.28 -25.35
C LEU C 35 -2.04 41.41 -25.53
N SER C 36 -3.27 41.12 -25.93
CA SER C 36 -4.32 42.12 -26.06
C SER C 36 -5.13 42.28 -24.79
N LYS C 37 -4.97 41.39 -23.82
CA LYS C 37 -5.63 41.51 -22.53
C LYS C 37 -4.78 42.28 -21.52
N PHE C 38 -3.66 42.83 -21.96
CA PHE C 38 -2.80 43.59 -21.07
C PHE C 38 -3.38 44.99 -20.90
N PRO C 39 -3.78 45.39 -19.69
CA PRO C 39 -4.39 46.70 -19.50
C PRO C 39 -3.39 47.82 -19.69
N LYS C 40 -3.91 48.97 -20.12
CA LYS C 40 -3.12 50.19 -20.13
C LYS C 40 -2.87 50.65 -18.69
N ILE C 41 -1.64 51.07 -18.41
CA ILE C 41 -1.22 51.37 -17.06
C ILE C 41 -1.20 52.88 -16.88
N GLU C 42 -2.00 53.37 -15.94
CA GLU C 42 -2.07 54.79 -15.62
C GLU C 42 -1.85 54.99 -14.13
N ASP C 43 -1.18 56.08 -13.77
CA ASP C 43 -0.82 56.32 -12.39
C ASP C 43 -2.00 56.92 -11.63
N ILE C 44 -1.74 57.28 -10.36
CA ILE C 44 -2.77 57.92 -9.54
C ILE C 44 -3.13 59.28 -10.12
N ASP C 45 -2.13 60.05 -10.53
CA ASP C 45 -2.32 61.40 -11.05
C ASP C 45 -2.65 61.44 -12.53
N HIS C 46 -2.64 60.29 -13.21
CA HIS C 46 -2.93 60.17 -14.63
C HIS C 46 -1.96 60.95 -15.50
N GLU C 47 -0.81 61.35 -14.95
CA GLU C 47 0.15 62.14 -15.72
C GLU C 47 0.88 61.28 -16.74
N ILE C 48 1.31 60.09 -16.35
CA ILE C 48 2.14 59.22 -17.18
C ILE C 48 1.37 57.95 -17.49
N GLU C 49 1.28 57.61 -18.77
CA GLU C 49 0.52 56.47 -19.24
C GLU C 49 1.43 55.57 -20.08
N PHE C 50 1.41 54.27 -19.78
CA PHE C 50 2.20 53.28 -20.50
C PHE C 50 1.28 52.33 -21.24
N GLN C 51 1.64 52.02 -22.48
CA GLN C 51 0.84 51.12 -23.31
C GLN C 51 1.76 50.30 -24.20
N LEU C 52 1.22 49.19 -24.69
CA LEU C 52 1.93 48.27 -25.58
C LEU C 52 1.27 48.30 -26.95
N PHE C 53 2.08 48.44 -28.00
CA PHE C 53 1.60 48.36 -29.39
C PHE C 53 1.71 46.90 -29.81
N VAL C 54 0.63 46.14 -29.67
CA VAL C 54 0.68 44.70 -29.84
C VAL C 54 0.80 44.27 -31.30
N GLU C 55 0.35 45.10 -32.24
CA GLU C 55 0.39 44.70 -33.65
C GLU C 55 1.80 44.49 -34.17
N THR C 56 2.81 45.03 -33.48
CA THR C 56 4.21 44.91 -33.90
C THR C 56 4.99 43.97 -33.00
N TYR C 57 4.29 43.04 -32.35
CA TYR C 57 4.96 41.99 -31.58
C TYR C 57 5.84 41.15 -32.49
N GLN C 58 6.98 40.71 -31.98
CA GLN C 58 7.92 39.94 -32.77
C GLN C 58 8.48 38.78 -31.96
N LEU C 59 8.87 37.74 -32.67
CA LEU C 59 9.56 36.59 -32.10
C LEU C 59 10.90 36.42 -32.81
N VAL C 60 11.97 36.31 -32.02
CA VAL C 60 13.32 36.22 -32.55
C VAL C 60 13.80 34.78 -32.38
N GLU C 61 14.42 34.26 -33.44
CA GLU C 61 14.91 32.89 -33.37
C GLU C 61 15.97 32.77 -32.29
N PRO C 62 16.05 31.61 -31.63
CA PRO C 62 17.04 31.44 -30.57
C PRO C 62 18.45 31.64 -31.08
N LEU C 63 19.28 32.25 -30.23
CA LEU C 63 20.68 32.46 -30.59
C LEU C 63 21.48 31.17 -30.48
N ILE C 64 21.09 30.27 -29.59
CA ILE C 64 21.78 29.02 -29.40
C ILE C 64 21.05 27.92 -30.18
N LYS C 65 21.69 26.77 -30.31
CA LYS C 65 21.09 25.59 -30.91
C LYS C 65 20.59 24.64 -29.81
N GLU C 66 19.75 23.68 -30.22
CA GLU C 66 19.18 22.76 -29.24
C GLU C 66 20.24 21.93 -28.56
N ARG C 67 21.24 21.45 -29.31
CA ARG C 67 22.32 20.70 -28.71
C ARG C 67 23.14 21.58 -27.76
N ASP C 68 23.21 22.88 -28.04
CA ASP C 68 23.89 23.79 -27.13
C ASP C 68 23.12 23.97 -25.83
N ALA C 69 21.80 24.16 -25.93
CA ALA C 69 20.99 24.33 -24.74
C ALA C 69 21.06 23.12 -23.82
N VAL C 70 21.41 21.94 -24.36
CA VAL C 70 21.59 20.76 -23.53
C VAL C 70 23.00 20.69 -22.97
N TYR C 71 24.01 20.99 -23.77
CA TYR C 71 25.39 20.92 -23.30
C TYR C 71 25.66 21.95 -22.19
N GLU C 72 25.13 23.16 -22.34
CA GLU C 72 25.35 24.21 -21.37
C GLU C 72 24.24 24.30 -20.32
N SER C 73 23.28 23.37 -20.34
CA SER C 73 22.17 23.38 -19.39
C SER C 73 21.39 24.69 -19.45
N LEU C 74 21.18 25.19 -20.66
CA LEU C 74 20.40 26.40 -20.88
C LEU C 74 18.99 26.04 -21.33
N THR C 75 18.22 27.05 -21.73
CA THR C 75 16.84 26.88 -22.17
C THR C 75 16.71 27.30 -23.63
N TYR C 76 16.17 26.41 -24.44
CA TYR C 76 15.90 26.70 -25.85
C TYR C 76 14.66 27.58 -25.93
N SER C 77 14.83 28.85 -26.29
CA SER C 77 13.76 29.82 -26.14
C SER C 77 13.89 30.91 -27.21
N SER C 78 12.82 31.68 -27.35
CA SER C 78 12.74 32.78 -28.29
C SER C 78 12.44 34.07 -27.56
N GLU C 79 12.83 35.19 -28.17
CA GLU C 79 12.72 36.50 -27.55
C GLU C 79 11.48 37.22 -28.07
N LEU C 80 10.62 37.65 -27.16
CA LEU C 80 9.41 38.37 -27.53
C LEU C 80 9.69 39.87 -27.47
N TYR C 81 9.59 40.53 -28.62
CA TYR C 81 9.76 41.98 -28.72
C TYR C 81 8.44 42.63 -29.11
N VAL C 82 8.12 43.74 -28.45
CA VAL C 82 6.95 44.54 -28.74
C VAL C 82 7.38 46.01 -28.73
N SER C 83 6.64 46.84 -29.45
CA SER C 83 6.82 48.29 -29.36
C SER C 83 5.91 48.86 -28.29
N ALA C 84 6.47 49.70 -27.43
CA ALA C 84 5.73 50.33 -26.34
C ALA C 84 5.91 51.83 -26.41
N GLY C 85 4.83 52.56 -26.19
CA GLY C 85 4.83 54.01 -26.17
C GLY C 85 4.64 54.52 -24.75
N LEU C 86 5.35 55.59 -24.41
CA LEU C 86 5.28 56.17 -23.07
C LEU C 86 5.10 57.68 -23.23
N ILE C 87 3.90 58.16 -22.92
CA ILE C 87 3.56 59.57 -23.07
C ILE C 87 3.69 60.23 -21.70
N TRP C 88 4.54 61.26 -21.63
CA TRP C 88 4.65 62.11 -20.44
C TRP C 88 3.94 63.42 -20.74
N LYS C 89 2.77 63.61 -20.14
CA LYS C 89 2.00 64.83 -20.39
C LYS C 89 2.66 66.07 -19.79
N THR C 90 3.70 65.90 -18.96
CA THR C 90 4.50 67.03 -18.53
C THR C 90 5.22 67.67 -19.70
N ASN C 91 5.76 66.84 -20.60
CA ASN C 91 6.48 67.32 -21.77
C ASN C 91 5.78 66.99 -23.08
N ARG C 92 4.68 66.24 -23.04
CA ARG C 92 3.89 65.88 -24.22
C ARG C 92 4.70 65.10 -25.25
N ASN C 93 5.79 64.48 -24.82
CA ASN C 93 6.66 63.72 -25.71
C ASN C 93 6.29 62.26 -25.66
N MET C 94 5.98 61.68 -26.82
CA MET C 94 5.68 60.26 -26.92
C MET C 94 6.94 59.53 -27.41
N GLN C 95 7.48 58.66 -26.57
CA GLN C 95 8.70 57.93 -26.88
C GLN C 95 8.36 56.46 -27.08
N GLU C 96 8.75 55.92 -28.23
CA GLU C 96 8.46 54.55 -28.59
C GLU C 96 9.77 53.80 -28.82
N GLN C 97 9.93 52.68 -28.14
CA GLN C 97 11.08 51.81 -28.31
C GLN C 97 10.61 50.37 -28.41
N ARG C 98 11.47 49.53 -29.00
CA ARG C 98 11.21 48.10 -29.08
C ARG C 98 11.57 47.46 -27.75
N ILE C 99 10.56 47.11 -26.95
CA ILE C 99 10.78 46.58 -25.61
C ILE C 99 10.91 45.06 -25.68
N PHE C 100 11.78 44.53 -24.83
CA PHE C 100 12.07 43.09 -24.75
C PHE C 100 11.29 42.52 -23.57
N ILE C 101 10.14 41.90 -23.86
CA ILE C 101 9.26 41.43 -22.80
C ILE C 101 9.87 40.24 -22.07
N GLY C 102 10.48 39.32 -22.79
CA GLY C 102 11.09 38.16 -22.17
C GLY C 102 11.25 37.02 -23.16
N ASN C 103 11.51 35.85 -22.60
CA ASN C 103 11.76 34.63 -23.37
C ASN C 103 10.54 33.74 -23.37
N ILE C 104 10.29 33.08 -24.51
CA ILE C 104 9.21 32.13 -24.67
C ILE C 104 9.85 30.79 -25.07
N PRO C 105 9.71 29.73 -24.25
CA PRO C 105 10.30 28.44 -24.64
C PRO C 105 9.72 27.91 -25.94
N LEU C 106 10.60 27.37 -26.77
CA LEU C 106 10.21 26.83 -28.07
C LEU C 106 10.12 25.31 -28.00
N MET C 107 9.28 24.76 -28.86
CA MET C 107 9.04 23.33 -28.93
C MET C 107 9.78 22.74 -30.12
N ASN C 108 10.40 21.59 -29.91
CA ASN C 108 11.01 20.82 -30.99
C ASN C 108 9.91 20.15 -31.82
N SER C 109 10.29 19.67 -33.01
CA SER C 109 9.34 18.95 -33.85
C SER C 109 8.81 17.69 -33.17
N LEU C 110 9.60 17.10 -32.27
CA LEU C 110 9.18 15.94 -31.50
C LEU C 110 8.29 16.30 -30.32
N GLY C 111 7.86 17.56 -30.22
CA GLY C 111 6.94 17.95 -29.17
C GLY C 111 7.56 18.09 -27.80
N THR C 112 8.87 18.30 -27.71
CA THR C 112 9.56 18.39 -26.44
C THR C 112 10.18 19.77 -26.26
N PHE C 113 10.25 20.20 -25.01
CA PHE C 113 10.87 21.46 -24.63
C PHE C 113 12.19 21.18 -23.92
N ILE C 114 13.11 22.16 -24.01
CA ILE C 114 14.41 22.08 -23.36
C ILE C 114 14.46 23.21 -22.34
N VAL C 115 14.28 22.87 -21.06
CA VAL C 115 14.29 23.85 -19.98
C VAL C 115 15.41 23.49 -19.03
N ASN C 116 16.38 24.40 -18.88
CA ASN C 116 17.57 24.17 -18.05
C ASN C 116 18.27 22.87 -18.45
N GLY C 117 18.29 22.58 -19.75
CA GLY C 117 18.92 21.38 -20.26
C GLY C 117 18.10 20.11 -20.15
N ILE C 118 16.94 20.17 -19.49
CA ILE C 118 16.12 18.98 -19.26
C ILE C 118 15.03 18.92 -20.31
N TYR C 119 14.93 17.78 -20.99
CA TYR C 119 13.83 17.55 -21.93
C TYR C 119 12.52 17.43 -21.17
N ARG C 120 11.52 18.20 -21.58
CA ARG C 120 10.25 18.23 -20.88
C ARG C 120 9.11 18.11 -21.88
N VAL C 121 8.05 17.44 -21.46
CA VAL C 121 6.87 17.21 -22.28
C VAL C 121 5.65 17.64 -21.46
N VAL C 122 4.75 18.37 -22.10
CA VAL C 122 3.50 18.78 -21.48
C VAL C 122 2.42 17.81 -21.92
N ILE C 123 1.87 17.05 -20.96
CA ILE C 123 0.88 16.05 -21.29
C ILE C 123 -0.51 16.69 -21.32
N ASN C 124 -1.45 15.98 -21.92
CA ASN C 124 -2.80 16.50 -22.10
C ASN C 124 -3.66 16.17 -20.88
N GLN C 125 -4.50 17.12 -20.50
CA GLN C 125 -5.43 16.95 -19.39
C GLN C 125 -6.85 16.88 -19.93
N ILE C 126 -7.67 16.04 -19.32
CA ILE C 126 -9.09 15.93 -19.66
C ILE C 126 -9.90 16.43 -18.48
N LEU C 127 -10.83 17.32 -18.75
CA LEU C 127 -11.58 18.01 -17.70
C LEU C 127 -13.04 18.13 -18.11
N GLN C 128 -13.90 18.37 -17.12
CA GLN C 128 -15.31 18.59 -17.38
C GLN C 128 -15.51 19.86 -18.20
N SER C 129 -16.33 19.77 -19.22
CA SER C 129 -16.57 20.92 -20.07
C SER C 129 -17.60 21.86 -19.43
N PRO C 130 -17.48 23.16 -19.66
CA PRO C 130 -18.49 24.10 -19.16
C PRO C 130 -19.85 23.85 -19.79
N GLY C 131 -20.90 24.01 -19.00
CA GLY C 131 -22.24 23.77 -19.47
C GLY C 131 -23.18 23.49 -18.30
N ILE C 132 -24.34 22.94 -18.63
CA ILE C 132 -25.39 22.66 -17.65
C ILE C 132 -25.66 21.17 -17.63
N TYR C 133 -25.63 20.58 -16.45
CA TYR C 133 -25.75 19.13 -16.28
C TYR C 133 -26.87 18.82 -15.30
N TYR C 134 -27.81 17.99 -15.73
CA TYR C 134 -29.00 17.67 -14.95
C TYR C 134 -28.84 16.30 -14.31
N GLN C 135 -28.64 16.30 -13.00
CA GLN C 135 -28.50 15.09 -12.21
C GLN C 135 -29.73 14.91 -11.32
N SER C 136 -29.85 13.71 -10.76
CA SER C 136 -30.92 13.41 -9.81
C SER C 136 -30.38 12.41 -8.80
N GLU C 137 -30.09 12.86 -7.59
CA GLU C 137 -29.58 12.00 -6.54
C GLU C 137 -30.68 11.65 -5.55
N LEU C 138 -30.65 10.42 -5.05
CA LEU C 138 -31.61 9.97 -4.04
C LEU C 138 -31.19 10.47 -2.66
N ASP C 139 -32.17 10.91 -1.89
CA ASP C 139 -31.91 11.41 -0.54
C ASP C 139 -31.86 10.22 0.43
N HIS C 140 -31.81 10.52 1.73
CA HIS C 140 -31.72 9.45 2.72
C HIS C 140 -32.99 8.61 2.77
N ASN C 141 -34.13 9.19 2.39
CA ASN C 141 -35.41 8.49 2.42
C ASN C 141 -35.76 7.80 1.11
N GLY C 142 -34.86 7.82 0.14
CA GLY C 142 -35.14 7.24 -1.16
C GLY C 142 -35.99 8.10 -2.07
N ILE C 143 -36.17 9.38 -1.74
CA ILE C 143 -36.96 10.29 -2.55
C ILE C 143 -36.05 10.94 -3.58
N SER C 144 -36.48 10.93 -4.83
CA SER C 144 -35.69 11.52 -5.91
C SER C 144 -35.60 13.03 -5.74
N VAL C 145 -34.39 13.56 -5.84
CA VAL C 145 -34.13 14.99 -5.82
C VAL C 145 -33.27 15.34 -7.02
N TYR C 146 -33.70 16.32 -7.80
CA TYR C 146 -33.08 16.64 -9.08
C TYR C 146 -32.20 17.88 -8.94
N THR C 147 -30.98 17.79 -9.46
CA THR C 147 -29.99 18.86 -9.33
C THR C 147 -29.46 19.24 -10.71
N GLY C 148 -29.23 20.54 -10.90
CA GLY C 148 -28.67 21.05 -12.13
C GLY C 148 -27.54 22.03 -11.86
N THR C 149 -26.38 21.78 -12.46
CA THR C 149 -25.17 22.52 -12.17
C THR C 149 -24.68 23.24 -13.42
N ILE C 150 -24.26 24.50 -13.25
CA ILE C 150 -23.64 25.27 -14.31
C ILE C 150 -22.14 25.36 -14.04
N ILE C 151 -21.35 24.97 -15.03
CA ILE C 151 -19.90 25.00 -14.94
C ILE C 151 -19.37 26.07 -15.88
N SER C 152 -18.45 26.89 -15.39
CA SER C 152 -17.89 27.98 -16.16
C SER C 152 -16.63 27.52 -16.90
N ASP C 153 -16.03 28.44 -17.65
CA ASP C 153 -14.75 28.16 -18.30
C ASP C 153 -13.61 28.07 -17.29
N TRP C 154 -13.82 28.57 -16.08
CA TRP C 154 -12.82 28.49 -15.02
C TRP C 154 -13.06 27.34 -14.06
N GLY C 155 -14.07 26.51 -14.31
CA GLY C 155 -14.46 25.48 -13.38
C GLY C 155 -15.40 25.94 -12.29
N GLY C 156 -15.84 27.20 -12.32
CA GLY C 156 -16.79 27.71 -11.36
C GLY C 156 -18.12 26.99 -11.42
N ARG C 157 -18.63 26.55 -10.27
CA ARG C 157 -19.85 25.78 -10.19
C ARG C 157 -20.93 26.62 -9.52
N LEU C 158 -21.99 26.92 -10.27
CA LEU C 158 -23.20 27.56 -9.72
C LEU C 158 -24.27 26.47 -9.70
N GLU C 159 -24.37 25.77 -8.58
CA GLU C 159 -25.28 24.64 -8.46
C GLU C 159 -26.69 25.09 -8.14
N LEU C 160 -27.67 24.39 -8.70
CA LEU C 160 -29.07 24.55 -8.35
C LEU C 160 -29.61 23.22 -7.87
N GLU C 161 -30.73 23.28 -7.13
CA GLU C 161 -31.29 22.07 -6.56
C GLU C 161 -32.78 22.27 -6.30
N ILE C 162 -33.46 21.15 -6.09
CA ILE C 162 -34.86 21.13 -5.64
C ILE C 162 -34.89 20.48 -4.27
N ASP C 163 -35.34 21.23 -3.26
CA ASP C 163 -35.34 20.75 -1.89
C ASP C 163 -36.65 20.01 -1.61
N LYS C 164 -36.89 19.67 -0.34
CA LYS C 164 -38.12 18.97 0.02
C LYS C 164 -39.34 19.87 -0.14
N LYS C 165 -39.19 21.15 0.17
CA LYS C 165 -40.28 22.12 0.08
C LYS C 165 -40.36 22.78 -1.29
N ALA C 166 -39.64 22.27 -2.28
CA ALA C 166 -39.60 22.78 -3.65
C ALA C 166 -38.99 24.16 -3.76
N ARG C 167 -38.34 24.65 -2.70
CA ARG C 167 -37.65 25.93 -2.76
C ARG C 167 -36.30 25.75 -3.43
N ILE C 168 -36.07 26.52 -4.49
CA ILE C 168 -34.85 26.42 -5.28
C ILE C 168 -33.75 27.23 -4.61
N TRP C 169 -32.59 26.61 -4.42
CA TRP C 169 -31.46 27.22 -3.73
C TRP C 169 -30.24 27.22 -4.63
N ALA C 170 -29.48 28.32 -4.61
CA ALA C 170 -28.24 28.44 -5.37
C ALA C 170 -27.08 28.07 -4.44
N ARG C 171 -26.75 26.79 -4.40
CA ARG C 171 -25.68 26.30 -3.53
C ARG C 171 -24.34 26.71 -4.10
N VAL C 172 -23.75 27.77 -3.55
CA VAL C 172 -22.41 28.18 -3.95
C VAL C 172 -21.35 27.38 -3.20
N SER C 173 -21.68 26.89 -2.00
CA SER C 173 -20.77 26.06 -1.22
C SER C 173 -21.60 25.15 -0.32
N ARG C 174 -20.91 24.27 0.40
CA ARG C 174 -21.58 23.30 1.25
C ARG C 174 -22.38 23.94 2.38
N LYS C 175 -22.07 25.19 2.74
CA LYS C 175 -22.75 25.88 3.82
C LYS C 175 -23.52 27.11 3.38
N GLN C 176 -23.35 27.57 2.14
CA GLN C 176 -23.98 28.79 1.66
C GLN C 176 -25.13 28.44 0.72
N LYS C 177 -26.30 29.00 0.99
CA LYS C 177 -27.49 28.80 0.18
C LYS C 177 -28.11 30.14 -0.17
N ILE C 178 -28.51 30.29 -1.42
CA ILE C 178 -29.11 31.53 -1.93
C ILE C 178 -30.38 31.18 -2.68
N SER C 179 -31.46 31.90 -2.39
CA SER C 179 -32.72 31.68 -3.09
C SER C 179 -32.63 32.15 -4.53
N ILE C 180 -33.44 31.52 -5.39
CA ILE C 180 -33.41 31.83 -6.82
C ILE C 180 -33.87 33.27 -7.07
N LEU C 181 -34.92 33.70 -6.38
CA LEU C 181 -35.51 35.02 -6.64
C LEU C 181 -34.54 36.14 -6.30
N VAL C 182 -33.78 35.98 -5.21
CA VAL C 182 -32.82 37.00 -4.80
C VAL C 182 -31.72 37.14 -5.85
N LEU C 183 -31.15 36.01 -6.28
CA LEU C 183 -30.09 36.04 -7.28
C LEU C 183 -30.59 36.61 -8.60
N SER C 184 -31.78 36.21 -9.02
CA SER C 184 -32.31 36.68 -10.30
C SER C 184 -32.55 38.18 -10.29
N SER C 185 -33.05 38.71 -9.17
CA SER C 185 -33.35 40.14 -9.11
C SER C 185 -32.10 40.99 -9.02
N ALA C 186 -31.02 40.45 -8.43
CA ALA C 186 -29.78 41.21 -8.33
C ALA C 186 -29.13 41.41 -9.69
N MET C 187 -29.57 40.68 -10.70
CA MET C 187 -29.01 40.79 -12.05
C MET C 187 -29.87 41.63 -12.98
N GLY C 188 -30.89 42.31 -12.45
CA GLY C 188 -31.71 43.20 -13.23
C GLY C 188 -33.02 42.62 -13.70
N SER C 189 -33.33 41.38 -13.38
CA SER C 189 -34.60 40.77 -13.76
C SER C 189 -35.64 41.12 -12.70
N ASN C 190 -36.70 41.82 -13.11
CA ASN C 190 -37.76 42.19 -12.19
C ASN C 190 -38.66 40.99 -11.91
N LEU C 191 -39.44 41.11 -10.84
CA LEU C 191 -40.32 40.01 -10.43
C LEU C 191 -41.42 39.74 -11.45
N ARG C 192 -41.80 40.74 -12.24
CA ARG C 192 -42.93 40.58 -13.16
C ARG C 192 -42.59 39.65 -14.31
N GLU C 193 -41.43 39.86 -14.95
CA GLU C 193 -41.08 39.06 -16.11
C GLU C 193 -40.79 37.61 -15.75
N ILE C 194 -40.23 37.37 -14.56
CA ILE C 194 -39.83 36.03 -14.16
C ILE C 194 -41.05 35.10 -14.15
N LEU C 195 -42.15 35.57 -13.56
CA LEU C 195 -43.36 34.75 -13.52
C LEU C 195 -43.90 34.49 -14.92
N GLU C 196 -43.87 35.50 -15.79
CA GLU C 196 -44.47 35.36 -17.11
C GLU C 196 -43.72 34.36 -17.97
N ASN C 197 -42.39 34.28 -17.83
CA ASN C 197 -41.56 33.52 -18.74
C ASN C 197 -41.19 32.13 -18.24
N VAL C 198 -41.68 31.73 -17.06
CA VAL C 198 -41.46 30.38 -16.56
C VAL C 198 -42.71 29.57 -16.77
N CYS C 199 -42.53 28.29 -17.07
CA CYS C 199 -43.67 27.41 -17.33
C CYS C 199 -44.53 27.19 -16.09
N TYR C 200 -43.99 27.46 -14.89
CA TYR C 200 -44.69 27.20 -13.64
C TYR C 200 -44.61 28.44 -12.75
N PRO C 201 -45.31 29.52 -13.12
CA PRO C 201 -45.29 30.73 -12.27
C PRO C 201 -45.94 30.52 -10.91
N GLU C 202 -46.96 29.67 -10.82
CA GLU C 202 -47.62 29.44 -9.53
C GLU C 202 -46.65 28.83 -8.52
N ILE C 203 -45.72 28.01 -9.00
CA ILE C 203 -44.68 27.47 -8.12
C ILE C 203 -43.80 28.60 -7.58
N PHE C 204 -43.39 29.52 -8.45
CA PHE C 204 -42.49 30.59 -8.03
C PHE C 204 -43.16 31.53 -7.03
N LEU C 205 -44.44 31.85 -7.26
CA LEU C 205 -45.14 32.75 -6.34
C LEU C 205 -45.38 32.10 -4.99
N SER C 206 -45.45 30.77 -4.94
CA SER C 206 -45.79 30.07 -3.70
C SER C 206 -44.73 30.20 -2.63
N PHE C 207 -43.52 30.63 -2.98
CA PHE C 207 -42.42 30.75 -2.02
C PHE C 207 -42.05 32.20 -1.71
N LEU C 208 -42.89 33.16 -2.10
CA LEU C 208 -42.57 34.57 -1.93
C LEU C 208 -43.02 35.03 -0.55
N THR C 209 -42.09 35.06 0.40
CA THR C 209 -42.39 35.58 1.71
C THR C 209 -42.53 37.11 1.65
N ASP C 210 -43.21 37.66 2.66
CA ASP C 210 -43.44 39.09 2.70
C ASP C 210 -42.12 39.87 2.80
N LYS C 211 -41.19 39.36 3.59
CA LYS C 211 -39.90 40.04 3.75
C LYS C 211 -39.11 40.05 2.44
N GLU C 212 -39.16 38.96 1.68
CA GLU C 212 -38.40 38.89 0.44
C GLU C 212 -38.96 39.82 -0.62
N LYS C 213 -40.28 40.03 -0.64
CA LYS C 213 -40.90 40.82 -1.71
C LYS C 213 -40.41 42.26 -1.69
N LYS C 214 -40.26 42.85 -0.50
CA LYS C 214 -39.86 44.24 -0.40
C LYS C 214 -38.43 44.44 -0.90
N LYS C 215 -37.55 43.47 -0.67
CA LYS C 215 -36.18 43.58 -1.14
C LYS C 215 -36.08 43.35 -2.64
N ILE C 216 -36.89 42.43 -3.16
CA ILE C 216 -36.88 42.14 -4.60
C ILE C 216 -37.35 43.35 -5.40
N GLY C 217 -38.22 44.18 -4.81
CA GLY C 217 -38.82 45.28 -5.54
C GLY C 217 -37.83 46.27 -6.12
N SER C 218 -36.61 46.33 -5.57
CA SER C 218 -35.56 47.20 -6.08
C SER C 218 -34.32 46.38 -6.39
N LYS C 219 -33.63 46.75 -7.47
CA LYS C 219 -32.42 46.04 -7.84
C LYS C 219 -31.32 46.22 -6.80
N GLU C 220 -31.16 47.44 -6.28
CA GLU C 220 -30.07 47.71 -5.35
C GLU C 220 -30.23 46.93 -4.05
N ASN C 221 -31.47 46.83 -3.54
CA ASN C 221 -31.67 46.08 -2.30
C ASN C 221 -31.46 44.58 -2.51
N ALA C 222 -31.80 44.07 -3.68
CA ALA C 222 -31.56 42.66 -3.97
C ALA C 222 -30.07 42.33 -3.96
N ILE C 223 -29.25 43.26 -4.46
CA ILE C 223 -27.80 43.08 -4.43
C ILE C 223 -27.31 42.97 -2.98
N LEU C 224 -27.81 43.84 -2.10
CA LEU C 224 -27.44 43.75 -0.69
C LEU C 224 -27.91 42.45 -0.07
N GLU C 225 -29.13 42.02 -0.40
CA GLU C 225 -29.63 40.74 0.09
C GLU C 225 -28.78 39.58 -0.43
N PHE C 226 -28.38 39.63 -1.70
CA PHE C 226 -27.53 38.58 -2.25
C PHE C 226 -26.17 38.55 -1.55
N TYR C 227 -25.61 39.73 -1.26
CA TYR C 227 -24.32 39.78 -0.56
C TYR C 227 -24.44 39.22 0.84
N GLN C 228 -25.56 39.48 1.52
CA GLN C 228 -25.74 38.95 2.86
C GLN C 228 -25.74 37.43 2.86
N GLN C 229 -26.45 36.81 1.91
CA GLN C 229 -26.52 35.36 1.86
C GLN C 229 -25.21 34.78 1.33
N PHE C 230 -24.58 35.44 0.35
CA PHE C 230 -23.36 34.91 -0.23
C PHE C 230 -22.18 35.01 0.73
N SER C 231 -22.13 36.08 1.53
CA SER C 231 -21.01 36.29 2.43
C SER C 231 -21.24 35.75 3.84
N CYS C 232 -22.50 35.55 4.23
CA CYS C 232 -22.85 35.05 5.57
C CYS C 232 -22.26 35.93 6.67
N VAL C 233 -22.21 37.24 6.41
CA VAL C 233 -21.65 38.20 7.34
C VAL C 233 -22.81 38.92 8.04
N GLY C 234 -22.80 38.89 9.37
CA GLY C 234 -23.87 39.49 10.14
C GLY C 234 -23.88 41.00 9.98
N GLY C 235 -25.01 41.57 9.56
CA GLY C 235 -25.12 43.00 9.40
C GLY C 235 -25.76 43.42 8.10
N ASP C 236 -26.04 44.72 7.96
CA ASP C 236 -26.67 45.24 6.76
C ASP C 236 -25.62 45.99 5.94
N PRO C 237 -25.17 45.44 4.82
CA PRO C 237 -24.20 46.17 3.98
C PRO C 237 -24.85 47.35 3.27
N ILE C 238 -24.01 48.32 2.92
CA ILE C 238 -24.43 49.53 2.24
C ILE C 238 -23.94 49.47 0.80
N PHE C 239 -24.84 49.72 -0.15
CA PHE C 239 -24.49 49.63 -1.56
C PHE C 239 -23.39 50.62 -1.91
N SER C 240 -22.37 50.12 -2.62
CA SER C 240 -21.26 50.96 -3.07
C SER C 240 -20.63 50.29 -4.30
N GLU C 241 -19.91 51.10 -5.07
CA GLU C 241 -19.26 50.59 -6.28
C GLU C 241 -18.18 49.57 -5.94
N SER C 242 -17.48 49.76 -4.82
CA SER C 242 -16.45 48.81 -4.42
C SER C 242 -17.03 47.45 -4.07
N LEU C 243 -18.23 47.42 -3.48
CA LEU C 243 -18.86 46.15 -3.12
C LEU C 243 -19.12 45.30 -4.35
N CYS C 244 -19.62 45.93 -5.43
CA CYS C 244 -19.87 45.18 -6.66
C CYS C 244 -18.57 44.66 -7.25
N LYS C 245 -17.51 45.46 -7.23
CA LYS C 245 -16.23 45.03 -7.79
C LYS C 245 -15.68 43.82 -7.03
N GLU C 246 -15.74 43.85 -5.70
CA GLU C 246 -15.34 42.69 -4.92
C GLU C 246 -16.25 41.50 -5.17
N LEU C 247 -17.56 41.75 -5.25
CA LEU C 247 -18.51 40.68 -5.52
C LEU C 247 -18.32 40.12 -6.92
N GLN C 248 -18.02 40.98 -7.89
CA GLN C 248 -17.89 40.54 -9.28
C GLN C 248 -16.71 39.59 -9.46
N LYS C 249 -15.56 39.90 -8.85
CA LYS C 249 -14.39 39.06 -9.01
C LYS C 249 -14.54 37.74 -8.27
N LYS C 250 -15.04 37.79 -7.03
CA LYS C 250 -15.16 36.59 -6.23
C LYS C 250 -16.19 35.62 -6.81
N PHE C 251 -17.28 36.15 -7.36
CA PHE C 251 -18.39 35.32 -7.81
C PHE C 251 -18.53 35.31 -9.33
N PHE C 252 -18.71 36.46 -9.97
CA PHE C 252 -19.12 36.46 -11.37
C PHE C 252 -17.96 36.33 -12.34
N HIS C 253 -16.77 36.80 -11.96
CA HIS C 253 -15.60 36.55 -12.80
C HIS C 253 -15.18 35.09 -12.75
N GLN C 254 -15.43 34.41 -11.63
CA GLN C 254 -15.02 33.02 -11.47
C GLN C 254 -16.08 32.02 -11.91
N ARG C 255 -17.36 32.35 -11.75
CA ARG C 255 -18.41 31.35 -11.89
C ARG C 255 -19.36 31.57 -13.06
N CYS C 256 -19.49 32.79 -13.58
CA CYS C 256 -20.51 33.10 -14.57
C CYS C 256 -19.93 33.53 -15.91
N GLU C 257 -18.65 33.22 -16.16
CA GLU C 257 -18.02 33.47 -17.46
C GLU C 257 -17.99 32.14 -18.20
N LEU C 258 -19.04 31.88 -18.99
CA LEU C 258 -19.17 30.59 -19.67
C LEU C 258 -18.03 30.34 -20.64
N GLY C 259 -17.71 31.34 -21.45
CA GLY C 259 -16.80 31.12 -22.56
C GLY C 259 -17.56 30.63 -23.78
N ARG C 260 -16.81 30.44 -24.86
CA ARG C 260 -17.43 30.01 -26.12
C ARG C 260 -17.91 28.57 -26.04
N ILE C 261 -17.12 27.69 -25.40
CA ILE C 261 -17.53 26.29 -25.28
C ILE C 261 -18.74 26.16 -24.36
N GLY C 262 -18.73 26.88 -23.24
CA GLY C 262 -19.86 26.82 -22.32
C GLY C 262 -21.13 27.41 -22.90
N ARG C 263 -21.00 28.53 -23.63
CA ARG C 263 -22.17 29.12 -24.26
C ARG C 263 -22.77 28.17 -25.29
N ARG C 264 -21.92 27.49 -26.07
CA ARG C 264 -22.42 26.50 -27.01
C ARG C 264 -23.14 25.36 -26.29
N ASN C 265 -22.57 24.87 -25.19
CA ASN C 265 -23.19 23.77 -24.46
C ASN C 265 -24.46 24.22 -23.75
N ILE C 266 -24.46 25.44 -23.21
CA ILE C 266 -25.66 25.96 -22.58
C ILE C 266 -26.78 26.10 -23.59
N ASN C 267 -26.47 26.63 -24.78
CA ASN C 267 -27.49 26.85 -25.80
C ASN C 267 -28.11 25.54 -26.26
N TRP C 268 -27.28 24.57 -26.66
CA TRP C 268 -27.80 23.33 -27.21
C TRP C 268 -28.55 22.52 -26.14
N ARG C 269 -28.01 22.45 -24.93
CA ARG C 269 -28.66 21.66 -23.89
C ARG C 269 -30.01 22.25 -23.50
N LEU C 270 -30.09 23.58 -23.41
CA LEU C 270 -31.32 24.24 -22.96
C LEU C 270 -32.18 24.74 -24.12
N ASN C 271 -31.78 24.46 -25.36
CA ASN C 271 -32.57 24.83 -26.54
C ASN C 271 -32.83 26.34 -26.58
N LEU C 272 -31.75 27.10 -26.72
CA LEU C 272 -31.82 28.56 -26.75
C LEU C 272 -31.18 29.08 -28.02
N ASN C 273 -31.79 30.10 -28.61
CA ASN C 273 -31.22 30.79 -29.76
C ASN C 273 -30.55 32.09 -29.30
N ILE C 274 -29.41 31.92 -28.65
CA ILE C 274 -28.59 33.02 -28.15
C ILE C 274 -27.29 33.04 -28.94
N PRO C 275 -26.84 34.20 -29.43
CA PRO C 275 -25.68 34.23 -30.32
C PRO C 275 -24.44 33.65 -29.67
N GLN C 276 -23.62 32.99 -30.50
CA GLN C 276 -22.41 32.33 -30.03
C GLN C 276 -21.37 33.29 -29.48
N ASN C 277 -21.52 34.60 -29.72
CA ASN C 277 -20.53 35.57 -29.28
C ASN C 277 -20.66 35.92 -27.79
N ASN C 278 -21.79 35.61 -27.16
CA ASN C 278 -22.03 36.00 -25.77
C ASN C 278 -21.38 34.97 -24.87
N ILE C 279 -20.20 35.32 -24.34
CA ILE C 279 -19.43 34.37 -23.52
C ILE C 279 -19.82 34.40 -22.05
N PHE C 280 -20.69 35.32 -21.64
CA PHE C 280 -21.05 35.48 -20.24
C PHE C 280 -22.47 34.97 -19.98
N LEU C 281 -22.71 34.63 -18.72
CA LEU C 281 -24.02 34.13 -18.32
C LEU C 281 -25.08 35.22 -18.41
N LEU C 282 -26.26 34.83 -18.88
CA LEU C 282 -27.40 35.72 -19.01
C LEU C 282 -28.47 35.35 -17.98
N PRO C 283 -29.32 36.31 -17.60
CA PRO C 283 -30.41 35.97 -16.66
C PRO C 283 -31.33 34.89 -17.20
N ARG C 284 -31.57 34.85 -18.51
CA ARG C 284 -32.43 33.80 -19.05
C ARG C 284 -31.77 32.43 -18.94
N ASP C 285 -30.45 32.35 -19.10
CA ASP C 285 -29.77 31.07 -18.95
C ASP C 285 -29.97 30.51 -17.55
N ILE C 286 -29.87 31.37 -16.53
CA ILE C 286 -30.18 30.95 -15.16
C ILE C 286 -31.65 30.59 -15.05
N LEU C 287 -32.54 31.41 -15.63
CA LEU C 287 -33.97 31.12 -15.56
C LEU C 287 -34.32 29.87 -16.33
N ALA C 288 -33.69 29.65 -17.49
CA ALA C 288 -33.95 28.43 -18.26
C ALA C 288 -33.55 27.20 -17.49
N ALA C 289 -32.45 27.27 -16.74
CA ALA C 289 -32.04 26.15 -15.90
C ALA C 289 -33.09 25.84 -14.83
N ALA C 290 -33.76 26.86 -14.32
CA ALA C 290 -34.82 26.64 -13.34
C ALA C 290 -36.01 25.92 -13.97
N ASP C 291 -36.33 26.24 -15.22
CA ASP C 291 -37.52 25.67 -15.85
C ASP C 291 -37.35 24.18 -16.10
N HIS C 292 -36.22 23.77 -16.69
CA HIS C 292 -36.01 22.35 -16.99
C HIS C 292 -35.92 21.53 -15.70
N LEU C 293 -35.32 22.11 -14.66
CA LEU C 293 -35.21 21.41 -13.38
C LEU C 293 -36.57 20.94 -12.88
N ILE C 294 -37.58 21.80 -12.98
CA ILE C 294 -38.93 21.40 -12.63
C ILE C 294 -39.43 20.34 -13.61
N GLY C 295 -39.32 20.60 -14.91
CA GLY C 295 -39.77 19.63 -15.90
C GLY C 295 -38.97 18.36 -15.87
N MET C 296 -37.73 18.41 -15.39
CA MET C 296 -36.94 17.19 -15.20
C MET C 296 -37.53 16.32 -14.09
N LYS C 297 -37.93 16.94 -12.98
CA LYS C 297 -38.52 16.18 -11.88
C LYS C 297 -39.79 15.48 -12.31
N PHE C 298 -40.49 16.01 -13.31
CA PHE C 298 -41.79 15.49 -13.72
C PHE C 298 -41.71 14.70 -15.03
N GLY C 299 -40.54 14.14 -15.33
CA GLY C 299 -40.41 13.12 -16.36
C GLY C 299 -40.22 13.59 -17.78
N MET C 300 -39.83 14.85 -17.99
CA MET C 300 -39.61 15.38 -19.35
C MET C 300 -38.11 15.55 -19.57
N GLY C 301 -37.51 14.61 -20.29
CA GLY C 301 -36.10 14.69 -20.64
C GLY C 301 -35.27 13.52 -20.16
N THR C 302 -33.95 13.71 -20.13
CA THR C 302 -33.03 12.67 -19.67
C THR C 302 -31.93 13.31 -18.83
N LEU C 303 -31.40 12.53 -17.89
CA LEU C 303 -30.31 12.99 -17.05
C LEU C 303 -28.99 12.94 -17.82
N ASP C 304 -28.04 13.75 -17.37
CA ASP C 304 -26.75 13.83 -18.02
C ASP C 304 -25.84 12.68 -17.58
N ASP C 305 -24.95 12.28 -18.48
CA ASP C 305 -23.89 11.33 -18.18
C ASP C 305 -22.57 12.09 -18.12
N MET C 306 -22.03 12.26 -16.92
CA MET C 306 -20.82 13.05 -16.74
C MET C 306 -19.60 12.38 -17.34
N ASN C 307 -19.62 11.06 -17.51
CA ASN C 307 -18.47 10.34 -18.04
C ASN C 307 -18.47 10.27 -19.56
N HIS C 308 -19.52 10.75 -20.22
CA HIS C 308 -19.52 10.86 -21.68
C HIS C 308 -18.46 11.86 -22.13
N LEU C 309 -17.73 11.50 -23.19
CA LEU C 309 -16.68 12.39 -23.68
C LEU C 309 -17.22 13.66 -24.30
N LYS C 310 -18.49 13.69 -24.69
CA LYS C 310 -19.08 14.92 -25.20
C LYS C 310 -19.28 15.95 -24.10
N ASN C 311 -19.23 15.54 -22.84
CA ASN C 311 -19.27 16.46 -21.70
C ASN C 311 -17.88 16.77 -21.16
N LYS C 312 -16.83 16.26 -21.79
CA LYS C 312 -15.46 16.53 -21.40
C LYS C 312 -14.79 17.41 -22.45
N ARG C 313 -13.61 17.92 -22.11
CA ARG C 313 -12.80 18.66 -23.05
C ARG C 313 -11.33 18.43 -22.72
N ILE C 314 -10.49 18.55 -23.74
CA ILE C 314 -9.06 18.27 -23.62
C ILE C 314 -8.31 19.59 -23.62
N ARG C 315 -7.42 19.76 -22.65
CA ARG C 315 -6.55 20.92 -22.57
C ARG C 315 -5.14 20.47 -22.94
N SER C 316 -4.65 20.96 -24.08
CA SER C 316 -3.35 20.58 -24.60
C SER C 316 -2.32 21.66 -24.28
N VAL C 317 -1.12 21.49 -24.86
CA VAL C 317 -0.01 22.41 -24.59
C VAL C 317 -0.36 23.84 -24.98
N ALA C 318 -1.24 24.01 -25.97
CA ALA C 318 -1.67 25.35 -26.33
C ALA C 318 -2.45 26.02 -25.20
N ASP C 319 -3.34 25.27 -24.55
CA ASP C 319 -4.12 25.84 -23.45
C ASP C 319 -3.23 26.19 -22.27
N LEU C 320 -2.28 25.32 -21.92
CA LEU C 320 -1.45 25.59 -20.75
C LEU C 320 -0.45 26.71 -21.01
N LEU C 321 0.22 26.70 -22.17
CA LEU C 321 1.20 27.75 -22.48
C LEU C 321 0.52 29.12 -22.59
N GLN C 322 -0.73 29.14 -23.03
CA GLN C 322 -1.47 30.40 -23.10
C GLN C 322 -1.87 30.89 -21.72
N ASP C 323 -2.17 29.97 -20.79
CA ASP C 323 -2.44 30.36 -19.42
C ASP C 323 -1.21 30.98 -18.77
N GLN C 324 -0.04 30.37 -18.99
CA GLN C 324 1.18 30.91 -18.39
C GLN C 324 1.48 32.29 -18.93
N LEU C 325 1.28 32.50 -20.23
CA LEU C 325 1.48 33.84 -20.79
C LEU C 325 0.49 34.83 -20.21
N GLY C 326 -0.76 34.41 -20.03
CA GLY C 326 -1.74 35.28 -19.39
C GLY C 326 -1.42 35.57 -17.94
N LEU C 327 -0.98 34.53 -17.21
CA LEU C 327 -0.53 34.75 -15.84
C LEU C 327 0.70 35.64 -15.80
N ALA C 328 1.61 35.47 -16.74
CA ALA C 328 2.84 36.26 -16.76
C ALA C 328 2.58 37.71 -17.12
N LEU C 329 1.58 37.98 -17.96
CA LEU C 329 1.25 39.35 -18.30
C LEU C 329 0.52 40.09 -17.19
N ALA C 330 -0.16 39.36 -16.30
CA ALA C 330 -0.74 39.99 -15.12
C ALA C 330 0.34 40.44 -14.15
N ARG C 331 1.44 39.69 -14.05
CA ARG C 331 2.54 40.10 -13.18
C ARG C 331 3.28 41.30 -13.76
N LEU C 332 3.53 41.30 -15.07
CA LEU C 332 4.28 42.40 -15.68
C LEU C 332 3.55 43.72 -15.53
N GLU C 333 2.22 43.70 -15.57
CA GLU C 333 1.45 44.93 -15.38
C GLU C 333 1.69 45.52 -14.00
N ASN C 334 1.70 44.68 -12.96
CA ASN C 334 1.99 45.16 -11.62
C ASN C 334 3.47 45.46 -11.42
N VAL C 335 4.34 44.81 -12.19
CA VAL C 335 5.76 45.15 -12.15
C VAL C 335 5.97 46.57 -12.64
N VAL C 336 5.30 46.94 -13.73
CA VAL C 336 5.40 48.31 -14.24
C VAL C 336 4.70 49.28 -13.30
N LYS C 337 3.56 48.87 -12.72
CA LYS C 337 2.84 49.73 -11.80
C LYS C 337 3.71 50.12 -10.60
N GLY C 338 4.46 49.17 -10.07
CA GLY C 338 5.41 49.50 -9.02
C GLY C 338 6.54 50.39 -9.51
N THR C 339 7.05 50.12 -10.71
CA THR C 339 8.16 50.91 -11.22
C THR C 339 7.71 52.29 -11.69
N ILE C 340 6.48 52.41 -12.19
CA ILE C 340 5.97 53.71 -12.62
C ILE C 340 5.83 54.64 -11.42
N GLY C 341 5.34 54.11 -10.29
CA GLY C 341 5.24 54.92 -9.09
C GLY C 341 6.60 55.40 -8.59
N GLY C 342 7.61 54.54 -8.72
CA GLY C 342 8.94 54.92 -8.26
C GLY C 342 9.55 56.06 -9.05
N ALA C 343 9.41 56.01 -10.38
CA ALA C 343 9.91 57.10 -11.22
C ALA C 343 9.16 58.40 -10.95
N ILE C 344 7.84 58.31 -10.73
CA ILE C 344 7.05 59.50 -10.43
C ILE C 344 7.45 60.08 -9.08
N ARG C 345 7.71 59.22 -8.10
CA ARG C 345 8.14 59.69 -6.79
C ARG C 345 9.50 60.37 -6.83
N HIS C 346 10.32 60.06 -7.84
CA HIS C 346 11.63 60.68 -7.99
C HIS C 346 11.68 61.71 -9.10
N LYS C 347 10.55 61.96 -9.78
CA LYS C 347 10.47 62.97 -10.84
C LYS C 347 11.51 62.74 -11.93
N LEU C 348 11.78 61.48 -12.22
CA LEU C 348 12.71 61.09 -13.27
C LEU C 348 11.94 60.59 -14.48
N ILE C 349 12.49 60.82 -15.67
CA ILE C 349 11.87 60.31 -16.89
C ILE C 349 12.28 58.85 -17.04
N PRO C 350 11.34 57.92 -16.97
CA PRO C 350 11.69 56.50 -17.05
C PRO C 350 11.71 56.02 -18.49
N THR C 351 12.82 55.40 -18.90
CA THR C 351 12.82 54.78 -20.26
C THR C 351 11.86 53.60 -20.24
N PRO C 352 11.02 53.40 -21.28
CA PRO C 352 10.05 52.30 -21.28
C PRO C 352 10.75 50.99 -20.89
N GLN C 353 12.03 50.86 -21.26
CA GLN C 353 12.82 49.64 -20.94
C GLN C 353 12.90 49.49 -19.41
N ASN C 354 13.52 50.45 -18.73
CA ASN C 354 13.68 50.33 -17.28
C ASN C 354 12.37 50.02 -16.57
N LEU C 355 11.23 50.29 -17.19
CA LEU C 355 9.95 49.93 -16.60
C LEU C 355 9.64 48.44 -16.74
N VAL C 356 10.34 47.74 -17.63
CA VAL C 356 10.03 46.35 -17.95
C VAL C 356 11.27 45.51 -17.67
N THR C 357 11.10 44.47 -16.86
CA THR C 357 12.14 43.48 -16.60
C THR C 357 11.68 42.14 -17.17
N SER C 358 12.66 41.33 -17.57
CA SER C 358 12.36 40.09 -18.30
C SER C 358 11.90 38.96 -17.39
N THR C 359 12.22 39.03 -16.09
CA THR C 359 11.91 37.92 -15.20
C THR C 359 10.43 37.53 -15.16
N PRO C 360 9.45 38.45 -15.24
CA PRO C 360 8.05 38.00 -15.25
C PRO C 360 7.73 37.02 -16.36
N LEU C 361 8.43 37.08 -17.50
CA LEU C 361 8.19 36.12 -18.58
C LEU C 361 9.16 34.94 -18.55
N THR C 362 10.40 35.16 -18.14
CA THR C 362 11.34 34.05 -18.08
C THR C 362 11.06 33.14 -16.90
N THR C 363 10.92 33.72 -15.70
CA THR C 363 10.73 32.89 -14.50
C THR C 363 9.34 32.30 -14.41
N THR C 364 8.35 32.85 -15.11
CA THR C 364 7.04 32.23 -15.11
C THR C 364 7.05 30.89 -15.85
N TYR C 365 7.90 30.76 -16.85
CA TYR C 365 7.95 29.54 -17.65
C TYR C 365 8.89 28.50 -17.09
N GLU C 366 10.01 28.92 -16.49
CA GLU C 366 10.85 27.97 -15.78
C GLU C 366 10.12 27.38 -14.59
N SER C 367 9.29 28.19 -13.92
CA SER C 367 8.52 27.69 -12.79
C SER C 367 7.36 26.81 -13.23
N PHE C 368 6.77 27.08 -14.39
CA PHE C 368 5.74 26.20 -14.90
C PHE C 368 6.33 24.83 -15.25
N PHE C 369 7.44 24.82 -16.00
CA PHE C 369 8.01 23.55 -16.42
C PHE C 369 8.58 22.77 -15.25
N GLY C 370 9.09 23.45 -14.23
CA GLY C 370 9.68 22.76 -13.10
C GLY C 370 8.69 22.24 -12.08
N LEU C 371 7.53 22.89 -11.98
CA LEU C 371 6.61 22.61 -10.88
C LEU C 371 5.23 22.10 -11.30
N HIS C 372 4.77 22.44 -12.50
CA HIS C 372 3.43 22.01 -12.90
C HIS C 372 3.38 20.49 -13.04
N PRO C 373 2.38 19.83 -12.47
CA PRO C 373 2.32 18.35 -12.56
C PRO C 373 2.10 17.83 -13.97
N LEU C 374 1.64 18.67 -14.90
CA LEU C 374 1.48 18.25 -16.29
C LEU C 374 2.75 18.43 -17.12
N SER C 375 3.80 19.02 -16.54
CA SER C 375 5.10 19.11 -17.19
C SER C 375 5.99 18.01 -16.62
N GLN C 376 6.40 17.09 -17.49
CA GLN C 376 7.07 15.88 -17.05
C GLN C 376 8.39 15.72 -17.80
N VAL C 377 9.39 15.19 -17.08
CA VAL C 377 10.67 14.90 -17.70
C VAL C 377 10.51 13.75 -18.68
N LEU C 378 11.00 13.95 -19.91
CA LEU C 378 10.73 13.00 -20.97
C LEU C 378 11.42 11.67 -20.70
N ASP C 379 10.66 10.58 -20.80
CA ASP C 379 11.22 9.24 -20.62
C ASP C 379 11.96 8.86 -21.89
N ARG C 380 13.28 8.72 -21.80
CA ARG C 380 14.11 8.41 -22.95
C ARG C 380 14.78 7.05 -22.82
N THR C 381 14.08 6.10 -22.17
CA THR C 381 14.61 4.75 -22.05
C THR C 381 14.84 4.11 -23.42
N ASN C 382 13.89 4.26 -24.33
CA ASN C 382 13.99 3.68 -25.66
C ASN C 382 13.12 4.51 -26.59
N PRO C 383 13.20 4.28 -27.91
CA PRO C 383 12.41 5.10 -28.83
C PRO C 383 10.90 5.07 -28.57
N LEU C 384 10.38 3.95 -28.06
CA LEU C 384 8.95 3.88 -27.77
C LEU C 384 8.55 4.81 -26.63
N THR C 385 9.35 4.88 -25.57
CA THR C 385 8.98 5.72 -24.43
C THR C 385 8.95 7.20 -24.80
N GLN C 386 9.85 7.63 -25.70
CA GLN C 386 9.84 9.02 -26.14
C GLN C 386 8.53 9.37 -26.85
N ILE C 387 8.02 8.47 -27.68
CA ILE C 387 6.89 8.82 -28.52
C ILE C 387 5.56 8.74 -27.77
N VAL C 388 5.43 7.83 -26.78
CA VAL C 388 4.13 7.66 -26.13
C VAL C 388 3.93 8.60 -24.95
N HIS C 389 5.00 9.19 -24.42
CA HIS C 389 4.86 10.08 -23.27
C HIS C 389 3.98 11.29 -23.60
N GLY C 390 4.15 11.86 -24.79
CA GLY C 390 3.39 13.03 -25.17
C GLY C 390 1.95 12.77 -25.54
N ARG C 391 1.54 11.52 -25.64
CA ARG C 391 0.17 11.16 -26.00
C ARG C 391 -0.67 10.78 -24.80
N LYS C 392 -0.15 10.99 -23.59
CA LYS C 392 -0.88 10.60 -22.39
C LYS C 392 -2.00 11.59 -22.08
N LEU C 393 -3.04 11.06 -21.43
CA LEU C 393 -4.19 11.85 -21.01
C LEU C 393 -4.36 11.66 -19.50
N SER C 394 -4.33 12.76 -18.76
CA SER C 394 -4.43 12.74 -17.31
C SER C 394 -5.78 13.29 -16.87
N TYR C 395 -6.46 12.57 -15.98
CA TYR C 395 -7.74 13.00 -15.43
C TYR C 395 -7.53 13.88 -14.20
N ARG C 411 -12.75 5.84 -13.84
CA ARG C 411 -11.81 4.73 -13.98
C ARG C 411 -12.32 3.71 -14.99
N ASP C 412 -13.58 3.86 -15.38
CA ASP C 412 -14.27 2.89 -16.22
C ASP C 412 -14.19 3.28 -17.70
N ILE C 413 -14.18 2.26 -18.55
CA ILE C 413 -14.31 2.47 -19.99
C ILE C 413 -15.73 2.93 -20.28
N HIS C 414 -15.86 3.93 -21.13
CA HIS C 414 -17.15 4.42 -21.60
C HIS C 414 -17.29 4.14 -23.10
N PRO C 415 -18.51 3.90 -23.58
CA PRO C 415 -18.68 3.69 -25.03
C PRO C 415 -18.19 4.85 -25.87
N SER C 416 -18.26 6.08 -25.37
CA SER C 416 -17.78 7.24 -26.12
C SER C 416 -16.28 7.22 -26.34
N HIS C 417 -15.54 6.35 -25.64
CA HIS C 417 -14.09 6.30 -25.78
C HIS C 417 -13.63 5.66 -27.08
N TYR C 418 -14.47 4.84 -27.71
CA TYR C 418 -14.01 3.97 -28.80
C TYR C 418 -13.44 4.79 -29.95
N GLY C 419 -12.19 4.51 -30.30
CA GLY C 419 -11.50 5.24 -31.33
C GLY C 419 -10.85 6.53 -30.88
N ARG C 420 -11.02 6.90 -29.61
CA ARG C 420 -10.43 8.13 -29.08
C ARG C 420 -9.49 7.86 -27.92
N ILE C 421 -9.92 7.08 -26.94
CA ILE C 421 -9.10 6.73 -25.78
C ILE C 421 -8.98 5.22 -25.75
N CYS C 422 -7.75 4.73 -25.64
CA CYS C 422 -7.48 3.30 -25.72
C CYS C 422 -8.13 2.58 -24.54
N PRO C 423 -8.83 1.47 -24.78
CA PRO C 423 -9.47 0.74 -23.67
C PRO C 423 -8.52 -0.11 -22.86
N ILE C 424 -7.30 -0.33 -23.32
CA ILE C 424 -6.34 -1.21 -22.67
C ILE C 424 -5.28 -0.43 -21.90
N ASP C 425 -4.64 0.55 -22.55
CA ASP C 425 -3.47 1.19 -22.00
C ASP C 425 -3.87 2.11 -20.85
N THR C 426 -3.56 1.68 -19.63
CA THR C 426 -3.84 2.45 -18.43
C THR C 426 -2.70 2.23 -17.44
N SER C 427 -2.79 2.88 -16.29
CA SER C 427 -1.77 2.73 -15.27
C SER C 427 -2.10 1.56 -14.35
N GLU C 428 -1.06 1.07 -13.68
CA GLU C 428 -1.20 -0.03 -12.73
C GLU C 428 -0.94 0.50 -11.33
N GLY C 429 -1.91 0.29 -10.43
CA GLY C 429 -1.79 0.78 -9.07
C GLY C 429 -3.05 1.47 -8.57
N ILE C 430 -2.94 2.74 -8.22
CA ILE C 430 -4.07 3.50 -7.70
C ILE C 430 -4.57 4.55 -8.69
N ASN C 431 -3.78 4.91 -9.70
CA ASN C 431 -4.19 5.85 -10.73
C ASN C 431 -4.89 5.16 -11.90
N VAL C 432 -5.13 3.85 -11.80
CA VAL C 432 -5.69 3.10 -12.91
C VAL C 432 -7.01 3.71 -13.34
N GLY C 433 -7.18 3.90 -14.65
CA GLY C 433 -8.35 4.54 -15.19
C GLY C 433 -8.32 6.05 -15.14
N LEU C 434 -7.27 6.65 -14.59
CA LEU C 434 -7.14 8.10 -14.52
C LEU C 434 -6.00 8.64 -15.35
N ILE C 435 -5.16 7.79 -15.93
CA ILE C 435 -4.16 8.19 -16.91
C ILE C 435 -4.28 7.21 -18.07
N GLY C 436 -4.75 7.71 -19.21
CA GLY C 436 -4.91 6.88 -20.38
C GLY C 436 -4.09 7.36 -21.57
N SER C 437 -4.30 6.75 -22.73
CA SER C 437 -3.56 7.08 -23.94
C SER C 437 -4.55 7.42 -25.05
N LEU C 438 -4.13 8.33 -25.92
CA LEU C 438 -4.92 8.65 -27.09
C LEU C 438 -4.81 7.53 -28.12
N SER C 439 -5.91 7.26 -28.80
CA SER C 439 -5.88 6.27 -29.87
C SER C 439 -5.04 6.77 -31.04
N ILE C 440 -4.61 5.81 -31.86
CA ILE C 440 -3.62 6.10 -32.90
C ILE C 440 -4.16 7.10 -33.92
N HIS C 441 -5.44 7.00 -34.26
CA HIS C 441 -6.05 7.88 -35.25
C HIS C 441 -6.79 9.06 -34.63
N ALA C 442 -6.72 9.24 -33.32
CA ALA C 442 -7.47 10.29 -32.66
C ALA C 442 -6.90 11.66 -33.00
N ARG C 443 -7.73 12.68 -32.78
CA ARG C 443 -7.40 14.06 -33.11
C ARG C 443 -8.23 14.98 -32.22
N ILE C 444 -7.68 16.15 -31.92
CA ILE C 444 -8.36 17.14 -31.08
C ILE C 444 -9.11 18.11 -31.98
N GLY C 445 -10.41 18.27 -31.72
CA GLY C 445 -11.27 19.09 -32.54
C GLY C 445 -11.30 20.55 -32.13
N ASP C 446 -12.31 21.26 -32.62
CA ASP C 446 -12.40 22.71 -32.50
C ASP C 446 -13.08 23.17 -31.22
N TRP C 447 -13.45 22.26 -30.31
CA TRP C 447 -14.01 22.63 -29.03
C TRP C 447 -13.35 21.85 -27.91
N GLY C 448 -12.09 21.47 -28.09
CA GLY C 448 -11.43 20.61 -27.14
C GLY C 448 -11.97 19.19 -27.10
N SER C 449 -12.62 18.75 -28.18
CA SER C 449 -13.18 17.41 -28.25
C SER C 449 -12.27 16.49 -29.03
N LEU C 450 -12.27 15.22 -28.63
CA LEU C 450 -11.53 14.19 -29.35
C LEU C 450 -12.35 13.69 -30.53
N GLU C 451 -11.70 13.55 -31.69
CA GLU C 451 -12.37 13.12 -32.90
C GLU C 451 -11.67 11.91 -33.49
N SER C 452 -12.45 11.03 -34.10
CA SER C 452 -11.97 9.79 -34.70
C SER C 452 -12.54 9.67 -36.11
N PRO C 453 -11.77 9.12 -37.05
CA PRO C 453 -12.24 9.07 -38.44
C PRO C 453 -13.02 7.81 -38.77
N PHE C 454 -14.10 7.98 -39.52
CA PHE C 454 -14.93 6.88 -39.96
C PHE C 454 -15.26 7.04 -41.43
N TYR C 455 -15.51 5.92 -42.10
CA TYR C 455 -15.80 5.92 -43.53
C TYR C 455 -17.31 6.00 -43.74
N GLU C 456 -17.75 7.03 -44.47
CA GLU C 456 -19.16 7.31 -44.64
C GLU C 456 -19.73 6.52 -45.82
N LEU C 457 -20.83 5.82 -45.58
CA LEU C 457 -21.58 5.15 -46.64
C LEU C 457 -22.68 6.10 -47.12
N VAL C 458 -22.49 6.67 -48.29
CA VAL C 458 -23.37 7.72 -48.79
C VAL C 458 -24.30 7.13 -49.85
N GLU C 459 -25.48 7.73 -49.98
CA GLU C 459 -26.47 7.29 -50.93
C GLU C 459 -25.99 7.56 -52.37
N LYS C 460 -26.84 7.21 -53.33
CA LYS C 460 -26.45 7.30 -54.74
C LYS C 460 -26.20 8.74 -55.16
N SER C 461 -27.08 9.66 -54.76
CA SER C 461 -27.06 11.04 -55.27
C SER C 461 -26.39 11.94 -54.25
N LYS C 462 -25.07 12.07 -54.35
CA LYS C 462 -24.30 13.02 -53.57
C LYS C 462 -22.89 13.06 -54.13
N LYS C 463 -22.28 14.26 -54.14
CA LYS C 463 -20.91 14.38 -54.60
C LYS C 463 -19.97 13.57 -53.73
N ALA C 464 -19.85 13.94 -52.46
CA ALA C 464 -19.08 13.19 -51.46
C ALA C 464 -17.63 12.99 -51.91
N GLN C 465 -16.91 14.12 -51.98
CA GLN C 465 -15.51 14.09 -52.39
C GLN C 465 -14.69 13.18 -51.49
N ILE C 466 -14.57 13.54 -50.21
CA ILE C 466 -13.88 12.72 -49.23
C ILE C 466 -14.94 12.01 -48.39
N ARG C 467 -14.88 10.68 -48.35
CA ARG C 467 -15.81 9.90 -47.55
C ARG C 467 -15.31 9.64 -46.14
N MET C 468 -14.08 10.00 -45.83
CA MET C 468 -13.54 9.87 -44.48
C MET C 468 -13.86 11.13 -43.70
N LEU C 469 -14.59 10.98 -42.60
CA LEU C 469 -14.97 12.12 -41.78
C LEU C 469 -14.65 11.87 -40.32
N PHE C 470 -14.28 12.93 -39.62
CA PHE C 470 -13.97 12.86 -38.20
C PHE C 470 -15.21 13.17 -37.39
N LEU C 471 -15.51 12.31 -36.42
CA LEU C 471 -16.70 12.45 -35.59
C LEU C 471 -16.29 12.76 -34.16
N SER C 472 -16.88 13.81 -33.60
CA SER C 472 -16.78 14.10 -32.18
C SER C 472 -17.69 13.18 -31.39
N PRO C 473 -17.46 13.04 -30.08
CA PRO C 473 -18.28 12.08 -29.30
C PRO C 473 -19.76 12.39 -29.31
N SER C 474 -20.16 13.65 -29.43
CA SER C 474 -21.58 13.98 -29.44
C SER C 474 -22.28 13.40 -30.67
N GLN C 475 -21.62 13.44 -31.83
CA GLN C 475 -22.21 12.93 -33.06
C GLN C 475 -22.16 11.40 -33.15
N ASP C 476 -21.37 10.74 -32.31
CA ASP C 476 -21.17 9.30 -32.48
C ASP C 476 -22.43 8.50 -32.19
N GLU C 477 -23.19 8.89 -31.16
CA GLU C 477 -24.32 8.08 -30.72
C GLU C 477 -25.37 7.94 -31.80
N TYR C 478 -25.50 8.93 -32.68
CA TYR C 478 -26.61 9.02 -33.61
C TYR C 478 -26.26 8.52 -35.01
N TYR C 479 -25.12 7.86 -35.17
CA TYR C 479 -24.77 7.15 -36.38
C TYR C 479 -24.72 5.66 -36.10
N MET C 480 -25.11 4.88 -37.09
CA MET C 480 -24.99 3.43 -37.03
C MET C 480 -23.61 3.06 -37.57
N ILE C 481 -22.74 2.59 -36.68
CA ILE C 481 -21.34 2.33 -37.02
C ILE C 481 -21.10 0.83 -36.96
N ALA C 482 -20.68 0.27 -38.09
CA ALA C 482 -20.42 -1.16 -38.20
C ALA C 482 -18.92 -1.42 -38.34
N ALA C 483 -18.45 -2.50 -37.75
CA ALA C 483 -17.07 -2.92 -37.89
C ALA C 483 -16.91 -4.23 -38.64
N GLY C 484 -18.01 -4.83 -39.10
CA GLY C 484 -17.93 -6.04 -39.88
C GLY C 484 -17.56 -5.78 -41.33
N ASN C 485 -17.57 -6.86 -42.11
CA ASN C 485 -17.26 -6.80 -43.52
C ASN C 485 -18.46 -7.28 -44.33
N SER C 486 -18.34 -7.20 -45.66
CA SER C 486 -19.42 -7.54 -46.56
C SER C 486 -19.13 -8.82 -47.35
N LEU C 487 -18.50 -9.80 -46.71
CA LEU C 487 -18.21 -11.08 -47.35
C LEU C 487 -19.22 -12.15 -46.95
N ALA C 488 -20.49 -11.92 -47.33
CA ALA C 488 -21.56 -12.83 -46.97
C ALA C 488 -22.68 -12.68 -47.98
N LEU C 489 -23.08 -13.79 -48.61
CA LEU C 489 -24.14 -13.76 -49.61
C LEU C 489 -25.01 -15.00 -49.49
N ASN C 490 -26.32 -14.80 -49.57
CA ASN C 490 -27.27 -15.91 -49.66
C ASN C 490 -28.15 -15.66 -50.88
N ARG C 491 -29.27 -16.39 -51.00
CA ARG C 491 -30.15 -16.23 -52.14
C ARG C 491 -30.73 -14.83 -52.25
N GLY C 492 -30.72 -14.06 -51.17
CA GLY C 492 -31.25 -12.70 -51.21
C GLY C 492 -30.29 -11.71 -51.86
N ILE C 493 -30.18 -10.52 -51.28
CA ILE C 493 -29.26 -9.51 -51.78
C ILE C 493 -28.32 -9.09 -50.65
N GLN C 494 -27.18 -8.53 -51.06
CA GLN C 494 -26.12 -8.22 -50.10
C GLN C 494 -26.57 -7.18 -49.08
N GLU C 495 -27.37 -6.20 -49.51
CA GLU C 495 -27.78 -5.13 -48.61
C GLU C 495 -28.60 -5.63 -47.43
N GLU C 496 -29.17 -6.83 -47.52
CA GLU C 496 -30.00 -7.37 -46.44
C GLU C 496 -29.22 -8.24 -45.46
N GLN C 497 -27.95 -8.50 -45.72
CA GLN C 497 -27.13 -9.23 -44.75
C GLN C 497 -26.90 -8.37 -43.51
N VAL C 498 -26.76 -9.02 -42.37
CA VAL C 498 -26.70 -8.33 -41.08
C VAL C 498 -25.28 -8.34 -40.54
N VAL C 499 -24.94 -7.27 -39.83
CA VAL C 499 -23.63 -7.15 -39.16
C VAL C 499 -23.82 -6.53 -37.80
N PRO C 500 -22.89 -6.80 -36.88
CA PRO C 500 -22.92 -6.09 -35.59
C PRO C 500 -22.51 -4.63 -35.77
N ALA C 501 -23.24 -3.75 -35.09
CA ALA C 501 -23.00 -2.32 -35.20
C ALA C 501 -23.19 -1.67 -33.85
N ARG C 502 -22.63 -0.47 -33.70
CA ARG C 502 -22.81 0.35 -32.52
C ARG C 502 -23.80 1.46 -32.82
N TYR C 503 -24.71 1.71 -31.87
CA TYR C 503 -25.71 2.76 -32.05
C TYR C 503 -26.26 3.13 -30.70
N ARG C 504 -26.30 4.42 -30.38
CA ARG C 504 -26.85 4.94 -29.12
C ARG C 504 -26.22 4.26 -27.91
N GLN C 505 -24.91 4.03 -27.98
CA GLN C 505 -24.12 3.44 -26.90
C GLN C 505 -24.54 2.00 -26.58
N GLU C 506 -25.01 1.26 -27.57
CA GLU C 506 -25.29 -0.16 -27.41
C GLU C 506 -24.90 -0.89 -28.68
N PHE C 507 -25.11 -2.20 -28.69
CA PHE C 507 -24.78 -3.05 -29.84
C PHE C 507 -26.05 -3.67 -30.40
N LEU C 508 -26.20 -3.61 -31.71
CA LEU C 508 -27.34 -4.19 -32.41
C LEU C 508 -26.84 -5.17 -33.45
N THR C 509 -27.78 -5.65 -34.26
CA THR C 509 -27.47 -6.44 -35.46
C THR C 509 -28.45 -5.94 -36.53
N ILE C 510 -27.94 -5.17 -37.48
CA ILE C 510 -28.77 -4.51 -38.47
C ILE C 510 -28.31 -4.92 -39.87
N ALA C 511 -29.18 -4.68 -40.84
CA ALA C 511 -28.83 -4.90 -42.23
C ALA C 511 -27.78 -3.89 -42.67
N TRP C 512 -27.04 -4.26 -43.72
CA TRP C 512 -26.01 -3.37 -44.24
C TRP C 512 -26.59 -2.06 -44.75
N GLU C 513 -27.79 -2.09 -45.31
CA GLU C 513 -28.37 -0.88 -45.89
C GLU C 513 -28.77 0.15 -44.84
N GLU C 514 -28.83 -0.25 -43.57
CA GLU C 514 -29.10 0.69 -42.48
C GLU C 514 -27.84 1.24 -41.84
N VAL C 515 -26.66 0.82 -42.32
CA VAL C 515 -25.39 1.27 -41.74
C VAL C 515 -25.05 2.64 -42.29
N HIS C 516 -24.66 3.56 -41.40
CA HIS C 516 -24.24 4.89 -41.81
C HIS C 516 -22.73 4.99 -42.02
N LEU C 517 -21.95 4.39 -41.12
CA LEU C 517 -20.50 4.54 -41.14
C LEU C 517 -19.83 3.19 -40.94
N ARG C 518 -18.60 3.09 -41.43
CA ARG C 518 -17.77 1.92 -41.24
C ARG C 518 -16.46 2.32 -40.56
N SER C 519 -16.05 1.52 -39.58
CA SER C 519 -14.72 1.64 -39.01
C SER C 519 -13.79 0.71 -39.78
N ILE C 520 -12.81 1.28 -40.47
CA ILE C 520 -12.00 0.52 -41.42
C ILE C 520 -10.52 0.49 -41.07
N PHE C 521 -10.04 1.35 -40.20
CA PHE C 521 -8.60 1.41 -39.93
C PHE C 521 -8.19 0.29 -38.97
N PRO C 522 -7.16 -0.50 -39.30
CA PRO C 522 -6.79 -1.63 -38.44
C PRO C 522 -6.38 -1.24 -37.01
N PHE C 523 -5.76 -0.08 -36.82
CA PHE C 523 -5.25 0.31 -35.51
C PHE C 523 -6.09 1.41 -34.86
N GLN C 524 -7.38 1.47 -35.21
CA GLN C 524 -8.18 2.64 -34.83
C GLN C 524 -8.44 2.69 -33.33
N TYR C 525 -8.64 1.54 -32.69
CA TYR C 525 -9.21 1.52 -31.35
C TYR C 525 -8.18 1.42 -30.24
N PHE C 526 -6.88 1.37 -30.56
CA PHE C 526 -5.89 1.09 -29.53
C PHE C 526 -4.74 2.08 -29.60
N SER C 527 -3.99 2.13 -28.50
CA SER C 527 -2.83 3.00 -28.37
C SER C 527 -1.62 2.38 -29.06
N ILE C 528 -0.49 3.08 -29.02
CA ILE C 528 0.71 2.62 -29.69
C ILE C 528 1.22 1.31 -29.08
N GLY C 529 1.26 1.25 -27.74
CA GLY C 529 1.80 0.06 -27.09
C GLY C 529 1.02 -1.19 -27.38
N ALA C 530 -0.31 -1.10 -27.36
CA ALA C 530 -1.14 -2.26 -27.68
C ALA C 530 -1.05 -2.64 -29.15
N SER C 531 -0.78 -1.67 -30.01
CA SER C 531 -0.72 -1.89 -31.44
C SER C 531 0.60 -2.49 -31.91
N LEU C 532 1.52 -2.78 -30.99
CA LEU C 532 2.77 -3.43 -31.33
C LEU C 532 2.77 -4.92 -30.96
N ILE C 533 1.62 -5.47 -30.57
CA ILE C 533 1.52 -6.86 -30.13
C ILE C 533 0.95 -7.67 -31.28
N PRO C 534 1.74 -8.51 -31.95
CA PRO C 534 1.19 -9.39 -32.98
C PRO C 534 0.25 -10.41 -32.37
N PHE C 535 -0.76 -10.80 -33.15
CA PHE C 535 -1.76 -11.77 -32.72
C PHE C 535 -2.42 -11.35 -31.40
N ILE C 536 -2.68 -10.05 -31.26
CA ILE C 536 -3.22 -9.55 -30.00
C ILE C 536 -4.63 -10.10 -29.75
N GLU C 537 -5.38 -10.40 -30.80
CA GLU C 537 -6.73 -10.92 -30.65
C GLU C 537 -6.77 -12.32 -30.04
N HIS C 538 -5.62 -12.99 -29.92
CA HIS C 538 -5.53 -14.27 -29.23
C HIS C 538 -5.03 -14.14 -27.81
N ASN C 539 -4.91 -12.91 -27.29
CA ASN C 539 -4.47 -12.67 -25.93
C ASN C 539 -5.62 -12.11 -25.11
N ASP C 540 -5.70 -12.52 -23.85
CA ASP C 540 -6.62 -11.87 -22.93
C ASP C 540 -6.23 -10.40 -22.76
N ALA C 541 -7.24 -9.53 -22.64
CA ALA C 541 -7.00 -8.09 -22.65
C ALA C 541 -6.17 -7.62 -21.45
N ASN C 542 -6.12 -8.39 -20.37
CA ASN C 542 -5.29 -7.99 -19.24
C ASN C 542 -3.80 -8.14 -19.55
N ARG C 543 -3.43 -9.18 -20.30
CA ARG C 543 -2.04 -9.34 -20.68
C ARG C 543 -1.59 -8.30 -21.69
N ALA C 544 -2.51 -7.74 -22.47
CA ALA C 544 -2.13 -6.70 -23.43
C ALA C 544 -1.79 -5.40 -22.72
N LEU C 545 -2.38 -5.16 -21.54
CA LEU C 545 -1.99 -3.99 -20.75
C LEU C 545 -0.60 -4.17 -20.15
N MET C 546 -0.35 -5.33 -19.55
CA MET C 546 0.97 -5.60 -18.99
C MET C 546 2.04 -5.61 -20.06
N SER C 547 1.68 -6.00 -21.29
CA SER C 547 2.65 -5.97 -22.39
C SER C 547 3.04 -4.54 -22.75
N SER C 548 2.09 -3.61 -22.73
CA SER C 548 2.40 -2.23 -23.06
C SER C 548 3.38 -1.64 -22.06
N ASN C 549 3.24 -1.99 -20.78
CA ASN C 549 4.16 -1.50 -19.77
C ASN C 549 5.56 -2.10 -19.95
N MET C 550 5.64 -3.39 -20.27
CA MET C 550 6.94 -4.04 -20.38
C MET C 550 7.75 -3.50 -21.55
N GLN C 551 7.08 -3.25 -22.69
CA GLN C 551 7.77 -2.69 -23.85
C GLN C 551 8.33 -1.30 -23.56
N ARG C 552 7.78 -0.60 -22.57
CA ARG C 552 8.32 0.67 -22.14
C ARG C 552 9.51 0.53 -21.22
N GLN C 553 9.81 -0.69 -20.75
CA GLN C 553 10.95 -0.94 -19.90
C GLN C 553 12.09 -1.64 -20.63
N ALA C 554 12.00 -1.77 -21.95
CA ALA C 554 12.97 -2.54 -22.71
C ALA C 554 14.26 -1.74 -22.94
N VAL C 555 15.39 -2.37 -22.67
CA VAL C 555 16.70 -1.71 -22.77
C VAL C 555 17.19 -1.80 -24.21
N PRO C 556 17.61 -0.70 -24.83
CA PRO C 556 18.28 -0.81 -26.13
C PRO C 556 19.56 -1.62 -26.00
N LEU C 557 19.77 -2.50 -26.97
CA LEU C 557 20.91 -3.41 -26.95
C LEU C 557 22.03 -2.87 -27.82
N SER C 558 23.25 -3.32 -27.52
CA SER C 558 24.42 -2.82 -28.24
C SER C 558 24.35 -3.16 -29.72
N ARG C 559 23.90 -4.38 -30.04
CA ARG C 559 23.54 -4.74 -31.39
C ARG C 559 22.02 -4.87 -31.47
N SER C 560 21.43 -4.32 -32.52
CA SER C 560 19.98 -4.31 -32.68
C SER C 560 19.55 -5.24 -33.80
N GLU C 561 18.31 -5.70 -33.72
CA GLU C 561 17.81 -6.73 -34.63
C GLU C 561 16.30 -6.59 -34.77
N LYS C 562 15.82 -6.60 -36.01
CA LYS C 562 14.39 -6.53 -36.26
C LYS C 562 13.69 -7.82 -35.82
N CYS C 563 12.46 -7.67 -35.36
CA CYS C 563 11.62 -8.82 -35.07
C CYS C 563 11.26 -9.55 -36.36
N ILE C 564 11.24 -10.88 -36.30
CA ILE C 564 10.76 -11.67 -37.43
C ILE C 564 9.28 -11.41 -37.66
N VAL C 565 8.51 -11.34 -36.57
CA VAL C 565 7.06 -11.13 -36.64
C VAL C 565 6.74 -9.81 -35.96
N GLY C 566 6.05 -8.93 -36.69
CA GLY C 566 5.59 -7.66 -36.15
C GLY C 566 4.20 -7.34 -36.66
N THR C 567 3.69 -6.19 -36.21
CA THR C 567 2.38 -5.74 -36.65
C THR C 567 2.42 -4.78 -37.83
N GLY C 568 3.58 -4.21 -38.14
CA GLY C 568 3.69 -3.20 -39.16
C GLY C 568 3.71 -1.77 -38.63
N LEU C 569 3.42 -1.57 -37.35
CA LEU C 569 3.50 -0.25 -36.75
C LEU C 569 4.90 0.12 -36.30
N GLU C 570 5.85 -0.84 -36.33
CA GLU C 570 7.20 -0.58 -35.87
C GLU C 570 7.87 0.53 -36.70
N ARG C 571 7.56 0.59 -38.00
CA ARG C 571 8.17 1.61 -38.85
C ARG C 571 7.66 3.01 -38.51
N GLN C 572 6.38 3.12 -38.14
CA GLN C 572 5.82 4.41 -37.77
C GLN C 572 6.43 4.95 -36.48
N VAL C 573 6.68 4.06 -35.52
CA VAL C 573 7.32 4.47 -34.27
C VAL C 573 8.73 4.96 -34.53
N ALA C 574 9.46 4.29 -35.41
CA ALA C 574 10.81 4.72 -35.74
C ALA C 574 10.82 6.10 -36.37
N LEU C 575 9.88 6.36 -37.29
CA LEU C 575 9.84 7.65 -37.97
C LEU C 575 9.48 8.78 -37.01
N ASP C 576 8.49 8.56 -36.15
CA ASP C 576 7.98 9.64 -35.29
C ASP C 576 8.82 9.85 -34.04
N SER C 577 9.69 8.90 -33.68
CA SER C 577 10.45 9.06 -32.44
C SER C 577 11.58 10.08 -32.58
N GLY C 578 12.04 10.35 -33.80
CA GLY C 578 13.19 11.22 -33.98
C GLY C 578 14.51 10.55 -33.69
N VAL C 579 14.49 9.29 -33.24
CA VAL C 579 15.74 8.58 -32.95
C VAL C 579 16.62 8.43 -34.19
N PRO C 580 16.12 8.05 -35.35
CA PRO C 580 16.97 7.99 -36.54
C PRO C 580 17.22 9.39 -37.11
N ALA C 581 18.10 9.44 -38.10
CA ALA C 581 18.38 10.66 -38.84
C ALA C 581 17.68 10.60 -40.19
N ILE C 582 16.87 11.61 -40.48
CA ILE C 582 16.11 11.66 -41.72
C ILE C 582 16.50 12.93 -42.48
N ALA C 583 16.63 12.79 -43.80
CA ALA C 583 17.07 13.90 -44.63
C ALA C 583 16.04 15.02 -44.64
N GLU C 584 16.50 16.25 -44.41
CA GLU C 584 15.67 17.43 -44.54
C GLU C 584 15.68 17.99 -45.96
N HIS C 585 16.50 17.41 -46.84
CA HIS C 585 16.70 17.88 -48.19
C HIS C 585 17.05 16.69 -49.06
N GLU C 586 16.58 16.70 -50.30
CA GLU C 586 16.97 15.66 -51.23
C GLU C 586 18.39 15.90 -51.73
N GLY C 587 18.97 14.89 -52.34
CA GLY C 587 20.29 15.03 -52.92
C GLY C 587 21.02 13.69 -52.96
N LYS C 588 22.35 13.76 -52.92
CA LYS C 588 23.22 12.60 -52.99
C LYS C 588 24.17 12.60 -51.80
N ILE C 589 24.58 11.41 -51.38
CA ILE C 589 25.52 11.24 -50.27
C ILE C 589 26.93 11.26 -50.82
N LEU C 590 27.78 12.10 -50.22
CA LEU C 590 29.17 12.23 -50.62
C LEU C 590 30.16 11.61 -49.64
N TYR C 591 29.83 11.62 -48.34
CA TYR C 591 30.79 11.20 -47.34
C TYR C 591 30.05 10.73 -46.10
N THR C 592 30.45 9.57 -45.57
CA THR C 592 29.93 9.06 -44.31
C THR C 592 31.08 8.53 -43.47
N ASP C 593 30.97 8.71 -42.16
CA ASP C 593 31.91 8.13 -41.21
C ASP C 593 31.13 7.84 -39.93
N THR C 594 31.85 7.63 -38.82
CA THR C 594 31.16 7.45 -37.56
C THR C 594 30.49 8.73 -37.09
N GLU C 595 31.06 9.89 -37.42
CA GLU C 595 30.66 11.15 -36.81
C GLU C 595 29.68 11.96 -37.63
N LYS C 596 29.69 11.85 -38.96
CA LYS C 596 28.85 12.72 -39.77
C LYS C 596 28.55 12.09 -41.10
N ILE C 597 27.52 12.62 -41.76
CA ILE C 597 27.17 12.26 -43.13
C ILE C 597 27.02 13.55 -43.91
N ILE C 598 27.68 13.63 -45.06
CA ILE C 598 27.64 14.82 -45.90
C ILE C 598 26.73 14.54 -47.08
N LEU C 599 25.70 15.37 -47.23
CA LEU C 599 24.70 15.22 -48.28
C LEU C 599 24.63 16.52 -49.06
N SER C 600 24.66 16.43 -50.38
CA SER C 600 24.62 17.61 -51.24
C SER C 600 23.51 17.44 -52.28
N GLY C 601 22.70 18.47 -52.43
CA GLY C 601 21.66 18.49 -53.44
C GLY C 601 21.27 19.88 -53.85
N ASN C 602 21.22 20.12 -55.17
CA ASN C 602 20.87 21.43 -55.74
C ASN C 602 21.79 22.53 -55.21
N GLU C 603 23.09 22.32 -55.42
CA GLU C 603 24.13 23.28 -55.07
C GLU C 603 24.12 23.64 -53.59
N ASN C 604 23.57 22.76 -52.75
CA ASN C 604 23.52 22.98 -51.31
C ASN C 604 24.09 21.76 -50.61
N THR C 605 25.12 21.98 -49.79
CA THR C 605 25.79 20.91 -49.07
C THR C 605 25.42 20.99 -47.59
N LEU C 606 25.07 19.85 -47.02
CA LEU C 606 24.65 19.77 -45.62
C LEU C 606 25.52 18.76 -44.88
N SER C 607 25.91 19.10 -43.66
CA SER C 607 26.64 18.20 -42.78
C SER C 607 25.74 17.84 -41.61
N ILE C 608 25.55 16.55 -41.39
CA ILE C 608 24.63 16.06 -40.35
C ILE C 608 25.44 15.29 -39.32
N PRO C 609 25.62 15.84 -38.12
CA PRO C 609 26.38 15.10 -37.10
C PRO C 609 25.61 13.89 -36.59
N LEU C 610 26.36 12.91 -36.11
CA LEU C 610 25.79 11.67 -35.62
C LEU C 610 26.06 11.53 -34.13
N ILE C 611 25.01 11.21 -33.37
CA ILE C 611 25.13 11.03 -31.93
C ILE C 611 25.98 9.79 -31.64
N MET C 612 26.93 9.93 -30.71
CA MET C 612 27.80 8.82 -30.32
C MET C 612 27.80 8.67 -28.81
N TYR C 613 27.47 7.46 -28.35
CA TYR C 613 27.56 7.06 -26.94
C TYR C 613 27.07 8.17 -26.01
N GLN C 614 25.86 8.66 -26.29
CA GLN C 614 25.27 9.72 -25.49
C GLN C 614 24.31 9.12 -24.46
N ARG C 615 24.43 9.59 -23.23
CA ARG C 615 23.58 9.13 -22.15
C ARG C 615 22.18 9.71 -22.29
N SER C 616 21.17 8.90 -21.96
CA SER C 616 19.79 9.35 -21.97
C SER C 616 19.35 9.65 -20.54
N ASN C 617 18.05 9.96 -20.39
CA ASN C 617 17.49 10.29 -19.08
C ASN C 617 17.67 9.15 -18.08
N LYS C 618 17.51 7.90 -18.54
CA LYS C 618 17.54 6.74 -17.67
C LYS C 618 18.83 5.94 -17.82
N ASN C 619 19.94 6.62 -18.14
CA ASN C 619 21.27 6.01 -18.22
C ASN C 619 21.37 4.96 -19.33
N THR C 620 20.53 5.06 -20.36
CA THR C 620 20.67 4.19 -21.50
C THR C 620 21.53 4.88 -22.57
N CYS C 621 22.06 4.08 -23.48
CA CYS C 621 23.03 4.56 -24.46
C CYS C 621 22.36 4.84 -25.79
N MET C 622 22.52 6.06 -26.29
CA MET C 622 22.06 6.45 -27.62
C MET C 622 23.24 6.55 -28.56
N HIS C 623 23.07 6.02 -29.77
CA HIS C 623 24.18 5.92 -30.71
C HIS C 623 23.59 5.73 -32.10
N GLN C 624 24.08 6.53 -33.06
CA GLN C 624 23.59 6.49 -34.42
C GLN C 624 24.63 5.89 -35.34
N LYS C 625 24.18 5.03 -36.26
CA LYS C 625 25.04 4.40 -37.24
C LYS C 625 24.52 4.72 -38.62
N PRO C 626 25.38 5.08 -39.58
CA PRO C 626 24.90 5.44 -40.91
C PRO C 626 24.18 4.27 -41.58
N GLN C 627 23.10 4.60 -42.29
CA GLN C 627 22.35 3.60 -43.07
C GLN C 627 22.46 3.85 -44.56
N VAL C 628 23.36 4.73 -45.00
CA VAL C 628 23.54 5.05 -46.40
C VAL C 628 25.03 5.07 -46.71
N ARG C 629 25.35 4.97 -48.00
CA ARG C 629 26.71 4.94 -48.49
C ARG C 629 26.95 6.13 -49.43
N ARG C 630 28.20 6.29 -49.82
CA ARG C 630 28.55 7.35 -50.77
C ARG C 630 27.91 7.09 -52.13
N GLY C 631 27.38 8.15 -52.73
CA GLY C 631 26.78 8.07 -54.05
C GLY C 631 25.34 7.63 -54.09
N LYS C 632 24.66 7.55 -52.95
CA LYS C 632 23.28 7.11 -52.86
C LYS C 632 22.35 8.31 -52.88
N CYS C 633 21.35 8.28 -53.77
CA CYS C 633 20.39 9.37 -53.86
C CYS C 633 19.35 9.26 -52.76
N ILE C 634 18.97 10.41 -52.22
CA ILE C 634 18.03 10.49 -51.11
C ILE C 634 16.90 11.43 -51.49
N LYS C 635 15.68 11.08 -51.10
CA LYS C 635 14.57 12.03 -51.09
C LYS C 635 14.50 12.72 -49.72
N LYS C 636 13.85 13.88 -49.70
CA LYS C 636 13.59 14.54 -48.43
C LYS C 636 12.67 13.67 -47.59
N GLY C 637 13.05 13.47 -46.34
CA GLY C 637 12.26 12.67 -45.42
C GLY C 637 12.62 11.20 -45.38
N GLN C 638 13.67 10.78 -46.08
CA GLN C 638 14.11 9.40 -46.04
C GLN C 638 15.21 9.21 -44.99
N ILE C 639 15.37 7.97 -44.55
CA ILE C 639 16.25 7.65 -43.44
C ILE C 639 17.71 7.77 -43.87
N LEU C 640 18.56 8.26 -42.96
CA LEU C 640 19.99 8.35 -43.19
C LEU C 640 20.81 7.52 -42.22
N ALA C 641 20.44 7.50 -40.94
CA ALA C 641 21.17 6.74 -39.93
C ALA C 641 20.18 6.07 -38.99
N ASP C 642 20.61 4.95 -38.41
CA ASP C 642 19.81 4.20 -37.45
C ASP C 642 20.24 4.55 -36.03
N GLY C 643 19.27 4.88 -35.19
CA GLY C 643 19.55 5.10 -33.78
C GLY C 643 19.56 3.80 -33.01
N ALA C 644 19.70 3.93 -31.69
CA ALA C 644 19.65 2.77 -30.82
C ALA C 644 18.24 2.19 -30.81
N ALA C 645 18.16 0.85 -30.79
CA ALA C 645 16.89 0.12 -30.83
C ALA C 645 16.10 0.45 -32.10
N THR C 646 16.83 0.59 -33.21
CA THR C 646 16.20 0.86 -34.51
C THR C 646 17.10 0.26 -35.58
N VAL C 647 16.53 -0.61 -36.42
CA VAL C 647 17.23 -1.22 -37.54
C VAL C 647 16.43 -0.95 -38.79
N GLY C 648 17.06 -0.33 -39.78
CA GLY C 648 16.43 -0.13 -41.08
C GLY C 648 15.13 0.65 -41.03
N GLY C 649 15.01 1.57 -40.07
CA GLY C 649 13.79 2.34 -39.95
C GLY C 649 12.66 1.64 -39.23
N GLU C 650 12.96 0.67 -38.37
CA GLU C 650 11.95 -0.02 -37.59
C GLU C 650 12.39 -0.09 -36.14
N LEU C 651 11.44 0.09 -35.23
CA LEU C 651 11.71 -0.12 -33.81
C LEU C 651 12.19 -1.56 -33.60
N ALA C 652 13.29 -1.71 -32.86
CA ALA C 652 13.91 -3.01 -32.64
C ALA C 652 14.32 -3.11 -31.17
N LEU C 653 13.40 -3.56 -30.34
CA LEU C 653 13.61 -3.58 -28.89
C LEU C 653 14.18 -4.88 -28.37
N GLY C 654 14.36 -5.90 -29.21
CA GLY C 654 14.77 -7.19 -28.70
C GLY C 654 15.54 -8.08 -29.66
N LYS C 655 15.47 -9.38 -29.43
CA LYS C 655 16.19 -10.37 -30.22
C LYS C 655 15.29 -11.57 -30.49
N ASN C 656 15.50 -12.22 -31.63
CA ASN C 656 14.85 -13.47 -31.96
C ASN C 656 15.76 -14.61 -31.52
N VAL C 657 15.28 -15.44 -30.59
CA VAL C 657 16.10 -16.52 -30.03
C VAL C 657 15.30 -17.81 -30.04
N LEU C 658 16.03 -18.93 -30.10
CA LEU C 658 15.43 -20.26 -30.10
C LEU C 658 14.88 -20.59 -28.71
N VAL C 659 13.62 -21.00 -28.67
CA VAL C 659 12.89 -21.15 -27.41
C VAL C 659 12.14 -22.48 -27.43
N ALA C 660 12.12 -23.16 -26.29
CA ALA C 660 11.26 -24.33 -26.09
C ALA C 660 10.40 -24.11 -24.85
N TYR C 661 9.14 -24.57 -24.93
CA TYR C 661 8.20 -24.46 -23.82
C TYR C 661 8.07 -25.83 -23.15
N MET C 662 8.72 -25.99 -22.01
CA MET C 662 8.69 -27.23 -21.24
C MET C 662 9.22 -26.98 -19.83
N PRO C 663 8.77 -27.73 -18.83
CA PRO C 663 9.40 -27.62 -17.51
C PRO C 663 10.79 -28.24 -17.54
N TRP C 664 11.72 -27.60 -16.84
CA TRP C 664 13.11 -28.08 -16.79
C TRP C 664 13.60 -28.06 -15.34
N GLU C 665 13.34 -29.14 -14.63
CA GLU C 665 13.89 -29.42 -13.30
C GLU C 665 13.59 -28.33 -12.27
N GLY C 666 12.52 -27.56 -12.45
CA GLY C 666 12.17 -26.53 -11.52
C GLY C 666 12.91 -25.22 -11.68
N TYR C 667 13.83 -25.12 -12.64
CA TYR C 667 14.53 -23.86 -12.88
C TYR C 667 13.69 -22.86 -13.64
N ASN C 668 12.56 -23.27 -14.23
CA ASN C 668 11.61 -22.33 -14.78
C ASN C 668 10.27 -22.40 -14.05
N PHE C 669 10.33 -22.73 -12.76
CA PHE C 669 9.13 -22.72 -11.92
C PHE C 669 8.50 -21.33 -11.92
N GLU C 670 7.20 -21.29 -12.21
CA GLU C 670 6.42 -20.04 -12.33
C GLU C 670 7.04 -19.20 -13.44
N ASP C 671 7.52 -17.98 -13.15
CA ASP C 671 8.03 -17.10 -14.19
C ASP C 671 9.54 -17.18 -14.34
N ALA C 672 10.21 -18.10 -13.65
CA ALA C 672 11.65 -18.25 -13.84
C ALA C 672 11.95 -18.71 -15.26
N VAL C 673 13.10 -18.32 -15.77
CA VAL C 673 13.51 -18.62 -17.13
C VAL C 673 14.91 -19.23 -17.11
N LEU C 674 15.07 -20.33 -17.83
CA LEU C 674 16.35 -20.99 -18.00
C LEU C 674 16.94 -20.58 -19.36
N ILE C 675 18.21 -20.19 -19.36
CA ILE C 675 18.85 -19.74 -20.59
C ILE C 675 20.16 -20.48 -20.79
N SER C 676 20.66 -20.41 -22.02
CA SER C 676 21.93 -20.99 -22.40
C SER C 676 23.06 -19.98 -22.26
N GLU C 677 24.27 -20.49 -22.04
CA GLU C 677 25.44 -19.64 -21.96
C GLU C 677 25.73 -18.90 -23.27
N CYS C 678 25.22 -19.42 -24.39
CA CYS C 678 25.51 -18.78 -25.67
C CYS C 678 24.91 -17.38 -25.76
N LEU C 679 23.84 -17.12 -25.00
CA LEU C 679 23.33 -15.75 -24.92
C LEU C 679 24.28 -14.82 -24.18
N VAL C 680 25.17 -15.37 -23.36
CA VAL C 680 26.12 -14.54 -22.60
C VAL C 680 27.35 -14.28 -23.46
N TYR C 681 28.04 -15.33 -23.89
CA TYR C 681 29.27 -15.13 -24.67
C TYR C 681 29.00 -14.79 -26.13
N GLY C 682 27.78 -14.98 -26.61
CA GLY C 682 27.41 -14.43 -27.91
C GLY C 682 27.09 -12.95 -27.90
N ASP C 683 26.99 -12.35 -26.71
CA ASP C 683 26.64 -10.95 -26.55
C ASP C 683 25.27 -10.63 -27.15
N ILE C 684 24.34 -11.58 -27.02
CA ILE C 684 23.02 -11.40 -27.62
C ILE C 684 22.25 -10.31 -26.89
N TYR C 685 22.35 -10.27 -25.57
CA TYR C 685 21.59 -9.31 -24.75
C TYR C 685 22.51 -8.40 -23.95
N THR C 686 23.63 -8.01 -24.54
CA THR C 686 24.53 -7.06 -23.89
C THR C 686 24.13 -5.64 -24.27
N SER C 687 24.12 -4.76 -23.29
CA SER C 687 23.69 -3.39 -23.47
C SER C 687 24.70 -2.45 -22.84
N PHE C 688 24.68 -1.20 -23.30
CA PHE C 688 25.55 -0.15 -22.79
C PHE C 688 24.78 0.74 -21.83
N HIS C 689 25.43 1.12 -20.74
CA HIS C 689 24.80 1.97 -19.74
C HIS C 689 25.80 3.03 -19.31
N ILE C 690 25.46 4.29 -19.55
CA ILE C 690 26.33 5.43 -19.27
C ILE C 690 25.77 6.14 -18.03
N ARG C 691 26.58 6.19 -16.99
CA ARG C 691 26.21 6.83 -15.73
C ARG C 691 27.00 8.12 -15.59
N LYS C 692 26.31 9.21 -15.26
CA LYS C 692 26.92 10.52 -15.12
C LYS C 692 27.05 10.88 -13.65
N TYR C 693 28.27 11.16 -13.20
CA TYR C 693 28.54 11.56 -11.83
C TYR C 693 28.96 13.02 -11.81
N GLU C 694 28.37 13.80 -10.89
CA GLU C 694 28.49 15.24 -10.90
C GLU C 694 28.93 15.75 -9.53
N ILE C 695 29.56 16.93 -9.53
CA ILE C 695 29.97 17.59 -8.30
C ILE C 695 30.02 19.09 -8.57
N GLN C 696 29.79 19.89 -7.52
CA GLN C 696 29.83 21.34 -7.61
C GLN C 696 30.71 21.90 -6.50
N THR C 697 31.15 23.13 -6.70
CA THR C 697 31.89 23.88 -5.70
C THR C 697 31.01 24.96 -5.10
N HIS C 698 31.05 25.10 -3.78
CA HIS C 698 30.29 26.11 -3.07
C HIS C 698 31.23 26.91 -2.18
N VAL C 699 30.80 28.13 -1.84
CA VAL C 699 31.59 29.02 -1.01
C VAL C 699 31.06 28.91 0.42
N THR C 700 31.81 28.22 1.27
CA THR C 700 31.44 28.10 2.67
C THR C 700 31.86 29.34 3.44
N THR C 701 31.42 29.41 4.71
CA THR C 701 31.77 30.55 5.54
C THR C 701 33.27 30.61 5.83
N GLN C 702 33.98 29.49 5.72
CA GLN C 702 35.41 29.43 5.98
C GLN C 702 36.26 29.52 4.72
N GLY C 703 35.63 29.69 3.56
CA GLY C 703 36.36 29.81 2.32
C GLY C 703 35.73 29.00 1.19
N PRO C 704 36.26 29.16 -0.02
CA PRO C 704 35.71 28.43 -1.16
C PRO C 704 36.31 27.03 -1.27
N GLU C 705 35.47 26.09 -1.67
CA GLU C 705 35.94 24.72 -1.90
C GLU C 705 36.87 24.67 -3.11
N ARG C 706 37.85 23.80 -3.04
CA ARG C 706 38.93 23.74 -4.02
C ARG C 706 39.05 22.34 -4.61
N ILE C 707 39.42 22.28 -5.88
CA ILE C 707 39.68 21.03 -6.59
C ILE C 707 41.17 20.88 -6.75
N THR C 708 41.72 19.76 -6.27
CA THR C 708 43.16 19.54 -6.33
C THR C 708 43.45 18.05 -6.19
N LYS C 709 44.54 17.62 -6.81
CA LYS C 709 44.99 16.24 -6.68
C LYS C 709 45.58 15.97 -5.30
N GLU C 710 46.20 16.98 -4.69
CA GLU C 710 46.92 16.83 -3.42
C GLU C 710 45.91 16.79 -2.28
N ILE C 711 45.41 15.60 -1.98
CA ILE C 711 44.43 15.40 -0.90
C ILE C 711 45.13 14.72 0.26
N PRO C 712 45.19 15.32 1.43
CA PRO C 712 45.93 14.73 2.55
C PRO C 712 45.29 13.46 3.06
N HIS C 713 46.13 12.60 3.64
CA HIS C 713 45.72 11.38 4.34
C HIS C 713 45.05 10.35 3.43
N LEU C 714 45.28 10.45 2.11
CA LEU C 714 44.75 9.48 1.16
C LEU C 714 45.90 8.69 0.54
N GLU C 715 45.67 7.39 0.33
CA GLU C 715 46.66 6.57 -0.33
C GLU C 715 46.81 6.99 -1.80
N GLY C 716 48.03 6.88 -2.30
CA GLY C 716 48.29 7.23 -3.69
C GLY C 716 47.61 6.31 -4.69
N ARG C 717 47.24 5.10 -4.27
CA ARG C 717 46.57 4.17 -5.16
C ARG C 717 45.21 4.72 -5.59
N LEU C 718 44.47 5.32 -4.67
CA LEU C 718 43.17 5.88 -5.00
C LEU C 718 43.28 7.08 -5.94
N LEU C 719 44.34 7.87 -5.80
CA LEU C 719 44.54 9.08 -6.60
C LEU C 719 45.21 8.80 -7.93
N ARG C 720 45.48 7.54 -8.25
CA ARG C 720 46.23 7.21 -9.46
C ARG C 720 45.51 7.64 -10.73
N ASN C 721 44.17 7.67 -10.70
CA ASN C 721 43.40 8.04 -11.87
C ASN C 721 43.23 9.55 -12.04
N LEU C 722 43.64 10.35 -11.06
CA LEU C 722 43.45 11.79 -11.13
C LEU C 722 44.55 12.43 -11.97
N ASP C 723 44.19 13.50 -12.69
CA ASP C 723 45.15 14.29 -13.45
C ASP C 723 45.77 15.34 -12.53
N LYS C 724 46.49 16.30 -13.12
CA LYS C 724 47.19 17.30 -12.31
C LYS C 724 46.22 18.22 -11.58
N ASN C 725 45.04 18.50 -12.16
CA ASN C 725 44.07 19.35 -11.51
C ASN C 725 43.20 18.61 -10.49
N GLY C 726 43.24 17.28 -10.47
CA GLY C 726 42.45 16.51 -9.54
C GLY C 726 41.17 15.94 -10.11
N ILE C 727 41.09 15.73 -11.42
CA ILE C 727 39.92 15.14 -12.07
C ILE C 727 40.38 13.88 -12.79
N VAL C 728 39.54 12.83 -12.74
CA VAL C 728 39.92 11.55 -13.29
C VAL C 728 40.25 11.70 -14.77
N MET C 729 41.28 10.99 -15.22
CA MET C 729 41.70 11.06 -16.61
C MET C 729 40.66 10.43 -17.53
N LEU C 730 40.64 10.90 -18.77
CA LEU C 730 39.79 10.31 -19.79
C LEU C 730 40.28 8.92 -20.15
N GLY C 731 39.34 7.99 -20.34
CA GLY C 731 39.69 6.64 -20.73
C GLY C 731 40.14 5.75 -19.60
N SER C 732 40.10 6.22 -18.36
CA SER C 732 40.55 5.40 -17.25
C SER C 732 39.54 4.29 -16.94
N TRP C 733 40.00 3.30 -16.17
CA TRP C 733 39.16 2.20 -15.72
C TRP C 733 39.00 2.33 -14.21
N VAL C 734 37.92 2.98 -13.79
CA VAL C 734 37.71 3.26 -12.38
C VAL C 734 36.94 2.11 -11.74
N GLU C 735 37.08 1.99 -10.42
CA GLU C 735 36.43 0.97 -9.64
C GLU C 735 35.78 1.62 -8.42
N THR C 736 35.13 0.81 -7.60
CA THR C 736 34.43 1.34 -6.43
C THR C 736 35.42 1.86 -5.41
N GLY C 737 35.16 3.07 -4.91
CA GLY C 737 36.04 3.75 -3.99
C GLY C 737 37.01 4.71 -4.65
N ASP C 738 37.40 4.44 -5.89
CA ASP C 738 38.33 5.31 -6.60
C ASP C 738 37.77 6.73 -6.72
N ILE C 739 38.63 7.71 -6.47
CA ILE C 739 38.22 9.11 -6.46
C ILE C 739 38.13 9.61 -7.89
N LEU C 740 37.00 10.23 -8.23
CA LEU C 740 36.84 10.81 -9.56
C LEU C 740 37.26 12.28 -9.59
N VAL C 741 36.88 13.05 -8.57
CA VAL C 741 37.25 14.46 -8.48
C VAL C 741 37.75 14.72 -7.07
N GLY C 742 38.98 15.22 -6.97
CA GLY C 742 39.52 15.62 -5.69
C GLY C 742 39.02 16.99 -5.27
N LYS C 743 38.33 17.06 -4.14
CA LYS C 743 37.78 18.32 -3.65
C LYS C 743 38.07 18.47 -2.16
N LEU C 744 38.36 19.70 -1.75
CA LEU C 744 38.68 20.02 -0.36
C LEU C 744 37.73 21.09 0.14
N THR C 745 37.15 20.86 1.32
CA THR C 745 36.26 21.82 1.95
C THR C 745 36.96 22.45 3.15
N PRO C 746 37.17 23.78 3.15
CA PRO C 746 37.88 24.47 4.23
C PRO C 746 37.07 24.55 5.52
N SER C 772 41.56 21.33 6.19
CA SER C 772 40.55 21.13 5.16
C SER C 772 40.04 19.69 5.17
N LYS C 773 38.74 19.53 4.95
CA LYS C 773 38.09 18.23 5.01
C LYS C 773 37.87 17.69 3.59
N GLU C 774 38.12 16.40 3.43
CA GLU C 774 37.94 15.75 2.14
C GLU C 774 36.46 15.63 1.80
N THR C 775 36.09 16.06 0.59
CA THR C 775 34.74 15.91 0.06
C THR C 775 34.79 15.48 -1.39
N CYS C 776 35.66 14.50 -1.69
CA CYS C 776 35.90 14.10 -3.06
C CYS C 776 34.74 13.29 -3.63
N LEU C 777 34.60 13.35 -4.95
CA LEU C 777 33.59 12.57 -5.67
C LEU C 777 34.09 11.13 -5.78
N LYS C 778 33.54 10.25 -4.95
CA LYS C 778 33.94 8.85 -4.94
C LYS C 778 32.93 8.01 -5.69
N LEU C 779 33.41 7.06 -6.48
CA LEU C 779 32.53 6.16 -7.20
C LEU C 779 31.78 5.28 -6.20
N PRO C 780 30.45 5.22 -6.27
CA PRO C 780 29.70 4.39 -5.32
C PRO C 780 29.85 2.90 -5.60
N ILE C 781 29.14 2.08 -4.80
CA ILE C 781 29.19 0.64 -4.99
C ILE C 781 28.51 0.27 -6.30
N GLY C 782 29.07 -0.70 -7.00
CA GLY C 782 28.52 -1.15 -8.26
C GLY C 782 28.55 -0.12 -9.36
N GLY C 783 29.72 0.48 -9.59
CA GLY C 783 29.83 1.50 -10.61
C GLY C 783 31.03 1.35 -11.52
N ARG C 784 31.67 0.18 -11.51
CA ARG C 784 32.85 -0.03 -12.33
C ARG C 784 32.56 0.27 -13.80
N GLY C 785 33.57 0.74 -14.50
CA GLY C 785 33.38 1.04 -15.92
C GLY C 785 34.52 1.90 -16.43
N ARG C 786 34.27 2.52 -17.57
CA ARG C 786 35.25 3.30 -18.30
C ARG C 786 34.79 4.75 -18.38
N VAL C 787 35.69 5.68 -18.04
CA VAL C 787 35.39 7.09 -18.21
C VAL C 787 35.43 7.42 -19.70
N ILE C 788 34.30 7.89 -20.24
CA ILE C 788 34.21 8.20 -21.65
C ILE C 788 34.08 9.69 -21.92
N ASP C 789 33.76 10.51 -20.92
CA ASP C 789 33.65 11.94 -21.14
C ASP C 789 33.76 12.67 -19.80
N VAL C 790 34.59 13.70 -19.77
CA VAL C 790 34.74 14.58 -18.61
C VAL C 790 34.38 15.99 -19.05
N ARG C 791 33.51 16.64 -18.29
CA ARG C 791 33.06 17.99 -18.58
C ARG C 791 33.33 18.89 -17.38
N TRP C 792 33.68 20.14 -17.66
CA TRP C 792 34.16 21.08 -16.65
C TRP C 792 33.87 22.48 -17.15
N VAL C 793 33.23 23.30 -16.32
CA VAL C 793 32.87 24.66 -16.69
C VAL C 793 32.55 25.43 -15.42
N GLN C 794 32.67 26.76 -15.50
CA GLN C 794 32.27 27.67 -14.43
C GLN C 794 31.02 28.43 -14.85
N LYS C 795 30.03 28.47 -13.98
CA LYS C 795 28.81 29.22 -14.26
C LYS C 795 29.09 30.72 -14.15
N LYS C 796 28.99 31.43 -15.27
CA LYS C 796 29.32 32.86 -15.33
C LYS C 796 28.21 33.65 -14.65
N GLY C 797 28.38 33.89 -13.35
CA GLY C 797 27.47 34.70 -12.56
C GLY C 797 28.08 36.06 -12.24
N GLY C 798 27.26 36.89 -11.61
CA GLY C 798 27.68 38.23 -11.26
C GLY C 798 28.46 38.35 -9.97
N SER C 799 28.65 37.26 -9.25
CA SER C 799 29.34 37.28 -7.96
C SER C 799 30.84 37.12 -8.15
N SER C 800 31.58 37.37 -7.06
CA SER C 800 33.03 37.27 -7.10
C SER C 800 33.50 35.83 -7.34
N TYR C 801 32.72 34.85 -6.93
CA TYR C 801 33.04 33.44 -7.13
C TYR C 801 32.02 32.82 -8.07
N ASN C 802 32.51 32.17 -9.12
CA ASN C 802 31.66 31.44 -10.05
C ASN C 802 31.71 29.97 -9.70
N PRO C 803 30.58 29.32 -9.41
CA PRO C 803 30.61 27.89 -9.07
C PRO C 803 31.19 27.08 -10.21
N GLU C 804 31.96 26.06 -9.85
CA GLU C 804 32.59 25.16 -10.81
C GLU C 804 31.85 23.84 -10.80
N ILE C 805 31.51 23.33 -11.98
CA ILE C 805 30.72 22.13 -12.14
C ILE C 805 31.51 21.11 -12.94
N ILE C 806 31.65 19.91 -12.41
CA ILE C 806 32.36 18.81 -13.07
C ILE C 806 31.39 17.66 -13.29
N ARG C 807 31.47 17.05 -14.47
CA ARG C 807 30.65 15.89 -14.82
C ARG C 807 31.55 14.81 -15.40
N VAL C 808 31.42 13.61 -14.86
CA VAL C 808 32.16 12.43 -15.33
C VAL C 808 31.16 11.40 -15.83
N TYR C 809 31.39 10.91 -17.05
CA TYR C 809 30.50 9.93 -17.68
C TYR C 809 31.23 8.59 -17.76
N ILE C 810 30.62 7.55 -17.18
CA ILE C 810 31.23 6.24 -17.08
C ILE C 810 30.33 5.24 -17.79
N SER C 811 30.90 4.45 -18.70
CA SER C 811 30.18 3.50 -19.52
C SER C 811 30.34 2.10 -18.95
N GLN C 812 29.22 1.38 -18.84
CA GLN C 812 29.20 -0.02 -18.41
C GLN C 812 28.64 -0.88 -19.53
N LYS C 813 29.35 -1.97 -19.84
CA LYS C 813 28.85 -2.98 -20.77
C LYS C 813 28.30 -4.14 -19.92
N ARG C 814 26.98 -4.31 -19.94
CA ARG C 814 26.29 -5.27 -19.08
C ARG C 814 25.75 -6.42 -19.91
N GLU C 815 26.31 -7.61 -19.73
CA GLU C 815 25.75 -8.80 -20.34
C GLU C 815 24.59 -9.33 -19.49
N ILE C 816 23.85 -10.28 -20.05
CA ILE C 816 22.69 -10.83 -19.36
C ILE C 816 23.15 -11.71 -18.20
N LYS C 817 22.39 -11.69 -17.11
CA LYS C 817 22.78 -12.29 -15.85
C LYS C 817 21.59 -12.98 -15.20
N VAL C 818 21.90 -13.88 -14.25
CA VAL C 818 20.87 -14.43 -13.38
C VAL C 818 20.28 -13.28 -12.56
N GLY C 819 18.95 -13.23 -12.50
CA GLY C 819 18.26 -12.15 -11.85
C GLY C 819 17.74 -11.08 -12.78
N ASP C 820 18.27 -11.02 -14.01
CA ASP C 820 17.74 -10.11 -15.01
C ASP C 820 16.35 -10.56 -15.44
N LYS C 821 15.58 -9.58 -15.94
CA LYS C 821 14.20 -9.81 -16.33
C LYS C 821 14.07 -9.71 -17.85
N VAL C 822 13.34 -10.66 -18.44
CA VAL C 822 13.08 -10.67 -19.87
C VAL C 822 11.57 -10.74 -20.07
N ALA C 823 11.15 -10.40 -21.29
CA ALA C 823 9.72 -10.45 -21.61
C ALA C 823 9.53 -10.56 -23.10
N GLY C 824 8.47 -11.26 -23.49
CA GLY C 824 7.93 -11.16 -24.83
C GLY C 824 6.99 -9.98 -24.93
N ARG C 825 6.26 -9.93 -26.04
CA ARG C 825 5.31 -8.86 -26.29
C ARG C 825 3.88 -9.24 -25.90
N HIS C 826 3.69 -10.38 -25.25
CA HIS C 826 2.36 -10.86 -24.88
C HIS C 826 2.16 -10.90 -23.38
N GLY C 827 2.83 -10.02 -22.65
CA GLY C 827 2.73 -10.06 -21.20
C GLY C 827 3.38 -11.26 -20.57
N ASN C 828 4.23 -11.97 -21.30
CA ASN C 828 4.99 -13.10 -20.77
C ASN C 828 6.31 -12.55 -20.25
N LYS C 829 6.40 -12.35 -18.94
CA LYS C 829 7.56 -11.79 -18.29
C LYS C 829 8.24 -12.88 -17.45
N GLY C 830 9.57 -12.87 -17.45
CA GLY C 830 10.31 -13.89 -16.74
C GLY C 830 11.58 -13.34 -16.12
N ILE C 831 12.09 -14.09 -15.16
CA ILE C 831 13.34 -13.76 -14.48
C ILE C 831 14.33 -14.89 -14.71
N ILE C 832 15.54 -14.55 -15.15
CA ILE C 832 16.55 -15.56 -15.43
C ILE C 832 17.03 -16.15 -14.11
N SER C 833 16.89 -17.47 -13.98
CA SER C 833 17.27 -18.17 -12.76
C SER C 833 18.47 -19.08 -12.93
N LYS C 834 18.81 -19.47 -14.15
CA LYS C 834 19.86 -20.46 -14.37
C LYS C 834 20.44 -20.26 -15.76
N ILE C 835 21.76 -20.32 -15.86
CA ILE C 835 22.47 -20.26 -17.13
C ILE C 835 23.23 -21.57 -17.30
N LEU C 836 22.92 -22.29 -18.38
CA LEU C 836 23.47 -23.61 -18.61
C LEU C 836 24.45 -23.60 -19.78
N PRO C 837 25.46 -24.48 -19.77
CA PRO C 837 26.27 -24.67 -20.98
C PRO C 837 25.43 -25.24 -22.11
N ARG C 838 25.84 -24.93 -23.34
CA ARG C 838 25.03 -25.30 -24.50
C ARG C 838 24.84 -26.81 -24.61
N GLN C 839 25.79 -27.61 -24.11
CA GLN C 839 25.65 -29.05 -24.18
C GLN C 839 24.67 -29.60 -23.15
N ASP C 840 24.27 -28.81 -22.15
CA ASP C 840 23.27 -29.24 -21.18
C ASP C 840 21.84 -28.88 -21.61
N MET C 841 21.67 -28.01 -22.59
CA MET C 841 20.37 -27.55 -23.04
C MET C 841 19.66 -28.64 -23.84
N PRO C 842 18.32 -28.64 -23.83
CA PRO C 842 17.59 -29.47 -24.80
C PRO C 842 17.89 -29.00 -26.22
N TYR C 843 17.93 -29.95 -27.15
CA TYR C 843 18.29 -29.65 -28.52
C TYR C 843 17.31 -30.30 -29.49
N LEU C 844 17.25 -29.72 -30.68
CA LEU C 844 16.26 -30.06 -31.69
C LEU C 844 16.73 -31.25 -32.52
N GLN C 845 15.89 -31.65 -33.49
CA GLN C 845 16.24 -32.74 -34.39
C GLN C 845 17.27 -32.32 -35.44
N ASP C 846 17.58 -31.03 -35.56
CA ASP C 846 18.72 -30.59 -36.35
C ASP C 846 19.99 -30.47 -35.52
N GLY C 847 19.93 -30.81 -34.23
CA GLY C 847 21.08 -30.77 -33.35
C GLY C 847 21.29 -29.45 -32.65
N ARG C 848 20.58 -28.40 -33.03
CA ARG C 848 20.78 -27.09 -32.43
C ARG C 848 20.18 -27.05 -31.04
N PRO C 849 20.95 -26.68 -30.02
CA PRO C 849 20.36 -26.44 -28.70
C PRO C 849 19.51 -25.18 -28.70
N VAL C 850 18.52 -25.16 -27.83
CA VAL C 850 17.70 -23.97 -27.68
C VAL C 850 18.43 -22.95 -26.81
N ASP C 851 18.00 -21.69 -26.90
CA ASP C 851 18.61 -20.61 -26.13
C ASP C 851 17.88 -20.32 -24.82
N MET C 852 16.55 -20.46 -24.80
CA MET C 852 15.76 -20.24 -23.59
C MET C 852 14.73 -21.35 -23.46
N VAL C 853 14.38 -21.67 -22.22
CA VAL C 853 13.33 -22.63 -21.92
C VAL C 853 12.30 -21.95 -21.02
N PHE C 854 11.08 -21.79 -21.52
CA PHE C 854 9.99 -21.17 -20.77
C PHE C 854 9.07 -22.23 -20.20
N ASN C 855 8.46 -21.91 -19.07
CA ASN C 855 7.48 -22.78 -18.44
C ASN C 855 6.18 -22.78 -19.23
N PRO C 856 5.68 -23.92 -19.69
CA PRO C 856 4.40 -23.91 -20.43
C PRO C 856 3.18 -23.71 -19.56
N LEU C 857 3.31 -23.90 -18.23
CA LEU C 857 2.18 -23.69 -17.33
C LEU C 857 1.82 -22.22 -17.18
N GLY C 858 2.65 -21.30 -17.66
CA GLY C 858 2.33 -19.89 -17.60
C GLY C 858 1.30 -19.44 -18.60
N VAL C 859 1.07 -20.20 -19.67
CA VAL C 859 0.18 -19.79 -20.74
C VAL C 859 -1.29 -20.01 -20.40
N PRO C 860 -1.73 -21.22 -20.00
CA PRO C 860 -3.17 -21.40 -19.76
C PRO C 860 -3.74 -20.50 -18.68
N SER C 861 -2.98 -20.25 -17.61
CA SER C 861 -3.49 -19.40 -16.54
C SER C 861 -3.55 -17.94 -16.98
N ARG C 862 -2.55 -17.49 -17.75
CA ARG C 862 -2.53 -16.10 -18.21
C ARG C 862 -3.35 -15.90 -19.48
N MET C 863 -3.69 -16.98 -20.18
CA MET C 863 -4.55 -16.91 -21.37
C MET C 863 -4.00 -15.97 -22.43
N ASN C 864 -2.69 -16.06 -22.69
CA ASN C 864 -2.07 -15.30 -23.77
C ASN C 864 -1.58 -16.30 -24.82
N VAL C 865 -2.50 -16.71 -25.69
CA VAL C 865 -2.20 -17.67 -26.73
C VAL C 865 -1.37 -17.05 -27.85
N GLY C 866 -1.33 -15.72 -27.93
CA GLY C 866 -0.65 -15.06 -29.03
C GLY C 866 0.84 -15.35 -29.08
N GLN C 867 1.45 -15.66 -27.93
CA GLN C 867 2.86 -16.00 -27.93
C GLN C 867 3.11 -17.33 -28.63
N ILE C 868 2.13 -18.24 -28.61
CA ILE C 868 2.27 -19.52 -29.29
C ILE C 868 2.25 -19.32 -30.80
N PHE C 869 1.36 -18.46 -31.30
CA PHE C 869 1.36 -18.14 -32.73
C PHE C 869 2.66 -17.48 -33.14
N GLU C 870 3.16 -16.55 -32.34
CA GLU C 870 4.35 -15.79 -32.73
C GLU C 870 5.59 -16.67 -32.79
N CYS C 871 5.75 -17.56 -31.81
CA CYS C 871 6.97 -18.37 -31.77
C CYS C 871 7.04 -19.32 -32.97
N SER C 872 5.92 -19.94 -33.33
CA SER C 872 5.90 -20.82 -34.50
C SER C 872 6.19 -20.04 -35.78
N LEU C 873 5.53 -18.89 -35.96
CA LEU C 873 5.75 -18.11 -37.17
C LEU C 873 7.16 -17.53 -37.21
N GLY C 874 7.73 -17.22 -36.05
CA GLY C 874 9.11 -16.75 -36.02
C GLY C 874 10.09 -17.79 -36.52
N LEU C 875 9.86 -19.06 -36.16
CA LEU C 875 10.73 -20.14 -36.63
C LEU C 875 10.63 -20.30 -38.14
N ALA C 876 9.41 -20.23 -38.69
CA ALA C 876 9.24 -20.36 -40.13
C ALA C 876 9.94 -19.23 -40.87
N GLY C 877 9.80 -17.99 -40.37
CA GLY C 877 10.43 -16.86 -41.01
C GLY C 877 11.94 -16.96 -41.05
N SER C 878 12.55 -17.42 -39.96
CA SER C 878 14.00 -17.53 -39.93
C SER C 878 14.50 -18.56 -40.92
N LEU C 879 13.79 -19.68 -41.06
CA LEU C 879 14.21 -20.70 -42.02
C LEU C 879 13.92 -20.30 -43.46
N LEU C 880 12.91 -19.47 -43.67
CA LEU C 880 12.54 -19.02 -45.01
C LEU C 880 13.17 -17.68 -45.39
N ASP C 881 13.93 -17.05 -44.49
CA ASP C 881 14.48 -15.71 -44.71
C ASP C 881 13.37 -14.71 -44.99
N ARG C 882 12.35 -14.72 -44.13
CA ARG C 882 11.20 -13.83 -44.25
C ARG C 882 10.93 -13.12 -42.94
N HIS C 883 10.40 -11.91 -43.04
CA HIS C 883 9.79 -11.22 -41.93
C HIS C 883 8.30 -11.03 -42.24
N TYR C 884 7.48 -10.96 -41.20
CA TYR C 884 6.05 -10.83 -41.34
C TYR C 884 5.57 -9.61 -40.57
N ARG C 885 4.75 -8.78 -41.22
CA ARG C 885 4.13 -7.62 -40.59
C ARG C 885 2.62 -7.78 -40.76
N ILE C 886 1.94 -8.19 -39.69
CA ILE C 886 0.56 -8.63 -39.74
C ILE C 886 -0.28 -7.70 -38.89
N ALA C 887 -1.25 -7.04 -39.54
CA ALA C 887 -2.18 -6.19 -38.80
C ALA C 887 -3.10 -7.06 -37.93
N PRO C 888 -3.52 -6.54 -36.78
CA PRO C 888 -4.31 -7.35 -35.84
C PRO C 888 -5.69 -7.70 -36.39
N PHE C 889 -6.30 -8.70 -35.75
CA PHE C 889 -7.66 -9.12 -36.05
C PHE C 889 -7.77 -9.65 -37.48
N ASP C 890 -6.84 -10.53 -37.85
CA ASP C 890 -6.88 -11.14 -39.18
C ASP C 890 -8.05 -12.08 -39.36
N GLU C 891 -8.76 -12.43 -38.27
CA GLU C 891 -9.94 -13.27 -38.36
C GLU C 891 -11.08 -12.60 -39.11
N ARG C 892 -11.00 -11.30 -39.36
CA ARG C 892 -12.03 -10.63 -40.15
C ARG C 892 -12.05 -11.16 -41.58
N TYR C 893 -10.93 -11.68 -42.09
CA TYR C 893 -10.93 -12.27 -43.42
C TYR C 893 -11.65 -13.62 -43.43
N GLU C 894 -11.37 -14.46 -42.44
CA GLU C 894 -11.92 -15.81 -42.41
C GLU C 894 -11.67 -16.40 -41.03
N GLN C 895 -12.40 -17.47 -40.73
CA GLN C 895 -12.19 -18.18 -39.47
C GLN C 895 -10.81 -18.81 -39.41
N GLU C 896 -10.18 -18.71 -38.24
CA GLU C 896 -8.86 -19.28 -37.99
C GLU C 896 -7.81 -18.79 -39.00
N ALA C 897 -7.84 -17.49 -39.28
CA ALA C 897 -6.89 -16.92 -40.24
C ALA C 897 -5.46 -17.05 -39.74
N SER C 898 -5.23 -16.79 -38.45
CA SER C 898 -3.87 -16.89 -37.89
C SER C 898 -3.36 -18.32 -37.94
N ARG C 899 -4.23 -19.30 -37.63
CA ARG C 899 -3.83 -20.70 -37.69
C ARG C 899 -3.45 -21.09 -39.12
N LYS C 900 -4.22 -20.63 -40.11
CA LYS C 900 -3.90 -20.94 -41.49
C LYS C 900 -2.58 -20.32 -41.92
N LEU C 901 -2.35 -19.06 -41.55
CA LEU C 901 -1.10 -18.39 -41.91
C LEU C 901 0.10 -19.10 -41.29
N VAL C 902 -0.01 -19.43 -40.00
CA VAL C 902 1.12 -20.00 -39.28
C VAL C 902 1.42 -21.41 -39.77
N PHE C 903 0.38 -22.25 -39.89
CA PHE C 903 0.59 -23.63 -40.30
C PHE C 903 1.09 -23.72 -41.74
N SER C 904 0.54 -22.90 -42.64
CA SER C 904 0.99 -22.93 -44.03
C SER C 904 2.44 -22.46 -44.15
N GLU C 905 2.83 -21.44 -43.40
CA GLU C 905 4.22 -20.98 -43.45
C GLU C 905 5.17 -21.99 -42.81
N LEU C 906 4.72 -22.65 -41.74
CA LEU C 906 5.53 -23.70 -41.13
C LEU C 906 5.76 -24.84 -42.12
N TYR C 907 4.71 -25.24 -42.83
CA TYR C 907 4.87 -26.33 -43.80
C TYR C 907 5.81 -25.93 -44.92
N GLU C 908 5.68 -24.70 -45.43
CA GLU C 908 6.57 -24.23 -46.49
C GLU C 908 8.02 -24.19 -46.03
N ALA C 909 8.25 -23.75 -44.80
CA ALA C 909 9.61 -23.78 -44.26
C ALA C 909 10.13 -25.21 -44.15
N SER C 910 9.27 -26.13 -43.73
CA SER C 910 9.68 -27.54 -43.64
C SER C 910 9.97 -28.12 -45.01
N LYS C 911 9.14 -27.84 -46.00
CA LYS C 911 9.34 -28.40 -47.33
C LYS C 911 10.57 -27.79 -48.00
N GLN C 912 10.71 -26.46 -47.94
CA GLN C 912 11.78 -25.79 -48.69
C GLN C 912 13.16 -26.12 -48.12
N THR C 913 13.28 -26.25 -46.80
CA THR C 913 14.57 -26.50 -46.18
C THR C 913 14.83 -27.97 -45.90
N ALA C 914 13.89 -28.85 -46.25
CA ALA C 914 13.98 -30.28 -45.94
C ALA C 914 14.24 -30.50 -44.46
N ASN C 915 13.37 -29.93 -43.63
CA ASN C 915 13.44 -30.06 -42.18
C ASN C 915 12.08 -30.55 -41.70
N PRO C 916 11.82 -31.86 -41.82
CA PRO C 916 10.47 -32.37 -41.52
C PRO C 916 10.02 -32.13 -40.09
N TRP C 917 10.94 -31.99 -39.14
CA TRP C 917 10.54 -31.72 -37.76
C TRP C 917 9.87 -30.36 -37.62
N VAL C 918 10.10 -29.44 -38.56
CA VAL C 918 9.53 -28.10 -38.46
C VAL C 918 8.01 -28.15 -38.58
N PHE C 919 7.48 -29.00 -39.45
CA PHE C 919 6.03 -29.20 -39.54
C PHE C 919 5.72 -30.67 -39.41
N GLU C 920 5.19 -31.08 -38.25
CA GLU C 920 4.79 -32.45 -38.02
C GLU C 920 3.29 -32.56 -38.26
N PRO C 921 2.85 -33.31 -39.26
CA PRO C 921 1.40 -33.46 -39.48
C PRO C 921 0.66 -34.01 -38.27
N GLU C 922 1.33 -34.82 -37.45
CA GLU C 922 0.67 -35.40 -36.27
C GLU C 922 0.36 -34.34 -35.22
N TYR C 923 1.24 -33.36 -35.05
CA TYR C 923 1.05 -32.30 -34.04
C TYR C 923 1.73 -31.03 -34.51
N PRO C 924 1.07 -30.26 -35.37
CA PRO C 924 1.72 -29.09 -35.99
C PRO C 924 2.20 -28.08 -34.95
N GLY C 925 3.40 -27.55 -35.17
CA GLY C 925 4.02 -26.62 -34.26
C GLY C 925 4.89 -27.26 -33.20
N LYS C 926 4.76 -28.55 -32.96
CA LYS C 926 5.52 -29.24 -31.92
C LYS C 926 6.42 -30.29 -32.56
N SER C 927 7.49 -30.63 -31.86
CA SER C 927 8.44 -31.62 -32.32
C SER C 927 9.06 -32.30 -31.10
N ARG C 928 9.52 -33.53 -31.29
CA ARG C 928 10.27 -34.20 -30.24
C ARG C 928 11.66 -33.60 -30.15
N ILE C 929 12.10 -33.29 -28.94
CA ILE C 929 13.43 -32.75 -28.70
C ILE C 929 14.15 -33.67 -27.72
N PHE C 930 15.44 -33.42 -27.54
CA PHE C 930 16.32 -34.32 -26.81
C PHE C 930 16.91 -33.64 -25.60
N ASP C 931 17.16 -34.43 -24.56
CA ASP C 931 17.83 -33.95 -23.35
C ASP C 931 19.33 -33.89 -23.61
N GLY C 932 19.91 -32.69 -23.46
CA GLY C 932 21.34 -32.54 -23.69
C GLY C 932 22.18 -33.31 -22.71
N ARG C 933 21.67 -33.55 -21.51
CA ARG C 933 22.42 -34.29 -20.50
C ARG C 933 22.54 -35.77 -20.85
N THR C 934 21.47 -36.37 -21.34
CA THR C 934 21.45 -37.82 -21.55
C THR C 934 21.42 -38.24 -23.00
N GLY C 935 20.87 -37.41 -23.90
CA GLY C 935 20.65 -37.82 -25.26
C GLY C 935 19.33 -38.52 -25.50
N ASP C 936 18.56 -38.80 -24.45
CA ASP C 936 17.25 -39.39 -24.66
C ASP C 936 16.25 -38.34 -25.09
N PRO C 937 15.29 -38.70 -25.93
CA PRO C 937 14.20 -37.78 -26.25
C PRO C 937 13.29 -37.56 -25.04
N PHE C 938 12.74 -36.36 -24.96
CA PHE C 938 11.64 -36.10 -24.06
C PHE C 938 10.38 -36.78 -24.59
N GLU C 939 9.53 -37.23 -23.67
CA GLU C 939 8.42 -38.11 -24.04
C GLU C 939 7.44 -37.42 -24.98
N GLN C 940 6.97 -36.28 -24.62
CA GLN C 940 5.94 -35.67 -25.45
C GLN C 940 6.55 -34.60 -26.35
N PRO C 941 5.94 -34.35 -27.52
CA PRO C 941 6.44 -33.27 -28.39
C PRO C 941 6.29 -31.92 -27.71
N VAL C 942 7.20 -31.01 -28.06
CA VAL C 942 7.35 -29.73 -27.38
C VAL C 942 7.22 -28.63 -28.43
N ILE C 943 6.51 -27.55 -28.07
CA ILE C 943 6.46 -26.41 -28.97
C ILE C 943 7.80 -25.68 -28.93
N ILE C 944 8.36 -25.43 -30.10
CA ILE C 944 9.63 -24.73 -30.26
C ILE C 944 9.39 -23.57 -31.20
N GLY C 945 10.23 -22.56 -31.09
CA GLY C 945 10.05 -21.41 -31.95
C GLY C 945 11.12 -20.38 -31.76
N LYS C 946 10.93 -19.25 -32.43
CA LYS C 946 11.87 -18.14 -32.42
C LYS C 946 11.12 -16.85 -32.17
N PRO C 947 10.67 -16.61 -30.94
CA PRO C 947 9.96 -15.37 -30.63
C PRO C 947 10.93 -14.21 -30.42
N TYR C 948 10.34 -13.02 -30.30
CA TYR C 948 11.08 -11.79 -30.01
C TYR C 948 11.05 -11.55 -28.51
N ILE C 949 12.22 -11.62 -27.87
CA ILE C 949 12.33 -11.47 -26.42
C ILE C 949 13.13 -10.21 -26.13
N LEU C 950 12.59 -9.38 -25.24
CA LEU C 950 13.22 -8.13 -24.84
C LEU C 950 13.84 -8.26 -23.44
N LYS C 951 14.81 -7.40 -23.17
CA LYS C 951 15.46 -7.32 -21.86
C LYS C 951 15.04 -6.03 -21.17
N LEU C 952 14.62 -6.13 -19.92
CA LEU C 952 14.02 -5.02 -19.20
C LEU C 952 15.01 -4.36 -18.25
N ILE C 953 14.74 -3.09 -17.93
CA ILE C 953 15.61 -2.30 -17.07
C ILE C 953 15.71 -2.87 -15.66
N MET C 990 1.91 -5.94 10.16
CA MET C 990 1.69 -7.33 9.80
C MET C 990 2.87 -8.21 10.20
N GLU C 991 4.07 -7.69 10.03
CA GLU C 991 5.26 -8.41 10.45
C GLU C 991 5.30 -8.57 11.98
N VAL C 992 4.87 -7.54 12.70
CA VAL C 992 4.78 -7.64 14.15
C VAL C 992 3.74 -8.70 14.55
N TRP C 993 2.61 -8.73 13.86
CA TRP C 993 1.57 -9.72 14.18
C TRP C 993 2.07 -11.13 13.94
N ALA C 994 2.79 -11.35 12.85
CA ALA C 994 3.31 -12.69 12.57
C ALA C 994 4.28 -13.13 13.65
N LEU C 995 5.16 -12.23 14.09
CA LEU C 995 6.08 -12.56 15.17
C LEU C 995 5.34 -12.87 16.46
N GLU C 996 4.29 -12.10 16.76
CA GLU C 996 3.50 -12.36 17.96
C GLU C 996 2.78 -13.70 17.87
N GLY C 997 2.27 -14.05 16.69
CA GLY C 997 1.63 -15.34 16.51
C GLY C 997 2.58 -16.51 16.72
N PHE C 998 3.86 -16.32 16.41
CA PHE C 998 4.86 -17.34 16.69
C PHE C 998 5.28 -17.37 18.16
N GLY C 999 5.03 -16.29 18.90
CA GLY C 999 5.49 -16.21 20.27
C GLY C 999 6.98 -15.95 20.42
N VAL C 1000 7.62 -15.34 19.44
CA VAL C 1000 9.06 -15.06 19.51
C VAL C 1000 9.21 -13.66 20.09
N ALA C 1001 9.13 -13.59 21.42
CA ALA C 1001 9.10 -12.28 22.08
C ALA C 1001 10.44 -11.57 22.01
N HIS C 1002 11.55 -12.33 22.10
CA HIS C 1002 12.86 -11.71 22.08
C HIS C 1002 13.31 -11.29 20.70
N ILE C 1003 12.89 -12.01 19.65
CA ILE C 1003 13.14 -11.55 18.29
C ILE C 1003 12.41 -10.23 18.04
N LEU C 1004 11.16 -10.14 18.50
CA LEU C 1004 10.38 -8.93 18.31
C LEU C 1004 11.00 -7.75 19.04
N GLN C 1005 11.54 -7.97 20.24
CA GLN C 1005 12.19 -6.89 20.97
C GLN C 1005 13.43 -6.40 20.23
N GLU C 1006 14.21 -7.31 19.66
CA GLU C 1006 15.39 -6.93 18.88
C GLU C 1006 14.99 -6.11 17.66
N MET C 1007 13.95 -6.54 16.94
CA MET C 1007 13.56 -5.86 15.71
C MET C 1007 12.89 -4.51 15.95
N LEU C 1008 12.57 -4.19 17.21
CA LEU C 1008 12.01 -2.89 17.54
C LEU C 1008 13.04 -1.95 18.15
N THR C 1009 14.08 -2.48 18.80
CA THR C 1009 15.06 -1.66 19.48
C THR C 1009 16.43 -1.78 18.82
N PRO C 1038 13.61 3.43 25.38
CA PRO C 1038 13.59 3.41 23.91
C PRO C 1038 13.28 4.78 23.31
N GLU C 1039 13.97 5.11 22.21
CA GLU C 1039 13.82 6.44 21.61
C GLU C 1039 12.42 6.66 21.08
N SER C 1040 11.75 5.60 20.63
CA SER C 1040 10.40 5.74 20.12
C SER C 1040 9.43 6.20 21.21
N PHE C 1041 9.61 5.70 22.43
CA PHE C 1041 8.73 6.04 23.54
C PHE C 1041 9.17 7.30 24.28
N ARG C 1042 10.47 7.52 24.43
CA ARG C 1042 10.95 8.74 25.05
C ARG C 1042 10.54 9.97 24.24
N LEU C 1043 10.61 9.86 22.92
CA LEU C 1043 10.16 10.96 22.07
C LEU C 1043 8.65 11.16 22.18
N LEU C 1044 7.90 10.08 22.38
CA LEU C 1044 6.46 10.20 22.56
C LEU C 1044 6.11 10.98 23.82
N VAL C 1045 6.86 10.75 24.90
CA VAL C 1045 6.58 11.42 26.17
C VAL C 1045 6.73 12.92 26.02
N ARG C 1046 7.77 13.37 25.30
CA ARG C 1046 8.00 14.80 25.12
C ARG C 1046 6.90 15.44 24.30
N GLU C 1047 6.42 14.76 23.26
CA GLU C 1047 5.34 15.32 22.46
C GLU C 1047 4.04 15.41 23.26
N LEU C 1048 3.80 14.45 24.16
CA LEU C 1048 2.65 14.54 25.05
C LEU C 1048 2.83 15.66 26.07
N ARG C 1049 4.08 15.92 26.49
CA ARG C 1049 4.34 17.02 27.41
C ARG C 1049 4.01 18.37 26.78
N SER C 1050 4.14 18.47 25.46
CA SER C 1050 3.79 19.69 24.76
C SER C 1050 2.30 20.00 24.84
N LEU C 1051 1.48 19.01 25.19
CA LEU C 1051 0.04 19.19 25.36
C LEU C 1051 -0.38 19.21 26.82
N ALA C 1052 0.58 19.44 27.73
CA ALA C 1052 0.34 19.48 29.18
C ALA C 1052 -0.21 18.15 29.70
N LEU C 1053 0.31 17.05 29.17
CA LEU C 1053 0.05 15.72 29.70
C LEU C 1053 1.36 15.08 30.09
N GLU C 1054 1.37 14.39 31.23
CA GLU C 1054 2.53 13.64 31.66
C GLU C 1054 2.22 12.15 31.64
N LEU C 1055 3.18 11.37 31.16
CA LEU C 1055 3.03 9.92 31.00
C LEU C 1055 4.17 9.26 31.78
N ASN C 1056 3.87 8.80 33.00
CA ASN C 1056 4.87 8.22 33.89
C ASN C 1056 4.77 6.70 33.87
N HIS C 1057 5.92 6.05 33.87
CA HIS C 1057 6.02 4.59 33.92
C HIS C 1057 6.49 4.18 35.31
N PHE C 1058 5.65 3.47 36.05
CA PHE C 1058 5.98 3.02 37.39
C PHE C 1058 6.10 1.50 37.42
N LEU C 1059 7.11 1.02 38.12
CA LEU C 1059 7.27 -0.40 38.40
C LEU C 1059 6.97 -0.64 39.88
N VAL C 1060 6.06 -1.56 40.15
CA VAL C 1060 5.74 -1.97 41.50
C VAL C 1060 6.46 -3.28 41.78
N SER C 1061 7.33 -3.28 42.78
CA SER C 1061 8.08 -4.48 43.11
C SER C 1061 7.13 -5.53 43.69
N GLU C 1062 7.22 -6.75 43.17
CA GLU C 1062 6.40 -7.83 43.72
C GLU C 1062 6.91 -8.33 45.06
N LYS C 1063 8.11 -7.93 45.47
CA LYS C 1063 8.68 -8.38 46.74
C LYS C 1063 8.29 -7.47 47.90
N ASN C 1064 8.67 -6.19 47.82
CA ASN C 1064 8.42 -5.25 48.91
C ASN C 1064 7.41 -4.17 48.56
N PHE C 1065 6.79 -4.23 47.38
CA PHE C 1065 5.71 -3.32 46.96
C PHE C 1065 6.16 -1.87 46.85
N GLN C 1066 7.45 -1.62 46.65
CA GLN C 1066 7.94 -0.27 46.51
C GLN C 1066 7.84 0.17 45.06
N ILE C 1067 7.37 1.40 44.86
CA ILE C 1067 7.10 1.92 43.52
C ILE C 1067 8.34 2.66 43.02
N ASN C 1068 8.79 2.30 41.82
CA ASN C 1068 9.95 2.91 41.19
C ASN C 1068 9.51 3.63 39.93
N ARG C 1069 9.87 4.90 39.81
CA ARG C 1069 9.58 5.69 38.62
C ARG C 1069 10.72 5.53 37.63
N LYS C 1070 10.43 4.92 36.48
CA LYS C 1070 11.46 4.70 35.47
C LYS C 1070 11.87 6.01 34.84
N GLU C 1071 13.16 6.12 34.53
CA GLU C 1071 13.69 7.32 33.88
C GLU C 1071 13.27 7.37 32.41
N VAL C 1072 12.17 8.05 32.13
CA VAL C 1072 11.69 8.19 30.77
C VAL C 1072 11.75 9.64 30.35
N MET D 1 1.29 -23.76 40.08
CA MET D 1 2.43 -23.03 40.62
C MET D 1 2.07 -21.57 40.90
N ILE D 2 3.02 -20.85 41.48
CA ILE D 2 2.87 -19.41 41.71
C ILE D 2 3.30 -18.67 40.45
N ASP D 3 2.44 -17.77 39.98
CA ASP D 3 2.81 -16.92 38.85
C ASP D 3 4.02 -16.06 39.20
N ARG D 4 4.85 -15.81 38.20
CA ARG D 4 5.90 -14.79 38.32
C ARG D 4 5.21 -13.44 38.15
N TYR D 5 4.90 -12.82 39.29
CA TYR D 5 4.13 -11.58 39.28
C TYR D 5 4.96 -10.44 38.70
N LYS D 6 4.29 -9.59 37.92
CA LYS D 6 4.93 -8.44 37.29
C LYS D 6 3.93 -7.29 37.30
N HIS D 7 4.18 -6.28 38.12
CA HIS D 7 3.26 -5.16 38.29
C HIS D 7 3.91 -3.91 37.73
N GLN D 8 3.51 -3.53 36.53
CA GLN D 8 3.93 -2.28 35.93
C GLN D 8 2.71 -1.52 35.46
N GLN D 9 2.75 -0.20 35.63
CA GLN D 9 1.65 0.66 35.24
C GLN D 9 2.21 1.93 34.63
N LEU D 10 1.45 2.49 33.70
CA LEU D 10 1.69 3.86 33.28
C LEU D 10 0.39 4.62 33.32
N ARG D 11 0.46 5.87 33.76
CA ARG D 11 -0.71 6.71 33.86
C ARG D 11 -0.45 8.03 33.15
N ILE D 12 -1.50 8.60 32.58
CA ILE D 12 -1.45 9.96 32.08
C ILE D 12 -2.33 10.81 32.97
N GLY D 13 -1.94 12.07 33.11
CA GLY D 13 -2.75 13.03 33.83
C GLY D 13 -2.48 14.42 33.29
N LEU D 14 -3.45 15.29 33.51
CA LEU D 14 -3.23 16.72 33.28
C LEU D 14 -2.15 17.22 34.24
N VAL D 15 -1.40 18.21 33.78
CA VAL D 15 -0.18 18.63 34.45
C VAL D 15 -0.38 20.01 35.06
N SER D 16 0.05 20.16 36.31
CA SER D 16 -0.03 21.43 37.00
C SER D 16 0.96 22.44 36.40
N PRO D 17 0.71 23.74 36.60
CA PRO D 17 1.73 24.73 36.23
C PRO D 17 3.04 24.51 36.98
N GLN D 18 2.99 24.01 38.21
CA GLN D 18 4.21 23.74 38.95
C GLN D 18 5.03 22.65 38.30
N GLN D 19 4.37 21.59 37.84
CA GLN D 19 5.09 20.53 37.13
C GLN D 19 5.65 21.02 35.81
N ILE D 20 4.94 21.94 35.13
CA ILE D 20 5.45 22.49 33.89
C ILE D 20 6.76 23.25 34.14
N SER D 21 6.81 24.04 35.21
CA SER D 21 8.05 24.72 35.57
C SER D 21 9.14 23.74 35.96
N ALA D 22 8.78 22.71 36.73
CA ALA D 22 9.79 21.74 37.18
C ALA D 22 10.41 20.99 36.01
N TRP D 23 9.66 20.84 34.91
CA TRP D 23 10.23 20.22 33.72
C TRP D 23 11.36 21.04 33.15
N ALA D 24 11.20 22.36 33.11
CA ALA D 24 12.10 23.24 32.38
C ALA D 24 13.35 23.62 33.18
N THR D 25 13.18 23.98 34.45
CA THR D 25 14.31 24.44 35.26
C THR D 25 15.30 23.32 35.58
N GLY D 35 14.85 28.53 32.39
CA GLY D 35 14.18 27.61 31.49
C GLY D 35 13.03 28.22 30.72
N GLU D 36 12.87 29.54 30.85
CA GLU D 36 11.76 30.26 30.23
C GLU D 36 12.22 30.83 28.90
N VAL D 37 11.51 30.47 27.83
CA VAL D 37 11.75 31.05 26.51
C VAL D 37 10.99 32.37 26.43
N THR D 38 11.71 33.44 26.15
CA THR D 38 11.14 34.78 26.19
C THR D 38 11.29 35.56 24.89
N LYS D 39 11.96 35.01 23.89
CA LYS D 39 12.21 35.73 22.65
C LYS D 39 11.80 34.90 21.45
N PRO D 40 11.26 35.52 20.41
CA PRO D 40 10.76 34.75 19.27
C PRO D 40 11.83 34.41 18.25
N TYR D 41 13.10 34.52 18.65
CA TYR D 41 14.21 34.32 17.72
C TYR D 41 14.58 32.85 17.60
N THR D 42 14.84 32.42 16.37
CA THR D 42 15.27 31.04 16.10
C THR D 42 16.79 30.95 16.01
N PHE D 43 17.40 31.64 15.04
CA PHE D 43 18.83 31.58 14.83
C PHE D 43 19.33 32.92 14.34
N HIS D 44 20.51 33.31 14.80
CA HIS D 44 21.10 34.58 14.40
C HIS D 44 21.48 34.55 12.91
N TYR D 45 21.28 35.68 12.25
CA TYR D 45 21.58 35.76 10.82
C TYR D 45 23.08 35.86 10.56
N LYS D 46 23.80 36.58 11.39
CA LYS D 46 25.22 36.84 11.15
C LYS D 46 26.09 35.69 11.67
N THR D 47 25.96 35.37 12.95
CA THR D 47 26.77 34.32 13.57
C THR D 47 26.26 32.93 13.28
N ASN D 48 25.02 32.79 12.81
CA ASN D 48 24.38 31.49 12.58
C ASN D 48 24.38 30.64 13.86
N LYS D 49 24.31 31.30 15.01
CA LYS D 49 24.32 30.69 16.33
C LYS D 49 22.93 30.74 16.94
N PRO D 50 22.64 29.87 17.90
CA PRO D 50 21.34 29.92 18.58
C PRO D 50 21.20 31.22 19.37
N GLU D 51 20.10 31.92 19.13
CA GLU D 51 19.86 33.18 19.82
C GLU D 51 19.65 32.97 21.31
N LYS D 52 20.23 33.85 22.11
CA LYS D 52 20.07 33.77 23.56
C LYS D 52 18.61 33.94 23.94
N ASP D 53 18.14 33.09 24.85
CA ASP D 53 16.77 33.12 25.34
C ASP D 53 15.74 32.93 24.22
N GLY D 54 16.15 32.26 23.15
CA GLY D 54 15.27 31.96 22.05
C GLY D 54 14.76 30.53 22.09
N LEU D 55 14.09 30.15 21.02
CA LEU D 55 13.54 28.79 20.92
C LEU D 55 14.64 27.73 20.88
N PHE D 56 15.86 28.10 20.53
CA PHE D 56 16.98 27.16 20.46
C PHE D 56 18.09 27.53 21.42
N CYS D 57 17.78 28.31 22.46
CA CYS D 57 18.79 28.81 23.39
C CYS D 57 19.51 27.66 24.09
N GLU D 58 20.81 27.84 24.32
CA GLU D 58 21.61 26.84 25.01
C GLU D 58 21.58 26.97 26.52
N ARG D 59 21.07 28.09 27.06
CA ARG D 59 20.73 28.14 28.48
C ARG D 59 19.62 27.13 28.79
N ILE D 60 18.61 27.07 27.92
CA ILE D 60 17.38 26.39 28.23
C ILE D 60 17.36 24.94 27.77
N PHE D 61 18.09 24.60 26.71
CA PHE D 61 17.97 23.29 26.10
C PHE D 61 19.27 22.51 26.00
N GLY D 62 20.42 23.15 26.23
CA GLY D 62 21.68 22.44 26.23
C GLY D 62 22.52 22.74 25.00
N PRO D 63 23.78 22.31 25.02
CA PRO D 63 24.70 22.62 23.93
C PRO D 63 24.31 21.90 22.65
N ILE D 64 24.63 22.53 21.52
CA ILE D 64 24.49 21.87 20.22
C ILE D 64 25.71 21.04 19.88
N LYS D 65 26.79 21.15 20.65
CA LYS D 65 27.98 20.33 20.47
C LYS D 65 28.38 19.77 21.83
N SER D 66 28.65 18.47 21.89
CA SER D 66 28.91 17.80 23.15
C SER D 66 30.20 18.33 23.77
N GLY D 67 30.09 18.90 24.97
CA GLY D 67 31.23 19.41 25.69
C GLY D 67 31.72 20.78 25.26
N ILE D 68 31.05 21.42 24.31
CA ILE D 68 31.44 22.73 23.79
C ILE D 68 30.38 23.73 24.19
N CYS D 69 30.81 24.84 24.79
CA CYS D 69 29.91 25.84 25.32
C CYS D 69 29.56 26.88 24.27
N ALA D 70 28.74 27.85 24.66
CA ALA D 70 28.34 28.92 23.74
C ALA D 70 29.54 29.77 23.32
N CYS D 71 30.42 30.08 24.26
CA CYS D 71 31.60 30.88 23.94
C CYS D 71 32.63 30.08 23.16
N GLY D 72 32.55 28.75 23.18
CA GLY D 72 33.50 27.89 22.50
C GLY D 72 34.44 27.14 23.40
N ASN D 73 34.38 27.35 24.72
CA ASN D 73 35.23 26.62 25.64
C ASN D 73 34.86 25.14 25.65
N TYR D 74 35.86 24.28 25.63
CA TYR D 74 35.69 22.85 25.53
C TYR D 74 36.16 22.16 26.81
N ARG D 75 35.42 21.15 27.24
CA ARG D 75 35.80 20.34 28.39
C ARG D 75 35.46 18.88 28.12
N VAL D 76 36.21 17.99 28.75
CA VAL D 76 35.99 16.56 28.59
C VAL D 76 34.84 16.12 29.47
N ILE D 77 33.86 15.44 28.88
CA ILE D 77 32.72 14.93 29.62
C ILE D 77 33.14 13.75 30.49
N LYS D 85 30.09 22.86 36.61
CA LYS D 85 29.34 22.17 35.58
C LYS D 85 28.80 23.15 34.53
N PHE D 86 28.73 24.42 34.91
CA PHE D 86 28.22 25.47 34.04
C PHE D 86 29.34 26.46 33.74
N CYS D 87 29.37 26.95 32.50
CA CYS D 87 30.37 27.91 32.09
C CYS D 87 30.15 29.24 32.80
N GLU D 88 31.25 29.89 33.19
CA GLU D 88 31.14 31.16 33.89
C GLU D 88 30.71 32.29 32.98
N GLN D 89 31.07 32.23 31.70
CA GLN D 89 30.75 33.33 30.80
C GLN D 89 29.33 33.23 30.24
N CYS D 90 28.91 32.03 29.82
CA CYS D 90 27.61 31.86 29.17
C CYS D 90 26.62 31.05 29.98
N GLY D 91 27.06 30.01 30.69
CA GLY D 91 26.17 29.20 31.50
C GLY D 91 25.78 27.87 30.89
N VAL D 92 26.43 27.45 29.81
CA VAL D 92 26.12 26.17 29.18
C VAL D 92 26.60 25.03 30.06
N GLU D 93 25.75 24.04 30.27
CA GLU D 93 26.11 22.84 31.01
C GLU D 93 26.96 21.94 30.13
N PHE D 94 28.10 21.49 30.65
CA PHE D 94 29.06 20.71 29.87
C PHE D 94 28.64 19.24 29.90
N VAL D 95 27.65 18.92 29.08
CA VAL D 95 27.09 17.58 28.98
C VAL D 95 26.98 17.21 27.50
N ASP D 96 26.52 15.99 27.26
CA ASP D 96 26.29 15.56 25.88
C ASP D 96 25.21 16.41 25.23
N SER D 97 25.36 16.61 23.92
CA SER D 97 24.40 17.41 23.17
C SER D 97 23.06 16.70 22.99
N ARG D 98 22.96 15.43 23.36
CA ARG D 98 21.71 14.68 23.25
C ARG D 98 20.63 15.21 24.18
N ILE D 99 20.98 16.07 25.14
CA ILE D 99 19.98 16.61 26.06
C ILE D 99 18.99 17.53 25.37
N ARG D 100 19.31 18.01 24.17
CA ARG D 100 18.36 18.85 23.43
C ARG D 100 17.19 18.05 22.88
N ARG D 101 17.26 16.73 22.88
CA ARG D 101 16.12 15.90 22.49
C ARG D 101 15.13 15.70 23.62
N TYR D 102 15.52 15.99 24.86
CA TYR D 102 14.71 15.66 26.02
C TYR D 102 14.47 16.82 26.96
N GLN D 103 15.15 17.94 26.80
CA GLN D 103 15.00 19.07 27.70
C GLN D 103 13.85 19.94 27.24
N MET D 104 12.90 20.18 28.14
CA MET D 104 11.74 21.02 27.87
C MET D 104 12.02 22.46 28.29
N GLY D 105 11.29 23.38 27.68
CA GLY D 105 11.22 24.76 28.13
C GLY D 105 9.78 25.13 28.40
N TYR D 106 9.52 26.40 28.70
CA TYR D 106 8.14 26.82 28.89
C TYR D 106 8.02 28.32 28.62
N ILE D 107 6.80 28.73 28.32
CA ILE D 107 6.45 30.13 28.07
C ILE D 107 5.53 30.59 29.19
N LYS D 108 5.86 31.72 29.80
CA LYS D 108 5.06 32.29 30.88
C LYS D 108 4.01 33.19 30.26
N LEU D 109 2.77 32.70 30.20
CA LEU D 109 1.69 33.47 29.59
C LEU D 109 1.27 34.62 30.50
N THR D 110 1.18 35.82 29.93
CA THR D 110 0.70 36.97 30.70
C THR D 110 -0.76 36.81 31.07
N CYS D 111 -1.55 36.15 30.23
CA CYS D 111 -2.94 35.86 30.49
C CYS D 111 -3.19 34.36 30.33
N PRO D 112 -3.95 33.75 31.24
CA PRO D 112 -4.26 32.33 31.09
C PRO D 112 -5.11 32.07 29.86
N VAL D 113 -4.92 30.88 29.27
CA VAL D 113 -5.67 30.45 28.10
C VAL D 113 -6.24 29.06 28.36
N THR D 114 -7.46 28.83 27.90
CA THR D 114 -8.06 27.51 28.02
C THR D 114 -7.38 26.52 27.08
N HIS D 115 -7.31 25.27 27.52
CA HIS D 115 -6.85 24.18 26.67
C HIS D 115 -7.95 23.82 25.70
N VAL D 116 -7.63 23.84 24.40
CA VAL D 116 -8.66 23.69 23.38
C VAL D 116 -9.29 22.30 23.42
N TRP D 117 -8.58 21.30 23.95
CA TRP D 117 -9.14 19.95 24.04
C TRP D 117 -10.36 19.93 24.95
N TYR D 118 -10.31 20.65 26.06
CA TYR D 118 -11.34 20.56 27.08
C TYR D 118 -12.42 21.61 26.94
N LEU D 119 -12.33 22.50 25.96
CA LEU D 119 -13.38 23.47 25.67
C LEU D 119 -14.14 23.16 24.40
N LYS D 120 -13.44 22.90 23.29
CA LYS D 120 -14.08 22.87 21.98
C LYS D 120 -14.43 21.48 21.49
N ARG D 121 -13.74 20.44 21.94
CA ARG D 121 -14.04 19.08 21.49
C ARG D 121 -15.35 18.63 22.13
N LEU D 122 -16.38 18.44 21.30
CA LEU D 122 -17.69 18.09 21.82
C LEU D 122 -17.70 16.63 22.28
N PRO D 123 -18.34 16.34 23.41
CA PRO D 123 -18.95 17.27 24.38
C PRO D 123 -17.88 18.00 25.19
N SER D 124 -18.08 19.28 25.46
CA SER D 124 -17.08 20.06 26.19
C SER D 124 -16.98 19.59 27.64
N TYR D 125 -15.75 19.48 28.13
CA TYR D 125 -15.55 19.10 29.53
C TYR D 125 -15.76 20.30 30.45
N ILE D 126 -15.18 21.45 30.10
CA ILE D 126 -15.35 22.65 30.92
C ILE D 126 -16.80 23.07 30.98
N ALA D 127 -17.49 23.05 29.83
CA ALA D 127 -18.90 23.44 29.80
C ALA D 127 -19.75 22.46 30.59
N ASN D 128 -19.43 21.17 30.52
CA ASN D 128 -20.20 20.18 31.29
C ASN D 128 -19.93 20.33 32.79
N LEU D 129 -18.68 20.61 33.17
CA LEU D 129 -18.37 20.75 34.59
C LEU D 129 -18.98 22.01 35.18
N LEU D 130 -19.00 23.11 34.40
CA LEU D 130 -19.57 24.36 34.87
C LEU D 130 -21.07 24.46 34.63
N ASP D 131 -21.67 23.51 33.92
CA ASP D 131 -23.10 23.52 33.61
C ASP D 131 -23.51 24.80 32.89
N LYS D 132 -22.70 25.24 31.95
CA LYS D 132 -23.01 26.38 31.10
C LYS D 132 -22.88 25.97 29.65
N PRO D 133 -23.78 26.42 28.78
CA PRO D 133 -23.69 26.06 27.37
C PRO D 133 -22.39 26.58 26.76
N LEU D 134 -21.84 25.80 25.83
CA LEU D 134 -20.57 26.18 25.21
C LEU D 134 -20.70 27.50 24.47
N LYS D 135 -21.89 27.82 23.96
CA LYS D 135 -22.10 29.10 23.31
C LYS D 135 -21.86 30.26 24.27
N GLU D 136 -22.51 30.23 25.43
CA GLU D 136 -22.35 31.30 26.41
C GLU D 136 -20.97 31.26 27.05
N LEU D 137 -20.24 30.16 26.91
CA LEU D 137 -18.89 30.05 27.44
C LEU D 137 -17.81 30.33 26.40
N GLU D 138 -18.13 30.14 25.12
CA GLU D 138 -17.15 30.45 24.07
C GLU D 138 -17.00 31.96 23.89
N GLY D 139 -18.10 32.70 24.02
CA GLY D 139 -18.02 34.14 23.92
C GLY D 139 -17.22 34.76 25.05
N LEU D 140 -17.13 34.09 26.18
CA LEU D 140 -16.27 34.55 27.26
C LEU D 140 -14.80 34.43 26.91
N VAL D 141 -14.46 33.64 25.90
CA VAL D 141 -13.08 33.40 25.51
C VAL D 141 -12.72 34.13 24.22
N TYR D 142 -13.60 34.08 23.22
CA TYR D 142 -13.30 34.62 21.90
C TYR D 142 -14.13 35.84 21.53
N CYS D 143 -15.08 36.25 22.36
CA CYS D 143 -15.92 37.40 22.07
C CYS D 143 -15.77 38.44 23.17
N ASP D 144 -16.40 39.59 22.97
CA ASP D 144 -16.28 40.72 23.89
C ASP D 144 -17.35 40.64 24.99
N PHE D 145 -17.31 39.53 25.72
CA PHE D 145 -18.23 39.26 26.81
C PHE D 145 -17.54 39.42 28.15
N SER D 146 -18.32 39.38 29.22
CA SER D 146 -17.79 39.42 30.57
C SER D 146 -18.73 38.66 31.49
N PHE D 147 -18.15 37.93 32.44
CA PHE D 147 -18.92 37.09 33.35
C PHE D 147 -18.93 37.74 34.73
N ALA D 148 -20.13 37.91 35.28
CA ALA D 148 -20.30 38.51 36.59
C ALA D 148 -20.33 37.45 37.67
N ARG D 149 -19.79 37.81 38.83
CA ARG D 149 -19.71 36.92 39.99
C ARG D 149 -19.02 35.59 39.65
N PRO D 150 -17.77 35.62 39.18
CA PRO D 150 -17.09 34.37 38.85
C PRO D 150 -16.84 33.48 40.07
N ILE D 151 -16.69 34.07 41.26
CA ILE D 151 -16.32 33.34 42.45
C ILE D 151 -17.43 33.44 43.48
N THR D 152 -17.41 32.52 44.44
CA THR D 152 -18.41 32.47 45.50
C THR D 152 -17.83 32.28 46.89
N LYS D 153 -16.50 32.24 47.02
CA LYS D 153 -15.86 32.02 48.32
C LYS D 153 -15.30 33.30 48.92
N LYS D 154 -15.61 34.46 48.34
CA LYS D 154 -15.13 35.73 48.85
C LYS D 154 -16.27 36.74 48.84
N PRO D 155 -16.23 37.73 49.72
CA PRO D 155 -17.33 38.70 49.80
C PRO D 155 -17.47 39.51 48.52
N THR D 156 -18.73 39.78 48.16
CA THR D 156 -19.07 40.63 47.02
C THR D 156 -20.24 41.52 47.42
N PHE D 157 -20.41 42.62 46.67
CA PHE D 157 -21.46 43.56 47.06
C PHE D 157 -22.24 44.13 45.87
N LEU D 158 -22.19 43.49 44.71
CA LEU D 158 -22.96 43.91 43.54
C LEU D 158 -23.92 42.80 43.15
N ARG D 159 -25.12 43.19 42.69
CA ARG D 159 -26.16 42.24 42.31
C ARG D 159 -26.05 41.81 40.85
N LEU D 160 -24.85 41.86 40.27
CA LEU D 160 -24.64 41.33 38.94
C LEU D 160 -24.47 39.82 38.98
N ARG D 161 -24.89 39.17 37.91
CA ARG D 161 -24.70 37.73 37.77
C ARG D 161 -24.82 37.36 36.29
N GLY D 162 -24.21 36.23 35.93
CA GLY D 162 -24.32 35.70 34.59
C GLY D 162 -23.36 36.37 33.61
N SER D 163 -23.62 36.10 32.34
CA SER D 163 -22.81 36.62 31.24
C SER D 163 -23.45 37.89 30.69
N PHE D 164 -22.65 38.93 30.54
CA PHE D 164 -23.10 40.22 30.01
C PHE D 164 -22.48 40.41 28.64
N GLU D 165 -23.31 40.38 27.60
CA GLU D 165 -22.81 40.56 26.24
C GLU D 165 -22.26 41.97 26.03
N TYR D 166 -22.90 42.96 26.64
CA TYR D 166 -22.43 44.34 26.57
C TYR D 166 -21.53 44.62 27.78
N GLU D 167 -21.23 45.89 28.01
CA GLU D 167 -20.46 46.32 29.16
C GLU D 167 -21.37 47.08 30.13
N ILE D 168 -21.09 46.91 31.42
CA ILE D 168 -21.83 47.64 32.45
C ILE D 168 -21.43 49.11 32.40
N GLN D 169 -22.43 49.99 32.30
CA GLN D 169 -22.14 51.41 32.13
C GLN D 169 -21.53 52.02 33.37
N SER D 170 -22.15 51.77 34.53
CA SER D 170 -21.63 52.33 35.78
C SER D 170 -20.27 51.75 36.16
N TRP D 171 -20.02 50.51 35.75
CA TRP D 171 -18.76 49.84 36.06
C TRP D 171 -17.58 50.46 35.31
N LYS D 172 -17.83 51.33 34.34
CA LYS D 172 -16.77 51.95 33.56
C LYS D 172 -16.24 53.22 34.20
N TYR D 173 -17.12 54.08 34.72
CA TYR D 173 -16.73 55.38 35.25
C TYR D 173 -17.01 55.54 36.73
N SER D 174 -18.25 55.32 37.15
CA SER D 174 -18.64 55.68 38.52
C SER D 174 -17.93 54.80 39.55
N ILE D 175 -17.98 53.48 39.38
CA ILE D 175 -17.41 52.58 40.37
C ILE D 175 -15.89 52.73 40.50
N PRO D 176 -15.11 52.76 39.42
CA PRO D 176 -13.67 52.98 39.59
C PRO D 176 -13.32 54.31 40.22
N LEU D 177 -14.11 55.35 39.97
CA LEU D 177 -13.83 56.66 40.53
C LEU D 177 -14.18 56.72 42.02
N PHE D 178 -15.28 56.07 42.40
CA PHE D 178 -15.73 56.11 43.79
C PHE D 178 -14.75 55.39 44.71
N PHE D 179 -14.23 54.24 44.29
CA PHE D 179 -13.30 53.46 45.10
C PHE D 179 -11.84 53.76 44.78
N THR D 180 -11.57 54.67 43.85
CA THR D 180 -10.24 54.96 43.32
C THR D 180 -9.69 53.78 42.52
N THR D 181 -8.88 54.06 41.50
CA THR D 181 -8.42 53.01 40.61
C THR D 181 -7.54 52.00 41.34
N GLN D 182 -6.64 52.47 42.20
CA GLN D 182 -5.76 51.56 42.92
C GLN D 182 -6.54 50.64 43.84
N GLY D 183 -7.53 51.18 44.57
CA GLY D 183 -8.36 50.35 45.41
C GLY D 183 -9.38 49.51 44.66
N PHE D 184 -9.71 49.90 43.43
CA PHE D 184 -10.66 49.16 42.63
C PHE D 184 -10.05 47.88 42.06
N GLU D 185 -8.77 47.93 41.69
CA GLU D 185 -8.11 46.78 41.08
C GLU D 185 -8.02 45.59 42.02
N ILE D 186 -8.07 45.82 43.33
CA ILE D 186 -7.93 44.72 44.28
C ILE D 186 -9.12 43.79 44.20
N PHE D 187 -10.33 44.34 44.24
CA PHE D 187 -11.55 43.53 44.23
C PHE D 187 -12.24 43.54 42.88
N ARG D 188 -11.59 44.06 41.84
CA ARG D 188 -12.23 44.13 40.53
C ARG D 188 -12.55 42.75 39.98
N ASN D 189 -11.57 41.84 40.01
CA ASN D 189 -11.76 40.50 39.47
C ASN D 189 -12.38 39.57 40.51
N ARG D 190 -13.42 40.08 41.17
CA ARG D 190 -14.26 39.29 42.07
C ARG D 190 -15.74 39.51 41.83
N GLU D 191 -16.14 40.62 41.22
CA GLU D 191 -17.52 40.89 40.87
C GLU D 191 -17.84 40.55 39.42
N ILE D 192 -16.95 40.88 38.49
CA ILE D 192 -17.14 40.52 37.09
C ILE D 192 -15.76 40.44 36.43
N SER D 193 -15.51 39.35 35.72
CA SER D 193 -14.23 39.09 35.07
C SER D 193 -14.47 38.71 33.61
N THR D 194 -13.37 38.56 32.87
CA THR D 194 -13.45 38.31 31.45
C THR D 194 -12.27 37.46 31.01
N GLY D 195 -12.43 36.81 29.86
CA GLY D 195 -11.40 35.97 29.30
C GLY D 195 -11.38 34.58 29.88
N ALA D 196 -10.35 33.83 29.49
CA ALA D 196 -10.14 32.49 30.03
C ALA D 196 -9.82 32.52 31.51
N GLY D 197 -9.29 33.64 32.01
CA GLY D 197 -9.01 33.75 33.44
C GLY D 197 -10.27 33.67 34.28
N ALA D 198 -11.38 34.22 33.77
CA ALA D 198 -12.65 34.10 34.48
C ALA D 198 -13.08 32.65 34.59
N ILE D 199 -12.84 31.86 33.54
CA ILE D 199 -13.18 30.45 33.57
C ILE D 199 -12.35 29.71 34.61
N ARG D 200 -11.06 30.05 34.71
CA ARG D 200 -10.20 29.40 35.68
C ARG D 200 -10.64 29.68 37.11
N GLU D 201 -11.12 30.90 37.37
CA GLU D 201 -11.64 31.21 38.70
C GLU D 201 -12.88 30.39 39.01
N GLN D 202 -13.75 30.20 38.01
CA GLN D 202 -14.92 29.34 38.23
C GLN D 202 -14.50 27.90 38.49
N LEU D 203 -13.55 27.38 37.72
CA LEU D 203 -13.10 26.02 37.93
C LEU D 203 -12.43 25.84 39.29
N ALA D 204 -11.57 26.79 39.67
CA ALA D 204 -10.84 26.67 40.93
C ALA D 204 -11.77 26.79 42.13
N ASP D 205 -12.88 27.52 41.99
CA ASP D 205 -13.81 27.74 43.08
C ASP D 205 -14.95 26.72 43.13
N LEU D 206 -14.93 25.74 42.24
CA LEU D 206 -16.01 24.75 42.20
C LEU D 206 -15.99 23.88 43.46
N ASP D 207 -17.17 23.60 43.98
CA ASP D 207 -17.35 22.64 45.05
C ASP D 207 -17.82 21.34 44.42
N LEU D 208 -16.88 20.41 44.20
CA LEU D 208 -17.19 19.20 43.46
C LEU D 208 -18.20 18.33 44.18
N ARG D 209 -18.25 18.39 45.50
CA ARG D 209 -19.24 17.62 46.24
C ARG D 209 -20.63 18.22 46.12
N ILE D 210 -20.72 19.54 45.95
CA ILE D 210 -22.02 20.17 45.71
C ILE D 210 -22.55 19.78 44.33
N ILE D 211 -21.66 19.64 43.35
CA ILE D 211 -22.07 19.27 42.00
C ILE D 211 -22.75 17.90 42.00
N ILE D 212 -22.20 16.96 42.75
CA ILE D 212 -22.75 15.61 42.77
C ILE D 212 -24.15 15.59 43.38
N GLU D 213 -24.34 16.32 44.48
CA GLU D 213 -25.65 16.31 45.13
C GLU D 213 -26.68 17.06 44.33
N ASN D 214 -26.29 18.18 43.71
CA ASN D 214 -27.21 18.94 42.89
C ASN D 214 -27.61 18.17 41.64
N SER D 215 -26.65 17.48 41.01
CA SER D 215 -26.97 16.68 39.83
C SER D 215 -27.87 15.52 40.17
N LEU D 216 -27.66 14.89 41.32
CA LEU D 216 -28.45 13.72 41.69
C LEU D 216 -29.90 14.09 41.97
N VAL D 217 -30.14 15.19 42.69
CA VAL D 217 -31.51 15.57 43.00
C VAL D 217 -32.25 16.04 41.76
N GLU D 218 -31.56 16.78 40.88
CA GLU D 218 -32.17 17.19 39.62
C GLU D 218 -32.46 16.00 38.72
N TRP D 219 -31.56 15.01 38.74
CA TRP D 219 -31.78 13.79 37.96
C TRP D 219 -33.02 13.05 38.42
N LYS D 220 -33.22 12.95 39.74
CA LYS D 220 -34.36 12.22 40.27
C LYS D 220 -35.67 12.97 40.00
N GLN D 221 -35.63 14.30 40.00
CA GLN D 221 -36.84 15.07 39.74
C GLN D 221 -37.36 14.80 38.34
N LEU D 222 -36.46 14.77 37.35
CA LEU D 222 -36.87 14.51 35.98
C LEU D 222 -37.44 13.10 35.83
N GLY D 223 -36.96 12.15 36.64
CA GLY D 223 -37.50 10.81 36.59
C GLY D 223 -38.94 10.73 37.05
N GLU D 224 -39.31 11.56 38.03
CA GLU D 224 -40.67 11.54 38.54
C GLU D 224 -41.67 12.04 37.49
N GLU D 225 -41.22 12.88 36.57
CA GLU D 225 -42.10 13.44 35.55
C GLU D 225 -42.25 12.47 34.37
N ASP D 234 -39.81 15.23 25.14
CA ASP D 234 -39.30 13.92 25.53
C ASP D 234 -37.84 13.75 25.10
N ARG D 235 -37.44 14.47 24.06
CA ARG D 235 -36.05 14.42 23.61
C ARG D 235 -35.12 15.28 24.44
N LYS D 236 -35.66 16.19 25.26
CA LYS D 236 -34.85 17.07 26.10
C LYS D 236 -34.65 16.49 27.49
N ILE D 237 -35.69 15.88 28.06
CA ILE D 237 -35.56 15.27 29.39
C ILE D 237 -34.50 14.17 29.37
N VAL D 238 -34.52 13.33 28.34
CA VAL D 238 -33.53 12.27 28.21
C VAL D 238 -32.14 12.86 28.01
N ARG D 239 -32.04 13.90 27.18
CA ARG D 239 -30.74 14.53 26.94
C ARG D 239 -30.22 15.23 28.18
N ARG D 240 -31.11 15.88 28.95
CA ARG D 240 -30.69 16.52 30.18
C ARG D 240 -30.26 15.51 31.23
N LYS D 241 -30.89 14.34 31.24
CA LYS D 241 -30.50 13.29 32.17
C LYS D 241 -29.09 12.80 31.88
N ASP D 242 -28.76 12.62 30.60
CA ASP D 242 -27.40 12.19 30.24
C ASP D 242 -26.37 13.25 30.59
N PHE D 243 -26.76 14.53 30.49
CA PHE D 243 -25.85 15.61 30.89
C PHE D 243 -25.54 15.54 32.38
N LEU D 244 -26.55 15.24 33.20
CA LEU D 244 -26.35 15.23 34.65
C LEU D 244 -25.50 14.04 35.08
N VAL D 245 -25.67 12.89 34.43
CA VAL D 245 -24.86 11.72 34.77
C VAL D 245 -23.40 11.96 34.39
N ARG D 246 -23.16 12.59 33.24
CA ARG D 246 -21.79 12.91 32.85
C ARG D 246 -21.16 13.89 33.82
N ARG D 247 -21.93 14.88 34.27
CA ARG D 247 -21.38 15.89 35.18
C ARG D 247 -21.00 15.27 36.53
N MET D 248 -21.85 14.39 37.06
CA MET D 248 -21.54 13.80 38.36
C MET D 248 -20.46 12.74 38.23
N GLU D 249 -20.37 12.07 37.08
CA GLU D 249 -19.24 11.18 36.83
C GLU D 249 -17.94 11.97 36.76
N LEU D 250 -17.95 13.13 36.11
CA LEU D 250 -16.75 13.96 36.00
C LEU D 250 -16.31 14.47 37.36
N ALA D 251 -17.24 14.92 38.18
CA ALA D 251 -16.89 15.44 39.50
C ALA D 251 -16.27 14.36 40.38
N LYS D 252 -16.80 13.13 40.29
CA LYS D 252 -16.29 12.05 41.13
C LYS D 252 -14.84 11.74 40.82
N HIS D 253 -14.46 11.73 39.54
CA HIS D 253 -13.09 11.41 39.17
C HIS D 253 -12.12 12.45 39.69
N PHE D 254 -12.51 13.72 39.69
CA PHE D 254 -11.64 14.76 40.23
C PHE D 254 -11.41 14.56 41.72
N ILE D 255 -12.45 14.13 42.44
CA ILE D 255 -12.36 13.98 43.88
C ILE D 255 -11.36 12.89 44.25
N ARG D 256 -11.39 11.76 43.56
CA ARG D 256 -10.57 10.61 43.93
C ARG D 256 -9.22 10.58 43.24
N THR D 257 -8.88 11.60 42.46
CA THR D 257 -7.57 11.69 41.82
C THR D 257 -6.84 12.93 42.32
N ASN D 258 -5.64 13.15 41.81
CA ASN D 258 -4.87 14.35 42.10
C ASN D 258 -4.93 15.37 40.98
N ILE D 259 -5.84 15.18 40.02
CA ILE D 259 -6.02 16.15 38.94
C ILE D 259 -6.91 17.28 39.44
N GLU D 260 -6.46 18.51 39.27
CA GLU D 260 -7.27 19.68 39.57
C GLU D 260 -8.00 20.14 38.32
N PRO D 261 -9.32 20.39 38.39
CA PRO D 261 -10.02 20.86 37.19
C PRO D 261 -9.54 22.20 36.65
N GLU D 262 -8.93 23.04 37.50
CA GLU D 262 -8.44 24.33 37.02
C GLU D 262 -7.22 24.19 36.12
N TRP D 263 -6.59 23.03 36.08
CA TRP D 263 -5.48 22.80 35.15
C TRP D 263 -5.94 22.74 33.70
N MET D 264 -7.25 22.67 33.47
CA MET D 264 -7.77 22.77 32.11
C MET D 264 -7.55 24.15 31.51
N VAL D 265 -7.21 25.14 32.32
CA VAL D 265 -6.84 26.46 31.86
C VAL D 265 -5.34 26.61 32.06
N LEU D 266 -4.61 26.85 30.98
CA LEU D 266 -3.16 26.88 31.02
C LEU D 266 -2.64 28.25 31.48
N CYS D 267 -1.78 28.24 32.48
CA CYS D 267 -1.04 29.42 32.87
C CYS D 267 0.38 29.45 32.29
N LEU D 268 1.00 28.29 32.13
CA LEU D 268 2.29 28.16 31.47
C LEU D 268 2.14 27.24 30.27
N LEU D 269 2.98 27.46 29.27
CA LEU D 269 2.95 26.68 28.04
C LEU D 269 4.24 25.91 27.88
N PRO D 270 4.25 24.59 28.08
CA PRO D 270 5.47 23.81 27.86
C PRO D 270 5.91 23.90 26.40
N VAL D 271 7.22 23.85 26.19
CA VAL D 271 7.81 24.02 24.87
C VAL D 271 8.57 22.76 24.50
N LEU D 272 8.28 22.24 23.32
CA LEU D 272 8.92 21.02 22.82
C LEU D 272 10.43 21.21 22.73
N PRO D 273 11.21 20.16 22.97
CA PRO D 273 12.65 20.28 22.84
C PRO D 273 13.05 20.58 21.41
N PRO D 274 14.15 21.31 21.21
CA PRO D 274 14.51 21.74 19.84
C PRO D 274 14.76 20.61 18.88
N GLU D 275 15.36 19.51 19.32
CA GLU D 275 15.69 18.42 18.40
C GLU D 275 14.47 17.75 17.81
N LEU D 276 13.31 17.89 18.46
CA LEU D 276 12.06 17.39 17.91
C LEU D 276 11.38 18.38 16.99
N ARG D 277 11.89 19.61 16.90
CA ARG D 277 11.41 20.62 15.96
C ARG D 277 12.61 21.25 15.26
N PRO D 278 13.28 20.51 14.37
CA PRO D 278 14.51 20.99 13.73
C PRO D 278 14.28 22.17 12.80
N ASP D 291 6.73 24.28 10.86
CA ASP D 291 5.36 24.50 11.28
C ASP D 291 5.28 24.82 12.77
N ILE D 292 5.74 23.87 13.60
CA ILE D 292 5.63 24.03 15.04
C ILE D 292 6.44 25.23 15.52
N ASN D 293 7.62 25.44 14.92
CA ASN D 293 8.44 26.58 15.30
C ASN D 293 7.75 27.89 14.99
N GLU D 294 7.10 27.98 13.83
CA GLU D 294 6.39 29.22 13.49
C GLU D 294 5.22 29.45 14.44
N LEU D 295 4.50 28.38 14.79
CA LEU D 295 3.40 28.51 15.74
C LEU D 295 3.89 28.97 17.11
N TYR D 296 5.06 28.47 17.55
CA TYR D 296 5.65 28.95 18.79
C TYR D 296 6.01 30.43 18.69
N ARG D 297 6.57 30.85 17.55
CA ARG D 297 6.95 32.24 17.37
C ARG D 297 5.73 33.16 17.50
N ARG D 298 4.61 32.75 16.91
CA ARG D 298 3.39 33.57 17.00
C ARG D 298 2.91 33.70 18.43
N VAL D 299 2.97 32.62 19.20
CA VAL D 299 2.54 32.69 20.60
C VAL D 299 3.45 33.60 21.41
N ILE D 300 4.76 33.48 21.20
CA ILE D 300 5.70 34.34 21.92
C ILE D 300 5.54 35.79 21.51
N TYR D 301 5.39 36.05 20.21
CA TYR D 301 5.26 37.40 19.70
C TYR D 301 4.08 38.12 20.33
N ARG D 302 2.89 37.49 20.29
CA ARG D 302 1.70 38.13 20.82
C ARG D 302 1.75 38.21 22.34
N ASN D 303 2.31 37.19 22.99
CA ASN D 303 2.43 37.21 24.45
C ASN D 303 3.39 38.30 24.91
N ASN D 304 4.46 38.53 24.15
CA ASN D 304 5.36 39.64 24.46
C ASN D 304 4.69 40.98 24.18
N THR D 305 3.85 41.05 23.15
CA THR D 305 3.09 42.27 22.89
C THR D 305 2.13 42.57 24.02
N LEU D 306 1.46 41.54 24.54
CA LEU D 306 0.45 41.76 25.58
C LEU D 306 1.07 42.28 26.85
N THR D 307 2.25 41.76 27.23
CA THR D 307 2.90 42.23 28.44
C THR D 307 3.46 43.64 28.28
N ASP D 308 3.67 44.10 27.05
CA ASP D 308 4.11 45.47 26.83
C ASP D 308 2.97 46.45 27.05
N LEU D 309 1.76 46.07 26.64
CA LEU D 309 0.60 46.93 26.88
C LEU D 309 0.33 47.10 28.36
N LEU D 310 0.47 46.03 29.13
CA LEU D 310 0.25 46.08 30.57
C LEU D 310 1.42 46.76 31.28
N VAL D 321 -6.41 45.57 24.62
CA VAL D 321 -5.87 44.61 25.58
C VAL D 321 -6.66 43.30 25.52
N MET D 322 -7.99 43.39 25.64
CA MET D 322 -8.82 42.20 25.53
C MET D 322 -8.73 41.62 24.13
N CYS D 323 -8.67 42.47 23.11
CA CYS D 323 -8.43 42.01 21.75
C CYS D 323 -7.07 41.33 21.64
N GLN D 324 -6.08 41.80 22.39
CA GLN D 324 -4.77 41.14 22.37
C GLN D 324 -4.80 39.81 23.11
N GLU D 325 -5.62 39.71 24.16
CA GLU D 325 -5.79 38.44 24.86
C GLU D 325 -6.38 37.38 23.93
N LYS D 326 -7.34 37.78 23.09
CA LYS D 326 -7.91 36.85 22.13
C LYS D 326 -6.85 36.36 21.15
N LEU D 327 -5.94 37.24 20.75
CA LEU D 327 -4.88 36.85 19.83
C LEU D 327 -3.94 35.83 20.47
N VAL D 328 -3.62 36.01 21.76
CA VAL D 328 -2.79 35.03 22.46
C VAL D 328 -3.54 33.72 22.62
N GLN D 329 -4.82 33.78 23.02
CA GLN D 329 -5.59 32.57 23.23
C GLN D 329 -5.79 31.81 21.92
N GLU D 330 -6.10 32.52 20.84
CA GLU D 330 -6.31 31.87 19.55
C GLU D 330 -5.03 31.23 19.04
N ALA D 331 -3.88 31.87 19.25
CA ALA D 331 -2.61 31.31 18.80
C ALA D 331 -2.28 30.02 19.52
N VAL D 332 -2.56 29.96 20.82
CA VAL D 332 -2.33 28.72 21.58
C VAL D 332 -3.28 27.63 21.10
N ASP D 333 -4.51 27.99 20.75
CA ASP D 333 -5.43 27.02 20.17
C ASP D 333 -4.88 26.45 18.87
N THR D 334 -4.28 27.31 18.04
CA THR D 334 -3.71 26.84 16.79
C THR D 334 -2.54 25.90 17.03
N LEU D 335 -1.67 26.24 17.99
CA LEU D 335 -0.53 25.39 18.31
C LEU D 335 -0.97 24.03 18.84
N LEU D 336 -1.96 24.02 19.74
CA LEU D 336 -2.36 22.77 20.39
C LEU D 336 -3.20 21.90 19.45
N ASP D 337 -4.24 22.47 18.84
CA ASP D 337 -5.11 21.69 17.96
C ASP D 337 -5.78 22.64 16.97
N ASN D 338 -5.27 22.65 15.74
CA ASN D 338 -5.92 23.37 14.66
C ASN D 338 -7.13 22.59 14.16
N GLY D 339 -7.88 23.20 13.24
CA GLY D 339 -9.04 22.54 12.68
C GLY D 339 -10.15 22.29 13.68
N ILE D 340 -10.40 23.23 14.58
CA ILE D 340 -11.41 23.07 15.61
C ILE D 340 -12.27 24.33 15.71
N ARG D 341 -11.82 25.40 15.04
CA ARG D 341 -12.56 26.66 15.03
C ARG D 341 -13.32 26.90 13.73
N GLY D 342 -12.98 26.18 12.66
CA GLY D 342 -13.55 26.44 11.36
C GLY D 342 -12.47 26.46 10.31
N GLN D 343 -12.28 27.59 9.65
CA GLN D 343 -11.16 27.73 8.73
C GLN D 343 -9.87 27.79 9.54
N PRO D 344 -8.97 26.82 9.37
CA PRO D 344 -7.73 26.83 10.16
C PRO D 344 -6.76 27.88 9.65
N MET D 345 -5.81 28.23 10.52
CA MET D 345 -4.75 29.15 10.12
C MET D 345 -3.96 28.59 8.96
N ARG D 346 -3.63 29.46 8.00
CA ARG D 346 -2.87 29.09 6.82
C ARG D 346 -1.71 30.06 6.64
N ASP D 347 -0.60 29.55 6.13
CA ASP D 347 0.58 30.37 5.90
C ASP D 347 0.46 31.06 4.55
N GLY D 348 1.54 31.71 4.11
CA GLY D 348 1.51 32.44 2.85
C GLY D 348 1.47 31.56 1.62
N HIS D 349 1.92 30.31 1.73
CA HIS D 349 1.91 29.37 0.62
C HIS D 349 0.65 28.50 0.60
N ASN D 350 -0.43 28.97 1.22
CA ASN D 350 -1.71 28.27 1.25
C ASN D 350 -1.56 26.84 1.78
N LYS D 351 -0.93 26.73 2.94
CA LYS D 351 -0.79 25.46 3.64
C LYS D 351 -1.35 25.60 5.04
N VAL D 352 -2.19 24.64 5.44
CA VAL D 352 -2.81 24.68 6.75
C VAL D 352 -1.79 24.20 7.79
N TYR D 353 -1.61 24.98 8.84
CA TYR D 353 -0.63 24.67 9.86
C TYR D 353 -1.01 23.40 10.62
N LYS D 354 -0.03 22.54 10.87
CA LYS D 354 -0.24 21.32 11.62
C LYS D 354 0.04 21.57 13.10
N SER D 355 -0.88 21.14 13.95
CA SER D 355 -0.77 21.31 15.39
C SER D 355 -0.21 20.03 16.00
N PHE D 356 -0.16 19.98 17.33
CA PHE D 356 0.32 18.78 18.00
C PHE D 356 -0.69 17.64 17.91
N SER D 357 -1.98 17.97 17.83
CA SER D 357 -2.99 16.93 17.66
C SER D 357 -2.83 16.21 16.32
N ASP D 358 -2.47 16.95 15.28
CA ASP D 358 -2.16 16.31 14.00
C ASP D 358 -0.91 15.47 14.09
N VAL D 359 0.08 15.93 14.85
CA VAL D 359 1.34 15.20 14.98
C VAL D 359 1.12 13.86 15.69
N ILE D 360 0.34 13.86 16.78
CA ILE D 360 0.10 12.61 17.49
C ILE D 360 -0.82 11.69 16.68
N GLU D 361 -1.72 12.25 15.89
CA GLU D 361 -2.58 11.45 15.04
C GLU D 361 -2.02 11.35 13.62
N VAL D 383 17.39 -9.36 -5.77
CA VAL D 383 16.18 -9.99 -6.26
C VAL D 383 16.14 -11.45 -5.85
N ILE D 384 14.96 -12.05 -5.92
CA ILE D 384 14.74 -13.43 -5.49
C ILE D 384 14.74 -14.33 -6.72
N VAL D 385 15.49 -15.43 -6.64
CA VAL D 385 15.60 -16.40 -7.70
C VAL D 385 15.35 -17.79 -7.10
N VAL D 386 14.64 -18.63 -7.85
CA VAL D 386 14.28 -19.95 -7.34
C VAL D 386 15.49 -20.86 -7.35
N GLY D 387 15.65 -21.65 -6.29
CA GLY D 387 16.56 -22.76 -6.29
C GLY D 387 15.87 -24.06 -5.93
N PRO D 388 15.68 -24.94 -6.91
CA PRO D 388 14.91 -26.17 -6.65
C PRO D 388 15.67 -27.22 -5.87
N SER D 389 16.99 -27.15 -5.82
CA SER D 389 17.77 -28.15 -5.08
C SER D 389 17.91 -27.80 -3.60
N LEU D 390 17.49 -26.62 -3.17
CA LEU D 390 17.59 -26.24 -1.77
C LEU D 390 16.71 -27.11 -0.90
N SER D 391 17.13 -27.29 0.35
CA SER D 391 16.26 -27.91 1.33
C SER D 391 15.18 -26.91 1.76
N LEU D 392 14.15 -27.43 2.43
CA LEU D 392 13.06 -26.58 2.88
C LEU D 392 13.51 -25.57 3.91
N HIS D 393 14.55 -25.89 4.68
CA HIS D 393 14.99 -25.07 5.80
C HIS D 393 16.20 -24.21 5.45
N ARG D 394 16.63 -24.18 4.20
CA ARG D 394 17.82 -23.46 3.81
C ARG D 394 17.50 -22.36 2.80
N CYS D 395 18.41 -21.42 2.71
CA CYS D 395 18.36 -20.35 1.72
C CYS D 395 19.79 -20.00 1.33
N GLY D 396 19.93 -19.36 0.17
CA GLY D 396 21.23 -18.98 -0.35
C GLY D 396 21.41 -17.47 -0.33
N LEU D 397 22.54 -17.03 0.21
CA LEU D 397 22.81 -15.61 0.25
C LEU D 397 24.04 -15.27 -0.58
N PRO D 398 24.01 -14.17 -1.32
CA PRO D 398 25.21 -13.72 -2.03
C PRO D 398 26.29 -13.26 -1.07
N ARG D 399 27.53 -13.29 -1.57
CA ARG D 399 28.66 -12.83 -0.76
C ARG D 399 28.49 -11.36 -0.38
N GLU D 400 28.06 -10.53 -1.33
CA GLU D 400 27.94 -9.10 -1.07
C GLU D 400 26.88 -8.80 -0.02
N ILE D 401 25.83 -9.62 0.05
CA ILE D 401 24.80 -9.43 1.06
C ILE D 401 25.22 -10.08 2.38
N ALA D 402 25.83 -11.26 2.31
CA ALA D 402 26.19 -11.98 3.53
C ALA D 402 27.26 -11.24 4.31
N ILE D 403 28.25 -10.67 3.63
CA ILE D 403 29.36 -10.03 4.33
C ILE D 403 28.88 -8.79 5.08
N GLU D 404 27.90 -8.07 4.54
CA GLU D 404 27.35 -6.93 5.27
C GLU D 404 26.52 -7.39 6.47
N LEU D 405 25.68 -8.42 6.27
CA LEU D 405 24.82 -8.90 7.34
C LEU D 405 25.62 -9.48 8.50
N PHE D 406 26.75 -10.12 8.20
CA PHE D 406 27.53 -10.85 9.19
C PHE D 406 28.87 -10.17 9.48
N GLN D 407 29.00 -8.88 9.19
CA GLN D 407 30.29 -8.21 9.31
C GLN D 407 30.83 -8.25 10.73
N THR D 408 29.95 -8.05 11.71
CA THR D 408 30.40 -8.07 13.11
C THR D 408 30.97 -9.44 13.49
N PHE D 409 30.38 -10.51 12.96
CA PHE D 409 30.88 -11.85 13.26
C PHE D 409 32.16 -12.15 12.49
N VAL D 410 32.28 -11.65 11.27
CA VAL D 410 33.52 -11.85 10.52
C VAL D 410 34.68 -11.12 11.20
N ILE D 411 34.42 -9.92 11.72
CA ILE D 411 35.45 -9.18 12.43
C ILE D 411 35.89 -9.94 13.68
N ARG D 412 34.92 -10.47 14.43
CA ARG D 412 35.26 -11.23 15.63
C ARG D 412 36.02 -12.50 15.30
N GLY D 413 35.61 -13.20 14.23
CA GLY D 413 36.31 -14.40 13.82
C GLY D 413 37.74 -14.13 13.42
N LEU D 414 37.98 -13.01 12.73
CA LEU D 414 39.34 -12.64 12.36
C LEU D 414 40.19 -12.35 13.59
N ILE D 415 39.64 -11.63 14.56
CA ILE D 415 40.39 -11.32 15.78
C ILE D 415 40.58 -12.58 16.62
N ARG D 416 39.56 -13.42 16.71
CA ARG D 416 39.65 -14.61 17.55
C ARG D 416 40.74 -15.54 17.07
N GLN D 417 40.85 -15.74 15.76
CA GLN D 417 41.88 -16.60 15.20
C GLN D 417 43.15 -15.85 14.84
N HIS D 418 43.28 -14.60 15.30
CA HIS D 418 44.50 -13.81 15.19
C HIS D 418 44.92 -13.55 13.75
N LEU D 419 43.96 -13.63 12.81
CA LEU D 419 44.24 -13.20 11.45
C LEU D 419 44.22 -11.68 11.31
N ALA D 420 43.62 -10.99 12.27
CA ALA D 420 43.62 -9.54 12.32
C ALA D 420 43.98 -9.10 13.74
N SER D 421 44.85 -8.10 13.84
CA SER D 421 45.34 -7.68 15.16
C SER D 421 44.23 -7.05 15.99
N ASN D 422 43.40 -6.20 15.39
CA ASN D 422 42.36 -5.50 16.12
C ASN D 422 41.18 -5.24 15.18
N ILE D 423 40.26 -4.38 15.62
CA ILE D 423 39.08 -4.07 14.83
C ILE D 423 39.45 -3.28 13.58
N GLY D 424 40.40 -2.34 13.71
CA GLY D 424 40.78 -1.53 12.57
C GLY D 424 41.39 -2.35 11.44
N VAL D 425 42.24 -3.31 11.78
CA VAL D 425 42.86 -4.16 10.76
C VAL D 425 41.82 -5.10 10.16
N ALA D 426 40.94 -5.65 11.00
CA ALA D 426 39.91 -6.57 10.51
C ALA D 426 38.99 -5.90 9.51
N LYS D 427 38.83 -4.58 9.60
CA LYS D 427 38.01 -3.88 8.63
C LYS D 427 38.69 -3.78 7.27
N SER D 428 40.01 -3.59 7.26
CA SER D 428 40.71 -3.42 5.98
C SER D 428 40.70 -4.73 5.18
N GLN D 429 40.86 -5.87 5.84
CA GLN D 429 40.82 -7.14 5.13
C GLN D 429 39.46 -7.37 4.49
N ILE D 430 38.39 -7.02 5.20
CA ILE D 430 37.06 -7.08 4.59
C ILE D 430 36.95 -6.09 3.44
N ARG D 431 37.51 -4.89 3.61
CA ARG D 431 37.47 -3.89 2.56
C ARG D 431 38.20 -4.37 1.31
N GLU D 432 39.38 -4.96 1.49
CA GLU D 432 40.25 -5.34 0.37
C GLU D 432 39.94 -6.73 -0.18
N LYS D 433 38.88 -7.38 0.31
CA LYS D 433 38.46 -8.69 -0.18
C LYS D 433 39.57 -9.73 -0.06
N LYS D 434 40.31 -9.68 1.04
CA LYS D 434 41.33 -10.69 1.30
C LYS D 434 40.66 -12.05 1.38
N PRO D 435 41.17 -13.06 0.66
CA PRO D 435 40.42 -14.32 0.53
C PRO D 435 40.16 -15.03 1.85
N ILE D 436 40.94 -14.74 2.90
CA ILE D 436 40.69 -15.32 4.20
C ILE D 436 39.35 -14.86 4.78
N VAL D 437 38.81 -13.75 4.29
CA VAL D 437 37.53 -13.25 4.77
C VAL D 437 36.41 -14.23 4.44
N TRP D 438 36.42 -14.81 3.23
CA TRP D 438 35.33 -15.68 2.82
C TRP D 438 35.36 -17.01 3.55
N GLU D 439 36.53 -17.50 3.93
CA GLU D 439 36.60 -18.70 4.76
C GLU D 439 35.96 -18.46 6.12
N ILE D 440 36.24 -17.30 6.73
CA ILE D 440 35.64 -16.96 8.01
C ILE D 440 34.13 -16.75 7.86
N LEU D 441 33.71 -16.11 6.77
CA LEU D 441 32.28 -15.86 6.58
C LEU D 441 31.49 -17.15 6.52
N GLN D 442 32.03 -18.17 5.84
CA GLN D 442 31.38 -19.48 5.80
C GLN D 442 31.27 -20.09 7.19
N GLU D 443 32.32 -19.92 8.01
CA GLU D 443 32.32 -20.50 9.35
C GLU D 443 31.26 -19.86 10.24
N VAL D 444 31.21 -18.53 10.28
CA VAL D 444 30.31 -17.85 11.21
C VAL D 444 28.87 -17.96 10.73
N MET D 445 28.65 -18.13 9.43
CA MET D 445 27.29 -18.26 8.94
C MET D 445 26.67 -19.59 9.33
N GLN D 446 27.49 -20.65 9.40
CA GLN D 446 26.97 -21.97 9.73
C GLN D 446 26.35 -21.97 11.13
N GLY D 447 25.14 -22.51 11.22
CA GLY D 447 24.45 -22.56 12.50
C GLY D 447 23.86 -21.24 12.95
N HIS D 448 23.85 -20.22 12.11
CA HIS D 448 23.27 -18.92 12.44
C HIS D 448 22.10 -18.61 11.52
N PRO D 449 20.87 -18.84 11.96
CA PRO D 449 19.72 -18.61 11.09
C PRO D 449 19.44 -17.12 10.89
N VAL D 450 18.77 -16.81 9.78
CA VAL D 450 18.36 -15.46 9.47
C VAL D 450 16.86 -15.45 9.20
N LEU D 451 16.25 -14.29 9.40
CA LEU D 451 14.83 -14.10 9.14
C LEU D 451 14.65 -13.43 7.79
N LEU D 452 13.80 -14.01 6.95
CA LEU D 452 13.51 -13.47 5.63
C LEU D 452 12.07 -12.99 5.59
N ASN D 453 11.88 -11.76 5.13
CA ASN D 453 10.55 -11.20 5.03
C ASN D 453 10.26 -10.71 3.62
N LEU D 461 3.28 -16.51 7.69
CA LEU D 461 4.34 -17.23 7.02
C LEU D 461 5.05 -16.33 6.02
N GLY D 462 4.68 -15.04 6.02
CA GLY D 462 5.41 -14.07 5.24
C GLY D 462 6.84 -13.90 5.73
N ILE D 463 7.06 -14.08 7.03
CA ILE D 463 8.38 -14.06 7.63
C ILE D 463 8.70 -15.44 8.17
N GLN D 464 9.83 -15.99 7.77
CA GLN D 464 10.27 -17.30 8.24
C GLN D 464 11.75 -17.23 8.57
N SER D 465 12.25 -18.33 9.11
CA SER D 465 13.66 -18.46 9.45
C SER D 465 14.27 -19.58 8.61
N PHE D 466 15.43 -19.31 8.04
CA PHE D 466 16.16 -20.28 7.24
C PHE D 466 17.61 -20.31 7.69
N GLN D 467 18.28 -21.42 7.41
CA GLN D 467 19.71 -21.51 7.60
C GLN D 467 20.38 -21.04 6.32
N PRO D 468 21.11 -19.93 6.33
CA PRO D 468 21.73 -19.43 5.10
C PRO D 468 22.98 -20.21 4.72
N ILE D 469 23.17 -20.35 3.41
CA ILE D 469 24.39 -20.90 2.84
C ILE D 469 24.89 -19.92 1.79
N LEU D 470 26.20 -19.80 1.66
CA LEU D 470 26.78 -18.91 0.66
C LEU D 470 26.60 -19.51 -0.73
N VAL D 471 26.14 -18.70 -1.67
CA VAL D 471 25.96 -19.15 -3.05
C VAL D 471 26.74 -18.22 -3.98
N GLU D 472 27.05 -18.76 -5.15
CA GLU D 472 27.64 -17.96 -6.21
C GLU D 472 26.60 -17.01 -6.79
N GLY D 473 27.07 -15.91 -7.35
CA GLY D 473 26.20 -14.95 -7.98
C GLY D 473 25.92 -13.72 -7.14
N ARG D 474 24.82 -13.05 -7.48
CA ARG D 474 24.46 -11.80 -6.83
C ARG D 474 23.02 -11.79 -6.32
N THR D 475 22.30 -12.90 -6.43
CA THR D 475 20.88 -12.96 -6.09
C THR D 475 20.66 -13.87 -4.89
N ILE D 476 19.55 -13.64 -4.21
CA ILE D 476 19.11 -14.50 -3.12
C ILE D 476 18.34 -15.67 -3.71
N CYS D 477 18.70 -16.88 -3.29
CA CYS D 477 18.13 -18.11 -3.83
C CYS D 477 17.20 -18.72 -2.79
N LEU D 478 15.94 -18.92 -3.15
CA LEU D 478 14.95 -19.49 -2.27
C LEU D 478 14.40 -20.78 -2.85
N HIS D 479 14.03 -21.71 -1.98
CA HIS D 479 13.45 -22.95 -2.43
C HIS D 479 12.05 -22.70 -3.01
N PRO D 480 11.58 -23.56 -3.92
CA PRO D 480 10.41 -23.20 -4.75
C PRO D 480 9.13 -22.99 -3.96
N LEU D 481 9.02 -23.47 -2.72
CA LEU D 481 7.83 -23.29 -1.93
C LEU D 481 7.85 -22.01 -1.09
N VAL D 482 8.78 -21.10 -1.36
CA VAL D 482 8.75 -19.75 -0.79
C VAL D 482 9.16 -18.72 -1.83
N MET D 495 12.67 -6.84 -0.13
CA MET D 495 13.25 -7.97 0.60
C MET D 495 14.01 -7.51 1.83
N ALA D 496 13.68 -8.11 2.97
CA ALA D 496 14.30 -7.78 4.25
C ALA D 496 14.94 -9.04 4.82
N VAL D 497 16.18 -8.90 5.29
CA VAL D 497 16.89 -9.98 5.97
C VAL D 497 17.32 -9.47 7.33
N HIS D 498 16.97 -10.20 8.38
CA HIS D 498 17.34 -9.87 9.74
C HIS D 498 18.19 -10.99 10.32
N VAL D 499 19.26 -10.62 10.99
CA VAL D 499 20.15 -11.57 11.66
C VAL D 499 19.92 -11.45 13.15
N PRO D 500 19.38 -12.47 13.82
CA PRO D 500 19.27 -12.42 15.28
C PRO D 500 20.63 -12.29 15.92
N LEU D 501 20.73 -11.42 16.93
CA LEU D 501 22.01 -11.15 17.59
C LEU D 501 22.14 -11.92 18.90
N SER D 502 21.20 -11.73 19.82
CA SER D 502 21.28 -12.38 21.12
C SER D 502 21.02 -13.88 21.00
N LEU D 503 21.51 -14.63 21.98
CA LEU D 503 21.27 -16.07 22.00
C LEU D 503 19.79 -16.38 22.21
N GLU D 504 19.07 -15.51 22.93
CA GLU D 504 17.63 -15.68 23.08
C GLU D 504 16.92 -15.56 21.73
N ALA D 505 17.35 -14.61 20.91
CA ALA D 505 16.73 -14.45 19.59
C ALA D 505 17.15 -15.56 18.64
N GLN D 506 18.39 -16.04 18.77
CA GLN D 506 18.85 -17.14 17.92
C GLN D 506 18.14 -18.44 18.29
N ALA D 507 17.84 -18.64 19.58
CA ALA D 507 17.09 -19.83 19.96
C ALA D 507 15.68 -19.81 19.39
N GLU D 508 15.02 -18.67 19.46
CA GLU D 508 13.65 -18.56 18.95
C GLU D 508 13.61 -18.81 17.45
N ALA D 509 14.58 -18.27 16.71
CA ALA D 509 14.61 -18.44 15.27
C ALA D 509 14.77 -19.91 14.89
N ARG D 510 15.66 -20.62 15.57
CA ARG D 510 15.92 -22.01 15.20
C ARG D 510 14.81 -22.94 15.66
N LEU D 511 14.21 -22.66 16.83
CA LEU D 511 13.32 -23.63 17.48
C LEU D 511 11.85 -23.33 17.29
N LEU D 512 11.49 -22.13 16.85
CA LEU D 512 10.09 -21.79 16.67
C LEU D 512 9.72 -21.38 15.26
N MET D 513 10.64 -20.76 14.52
CA MET D 513 10.32 -20.14 13.24
C MET D 513 10.85 -20.92 12.03
N PHE D 514 11.42 -22.11 12.23
CA PHE D 514 11.95 -22.84 11.10
C PHE D 514 10.83 -23.50 10.30
N SER D 515 11.12 -23.75 9.03
CA SER D 515 10.11 -24.11 8.04
C SER D 515 9.67 -25.57 8.12
N HIS D 516 10.00 -26.29 9.19
CA HIS D 516 9.61 -27.68 9.34
C HIS D 516 8.81 -27.98 10.58
N MET D 517 8.77 -27.09 11.57
CA MET D 517 7.83 -27.23 12.67
C MET D 517 6.56 -26.44 12.44
N ASN D 518 6.43 -25.81 11.27
CA ASN D 518 5.23 -25.07 10.90
C ASN D 518 4.63 -25.64 9.62
N LEU D 519 4.52 -26.96 9.54
CA LEU D 519 3.99 -27.62 8.36
C LEU D 519 2.47 -27.54 8.25
N LEU D 520 1.77 -27.20 9.32
CA LEU D 520 0.31 -27.12 9.30
C LEU D 520 -0.12 -25.67 9.50
N SER D 521 -1.10 -25.25 8.72
CA SER D 521 -1.62 -23.89 8.88
C SER D 521 -2.58 -23.83 10.06
N PRO D 522 -2.61 -22.72 10.79
CA PRO D 522 -3.49 -22.63 11.97
C PRO D 522 -4.97 -22.48 11.65
N ALA D 523 -5.34 -22.15 10.41
CA ALA D 523 -6.74 -21.87 10.11
C ALA D 523 -7.62 -23.10 10.30
N ILE D 524 -7.25 -24.21 9.67
CA ILE D 524 -8.05 -25.43 9.78
C ILE D 524 -7.16 -26.63 10.04
N GLY D 525 -5.85 -26.42 10.01
CA GLY D 525 -4.92 -27.52 10.19
C GLY D 525 -4.49 -28.19 8.91
N ASP D 526 -4.62 -27.53 7.77
CA ASP D 526 -4.19 -28.05 6.48
C ASP D 526 -2.67 -27.95 6.34
N PRO D 527 -2.06 -28.83 5.54
CA PRO D 527 -0.64 -28.68 5.24
C PRO D 527 -0.36 -27.42 4.44
N ILE D 528 0.82 -26.84 4.65
CA ILE D 528 1.19 -25.61 3.96
C ILE D 528 1.96 -25.90 2.67
N SER D 529 2.96 -26.79 2.72
CA SER D 529 3.84 -27.03 1.58
C SER D 529 3.44 -28.30 0.83
N VAL D 530 2.28 -28.23 0.18
CA VAL D 530 1.86 -29.28 -0.73
C VAL D 530 2.48 -28.98 -2.09
N PRO D 531 3.02 -29.97 -2.81
CA PRO D 531 3.58 -29.70 -4.13
C PRO D 531 2.54 -29.11 -5.07
N THR D 532 2.98 -28.15 -5.90
CA THR D 532 2.10 -27.47 -6.83
C THR D 532 2.78 -27.36 -8.19
N GLN D 533 1.95 -27.08 -9.21
CA GLN D 533 2.38 -26.68 -10.55
C GLN D 533 3.23 -27.79 -11.16
N ASP D 534 4.50 -27.55 -11.50
CA ASP D 534 5.28 -28.56 -12.21
C ASP D 534 5.54 -29.79 -11.35
N MET D 535 5.70 -29.62 -10.03
CA MET D 535 5.86 -30.78 -9.15
C MET D 535 4.62 -31.66 -9.21
N LEU D 536 3.43 -31.04 -9.21
CA LEU D 536 2.20 -31.79 -9.22
C LEU D 536 1.98 -32.50 -10.56
N ILE D 537 2.34 -31.83 -11.67
CA ILE D 537 2.20 -32.45 -12.98
C ILE D 537 3.10 -33.68 -13.10
N GLY D 538 4.32 -33.59 -12.56
CA GLY D 538 5.23 -34.71 -12.61
C GLY D 538 4.68 -35.94 -11.89
N LEU D 539 4.08 -35.75 -10.72
CA LEU D 539 3.48 -36.87 -10.02
C LEU D 539 2.28 -37.43 -10.76
N TYR D 540 1.48 -36.53 -11.36
CA TYR D 540 0.30 -36.97 -12.11
C TYR D 540 0.69 -37.84 -13.30
N VAL D 541 1.68 -37.39 -14.07
CA VAL D 541 2.14 -38.17 -15.21
C VAL D 541 2.77 -39.48 -14.74
N LEU D 542 3.52 -39.42 -13.64
CA LEU D 542 4.20 -40.60 -13.12
C LEU D 542 3.19 -41.69 -12.73
N THR D 543 2.09 -41.30 -12.10
CA THR D 543 1.13 -42.26 -11.56
C THR D 543 -0.09 -42.44 -12.44
N SER D 544 -0.13 -41.83 -13.61
CA SER D 544 -1.16 -42.16 -14.60
C SER D 544 -0.76 -43.49 -15.21
N GLY D 545 -1.52 -44.54 -14.92
CA GLY D 545 -1.06 -45.89 -15.19
C GLY D 545 -1.11 -46.28 -16.66
N THR D 546 -1.45 -47.53 -16.91
CA THR D 546 -1.51 -48.01 -18.28
C THR D 546 -2.83 -47.63 -18.94
N ARG D 547 -2.80 -47.56 -20.27
CA ARG D 547 -4.02 -47.43 -21.05
C ARG D 547 -4.86 -48.70 -20.93
N ARG D 548 -6.17 -48.54 -20.99
CA ARG D 548 -7.10 -49.62 -20.69
C ARG D 548 -8.15 -49.78 -21.78
N GLY D 549 -8.58 -51.02 -21.98
CA GLY D 549 -9.75 -51.29 -22.80
C GLY D 549 -9.53 -50.96 -24.26
N ILE D 550 -10.49 -50.21 -24.83
CA ILE D 550 -10.42 -49.83 -26.24
C ILE D 550 -9.30 -48.85 -26.53
N CYS D 551 -8.72 -48.24 -25.50
CA CYS D 551 -7.53 -47.41 -25.68
C CYS D 551 -6.23 -48.21 -25.60
N ALA D 552 -6.31 -49.49 -25.23
CA ALA D 552 -5.13 -50.35 -25.17
C ALA D 552 -5.07 -51.39 -26.28
N ASN D 553 -6.21 -51.82 -26.80
CA ASN D 553 -6.25 -52.84 -27.85
C ASN D 553 -7.19 -52.38 -28.95
N ARG D 554 -6.74 -52.50 -30.20
CA ARG D 554 -7.61 -52.18 -31.33
C ARG D 554 -8.79 -53.15 -31.39
N TYR D 555 -8.54 -54.42 -31.14
CA TYR D 555 -9.57 -55.44 -31.23
C TYR D 555 -9.89 -55.99 -29.84
N ASN D 556 -11.12 -56.46 -29.71
CA ASN D 556 -11.55 -57.15 -28.51
C ASN D 556 -10.74 -58.43 -28.33
N PRO D 557 -10.05 -58.60 -27.19
CA PRO D 557 -9.33 -59.86 -26.97
C PRO D 557 -10.26 -61.01 -26.66
N CYS D 558 -11.25 -61.23 -27.52
CA CYS D 558 -12.32 -62.23 -27.31
C CYS D 558 -13.10 -61.94 -26.04
N GLU D 578 2.50 -59.97 -20.87
CA GLU D 578 3.14 -58.91 -20.09
C GLU D 578 4.25 -59.47 -19.23
N PRO D 579 5.29 -58.67 -19.00
CA PRO D 579 6.44 -59.18 -18.24
C PRO D 579 6.12 -59.40 -16.77
N PHE D 580 6.77 -60.41 -16.20
CA PHE D 580 6.74 -60.69 -14.77
C PHE D 580 8.09 -60.31 -14.18
N PHE D 581 8.07 -59.61 -13.05
CA PHE D 581 9.29 -59.20 -12.37
C PHE D 581 9.31 -59.76 -10.97
N CYS D 582 10.47 -60.30 -10.58
CA CYS D 582 10.59 -60.94 -9.27
C CYS D 582 10.51 -59.93 -8.14
N ASN D 583 11.08 -58.73 -8.34
CA ASN D 583 11.03 -57.69 -7.33
C ASN D 583 10.98 -56.34 -8.04
N SER D 584 10.76 -55.29 -7.25
CA SER D 584 10.58 -53.96 -7.81
C SER D 584 11.87 -53.39 -8.38
N TYR D 585 13.02 -53.82 -7.85
CA TYR D 585 14.29 -53.34 -8.38
C TYR D 585 14.58 -53.89 -9.77
N ASP D 586 14.18 -55.13 -10.05
CA ASP D 586 14.32 -55.67 -11.40
C ASP D 586 13.44 -54.91 -12.39
N ALA D 587 12.22 -54.55 -11.98
CA ALA D 587 11.34 -53.80 -12.85
C ALA D 587 11.90 -52.42 -13.16
N ILE D 588 12.42 -51.74 -12.13
CA ILE D 588 13.01 -50.43 -12.35
C ILE D 588 14.27 -50.54 -13.20
N GLY D 589 15.06 -51.59 -13.00
CA GLY D 589 16.25 -51.78 -13.81
C GLY D 589 15.93 -52.05 -15.27
N ALA D 590 14.86 -52.79 -15.54
CA ALA D 590 14.41 -52.99 -16.92
C ALA D 590 13.94 -51.69 -17.54
N TYR D 591 13.36 -50.80 -16.74
CA TYR D 591 12.95 -49.50 -17.26
C TYR D 591 14.17 -48.64 -17.61
N ARG D 592 15.22 -48.70 -16.78
CA ARG D 592 16.43 -47.94 -17.08
C ARG D 592 17.10 -48.42 -18.36
N GLN D 593 17.01 -49.71 -18.64
CA GLN D 593 17.58 -50.26 -19.88
C GLN D 593 16.63 -50.14 -21.06
N LYS D 594 15.58 -49.32 -20.94
CA LYS D 594 14.62 -49.07 -22.01
C LYS D 594 13.96 -50.35 -22.50
N ARG D 595 13.79 -51.33 -21.61
CA ARG D 595 13.09 -52.56 -21.96
C ARG D 595 11.58 -52.42 -21.80
N ILE D 596 11.12 -51.55 -20.91
CA ILE D 596 9.71 -51.25 -20.74
C ILE D 596 9.55 -49.74 -20.68
N ASN D 597 8.32 -49.29 -20.90
CA ASN D 597 8.01 -47.88 -20.79
C ASN D 597 7.47 -47.57 -19.40
N LEU D 598 7.33 -46.27 -19.12
CA LEU D 598 6.94 -45.84 -17.77
C LEU D 598 5.51 -46.29 -17.44
N ASP D 599 4.66 -46.42 -18.45
CA ASP D 599 3.25 -46.77 -18.23
C ASP D 599 2.88 -48.11 -18.86
N SER D 600 3.86 -48.92 -19.23
CA SER D 600 3.55 -50.24 -19.77
C SER D 600 3.20 -51.19 -18.62
N PRO D 601 2.09 -51.94 -18.72
CA PRO D 601 1.68 -52.79 -17.61
C PRO D 601 2.66 -53.94 -17.36
N LEU D 602 2.75 -54.34 -16.09
CA LEU D 602 3.61 -55.45 -15.71
C LEU D 602 3.01 -56.11 -14.48
N TRP D 603 3.48 -57.32 -14.21
CA TRP D 603 3.12 -58.05 -13.01
C TRP D 603 4.30 -58.01 -12.05
N LEU D 604 4.03 -57.69 -10.80
CA LEU D 604 5.05 -57.61 -9.77
C LEU D 604 4.79 -58.68 -8.72
N ARG D 605 5.78 -59.55 -8.51
CA ARG D 605 5.72 -60.48 -7.39
C ARG D 605 5.71 -59.70 -6.09
N TRP D 606 4.71 -59.96 -5.26
CA TRP D 606 4.47 -59.20 -4.04
C TRP D 606 4.71 -60.10 -2.85
N GLN D 607 5.62 -59.69 -1.97
CA GLN D 607 6.01 -60.51 -0.83
C GLN D 607 5.70 -59.82 0.50
N LEU D 608 4.71 -58.94 0.50
CA LEU D 608 4.19 -58.28 1.69
C LEU D 608 2.73 -58.66 1.87
N ASP D 609 2.05 -57.98 2.79
CA ASP D 609 0.61 -58.14 2.91
C ASP D 609 -0.10 -57.40 1.77
N GLN D 610 -1.39 -57.69 1.63
CA GLN D 610 -2.20 -57.14 0.54
C GLN D 610 -2.62 -55.72 0.93
N ARG D 611 -1.82 -54.74 0.52
CA ARG D 611 -2.02 -53.35 0.89
C ARG D 611 -2.23 -52.47 -0.33
N VAL D 612 -2.82 -53.02 -1.39
CA VAL D 612 -3.03 -52.29 -2.63
C VAL D 612 -4.41 -51.68 -2.60
N ILE D 613 -4.47 -50.35 -2.65
CA ILE D 613 -5.75 -49.66 -2.70
C ILE D 613 -6.42 -49.99 -4.03
N ALA D 614 -7.62 -50.57 -3.97
CA ALA D 614 -8.33 -50.97 -5.17
C ALA D 614 -9.81 -50.98 -4.87
N SER D 615 -10.59 -51.06 -5.93
CA SER D 615 -12.04 -51.21 -5.79
C SER D 615 -12.35 -52.50 -5.05
N LYS D 616 -13.25 -52.41 -4.08
CA LYS D 616 -13.65 -53.58 -3.31
C LYS D 616 -14.56 -54.47 -4.14
N GLU D 617 -13.97 -55.35 -4.96
CA GLU D 617 -14.70 -56.18 -5.90
C GLU D 617 -14.26 -57.64 -5.77
N VAL D 618 -15.20 -58.55 -6.07
CA VAL D 618 -14.93 -59.98 -6.09
C VAL D 618 -14.12 -60.31 -7.32
N PRO D 619 -13.49 -61.49 -7.42
CA PRO D 619 -12.68 -61.80 -8.60
C PRO D 619 -13.50 -61.74 -9.89
N ILE D 620 -12.85 -61.26 -10.94
CA ILE D 620 -13.42 -61.37 -12.28
C ILE D 620 -13.60 -62.83 -12.66
N GLU D 621 -12.58 -63.65 -12.37
CA GLU D 621 -12.56 -65.04 -12.75
C GLU D 621 -11.76 -65.82 -11.70
N VAL D 622 -12.20 -67.03 -11.41
CA VAL D 622 -11.45 -67.97 -10.58
C VAL D 622 -11.15 -69.19 -11.45
N HIS D 623 -9.87 -69.51 -11.58
CA HIS D 623 -9.43 -70.70 -12.32
C HIS D 623 -9.04 -71.76 -11.30
N TYR D 624 -9.82 -72.82 -11.24
CA TYR D 624 -9.74 -73.83 -10.19
C TYR D 624 -9.28 -75.15 -10.81
N GLU D 625 -8.03 -75.52 -10.53
CA GLU D 625 -7.49 -76.77 -11.01
C GLU D 625 -8.00 -77.95 -10.17
N SER D 626 -8.17 -79.11 -10.83
CA SER D 626 -8.71 -80.27 -10.15
C SER D 626 -7.74 -80.89 -9.16
N PHE D 627 -6.49 -80.45 -9.13
CA PHE D 627 -5.54 -80.92 -8.14
C PHE D 627 -5.55 -80.08 -6.87
N GLY D 628 -6.29 -78.98 -6.83
CA GLY D 628 -6.51 -78.21 -5.61
C GLY D 628 -6.07 -76.77 -5.66
N ASN D 629 -5.24 -76.37 -6.62
CA ASN D 629 -4.79 -74.99 -6.71
C ASN D 629 -5.81 -74.16 -7.49
N TYR D 630 -6.05 -72.94 -7.02
CA TYR D 630 -6.94 -72.03 -7.72
C TYR D 630 -6.33 -70.63 -7.80
N HIS D 631 -6.56 -69.98 -8.93
CA HIS D 631 -6.06 -68.64 -9.22
C HIS D 631 -7.23 -67.67 -9.21
N GLU D 632 -7.13 -66.63 -8.39
CA GLU D 632 -8.16 -65.61 -8.31
C GLU D 632 -7.67 -64.36 -9.04
N ILE D 633 -8.35 -64.02 -10.13
CA ILE D 633 -7.94 -62.91 -10.98
C ILE D 633 -8.83 -61.72 -10.65
N TYR D 634 -8.24 -60.70 -10.03
CA TYR D 634 -8.93 -59.46 -9.75
C TYR D 634 -8.56 -58.43 -10.80
N ALA D 635 -9.16 -57.25 -10.71
CA ALA D 635 -8.91 -56.21 -11.69
C ALA D 635 -7.46 -55.72 -11.65
N HIS D 636 -6.81 -55.79 -10.48
CA HIS D 636 -5.47 -55.25 -10.33
C HIS D 636 -4.45 -56.22 -9.76
N TYR D 637 -4.85 -57.40 -9.29
CA TYR D 637 -3.89 -58.34 -8.77
C TYR D 637 -4.41 -59.77 -8.97
N LEU D 638 -3.48 -60.71 -8.89
CA LEU D 638 -3.78 -62.13 -8.96
C LEU D 638 -3.30 -62.79 -7.67
N ILE D 639 -4.17 -63.62 -7.09
CA ILE D 639 -3.86 -64.34 -5.86
C ILE D 639 -3.92 -65.83 -6.14
N VAL D 640 -2.86 -66.55 -5.80
CA VAL D 640 -2.75 -67.98 -6.03
C VAL D 640 -2.85 -68.67 -4.67
N ARG D 641 -3.82 -69.56 -4.53
CA ARG D 641 -4.09 -70.26 -3.29
C ARG D 641 -4.28 -71.74 -3.58
N SER D 642 -4.45 -72.53 -2.52
CA SER D 642 -4.59 -73.97 -2.65
C SER D 642 -5.49 -74.49 -1.54
N VAL D 643 -6.12 -75.63 -1.80
CA VAL D 643 -6.86 -76.35 -0.76
C VAL D 643 -6.01 -77.42 -0.11
N LYS D 644 -4.80 -77.68 -0.61
CA LYS D 644 -3.90 -78.64 -0.01
C LYS D 644 -2.81 -77.99 0.83
N LYS D 645 -2.19 -76.93 0.33
CA LYS D 645 -1.14 -76.22 1.03
C LYS D 645 -1.68 -74.92 1.62
N GLU D 646 -0.83 -74.25 2.40
CA GLU D 646 -1.14 -72.95 2.99
C GLU D 646 -0.58 -71.80 2.17
N THR D 647 -0.20 -72.05 0.93
CA THR D 647 0.43 -71.03 0.10
C THR D 647 -0.53 -69.88 -0.18
N LEU D 648 0.04 -68.70 -0.36
CA LEU D 648 -0.72 -67.50 -0.74
C LEU D 648 0.26 -66.59 -1.48
N TYR D 649 0.20 -66.61 -2.82
CA TYR D 649 1.10 -65.84 -3.66
C TYR D 649 0.32 -64.70 -4.30
N ILE D 650 0.92 -63.51 -4.30
CA ILE D 650 0.26 -62.30 -4.76
C ILE D 650 1.10 -61.68 -5.88
N TYR D 651 0.45 -61.36 -6.99
CA TYR D 651 1.08 -60.63 -8.08
C TYR D 651 0.22 -59.42 -8.40
N ILE D 652 0.84 -58.24 -8.40
CA ILE D 652 0.14 -56.99 -8.63
C ILE D 652 0.37 -56.56 -10.06
N ARG D 653 -0.70 -56.18 -10.74
CA ARG D 653 -0.60 -55.58 -12.07
C ARG D 653 -0.44 -54.08 -11.91
N THR D 654 0.74 -53.57 -12.21
CA THR D 654 1.07 -52.17 -11.96
C THR D 654 1.92 -51.66 -13.11
N THR D 655 2.53 -50.50 -12.90
CA THR D 655 3.51 -49.91 -13.80
C THR D 655 4.72 -49.51 -12.99
N VAL D 656 5.83 -49.24 -13.67
CA VAL D 656 7.00 -48.74 -12.96
C VAL D 656 6.75 -47.36 -12.38
N GLY D 657 5.81 -46.60 -12.95
CA GLY D 657 5.47 -45.31 -12.37
C GLY D 657 4.91 -45.44 -10.96
N HIS D 658 3.96 -46.35 -10.77
CA HIS D 658 3.44 -46.60 -9.43
C HIS D 658 4.51 -47.16 -8.52
N ILE D 659 5.36 -48.05 -9.04
CA ILE D 659 6.45 -48.59 -8.25
C ILE D 659 7.41 -47.47 -7.84
N SER D 660 7.73 -46.58 -8.78
CA SER D 660 8.65 -45.49 -8.47
C SER D 660 8.11 -44.59 -7.38
N PHE D 661 6.81 -44.25 -7.44
CA PHE D 661 6.23 -43.39 -6.43
C PHE D 661 6.23 -44.06 -5.06
N TYR D 662 5.93 -45.36 -5.01
CA TYR D 662 5.95 -46.08 -3.74
C TYR D 662 7.37 -46.14 -3.17
N ARG D 663 8.35 -46.40 -4.04
CA ARG D 663 9.74 -46.53 -3.58
C ARG D 663 10.28 -45.21 -3.04
N GLU D 664 9.93 -44.10 -3.70
CA GLU D 664 10.47 -42.79 -3.30
C GLU D 664 10.06 -42.45 -1.87
N ILE D 665 8.78 -42.69 -1.53
CA ILE D 665 8.33 -42.40 -0.17
C ILE D 665 8.92 -43.41 0.81
N GLU D 666 8.97 -44.69 0.43
CA GLU D 666 9.51 -45.70 1.33
C GLU D 666 10.99 -45.48 1.60
N GLU D 667 11.76 -45.16 0.55
CA GLU D 667 13.19 -44.91 0.75
C GLU D 667 13.44 -43.61 1.49
N ALA D 668 12.55 -42.63 1.35
CA ALA D 668 12.68 -41.41 2.13
C ALA D 668 12.51 -41.69 3.61
N ILE D 669 11.51 -42.51 3.96
CA ILE D 669 11.29 -42.87 5.36
C ILE D 669 12.45 -43.69 5.90
N GLN D 670 12.94 -44.65 5.12
CA GLN D 670 14.06 -45.48 5.57
C GLN D 670 15.35 -44.69 5.65
N GLY D 671 15.57 -43.78 4.70
CA GLY D 671 16.79 -42.98 4.73
C GLY D 671 16.85 -42.07 5.94
N PHE D 672 15.73 -41.43 6.28
CA PHE D 672 15.68 -40.56 7.46
C PHE D 672 15.89 -41.36 8.74
N SER D 673 15.29 -42.54 8.85
CA SER D 673 15.45 -43.37 10.04
C SER D 673 16.91 -43.78 10.22
N GLN D 674 17.58 -44.17 9.14
CA GLN D 674 18.97 -44.60 9.25
C GLN D 674 19.87 -43.43 9.64
N ALA D 675 19.58 -42.23 9.14
CA ALA D 675 20.42 -41.07 9.40
C ALA D 675 20.21 -40.49 10.79
N CYS D 676 19.10 -40.79 11.46
CA CYS D 676 18.82 -40.22 12.76
C CYS D 676 18.98 -41.25 13.87
N ALA E 5 8.23 -49.75 6.69
CA ALA E 5 7.17 -48.76 6.83
C ALA E 5 5.87 -49.27 6.20
N ASN E 6 4.78 -49.17 6.94
CA ASN E 6 3.49 -49.69 6.49
C ASN E 6 2.74 -48.60 5.73
N LEU E 7 3.27 -48.27 4.56
CA LEU E 7 2.61 -47.37 3.63
C LEU E 7 1.69 -48.18 2.72
N VAL E 8 0.49 -47.65 2.48
CA VAL E 8 -0.40 -48.27 1.51
C VAL E 8 0.20 -48.12 0.12
N PHE E 9 -0.13 -49.05 -0.77
CA PHE E 9 0.35 -49.02 -2.14
C PHE E 9 -0.75 -48.42 -3.01
N HIS E 10 -0.58 -47.16 -3.39
CA HIS E 10 -1.50 -46.52 -4.32
C HIS E 10 -1.23 -47.05 -5.73
N ASN E 11 -2.31 -47.31 -6.46
CA ASN E 11 -2.12 -47.88 -7.79
C ASN E 11 -3.01 -47.26 -8.85
N LYS E 12 -3.56 -46.06 -8.63
CA LYS E 12 -4.42 -45.44 -9.64
C LYS E 12 -3.89 -44.13 -10.20
N VAL E 13 -3.83 -43.06 -9.42
CA VAL E 13 -3.33 -41.76 -9.88
C VAL E 13 -3.21 -40.81 -8.70
N ILE E 14 -2.25 -39.88 -8.77
CA ILE E 14 -1.99 -38.95 -7.68
C ILE E 14 -2.17 -37.54 -8.22
N ASP E 15 -3.32 -36.94 -7.94
CA ASP E 15 -3.61 -35.56 -8.30
C ASP E 15 -3.45 -34.68 -7.06
N GLY E 16 -3.87 -33.42 -7.18
CA GLY E 16 -3.59 -32.45 -6.13
C GLY E 16 -4.26 -32.78 -4.81
N THR E 17 -5.51 -33.20 -4.85
CA THR E 17 -6.24 -33.48 -3.60
C THR E 17 -5.76 -34.80 -2.97
N ALA E 18 -5.22 -35.72 -3.78
CA ALA E 18 -4.70 -36.96 -3.22
C ALA E 18 -3.37 -36.73 -2.51
N ILE E 19 -2.52 -35.88 -3.06
CA ILE E 19 -1.22 -35.64 -2.42
C ILE E 19 -1.40 -34.83 -1.15
N LYS E 20 -2.36 -33.90 -1.13
CA LYS E 20 -2.64 -33.13 0.08
C LYS E 20 -3.13 -34.04 1.20
N ARG E 21 -4.00 -35.00 0.87
CA ARG E 21 -4.47 -35.94 1.88
C ARG E 21 -3.33 -36.81 2.40
N LEU E 22 -2.47 -37.28 1.51
CA LEU E 22 -1.37 -38.15 1.94
C LEU E 22 -0.41 -37.42 2.87
N ILE E 23 -0.08 -36.17 2.56
CA ILE E 23 0.82 -35.40 3.41
C ILE E 23 0.24 -35.24 4.81
N SER E 24 -1.06 -34.96 4.89
CA SER E 24 -1.68 -34.78 6.20
C SER E 24 -1.65 -36.07 7.01
N ARG E 25 -1.84 -37.22 6.35
CA ARG E 25 -1.74 -38.49 7.04
C ARG E 25 -0.31 -38.80 7.43
N LEU E 26 0.66 -38.44 6.58
CA LEU E 26 2.07 -38.65 6.92
C LEU E 26 2.47 -37.81 8.13
N ILE E 27 1.97 -36.56 8.19
CA ILE E 27 2.27 -35.70 9.33
C ILE E 27 1.70 -36.30 10.61
N ASP E 28 0.46 -36.77 10.56
CA ASP E 28 -0.18 -37.29 11.76
C ASP E 28 0.45 -38.61 12.21
N HIS E 29 0.98 -39.39 11.28
CA HIS E 29 1.58 -40.67 11.62
C HIS E 29 3.07 -40.58 11.91
N PHE E 30 3.82 -39.85 11.10
CA PHE E 30 5.27 -39.80 11.21
C PHE E 30 5.80 -38.57 11.92
N GLY E 31 5.03 -37.49 12.00
CA GLY E 31 5.51 -36.24 12.52
C GLY E 31 6.10 -35.34 11.45
N MET E 32 6.40 -34.11 11.86
CA MET E 32 6.76 -33.06 10.91
C MET E 32 8.19 -33.20 10.38
N ALA E 33 9.13 -33.69 11.19
CA ALA E 33 10.50 -33.84 10.71
C ALA E 33 10.58 -34.89 9.61
N TYR E 34 9.90 -36.02 9.79
CA TYR E 34 9.85 -37.05 8.75
C TYR E 34 9.19 -36.51 7.49
N THR E 35 8.00 -35.92 7.65
CA THR E 35 7.23 -35.46 6.49
C THR E 35 7.95 -34.33 5.76
N SER E 36 8.71 -33.52 6.49
CA SER E 36 9.49 -32.48 5.83
C SER E 36 10.52 -33.09 4.89
N HIS E 37 11.17 -34.17 5.31
CA HIS E 37 12.10 -34.86 4.42
C HIS E 37 11.37 -35.58 3.29
N ILE E 38 10.19 -36.16 3.58
CA ILE E 38 9.41 -36.79 2.54
C ILE E 38 9.00 -35.76 1.49
N LEU E 39 8.58 -34.57 1.94
CA LEU E 39 8.17 -33.53 1.01
C LEU E 39 9.31 -33.15 0.08
N ASP E 40 10.52 -33.03 0.62
CA ASP E 40 11.68 -32.68 -0.21
C ASP E 40 11.93 -33.74 -1.27
N GLN E 41 11.80 -35.02 -0.91
CA GLN E 41 12.01 -36.10 -1.87
C GLN E 41 10.89 -36.14 -2.91
N VAL E 42 9.64 -36.00 -2.47
CA VAL E 42 8.52 -36.03 -3.41
C VAL E 42 8.59 -34.83 -4.36
N LYS E 43 8.94 -33.66 -3.83
CA LYS E 43 9.11 -32.48 -4.68
C LYS E 43 10.17 -32.72 -5.74
N THR E 44 11.30 -33.33 -5.36
CA THR E 44 12.35 -33.62 -6.33
C THR E 44 11.86 -34.60 -7.39
N LEU E 45 11.12 -35.63 -6.98
CA LEU E 45 10.61 -36.61 -7.93
C LEU E 45 9.65 -35.96 -8.93
N GLY E 46 8.77 -35.09 -8.46
CA GLY E 46 7.83 -34.44 -9.36
C GLY E 46 8.50 -33.56 -10.40
N PHE E 47 9.50 -32.77 -9.99
CA PHE E 47 10.23 -31.94 -10.94
C PHE E 47 10.94 -32.81 -11.98
N GLN E 48 11.56 -33.90 -11.56
CA GLN E 48 12.31 -34.75 -12.47
C GLN E 48 11.39 -35.41 -13.50
N GLN E 49 10.21 -35.85 -13.07
CA GLN E 49 9.31 -36.52 -14.00
C GLN E 49 8.62 -35.53 -14.93
N ALA E 50 8.29 -34.34 -14.42
CA ALA E 50 7.70 -33.31 -15.28
C ALA E 50 8.66 -32.94 -16.40
N THR E 51 9.96 -32.92 -16.12
CA THR E 51 10.94 -32.64 -17.17
C THR E 51 11.02 -33.79 -18.17
N ALA E 52 11.06 -35.04 -17.68
CA ALA E 52 11.24 -36.18 -18.56
C ALA E 52 10.05 -36.38 -19.49
N THR E 53 8.84 -36.09 -19.01
CA THR E 53 7.66 -36.17 -19.86
C THR E 53 7.55 -34.97 -20.80
N SER E 54 7.91 -33.78 -20.32
CA SER E 54 7.95 -32.54 -21.10
C SER E 54 6.58 -32.16 -21.67
N ILE E 55 5.65 -31.89 -20.76
CA ILE E 55 4.36 -31.35 -21.16
C ILE E 55 4.56 -29.98 -21.80
N SER E 56 3.78 -29.71 -22.84
CA SER E 56 3.93 -28.48 -23.62
C SER E 56 2.54 -27.99 -23.97
N LEU E 57 2.44 -27.06 -24.92
CA LEU E 57 1.13 -26.50 -25.29
C LEU E 57 1.21 -25.95 -26.70
N GLY E 58 0.44 -26.55 -27.61
CA GLY E 58 0.35 -26.08 -28.98
C GLY E 58 -1.06 -25.67 -29.35
N ILE E 59 -1.18 -25.11 -30.57
CA ILE E 59 -2.48 -24.71 -31.09
C ILE E 59 -3.42 -25.90 -31.16
N ASP E 60 -2.90 -27.04 -31.63
CA ASP E 60 -3.72 -28.24 -31.76
C ASP E 60 -4.21 -28.75 -30.42
N ASP E 61 -3.42 -28.57 -29.35
CA ASP E 61 -3.82 -29.03 -28.02
C ASP E 61 -5.03 -28.27 -27.48
N LEU E 62 -5.30 -27.07 -27.98
CA LEU E 62 -6.41 -26.27 -27.50
C LEU E 62 -7.69 -26.77 -28.16
N LEU E 63 -8.24 -27.83 -27.57
CA LEU E 63 -9.28 -28.63 -28.19
C LEU E 63 -10.66 -28.08 -27.85
N THR E 64 -11.43 -27.76 -28.89
CA THR E 64 -12.84 -27.41 -28.73
C THR E 64 -13.69 -28.66 -28.90
N ILE E 65 -14.78 -28.75 -28.15
CA ILE E 65 -15.64 -29.92 -28.20
C ILE E 65 -16.24 -30.03 -29.60
N PRO E 66 -16.52 -31.23 -30.09
CA PRO E 66 -16.95 -31.38 -31.49
C PRO E 66 -18.22 -30.64 -31.84
N SER E 67 -19.13 -30.45 -30.89
CA SER E 67 -20.47 -29.97 -31.19
C SER E 67 -20.60 -28.45 -31.10
N LYS E 68 -19.51 -27.71 -30.92
CA LYS E 68 -19.64 -26.26 -30.77
C LYS E 68 -20.25 -25.64 -32.02
N GLY E 69 -19.81 -26.07 -33.20
CA GLY E 69 -20.34 -25.50 -34.43
C GLY E 69 -21.84 -25.71 -34.58
N TRP E 70 -22.32 -26.90 -34.22
CA TRP E 70 -23.76 -27.17 -34.25
C TRP E 70 -24.51 -26.27 -33.28
N LEU E 71 -23.97 -26.10 -32.07
CA LEU E 71 -24.67 -25.34 -31.04
C LEU E 71 -24.68 -23.85 -31.35
N VAL E 72 -23.55 -23.32 -31.81
CA VAL E 72 -23.48 -21.90 -32.14
C VAL E 72 -24.39 -21.59 -33.32
N GLN E 73 -24.44 -22.47 -34.31
CA GLN E 73 -25.30 -22.26 -35.46
C GLN E 73 -26.78 -22.32 -35.08
N ASP E 74 -27.14 -23.17 -34.11
CA ASP E 74 -28.52 -23.22 -33.66
C ASP E 74 -28.92 -21.96 -32.91
N ALA E 75 -28.03 -21.45 -32.05
CA ALA E 75 -28.31 -20.21 -31.35
C ALA E 75 -28.39 -19.04 -32.31
N GLU E 76 -27.53 -19.03 -33.34
CA GLU E 76 -27.60 -17.98 -34.35
C GLU E 76 -28.93 -18.00 -35.09
N GLN E 77 -29.42 -19.21 -35.41
CA GLN E 77 -30.69 -19.31 -36.13
C GLN E 77 -31.86 -18.80 -35.30
N GLN E 78 -31.90 -19.15 -34.01
CA GLN E 78 -33.00 -18.69 -33.16
C GLN E 78 -32.94 -17.19 -32.95
N SER E 79 -31.74 -16.63 -32.79
CA SER E 79 -31.62 -15.18 -32.67
C SER E 79 -32.08 -14.49 -33.94
N LEU E 80 -31.71 -15.04 -35.10
CA LEU E 80 -32.07 -14.42 -36.37
C LEU E 80 -33.58 -14.39 -36.59
N ILE E 81 -34.25 -15.48 -36.23
CA ILE E 81 -35.71 -15.54 -36.40
C ILE E 81 -36.39 -14.57 -35.45
N LEU E 82 -35.91 -14.49 -34.21
CA LEU E 82 -36.53 -13.59 -33.24
C LEU E 82 -36.31 -12.13 -33.62
N GLU E 83 -35.13 -11.80 -34.14
CA GLU E 83 -34.86 -10.44 -34.56
C GLU E 83 -35.79 -10.01 -35.70
N LYS E 84 -36.11 -10.94 -36.59
CA LYS E 84 -37.04 -10.63 -37.67
C LYS E 84 -38.44 -10.36 -37.13
N HIS E 85 -38.92 -11.23 -36.23
CA HIS E 85 -40.26 -11.04 -35.69
C HIS E 85 -40.32 -9.88 -34.71
N HIS E 86 -39.19 -9.46 -34.15
CA HIS E 86 -39.16 -8.21 -33.41
C HIS E 86 -39.44 -7.04 -34.35
N HIS E 87 -38.83 -7.06 -35.53
CA HIS E 87 -39.06 -6.01 -36.52
C HIS E 87 -40.50 -6.00 -37.02
N TYR E 88 -41.15 -7.15 -37.07
CA TYR E 88 -42.54 -7.24 -37.47
C TYR E 88 -43.50 -6.77 -36.39
N GLY E 89 -43.04 -6.61 -35.15
CA GLY E 89 -43.91 -6.27 -34.05
C GLY E 89 -44.57 -7.43 -33.37
N ASN E 90 -44.02 -8.64 -33.49
CA ASN E 90 -44.60 -9.82 -32.86
C ASN E 90 -44.02 -10.11 -31.48
N VAL E 91 -42.83 -9.60 -31.19
CA VAL E 91 -42.27 -9.64 -29.84
C VAL E 91 -41.78 -8.24 -29.50
N HIS E 92 -41.76 -7.92 -28.22
CA HIS E 92 -41.31 -6.59 -27.80
C HIS E 92 -39.84 -6.62 -27.38
N ALA E 93 -39.28 -5.43 -27.20
CA ALA E 93 -37.84 -5.28 -27.07
C ALA E 93 -37.28 -6.00 -25.85
N VAL E 94 -38.05 -6.09 -24.77
CA VAL E 94 -37.56 -6.79 -23.58
C VAL E 94 -37.47 -8.29 -23.84
N GLU E 95 -38.43 -8.84 -24.59
CA GLU E 95 -38.37 -10.25 -24.94
C GLU E 95 -37.13 -10.55 -25.79
N LYS E 96 -36.82 -9.67 -26.74
CA LYS E 96 -35.61 -9.84 -27.53
C LYS E 96 -34.36 -9.75 -26.66
N LEU E 97 -34.37 -8.83 -25.68
CA LEU E 97 -33.22 -8.67 -24.80
C LEU E 97 -32.98 -9.92 -23.98
N ARG E 98 -34.04 -10.48 -23.37
CA ARG E 98 -33.90 -11.66 -22.54
C ARG E 98 -33.41 -12.85 -23.36
N GLN E 99 -33.99 -13.05 -24.55
CA GLN E 99 -33.63 -14.20 -25.36
C GLN E 99 -32.16 -14.17 -25.76
N SER E 100 -31.66 -12.99 -26.13
CA SER E 100 -30.28 -12.88 -26.54
C SER E 100 -29.33 -13.23 -25.40
N ILE E 101 -29.61 -12.75 -24.19
CA ILE E 101 -28.74 -13.03 -23.05
C ILE E 101 -28.87 -14.49 -22.64
N GLU E 102 -30.09 -15.00 -22.56
CA GLU E 102 -30.30 -16.33 -22.00
C GLU E 102 -29.90 -17.45 -22.96
N ILE E 103 -30.09 -17.26 -24.27
CA ILE E 103 -29.73 -18.33 -25.20
C ILE E 103 -28.21 -18.49 -25.27
N TRP E 104 -27.46 -17.40 -25.18
CA TRP E 104 -26.01 -17.49 -25.30
C TRP E 104 -25.36 -17.88 -23.98
N TYR E 105 -25.95 -17.47 -22.85
CA TYR E 105 -25.44 -17.93 -21.57
C TYR E 105 -25.60 -19.43 -21.43
N ALA E 106 -26.76 -19.96 -21.83
CA ALA E 106 -26.99 -21.40 -21.75
C ALA E 106 -26.07 -22.15 -22.69
N THR E 107 -25.84 -21.62 -23.89
CA THR E 107 -24.92 -22.24 -24.83
C THR E 107 -23.52 -22.29 -24.25
N SER E 108 -23.06 -21.18 -23.68
CA SER E 108 -21.72 -21.14 -23.10
C SER E 108 -21.61 -22.10 -21.92
N GLU E 109 -22.63 -22.15 -21.06
CA GLU E 109 -22.57 -23.03 -19.91
C GLU E 109 -22.61 -24.50 -20.31
N TYR E 110 -23.32 -24.82 -21.40
CA TYR E 110 -23.33 -26.19 -21.88
C TYR E 110 -21.97 -26.60 -22.44
N LEU E 111 -21.29 -25.69 -23.14
CA LEU E 111 -19.96 -26.00 -23.65
C LEU E 111 -18.99 -26.29 -22.50
N ARG E 112 -19.05 -25.50 -21.43
CA ARG E 112 -18.18 -25.72 -20.29
C ARG E 112 -18.46 -27.05 -19.60
N GLN E 113 -19.74 -27.42 -19.50
CA GLN E 113 -20.11 -28.69 -18.88
C GLN E 113 -19.59 -29.87 -19.68
N GLU E 114 -19.66 -29.79 -21.00
CA GLU E 114 -19.21 -30.89 -21.86
C GLU E 114 -17.70 -30.91 -22.05
N MET E 115 -16.98 -29.88 -21.59
CA MET E 115 -15.55 -29.80 -21.87
C MET E 115 -14.78 -30.93 -21.20
N ASN E 116 -15.00 -31.16 -19.90
CA ASN E 116 -14.24 -32.19 -19.20
C ASN E 116 -14.53 -33.60 -19.71
N PRO E 117 -15.79 -34.02 -19.89
CA PRO E 117 -16.01 -35.37 -20.45
C PRO E 117 -15.41 -35.57 -21.83
N ASN E 118 -15.36 -34.53 -22.67
CA ASN E 118 -14.68 -34.69 -23.96
C ASN E 118 -13.21 -34.99 -23.76
N PHE E 119 -12.55 -34.29 -22.84
CA PHE E 119 -11.15 -34.60 -22.52
C PHE E 119 -11.01 -35.98 -21.91
N ARG E 120 -11.88 -36.33 -20.95
CA ARG E 120 -11.75 -37.61 -20.26
C ARG E 120 -11.94 -38.79 -21.21
N MET E 121 -12.76 -38.63 -22.23
CA MET E 121 -13.12 -39.73 -23.10
C MET E 121 -12.24 -39.83 -24.34
N THR E 122 -11.82 -38.70 -24.91
CA THR E 122 -11.17 -38.70 -26.21
C THR E 122 -9.72 -38.25 -26.20
N ASP E 123 -9.30 -37.44 -25.22
CA ASP E 123 -7.90 -37.00 -25.13
C ASP E 123 -7.51 -36.87 -23.66
N PRO E 124 -7.41 -38.01 -22.96
CA PRO E 124 -7.12 -37.96 -21.52
C PRO E 124 -5.79 -37.32 -21.18
N PHE E 125 -4.80 -37.43 -22.05
CA PHE E 125 -3.47 -36.87 -21.81
C PHE E 125 -3.24 -35.59 -22.62
N ASN E 126 -4.30 -34.88 -22.95
CA ASN E 126 -4.15 -33.57 -23.55
C ASN E 126 -3.42 -32.65 -22.58
N PRO E 127 -2.42 -31.90 -23.06
CA PRO E 127 -1.65 -31.06 -22.13
C PRO E 127 -2.47 -30.00 -21.41
N VAL E 128 -3.46 -29.39 -22.09
CA VAL E 128 -4.26 -28.36 -21.46
C VAL E 128 -5.15 -28.98 -20.39
N HIS E 129 -5.65 -30.19 -20.65
CA HIS E 129 -6.49 -30.87 -19.67
C HIS E 129 -5.69 -31.30 -18.46
N MET E 130 -4.48 -31.82 -18.67
CA MET E 130 -3.68 -32.33 -17.55
C MET E 130 -3.26 -31.22 -16.60
N MET E 131 -3.03 -30.01 -17.10
CA MET E 131 -2.62 -28.92 -16.21
C MET E 131 -3.71 -28.58 -15.21
N SER E 132 -4.96 -28.47 -15.67
CA SER E 132 -6.04 -28.05 -14.78
C SER E 132 -6.66 -29.21 -14.02
N PHE E 133 -6.83 -30.36 -14.68
CA PHE E 133 -7.52 -31.49 -14.06
C PHE E 133 -6.71 -32.06 -12.89
N SER E 134 -5.39 -32.13 -13.04
CA SER E 134 -4.53 -32.59 -11.96
C SER E 134 -4.47 -31.61 -10.79
N GLY E 135 -4.94 -30.38 -10.97
CA GLY E 135 -4.81 -29.35 -9.97
C GLY E 135 -3.49 -28.62 -9.99
N ALA E 136 -2.67 -28.83 -11.02
CA ALA E 136 -1.35 -28.21 -11.04
C ALA E 136 -1.44 -26.71 -11.32
N ARG E 137 -2.25 -26.32 -12.31
CA ARG E 137 -2.34 -24.92 -12.70
C ARG E 137 -3.55 -24.66 -13.59
N GLY E 138 -4.38 -23.71 -13.21
CA GLY E 138 -5.53 -23.37 -14.04
C GLY E 138 -6.78 -24.12 -13.62
N ASN E 139 -7.92 -23.51 -13.92
CA ASN E 139 -9.22 -24.09 -13.62
C ASN E 139 -10.03 -24.20 -14.90
N ALA E 140 -11.23 -24.75 -14.79
CA ALA E 140 -12.08 -24.96 -15.96
C ALA E 140 -12.47 -23.63 -16.60
N SER E 141 -12.70 -22.61 -15.77
CA SER E 141 -13.13 -21.32 -16.31
C SER E 141 -12.07 -20.71 -17.23
N GLN E 142 -10.81 -20.71 -16.79
CA GLN E 142 -9.75 -20.19 -17.63
C GLN E 142 -9.58 -21.04 -18.89
N VAL E 143 -9.68 -22.36 -18.75
CA VAL E 143 -9.60 -23.24 -19.92
C VAL E 143 -10.78 -23.00 -20.85
N HIS E 144 -11.97 -22.78 -20.28
CA HIS E 144 -13.14 -22.47 -21.09
C HIS E 144 -12.93 -21.23 -21.93
N GLN E 145 -12.18 -20.25 -21.43
CA GLN E 145 -11.88 -19.06 -22.22
C GLN E 145 -11.01 -19.38 -23.43
N LEU E 146 -10.17 -20.42 -23.33
CA LEU E 146 -9.27 -20.79 -24.41
C LEU E 146 -9.94 -21.65 -25.47
N VAL E 147 -10.80 -22.58 -25.07
CA VAL E 147 -11.34 -23.58 -25.99
C VAL E 147 -12.85 -23.57 -26.07
N GLY E 148 -13.55 -22.88 -25.16
CA GLY E 148 -15.00 -22.82 -25.21
C GLY E 148 -15.50 -21.55 -25.87
N MET E 149 -15.98 -20.61 -25.05
CA MET E 149 -16.35 -19.29 -25.54
C MET E 149 -16.34 -18.34 -24.34
N ARG E 150 -16.02 -17.08 -24.62
CA ARG E 150 -15.85 -16.11 -23.54
C ARG E 150 -17.17 -15.67 -22.94
N GLY E 151 -18.29 -15.91 -23.62
CA GLY E 151 -19.59 -15.65 -23.04
C GLY E 151 -19.98 -14.18 -23.02
N LEU E 152 -20.76 -13.81 -22.01
CA LEU E 152 -21.33 -12.47 -21.90
C LEU E 152 -20.55 -11.64 -20.90
N MET E 153 -20.28 -10.39 -21.24
CA MET E 153 -19.60 -9.45 -20.37
C MET E 153 -20.59 -8.43 -19.83
N SER E 154 -20.20 -7.74 -18.76
CA SER E 154 -21.02 -6.73 -18.13
C SER E 154 -20.35 -5.36 -18.23
N ASP E 155 -21.15 -4.35 -18.55
CA ASP E 155 -20.68 -2.98 -18.56
C ASP E 155 -20.45 -2.50 -17.11
N PRO E 156 -19.73 -1.40 -16.92
CA PRO E 156 -19.40 -0.97 -15.55
C PRO E 156 -20.60 -0.72 -14.65
N GLN E 157 -21.73 -0.26 -15.21
CA GLN E 157 -22.90 0.02 -14.37
C GLN E 157 -23.84 -1.19 -14.26
N GLY E 158 -23.27 -2.34 -13.91
CA GLY E 158 -24.06 -3.51 -13.56
C GLY E 158 -24.60 -4.33 -14.71
N GLN E 159 -25.07 -3.68 -15.77
CA GLN E 159 -25.81 -4.38 -16.82
C GLN E 159 -24.86 -5.18 -17.71
N MET E 160 -25.46 -6.04 -18.53
CA MET E 160 -24.73 -6.86 -19.49
C MET E 160 -24.79 -6.23 -20.88
N ILE E 161 -23.78 -6.52 -21.68
CA ILE E 161 -23.71 -6.05 -23.05
C ILE E 161 -24.46 -7.01 -23.94
N ASP E 162 -25.34 -6.47 -24.78
CA ASP E 162 -26.16 -7.29 -25.68
C ASP E 162 -25.38 -7.65 -26.93
N LEU E 163 -24.24 -8.29 -26.72
CA LEU E 163 -23.45 -8.87 -27.80
C LEU E 163 -22.60 -9.99 -27.23
N PRO E 164 -23.01 -11.24 -27.41
CA PRO E 164 -22.22 -12.35 -26.86
C PRO E 164 -20.91 -12.51 -27.59
N ILE E 165 -19.89 -12.91 -26.83
CA ILE E 165 -18.59 -13.26 -27.41
C ILE E 165 -18.66 -14.74 -27.74
N GLN E 166 -18.91 -15.05 -29.02
CA GLN E 166 -19.04 -16.43 -29.44
C GLN E 166 -17.71 -17.16 -29.52
N SER E 167 -16.63 -16.43 -29.75
CA SER E 167 -15.34 -17.07 -30.01
C SER E 167 -14.55 -17.23 -28.71
N ASN E 168 -13.41 -17.92 -28.83
CA ASN E 168 -12.47 -18.10 -27.74
C ASN E 168 -11.10 -17.57 -28.17
N LEU E 169 -10.12 -17.68 -27.27
CA LEU E 169 -8.83 -17.07 -27.54
C LEU E 169 -8.04 -17.82 -28.60
N ARG E 170 -8.24 -19.14 -28.73
CA ARG E 170 -7.57 -19.87 -29.80
C ARG E 170 -8.09 -19.45 -31.16
N GLU E 171 -9.41 -19.36 -31.31
CA GLU E 171 -9.99 -18.92 -32.57
C GLU E 171 -9.64 -17.47 -32.87
N GLY E 172 -9.58 -16.63 -31.84
CA GLY E 172 -9.33 -15.22 -32.02
C GLY E 172 -10.60 -14.40 -31.98
N LEU E 173 -10.68 -13.42 -31.09
CA LEU E 173 -11.86 -12.57 -31.02
C LEU E 173 -11.91 -11.59 -32.18
N SER E 174 -13.12 -11.28 -32.62
CA SER E 174 -13.30 -10.18 -33.55
C SER E 174 -13.03 -8.86 -32.82
N LEU E 175 -12.88 -7.79 -33.61
CA LEU E 175 -12.57 -6.49 -33.01
C LEU E 175 -13.65 -6.05 -32.04
N THR E 176 -14.92 -6.19 -32.42
CA THR E 176 -16.02 -5.82 -31.52
C THR E 176 -15.99 -6.66 -30.25
N GLU E 177 -15.72 -7.97 -30.39
CA GLU E 177 -15.62 -8.83 -29.22
C GLU E 177 -14.47 -8.41 -28.33
N TYR E 178 -13.34 -8.00 -28.93
CA TYR E 178 -12.18 -7.63 -28.12
C TYR E 178 -12.47 -6.38 -27.28
N ILE E 179 -13.15 -5.39 -27.86
CA ILE E 179 -13.48 -4.19 -27.11
C ILE E 179 -14.38 -4.52 -25.93
N ILE E 180 -15.38 -5.39 -26.16
CA ILE E 180 -16.27 -5.80 -25.08
C ILE E 180 -15.48 -6.51 -23.99
N SER E 181 -14.54 -7.36 -24.36
CA SER E 181 -13.73 -8.06 -23.37
C SER E 181 -12.84 -7.12 -22.55
N CYS E 182 -12.57 -5.91 -23.06
CA CYS E 182 -11.82 -4.94 -22.29
C CYS E 182 -12.58 -4.43 -21.08
N TYR E 183 -13.92 -4.52 -21.09
CA TYR E 183 -14.68 -4.19 -19.88
C TYR E 183 -14.34 -5.13 -18.74
N GLY E 184 -14.24 -6.43 -19.03
CA GLY E 184 -13.88 -7.39 -18.00
C GLY E 184 -12.47 -7.17 -17.48
N ALA E 185 -11.53 -6.91 -18.38
CA ALA E 185 -10.14 -6.70 -17.96
C ALA E 185 -10.01 -5.46 -17.07
N ARG E 186 -10.63 -4.36 -17.48
CA ARG E 186 -10.54 -3.13 -16.70
C ARG E 186 -11.20 -3.29 -15.33
N LYS E 187 -12.38 -3.92 -15.29
CA LYS E 187 -13.06 -4.13 -14.01
C LYS E 187 -12.27 -5.11 -13.14
N GLY E 188 -11.70 -6.15 -13.74
CA GLY E 188 -11.07 -7.20 -12.95
C GLY E 188 -9.94 -6.69 -12.08
N VAL E 189 -9.13 -5.76 -12.61
CA VAL E 189 -8.04 -5.23 -11.80
C VAL E 189 -8.56 -4.20 -10.80
N VAL E 190 -9.63 -3.48 -11.14
CA VAL E 190 -10.18 -2.51 -10.20
C VAL E 190 -10.73 -3.21 -8.97
N ASP E 191 -11.44 -4.32 -9.15
CA ASP E 191 -11.96 -5.07 -8.02
C ASP E 191 -10.84 -5.62 -7.14
N THR E 192 -9.79 -6.15 -7.77
CA THR E 192 -8.69 -6.73 -7.00
C THR E 192 -7.95 -5.67 -6.21
N ALA E 193 -7.74 -4.49 -6.79
CA ALA E 193 -7.17 -3.38 -6.04
C ALA E 193 -8.06 -3.02 -4.86
N VAL E 194 -9.38 -2.99 -5.08
CA VAL E 194 -10.31 -2.71 -4.00
C VAL E 194 -10.33 -3.85 -2.99
N ARG E 195 -10.23 -5.09 -3.47
CA ARG E 195 -10.37 -6.25 -2.59
C ARG E 195 -9.23 -6.33 -1.58
N THR E 196 -7.99 -6.07 -2.00
CA THR E 196 -6.87 -6.14 -1.07
C THR E 196 -6.89 -4.96 -0.09
N SER E 197 -7.33 -3.80 -0.54
CA SER E 197 -7.45 -2.65 0.36
C SER E 197 -8.50 -2.92 1.44
N ASP E 198 -9.60 -3.57 1.06
CA ASP E 198 -10.64 -3.86 2.04
C ASP E 198 -10.28 -5.01 2.96
N ALA E 199 -9.43 -5.93 2.49
CA ALA E 199 -9.05 -7.07 3.31
C ALA E 199 -8.07 -6.67 4.40
N GLY E 200 -7.13 -5.77 4.10
CA GLY E 200 -6.17 -5.35 5.09
C GLY E 200 -6.80 -4.51 6.19
N TYR E 201 -7.75 -3.65 5.83
CA TYR E 201 -8.43 -2.85 6.85
C TYR E 201 -9.21 -3.74 7.81
N LEU E 202 -9.87 -4.78 7.28
CA LEU E 202 -10.58 -5.71 8.14
C LEU E 202 -9.62 -6.51 9.02
N THR E 203 -8.49 -6.95 8.45
CA THR E 203 -7.54 -7.73 9.23
C THR E 203 -6.96 -6.92 10.38
N ARG E 204 -6.70 -5.63 10.14
CA ARG E 204 -6.19 -4.77 11.20
C ARG E 204 -7.21 -4.59 12.31
N ARG E 205 -8.48 -4.44 11.97
CA ARG E 205 -9.52 -4.30 12.98
C ARG E 205 -9.75 -5.61 13.73
N LEU E 206 -9.70 -6.73 13.02
CA LEU E 206 -9.88 -8.03 13.67
C LEU E 206 -8.76 -8.33 14.65
N VAL E 207 -7.51 -8.08 14.25
CA VAL E 207 -6.39 -8.29 15.15
C VAL E 207 -6.49 -7.39 16.36
N GLU E 208 -6.88 -6.12 16.14
CA GLU E 208 -6.93 -5.16 17.23
C GLU E 208 -7.93 -5.57 18.31
N VAL E 209 -9.07 -6.13 17.92
CA VAL E 209 -10.12 -6.42 18.90
C VAL E 209 -9.77 -7.61 19.80
N VAL E 210 -8.86 -8.48 19.38
CA VAL E 210 -8.53 -9.67 20.18
C VAL E 210 -7.02 -9.77 20.40
N GLN E 211 -6.29 -8.68 20.19
CA GLN E 211 -4.82 -8.75 20.27
C GLN E 211 -4.34 -9.16 21.66
N HIS E 212 -5.13 -8.91 22.69
CA HIS E 212 -4.74 -9.15 24.06
C HIS E 212 -5.03 -10.58 24.54
N ILE E 213 -5.71 -11.39 23.74
CA ILE E 213 -6.15 -12.71 24.18
C ILE E 213 -4.97 -13.69 24.12
N VAL E 214 -4.58 -14.20 25.28
CA VAL E 214 -3.49 -15.14 25.42
C VAL E 214 -3.99 -16.31 26.26
N VAL E 215 -3.50 -17.52 25.97
CA VAL E 215 -3.80 -18.67 26.80
C VAL E 215 -3.00 -18.54 28.09
N ARG E 216 -3.69 -18.24 29.20
CA ARG E 216 -3.02 -17.90 30.44
C ARG E 216 -3.24 -18.89 31.57
N ARG E 217 -4.22 -19.78 31.47
CA ARG E 217 -4.49 -20.77 32.51
C ARG E 217 -4.68 -22.14 31.87
N THR E 218 -4.48 -23.17 32.68
CA THR E 218 -4.78 -24.53 32.21
C THR E 218 -6.27 -24.75 32.14
N ASP E 219 -6.99 -24.33 33.18
CA ASP E 219 -8.42 -24.60 33.29
C ASP E 219 -9.05 -23.47 34.09
N CYS E 220 -9.94 -22.71 33.45
CA CYS E 220 -10.68 -21.67 34.16
C CYS E 220 -11.67 -22.25 35.15
N GLY E 221 -11.94 -23.55 35.10
CA GLY E 221 -12.87 -24.16 36.02
C GLY E 221 -14.33 -23.83 35.73
N THR E 222 -14.68 -23.60 34.48
CA THR E 222 -16.06 -23.32 34.14
C THR E 222 -16.91 -24.58 34.25
N ILE E 223 -18.19 -24.39 34.50
CA ILE E 223 -19.13 -25.50 34.57
C ILE E 223 -20.01 -25.57 33.33
N ARG E 224 -20.31 -24.43 32.69
CA ARG E 224 -21.16 -24.41 31.53
C ARG E 224 -20.46 -25.02 30.32
N GLY E 225 -21.27 -25.46 29.37
CA GLY E 225 -20.77 -25.93 28.09
C GLY E 225 -21.78 -25.62 27.01
N ILE E 226 -21.33 -25.71 25.77
CA ILE E 226 -22.20 -25.50 24.62
C ILE E 226 -22.73 -26.86 24.17
N SER E 227 -24.05 -26.97 24.03
CA SER E 227 -24.67 -28.20 23.59
C SER E 227 -24.72 -28.24 22.07
N VAL E 228 -24.32 -29.36 21.49
CA VAL E 228 -24.39 -29.59 20.06
C VAL E 228 -25.19 -30.85 19.80
N SER E 229 -26.09 -30.79 18.83
CA SER E 229 -26.99 -31.88 18.53
C SER E 229 -26.82 -32.29 17.06
N PRO E 230 -26.66 -33.58 16.78
CA PRO E 230 -26.44 -34.02 15.39
C PRO E 230 -27.70 -34.26 14.57
N ARG E 231 -28.88 -34.22 15.18
CA ARG E 231 -30.12 -34.67 14.53
C ARG E 231 -31.25 -33.68 14.74
N ASN E 232 -31.00 -32.42 14.42
CA ASN E 232 -32.06 -31.42 14.41
C ASN E 232 -33.19 -31.83 13.49
N LYS E 233 -34.42 -31.66 13.96
CA LYS E 233 -35.60 -32.18 13.29
C LYS E 233 -36.00 -31.40 12.05
N SER E 234 -35.38 -30.25 11.78
CA SER E 234 -35.81 -29.40 10.69
C SER E 234 -34.83 -29.33 9.53
N ARG E 235 -33.63 -29.87 9.66
CA ARG E 235 -32.67 -29.84 8.56
C ARG E 235 -31.59 -30.88 8.78
N MET E 236 -31.27 -31.63 7.73
CA MET E 236 -30.17 -32.60 7.76
C MET E 236 -28.86 -31.84 7.75
N MET E 237 -28.22 -31.73 8.91
CA MET E 237 -26.96 -31.02 9.00
C MET E 237 -25.87 -31.76 8.24
N SER E 238 -24.97 -31.00 7.61
CA SER E 238 -23.84 -31.59 6.92
C SER E 238 -22.98 -32.37 7.91
N GLU E 239 -22.63 -33.60 7.55
CA GLU E 239 -21.87 -34.45 8.46
C GLU E 239 -20.43 -33.96 8.61
N ARG E 240 -19.77 -33.67 7.48
CA ARG E 240 -18.36 -33.28 7.53
C ARG E 240 -18.17 -31.94 8.24
N ILE E 241 -19.02 -30.97 7.95
CA ILE E 241 -18.94 -29.68 8.63
C ILE E 241 -19.20 -29.86 10.13
N PHE E 242 -20.24 -30.63 10.47
CA PHE E 242 -20.55 -30.86 11.87
C PHE E 242 -19.44 -31.62 12.58
N ILE E 243 -18.74 -32.50 11.86
CA ILE E 243 -17.59 -33.17 12.45
C ILE E 243 -16.44 -32.19 12.67
N GLN E 244 -16.24 -31.27 11.72
CA GLN E 244 -15.12 -30.34 11.82
C GLN E 244 -15.31 -29.35 12.96
N THR E 245 -16.55 -29.01 13.29
CA THR E 245 -16.83 -28.14 14.43
C THR E 245 -16.71 -28.88 15.76
N LEU E 246 -16.40 -30.17 15.75
CA LEU E 246 -16.24 -30.94 16.97
C LEU E 246 -14.82 -31.41 17.23
N ILE E 247 -14.03 -31.68 16.18
CA ILE E 247 -12.69 -32.19 16.38
C ILE E 247 -11.85 -31.14 17.08
N GLY E 248 -11.17 -31.56 18.16
CA GLY E 248 -10.35 -30.67 18.94
C GLY E 248 -11.03 -30.03 20.12
N ARG E 249 -12.35 -30.10 20.21
CA ARG E 249 -13.05 -29.55 21.37
C ARG E 249 -12.84 -30.44 22.58
N VAL E 250 -12.87 -29.82 23.76
CA VAL E 250 -12.77 -30.53 25.02
C VAL E 250 -14.18 -30.69 25.57
N LEU E 251 -14.50 -31.90 26.02
CA LEU E 251 -15.83 -32.17 26.55
C LEU E 251 -16.04 -31.45 27.88
N ALA E 252 -17.25 -30.93 28.06
CA ALA E 252 -17.65 -30.32 29.32
C ALA E 252 -18.45 -31.27 30.20
N ASP E 253 -18.82 -32.45 29.71
CA ASP E 253 -19.57 -33.40 30.49
C ASP E 253 -19.34 -34.80 29.94
N ASP E 254 -19.61 -35.79 30.78
CA ASP E 254 -19.47 -37.19 30.37
C ASP E 254 -20.57 -37.56 29.38
N ILE E 255 -20.22 -38.46 28.46
CA ILE E 255 -21.16 -38.99 27.48
C ILE E 255 -21.28 -40.49 27.70
N TYR E 256 -22.52 -40.98 27.77
CA TYR E 256 -22.81 -42.38 28.06
C TYR E 256 -23.57 -43.00 26.91
N ILE E 257 -23.27 -44.27 26.64
CA ILE E 257 -24.09 -45.13 25.81
C ILE E 257 -24.59 -46.24 26.74
N GLY E 258 -25.80 -46.08 27.25
CA GLY E 258 -26.25 -46.99 28.31
C GLY E 258 -25.55 -46.64 29.60
N SER E 259 -25.04 -47.66 30.28
CA SER E 259 -24.30 -47.48 31.52
C SER E 259 -22.81 -47.32 31.30
N ARG E 260 -22.36 -47.27 30.05
CA ARG E 260 -20.95 -47.20 29.73
C ARG E 260 -20.55 -45.78 29.37
N CYS E 261 -19.56 -45.24 30.07
CA CYS E 261 -19.01 -43.93 29.76
C CYS E 261 -18.07 -44.10 28.57
N VAL E 262 -18.44 -43.52 27.43
CA VAL E 262 -17.60 -43.62 26.24
C VAL E 262 -16.63 -42.46 26.10
N ALA E 263 -16.87 -41.35 26.79
CA ALA E 263 -15.95 -40.23 26.80
C ALA E 263 -16.17 -39.45 28.09
N PHE E 264 -15.07 -39.05 28.71
CA PHE E 264 -15.08 -38.44 30.02
C PHE E 264 -15.06 -36.92 29.91
N ARG E 265 -15.45 -36.26 30.99
CA ARG E 265 -15.34 -34.81 31.06
C ARG E 265 -13.88 -34.39 30.96
N ASN E 266 -13.64 -33.28 30.27
CA ASN E 266 -12.32 -32.72 30.01
C ASN E 266 -11.50 -33.60 29.09
N GLN E 267 -12.13 -34.51 28.37
CA GLN E 267 -11.47 -35.30 27.34
C GLN E 267 -11.66 -34.61 25.99
N ASP E 268 -10.57 -34.45 25.25
CA ASP E 268 -10.64 -33.81 23.94
C ASP E 268 -11.22 -34.77 22.91
N LEU E 269 -11.96 -34.20 21.96
CA LEU E 269 -12.69 -34.98 20.98
C LEU E 269 -11.80 -35.26 19.76
N GLY E 270 -11.56 -36.54 19.49
CA GLY E 270 -10.86 -36.96 18.31
C GLY E 270 -11.81 -37.47 17.23
N ILE E 271 -11.23 -37.85 16.10
CA ILE E 271 -12.03 -38.34 14.98
C ILE E 271 -12.70 -39.66 15.34
N GLY E 272 -12.02 -40.52 16.11
CA GLY E 272 -12.61 -41.78 16.50
C GLY E 272 -13.82 -41.61 17.40
N LEU E 273 -13.73 -40.67 18.35
CA LEU E 273 -14.83 -40.46 19.28
C LEU E 273 -16.06 -39.87 18.58
N VAL E 274 -15.85 -38.92 17.67
CA VAL E 274 -16.98 -38.28 17.01
C VAL E 274 -17.74 -39.29 16.14
N ASN E 275 -17.02 -40.16 15.44
CA ASN E 275 -17.68 -41.20 14.66
C ASN E 275 -18.48 -42.15 15.55
N ARG E 276 -18.03 -42.36 16.79
CA ARG E 276 -18.79 -43.19 17.71
C ARG E 276 -20.09 -42.52 18.12
N PHE E 277 -20.08 -41.20 18.30
CA PHE E 277 -21.30 -40.50 18.66
C PHE E 277 -22.30 -40.49 17.50
N ILE E 278 -21.81 -40.50 16.27
CA ILE E 278 -22.70 -40.58 15.12
C ILE E 278 -23.32 -41.97 15.01
N THR E 279 -22.51 -43.01 15.22
CA THR E 279 -23.01 -44.38 15.08
C THR E 279 -24.11 -44.67 16.09
N PHE E 280 -23.93 -44.26 17.33
CA PHE E 280 -24.89 -44.55 18.38
C PHE E 280 -25.76 -43.33 18.65
N GLY E 281 -26.74 -43.50 19.54
CA GLY E 281 -27.70 -42.45 19.81
C GLY E 281 -27.21 -41.38 20.76
N THR E 282 -26.17 -40.65 20.35
CA THR E 282 -25.67 -39.51 21.13
C THR E 282 -26.43 -38.28 20.67
N GLN E 283 -27.39 -37.84 21.49
CA GLN E 283 -28.29 -36.76 21.10
C GLN E 283 -27.71 -35.38 21.40
N SER E 284 -27.04 -35.22 22.54
CA SER E 284 -26.49 -33.93 22.93
C SER E 284 -25.07 -34.11 23.46
N ILE E 285 -24.16 -33.25 23.00
CA ILE E 285 -22.77 -33.24 23.41
C ILE E 285 -22.45 -31.84 23.93
N SER E 286 -21.87 -31.75 25.11
CA SER E 286 -21.55 -30.47 25.73
C SER E 286 -20.04 -30.27 25.65
N ILE E 287 -19.63 -29.20 24.97
CA ILE E 287 -18.22 -28.93 24.72
C ILE E 287 -17.85 -27.60 25.36
N ARG E 288 -16.56 -27.43 25.57
CA ARG E 288 -16.01 -26.16 26.04
C ARG E 288 -15.47 -25.38 24.85
N THR E 289 -15.89 -24.13 24.73
CA THR E 289 -15.54 -23.26 23.61
C THR E 289 -15.07 -21.93 24.17
N PRO E 290 -14.54 -21.06 23.30
CA PRO E 290 -14.28 -19.66 23.73
C PRO E 290 -15.51 -18.95 24.28
N PHE E 291 -16.72 -19.49 24.06
CA PHE E 291 -17.92 -18.90 24.65
C PHE E 291 -18.16 -19.32 26.09
N THR E 292 -17.47 -20.34 26.60
CA THR E 292 -17.72 -20.82 27.95
C THR E 292 -16.66 -20.40 28.95
N CYS E 293 -15.52 -19.88 28.50
CA CYS E 293 -14.45 -19.54 29.41
C CYS E 293 -14.88 -18.44 30.37
N ARG E 294 -14.34 -18.47 31.59
CA ARG E 294 -14.72 -17.54 32.64
C ARG E 294 -13.92 -16.25 32.58
N SER E 295 -13.81 -15.67 31.38
CA SER E 295 -13.03 -14.46 31.19
C SER E 295 -13.17 -13.94 29.77
N THR E 296 -12.99 -12.63 29.59
CA THR E 296 -12.86 -12.05 28.27
C THR E 296 -11.49 -11.44 28.02
N SER E 297 -10.63 -11.38 29.03
CA SER E 297 -9.28 -10.88 28.86
C SER E 297 -8.25 -11.99 28.62
N TRP E 298 -8.65 -13.25 28.75
CA TRP E 298 -7.78 -14.37 28.45
C TRP E 298 -8.65 -15.60 28.25
N ILE E 299 -8.02 -16.70 27.83
CA ILE E 299 -8.69 -17.98 27.67
C ILE E 299 -7.80 -19.06 28.27
N CYS E 300 -8.42 -20.16 28.68
CA CYS E 300 -7.68 -21.29 29.24
C CYS E 300 -7.47 -22.36 28.16
N ARG E 301 -6.62 -23.33 28.50
CA ARG E 301 -6.29 -24.38 27.54
C ARG E 301 -7.50 -25.24 27.18
N LEU E 302 -8.30 -25.59 28.17
CA LEU E 302 -9.40 -26.53 27.93
C LEU E 302 -10.53 -25.86 27.13
N CYS E 303 -10.79 -24.58 27.38
CA CYS E 303 -11.84 -23.90 26.65
C CYS E 303 -11.44 -23.61 25.21
N TYR E 304 -10.14 -23.46 24.95
CA TYR E 304 -9.68 -23.33 23.57
C TYR E 304 -9.64 -24.68 22.88
N GLY E 305 -8.97 -25.66 23.48
CA GLY E 305 -8.91 -26.98 22.92
C GLY E 305 -7.58 -27.30 22.27
N ARG E 306 -7.60 -28.16 21.26
CA ARG E 306 -6.37 -28.60 20.62
C ARG E 306 -5.78 -27.50 19.73
N SER E 307 -4.48 -27.48 19.65
CA SER E 307 -3.82 -26.62 18.67
C SER E 307 -3.90 -27.27 17.29
N PRO E 308 -4.14 -26.48 16.25
CA PRO E 308 -4.16 -27.06 14.90
C PRO E 308 -2.75 -27.29 14.35
N THR E 309 -1.84 -26.40 14.72
CA THR E 309 -0.47 -26.46 14.21
C THR E 309 0.40 -27.48 14.94
N HIS E 310 -0.03 -27.98 16.10
CA HIS E 310 0.83 -28.80 16.93
C HIS E 310 0.18 -30.08 17.44
N GLY E 311 -1.11 -30.30 17.19
CA GLY E 311 -1.73 -31.58 17.47
C GLY E 311 -2.15 -31.84 18.91
N ASP E 312 -1.47 -31.21 19.86
CA ASP E 312 -1.77 -31.38 21.27
C ASP E 312 -2.70 -30.27 21.74
N LEU E 313 -3.02 -30.28 23.03
CA LEU E 313 -3.74 -29.18 23.63
C LEU E 313 -2.90 -27.91 23.55
N VAL E 314 -3.56 -26.78 23.30
CA VAL E 314 -2.84 -25.53 23.07
C VAL E 314 -1.97 -25.18 24.28
N GLU E 315 -0.78 -24.67 24.02
CA GLU E 315 0.19 -24.43 25.07
C GLU E 315 -0.07 -23.11 25.78
N LEU E 316 0.39 -23.03 27.02
CA LEU E 316 0.30 -21.79 27.79
C LEU E 316 1.19 -20.72 27.15
N GLY E 317 0.66 -19.51 27.03
CA GLY E 317 1.38 -18.42 26.42
C GLY E 317 1.13 -18.20 24.95
N GLU E 318 0.31 -19.03 24.31
CA GLU E 318 0.03 -18.85 22.90
C GLU E 318 -0.87 -17.64 22.68
N ALA E 319 -0.51 -16.80 21.71
CA ALA E 319 -1.29 -15.61 21.37
C ALA E 319 -2.38 -16.00 20.38
N VAL E 320 -3.41 -16.67 20.92
CA VAL E 320 -4.46 -17.21 20.07
C VAL E 320 -5.41 -16.15 19.54
N GLY E 321 -5.48 -14.99 20.19
CA GLY E 321 -6.28 -13.91 19.64
C GLY E 321 -5.71 -13.41 18.32
N ILE E 322 -4.40 -13.17 18.29
CA ILE E 322 -3.75 -12.72 17.06
C ILE E 322 -3.82 -13.79 15.99
N ILE E 323 -3.71 -15.06 16.38
CA ILE E 323 -3.83 -16.17 15.43
C ILE E 323 -5.23 -16.21 14.83
N ALA E 324 -6.26 -15.99 15.65
CA ALA E 324 -7.62 -15.94 15.12
C ALA E 324 -7.79 -14.77 14.17
N GLY E 325 -7.21 -13.62 14.50
CA GLY E 325 -7.32 -12.46 13.62
C GLY E 325 -6.68 -12.69 12.26
N GLN E 326 -5.51 -13.32 12.25
CA GLN E 326 -4.86 -13.63 10.97
C GLN E 326 -5.64 -14.68 10.20
N SER E 327 -6.16 -15.70 10.88
CA SER E 327 -6.83 -16.81 10.22
C SER E 327 -8.13 -16.40 9.54
N ILE E 328 -8.70 -15.26 9.92
CA ILE E 328 -9.88 -14.73 9.26
C ILE E 328 -9.53 -13.66 8.23
N GLY E 329 -8.55 -12.80 8.56
CA GLY E 329 -8.16 -11.75 7.64
C GLY E 329 -7.46 -12.27 6.39
N GLU E 330 -6.57 -13.24 6.55
CA GLU E 330 -5.76 -13.69 5.42
C GLU E 330 -6.58 -14.25 4.25
N PRO E 331 -7.61 -15.08 4.45
CA PRO E 331 -8.41 -15.54 3.32
C PRO E 331 -9.39 -14.51 2.76
N GLY E 332 -9.20 -13.23 3.07
CA GLY E 332 -10.06 -12.19 2.55
C GLY E 332 -9.72 -11.83 1.12
N ALA E 351 -32.39 -22.26 -13.16
CA ALA E 351 -33.19 -23.06 -14.07
C ALA E 351 -32.34 -24.14 -14.72
N GLU E 352 -33.00 -25.19 -15.19
CA GLU E 352 -32.33 -26.30 -15.85
C GLU E 352 -32.99 -26.58 -17.18
N HIS E 353 -32.18 -26.85 -18.20
CA HIS E 353 -32.66 -27.10 -19.55
C HIS E 353 -32.55 -28.58 -19.86
N VAL E 354 -33.64 -29.15 -20.36
CA VAL E 354 -33.65 -30.53 -20.82
C VAL E 354 -33.32 -30.55 -22.29
N ARG E 355 -32.32 -31.33 -22.67
CA ARG E 355 -31.89 -31.43 -24.06
C ARG E 355 -32.23 -32.80 -24.62
N ALA E 356 -32.48 -32.85 -25.92
CA ALA E 356 -32.81 -34.09 -26.57
C ALA E 356 -31.59 -35.01 -26.60
N PRO E 357 -31.67 -36.23 -26.07
CA PRO E 357 -30.52 -37.13 -26.12
C PRO E 357 -30.29 -37.78 -27.48
N TYR E 358 -31.26 -37.75 -28.38
CA TYR E 358 -31.11 -38.33 -29.70
C TYR E 358 -31.89 -37.49 -30.71
N ASN E 359 -31.54 -37.65 -31.98
CA ASN E 359 -32.40 -37.16 -33.05
C ASN E 359 -33.70 -37.98 -33.06
N GLY E 360 -34.78 -37.35 -33.50
CA GLY E 360 -36.01 -38.10 -33.67
C GLY E 360 -37.22 -37.20 -33.63
N LYS E 361 -38.37 -37.84 -33.46
CA LYS E 361 -39.67 -37.19 -33.53
C LYS E 361 -40.29 -37.16 -32.14
N ILE E 362 -40.68 -35.96 -31.71
CA ILE E 362 -41.27 -35.75 -30.39
C ILE E 362 -42.72 -36.20 -30.41
N LYS E 363 -43.15 -36.88 -29.34
CA LYS E 363 -44.51 -37.38 -29.23
C LYS E 363 -45.04 -37.11 -27.82
N PHE E 364 -46.13 -36.36 -27.73
CA PHE E 364 -46.84 -36.19 -26.47
C PHE E 364 -48.25 -35.69 -26.76
N ASN E 365 -49.10 -35.74 -25.75
CA ASN E 365 -50.48 -35.29 -25.86
C ASN E 365 -50.55 -33.82 -25.48
N GLU E 366 -50.79 -32.96 -26.48
CA GLU E 366 -50.86 -31.52 -26.25
C GLU E 366 -52.08 -31.11 -25.43
N ASP E 367 -53.05 -32.01 -25.24
CA ASP E 367 -54.22 -31.73 -24.42
C ASP E 367 -53.96 -31.88 -22.93
N LEU E 368 -52.81 -32.45 -22.55
CA LEU E 368 -52.43 -32.58 -21.15
C LEU E 368 -51.66 -31.38 -20.63
N VAL E 369 -51.36 -30.41 -21.48
CA VAL E 369 -50.53 -29.27 -21.11
C VAL E 369 -51.26 -27.98 -21.44
N HIS E 370 -50.79 -26.89 -20.83
CA HIS E 370 -51.47 -25.61 -20.91
C HIS E 370 -50.69 -24.62 -21.78
N PRO E 371 -51.32 -24.03 -22.79
CA PRO E 371 -50.62 -23.05 -23.63
C PRO E 371 -50.15 -21.84 -22.84
N THR E 372 -49.02 -21.29 -23.26
CA THR E 372 -48.41 -20.16 -22.58
C THR E 372 -47.51 -19.42 -23.55
N ARG E 373 -47.10 -18.22 -23.15
CA ARG E 373 -46.11 -17.44 -23.88
C ARG E 373 -44.89 -17.29 -22.98
N THR E 374 -43.71 -17.60 -23.51
CA THR E 374 -42.51 -17.55 -22.69
C THR E 374 -41.99 -16.11 -22.60
N ARG E 375 -41.01 -15.93 -21.70
CA ARG E 375 -40.39 -14.62 -21.51
C ARG E 375 -39.55 -14.19 -22.72
N HIS E 376 -39.34 -15.09 -23.68
CA HIS E 376 -38.68 -14.75 -24.93
C HIS E 376 -39.68 -14.52 -26.06
N GLY E 377 -40.98 -14.49 -25.75
CA GLY E 377 -42.00 -14.23 -26.74
C GLY E 377 -42.44 -15.41 -27.56
N HIS E 378 -42.01 -16.61 -27.22
CA HIS E 378 -42.36 -17.80 -27.98
C HIS E 378 -43.59 -18.48 -27.39
N PRO E 379 -44.44 -19.08 -28.22
CA PRO E 379 -45.45 -19.99 -27.70
C PRO E 379 -44.80 -21.24 -27.12
N ALA E 380 -45.43 -21.79 -26.09
CA ALA E 380 -44.95 -23.01 -25.46
C ALA E 380 -46.10 -23.63 -24.67
N PHE E 381 -45.80 -24.67 -23.92
CA PHE E 381 -46.75 -25.34 -23.05
C PHE E 381 -46.24 -25.30 -21.62
N LEU E 382 -47.18 -25.16 -20.67
CA LEU E 382 -46.87 -25.27 -19.26
C LEU E 382 -47.29 -26.65 -18.77
N CYS E 383 -46.37 -27.34 -18.10
CA CYS E 383 -46.60 -28.71 -17.65
C CYS E 383 -46.76 -28.72 -16.15
N TYR E 384 -47.93 -29.13 -15.67
CA TYR E 384 -48.21 -29.23 -14.25
C TYR E 384 -48.31 -30.67 -13.77
N ILE E 385 -47.90 -31.63 -14.60
CA ILE E 385 -47.96 -33.05 -14.28
C ILE E 385 -46.65 -33.71 -14.69
N ASP E 386 -46.59 -35.03 -14.54
CA ASP E 386 -45.43 -35.82 -14.94
C ASP E 386 -45.68 -36.34 -16.35
N LEU E 387 -45.53 -35.44 -17.33
CA LEU E 387 -45.82 -35.78 -18.71
C LEU E 387 -44.75 -36.73 -19.25
N SER E 388 -45.19 -37.67 -20.08
CA SER E 388 -44.29 -38.63 -20.73
C SER E 388 -44.10 -38.21 -22.18
N VAL E 389 -42.88 -37.80 -22.52
CA VAL E 389 -42.54 -37.35 -23.86
C VAL E 389 -41.66 -38.42 -24.51
N ILE E 390 -42.01 -38.80 -25.73
CA ILE E 390 -41.34 -39.87 -26.46
C ILE E 390 -40.58 -39.25 -27.62
N ILE E 391 -39.35 -39.71 -27.83
CA ILE E 391 -38.58 -39.41 -29.03
C ILE E 391 -38.31 -40.73 -29.74
N GLU E 392 -38.77 -40.84 -30.98
CA GLU E 392 -38.50 -42.03 -31.79
C GLU E 392 -37.28 -41.75 -32.66
N SER E 393 -36.17 -42.37 -32.30
CA SER E 393 -34.90 -42.13 -32.95
C SER E 393 -34.69 -43.12 -34.09
N GLU E 394 -33.47 -43.18 -34.62
CA GLU E 394 -33.21 -44.05 -35.77
C GLU E 394 -33.14 -45.52 -35.35
N ASP E 395 -32.72 -45.81 -34.13
CA ASP E 395 -32.64 -47.19 -33.66
C ASP E 395 -33.81 -47.58 -32.77
N ILE E 396 -33.99 -46.89 -31.65
CA ILE E 396 -34.95 -47.27 -30.62
C ILE E 396 -35.89 -46.11 -30.36
N ILE E 397 -36.83 -46.32 -29.44
CA ILE E 397 -37.78 -45.31 -28.98
C ILE E 397 -37.46 -45.00 -27.53
N HIS E 398 -37.32 -43.71 -27.20
CA HIS E 398 -36.83 -43.29 -25.90
C HIS E 398 -37.79 -42.30 -25.27
N SER E 399 -37.89 -42.37 -23.94
CA SER E 399 -38.85 -41.58 -23.17
C SER E 399 -38.12 -40.62 -22.26
N VAL E 400 -38.63 -39.39 -22.19
CA VAL E 400 -38.12 -38.37 -21.28
C VAL E 400 -39.27 -37.92 -20.38
N THR E 401 -39.03 -37.94 -19.08
CA THR E 401 -40.04 -37.55 -18.10
C THR E 401 -39.96 -36.05 -17.88
N ILE E 402 -41.09 -35.36 -18.07
CA ILE E 402 -41.16 -33.91 -17.91
C ILE E 402 -41.81 -33.62 -16.56
N PRO E 403 -41.07 -33.13 -15.57
CA PRO E 403 -41.64 -32.88 -14.25
C PRO E 403 -42.61 -31.72 -14.29
N PRO E 404 -43.50 -31.62 -13.30
CA PRO E 404 -44.44 -30.49 -13.26
C PRO E 404 -43.72 -29.16 -13.11
N LYS E 405 -44.47 -28.08 -13.34
CA LYS E 405 -43.95 -26.71 -13.28
C LYS E 405 -42.78 -26.51 -14.24
N SER E 406 -42.90 -27.07 -15.44
CA SER E 406 -41.86 -26.96 -16.45
C SER E 406 -42.46 -26.57 -17.79
N PHE E 407 -41.67 -25.84 -18.57
CA PHE E 407 -42.08 -25.39 -19.89
C PHE E 407 -41.69 -26.42 -20.94
N LEU E 408 -42.64 -26.76 -21.81
CA LEU E 408 -42.38 -27.63 -22.94
C LEU E 408 -42.30 -26.76 -24.19
N LEU E 409 -41.10 -26.66 -24.76
CA LEU E 409 -40.85 -25.72 -25.84
C LEU E 409 -41.11 -26.29 -27.22
N VAL E 410 -41.34 -27.61 -27.34
CA VAL E 410 -41.50 -28.24 -28.63
C VAL E 410 -42.97 -28.59 -28.84
N GLN E 411 -43.30 -28.98 -30.06
CA GLN E 411 -44.64 -29.38 -30.44
C GLN E 411 -44.68 -30.88 -30.68
N ASN E 412 -45.87 -31.46 -30.55
CA ASN E 412 -46.06 -32.85 -30.90
C ASN E 412 -45.76 -33.04 -32.39
N ASP E 413 -45.06 -34.15 -32.70
CA ASP E 413 -44.61 -34.53 -34.05
C ASP E 413 -43.47 -33.67 -34.56
N GLN E 414 -42.90 -32.79 -33.73
CA GLN E 414 -41.77 -31.98 -34.16
C GLN E 414 -40.52 -32.84 -34.27
N TYR E 415 -39.66 -32.50 -35.23
CA TYR E 415 -38.36 -33.15 -35.35
C TYR E 415 -37.34 -32.37 -34.53
N VAL E 416 -36.64 -33.07 -33.64
CA VAL E 416 -35.63 -32.45 -32.79
C VAL E 416 -34.28 -33.07 -33.09
N GLU E 417 -33.23 -32.28 -32.89
CA GLU E 417 -31.86 -32.74 -33.01
C GLU E 417 -31.30 -33.03 -31.63
N SER E 418 -30.28 -33.88 -31.59
CA SER E 418 -29.64 -34.20 -30.33
C SER E 418 -28.97 -32.96 -29.74
N GLU E 419 -29.04 -32.85 -28.41
CA GLU E 419 -28.50 -31.73 -27.64
C GLU E 419 -29.25 -30.42 -27.86
N GLN E 420 -30.46 -30.48 -28.40
CA GLN E 420 -31.29 -29.30 -28.59
C GLN E 420 -32.22 -29.13 -27.39
N VAL E 421 -32.33 -27.90 -26.91
CA VAL E 421 -33.17 -27.62 -25.74
C VAL E 421 -34.63 -27.88 -26.12
N ILE E 422 -35.28 -28.77 -25.38
CA ILE E 422 -36.68 -29.08 -25.62
C ILE E 422 -37.59 -28.68 -24.48
N ALA E 423 -37.08 -28.53 -23.27
CA ALA E 423 -37.91 -28.16 -22.14
C ALA E 423 -37.06 -27.39 -21.14
N GLU E 424 -37.73 -26.68 -20.23
CA GLU E 424 -37.08 -25.93 -19.17
C GLU E 424 -37.76 -26.27 -17.86
N ILE E 425 -37.01 -26.84 -16.92
CA ILE E 425 -37.54 -27.25 -15.63
C ILE E 425 -37.41 -26.07 -14.68
N ARG E 426 -38.54 -25.62 -14.13
CA ARG E 426 -38.54 -24.45 -13.28
C ARG E 426 -39.28 -24.72 -11.97
N GLU E 436 -34.36 -6.32 -8.98
CA GLU E 436 -33.95 -5.02 -9.51
C GLU E 436 -34.90 -4.54 -10.60
N ARG E 437 -35.34 -3.30 -10.50
CA ARG E 437 -36.24 -2.70 -11.49
C ARG E 437 -35.41 -1.95 -12.52
N VAL E 438 -35.48 -2.40 -13.77
CA VAL E 438 -34.69 -1.84 -14.84
C VAL E 438 -35.61 -1.10 -15.81
N ARG E 439 -35.06 -0.08 -16.45
CA ARG E 439 -35.80 0.73 -17.40
C ARG E 439 -35.23 0.50 -18.81
N LYS E 440 -36.12 0.20 -19.75
CA LYS E 440 -35.74 -0.09 -21.13
C LYS E 440 -36.29 0.98 -22.05
N TYR E 441 -35.42 1.58 -22.85
CA TYR E 441 -35.79 2.62 -23.80
C TYR E 441 -35.69 2.07 -25.22
N ILE E 442 -36.73 2.27 -26.01
CA ILE E 442 -36.69 1.91 -27.43
C ILE E 442 -36.79 3.20 -28.25
N TYR E 443 -35.92 3.32 -29.24
CA TYR E 443 -35.79 4.53 -30.03
C TYR E 443 -36.41 4.33 -31.40
N SER E 444 -36.85 5.44 -31.98
CA SER E 444 -37.45 5.39 -33.31
C SER E 444 -36.38 5.09 -34.36
N ASP E 445 -36.67 4.11 -35.21
CA ASP E 445 -35.73 3.77 -36.27
C ASP E 445 -35.73 4.79 -37.39
N SER E 446 -36.77 5.62 -37.49
CA SER E 446 -36.87 6.55 -38.59
C SER E 446 -37.66 7.79 -38.18
N GLU E 447 -37.45 8.87 -38.92
CA GLU E 447 -38.26 10.07 -38.77
C GLU E 447 -39.69 9.78 -39.21
N GLY E 448 -40.65 10.26 -38.42
CA GLY E 448 -42.04 10.07 -38.75
C GLY E 448 -42.96 10.60 -37.67
N GLU E 449 -44.24 10.37 -37.87
CA GLU E 449 -45.27 10.83 -36.95
C GLU E 449 -45.88 9.65 -36.21
N MET E 450 -46.32 9.92 -34.98
CA MET E 450 -46.83 8.90 -34.07
C MET E 450 -48.30 8.61 -34.36
N HIS E 451 -48.65 7.33 -34.36
CA HIS E 451 -50.04 6.92 -34.44
C HIS E 451 -50.30 5.74 -33.52
N TRP E 452 -51.44 5.79 -32.83
CA TRP E 452 -52.00 4.61 -32.18
C TRP E 452 -53.49 4.59 -32.47
N SER E 453 -54.06 3.39 -32.55
CA SER E 453 -55.49 3.25 -32.78
C SER E 453 -56.25 3.11 -31.46
N THR E 454 -55.92 2.08 -30.69
CA THR E 454 -56.61 1.77 -29.44
C THR E 454 -55.57 1.47 -28.37
N ASP E 455 -56.05 1.27 -27.14
CA ASP E 455 -55.28 0.75 -26.02
C ASP E 455 -54.18 1.70 -25.55
N VAL E 456 -54.25 2.97 -25.91
CA VAL E 456 -53.38 4.00 -25.36
C VAL E 456 -54.29 5.08 -24.76
N SER E 457 -54.00 5.47 -23.53
CA SER E 457 -54.81 6.47 -22.87
C SER E 457 -54.69 7.82 -23.58
N HIS E 458 -55.82 8.41 -23.93
CA HIS E 458 -55.81 9.68 -24.65
C HIS E 458 -55.35 10.83 -23.78
N ALA E 459 -55.65 10.77 -22.50
CA ALA E 459 -55.19 11.80 -21.58
C ALA E 459 -53.75 11.52 -21.16
N PRO E 460 -52.92 12.56 -21.07
CA PRO E 460 -51.54 12.37 -20.61
C PRO E 460 -51.50 11.97 -19.14
N GLU E 461 -50.37 11.37 -18.75
CA GLU E 461 -50.19 10.97 -17.36
C GLU E 461 -50.25 12.17 -16.42
N PHE E 462 -49.69 13.29 -16.86
CA PHE E 462 -49.81 14.56 -16.14
C PHE E 462 -50.16 15.64 -17.15
N THR E 463 -50.77 16.71 -16.66
CA THR E 463 -51.34 17.73 -17.56
C THR E 463 -50.27 18.35 -18.45
N TYR E 464 -49.11 18.66 -17.87
CA TYR E 464 -48.04 19.33 -18.63
C TYR E 464 -47.37 18.39 -19.62
N SER E 465 -47.29 17.11 -19.30
CA SER E 465 -46.40 16.18 -19.99
C SER E 465 -47.03 15.64 -21.27
N ASN E 466 -46.18 14.98 -22.08
CA ASN E 466 -46.62 14.32 -23.30
C ASN E 466 -46.47 12.81 -23.19
N VAL E 467 -46.53 12.27 -21.97
CA VAL E 467 -46.38 10.85 -21.71
C VAL E 467 -47.75 10.23 -21.52
N HIS E 468 -48.02 9.16 -22.27
CA HIS E 468 -49.29 8.46 -22.20
C HIS E 468 -49.06 7.03 -21.75
N LEU E 469 -49.96 6.53 -20.91
CA LEU E 469 -49.88 5.17 -20.40
C LEU E 469 -50.62 4.20 -21.33
N LEU E 470 -50.27 2.92 -21.20
CA LEU E 470 -50.98 1.86 -21.92
C LEU E 470 -51.71 0.97 -20.91
N PRO E 471 -53.03 1.04 -20.82
CA PRO E 471 -53.75 0.06 -19.98
C PRO E 471 -53.68 -1.35 -20.54
N LYS E 472 -53.58 -1.52 -21.85
CA LYS E 472 -53.54 -2.83 -22.49
C LYS E 472 -52.32 -2.91 -23.40
N THR E 473 -52.08 -4.11 -23.93
CA THR E 473 -51.07 -4.29 -24.96
C THR E 473 -51.55 -3.64 -26.26
N SER E 474 -50.65 -2.91 -26.92
CA SER E 474 -51.01 -2.19 -28.12
C SER E 474 -49.80 -2.12 -29.04
N HIS E 475 -50.04 -1.65 -30.25
CA HIS E 475 -48.99 -1.36 -31.21
C HIS E 475 -48.94 0.15 -31.44
N LEU E 476 -47.73 0.70 -31.39
CA LEU E 476 -47.49 2.09 -31.73
C LEU E 476 -46.83 2.15 -33.10
N TRP E 477 -47.41 2.94 -33.99
CA TRP E 477 -46.96 3.02 -35.38
C TRP E 477 -46.23 4.34 -35.61
N ILE E 478 -45.12 4.26 -36.33
CA ILE E 478 -44.39 5.44 -36.77
C ILE E 478 -44.55 5.51 -38.28
N LEU E 479 -45.38 6.44 -38.74
CA LEU E 479 -45.59 6.64 -40.17
C LEU E 479 -44.41 7.42 -40.74
N SER E 480 -43.75 6.85 -41.75
CA SER E 480 -42.54 7.45 -42.28
C SER E 480 -42.83 8.77 -43.00
N GLY E 481 -41.87 9.68 -42.92
CA GLY E 481 -41.94 10.94 -43.61
C GLY E 481 -40.60 11.64 -43.68
N GLY E 482 -40.36 12.38 -44.75
CA GLY E 482 -39.10 13.10 -44.86
C GLY E 482 -39.06 14.31 -43.96
N SER E 483 -37.86 14.64 -43.50
CA SER E 483 -37.67 15.74 -42.56
C SER E 483 -37.37 17.03 -43.29
N CYS E 484 -37.95 18.13 -42.80
CA CYS E 484 -37.61 19.45 -43.33
C CYS E 484 -36.13 19.77 -43.06
N GLY E 485 -35.62 19.33 -41.92
CA GLY E 485 -34.22 19.54 -41.63
C GLY E 485 -33.94 21.00 -41.32
N SER E 486 -32.95 21.55 -42.00
CA SER E 486 -32.56 22.95 -41.84
C SER E 486 -33.24 23.86 -42.84
N SER E 487 -34.26 23.37 -43.55
CA SER E 487 -34.96 24.17 -44.54
C SER E 487 -35.71 25.32 -43.87
N LEU E 488 -35.91 26.39 -44.64
CA LEU E 488 -36.51 27.60 -44.09
C LEU E 488 -38.00 27.39 -43.80
N ILE E 489 -38.76 26.99 -44.82
CA ILE E 489 -40.22 26.86 -44.76
C ILE E 489 -40.82 28.26 -44.65
N LEU E 490 -41.36 28.76 -45.76
CA LEU E 490 -41.76 30.16 -45.81
C LEU E 490 -43.02 30.42 -44.99
N PHE E 491 -43.93 29.45 -44.93
CA PHE E 491 -45.18 29.41 -44.16
C PHE E 491 -46.25 30.31 -44.77
N SER E 492 -45.96 31.06 -45.84
CA SER E 492 -47.00 31.74 -46.59
C SER E 492 -47.26 31.11 -47.95
N ILE E 493 -46.27 30.41 -48.50
CA ILE E 493 -46.46 29.71 -49.77
C ILE E 493 -46.33 28.20 -49.63
N HIS E 494 -45.71 27.69 -48.58
CA HIS E 494 -45.62 26.26 -48.34
C HIS E 494 -46.80 25.84 -47.48
N LYS E 495 -47.72 25.07 -48.05
CA LYS E 495 -48.94 24.72 -47.35
C LYS E 495 -49.24 23.24 -47.60
N ASP E 496 -50.27 22.75 -46.93
CA ASP E 496 -50.56 21.32 -46.91
C ASP E 496 -50.82 20.80 -48.33
N GLN E 497 -50.19 19.68 -48.65
CA GLN E 497 -50.33 18.95 -49.91
C GLN E 497 -49.78 19.71 -51.12
N ASP E 498 -48.92 20.70 -50.90
CA ASP E 498 -48.19 21.29 -52.01
C ASP E 498 -47.19 20.29 -52.57
N GLN E 499 -46.93 20.38 -53.86
CA GLN E 499 -45.97 19.51 -54.54
C GLN E 499 -44.72 20.32 -54.84
N MET E 500 -43.58 19.88 -54.28
CA MET E 500 -42.31 20.58 -54.45
C MET E 500 -41.51 19.88 -55.55
N ASN E 501 -41.37 20.54 -56.69
CA ASN E 501 -40.49 20.09 -57.76
C ASN E 501 -39.09 20.66 -57.62
N ILE E 502 -38.87 21.54 -56.65
CA ILE E 502 -37.58 22.18 -56.42
C ILE E 502 -37.20 22.01 -54.95
N PRO E 503 -35.91 22.01 -54.61
CA PRO E 503 -35.52 21.92 -53.21
C PRO E 503 -35.85 23.22 -52.47
N PHE E 504 -35.95 23.09 -51.15
CA PHE E 504 -36.16 24.25 -50.29
C PHE E 504 -34.93 25.15 -50.32
N SER E 566 -11.76 73.61 -52.20
CA SER E 566 -11.69 72.16 -52.36
C SER E 566 -12.96 71.50 -51.84
N ASP E 567 -13.81 72.29 -51.20
CA ASP E 567 -15.10 71.78 -50.74
C ASP E 567 -15.99 71.34 -51.88
N LEU E 568 -15.76 71.88 -53.09
CA LEU E 568 -16.61 71.56 -54.23
C LEU E 568 -16.40 70.14 -54.72
N LEU E 569 -15.32 69.47 -54.31
CA LEU E 569 -15.09 68.08 -54.67
C LEU E 569 -15.66 67.11 -53.65
N ALA E 570 -16.10 67.60 -52.49
CA ALA E 570 -16.65 66.74 -51.46
C ALA E 570 -18.16 66.63 -51.61
N LYS E 571 -18.75 65.74 -50.81
CA LYS E 571 -20.18 65.48 -50.90
C LYS E 571 -20.69 65.03 -49.54
N ARG E 572 -21.95 65.39 -49.25
CA ARG E 572 -22.62 64.99 -48.02
C ARG E 572 -23.98 64.41 -48.40
N ARG E 573 -24.19 63.14 -48.07
CA ARG E 573 -25.45 62.47 -48.37
C ARG E 573 -26.05 61.86 -47.11
N ARG E 574 -27.10 61.06 -47.26
CA ARG E 574 -27.76 60.44 -46.12
C ARG E 574 -26.81 59.46 -45.44
N ASN E 575 -26.37 59.81 -44.23
CA ASN E 575 -25.51 58.96 -43.40
C ASN E 575 -24.17 58.65 -44.06
N ARG E 576 -23.66 59.57 -44.88
CA ARG E 576 -22.36 59.37 -45.51
C ARG E 576 -21.82 60.70 -46.00
N PHE E 577 -20.51 60.77 -46.16
CA PHE E 577 -19.88 61.93 -46.78
C PHE E 577 -18.52 61.53 -47.35
N LEU E 578 -18.07 62.31 -48.33
CA LEU E 578 -16.80 62.11 -49.01
C LEU E 578 -15.90 63.30 -48.76
N ILE E 579 -14.61 63.04 -48.60
CA ILE E 579 -13.62 64.10 -48.38
C ILE E 579 -12.43 63.84 -49.28
N PRO E 580 -11.99 64.83 -50.08
CA PRO E 580 -10.83 64.71 -50.97
C PRO E 580 -9.54 64.36 -50.23
N ILE E 599 -7.09 70.85 -42.04
CA ILE E 599 -7.78 69.72 -41.46
C ILE E 599 -7.14 68.41 -41.90
N SER E 600 -6.63 67.65 -40.95
CA SER E 600 -6.03 66.35 -41.20
C SER E 600 -6.94 65.26 -40.67
N VAL E 601 -7.20 64.26 -41.50
CA VAL E 601 -8.12 63.18 -41.17
C VAL E 601 -7.38 62.12 -40.37
N GLU E 602 -7.95 61.73 -39.23
CA GLU E 602 -7.40 60.69 -38.37
C GLU E 602 -8.40 59.55 -38.30
N ILE E 603 -8.04 58.39 -38.86
CA ILE E 603 -8.91 57.22 -38.86
C ILE E 603 -8.34 56.18 -37.90
N PRO E 604 -9.18 55.48 -37.14
CA PRO E 604 -8.67 54.44 -36.24
C PRO E 604 -8.00 53.31 -36.99
N ILE E 605 -7.28 52.48 -36.22
CA ILE E 605 -6.49 51.39 -36.81
C ILE E 605 -7.39 50.37 -37.49
N ASN E 606 -8.57 50.12 -36.94
CA ASN E 606 -9.47 49.13 -37.49
C ASN E 606 -10.39 49.70 -38.58
N GLY E 607 -10.32 51.00 -38.83
CA GLY E 607 -11.24 51.60 -39.78
C GLY E 607 -12.67 51.67 -39.29
N ILE E 608 -12.89 51.57 -37.99
CA ILE E 608 -14.22 51.51 -37.40
C ILE E 608 -14.35 52.61 -36.37
N PHE E 609 -15.42 53.37 -36.43
CA PHE E 609 -15.71 54.44 -35.48
C PHE E 609 -16.80 53.99 -34.53
N ARG E 610 -16.62 54.29 -33.24
CA ARG E 610 -17.68 54.14 -32.26
C ARG E 610 -18.30 55.51 -31.98
N ARG E 611 -19.38 55.50 -31.21
CA ARG E 611 -20.10 56.74 -30.94
C ARG E 611 -19.19 57.77 -30.29
N ASN E 612 -19.30 59.01 -30.73
CA ASN E 612 -18.51 60.14 -30.23
C ASN E 612 -17.01 59.93 -30.47
N SER E 613 -16.65 59.79 -31.74
CA SER E 613 -15.28 59.54 -32.16
C SER E 613 -14.77 60.72 -32.97
N ILE E 614 -13.54 61.16 -32.66
CA ILE E 614 -12.89 62.22 -33.41
C ILE E 614 -12.31 61.63 -34.69
N PHE E 615 -12.63 62.26 -35.82
CA PHE E 615 -12.10 61.83 -37.10
C PHE E 615 -11.29 62.90 -37.84
N ALA E 616 -11.40 64.16 -37.43
CA ALA E 616 -10.63 65.22 -38.06
C ALA E 616 -10.48 66.38 -37.09
N PHE E 617 -9.26 66.85 -36.91
CA PHE E 617 -8.95 67.99 -36.06
C PHE E 617 -8.35 69.11 -36.90
N PHE E 618 -8.20 70.27 -36.27
CA PHE E 618 -7.72 71.47 -36.97
C PHE E 618 -6.91 72.32 -36.01
N ASP E 619 -5.70 72.70 -36.42
CA ASP E 619 -4.80 73.51 -35.60
C ASP E 619 -4.89 74.95 -36.10
N ASP E 620 -5.72 75.75 -35.47
CA ASP E 620 -5.91 77.14 -35.86
C ASP E 620 -4.64 77.94 -35.56
N PRO E 621 -4.04 78.61 -36.55
CA PRO E 621 -2.82 79.39 -36.27
C PRO E 621 -3.03 80.54 -35.29
N ARG E 622 -4.27 80.97 -35.09
CA ARG E 622 -4.53 82.10 -34.19
C ARG E 622 -4.18 81.78 -32.74
N TYR E 623 -4.15 80.51 -32.36
CA TYR E 623 -3.81 80.11 -31.01
C TYR E 623 -2.40 79.55 -30.90
N ARG E 624 -1.58 79.71 -31.93
CA ARG E 624 -0.20 79.24 -31.91
C ARG E 624 0.70 80.28 -31.26
N ARG E 625 1.59 79.81 -30.39
CA ARG E 625 2.51 80.68 -29.67
C ARG E 625 3.91 80.10 -29.73
N LYS E 626 4.90 81.00 -29.65
CA LYS E 626 6.31 80.59 -29.61
C LYS E 626 6.93 80.77 -28.24
N SER E 627 6.29 81.52 -27.34
CA SER E 627 6.80 81.73 -26.00
C SER E 627 6.08 80.83 -25.00
N SER E 628 6.79 80.49 -23.94
CA SER E 628 6.24 79.63 -22.89
C SER E 628 5.36 80.44 -21.94
N GLY E 629 4.60 79.72 -21.12
CA GLY E 629 3.76 80.37 -20.13
C GLY E 629 2.79 79.37 -19.53
N ILE E 630 1.75 79.91 -18.88
CA ILE E 630 0.67 79.10 -18.32
C ILE E 630 -0.65 79.63 -18.86
N LEU E 631 -1.67 78.78 -18.83
CA LEU E 631 -2.96 79.06 -19.44
C LEU E 631 -4.02 79.22 -18.35
N LYS E 632 -4.84 80.26 -18.47
CA LYS E 632 -5.90 80.54 -17.50
C LYS E 632 -7.23 80.65 -18.23
N TYR E 633 -8.24 79.95 -17.72
CA TYR E 633 -9.59 80.03 -18.28
C TYR E 633 -10.63 79.70 -17.22
N ASP E 665 -15.78 81.75 -22.99
CA ASP E 665 -15.81 82.62 -24.16
C ASP E 665 -14.50 83.40 -24.27
N ARG E 666 -13.64 83.26 -23.26
CA ARG E 666 -12.34 83.91 -23.25
C ARG E 666 -11.39 83.07 -22.40
N PHE E 667 -10.18 82.84 -22.93
CA PHE E 667 -9.15 82.14 -22.17
C PHE E 667 -7.86 82.94 -22.24
N PHE E 668 -7.03 82.77 -21.21
CA PHE E 668 -5.89 83.64 -20.95
C PHE E 668 -4.61 82.83 -20.89
N PHE E 669 -3.50 83.48 -21.23
CA PHE E 669 -2.17 82.85 -21.33
C PHE E 669 -1.12 83.86 -20.90
N ILE E 670 -0.72 83.81 -19.64
CA ILE E 670 0.37 84.68 -19.17
C ILE E 670 1.71 84.03 -19.57
N PRO E 671 2.62 84.78 -20.18
CA PRO E 671 3.93 84.20 -20.53
C PRO E 671 4.95 84.32 -19.41
N GLU E 672 5.42 83.18 -18.91
CA GLU E 672 6.49 83.13 -17.92
C GLU E 672 7.54 82.12 -18.36
N GLU E 673 8.80 82.50 -18.21
CA GLU E 673 9.93 81.63 -18.53
C GLU E 673 10.47 81.03 -17.25
N VAL E 674 10.41 79.71 -17.13
CA VAL E 674 10.78 78.98 -15.92
C VAL E 674 11.90 78.02 -16.26
N HIS E 675 12.96 78.03 -15.45
CA HIS E 675 14.07 77.09 -15.58
C HIS E 675 14.19 76.31 -14.29
N ILE E 676 14.04 74.99 -14.37
CA ILE E 676 14.27 74.08 -13.25
C ILE E 676 15.69 73.55 -13.38
N LEU E 677 16.52 73.80 -12.38
CA LEU E 677 17.94 73.50 -12.47
C LEU E 677 18.39 72.73 -11.24
N PRO E 678 19.44 71.92 -11.37
CA PRO E 678 19.99 71.22 -10.21
C PRO E 678 20.59 72.22 -9.21
N GLU E 679 20.65 71.77 -7.95
CA GLU E 679 21.16 72.63 -6.88
C GLU E 679 22.61 73.03 -7.12
N SER E 680 23.39 72.20 -7.80
CA SER E 680 24.80 72.48 -8.03
C SER E 680 25.05 73.38 -9.24
N SER E 681 24.01 73.77 -9.96
CA SER E 681 24.18 74.64 -11.12
C SER E 681 24.67 76.01 -10.69
N ALA E 682 25.56 76.59 -11.51
CA ALA E 682 26.10 77.92 -11.25
C ALA E 682 25.17 78.94 -11.89
N ILE E 683 24.55 79.77 -11.05
CA ILE E 683 23.60 80.78 -11.51
C ILE E 683 24.33 82.10 -11.66
N MET E 684 24.26 82.70 -12.85
CA MET E 684 24.90 83.97 -13.14
C MET E 684 23.89 85.10 -13.26
N VAL E 685 22.75 84.98 -12.58
CA VAL E 685 21.78 86.06 -12.48
C VAL E 685 21.35 86.18 -11.03
N GLU E 686 21.36 87.40 -10.50
CA GLU E 686 21.00 87.63 -9.11
C GLU E 686 19.49 87.64 -8.94
N ASN E 687 19.06 87.36 -7.71
CA ASN E 687 17.65 87.41 -7.38
C ASN E 687 17.12 88.84 -7.48
N TYR E 688 15.91 88.98 -8.01
CA TYR E 688 15.25 90.27 -8.21
C TYR E 688 16.05 91.19 -9.14
N SER E 689 16.83 90.61 -10.04
CA SER E 689 17.57 91.37 -11.04
C SER E 689 16.75 91.46 -12.32
N ILE E 690 16.98 92.54 -13.08
CA ILE E 690 16.31 92.76 -14.35
C ILE E 690 17.30 92.45 -15.46
N ILE E 691 16.92 91.53 -16.34
CA ILE E 691 17.79 91.09 -17.42
C ILE E 691 17.07 91.31 -18.75
N GLY E 692 17.86 91.49 -19.80
CA GLY E 692 17.31 91.65 -21.14
C GLY E 692 17.24 90.34 -21.89
N VAL E 693 16.80 90.44 -23.15
CA VAL E 693 16.75 89.27 -24.01
C VAL E 693 18.16 88.74 -24.25
N ASP E 694 18.28 87.42 -24.36
CA ASP E 694 19.56 86.75 -24.59
C ASP E 694 20.56 86.99 -23.46
N THR E 695 20.06 87.08 -22.24
CA THR E 695 20.93 87.17 -21.06
C THR E 695 21.27 85.76 -20.57
N ARG E 696 22.55 85.52 -20.36
CA ARG E 696 23.01 84.18 -19.97
C ARG E 696 22.54 83.85 -18.56
N ILE E 697 21.89 82.70 -18.42
CA ILE E 697 21.38 82.24 -17.13
C ILE E 697 22.32 81.25 -16.48
N THR E 698 22.66 80.17 -17.20
CA THR E 698 23.69 79.25 -16.76
C THR E 698 24.75 79.14 -17.85
N LEU E 699 25.73 78.25 -17.67
CA LEU E 699 26.84 78.16 -18.62
C LEU E 699 26.35 77.80 -20.02
N ASN E 700 25.25 77.05 -20.13
CA ASN E 700 24.73 76.63 -21.42
C ASN E 700 23.32 77.12 -21.69
N ILE E 701 22.74 77.95 -20.82
CA ILE E 701 21.37 78.41 -20.96
C ILE E 701 21.36 79.93 -21.05
N ARG E 702 20.66 80.46 -22.04
CA ARG E 702 20.46 81.89 -22.20
C ARG E 702 18.97 82.20 -22.15
N SER E 703 18.64 83.36 -21.59
CA SER E 703 17.25 83.76 -21.46
C SER E 703 16.64 84.04 -22.84
N GLN E 704 15.41 83.58 -23.03
CA GLN E 704 14.68 83.84 -24.26
C GLN E 704 13.84 85.12 -24.20
N VAL E 705 13.35 85.46 -23.01
CA VAL E 705 12.60 86.70 -22.81
C VAL E 705 13.24 87.45 -21.64
N GLY E 706 13.00 88.77 -21.62
CA GLY E 706 13.50 89.61 -20.57
C GLY E 706 12.46 89.90 -19.50
N GLY E 707 12.94 90.35 -18.35
CA GLY E 707 12.06 90.71 -17.25
C GLY E 707 12.75 90.49 -15.93
N LEU E 708 11.94 90.38 -14.87
CA LEU E 708 12.45 90.20 -13.53
C LEU E 708 12.89 88.76 -13.31
N ILE E 709 13.99 88.61 -12.57
CA ILE E 709 14.55 87.29 -12.26
C ILE E 709 14.20 86.95 -10.81
N ARG E 710 13.60 85.77 -10.61
CA ARG E 710 13.31 85.26 -9.28
C ARG E 710 13.94 83.89 -9.14
N VAL E 711 14.76 83.71 -8.11
CA VAL E 711 15.46 82.46 -7.86
C VAL E 711 14.91 81.86 -6.57
N GLU E 712 14.31 80.67 -6.68
CA GLU E 712 13.82 79.93 -5.53
C GLU E 712 14.62 78.64 -5.39
N ARG E 713 15.30 78.50 -4.26
CA ARG E 713 16.15 77.33 -4.00
C ARG E 713 15.36 76.34 -3.15
N LYS E 714 15.23 75.12 -3.67
CA LYS E 714 14.53 74.04 -2.97
C LYS E 714 15.55 73.02 -2.47
N LYS E 715 15.03 71.91 -1.94
CA LYS E 715 15.89 70.93 -1.27
C LYS E 715 16.94 70.36 -2.21
N LYS E 716 16.55 70.02 -3.44
CA LYS E 716 17.46 69.39 -4.39
C LYS E 716 17.50 70.07 -5.75
N ARG E 717 16.72 71.14 -5.96
CA ARG E 717 16.65 71.81 -7.25
C ARG E 717 16.53 73.31 -7.04
N ILE E 718 16.85 74.05 -8.09
CA ILE E 718 16.74 75.51 -8.10
C ILE E 718 15.73 75.89 -9.17
N GLU E 719 14.69 76.61 -8.77
CA GLU E 719 13.63 77.04 -9.67
C GLU E 719 13.82 78.51 -10.00
N LEU E 720 14.10 78.82 -11.26
CA LEU E 720 14.34 80.18 -11.73
C LEU E 720 13.24 80.58 -12.69
N LYS E 721 12.63 81.73 -12.44
CA LYS E 721 11.52 82.24 -13.23
C LYS E 721 11.86 83.63 -13.77
N ILE E 722 11.41 83.91 -15.00
CA ILE E 722 11.56 85.21 -15.63
C ILE E 722 10.18 85.76 -15.90
N PHE E 723 9.84 86.87 -15.24
CA PHE E 723 8.52 87.47 -15.34
C PHE E 723 8.57 88.68 -16.25
N SER E 724 7.82 88.65 -17.34
CA SER E 724 7.71 89.79 -18.23
C SER E 724 6.67 90.78 -17.72
N GLY E 725 6.88 92.06 -18.04
CA GLY E 725 5.95 93.09 -17.63
C GLY E 725 6.62 94.38 -17.19
N ASP E 726 5.80 95.34 -16.73
CA ASP E 726 6.29 96.65 -16.34
C ASP E 726 6.35 96.74 -14.82
N ILE E 727 7.47 97.24 -14.31
CA ILE E 727 7.66 97.41 -12.87
C ILE E 727 7.11 98.76 -12.45
N HIS E 728 6.19 98.74 -11.50
CA HIS E 728 5.56 99.96 -10.98
C HIS E 728 5.83 100.07 -9.49
N PHE E 729 5.80 101.30 -8.99
CA PHE E 729 6.14 101.59 -7.61
C PHE E 729 4.94 102.17 -6.88
N PRO E 730 4.64 101.71 -5.68
CA PRO E 730 3.44 102.20 -4.98
C PRO E 730 3.59 103.64 -4.51
N ASP E 731 2.45 104.31 -4.41
CA ASP E 731 2.36 105.65 -3.84
C ASP E 731 1.88 105.57 -2.40
N LYS E 732 1.96 106.70 -1.71
CA LYS E 732 1.46 106.76 -0.33
C LYS E 732 -0.05 106.53 -0.29
N THR E 733 -0.78 107.04 -1.27
CA THR E 733 -2.21 106.85 -1.36
C THR E 733 -2.60 105.62 -2.18
N ASP E 734 -1.63 104.88 -2.70
CA ASP E 734 -1.91 103.69 -3.51
C ASP E 734 -2.53 102.62 -2.63
N LYS E 735 -3.82 102.35 -2.85
CA LYS E 735 -4.58 101.39 -2.06
C LYS E 735 -4.47 99.97 -2.59
N ILE E 736 -3.39 99.63 -3.28
CA ILE E 736 -3.20 98.28 -3.79
C ILE E 736 -3.17 97.32 -2.62
N SER E 737 -4.18 96.45 -2.54
CA SER E 737 -4.44 95.66 -1.35
C SER E 737 -3.33 94.63 -1.12
N ARG E 738 -3.43 93.97 0.03
CA ARG E 738 -2.49 92.91 0.42
C ARG E 738 -2.52 91.71 -0.52
N HIS E 739 -3.56 91.59 -1.35
CA HIS E 739 -3.67 90.46 -2.26
C HIS E 739 -2.44 90.40 -3.17
N SER E 740 -1.91 89.19 -3.35
CA SER E 740 -0.70 89.01 -4.14
C SER E 740 -0.92 89.37 -5.61
N GLY E 741 -2.15 89.25 -6.11
CA GLY E 741 -2.42 89.52 -7.50
C GLY E 741 -3.82 90.03 -7.78
N ILE E 742 -3.91 91.12 -8.53
CA ILE E 742 -5.18 91.70 -8.95
C ILE E 742 -5.21 91.72 -10.47
N LEU E 743 -6.30 91.20 -11.05
CA LEU E 743 -6.49 91.16 -12.49
C LEU E 743 -7.41 92.30 -12.90
N ILE E 744 -6.93 93.18 -13.77
CA ILE E 744 -7.66 94.36 -14.20
C ILE E 744 -8.29 94.06 -15.55
N PRO E 745 -9.61 94.12 -15.68
CA PRO E 745 -10.25 93.95 -16.98
C PRO E 745 -10.01 95.17 -17.85
N PRO E 746 -10.07 95.03 -19.18
CA PRO E 746 -9.89 96.19 -20.05
C PRO E 746 -11.04 97.18 -19.88
N GLY E 747 -10.70 98.45 -19.69
CA GLY E 747 -11.70 99.48 -19.49
C GLY E 747 -12.54 99.74 -20.72
N LYS E 760 -6.42 97.31 -24.50
CA LYS E 760 -7.10 96.25 -25.25
C LYS E 760 -6.97 94.90 -24.56
N ASN E 761 -5.95 94.77 -23.71
CA ASN E 761 -5.63 93.51 -23.08
C ASN E 761 -5.87 93.57 -21.57
N TRP E 762 -6.27 92.44 -21.01
CA TRP E 762 -6.38 92.31 -19.56
C TRP E 762 -5.02 92.51 -18.92
N ILE E 763 -5.02 93.13 -17.74
CA ILE E 763 -3.79 93.43 -17.01
C ILE E 763 -3.81 92.67 -15.70
N TYR E 764 -2.76 91.89 -15.44
CA TYR E 764 -2.58 91.22 -14.17
C TYR E 764 -1.55 92.00 -13.34
N VAL E 765 -2.00 92.53 -12.21
CA VAL E 765 -1.15 93.31 -11.32
C VAL E 765 -0.78 92.44 -10.14
N GLN E 766 0.52 92.25 -9.93
CA GLN E 766 1.04 91.39 -8.87
C GLN E 766 2.00 92.17 -7.99
N ARG E 767 1.80 92.07 -6.68
CA ARG E 767 2.69 92.70 -5.72
C ARG E 767 3.84 91.75 -5.40
N ILE E 768 5.06 92.24 -5.54
CA ILE E 768 6.26 91.46 -5.28
C ILE E 768 7.01 92.12 -4.13
N THR E 769 7.39 91.32 -3.14
CA THR E 769 7.95 91.82 -1.88
C THR E 769 9.34 91.21 -1.68
N PRO E 770 10.38 91.83 -2.26
CA PRO E 770 11.74 91.28 -2.10
C PRO E 770 12.20 91.21 -0.65
N THR E 771 11.86 92.20 0.16
CA THR E 771 12.22 92.24 1.58
C THR E 771 11.00 92.61 2.39
N LYS E 772 11.11 92.43 3.71
CA LYS E 772 9.96 92.65 4.59
C LYS E 772 9.48 94.09 4.58
N LYS E 773 10.34 95.04 4.21
CA LYS E 773 9.97 96.45 4.23
C LYS E 773 9.90 97.08 2.84
N LYS E 774 10.30 96.36 1.79
CA LYS E 774 10.30 96.89 0.44
C LYS E 774 9.45 96.01 -0.47
N PHE E 775 8.63 96.65 -1.30
CA PHE E 775 7.80 95.93 -2.25
C PHE E 775 7.55 96.81 -3.47
N PHE E 776 7.18 96.16 -4.57
CA PHE E 776 6.91 96.87 -5.81
C PHE E 776 5.82 96.13 -6.57
N VAL E 777 5.35 96.73 -7.66
CA VAL E 777 4.24 96.22 -8.44
C VAL E 777 4.71 95.92 -9.85
N LEU E 778 4.41 94.72 -10.34
CA LEU E 778 4.72 94.30 -11.70
C LEU E 778 3.43 94.16 -12.48
N VAL E 779 3.33 94.88 -13.59
CA VAL E 779 2.13 94.92 -14.42
C VAL E 779 2.39 94.08 -15.67
N ARG E 780 1.54 93.09 -15.91
CA ARG E 780 1.71 92.16 -17.04
C ARG E 780 0.38 91.98 -17.76
N PRO E 781 0.31 92.25 -19.07
CA PRO E 781 -0.83 91.80 -19.87
C PRO E 781 -0.74 90.31 -20.13
N VAL E 782 -1.89 89.68 -20.42
CA VAL E 782 -1.84 88.22 -20.45
C VAL E 782 -1.92 87.62 -21.86
N ALA E 783 -3.11 87.48 -22.44
CA ALA E 783 -3.21 87.07 -23.84
C ALA E 783 -4.48 87.56 -24.52
N THR E 784 -5.57 87.66 -23.77
CA THR E 784 -6.90 87.99 -24.26
C THR E 784 -7.24 87.26 -25.56
N TYR E 785 -7.33 85.94 -25.45
CA TYR E 785 -7.73 85.11 -26.58
C TYR E 785 -9.22 84.80 -26.52
N GLU E 786 -9.88 84.97 -27.66
CA GLU E 786 -11.26 84.52 -27.85
C GLU E 786 -11.27 83.41 -28.90
N ILE E 787 -11.79 82.25 -28.53
CA ILE E 787 -11.95 81.16 -29.48
C ILE E 787 -13.22 81.39 -30.28
N ALA E 788 -13.09 81.41 -31.60
CA ALA E 788 -14.25 81.63 -32.45
C ALA E 788 -15.16 80.40 -32.42
N ASP E 789 -16.42 80.62 -32.05
CA ASP E 789 -17.45 79.58 -32.15
C ASP E 789 -17.86 79.34 -33.58
N SER E 790 -17.11 79.95 -34.49
CA SER E 790 -17.31 79.86 -35.93
C SER E 790 -16.00 79.40 -36.55
N ILE E 791 -15.81 78.08 -36.62
CA ILE E 791 -14.64 77.51 -37.28
C ILE E 791 -14.99 77.23 -38.73
N ASN E 792 -14.17 77.74 -39.64
CA ASN E 792 -14.50 77.78 -41.07
C ASN E 792 -14.40 76.38 -41.63
N LEU E 793 -15.54 75.72 -41.80
CA LEU E 793 -15.59 74.38 -42.36
C LEU E 793 -16.64 74.26 -43.46
N ALA E 794 -17.01 75.38 -44.08
CA ALA E 794 -17.63 75.32 -45.39
C ALA E 794 -16.67 74.70 -46.39
N THR E 795 -15.38 74.70 -46.05
CA THR E 795 -14.37 73.95 -46.79
C THR E 795 -14.68 72.45 -46.83
N LEU E 796 -15.53 71.97 -45.93
CA LEU E 796 -15.85 70.54 -45.97
C LEU E 796 -16.85 70.23 -47.08
N PHE E 797 -18.06 70.79 -47.00
CA PHE E 797 -19.11 70.31 -47.87
C PHE E 797 -19.75 71.45 -48.63
N PRO E 798 -20.29 71.17 -49.82
CA PRO E 798 -20.83 72.22 -50.69
C PRO E 798 -22.11 72.88 -50.19
N LYS E 799 -22.64 72.49 -49.04
CA LYS E 799 -23.85 73.10 -48.47
C LYS E 799 -25.03 73.01 -49.44
N ASP E 800 -25.45 71.76 -49.65
CA ASP E 800 -26.54 71.45 -50.56
C ASP E 800 -27.82 72.23 -50.25
N LEU E 801 -28.68 72.37 -51.26
CA LEU E 801 -29.95 73.07 -51.06
C LEU E 801 -30.87 72.30 -50.14
N PHE E 802 -30.86 70.97 -50.22
CA PHE E 802 -31.69 70.11 -49.40
C PHE E 802 -30.80 69.21 -48.55
N ARG E 803 -31.22 68.96 -47.31
CA ARG E 803 -30.50 68.05 -46.43
C ARG E 803 -31.51 67.13 -45.77
N GLU E 804 -31.41 65.83 -46.05
CA GLU E 804 -32.30 64.87 -45.42
C GLU E 804 -31.90 64.62 -43.97
N LYS E 805 -32.89 64.24 -43.16
CA LYS E 805 -32.60 63.86 -41.78
C LYS E 805 -31.71 62.63 -41.76
N ASP E 806 -30.65 62.69 -40.97
CA ASP E 806 -29.64 61.65 -40.91
C ASP E 806 -29.50 61.16 -39.48
N ASN E 807 -29.31 59.84 -39.33
CA ASN E 807 -28.93 59.31 -38.04
C ASN E 807 -27.57 59.86 -37.61
N ILE E 808 -26.63 59.94 -38.56
CA ILE E 808 -25.33 60.52 -38.26
C ILE E 808 -25.48 62.03 -38.07
N GLN E 809 -24.57 62.60 -37.28
CA GLN E 809 -24.54 64.05 -37.09
C GLN E 809 -23.13 64.47 -36.70
N LEU E 810 -22.60 65.46 -37.39
CA LEU E 810 -21.27 65.98 -37.09
C LEU E 810 -21.34 66.96 -35.93
N ARG E 811 -20.19 67.13 -35.28
CA ARG E 811 -20.08 68.01 -34.12
C ARG E 811 -18.72 68.70 -34.15
N VAL E 812 -18.69 69.96 -33.72
CA VAL E 812 -17.45 70.72 -33.60
C VAL E 812 -17.17 70.91 -32.12
N PHE E 813 -16.05 70.35 -31.65
CA PHE E 813 -15.70 70.39 -30.24
C PHE E 813 -14.45 71.25 -30.08
N ASN E 814 -14.54 72.27 -29.23
CA ASN E 814 -13.40 73.10 -28.91
C ASN E 814 -12.63 72.49 -27.75
N TYR E 815 -11.31 72.51 -27.87
CA TYR E 815 -10.44 71.74 -26.98
C TYR E 815 -9.29 72.60 -26.50
N ILE E 816 -9.33 72.98 -25.23
CA ILE E 816 -8.23 73.71 -24.59
C ILE E 816 -7.18 72.67 -24.20
N LEU E 817 -6.03 72.69 -24.88
CA LEU E 817 -5.09 71.59 -24.77
C LEU E 817 -4.48 71.47 -23.37
N TYR E 818 -4.37 72.58 -22.64
CA TYR E 818 -3.70 72.60 -21.35
C TYR E 818 -4.67 72.95 -20.23
N GLY E 819 -4.40 72.41 -19.05
CA GLY E 819 -5.25 72.64 -17.90
C GLY E 819 -5.14 74.06 -17.37
N ASN E 820 -6.10 74.40 -16.50
CA ASN E 820 -6.16 75.73 -15.92
C ASN E 820 -4.97 75.97 -15.01
N GLY E 821 -4.15 76.97 -15.33
CA GLY E 821 -2.96 77.28 -14.56
C GLY E 821 -1.78 76.38 -14.83
N LYS E 822 -1.89 75.42 -15.75
CA LYS E 822 -0.80 74.51 -16.06
C LYS E 822 0.20 75.18 -16.99
N PRO E 823 1.49 74.87 -16.86
CA PRO E 823 2.49 75.52 -17.70
C PRO E 823 2.49 74.98 -19.12
N THR E 824 2.75 75.87 -20.07
CA THR E 824 2.95 75.51 -21.47
C THR E 824 4.41 75.74 -21.80
N ARG E 825 5.16 74.65 -21.96
CA ARG E 825 6.61 74.73 -22.16
C ARG E 825 6.93 74.80 -23.65
N GLY E 826 7.75 75.79 -24.02
CA GLY E 826 8.10 76.00 -25.41
C GLY E 826 9.46 75.45 -25.81
N ILE E 827 9.47 74.42 -26.64
CA ILE E 827 10.70 73.88 -27.19
C ILE E 827 11.19 74.81 -28.31
N SER E 828 12.51 74.96 -28.40
CA SER E 828 13.09 75.89 -29.36
C SER E 828 12.70 75.51 -30.79
N ASP E 829 12.32 76.52 -31.57
CA ASP E 829 11.97 76.43 -32.99
C ASP E 829 10.67 75.65 -33.24
N THR E 830 9.88 75.40 -32.19
CA THR E 830 8.59 74.75 -32.33
C THR E 830 7.53 75.62 -31.68
N SER E 831 6.42 75.86 -32.38
CA SER E 831 5.34 76.68 -31.87
C SER E 831 4.41 75.86 -30.98
N ILE E 832 3.82 76.51 -30.00
CA ILE E 832 2.91 75.88 -29.06
C ILE E 832 1.48 76.05 -29.55
N GLN E 833 0.78 74.93 -29.74
CA GLN E 833 -0.66 74.97 -30.01
C GLN E 833 -1.40 74.94 -28.69
N LEU E 834 -2.30 75.90 -28.49
CA LEU E 834 -3.08 75.97 -27.27
C LEU E 834 -4.48 75.40 -27.41
N VAL E 835 -5.06 75.49 -28.62
CA VAL E 835 -6.44 75.08 -28.85
C VAL E 835 -6.48 74.17 -30.06
N ARG E 836 -7.18 73.05 -29.93
CA ARG E 836 -7.45 72.14 -31.04
C ARG E 836 -8.94 72.13 -31.33
N THR E 837 -9.29 72.12 -32.61
CA THR E 837 -10.68 72.14 -33.05
C THR E 837 -10.94 70.86 -33.84
N CYS E 838 -11.39 69.84 -33.14
CA CYS E 838 -11.62 68.52 -33.72
C CYS E 838 -13.08 68.32 -34.08
N LEU E 839 -13.32 67.42 -35.03
CA LEU E 839 -14.66 67.04 -35.45
C LEU E 839 -14.99 65.65 -34.90
N VAL E 840 -16.15 65.54 -34.27
CA VAL E 840 -16.55 64.32 -33.58
C VAL E 840 -17.69 63.67 -34.35
N LEU E 841 -17.51 62.42 -34.75
CA LEU E 841 -18.56 61.65 -35.39
C LEU E 841 -19.48 61.07 -34.33
N ASN E 842 -20.78 61.34 -34.47
CA ASN E 842 -21.78 60.88 -33.51
C ASN E 842 -23.06 60.53 -34.25
N TRP E 843 -23.81 59.58 -33.70
CA TRP E 843 -25.09 59.18 -34.28
C TRP E 843 -25.99 58.54 -33.24
N VAL E 855 -20.25 53.00 -38.12
CA VAL E 855 -19.60 53.85 -39.13
C VAL E 855 -18.30 53.22 -39.61
N ARG E 856 -18.18 53.08 -40.92
CA ARG E 856 -16.98 52.53 -41.55
C ARG E 856 -16.37 53.57 -42.47
N ALA E 857 -15.06 53.49 -42.64
CA ALA E 857 -14.33 54.40 -43.50
C ALA E 857 -13.53 53.60 -44.52
N PHE E 858 -13.53 54.08 -45.76
CA PHE E 858 -12.77 53.44 -46.82
C PHE E 858 -12.53 54.44 -47.94
N PHE E 859 -11.54 54.13 -48.78
CA PHE E 859 -11.14 55.06 -49.83
C PHE E 859 -12.03 54.95 -51.06
N VAL E 860 -12.14 56.06 -51.78
CA VAL E 860 -12.83 56.12 -53.06
C VAL E 860 -11.88 56.76 -54.05
N GLU E 861 -11.69 56.11 -55.19
CA GLU E 861 -10.75 56.57 -56.21
C GLU E 861 -11.50 56.84 -57.50
N VAL E 862 -11.29 58.02 -58.07
CA VAL E 862 -11.86 58.41 -59.35
C VAL E 862 -10.71 58.50 -60.34
N ASN E 863 -10.80 57.75 -61.43
CA ASN E 863 -9.75 57.71 -62.43
C ASN E 863 -10.33 58.02 -63.80
N THR E 864 -9.57 58.77 -64.59
CA THR E 864 -9.94 59.05 -65.98
C THR E 864 -8.68 59.44 -66.74
N LYS E 865 -8.30 58.60 -67.71
CA LYS E 865 -7.14 58.85 -68.57
C LYS E 865 -5.87 59.11 -67.75
N GLY E 866 -5.51 58.11 -66.94
CA GLY E 866 -4.27 58.16 -66.22
C GLY E 866 -4.20 59.19 -65.12
N LEU E 867 -5.34 59.63 -64.60
CA LEU E 867 -5.39 60.63 -63.54
C LEU E 867 -6.04 60.03 -62.31
N ILE E 868 -5.50 60.35 -61.14
CA ILE E 868 -5.87 59.72 -59.88
C ILE E 868 -6.24 60.79 -58.87
N ARG E 869 -7.35 60.57 -58.15
CA ARG E 869 -7.78 61.52 -57.12
C ARG E 869 -8.45 60.73 -55.99
N ASP E 870 -7.82 60.73 -54.82
CA ASP E 870 -8.27 59.95 -53.67
C ASP E 870 -9.36 60.66 -52.90
N PHE E 871 -10.21 59.87 -52.23
CA PHE E 871 -11.27 60.38 -51.37
C PHE E 871 -11.43 59.47 -50.18
N ILE E 872 -11.98 60.03 -49.10
CA ILE E 872 -12.28 59.28 -47.89
C ILE E 872 -13.80 59.25 -47.73
N ARG E 873 -14.37 58.05 -47.76
CA ARG E 873 -15.82 57.88 -47.64
C ARG E 873 -16.13 57.34 -46.25
N ILE E 874 -16.78 58.17 -45.43
CA ILE E 874 -17.19 57.81 -44.09
C ILE E 874 -18.70 57.69 -44.09
N GLY E 875 -19.21 56.49 -43.85
CA GLY E 875 -20.63 56.24 -43.93
C GLY E 875 -21.12 55.41 -42.77
N LEU E 876 -22.43 55.44 -42.58
CA LEU E 876 -23.09 54.67 -41.53
C LEU E 876 -23.93 53.55 -42.11
N ARG E 885 -38.10 50.24 -44.68
CA ARG E 885 -38.78 50.53 -45.94
C ARG E 885 -37.83 50.48 -47.12
N LYS E 886 -38.37 50.14 -48.29
CA LYS E 886 -37.54 49.95 -49.49
C LYS E 886 -36.86 51.25 -49.90
N ARG E 887 -37.52 52.39 -49.71
CA ARG E 887 -36.95 53.67 -50.11
C ARG E 887 -35.70 54.02 -49.30
N ASN E 888 -35.52 53.44 -48.13
CA ASN E 888 -34.39 53.75 -47.26
C ASN E 888 -33.18 52.86 -47.52
N ASN E 889 -33.25 51.99 -48.52
CA ASN E 889 -32.10 51.16 -48.84
C ASN E 889 -30.92 52.06 -49.25
N PRO E 890 -29.69 51.84 -48.82
CA PRO E 890 -28.59 52.73 -49.13
C PRO E 890 -28.05 52.48 -50.54
N MET E 901 -27.62 41.34 -61.50
CA MET E 901 -28.65 41.97 -60.69
C MET E 901 -29.17 43.22 -61.39
N ASN E 902 -28.41 43.71 -62.37
CA ASN E 902 -28.84 44.85 -63.17
C ASN E 902 -29.57 44.34 -64.40
N PRO E 903 -30.84 44.69 -64.60
CA PRO E 903 -31.59 44.18 -65.76
C PRO E 903 -31.01 44.60 -67.10
N PHE E 904 -30.19 45.64 -67.15
CA PHE E 904 -29.53 46.01 -68.39
C PHE E 904 -28.28 45.18 -68.66
N TYR E 905 -27.77 44.45 -67.67
CA TYR E 905 -26.54 43.69 -67.83
C TYR E 905 -26.70 42.28 -67.26
N HIS E 922 -38.07 15.69 -55.43
CA HIS E 922 -39.53 15.79 -55.35
C HIS E 922 -40.01 15.79 -53.91
N GLY E 923 -41.32 15.69 -53.73
CA GLY E 923 -41.91 15.60 -52.41
C GLY E 923 -43.20 16.36 -52.24
N THR E 924 -44.12 15.79 -51.47
CA THR E 924 -45.40 16.41 -51.16
C THR E 924 -45.39 16.86 -49.71
N ILE E 925 -45.76 18.12 -49.48
CA ILE E 925 -45.77 18.67 -48.13
C ILE E 925 -46.95 18.10 -47.35
N ARG E 926 -46.67 17.59 -46.16
CA ARG E 926 -47.71 17.21 -45.21
C ARG E 926 -47.59 18.12 -43.99
N MET E 927 -48.62 18.94 -43.76
CA MET E 927 -48.60 19.93 -42.70
C MET E 927 -49.80 19.74 -41.80
N PHE E 928 -49.61 20.04 -40.52
CA PHE E 928 -50.69 20.03 -39.55
C PHE E 928 -50.34 20.89 -38.34
N SER E 937 -45.19 22.20 -38.04
CA SER E 937 -44.82 20.79 -38.21
C SER E 937 -44.94 20.39 -39.68
N LEU E 938 -43.83 19.92 -40.24
CA LEU E 938 -43.77 19.59 -41.65
C LEU E 938 -43.12 18.22 -41.85
N LEU E 939 -43.71 17.42 -42.72
CA LEU E 939 -43.11 16.18 -43.20
C LEU E 939 -43.21 16.16 -44.72
N ILE E 940 -42.27 15.46 -45.35
CA ILE E 940 -42.23 15.35 -46.80
C ILE E 940 -42.55 13.91 -47.17
N LEU E 941 -43.55 13.73 -48.01
CA LEU E 941 -43.92 12.42 -48.53
C LEU E 941 -43.46 12.31 -49.98
N SER E 942 -42.85 11.18 -50.31
CA SER E 942 -42.27 10.99 -51.64
C SER E 942 -42.20 9.49 -51.91
N SER E 943 -41.47 9.13 -52.96
CA SER E 943 -41.28 7.73 -53.32
C SER E 943 -40.38 6.99 -52.34
N SER E 944 -39.73 7.70 -51.42
CA SER E 944 -38.92 7.05 -50.40
C SER E 944 -39.74 6.51 -49.24
N ASN E 945 -41.01 6.89 -49.12
CA ASN E 945 -41.86 6.36 -48.07
C ASN E 945 -43.26 6.01 -48.51
N CYS E 946 -43.60 6.11 -49.80
CA CYS E 946 -44.89 5.70 -50.32
C CYS E 946 -44.67 4.83 -51.54
N PHE E 947 -45.39 3.72 -51.61
CA PHE E 947 -45.18 2.75 -52.68
C PHE E 947 -46.50 2.12 -53.07
N ARG E 948 -46.57 1.68 -54.33
CA ARG E 948 -47.76 1.08 -54.88
C ARG E 948 -47.72 -0.43 -54.73
N ILE E 949 -48.88 -1.01 -54.40
CA ILE E 949 -49.05 -2.46 -54.38
C ILE E 949 -50.07 -2.79 -55.45
N GLY E 950 -49.64 -3.54 -56.46
CA GLY E 950 -50.48 -3.83 -57.62
C GLY E 950 -51.21 -5.16 -57.56
N THR E 972 -82.08 8.18 -78.30
CA THR E 972 -81.07 8.59 -77.34
C THR E 972 -79.71 8.04 -77.72
N ILE E 973 -78.66 8.52 -77.05
CA ILE E 973 -77.30 8.07 -77.29
C ILE E 973 -76.78 7.36 -76.06
N LYS E 974 -75.58 6.79 -76.15
CA LYS E 974 -74.99 6.08 -75.04
C LYS E 974 -74.63 7.04 -73.91
N ASN E 975 -74.85 6.58 -72.67
CA ASN E 975 -74.51 7.39 -71.51
C ASN E 975 -73.01 7.48 -71.33
N SER E 976 -72.51 8.70 -71.13
CA SER E 976 -71.12 8.94 -70.81
C SER E 976 -71.04 10.00 -69.72
N SER E 977 -70.02 9.90 -68.89
CA SER E 977 -69.81 10.89 -67.85
C SER E 977 -69.49 12.25 -68.46
N GLY E 978 -70.03 13.30 -67.85
CA GLY E 978 -69.80 14.64 -68.33
C GLY E 978 -70.80 15.63 -67.79
N PRO E 979 -70.67 16.90 -68.19
CA PRO E 979 -71.57 17.93 -67.69
C PRO E 979 -72.99 17.74 -68.20
N LEU E 980 -73.95 18.16 -67.37
CA LEU E 980 -75.36 18.15 -67.74
C LEU E 980 -75.88 19.55 -68.05
N GLY E 981 -75.06 20.57 -67.90
CA GLY E 981 -75.49 21.95 -67.98
C GLY E 981 -75.28 22.66 -66.66
N THR E 982 -75.68 23.94 -66.65
CA THR E 982 -75.53 24.80 -65.49
C THR E 982 -76.84 24.86 -64.73
N ALA E 983 -76.82 24.47 -63.46
CA ALA E 983 -78.00 24.56 -62.63
C ALA E 983 -78.36 26.02 -62.39
N ILE E 984 -79.63 26.34 -62.53
CA ILE E 984 -80.10 27.71 -62.40
C ILE E 984 -80.71 27.91 -61.02
N GLN E 985 -80.81 29.18 -60.62
CA GLN E 985 -81.44 29.50 -59.35
C GLN E 985 -82.93 29.20 -59.41
N ILE E 986 -83.42 28.50 -58.39
CA ILE E 986 -84.85 28.26 -58.20
C ILE E 986 -85.34 29.25 -57.15
N SER E 987 -86.25 30.14 -57.54
CA SER E 987 -86.62 31.24 -56.67
C SER E 987 -87.31 30.76 -55.39
N ASN E 988 -87.95 29.58 -55.44
CA ASN E 988 -88.57 29.03 -54.25
C ASN E 988 -87.57 28.74 -53.14
N PHE E 989 -86.28 28.60 -53.48
CA PHE E 989 -85.26 28.24 -52.52
C PHE E 989 -84.27 29.37 -52.23
N TYR E 990 -84.54 30.58 -52.73
CA TYR E 990 -83.92 31.82 -52.25
C TYR E 990 -82.42 31.93 -52.52
N SER E 991 -81.79 30.87 -52.99
CA SER E 991 -80.33 30.81 -53.04
C SER E 991 -79.85 31.11 -54.46
N PHE E 992 -78.90 32.03 -54.57
CA PHE E 992 -78.36 32.39 -55.89
C PHE E 992 -77.76 31.17 -56.58
N LEU E 993 -76.92 30.43 -55.87
CA LEU E 993 -76.49 29.12 -56.32
C LEU E 993 -77.42 28.07 -55.74
N PRO E 994 -78.06 27.24 -56.57
CA PRO E 994 -79.11 26.35 -56.06
C PRO E 994 -78.57 25.36 -55.03
N LEU E 995 -79.44 25.01 -54.08
CA LEU E 995 -79.09 24.04 -53.06
C LEU E 995 -78.88 22.64 -53.66
N LEU E 996 -79.67 22.30 -54.68
CA LEU E 996 -79.65 21.01 -55.35
C LEU E 996 -80.15 19.89 -54.44
N THR E 997 -79.43 19.60 -53.36
CA THR E 997 -79.81 18.49 -52.48
C THR E 997 -79.67 18.90 -51.03
N TYR E 998 -80.36 18.15 -50.17
CA TYR E 998 -80.20 18.20 -48.72
C TYR E 998 -79.59 16.89 -48.24
N ASN E 999 -78.99 16.94 -47.05
CA ASN E 999 -78.66 15.73 -46.32
C ASN E 999 -79.65 15.57 -45.17
N GLN E 1000 -79.45 14.52 -44.37
CA GLN E 1000 -80.39 14.22 -43.30
C GLN E 1000 -80.47 15.35 -42.27
N ILE E 1001 -79.31 15.91 -41.92
CA ILE E 1001 -79.28 16.94 -40.89
C ILE E 1001 -79.82 18.26 -41.43
N SER E 1002 -79.41 18.65 -42.63
CA SER E 1002 -79.75 19.98 -43.13
C SER E 1002 -81.22 20.09 -43.53
N VAL E 1003 -81.86 18.97 -43.89
CA VAL E 1003 -83.27 19.01 -44.24
C VAL E 1003 -84.11 19.30 -43.00
N ILE E 1004 -83.65 18.90 -41.81
CA ILE E 1004 -84.39 19.19 -40.60
C ILE E 1004 -84.12 20.60 -40.11
N LYS E 1005 -82.90 21.11 -40.31
CA LYS E 1005 -82.56 22.45 -39.85
C LYS E 1005 -83.16 23.54 -40.74
N TYR E 1006 -83.11 23.39 -42.06
CA TYR E 1006 -83.21 24.53 -42.96
C TYR E 1006 -84.32 24.43 -44.00
N LEU E 1007 -85.20 23.44 -43.91
CA LEU E 1007 -86.26 23.30 -44.90
C LEU E 1007 -87.46 24.13 -44.48
N GLN E 1008 -87.88 25.05 -45.35
CA GLN E 1008 -89.03 25.89 -45.07
C GLN E 1008 -90.32 25.09 -45.23
N LEU E 1009 -91.36 25.54 -44.52
CA LEU E 1009 -92.63 24.82 -44.50
C LEU E 1009 -93.26 24.77 -45.90
N ASP E 1010 -93.20 25.87 -46.63
CA ASP E 1010 -93.81 25.92 -47.95
C ASP E 1010 -93.08 25.09 -48.99
N ASN E 1011 -91.89 24.59 -48.67
CA ASN E 1011 -91.08 23.82 -49.62
C ASN E 1011 -91.14 22.32 -49.38
N PHE E 1012 -91.95 21.85 -48.42
CA PHE E 1012 -92.04 20.42 -48.17
C PHE E 1012 -92.61 19.68 -49.38
N LYS E 1013 -93.50 20.32 -50.12
CA LYS E 1013 -94.09 19.73 -51.32
C LYS E 1013 -93.08 19.50 -52.43
N TYR E 1014 -91.91 20.11 -52.35
CA TYR E 1014 -90.93 20.06 -53.44
C TYR E 1014 -89.77 19.13 -53.15
N ILE E 1015 -89.73 18.49 -51.99
CA ILE E 1015 -88.69 17.53 -51.68
C ILE E 1015 -88.96 16.24 -52.45
N PHE E 1016 -87.96 15.77 -53.19
CA PHE E 1016 -88.10 14.60 -54.04
C PHE E 1016 -87.09 13.54 -53.67
N GLN E 1017 -87.48 12.28 -53.82
CA GLN E 1017 -86.59 11.16 -53.54
C GLN E 1017 -85.73 10.80 -54.73
N VAL E 1018 -86.19 11.07 -55.95
CA VAL E 1018 -85.43 10.80 -57.16
C VAL E 1018 -85.19 12.12 -57.88
N ILE E 1019 -84.36 12.07 -58.89
CA ILE E 1019 -83.96 13.26 -59.64
C ILE E 1019 -84.97 13.51 -60.75
N HIS E 1020 -85.32 14.78 -60.96
CA HIS E 1020 -86.15 15.22 -62.06
C HIS E 1020 -85.39 16.28 -62.84
N SER E 1021 -85.34 16.11 -64.17
CA SER E 1021 -84.50 16.93 -65.02
C SER E 1021 -85.35 17.78 -65.94
N TYR E 1022 -85.09 19.09 -65.94
CA TYR E 1022 -85.74 20.04 -66.82
C TYR E 1022 -84.68 20.84 -67.55
N LEU E 1023 -85.00 21.25 -68.78
CA LEU E 1023 -84.08 22.05 -69.58
C LEU E 1023 -84.78 23.31 -70.04
N ILE E 1024 -84.14 24.46 -69.83
CA ILE E 1024 -84.62 25.74 -70.32
C ILE E 1024 -83.74 26.14 -71.50
N ASP E 1025 -84.36 26.42 -72.63
CA ASP E 1025 -83.61 26.85 -73.80
C ASP E 1025 -83.40 28.37 -73.75
N GLU E 1026 -82.82 28.91 -74.81
CA GLU E 1026 -82.46 30.32 -74.82
C GLU E 1026 -83.66 31.25 -74.97
N ASN E 1027 -84.81 30.72 -75.38
CA ASN E 1027 -86.03 31.52 -75.47
C ASN E 1027 -86.91 31.42 -74.23
N GLY E 1028 -86.53 30.59 -73.26
CA GLY E 1028 -87.30 30.44 -72.05
C GLY E 1028 -88.26 29.27 -72.04
N ARG E 1029 -88.22 28.40 -73.05
CA ARG E 1029 -89.09 27.22 -73.07
C ARG E 1029 -88.51 26.12 -72.21
N ILE E 1030 -89.41 25.35 -71.60
CA ILE E 1030 -89.05 24.31 -70.64
C ILE E 1030 -89.31 22.95 -71.28
N PHE E 1031 -88.29 22.10 -71.29
CA PHE E 1031 -88.34 20.78 -71.91
C PHE E 1031 -88.07 19.70 -70.88
N ASN E 1032 -88.72 18.54 -71.06
CA ASN E 1032 -88.52 17.40 -70.18
C ASN E 1032 -88.35 16.07 -70.90
N LEU E 1033 -88.83 15.94 -72.15
CA LEU E 1033 -88.78 14.70 -72.92
C LEU E 1033 -89.58 13.59 -72.26
N ASP E 1034 -89.11 13.07 -71.14
CA ASP E 1034 -89.84 12.07 -70.35
C ASP E 1034 -89.82 12.50 -68.90
N PRO E 1035 -90.93 13.06 -68.39
CA PRO E 1035 -90.98 13.51 -66.99
C PRO E 1035 -91.09 12.39 -65.97
N TYR E 1036 -90.94 11.14 -66.36
CA TYR E 1036 -90.99 10.02 -65.43
C TYR E 1036 -89.70 9.21 -65.40
N SER E 1037 -88.68 9.60 -66.17
CA SER E 1037 -87.40 8.92 -66.15
C SER E 1037 -86.27 9.93 -66.01
N ASN E 1038 -85.03 9.48 -66.17
CA ASN E 1038 -83.84 10.31 -65.96
C ASN E 1038 -83.18 10.56 -67.30
N LEU E 1039 -83.63 11.59 -68.00
CA LEU E 1039 -83.06 11.95 -69.29
C LEU E 1039 -82.47 13.35 -69.21
N VAL E 1040 -81.24 13.48 -69.68
CA VAL E 1040 -80.51 14.74 -69.68
C VAL E 1040 -79.90 14.92 -71.07
N LEU E 1041 -79.51 16.15 -71.36
CA LEU E 1041 -78.94 16.49 -72.65
C LEU E 1041 -77.43 16.49 -72.57
N ASN E 1042 -76.79 15.85 -73.55
CA ASN E 1042 -75.35 15.91 -73.69
C ASN E 1042 -74.98 17.25 -74.33
N PRO E 1043 -74.24 18.13 -73.64
CA PRO E 1043 -73.99 19.45 -74.20
C PRO E 1043 -73.03 19.45 -75.39
N PHE E 1044 -72.21 18.41 -75.55
CA PHE E 1044 -71.28 18.37 -76.66
C PHE E 1044 -71.89 17.78 -77.92
N LYS E 1045 -72.64 16.68 -77.80
CA LYS E 1045 -73.28 16.07 -78.94
C LYS E 1045 -74.69 16.59 -79.18
N LEU E 1046 -75.29 17.24 -78.18
CA LEU E 1046 -76.64 17.80 -78.27
C LEU E 1046 -77.67 16.70 -78.56
N ASN E 1047 -77.74 15.74 -77.64
CA ASN E 1047 -78.68 14.64 -77.72
C ASN E 1047 -79.10 14.25 -76.32
N TRP E 1048 -80.25 13.59 -76.22
CA TRP E 1048 -80.73 13.09 -74.94
C TRP E 1048 -80.09 11.75 -74.62
N TYR E 1049 -79.92 11.48 -73.33
CA TYR E 1049 -79.46 10.17 -72.89
C TYR E 1049 -79.93 9.94 -71.46
N PHE E 1050 -79.94 8.67 -71.08
CA PHE E 1050 -80.38 8.29 -69.74
C PHE E 1050 -79.24 8.43 -68.74
N LEU E 1051 -79.59 8.86 -67.53
CA LEU E 1051 -78.63 8.81 -66.43
C LEU E 1051 -78.40 7.36 -66.01
N HIS E 1052 -77.40 7.17 -65.16
CA HIS E 1052 -77.02 5.82 -64.78
C HIS E 1052 -77.97 5.21 -63.75
N GLN E 1053 -78.50 6.02 -62.82
CA GLN E 1053 -79.07 5.43 -61.61
C GLN E 1053 -80.51 5.83 -61.31
N ASN E 1054 -80.88 7.10 -61.55
CA ASN E 1054 -82.01 7.87 -61.04
C ASN E 1054 -81.75 8.42 -59.63
N TYR E 1055 -80.68 8.01 -58.96
CA TYR E 1055 -80.17 8.66 -57.75
C TYR E 1055 -81.25 8.85 -56.69
N ASN E 1056 -81.74 7.72 -56.19
CA ASN E 1056 -82.77 7.74 -55.15
C ASN E 1056 -82.14 7.73 -53.76
N THR E 1065 -64.67 -2.74 -52.41
CA THR E 1065 -63.44 -3.50 -52.59
C THR E 1065 -62.98 -4.09 -51.27
N ILE E 1066 -61.90 -4.88 -51.32
CA ILE E 1066 -61.43 -5.56 -50.11
C ILE E 1066 -60.71 -4.59 -49.19
N ILE E 1067 -59.71 -3.90 -49.70
CA ILE E 1067 -58.90 -3.01 -48.88
C ILE E 1067 -59.63 -1.68 -48.70
N SER E 1068 -59.74 -1.24 -47.46
CA SER E 1068 -60.39 0.02 -47.13
C SER E 1068 -59.36 1.11 -46.88
N LEU E 1069 -59.75 2.34 -47.20
CA LEU E 1069 -58.87 3.48 -47.02
C LEU E 1069 -58.54 3.69 -45.55
N GLY E 1070 -57.27 3.99 -45.26
CA GLY E 1070 -56.84 4.33 -43.94
C GLY E 1070 -56.47 3.17 -43.04
N GLN E 1071 -56.62 1.93 -43.51
CA GLN E 1071 -56.31 0.77 -42.69
C GLN E 1071 -54.80 0.57 -42.58
N PHE E 1072 -54.38 -0.02 -41.45
CA PHE E 1072 -52.98 -0.33 -41.21
C PHE E 1072 -52.73 -1.82 -41.44
N PHE E 1073 -51.60 -2.14 -42.06
CA PHE E 1073 -51.23 -3.51 -42.38
C PHE E 1073 -49.99 -3.92 -41.58
N CYS E 1074 -49.90 -5.20 -41.26
CA CYS E 1074 -48.69 -5.77 -40.71
C CYS E 1074 -47.79 -6.29 -41.84
N GLU E 1075 -46.58 -6.71 -41.47
CA GLU E 1075 -45.53 -6.93 -42.45
C GLU E 1075 -45.74 -8.16 -43.32
N ASN E 1076 -46.63 -9.07 -42.96
CA ASN E 1076 -46.81 -10.27 -43.77
C ASN E 1076 -48.27 -10.66 -43.92
N VAL E 1077 -49.17 -9.67 -43.93
CA VAL E 1077 -50.60 -9.97 -44.05
C VAL E 1077 -50.89 -10.49 -45.44
N CYS E 1078 -51.76 -11.50 -45.51
CA CYS E 1078 -52.15 -12.11 -46.77
C CYS E 1078 -53.50 -11.58 -47.21
N ILE E 1079 -53.56 -11.06 -48.44
CA ILE E 1079 -54.82 -10.60 -48.98
C ILE E 1079 -55.51 -11.70 -49.80
N ALA E 1080 -54.73 -12.54 -50.47
CA ALA E 1080 -55.24 -13.68 -51.21
C ALA E 1080 -54.11 -14.68 -51.38
N LYS E 1081 -54.48 -15.93 -51.65
CA LYS E 1081 -53.48 -16.98 -51.80
C LYS E 1081 -52.56 -16.70 -52.99
N LYS E 1082 -53.14 -16.23 -54.09
CA LYS E 1082 -52.41 -16.02 -55.33
C LYS E 1082 -51.73 -14.65 -55.39
N GLU E 1083 -51.54 -14.00 -54.25
CA GLU E 1083 -51.00 -12.65 -54.21
C GLU E 1083 -49.79 -12.58 -53.29
N PRO E 1084 -48.85 -11.69 -53.58
CA PRO E 1084 -47.72 -11.49 -52.67
C PRO E 1084 -48.18 -10.84 -51.37
N TYR E 1085 -47.44 -11.15 -50.29
CA TYR E 1085 -47.79 -10.64 -48.98
C TYR E 1085 -47.60 -9.12 -48.92
N LEU E 1086 -48.45 -8.48 -48.12
CA LEU E 1086 -48.41 -7.03 -47.97
C LEU E 1086 -47.26 -6.60 -47.08
N LYS E 1087 -46.90 -5.32 -47.20
CA LYS E 1087 -45.92 -4.67 -46.34
C LYS E 1087 -46.62 -3.78 -45.33
N SER E 1088 -45.93 -3.49 -44.24
CA SER E 1088 -46.54 -2.73 -43.16
C SER E 1088 -46.69 -1.26 -43.56
N GLY E 1089 -47.82 -0.67 -43.15
CA GLY E 1089 -48.08 0.72 -43.45
C GLY E 1089 -49.56 0.99 -43.45
N GLN E 1090 -49.90 2.23 -43.80
CA GLN E 1090 -51.29 2.68 -43.86
C GLN E 1090 -51.70 2.88 -45.31
N VAL E 1091 -52.92 2.46 -45.63
CA VAL E 1091 -53.47 2.63 -46.98
C VAL E 1091 -53.70 4.11 -47.23
N LEU E 1092 -52.91 4.70 -48.12
CA LEU E 1092 -52.98 6.12 -48.40
C LEU E 1092 -53.88 6.42 -49.59
N ILE E 1093 -53.80 5.61 -50.64
CA ILE E 1093 -54.55 5.81 -51.87
C ILE E 1093 -55.23 4.51 -52.23
N VAL E 1094 -56.50 4.57 -52.61
CA VAL E 1094 -57.25 3.43 -53.11
C VAL E 1094 -57.64 3.71 -54.55
N GLN E 1095 -57.31 2.79 -55.45
CA GLN E 1095 -57.75 2.90 -56.84
C GLN E 1095 -58.44 1.62 -57.26
N ARG E 1096 -58.77 1.49 -58.56
CA ARG E 1096 -59.58 0.36 -59.00
C ARG E 1096 -58.85 -0.97 -58.81
N ASP E 1097 -57.57 -1.03 -59.15
CA ASP E 1097 -56.83 -2.29 -59.09
C ASP E 1097 -55.47 -2.14 -58.42
N SER E 1098 -55.29 -1.13 -57.58
CA SER E 1098 -54.03 -0.96 -56.87
C SER E 1098 -54.25 -0.09 -55.65
N VAL E 1099 -53.28 -0.13 -54.74
CA VAL E 1099 -53.31 0.62 -53.51
C VAL E 1099 -51.91 1.19 -53.27
N VAL E 1100 -51.85 2.44 -52.84
CA VAL E 1100 -50.59 3.05 -52.44
C VAL E 1100 -50.51 3.05 -50.92
N ILE E 1101 -49.37 2.61 -50.40
CA ILE E 1101 -49.15 2.44 -48.97
C ILE E 1101 -48.13 3.46 -48.51
N ARG E 1102 -48.40 4.11 -47.38
CA ARG E 1102 -47.40 4.91 -46.70
C ARG E 1102 -46.70 4.03 -45.66
N SER E 1103 -45.38 3.89 -45.81
CA SER E 1103 -44.63 2.95 -44.98
C SER E 1103 -44.74 3.32 -43.51
N ALA E 1104 -44.99 2.31 -42.67
CA ALA E 1104 -45.07 2.50 -41.24
C ALA E 1104 -44.52 1.27 -40.54
N LYS E 1105 -43.98 1.47 -39.34
CA LYS E 1105 -43.38 0.40 -38.56
C LYS E 1105 -44.10 0.29 -37.22
N PRO E 1106 -44.65 -0.87 -36.86
CA PRO E 1106 -45.28 -1.03 -35.56
C PRO E 1106 -44.30 -1.43 -34.47
N TYR E 1107 -44.58 -0.95 -33.27
CA TYR E 1107 -43.83 -1.30 -32.07
C TYR E 1107 -44.79 -1.88 -31.05
N LEU E 1108 -44.47 -3.06 -30.53
CA LEU E 1108 -45.30 -3.70 -29.53
C LEU E 1108 -44.97 -3.13 -28.15
N ALA E 1109 -46.00 -2.75 -27.40
CA ALA E 1109 -45.84 -2.20 -26.07
C ALA E 1109 -46.81 -2.86 -25.11
N THR E 1110 -46.32 -3.20 -23.93
CA THR E 1110 -47.04 -3.94 -22.91
C THR E 1110 -47.73 -2.99 -21.95
N PRO E 1111 -48.72 -3.48 -21.18
CA PRO E 1111 -49.38 -2.61 -20.21
C PRO E 1111 -48.40 -2.05 -19.20
N GLY E 1112 -48.59 -0.78 -18.84
CA GLY E 1112 -47.68 -0.08 -17.97
C GLY E 1112 -46.55 0.64 -18.66
N ALA E 1113 -46.36 0.41 -19.96
CA ALA E 1113 -45.35 1.14 -20.72
C ALA E 1113 -45.78 2.59 -20.90
N LYS E 1114 -44.80 3.45 -21.17
CA LYS E 1114 -45.03 4.88 -21.33
C LYS E 1114 -44.68 5.30 -22.75
N VAL E 1115 -45.61 6.00 -23.40
CA VAL E 1115 -45.40 6.53 -24.74
C VAL E 1115 -44.93 7.97 -24.60
N HIS E 1116 -43.84 8.31 -25.29
CA HIS E 1116 -43.26 9.64 -25.20
C HIS E 1116 -43.71 10.44 -26.43
N GLY E 1117 -44.82 11.15 -26.28
CA GLY E 1117 -45.31 11.99 -27.35
C GLY E 1117 -46.82 11.95 -27.50
N HIS E 1118 -47.42 13.08 -27.84
CA HIS E 1118 -48.84 13.12 -28.14
C HIS E 1118 -49.11 12.42 -29.47
N TYR E 1119 -50.40 12.29 -29.79
CA TYR E 1119 -50.76 11.75 -31.09
C TYR E 1119 -50.27 12.67 -32.20
N ARG E 1120 -49.78 12.06 -33.28
CA ARG E 1120 -49.30 12.76 -34.47
C ARG E 1120 -48.04 13.59 -34.19
N GLU E 1121 -47.37 13.34 -33.08
CA GLU E 1121 -46.15 14.07 -32.76
C GLU E 1121 -45.01 13.58 -33.63
N ILE E 1122 -44.23 14.52 -34.18
CA ILE E 1122 -43.11 14.16 -35.02
C ILE E 1122 -41.99 13.60 -34.16
N LEU E 1123 -41.48 12.44 -34.54
CA LEU E 1123 -40.38 11.79 -33.84
C LEU E 1123 -39.21 11.65 -34.82
N TYR E 1124 -38.05 12.18 -34.44
CA TYR E 1124 -36.88 12.09 -35.27
C TYR E 1124 -36.15 10.79 -35.01
N GLU E 1125 -35.27 10.43 -35.95
CA GLU E 1125 -34.49 9.21 -35.81
C GLU E 1125 -33.66 9.25 -34.54
N GLY E 1126 -33.76 8.18 -33.75
CA GLY E 1126 -33.05 8.09 -32.49
C GLY E 1126 -33.78 8.66 -31.29
N ASP E 1127 -34.95 9.27 -31.49
CA ASP E 1127 -35.71 9.80 -30.36
C ASP E 1127 -36.35 8.66 -29.56
N THR E 1128 -36.44 8.85 -28.25
CA THR E 1128 -37.08 7.87 -27.39
C THR E 1128 -38.56 7.78 -27.71
N LEU E 1129 -39.05 6.57 -27.88
CA LEU E 1129 -40.44 6.33 -28.30
C LEU E 1129 -41.27 5.70 -27.18
N VAL E 1130 -40.83 4.59 -26.62
CA VAL E 1130 -41.51 3.92 -25.52
C VAL E 1130 -40.50 3.65 -24.42
N THR E 1131 -40.99 3.52 -23.20
CA THR E 1131 -40.17 3.18 -22.05
C THR E 1131 -40.76 1.95 -21.37
N PHE E 1132 -39.95 0.91 -21.23
CA PHE E 1132 -40.34 -0.33 -20.55
C PHE E 1132 -39.69 -0.39 -19.19
N ILE E 1133 -40.37 -1.07 -18.26
CA ILE E 1133 -39.79 -1.44 -16.97
C ILE E 1133 -39.84 -2.96 -16.86
N TYR E 1134 -38.70 -3.56 -16.56
CA TYR E 1134 -38.63 -5.01 -16.39
C TYR E 1134 -37.70 -5.32 -15.22
N GLU E 1135 -37.90 -6.51 -14.65
CA GLU E 1135 -37.09 -6.96 -13.53
C GLU E 1135 -35.77 -7.57 -14.01
N GLY E 1145 -19.90 -10.61 -0.03
CA GLY E 1145 -18.70 -11.31 0.38
C GLY E 1145 -17.92 -10.58 1.46
N LEU E 1146 -16.79 -9.99 1.06
CA LEU E 1146 -15.96 -9.24 2.01
C LEU E 1146 -16.69 -8.07 2.64
N PRO E 1147 -17.41 -7.21 1.91
CA PRO E 1147 -18.22 -6.18 2.60
C PRO E 1147 -19.28 -6.76 3.50
N LYS E 1148 -19.83 -7.93 3.16
CA LYS E 1148 -20.82 -8.57 4.00
C LYS E 1148 -20.22 -8.95 5.36
N VAL E 1149 -18.99 -9.44 5.38
CA VAL E 1149 -18.33 -9.76 6.63
C VAL E 1149 -18.11 -8.50 7.45
N GLU E 1150 -17.69 -7.41 6.80
CA GLU E 1150 -17.45 -6.16 7.51
C GLU E 1150 -18.74 -5.64 8.14
N GLN E 1151 -19.87 -5.78 7.44
CA GLN E 1151 -21.14 -5.32 7.96
C GLN E 1151 -21.56 -6.12 9.19
N VAL E 1152 -21.36 -7.44 9.15
CA VAL E 1152 -21.71 -8.28 10.30
C VAL E 1152 -20.80 -7.99 11.49
N LEU E 1153 -19.49 -7.89 11.23
CA LEU E 1153 -18.55 -7.74 12.33
C LEU E 1153 -18.62 -6.35 12.94
N GLU E 1154 -18.98 -5.34 12.17
CA GLU E 1154 -19.12 -4.00 12.70
C GLU E 1154 -20.47 -3.74 13.33
N VAL E 1155 -21.43 -4.64 13.14
CA VAL E 1155 -22.77 -4.53 13.72
C VAL E 1155 -23.38 -3.16 13.44
N SER E 1162 -29.78 -9.25 10.49
CA SER E 1162 -30.89 -10.18 10.38
C SER E 1162 -32.17 -9.59 10.96
N LEU E 1163 -33.24 -9.61 10.15
CA LEU E 1163 -34.53 -9.11 10.63
C LEU E 1163 -35.07 -9.97 11.75
N ASN E 1164 -34.87 -11.29 11.66
CA ASN E 1164 -35.36 -12.18 12.71
C ASN E 1164 -34.65 -11.96 14.03
N LEU E 1165 -33.38 -11.55 13.99
CA LEU E 1165 -32.66 -11.25 15.23
C LEU E 1165 -33.20 -9.97 15.87
N GLU E 1166 -33.50 -8.95 15.06
CA GLU E 1166 -33.92 -7.67 15.62
C GLU E 1166 -35.32 -7.73 16.20
N LYS E 1167 -36.20 -8.56 15.62
CA LYS E 1167 -37.55 -8.65 16.17
C LYS E 1167 -37.57 -9.47 17.46
N ARG E 1168 -36.71 -10.48 17.57
CA ARG E 1168 -36.67 -11.28 18.80
C ARG E 1168 -36.09 -10.49 19.95
N ILE E 1169 -35.04 -9.72 19.70
CA ILE E 1169 -34.43 -8.91 20.76
C ILE E 1169 -35.41 -7.85 21.24
N LYS E 1170 -36.09 -7.17 20.31
CA LYS E 1170 -37.12 -6.22 20.69
C LYS E 1170 -38.26 -6.91 21.43
N GLY E 1171 -38.68 -8.08 20.95
CA GLY E 1171 -39.76 -8.80 21.62
C GLY E 1171 -39.37 -9.27 23.01
N TRP E 1172 -38.16 -9.82 23.15
CA TRP E 1172 -37.71 -10.27 24.47
C TRP E 1172 -37.49 -9.11 25.42
N ASN E 1173 -37.02 -7.97 24.91
CA ASN E 1173 -36.72 -6.84 25.78
C ASN E 1173 -37.97 -6.31 26.47
N ARG E 1174 -39.08 -6.25 25.74
CA ARG E 1174 -40.31 -5.64 26.27
C ARG E 1174 -41.16 -6.61 27.08
N CYS E 1175 -40.78 -7.88 27.20
CA CYS E 1175 -41.65 -8.78 27.93
C CYS E 1175 -40.97 -9.53 29.07
N ILE E 1176 -39.69 -9.88 28.92
CA ILE E 1176 -39.03 -10.73 29.91
C ILE E 1176 -38.93 -10.01 31.26
N THR E 1177 -38.64 -8.71 31.24
CA THR E 1177 -38.65 -7.95 32.48
C THR E 1177 -40.05 -7.89 33.07
N ARG E 1178 -41.08 -7.86 32.22
CA ARG E 1178 -42.46 -7.88 32.69
C ARG E 1178 -42.85 -9.21 33.31
N ILE E 1179 -42.07 -10.27 33.10
CA ILE E 1179 -42.38 -11.59 33.64
C ILE E 1179 -41.58 -11.88 34.90
N LEU E 1180 -40.28 -11.59 34.89
CA LEU E 1180 -39.40 -11.95 35.99
C LEU E 1180 -39.04 -10.74 36.83
N GLY E 1181 -38.56 -11.00 38.03
CA GLY E 1181 -38.21 -9.98 39.00
C GLY E 1181 -36.79 -9.48 38.86
N ILE E 1182 -36.22 -9.11 40.01
CA ILE E 1182 -34.96 -8.38 40.11
C ILE E 1182 -33.80 -9.37 39.94
N PRO E 1183 -32.64 -8.95 39.38
CA PRO E 1183 -31.68 -9.90 38.80
C PRO E 1183 -32.15 -11.24 38.27
N TRP E 1184 -33.40 -11.34 37.80
CA TRP E 1184 -33.78 -12.48 36.97
C TRP E 1184 -34.33 -12.04 35.63
N GLY E 1185 -35.07 -10.94 35.57
CA GLY E 1185 -35.48 -10.40 34.29
C GLY E 1185 -34.30 -9.90 33.48
N PHE E 1186 -33.39 -9.17 34.12
CA PHE E 1186 -32.21 -8.68 33.42
C PHE E 1186 -31.20 -9.80 33.17
N LEU E 1187 -31.00 -10.67 34.16
CA LEU E 1187 -30.03 -11.74 34.01
C LEU E 1187 -30.45 -12.72 32.93
N ILE E 1188 -31.67 -13.24 33.01
CA ILE E 1188 -32.12 -14.25 32.04
C ILE E 1188 -32.34 -13.61 30.67
N GLY E 1189 -32.84 -12.37 30.64
CA GLY E 1189 -33.03 -11.70 29.38
C GLY E 1189 -31.72 -11.46 28.64
N ALA E 1190 -30.67 -11.11 29.38
CA ALA E 1190 -29.36 -10.90 28.76
C ALA E 1190 -28.76 -12.21 28.27
N GLU E 1191 -28.96 -13.31 29.02
CA GLU E 1191 -28.46 -14.61 28.57
C GLU E 1191 -29.12 -15.03 27.26
N LEU E 1192 -30.44 -14.84 27.15
CA LEU E 1192 -31.15 -15.25 25.96
C LEU E 1192 -30.73 -14.41 24.75
N THR E 1193 -30.62 -13.10 24.92
CA THR E 1193 -30.19 -12.24 23.82
C THR E 1193 -28.77 -12.58 23.40
N ILE E 1194 -27.86 -12.76 24.36
CA ILE E 1194 -26.46 -12.98 24.03
C ILE E 1194 -26.26 -14.34 23.37
N VAL E 1195 -26.90 -15.38 23.89
CA VAL E 1195 -26.77 -16.71 23.29
C VAL E 1195 -27.33 -16.70 21.87
N GLN E 1196 -28.49 -16.08 21.67
CA GLN E 1196 -29.07 -16.00 20.34
C GLN E 1196 -28.16 -15.20 19.39
N SER E 1197 -27.62 -14.08 19.87
CA SER E 1197 -26.75 -13.27 19.03
C SER E 1197 -25.50 -14.03 18.61
N ARG E 1198 -24.90 -14.77 19.55
CA ARG E 1198 -23.68 -15.51 19.23
C ARG E 1198 -23.94 -16.59 18.19
N ILE E 1199 -25.06 -17.30 18.31
CA ILE E 1199 -25.38 -18.35 17.34
C ILE E 1199 -25.57 -17.76 15.94
N SER E 1200 -26.28 -16.64 15.85
CA SER E 1200 -26.54 -16.07 14.53
C SER E 1200 -25.32 -15.38 13.97
N LEU E 1201 -24.51 -14.76 14.82
CA LEU E 1201 -23.31 -14.08 14.35
C LEU E 1201 -22.32 -15.07 13.74
N VAL E 1202 -22.09 -16.20 14.41
CA VAL E 1202 -21.15 -17.19 13.90
C VAL E 1202 -21.69 -17.81 12.61
N ASN E 1203 -23.00 -18.10 12.58
CA ASN E 1203 -23.59 -18.67 11.37
C ASN E 1203 -23.48 -17.73 10.19
N LYS E 1204 -23.76 -16.44 10.41
CA LYS E 1204 -23.69 -15.46 9.33
C LYS E 1204 -22.27 -15.34 8.78
N ILE E 1205 -21.28 -15.30 9.69
CA ILE E 1205 -19.89 -15.18 9.25
C ILE E 1205 -19.47 -16.44 8.50
N GLN E 1206 -19.80 -17.62 9.05
CA GLN E 1206 -19.40 -18.87 8.40
C GLN E 1206 -20.17 -19.13 7.12
N LYS E 1207 -21.34 -18.53 6.95
CA LYS E 1207 -22.06 -18.65 5.69
C LYS E 1207 -21.31 -17.96 4.55
N VAL E 1208 -20.65 -16.84 4.84
CA VAL E 1208 -19.91 -16.13 3.81
C VAL E 1208 -18.69 -16.92 3.36
N TYR E 1209 -17.89 -17.41 4.32
CA TYR E 1209 -16.65 -18.10 3.98
C TYR E 1209 -16.91 -19.46 3.35
N ARG E 1210 -17.95 -20.16 3.82
CA ARG E 1210 -18.23 -21.49 3.30
C ARG E 1210 -18.83 -21.47 1.90
N SER E 1211 -19.49 -20.38 1.51
CA SER E 1211 -19.97 -20.27 0.14
C SER E 1211 -18.83 -19.99 -0.84
N GLN E 1212 -17.73 -19.43 -0.36
CA GLN E 1212 -16.54 -19.21 -1.19
C GLN E 1212 -15.53 -20.35 -1.08
N GLY E 1213 -15.87 -21.42 -0.36
CA GLY E 1213 -14.97 -22.54 -0.21
C GLY E 1213 -13.87 -22.35 0.81
N VAL E 1214 -13.95 -21.32 1.65
CA VAL E 1214 -12.90 -21.03 2.64
C VAL E 1214 -13.24 -21.73 3.93
N GLN E 1215 -12.36 -22.61 4.40
CA GLN E 1215 -12.57 -23.37 5.62
C GLN E 1215 -11.78 -22.73 6.76
N ILE E 1216 -12.49 -22.32 7.81
CA ILE E 1216 -11.89 -21.78 9.02
C ILE E 1216 -12.56 -22.47 10.19
N HIS E 1217 -11.77 -22.85 11.19
CA HIS E 1217 -12.35 -23.47 12.37
C HIS E 1217 -13.20 -22.48 13.14
N ASN E 1218 -14.30 -22.97 13.73
CA ASN E 1218 -15.19 -22.11 14.48
C ASN E 1218 -14.51 -21.50 15.70
N ARG E 1219 -13.41 -22.10 16.16
CA ARG E 1219 -12.65 -21.55 17.28
C ARG E 1219 -12.28 -20.09 17.04
N HIS E 1220 -11.71 -19.79 15.88
CA HIS E 1220 -11.25 -18.44 15.59
C HIS E 1220 -12.40 -17.45 15.53
N ILE E 1221 -13.51 -17.85 14.91
CA ILE E 1221 -14.65 -16.95 14.82
C ILE E 1221 -15.28 -16.74 16.18
N GLU E 1222 -15.33 -17.80 17.01
CA GLU E 1222 -15.91 -17.67 18.33
C GLU E 1222 -15.11 -16.72 19.22
N ILE E 1223 -13.80 -16.65 19.02
CA ILE E 1223 -12.97 -15.73 19.80
C ILE E 1223 -13.33 -14.28 19.49
N ILE E 1224 -13.51 -13.96 18.20
CA ILE E 1224 -13.89 -12.60 17.82
C ILE E 1224 -15.29 -12.27 18.34
N VAL E 1225 -16.23 -13.20 18.16
CA VAL E 1225 -17.63 -12.95 18.51
C VAL E 1225 -17.79 -12.84 20.02
N ARG E 1226 -16.93 -13.50 20.79
CA ARG E 1226 -16.97 -13.33 22.24
C ARG E 1226 -16.76 -11.87 22.63
N GLN E 1227 -15.84 -11.18 21.96
CA GLN E 1227 -15.58 -9.78 22.28
C GLN E 1227 -16.73 -8.88 21.86
N ILE E 1228 -17.43 -9.24 20.77
CA ILE E 1228 -18.57 -8.45 20.29
C ILE E 1228 -19.71 -8.51 21.29
N THR E 1229 -19.92 -9.66 21.93
CA THR E 1229 -21.10 -9.94 22.72
C THR E 1229 -20.79 -10.11 24.21
N SER E 1230 -19.82 -9.38 24.73
CA SER E 1230 -19.38 -9.56 26.11
C SER E 1230 -19.69 -8.36 27.01
N LYS E 1231 -20.56 -7.46 26.57
CA LYS E 1231 -20.83 -6.23 27.32
C LYS E 1231 -22.32 -6.01 27.45
N VAL E 1232 -22.70 -5.36 28.54
CA VAL E 1232 -24.07 -4.91 28.74
C VAL E 1232 -24.04 -3.41 29.02
N LEU E 1233 -25.17 -2.77 28.77
CA LEU E 1233 -25.32 -1.34 28.96
C LEU E 1233 -26.24 -1.11 30.16
N VAL E 1234 -25.75 -0.37 31.15
CA VAL E 1234 -26.57 -0.06 32.31
C VAL E 1234 -27.73 0.82 31.86
N SER E 1235 -28.95 0.40 32.20
CA SER E 1235 -30.13 1.06 31.70
C SER E 1235 -30.25 2.48 32.26
N GLU E 1236 -31.02 3.31 31.56
CA GLU E 1236 -31.18 4.70 31.92
C GLU E 1236 -31.79 4.89 33.31
N GLU E 1237 -32.53 3.90 33.80
CA GLU E 1237 -33.14 3.99 35.12
C GLU E 1237 -32.26 3.42 36.23
N GLY E 1238 -31.18 2.72 35.90
CA GLY E 1238 -30.37 2.12 36.94
C GLY E 1238 -29.31 3.06 37.47
N MET E 1239 -29.65 3.75 38.56
CA MET E 1239 -28.78 4.75 39.15
C MET E 1239 -28.46 4.33 40.57
N SER E 1240 -27.18 4.30 40.91
CA SER E 1240 -26.74 3.93 42.24
C SER E 1240 -25.32 4.46 42.43
N ASN E 1241 -24.70 4.12 43.55
CA ASN E 1241 -23.32 4.45 43.81
C ASN E 1241 -22.37 3.39 43.29
N VAL E 1242 -22.88 2.34 42.66
CA VAL E 1242 -22.06 1.30 42.06
C VAL E 1242 -21.94 1.47 40.56
N PHE E 1243 -23.07 1.59 39.86
CA PHE E 1243 -23.10 1.81 38.43
C PHE E 1243 -23.85 3.09 38.11
N LEU E 1244 -23.45 3.73 37.05
CA LEU E 1244 -24.19 4.89 36.56
C LEU E 1244 -24.95 4.51 35.28
N PRO E 1245 -26.11 5.10 35.05
CA PRO E 1245 -26.84 4.80 33.80
C PRO E 1245 -26.01 5.14 32.58
N GLY E 1246 -26.13 4.29 31.55
CA GLY E 1246 -25.34 4.45 30.34
C GLY E 1246 -23.93 3.91 30.42
N GLU E 1247 -23.56 3.23 31.50
CA GLU E 1247 -22.22 2.71 31.64
C GLU E 1247 -22.08 1.35 30.96
N LEU E 1248 -20.92 1.14 30.33
CA LEU E 1248 -20.59 -0.11 29.67
C LEU E 1248 -19.81 -0.98 30.64
N ILE E 1249 -20.38 -2.12 31.04
CA ILE E 1249 -19.74 -3.03 31.98
C ILE E 1249 -19.75 -4.43 31.41
N GLY E 1250 -18.79 -5.24 31.83
CA GLY E 1250 -18.70 -6.60 31.36
C GLY E 1250 -19.93 -7.41 31.75
N LEU E 1251 -20.26 -8.40 30.90
CA LEU E 1251 -21.42 -9.22 31.17
C LEU E 1251 -21.23 -10.06 32.44
N LEU E 1252 -20.04 -10.63 32.61
CA LEU E 1252 -19.79 -11.45 33.79
C LEU E 1252 -19.80 -10.61 35.06
N ARG E 1253 -19.26 -9.38 35.00
CA ARG E 1253 -19.32 -8.50 36.15
C ARG E 1253 -20.75 -8.15 36.51
N ALA E 1254 -21.58 -7.87 35.50
CA ALA E 1254 -22.98 -7.52 35.77
C ALA E 1254 -23.75 -8.70 36.36
N GLU E 1255 -23.48 -9.92 35.87
CA GLU E 1255 -24.13 -11.10 36.42
C GLU E 1255 -23.78 -11.30 37.89
N ARG E 1256 -22.50 -11.17 38.22
CA ARG E 1256 -22.06 -11.42 39.59
C ARG E 1256 -22.61 -10.37 40.55
N THR E 1257 -22.63 -9.11 40.13
CA THR E 1257 -23.16 -8.06 41.01
C THR E 1257 -24.66 -8.23 41.21
N GLY E 1258 -25.37 -8.75 40.22
CA GLY E 1258 -26.80 -8.97 40.37
C GLY E 1258 -27.13 -9.99 41.45
N ARG E 1259 -26.29 -11.03 41.57
CA ARG E 1259 -26.53 -12.04 42.59
C ARG E 1259 -26.27 -11.50 44.00
N ALA E 1260 -25.42 -10.49 44.12
CA ALA E 1260 -24.96 -10.03 45.43
C ALA E 1260 -25.62 -8.74 45.89
N LEU E 1261 -26.23 -7.97 45.00
CA LEU E 1261 -26.81 -6.69 45.34
C LEU E 1261 -28.21 -6.56 44.73
N GLU E 1262 -29.02 -5.70 45.33
CA GLU E 1262 -30.29 -5.27 44.74
C GLU E 1262 -30.33 -3.75 44.67
N GLU E 1263 -29.25 -3.17 44.16
CA GLU E 1263 -29.04 -1.72 44.15
C GLU E 1263 -29.41 -1.08 42.83
N ALA E 1264 -30.48 -1.56 42.20
CA ALA E 1264 -30.95 -1.04 40.91
C ALA E 1264 -29.89 -1.25 39.84
N ILE E 1265 -29.37 -2.48 39.77
CA ILE E 1265 -28.46 -2.89 38.69
C ILE E 1265 -29.37 -3.40 37.58
N CYS E 1266 -29.68 -2.51 36.64
CA CYS E 1266 -30.52 -2.82 35.50
C CYS E 1266 -29.71 -2.59 34.22
N TYR E 1267 -29.66 -3.60 33.36
CA TYR E 1267 -28.76 -3.56 32.22
C TYR E 1267 -29.36 -4.34 31.07
N ARG E 1268 -28.93 -3.98 29.86
CA ARG E 1268 -29.30 -4.70 28.66
C ARG E 1268 -28.06 -5.08 27.88
N ALA E 1269 -28.11 -6.27 27.27
CA ALA E 1269 -27.03 -6.70 26.40
C ALA E 1269 -26.93 -5.79 25.19
N VAL E 1270 -25.70 -5.47 24.81
CA VAL E 1270 -25.44 -4.61 23.65
C VAL E 1270 -24.46 -5.32 22.73
N LEU E 1271 -24.71 -5.23 21.43
CA LEU E 1271 -23.79 -5.75 20.42
C LEU E 1271 -22.82 -4.63 20.02
N LEU E 1272 -21.56 -4.81 20.35
CA LEU E 1272 -20.52 -3.86 19.98
C LEU E 1272 -19.79 -4.35 18.74
N GLY E 1273 -19.75 -3.52 17.71
CA GLY E 1273 -18.90 -3.81 16.57
C GLY E 1273 -17.43 -3.77 16.95
N ILE E 1274 -16.61 -4.45 16.16
CA ILE E 1274 -15.21 -4.64 16.55
C ILE E 1274 -14.47 -3.32 16.66
N THR E 1275 -14.92 -2.29 15.94
CA THR E 1275 -14.34 -0.96 16.12
C THR E 1275 -14.71 -0.37 17.47
N ARG E 1276 -16.00 -0.43 17.83
CA ARG E 1276 -16.43 0.12 19.11
C ARG E 1276 -15.89 -0.70 20.28
N ALA E 1277 -15.72 -2.01 20.10
CA ALA E 1277 -15.14 -2.82 21.17
C ALA E 1277 -13.65 -2.52 21.34
N SER E 1278 -12.96 -2.12 20.27
CA SER E 1278 -11.55 -1.80 20.37
C SER E 1278 -11.30 -0.46 21.06
N LEU E 1279 -12.32 0.38 21.19
CA LEU E 1279 -12.19 1.66 21.87
C LEU E 1279 -12.78 1.64 23.26
N ASN E 1280 -13.08 0.47 23.80
CA ASN E 1280 -13.62 0.31 25.15
C ASN E 1280 -12.88 -0.81 25.87
N THR E 1281 -11.56 -0.76 25.81
CA THR E 1281 -10.69 -1.79 26.39
C THR E 1281 -10.15 -1.33 27.73
N GLN E 1282 -9.24 -2.11 28.29
CA GLN E 1282 -8.61 -1.80 29.56
C GLN E 1282 -7.29 -1.06 29.43
N SER E 1283 -6.88 -0.71 28.20
CA SER E 1283 -5.60 -0.05 27.97
C SER E 1283 -5.83 1.19 27.12
N PHE E 1284 -5.62 2.37 27.70
CA PHE E 1284 -5.75 3.59 26.91
C PHE E 1284 -4.65 3.71 25.86
N ILE E 1285 -3.52 3.03 26.06
CA ILE E 1285 -2.45 3.05 25.06
C ILE E 1285 -2.88 2.33 23.80
N SER E 1286 -3.57 1.20 23.95
CA SER E 1286 -4.05 0.45 22.78
C SER E 1286 -5.09 1.25 22.01
N GLU E 1287 -6.01 1.90 22.71
CA GLU E 1287 -7.04 2.70 22.05
C GLU E 1287 -6.43 3.90 21.34
N ALA E 1288 -5.48 4.59 21.99
CA ALA E 1288 -4.90 5.78 21.40
C ALA E 1288 -4.07 5.47 20.16
N SER E 1289 -3.49 4.29 20.08
CA SER E 1289 -2.73 3.90 18.89
C SER E 1289 -3.60 3.22 17.84
N PHE E 1290 -4.89 3.04 18.11
CA PHE E 1290 -5.80 2.45 17.13
C PHE E 1290 -6.51 3.52 16.32
N GLN E 1291 -7.31 4.35 16.99
CA GLN E 1291 -8.09 5.39 16.33
C GLN E 1291 -8.38 6.50 17.33
N GLU E 1292 -8.74 7.67 16.79
CA GLU E 1292 -9.15 8.87 17.55
C GLU E 1292 -8.26 9.09 18.78
N THR E 1293 -6.98 9.33 18.49
CA THR E 1293 -5.98 9.43 19.56
C THR E 1293 -6.24 10.62 20.48
N ALA E 1294 -6.59 11.78 19.93
CA ALA E 1294 -6.77 12.98 20.76
C ALA E 1294 -7.95 12.82 21.71
N ARG E 1295 -9.07 12.29 21.23
CA ARG E 1295 -10.23 12.08 22.08
C ARG E 1295 -9.94 11.05 23.17
N VAL E 1296 -9.19 10.00 22.85
CA VAL E 1296 -8.85 8.98 23.83
C VAL E 1296 -7.96 9.56 24.91
N LEU E 1297 -6.92 10.30 24.51
CA LEU E 1297 -5.96 10.81 25.48
C LEU E 1297 -6.54 11.93 26.34
N ALA E 1298 -7.42 12.77 25.76
CA ALA E 1298 -8.01 13.85 26.54
C ALA E 1298 -8.87 13.32 27.67
N LYS E 1299 -9.68 12.30 27.39
CA LYS E 1299 -10.53 11.71 28.43
C LYS E 1299 -9.69 11.00 29.49
N ALA E 1300 -8.71 10.22 29.07
CA ALA E 1300 -7.88 9.47 30.02
C ALA E 1300 -7.07 10.40 30.90
N ALA E 1301 -6.53 11.48 30.33
CA ALA E 1301 -5.70 12.38 31.12
C ALA E 1301 -6.50 13.10 32.19
N LEU E 1302 -7.78 13.37 31.94
CA LEU E 1302 -8.59 14.12 32.90
C LEU E 1302 -8.93 13.29 34.14
N ARG E 1303 -8.93 11.96 34.03
CA ARG E 1303 -9.24 11.11 35.17
C ARG E 1303 -8.03 10.36 35.68
N GLY E 1304 -6.83 10.65 35.17
CA GLY E 1304 -5.63 9.99 35.62
C GLY E 1304 -5.64 8.49 35.36
N ARG E 1305 -6.02 8.09 34.15
CA ARG E 1305 -6.19 6.68 33.84
C ARG E 1305 -4.87 5.93 33.95
N ILE E 1306 -4.96 4.68 34.42
CA ILE E 1306 -3.79 3.82 34.59
C ILE E 1306 -3.90 2.65 33.62
N ASP E 1307 -2.80 2.37 32.94
CA ASP E 1307 -2.68 1.21 32.06
C ASP E 1307 -1.73 0.22 32.71
N TRP E 1308 -2.22 -0.99 32.98
CA TRP E 1308 -1.41 -2.00 33.65
C TRP E 1308 -0.64 -2.88 32.68
N LEU E 1309 -0.72 -2.60 31.38
CA LEU E 1309 0.14 -3.22 30.36
C LEU E 1309 0.02 -4.74 30.36
N LYS E 1310 -1.22 -5.23 30.37
CA LYS E 1310 -1.47 -6.66 30.29
C LYS E 1310 -1.42 -7.18 28.86
N GLY E 1311 -1.80 -6.36 27.89
CA GLY E 1311 -1.93 -6.80 26.52
C GLY E 1311 -0.62 -6.80 25.78
N LEU E 1312 -0.72 -7.10 24.48
CA LEU E 1312 0.46 -7.27 23.63
C LEU E 1312 0.89 -5.95 23.00
N LYS E 1313 -0.04 -5.23 22.38
CA LYS E 1313 0.32 -3.99 21.70
C LYS E 1313 0.79 -2.91 22.67
N GLU E 1314 0.30 -2.96 23.91
CA GLU E 1314 0.76 -2.01 24.93
C GLU E 1314 2.26 -2.10 25.13
N ASN E 1315 2.76 -3.34 25.28
CA ASN E 1315 4.18 -3.55 25.52
C ASN E 1315 5.02 -3.36 24.27
N VAL E 1316 4.44 -3.58 23.08
CA VAL E 1316 5.16 -3.29 21.85
C VAL E 1316 5.49 -1.82 21.75
N VAL E 1317 4.53 -0.95 22.10
CA VAL E 1317 4.77 0.49 22.08
C VAL E 1317 5.85 0.88 23.08
N LEU E 1318 5.85 0.26 24.26
CA LEU E 1318 6.87 0.56 25.26
C LEU E 1318 8.21 -0.06 24.95
N GLY E 1319 8.30 -0.92 23.94
CA GLY E 1319 9.57 -1.55 23.60
C GLY E 1319 10.02 -2.64 24.56
N GLY E 1320 9.11 -3.25 25.30
CA GLY E 1320 9.44 -4.31 26.23
C GLY E 1320 9.28 -5.67 25.62
N VAL E 1321 9.19 -6.67 26.50
CA VAL E 1321 8.93 -8.06 26.10
C VAL E 1321 7.45 -8.32 26.31
N ILE E 1322 6.78 -8.78 25.26
CA ILE E 1322 5.34 -9.01 25.30
C ILE E 1322 5.04 -10.18 26.23
N PRO E 1323 3.92 -10.15 26.96
CA PRO E 1323 3.57 -11.23 27.89
C PRO E 1323 2.93 -12.43 27.20
N ALA E 1324 3.62 -12.97 26.19
CA ALA E 1324 3.14 -14.14 25.48
C ALA E 1324 4.35 -14.85 24.86
N GLY E 1325 4.14 -16.12 24.52
CA GLY E 1325 5.23 -16.91 23.95
C GLY E 1325 6.37 -17.06 24.94
N THR E 1326 7.59 -16.77 24.50
CA THR E 1326 8.74 -16.87 25.38
C THR E 1326 8.78 -15.76 26.41
N GLY E 1327 7.97 -14.71 26.25
CA GLY E 1327 7.81 -13.66 27.23
C GLY E 1327 6.73 -13.91 28.25
N PHE E 1328 5.99 -15.00 28.12
CA PHE E 1328 4.92 -15.30 29.05
C PHE E 1328 5.48 -15.74 30.40
N ASN E 1329 4.87 -15.23 31.47
CA ASN E 1329 5.27 -15.54 32.86
C ASN E 1329 6.73 -15.19 33.12
N LYS E 1330 7.11 -13.97 32.72
CA LYS E 1330 8.46 -13.44 32.96
C LYS E 1330 9.54 -14.35 32.38
N GLY E 1331 9.28 -14.90 31.20
CA GLY E 1331 10.22 -15.82 30.58
C GLY E 1331 10.27 -17.16 31.27
N ASP E 1360 37.21 -21.19 58.02
CA ASP E 1360 37.43 -22.55 57.56
C ASP E 1360 38.04 -23.42 58.66
N ILE E 1361 37.17 -24.06 59.45
CA ILE E 1361 37.60 -25.04 60.45
C ILE E 1361 38.11 -26.27 59.71
N LEU E 1362 38.75 -27.18 60.43
CA LEU E 1362 39.42 -28.39 59.94
C LEU E 1362 40.71 -28.06 59.23
N PHE E 1363 41.01 -26.78 59.01
CA PHE E 1363 42.32 -26.33 58.56
C PHE E 1363 43.03 -25.71 59.74
N TYR E 1364 44.34 -25.95 59.84
CA TYR E 1364 45.14 -25.53 61.00
C TYR E 1364 44.64 -26.16 62.29
N HIS E 1365 44.00 -27.33 62.19
CA HIS E 1365 43.61 -28.10 63.36
C HIS E 1365 43.85 -29.58 63.12
N ARG E 1366 45.00 -29.90 62.53
CA ARG E 1366 45.37 -31.26 62.21
C ARG E 1366 46.26 -31.84 63.32
N GLU E 1367 46.51 -33.14 63.22
CA GLU E 1367 47.36 -33.80 64.20
C GLU E 1367 48.81 -33.35 64.02
N PHE E 1368 49.47 -33.00 65.13
CA PHE E 1368 50.85 -32.56 65.08
C PHE E 1368 51.77 -33.68 64.59
N CYS E 1369 51.52 -34.90 65.06
CA CYS E 1369 52.29 -36.09 64.66
C CYS E 1369 53.78 -35.92 64.95
N VAL F 63 42.22 -55.62 70.07
CA VAL F 63 41.73 -55.19 71.38
C VAL F 63 41.62 -56.39 72.31
N SER F 64 42.32 -56.33 73.44
CA SER F 64 42.26 -57.42 74.40
C SER F 64 41.00 -57.30 75.26
N ALA F 65 40.80 -58.30 76.12
CA ALA F 65 39.66 -58.26 77.03
C ALA F 65 39.87 -57.24 78.14
N LEU F 66 41.12 -57.08 78.60
CA LEU F 66 41.41 -56.09 79.63
C LEU F 66 41.18 -54.67 79.13
N GLU F 67 41.59 -54.39 77.88
CA GLU F 67 41.37 -53.06 77.32
C GLU F 67 39.89 -52.75 77.20
N ARG F 68 39.09 -53.74 76.76
CA ARG F 68 37.66 -53.53 76.61
C ARG F 68 36.99 -53.29 77.96
N SER F 69 37.43 -54.00 79.00
CA SER F 69 36.86 -53.81 80.33
C SER F 69 37.15 -52.40 80.86
N LEU F 70 38.37 -51.91 80.65
CA LEU F 70 38.71 -50.56 81.11
C LEU F 70 37.98 -49.50 80.32
N ARG F 71 37.84 -49.69 79.00
CA ARG F 71 37.14 -48.69 78.21
C ARG F 71 35.68 -48.57 78.61
N LEU F 72 35.04 -49.69 78.96
CA LEU F 72 33.65 -49.63 79.38
C LEU F 72 33.48 -48.81 80.66
N THR F 73 34.37 -49.02 81.65
CA THR F 73 34.23 -48.28 82.89
C THR F 73 34.72 -46.85 82.77
N PHE F 74 35.69 -46.59 81.89
CA PHE F 74 36.10 -45.21 81.62
C PHE F 74 35.02 -44.46 80.88
N MET F 75 34.39 -45.10 79.88
CA MET F 75 33.30 -44.46 79.14
C MET F 75 32.00 -44.43 79.91
N ASP F 76 31.83 -45.32 80.90
CA ASP F 76 30.69 -45.20 81.80
C ASP F 76 30.79 -43.92 82.62
N GLU F 77 31.99 -43.64 83.17
CA GLU F 77 32.19 -42.44 83.97
C GLU F 77 32.11 -41.19 83.10
N LEU F 78 32.69 -41.23 81.90
CA LEU F 78 32.70 -40.05 81.04
C LEU F 78 31.29 -39.68 80.62
N MET F 79 30.51 -40.65 80.15
CA MET F 79 29.18 -40.36 79.67
C MET F 79 28.20 -40.03 80.80
N GLU F 80 28.53 -40.41 82.04
CA GLU F 80 27.70 -40.02 83.18
C GLU F 80 27.97 -38.61 83.67
N ARG F 81 29.06 -37.98 83.21
CA ARG F 81 29.32 -36.59 83.53
C ARG F 81 28.96 -35.65 82.39
N ALA F 82 29.01 -36.13 81.15
CA ALA F 82 28.45 -35.37 80.04
C ALA F 82 26.95 -35.17 80.21
N ARG F 83 26.24 -36.24 80.60
CA ARG F 83 24.82 -36.13 80.88
C ARG F 83 24.56 -35.37 82.18
N ASN F 84 25.56 -35.26 83.04
CA ASN F 84 25.44 -34.47 84.27
C ASN F 84 25.71 -32.99 84.03
N ARG F 85 25.99 -32.60 82.78
CA ARG F 85 26.32 -31.23 82.44
C ARG F 85 27.54 -30.73 83.22
N ASP F 86 28.60 -31.54 83.19
CA ASP F 86 29.84 -31.26 83.91
C ASP F 86 31.01 -31.39 82.94
N PRO F 87 31.27 -30.34 82.15
CA PRO F 87 32.41 -30.40 81.23
C PRO F 87 33.75 -30.56 81.93
N SER F 88 33.89 -30.04 83.16
CA SER F 88 35.13 -30.19 83.89
C SER F 88 35.41 -31.65 84.24
N GLY F 89 34.38 -32.37 84.69
CA GLY F 89 34.56 -33.77 85.01
C GLY F 89 34.84 -34.62 83.79
N VAL F 90 34.20 -34.31 82.66
CA VAL F 90 34.47 -35.02 81.42
C VAL F 90 35.92 -34.80 80.98
N SER F 91 36.51 -33.69 81.38
CA SER F 91 37.91 -33.45 81.06
C SER F 91 38.84 -34.29 81.94
N GLU F 92 38.46 -34.49 83.21
CA GLU F 92 39.29 -35.27 84.11
C GLU F 92 39.38 -36.73 83.67
N VAL F 93 38.27 -37.29 83.20
CA VAL F 93 38.27 -38.69 82.78
C VAL F 93 39.14 -38.90 81.55
N ILE F 94 39.14 -37.92 80.63
CA ILE F 94 39.98 -38.03 79.43
C ILE F 94 41.44 -38.08 79.82
N TYR F 95 41.83 -37.27 80.81
CA TYR F 95 43.21 -37.33 81.30
C TYR F 95 43.47 -38.60 82.10
N ASP F 96 42.42 -39.17 82.72
CA ASP F 96 42.56 -40.50 83.30
C ASP F 96 42.81 -41.55 82.22
N MET F 97 42.10 -41.43 81.09
CA MET F 97 42.33 -42.34 79.97
C MET F 97 43.75 -42.21 79.44
N ILE F 98 44.25 -40.98 79.35
CA ILE F 98 45.61 -40.76 78.87
C ILE F 98 46.62 -41.35 79.84
N ALA F 99 46.37 -41.24 81.15
CA ALA F 99 47.24 -41.84 82.13
C ALA F 99 47.27 -43.35 82.01
N ALA F 100 46.12 -43.97 81.78
CA ALA F 100 46.05 -45.42 81.57
C ALA F 100 46.58 -45.86 80.22
N GLY F 101 46.87 -44.92 79.32
CA GLY F 101 47.35 -45.26 78.00
C GLY F 101 46.27 -45.45 76.95
N LEU F 102 45.00 -45.40 77.33
CA LEU F 102 43.91 -45.51 76.38
C LEU F 102 43.84 -44.25 75.53
N SER F 103 43.58 -44.42 74.23
CA SER F 103 43.50 -43.30 73.32
C SER F 103 42.06 -42.83 73.19
N PRO F 104 41.74 -41.57 73.52
CA PRO F 104 40.36 -41.10 73.41
C PRO F 104 39.91 -41.08 71.95
N GLY F 105 38.82 -41.79 71.68
CA GLY F 105 38.29 -41.88 70.34
C GLY F 105 37.25 -40.81 70.07
N PRO F 106 36.58 -40.90 68.91
CA PRO F 106 35.56 -39.90 68.57
C PRO F 106 34.43 -39.82 69.57
N ARG F 107 34.06 -40.93 70.20
CA ARG F 107 32.94 -40.90 71.14
C ARG F 107 33.33 -40.35 72.51
N SER F 108 34.62 -40.31 72.84
CA SER F 108 35.03 -39.67 74.08
C SER F 108 35.01 -38.15 73.95
N PHE F 109 35.43 -37.63 72.79
CA PHE F 109 35.35 -36.19 72.58
C PHE F 109 33.92 -35.74 72.32
N HIS F 110 33.05 -36.64 71.87
CA HIS F 110 31.63 -36.32 71.76
C HIS F 110 31.04 -36.00 73.13
N GLY F 111 31.43 -36.78 74.14
CA GLY F 111 30.98 -36.49 75.50
C GLY F 111 31.50 -35.16 76.03
N LEU F 112 32.68 -34.74 75.57
CA LEU F 112 33.20 -33.44 75.98
C LEU F 112 32.46 -32.30 75.27
N VAL F 113 32.17 -32.47 73.98
CA VAL F 113 31.42 -31.45 73.25
C VAL F 113 30.03 -31.31 73.84
N VAL F 114 29.36 -32.43 74.10
CA VAL F 114 27.98 -32.40 74.57
C VAL F 114 27.89 -31.74 75.94
N ALA F 115 28.83 -32.05 76.84
CA ALA F 115 28.80 -31.47 78.18
C ALA F 115 28.90 -29.95 78.12
N HIS F 116 29.81 -29.42 77.32
CA HIS F 116 29.87 -27.97 77.13
C HIS F 116 28.63 -27.44 76.45
N ALA F 117 28.14 -28.15 75.42
CA ALA F 117 26.99 -27.68 74.67
C ALA F 117 25.75 -27.60 75.54
N LEU F 118 25.56 -28.59 76.42
CA LEU F 118 24.38 -28.59 77.27
C LEU F 118 24.38 -27.43 78.27
N ASN F 119 25.56 -26.97 78.70
CA ASN F 119 25.65 -25.78 79.53
C ASN F 119 25.90 -24.52 78.70
N GLY F 120 25.13 -24.36 77.62
CA GLY F 120 25.17 -23.18 76.76
C GLY F 120 26.53 -22.55 76.55
N ASP F 121 27.57 -23.35 76.38
CA ASP F 121 28.95 -22.86 76.35
C ASP F 121 29.50 -23.08 74.94
N GLU F 122 29.45 -22.03 74.13
CA GLU F 122 29.89 -22.14 72.73
C GLU F 122 31.40 -22.16 72.60
N GLN F 123 32.11 -21.45 73.47
CA GLN F 123 33.56 -21.35 73.35
C GLN F 123 34.23 -22.63 73.81
N GLY F 124 33.76 -23.20 74.92
CA GLY F 124 34.31 -24.46 75.39
C GLY F 124 34.03 -25.61 74.44
N ALA F 125 32.82 -25.65 73.89
CA ALA F 125 32.47 -26.70 72.93
C ALA F 125 33.29 -26.58 71.66
N MET F 126 33.53 -25.36 71.18
CA MET F 126 34.41 -25.16 70.04
C MET F 126 35.85 -25.56 70.39
N HIS F 127 36.29 -25.25 71.60
CA HIS F 127 37.62 -25.67 72.05
C HIS F 127 37.72 -27.19 72.13
N SER F 128 36.65 -27.85 72.58
CA SER F 128 36.64 -29.30 72.65
C SER F 128 36.74 -29.92 71.25
N LEU F 129 36.09 -29.30 70.26
CA LEU F 129 36.20 -29.79 68.89
C LEU F 129 37.63 -29.64 68.37
N ARG F 130 38.30 -28.55 68.75
CA ARG F 130 39.68 -28.36 68.34
C ARG F 130 40.58 -29.43 68.96
N LYS F 131 40.30 -29.81 70.21
CA LYS F 131 41.02 -30.91 70.84
C LYS F 131 40.84 -32.21 70.07
N GLU F 132 39.60 -32.48 69.63
CA GLU F 132 39.32 -33.70 68.89
C GLU F 132 40.05 -33.73 67.57
N LEU F 133 39.99 -32.63 66.81
CA LEU F 133 40.71 -32.54 65.55
C LEU F 133 42.22 -32.58 65.77
N GLY F 134 42.69 -31.91 66.82
CA GLY F 134 44.11 -31.93 67.14
C GLY F 134 44.62 -33.28 67.60
N ALA F 135 43.74 -34.14 68.10
CA ALA F 135 44.10 -35.50 68.48
C ALA F 135 44.06 -36.46 67.30
N GLY F 136 43.69 -35.98 66.11
CA GLY F 136 43.61 -36.83 64.94
C GLY F 136 42.33 -37.61 64.82
N GLN F 137 41.36 -37.41 65.72
CA GLN F 137 40.12 -38.15 65.67
C GLN F 137 39.14 -37.47 64.73
N ARG F 138 38.21 -38.27 64.20
CA ARG F 138 37.21 -37.79 63.27
C ARG F 138 35.90 -37.58 64.00
N PRO F 139 35.40 -36.35 64.11
CA PRO F 139 34.17 -36.12 64.86
C PRO F 139 32.98 -36.85 64.28
N LEU F 140 32.12 -37.34 65.16
CA LEU F 140 30.92 -38.05 64.73
C LEU F 140 29.93 -37.07 64.10
N PRO F 141 29.07 -37.56 63.19
CA PRO F 141 28.04 -36.68 62.63
C PRO F 141 27.13 -36.10 63.70
N GLU F 142 26.85 -36.85 64.76
CA GLU F 142 26.08 -36.33 65.87
C GLU F 142 26.83 -35.23 66.61
N THR F 143 28.17 -35.34 66.68
CA THR F 143 28.95 -34.32 67.38
C THR F 143 28.84 -32.98 66.68
N MET F 144 28.89 -32.98 65.35
CA MET F 144 28.74 -31.74 64.60
C MET F 144 27.33 -31.17 64.76
N ILE F 145 26.33 -32.04 64.81
CA ILE F 145 24.95 -31.59 64.95
C ILE F 145 24.74 -30.91 66.30
N ALA F 146 25.41 -31.40 67.35
CA ALA F 146 25.33 -30.76 68.66
C ALA F 146 25.93 -29.36 68.62
N LEU F 147 27.03 -29.18 67.89
CA LEU F 147 27.63 -27.86 67.78
C LEU F 147 26.80 -26.94 66.90
N VAL F 148 26.24 -27.48 65.81
CA VAL F 148 25.42 -26.66 64.92
C VAL F 148 24.17 -26.20 65.64
N ARG F 149 23.50 -27.10 66.36
CA ARG F 149 22.29 -26.72 67.08
C ARG F 149 22.61 -25.71 68.17
N LEU F 150 23.77 -25.84 68.81
CA LEU F 150 24.17 -24.86 69.82
C LEU F 150 24.42 -23.49 69.21
N SER F 151 25.04 -23.45 68.02
CA SER F 151 25.31 -22.17 67.39
C SER F 151 24.01 -21.43 67.05
N GLY F 152 23.00 -22.17 66.60
CA GLY F 152 21.72 -21.55 66.31
C GLY F 152 21.03 -21.01 67.54
N SER F 153 21.16 -21.71 68.67
CA SER F 153 20.50 -21.26 69.89
C SER F 153 21.05 -19.92 70.37
N LYS F 154 22.31 -19.63 70.08
CA LYS F 154 22.91 -18.34 70.41
C LYS F 154 22.79 -17.32 69.27
N GLY F 155 22.17 -17.71 68.16
CA GLY F 155 22.06 -16.82 67.02
C GLY F 155 23.33 -16.68 66.20
N ASN F 156 24.30 -17.58 66.37
CA ASN F 156 25.58 -17.50 65.66
C ASN F 156 25.43 -18.24 64.34
N ALA F 157 24.87 -17.55 63.35
CA ALA F 157 24.66 -18.15 62.04
C ALA F 157 25.98 -18.35 61.29
N GLN F 158 26.95 -17.46 61.50
CA GLN F 158 28.23 -17.62 60.83
C GLN F 158 28.94 -18.89 61.30
N ARG F 159 28.96 -19.12 62.61
CA ARG F 159 29.55 -20.34 63.13
C ARG F 159 28.76 -21.57 62.70
N GLY F 160 27.43 -21.46 62.70
CA GLY F 160 26.62 -22.57 62.23
C GLY F 160 26.88 -22.92 60.78
N LEU F 161 27.13 -21.91 59.95
CA LEU F 161 27.45 -22.17 58.55
C LEU F 161 28.87 -22.70 58.39
N GLU F 162 29.80 -22.26 59.24
CA GLU F 162 31.16 -22.80 59.21
C GLU F 162 31.16 -24.28 59.54
N LEU F 163 30.37 -24.68 60.53
CA LEU F 163 30.31 -26.09 60.92
C LEU F 163 29.65 -26.94 59.83
N LEU F 164 28.63 -26.39 59.17
CA LEU F 164 28.01 -27.12 58.06
C LEU F 164 29.01 -27.37 56.93
N ALA F 165 29.88 -26.38 56.68
CA ALA F 165 30.92 -26.55 55.68
C ALA F 165 31.89 -27.66 56.08
N ALA F 166 32.19 -27.76 57.37
CA ALA F 166 33.07 -28.83 57.85
C ALA F 166 32.44 -30.20 57.64
N MET F 167 31.13 -30.32 57.91
CA MET F 167 30.45 -31.60 57.72
C MET F 167 30.50 -32.04 56.25
N GLU F 168 30.35 -31.09 55.33
CA GLU F 168 30.54 -31.42 53.92
C GLU F 168 31.97 -31.86 53.65
N LYS F 169 32.94 -31.17 54.26
CA LYS F 169 34.34 -31.56 54.09
C LYS F 169 34.60 -32.94 54.68
N LEU F 170 33.99 -33.24 55.83
CA LEU F 170 34.05 -34.58 56.41
C LEU F 170 33.18 -35.58 55.65
N ASN F 171 32.56 -35.17 54.55
CA ASN F 171 31.74 -36.00 53.68
C ASN F 171 30.46 -36.50 54.36
N TYR F 172 29.98 -35.79 55.39
CA TYR F 172 28.72 -36.16 56.01
C TYR F 172 27.55 -35.63 55.18
N ASP F 173 26.34 -35.86 55.66
CA ASP F 173 25.12 -35.38 55.02
C ASP F 173 24.59 -34.19 55.80
N ILE F 174 24.71 -33.00 55.22
CA ILE F 174 24.40 -31.77 55.94
C ILE F 174 22.93 -31.38 55.87
N ARG F 175 22.11 -32.15 55.16
CA ARG F 175 20.69 -31.77 55.04
C ARG F 175 20.02 -31.73 56.40
N GLN F 176 20.23 -32.77 57.21
CA GLN F 176 19.58 -32.82 58.51
C GLN F 176 20.12 -31.74 59.44
N ALA F 177 21.43 -31.48 59.41
CA ALA F 177 22.00 -30.46 60.27
C ALA F 177 21.61 -29.07 59.82
N TRP F 178 21.43 -28.87 58.52
CA TRP F 178 20.95 -27.59 58.01
C TRP F 178 19.51 -27.34 58.48
N LEU F 179 18.66 -28.36 58.47
CA LEU F 179 17.30 -28.20 58.95
C LEU F 179 17.30 -27.79 60.41
N ILE F 180 18.15 -28.42 61.23
CA ILE F 180 18.21 -28.11 62.66
C ILE F 180 18.67 -26.68 62.89
N LEU F 181 19.64 -26.22 62.09
CA LEU F 181 20.15 -24.86 62.27
C LEU F 181 19.06 -23.82 62.02
N VAL F 182 18.22 -24.04 61.02
CA VAL F 182 17.20 -23.05 60.68
C VAL F 182 16.11 -22.99 61.75
N GLU F 183 15.68 -24.14 62.27
CA GLU F 183 14.64 -24.11 63.30
C GLU F 183 15.14 -23.48 64.60
N GLU F 184 16.42 -23.67 64.93
CA GLU F 184 16.95 -23.04 66.13
C GLU F 184 16.92 -21.52 66.03
N LEU F 185 17.33 -20.99 64.87
CA LEU F 185 17.34 -19.54 64.69
C LEU F 185 15.93 -18.97 64.73
N VAL F 186 14.97 -19.67 64.13
CA VAL F 186 13.57 -19.22 64.18
C VAL F 186 13.06 -19.24 65.62
N ARG F 187 13.36 -20.32 66.35
CA ARG F 187 12.85 -20.46 67.71
C ARG F 187 13.43 -19.40 68.63
N THR F 188 14.70 -19.04 68.44
CA THR F 188 15.35 -18.05 69.27
C THR F 188 15.23 -16.63 68.72
N ASN F 189 14.19 -16.36 67.93
CA ASN F 189 13.88 -15.02 67.44
C ASN F 189 15.05 -14.42 66.66
N HIS F 190 15.63 -15.21 65.77
CA HIS F 190 16.66 -14.71 64.86
C HIS F 190 16.19 -14.91 63.44
N LEU F 191 14.94 -14.52 63.18
CA LEU F 191 14.30 -14.79 61.89
C LEU F 191 15.10 -14.23 60.73
N GLU F 192 15.73 -13.06 60.92
CA GLU F 192 16.55 -12.49 59.85
C GLU F 192 17.73 -13.39 59.52
N GLU F 193 18.40 -13.92 60.54
CA GLU F 193 19.50 -14.85 60.31
C GLU F 193 19.00 -16.17 59.74
N ALA F 194 17.84 -16.63 60.20
CA ALA F 194 17.29 -17.89 59.71
C ALA F 194 17.02 -17.83 58.22
N ASN F 195 16.49 -16.69 57.75
CA ASN F 195 16.22 -16.55 56.32
C ASN F 195 17.48 -16.62 55.49
N LYS F 196 18.57 -16.01 55.97
CA LYS F 196 19.83 -16.06 55.25
C LYS F 196 20.35 -17.49 55.14
N VAL F 197 20.26 -18.25 56.24
CA VAL F 197 20.73 -19.62 56.22
C VAL F 197 19.82 -20.50 55.38
N PHE F 198 18.50 -20.32 55.51
CA PHE F 198 17.55 -21.15 54.77
C PHE F 198 17.71 -20.96 53.27
N LEU F 199 17.82 -19.71 52.82
CA LEU F 199 17.91 -19.45 51.39
C LEU F 199 19.19 -20.02 50.80
N LYS F 200 20.29 -19.93 51.54
CA LYS F 200 21.55 -20.48 51.05
C LYS F 200 21.45 -21.99 50.84
N GLY F 201 20.83 -22.69 51.79
CA GLY F 201 20.61 -24.12 51.60
C GLY F 201 19.63 -24.41 50.48
N ALA F 202 18.52 -23.69 50.43
CA ALA F 202 17.51 -23.93 49.41
C ALA F 202 18.05 -23.62 48.01
N ARG F 203 18.74 -22.50 47.86
CA ARG F 203 19.36 -22.19 46.57
C ARG F 203 20.51 -23.12 46.26
N GLY F 204 21.14 -23.71 47.27
CA GLY F 204 22.21 -24.66 47.04
C GLY F 204 21.77 -26.02 46.57
N GLY F 205 20.47 -26.29 46.62
CA GLY F 205 19.90 -27.54 46.12
C GLY F 205 19.21 -28.37 47.19
N MET F 206 19.42 -28.07 48.47
CA MET F 206 18.78 -28.85 49.51
C MET F 206 17.28 -28.59 49.56
N ARG F 207 16.52 -29.64 49.79
CA ARG F 207 15.06 -29.56 49.89
C ARG F 207 14.67 -29.64 51.35
N ALA F 208 13.99 -28.60 51.83
CA ALA F 208 13.60 -28.54 53.22
C ALA F 208 12.38 -29.42 53.47
N THR F 209 12.05 -29.61 54.74
CA THR F 209 10.86 -30.36 55.11
C THR F 209 9.61 -29.50 54.91
N ASP F 210 8.49 -30.17 54.68
CA ASP F 210 7.23 -29.45 54.48
C ASP F 210 6.86 -28.66 55.72
N GLN F 211 7.14 -29.20 56.91
CA GLN F 211 6.87 -28.47 58.14
C GLN F 211 7.73 -27.22 58.25
N LEU F 212 9.00 -27.30 57.83
CA LEU F 212 9.85 -26.12 57.88
C LEU F 212 9.48 -25.10 56.81
N TYR F 213 9.00 -25.57 55.65
CA TYR F 213 8.50 -24.65 54.63
C TYR F 213 7.32 -23.84 55.16
N ASP F 214 6.36 -24.52 55.78
CA ASP F 214 5.21 -23.82 56.35
C ASP F 214 5.62 -22.92 57.51
N LEU F 215 6.69 -23.28 58.22
CA LEU F 215 7.17 -22.43 59.30
C LEU F 215 7.79 -21.14 58.78
N MET F 216 8.66 -21.25 57.78
CA MET F 216 9.37 -20.07 57.28
C MET F 216 8.42 -19.08 56.62
N ILE F 217 7.49 -19.57 55.80
CA ILE F 217 6.56 -18.68 55.11
C ILE F 217 5.68 -17.95 56.12
N GLU F 218 5.14 -18.69 57.09
CA GLU F 218 4.21 -18.08 58.04
C GLU F 218 4.91 -17.08 58.94
N GLU F 219 6.11 -17.40 59.43
CA GLU F 219 6.81 -16.48 60.33
C GLU F 219 7.22 -15.21 59.62
N ASP F 220 7.64 -15.31 58.36
CA ASP F 220 8.01 -14.12 57.60
C ASP F 220 6.80 -13.22 57.36
N CYS F 221 5.64 -13.81 57.07
CA CYS F 221 4.46 -13.02 56.78
C CYS F 221 3.87 -12.39 58.05
N LYS F 222 4.05 -13.03 59.20
CA LYS F 222 3.64 -12.42 60.46
C LYS F 222 4.49 -11.20 60.79
N ALA F 223 5.73 -11.18 60.31
CA ALA F 223 6.65 -10.08 60.55
C ALA F 223 6.62 -9.03 59.45
N GLY F 224 5.73 -9.15 58.47
CA GLY F 224 5.67 -8.21 57.38
C GLY F 224 6.79 -8.33 56.36
N ASP F 225 7.45 -9.48 56.31
CA ASP F 225 8.56 -9.70 55.38
C ASP F 225 8.04 -10.49 54.18
N HIS F 226 7.41 -9.77 53.25
CA HIS F 226 6.90 -10.41 52.05
C HIS F 226 8.02 -10.83 51.10
N SER F 227 9.12 -10.06 51.09
CA SER F 227 10.19 -10.34 50.16
C SER F 227 10.84 -11.69 50.44
N ASN F 228 11.05 -12.02 51.71
CA ASN F 228 11.61 -13.33 52.05
C ASN F 228 10.58 -14.43 51.89
N ALA F 229 9.33 -14.17 52.27
CA ALA F 229 8.30 -15.20 52.15
C ALA F 229 8.01 -15.55 50.69
N LEU F 230 8.13 -14.58 49.79
CA LEU F 230 7.94 -14.89 48.37
C LEU F 230 9.16 -15.61 47.80
N ASP F 231 10.36 -15.26 48.25
CA ASP F 231 11.55 -15.96 47.80
C ASP F 231 11.50 -17.44 48.18
N ILE F 232 11.10 -17.74 49.41
CA ILE F 232 11.06 -19.12 49.87
C ILE F 232 10.00 -19.91 49.11
N SER F 233 8.81 -19.34 48.97
CA SER F 233 7.73 -20.06 48.28
C SER F 233 8.08 -20.35 46.83
N TYR F 234 8.88 -19.49 46.19
CA TYR F 234 9.39 -19.80 44.86
C TYR F 234 10.36 -20.97 44.90
N GLU F 235 11.22 -21.03 45.92
CA GLU F 235 12.13 -22.16 46.06
C GLU F 235 11.39 -23.43 46.46
N MET F 236 10.34 -23.30 47.25
CA MET F 236 9.55 -24.47 47.65
C MET F 236 8.96 -25.16 46.43
N GLU F 237 8.47 -24.39 45.46
CA GLU F 237 7.90 -24.98 44.26
C GLU F 237 8.98 -25.51 43.32
N ALA F 238 10.13 -24.85 43.27
CA ALA F 238 11.23 -25.34 42.45
C ALA F 238 11.71 -26.70 42.95
N ALA F 239 11.72 -26.89 44.27
CA ALA F 239 12.07 -28.19 44.82
C ALA F 239 11.08 -29.27 44.40
N GLY F 240 9.79 -28.92 44.35
CA GLY F 240 8.78 -29.85 43.92
C GLY F 240 7.55 -29.89 44.82
N ARG F 241 7.46 -28.96 45.76
CA ARG F 241 6.34 -28.86 46.68
C ARG F 241 5.50 -27.64 46.26
N PHE F 242 4.32 -27.90 45.71
CA PHE F 242 3.48 -26.81 45.22
C PHE F 242 2.79 -26.09 46.36
N ALA F 243 2.70 -24.76 46.23
CA ALA F 243 2.03 -23.95 47.22
C ALA F 243 0.54 -24.24 47.25
N THR F 244 -0.04 -24.18 48.43
CA THR F 244 -1.45 -24.44 48.65
C THR F 244 -2.15 -23.16 49.12
N THR F 245 -3.42 -23.28 49.47
CA THR F 245 -4.18 -22.13 49.95
C THR F 245 -3.53 -21.54 51.20
N PHE F 246 -2.95 -22.37 52.06
CA PHE F 246 -2.35 -21.88 53.29
C PHE F 246 -1.21 -20.90 52.99
N HIS F 247 -0.33 -21.27 52.06
CA HIS F 247 0.82 -20.41 51.76
C HIS F 247 0.38 -19.12 51.08
N PHE F 248 -0.59 -19.20 50.18
CA PHE F 248 -1.09 -18.01 49.52
C PHE F 248 -1.75 -17.06 50.51
N ASN F 249 -2.48 -17.61 51.49
CA ASN F 249 -3.10 -16.77 52.51
C ASN F 249 -2.07 -16.04 53.36
N CYS F 250 -0.86 -16.60 53.47
CA CYS F 250 0.20 -15.91 54.20
C CYS F 250 0.70 -14.71 53.43
N LEU F 251 0.95 -14.88 52.11
CA LEU F 251 1.39 -13.76 51.30
C LEU F 251 0.31 -12.70 51.18
N LEU F 252 -0.96 -13.11 51.08
CA LEU F 252 -2.04 -12.15 50.96
C LEU F 252 -2.20 -11.30 52.22
N SER F 253 -1.84 -11.86 53.38
CA SER F 253 -1.95 -11.10 54.63
C SER F 253 -1.08 -9.86 54.60
N VAL F 254 -0.01 -9.87 53.83
CA VAL F 254 0.87 -8.71 53.69
C VAL F 254 0.53 -7.88 52.47
N GLN F 255 0.11 -8.53 51.37
CA GLN F 255 -0.23 -7.80 50.16
C GLN F 255 -1.45 -6.92 50.34
N ALA F 256 -2.36 -7.28 51.24
CA ALA F 256 -3.58 -6.53 51.44
C ALA F 256 -3.35 -5.20 52.16
N THR F 257 -2.16 -4.98 52.71
CA THR F 257 -1.87 -3.76 53.45
C THR F 257 -0.94 -2.81 52.70
N CYS F 258 -0.62 -3.12 51.44
CA CYS F 258 0.32 -2.29 50.69
C CYS F 258 -0.34 -1.11 49.98
N GLY F 259 -1.66 -1.01 50.00
CA GLY F 259 -2.33 0.11 49.39
C GLY F 259 -2.52 0.03 47.89
N ILE F 260 -2.05 -1.04 47.25
CA ILE F 260 -2.25 -1.27 45.83
C ILE F 260 -3.08 -2.55 45.68
N PRO F 261 -4.38 -2.43 45.43
CA PRO F 261 -5.23 -3.63 45.37
C PRO F 261 -4.87 -4.57 44.24
N GLU F 262 -4.21 -4.09 43.20
CA GLU F 262 -3.89 -4.93 42.06
C GLU F 262 -2.85 -6.00 42.42
N VAL F 263 -2.00 -5.73 43.40
CA VAL F 263 -1.01 -6.72 43.84
C VAL F 263 -1.72 -7.92 44.46
N ALA F 264 -2.67 -7.66 45.36
CA ALA F 264 -3.39 -8.76 45.99
C ALA F 264 -4.31 -9.46 45.00
N TYR F 265 -4.87 -8.72 44.03
CA TYR F 265 -5.78 -9.34 43.09
C TYR F 265 -5.07 -10.28 42.12
N ALA F 266 -3.80 -9.99 41.81
CA ALA F 266 -3.03 -10.91 40.97
C ALA F 266 -2.82 -12.25 41.66
N THR F 267 -2.53 -12.23 42.96
CA THR F 267 -2.41 -13.47 43.73
C THR F 267 -3.73 -14.21 43.80
N PHE F 268 -4.83 -13.48 43.99
CA PHE F 268 -6.14 -14.11 44.04
C PHE F 268 -6.47 -14.82 42.73
N GLU F 269 -6.14 -14.18 41.60
CA GLU F 269 -6.39 -14.81 40.30
C GLU F 269 -5.55 -16.06 40.10
N ASN F 270 -4.32 -16.06 40.64
CA ASN F 270 -3.51 -17.26 40.63
C ASN F 270 -4.22 -18.42 41.31
N MET F 271 -4.97 -18.13 42.36
CA MET F 271 -5.65 -19.17 43.13
C MET F 271 -7.00 -19.54 42.53
N GLU F 272 -7.77 -18.54 42.11
CA GLU F 272 -9.13 -18.79 41.63
C GLU F 272 -9.13 -19.66 40.39
N TYR F 273 -8.14 -19.48 39.51
CA TYR F 273 -8.04 -20.23 38.27
C TYR F 273 -6.88 -21.23 38.29
N GLY F 274 -6.55 -21.74 39.47
CA GLY F 274 -5.50 -22.73 39.62
C GLY F 274 -6.05 -24.11 39.89
N GLU F 275 -5.23 -24.94 40.50
CA GLU F 275 -5.63 -26.31 40.84
C GLU F 275 -6.49 -26.31 42.09
N ASP F 276 -7.00 -27.49 42.44
CA ASP F 276 -7.96 -27.60 43.54
C ASP F 276 -7.33 -27.22 44.89
N PHE F 277 -6.09 -27.64 45.12
CA PHE F 277 -5.45 -27.36 46.40
C PHE F 277 -5.09 -25.88 46.57
N MET F 278 -5.21 -25.08 45.52
CA MET F 278 -4.92 -23.65 45.59
C MET F 278 -6.17 -22.78 45.64
N LYS F 279 -7.36 -23.39 45.65
CA LYS F 279 -8.58 -22.60 45.53
C LYS F 279 -8.76 -21.67 46.73
N PRO F 280 -9.34 -20.49 46.52
CA PRO F 280 -9.54 -19.56 47.64
C PRO F 280 -10.45 -20.14 48.70
N ASP F 281 -10.15 -19.79 49.95
CA ASP F 281 -11.01 -20.07 51.08
C ASP F 281 -11.66 -18.77 51.54
N THR F 282 -12.38 -18.82 52.66
CA THR F 282 -13.02 -17.61 53.18
C THR F 282 -11.98 -16.55 53.53
N GLU F 283 -10.87 -16.96 54.13
CA GLU F 283 -9.81 -16.00 54.46
C GLU F 283 -9.22 -15.37 53.20
N THR F 284 -9.11 -16.13 52.12
CA THR F 284 -8.58 -15.57 50.87
C THR F 284 -9.47 -14.45 50.36
N TYR F 285 -10.78 -14.65 50.38
CA TYR F 285 -11.70 -13.61 49.95
C TYR F 285 -11.61 -12.38 50.84
N ASN F 286 -11.45 -12.59 52.14
CA ASN F 286 -11.38 -11.47 53.07
C ASN F 286 -10.17 -10.59 52.80
N TRP F 287 -9.03 -11.19 52.49
CA TRP F 287 -7.83 -10.41 52.21
C TRP F 287 -7.99 -9.56 50.96
N VAL F 288 -8.56 -10.13 49.90
CA VAL F 288 -8.71 -9.38 48.65
C VAL F 288 -9.77 -8.30 48.79
N ILE F 289 -10.86 -8.59 49.50
CA ILE F 289 -11.86 -7.57 49.78
C ILE F 289 -11.23 -6.42 50.57
N GLN F 290 -10.46 -6.75 51.60
CA GLN F 290 -9.84 -5.74 52.44
C GLN F 290 -8.86 -4.88 51.64
N ALA F 291 -8.16 -5.47 50.67
CA ALA F 291 -7.24 -4.69 49.85
C ALA F 291 -7.97 -3.61 49.08
N TYR F 292 -9.15 -3.92 48.54
CA TYR F 292 -9.88 -2.93 47.76
C TYR F 292 -10.57 -1.89 48.65
N THR F 293 -11.09 -2.30 49.81
CA THR F 293 -11.77 -1.37 50.68
C THR F 293 -10.85 -0.28 51.18
N ARG F 294 -9.57 -0.60 51.37
CA ARG F 294 -8.61 0.34 51.92
C ARG F 294 -7.61 0.82 50.86
N ALA F 295 -8.04 0.84 49.60
CA ALA F 295 -7.23 1.38 48.53
C ALA F 295 -7.02 2.87 48.70
N ASP F 296 -5.84 3.34 48.28
CA ASP F 296 -5.48 4.74 48.46
C ASP F 296 -6.22 5.67 47.49
N SER F 297 -6.46 5.22 46.26
CA SER F 297 -7.04 6.07 45.24
C SER F 297 -8.02 5.26 44.39
N TYR F 298 -8.78 6.00 43.57
CA TYR F 298 -9.70 5.45 42.59
C TYR F 298 -10.91 4.78 43.23
N ASP F 299 -12.00 4.68 42.48
CA ASP F 299 -13.22 4.06 42.97
C ASP F 299 -13.10 2.55 42.86
N ARG F 300 -13.32 1.84 43.98
CA ARG F 300 -13.17 0.40 44.04
C ARG F 300 -14.45 -0.33 44.39
N VAL F 301 -15.59 0.37 44.44
CA VAL F 301 -16.81 -0.28 44.89
C VAL F 301 -17.27 -1.32 43.87
N GLN F 302 -16.97 -1.13 42.59
CA GLN F 302 -17.35 -2.12 41.59
C GLN F 302 -16.50 -3.38 41.72
N ASP F 303 -15.22 -3.22 42.05
CA ASP F 303 -14.37 -4.40 42.25
C ASP F 303 -14.83 -5.22 43.44
N VAL F 304 -15.21 -4.56 44.54
CA VAL F 304 -15.66 -5.30 45.73
C VAL F 304 -16.96 -6.03 45.44
N ALA F 305 -17.90 -5.38 44.75
CA ALA F 305 -19.18 -6.00 44.47
C ALA F 305 -19.06 -7.18 43.51
N GLU F 306 -18.08 -7.15 42.60
CA GLU F 306 -17.87 -8.31 41.73
C GLU F 306 -17.21 -9.45 42.48
N LEU F 307 -16.27 -9.13 43.39
CA LEU F 307 -15.68 -10.16 44.23
C LEU F 307 -16.72 -10.82 45.12
N LEU F 308 -17.66 -10.03 45.64
CA LEU F 308 -18.74 -10.58 46.44
C LEU F 308 -19.59 -11.55 45.62
N GLY F 309 -19.88 -11.19 44.36
CA GLY F 309 -20.62 -12.10 43.50
C GLY F 309 -19.87 -13.38 43.21
N MET F 310 -18.54 -13.28 43.04
CA MET F 310 -17.73 -14.47 42.86
C MET F 310 -17.75 -15.35 44.11
N MET F 311 -17.69 -14.72 45.29
CA MET F 311 -17.74 -15.49 46.53
C MET F 311 -19.08 -16.18 46.69
N VAL F 312 -20.17 -15.51 46.31
CA VAL F 312 -21.50 -16.10 46.43
C VAL F 312 -21.65 -17.27 45.47
N GLU F 313 -21.05 -17.17 44.29
CA GLU F 313 -21.08 -18.28 43.34
C GLU F 313 -20.30 -19.49 43.85
N ASP F 314 -19.43 -19.31 44.84
CA ASP F 314 -18.65 -20.38 45.45
C ASP F 314 -19.25 -20.85 46.77
N TYR F 315 -20.58 -20.80 46.89
CA TYR F 315 -21.21 -21.05 48.18
C TYR F 315 -21.08 -22.50 48.64
N LYS F 316 -21.04 -23.45 47.70
CA LYS F 316 -20.93 -24.85 48.09
C LYS F 316 -19.60 -25.17 48.75
N ARG F 317 -18.61 -24.30 48.60
CA ARG F 317 -17.29 -24.51 49.16
C ARG F 317 -16.85 -23.44 50.14
N VAL F 318 -17.38 -22.23 50.02
CA VAL F 318 -16.94 -21.08 50.81
C VAL F 318 -18.16 -20.45 51.47
N GLN F 319 -18.04 -20.16 52.76
CA GLN F 319 -19.05 -19.47 53.52
C GLN F 319 -18.42 -18.30 54.26
N PRO F 320 -19.17 -17.26 54.55
CA PRO F 320 -18.59 -16.07 55.19
C PRO F 320 -18.25 -16.33 56.65
N ASN F 321 -17.52 -15.37 57.22
CA ASN F 321 -17.28 -15.34 58.66
C ASN F 321 -17.48 -13.89 59.11
N VAL F 322 -17.08 -13.61 60.35
CA VAL F 322 -17.33 -12.28 60.91
C VAL F 322 -16.57 -11.20 60.14
N LYS F 323 -15.34 -11.50 59.71
CA LYS F 323 -14.55 -10.50 59.01
C LYS F 323 -15.14 -10.17 57.65
N THR F 324 -15.78 -11.13 56.98
CA THR F 324 -16.36 -10.86 55.68
C THR F 324 -17.42 -9.78 55.76
N HIS F 325 -18.31 -9.87 56.76
CA HIS F 325 -19.39 -8.89 56.87
C HIS F 325 -18.88 -7.55 57.37
N ALA F 326 -17.91 -7.56 58.28
CA ALA F 326 -17.36 -6.30 58.77
C ALA F 326 -16.67 -5.52 57.66
N LEU F 327 -15.94 -6.23 56.79
CA LEU F 327 -15.30 -5.56 55.66
C LEU F 327 -16.35 -5.03 54.67
N LEU F 328 -17.42 -5.79 54.47
CA LEU F 328 -18.44 -5.37 53.51
C LEU F 328 -19.27 -4.23 54.05
N VAL F 329 -19.54 -4.21 55.36
CA VAL F 329 -20.19 -3.05 55.95
C VAL F 329 -19.29 -1.82 55.81
N GLU F 330 -18.00 -1.98 56.06
CA GLU F 330 -17.08 -0.86 55.95
C GLU F 330 -17.01 -0.32 54.54
N CYS F 331 -16.97 -1.21 53.54
CA CYS F 331 -16.84 -0.77 52.15
C CYS F 331 -18.09 -0.02 51.69
N PHE F 332 -19.26 -0.61 51.91
CA PHE F 332 -20.48 0.01 51.40
C PHE F 332 -20.82 1.29 52.15
N THR F 333 -20.45 1.37 53.43
CA THR F 333 -20.64 2.62 54.16
C THR F 333 -19.77 3.73 53.58
N LYS F 334 -18.51 3.43 53.30
CA LYS F 334 -17.59 4.45 52.79
C LYS F 334 -18.08 5.03 51.47
N TYR F 335 -18.57 4.18 50.57
CA TYR F 335 -19.10 4.60 49.29
C TYR F 335 -20.56 5.00 49.37
N CYS F 336 -21.13 5.02 50.57
CA CYS F 336 -22.51 5.44 50.83
C CYS F 336 -23.51 4.57 50.07
N VAL F 337 -23.21 3.29 49.91
CA VAL F 337 -24.21 2.30 49.50
C VAL F 337 -24.82 1.77 50.78
N VAL F 338 -25.73 2.55 51.35
CA VAL F 338 -26.16 2.32 52.72
C VAL F 338 -27.06 1.09 52.81
N LYS F 339 -27.95 0.92 51.84
CA LYS F 339 -28.90 -0.20 51.90
C LYS F 339 -28.18 -1.55 51.86
N GLU F 340 -27.04 -1.62 51.18
CA GLU F 340 -26.25 -2.85 51.21
C GLU F 340 -25.46 -3.00 52.51
N ALA F 341 -25.01 -1.88 53.09
CA ALA F 341 -24.37 -1.96 54.40
C ALA F 341 -25.33 -2.44 55.47
N ILE F 342 -26.62 -2.13 55.33
CA ILE F 342 -27.61 -2.58 56.29
C ILE F 342 -27.82 -4.09 56.19
N ARG F 343 -27.84 -4.63 54.97
CA ARG F 343 -27.99 -6.07 54.80
C ARG F 343 -26.84 -6.82 55.46
N HIS F 344 -25.62 -6.34 55.29
CA HIS F 344 -24.46 -7.02 55.85
C HIS F 344 -24.28 -6.75 57.33
N PHE F 345 -24.81 -5.64 57.85
CA PHE F 345 -24.78 -5.42 59.28
C PHE F 345 -25.72 -6.40 60.00
N ARG F 346 -26.86 -6.71 59.39
CA ARG F 346 -27.78 -7.68 59.99
C ARG F 346 -27.11 -9.04 60.13
N ALA F 347 -26.35 -9.46 59.12
CA ALA F 347 -25.61 -10.71 59.22
C ALA F 347 -24.50 -10.61 60.25
N LEU F 348 -23.93 -9.41 60.43
CA LEU F 348 -22.84 -9.25 61.38
C LEU F 348 -23.32 -9.33 62.83
N LYS F 349 -24.60 -9.03 63.07
CA LYS F 349 -25.13 -9.07 64.43
C LYS F 349 -25.08 -10.47 65.01
N ASN F 350 -25.37 -11.48 64.19
CA ASN F 350 -25.42 -12.86 64.67
C ASN F 350 -24.06 -13.43 65.02
N PHE F 351 -22.97 -12.74 64.67
CA PHE F 351 -21.63 -13.20 65.01
C PHE F 351 -21.19 -12.59 66.33
N GLU F 352 -20.71 -13.43 67.24
CA GLU F 352 -20.21 -12.94 68.51
C GLU F 352 -18.97 -12.08 68.28
N GLY F 353 -18.82 -11.05 69.08
CA GLY F 353 -17.81 -10.05 68.82
C GLY F 353 -18.37 -8.95 67.95
N GLY F 354 -18.79 -9.31 66.74
CA GLY F 354 -19.63 -8.46 65.92
C GLY F 354 -19.12 -7.04 65.70
N THR F 355 -19.79 -6.09 66.35
CA THR F 355 -19.49 -4.68 66.15
C THR F 355 -18.08 -4.31 66.56
N LYS F 356 -17.47 -5.08 67.47
CA LYS F 356 -16.09 -4.79 67.87
C LYS F 356 -15.13 -4.97 66.70
N VAL F 357 -15.35 -6.00 65.88
CA VAL F 357 -14.55 -6.19 64.68
C VAL F 357 -14.74 -5.02 63.72
N LEU F 358 -15.99 -4.58 63.56
CA LEU F 358 -16.25 -3.44 62.67
C LEU F 358 -15.62 -2.16 63.20
N HIS F 359 -15.52 -2.02 64.52
CA HIS F 359 -14.91 -0.82 65.09
C HIS F 359 -13.43 -0.71 64.72
N ASN F 360 -12.75 -1.84 64.55
CA ASN F 360 -11.33 -1.88 64.17
C ASN F 360 -10.46 -1.07 65.13
N ALA F 361 -10.87 -1.02 66.41
CA ALA F 361 -10.16 -0.27 67.44
C ALA F 361 -10.03 1.21 67.09
N GLY F 362 -10.95 1.72 66.28
CA GLY F 362 -10.92 3.12 65.87
C GLY F 362 -10.02 3.43 64.69
N ASN F 363 -9.41 2.43 64.07
CA ASN F 363 -8.52 2.66 62.93
C ASN F 363 -9.31 2.68 61.63
N PHE F 364 -8.65 3.14 60.57
CA PHE F 364 -9.24 3.24 59.23
C PHE F 364 -10.52 4.08 59.26
N GLU F 365 -10.44 5.24 59.90
CA GLU F 365 -11.53 6.21 60.00
C GLU F 365 -12.72 5.66 60.75
N ASP F 366 -12.52 4.68 61.62
CA ASP F 366 -13.55 4.15 62.51
C ASP F 366 -14.80 3.73 61.75
N PRO F 367 -14.78 2.59 61.04
CA PRO F 367 -15.95 2.18 60.25
C PRO F 367 -17.22 2.00 61.06
N LEU F 368 -17.12 1.71 62.37
CA LEU F 368 -18.32 1.60 63.17
C LEU F 368 -19.05 2.93 63.28
N SER F 369 -18.32 4.02 63.49
CA SER F 369 -18.96 5.33 63.62
C SER F 369 -19.52 5.80 62.28
N LEU F 370 -18.82 5.52 61.18
CA LEU F 370 -19.31 5.93 59.87
C LEU F 370 -20.64 5.28 59.56
N TYR F 371 -20.80 4.00 59.90
CA TYR F 371 -22.08 3.34 59.70
C TYR F 371 -23.19 4.02 60.50
N LEU F 372 -22.91 4.38 61.75
CA LEU F 372 -23.90 5.08 62.55
C LEU F 372 -24.20 6.47 62.00
N ARG F 373 -23.16 7.19 61.56
CA ARG F 373 -23.36 8.53 61.01
C ARG F 373 -24.19 8.48 59.74
N ALA F 374 -23.89 7.52 58.86
CA ALA F 374 -24.63 7.43 57.59
C ALA F 374 -26.10 7.09 57.84
N LEU F 375 -26.38 6.29 58.85
CA LEU F 375 -27.78 6.01 59.19
C LEU F 375 -28.48 7.25 59.71
N CYS F 376 -27.78 8.05 60.52
CA CYS F 376 -28.38 9.29 61.04
C CYS F 376 -28.62 10.29 59.93
N ARG F 377 -27.67 10.42 58.99
CA ARG F 377 -27.78 11.43 57.94
C ARG F 377 -28.91 11.12 56.97
N GLU F 378 -29.36 9.87 56.90
CA GLU F 378 -30.38 9.46 55.94
C GLU F 378 -31.72 9.16 56.58
N GLY F 379 -31.88 9.47 57.86
CA GLY F 379 -33.16 9.26 58.51
C GLY F 379 -33.58 7.81 58.62
N ARG F 380 -32.63 6.90 58.73
CA ARG F 380 -32.93 5.47 58.93
C ARG F 380 -32.81 5.15 60.41
N ILE F 381 -33.70 5.76 61.19
CA ILE F 381 -33.57 5.75 62.64
C ILE F 381 -33.86 4.36 63.20
N VAL F 382 -34.85 3.67 62.65
CA VAL F 382 -35.17 2.33 63.14
C VAL F 382 -33.98 1.41 62.98
N GLU F 383 -33.28 1.50 61.85
CA GLU F 383 -32.04 0.75 61.68
C GLU F 383 -30.98 1.23 62.68
N LEU F 384 -30.92 2.54 62.93
CA LEU F 384 -29.89 3.08 63.83
C LEU F 384 -30.05 2.54 65.24
N ILE F 385 -31.29 2.43 65.71
CA ILE F 385 -31.52 1.89 67.05
C ILE F 385 -31.10 0.43 67.11
N ASP F 386 -31.43 -0.35 66.07
CA ASP F 386 -31.02 -1.75 66.04
C ASP F 386 -29.50 -1.88 66.02
N ALA F 387 -28.79 -0.93 65.40
CA ALA F 387 -27.34 -0.95 65.46
C ALA F 387 -26.83 -0.74 66.88
N LEU F 388 -27.48 0.17 67.63
CA LEU F 388 -27.06 0.43 69.00
C LEU F 388 -27.31 -0.77 69.90
N ASP F 389 -28.38 -1.53 69.65
CA ASP F 389 -28.63 -2.74 70.42
C ASP F 389 -27.49 -3.74 70.24
N ALA F 390 -27.00 -3.89 69.01
CA ALA F 390 -25.89 -4.81 68.78
C ALA F 390 -24.63 -4.37 69.52
N MET F 391 -24.38 -3.06 69.58
CA MET F 391 -23.22 -2.57 70.31
C MET F 391 -23.36 -2.81 71.80
N ARG F 392 -24.59 -2.79 72.32
CA ARG F 392 -24.81 -3.05 73.73
C ARG F 392 -24.47 -4.49 74.09
N ARG F 393 -24.97 -5.45 73.31
CA ARG F 393 -24.70 -6.85 73.58
C ARG F 393 -23.23 -7.20 73.43
N ASP F 394 -22.48 -6.41 72.67
CA ASP F 394 -21.05 -6.64 72.50
C ASP F 394 -20.20 -5.83 73.46
N ASN F 395 -20.82 -5.11 74.40
CA ASN F 395 -20.12 -4.25 75.35
C ASN F 395 -19.21 -3.25 74.63
N GLN F 396 -19.73 -2.66 73.56
CA GLN F 396 -18.98 -1.71 72.75
C GLN F 396 -19.56 -0.31 72.90
N PRO F 397 -18.86 0.63 73.53
CA PRO F 397 -19.42 1.99 73.69
C PRO F 397 -19.43 2.75 72.38
N ILE F 398 -20.31 3.75 72.31
CA ILE F 398 -20.39 4.60 71.13
C ILE F 398 -19.13 5.46 71.04
N PRO F 399 -18.42 5.43 69.91
CA PRO F 399 -17.16 6.18 69.80
C PRO F 399 -17.40 7.66 69.64
N PRO F 400 -16.41 8.49 69.94
CA PRO F 400 -16.57 9.95 69.78
C PRO F 400 -16.86 10.38 68.35
N ARG F 401 -16.31 9.68 67.35
CA ARG F 401 -16.58 10.04 65.96
C ARG F 401 -18.05 9.87 65.61
N ALA F 402 -18.72 8.90 66.23
CA ALA F 402 -20.16 8.77 66.05
C ALA F 402 -20.91 9.94 66.69
N MET F 403 -20.42 10.40 67.85
CA MET F 403 -21.08 11.46 68.61
C MET F 403 -20.59 12.85 68.21
N ILE F 404 -20.13 13.02 66.97
CA ILE F 404 -19.68 14.32 66.52
C ILE F 404 -20.81 15.34 66.64
N MET F 405 -20.44 16.60 66.83
CA MET F 405 -21.39 17.67 67.07
C MET F 405 -21.45 18.60 65.86
N SER F 406 -22.65 19.02 65.51
CA SER F 406 -22.82 19.94 64.39
C SER F 406 -22.62 21.38 64.85
N ARG F 407 -22.77 22.32 63.92
CA ARG F 407 -22.61 23.72 64.25
C ARG F 407 -23.66 24.19 65.25
N LYS F 408 -24.91 23.76 65.07
CA LYS F 408 -25.99 24.11 65.97
C LYS F 408 -25.96 23.30 67.26
N TYR F 409 -24.86 22.59 67.53
CA TYR F 409 -24.67 21.81 68.75
C TYR F 409 -25.76 20.74 68.91
N ARG F 410 -25.83 19.87 67.91
CA ARG F 410 -26.72 18.73 67.92
C ARG F 410 -25.93 17.49 67.49
N THR F 411 -26.33 16.35 68.03
CA THR F 411 -25.69 15.07 67.73
C THR F 411 -26.70 14.16 67.06
N LEU F 412 -26.33 12.89 66.89
CA LEU F 412 -27.23 11.94 66.26
C LEU F 412 -28.48 11.67 67.08
N VAL F 413 -28.50 12.08 68.35
CA VAL F 413 -29.70 11.92 69.17
C VAL F 413 -30.85 12.73 68.58
N SER F 414 -30.57 13.98 68.19
CA SER F 414 -31.57 14.85 67.58
C SER F 414 -30.89 15.59 66.43
N SER F 415 -30.92 14.98 65.26
CA SER F 415 -30.54 15.65 64.03
C SER F 415 -31.47 15.29 62.89
N TRP F 416 -32.44 14.42 63.14
CA TRP F 416 -33.41 13.98 62.15
C TRP F 416 -34.80 14.53 62.40
N ILE F 417 -35.08 15.05 63.60
CA ILE F 417 -36.26 15.87 63.81
C ILE F 417 -36.13 17.09 62.92
N GLU F 418 -37.25 17.52 62.31
CA GLU F 418 -37.01 18.25 61.07
C GLU F 418 -37.41 19.72 61.07
N PRO F 419 -37.06 20.48 62.10
CA PRO F 419 -36.37 21.75 61.84
C PRO F 419 -34.89 21.44 61.71
N LEU F 420 -34.35 21.41 60.49
CA LEU F 420 -33.00 20.91 60.28
C LEU F 420 -32.00 22.04 60.36
N GLN F 421 -30.84 21.75 60.95
CA GLN F 421 -29.74 22.71 61.08
C GLN F 421 -30.17 23.97 61.81
N GLU F 422 -31.09 23.82 62.76
CA GLU F 422 -31.58 24.94 63.55
C GLU F 422 -31.57 24.55 65.03
N GLU F 423 -31.27 25.52 65.88
CA GLU F 423 -31.26 25.29 67.31
C GLU F 423 -32.70 25.31 67.86
N ALA F 424 -32.83 25.02 69.15
CA ALA F 424 -34.10 25.07 69.84
C ALA F 424 -34.12 26.25 70.79
N GLU F 425 -35.27 26.44 71.46
CA GLU F 425 -35.49 27.66 72.23
C GLU F 425 -34.60 27.71 73.47
N LEU F 426 -34.55 26.63 74.24
CA LEU F 426 -33.74 26.52 75.45
C LEU F 426 -34.21 27.43 76.59
N GLY F 427 -35.21 28.27 76.32
CA GLY F 427 -35.73 29.16 77.34
C GLY F 427 -34.86 30.36 77.66
N TYR F 428 -33.68 30.48 77.03
CA TYR F 428 -32.80 31.61 77.28
C TYR F 428 -31.89 31.79 76.08
N GLU F 429 -31.25 32.95 76.01
CA GLU F 429 -30.37 33.26 74.89
C GLU F 429 -29.08 32.47 74.98
N ILE F 430 -28.60 31.99 73.83
CA ILE F 430 -27.38 31.21 73.78
C ILE F 430 -26.18 32.13 74.03
N ASP F 431 -25.27 31.67 74.88
CA ASP F 431 -24.02 32.40 75.13
C ASP F 431 -23.01 31.99 74.06
N TYR F 432 -22.90 32.82 73.02
CA TYR F 432 -21.97 32.51 71.93
C TYR F 432 -20.52 32.78 72.31
N LEU F 433 -20.28 33.62 73.32
CA LEU F 433 -18.92 33.83 73.78
C LEU F 433 -18.39 32.62 74.54
N ALA F 434 -19.26 31.93 75.28
CA ALA F 434 -18.85 30.70 75.95
C ALA F 434 -18.48 29.63 74.93
N ARG F 435 -19.25 29.52 73.85
CA ARG F 435 -18.92 28.55 72.80
C ARG F 435 -17.60 28.91 72.13
N TYR F 436 -17.35 30.20 71.95
CA TYR F 436 -16.10 30.64 71.31
C TYR F 436 -14.88 30.23 72.12
N VAL F 437 -14.95 30.40 73.44
CA VAL F 437 -13.81 30.06 74.30
C VAL F 437 -13.63 28.54 74.37
N GLU F 438 -14.73 27.80 74.52
CA GLU F 438 -14.64 26.35 74.64
C GLU F 438 -14.31 25.65 73.34
N GLU F 439 -14.34 26.36 72.21
CA GLU F 439 -13.96 25.82 70.92
C GLU F 439 -12.53 26.16 70.54
N GLY F 440 -11.75 26.69 71.49
CA GLY F 440 -10.37 27.04 71.21
C GLY F 440 -10.17 28.41 70.59
N GLY F 441 -11.11 29.33 70.79
CA GLY F 441 -11.02 30.64 70.17
C GLY F 441 -10.00 31.57 70.79
N LEU F 442 -9.44 31.21 71.94
CA LEU F 442 -8.47 32.06 72.61
C LEU F 442 -7.03 31.71 72.26
N THR F 443 -6.78 30.64 71.50
CA THR F 443 -5.43 30.17 71.27
C THR F 443 -5.14 29.88 69.80
N GLY F 444 -6.05 30.23 68.89
CA GLY F 444 -5.84 29.93 67.49
C GLY F 444 -6.15 28.51 67.09
N GLU F 445 -6.76 27.72 67.97
CA GLU F 445 -7.10 26.34 67.70
C GLU F 445 -8.56 26.16 67.32
N ARG F 446 -9.27 27.24 67.04
CA ARG F 446 -10.68 27.16 66.69
C ARG F 446 -10.84 26.65 65.26
N LYS F 447 -11.97 25.98 65.01
CA LYS F 447 -12.34 25.50 63.69
C LYS F 447 -13.07 26.60 62.95
N ARG F 448 -12.46 27.13 61.90
CA ARG F 448 -13.03 28.22 61.12
C ARG F 448 -13.86 27.65 59.97
N TRP F 449 -15.09 28.13 59.85
CA TRP F 449 -15.99 27.67 58.79
C TRP F 449 -15.93 28.61 57.59
N VAL F 450 -14.72 28.75 57.06
CA VAL F 450 -14.42 29.61 55.92
C VAL F 450 -14.16 28.72 54.71
N PRO F 451 -14.98 28.77 53.66
CA PRO F 451 -14.71 27.96 52.47
C PRO F 451 -13.38 28.32 51.84
N ARG F 452 -12.68 27.30 51.36
CA ARG F 452 -11.36 27.48 50.76
C ARG F 452 -11.27 26.65 49.50
N ARG F 453 -10.37 27.07 48.61
CA ARG F 453 -10.14 26.34 47.37
C ARG F 453 -9.39 25.04 47.65
N GLY F 454 -9.86 23.95 47.07
CA GLY F 454 -9.27 22.64 47.26
C GLY F 454 -10.34 21.58 47.41
N LYS F 455 -9.94 20.34 47.16
CA LYS F 455 -10.85 19.20 47.27
C LYS F 455 -10.78 18.56 48.66
N THR F 456 -10.90 19.38 49.69
CA THR F 456 -10.91 18.91 51.08
C THR F 456 -12.18 19.45 51.71
N PRO F 457 -13.10 18.59 52.16
CA PRO F 457 -14.38 19.09 52.66
C PRO F 457 -14.22 19.91 53.92
N LEU F 458 -15.07 20.94 54.05
CA LEU F 458 -15.06 21.78 55.24
C LEU F 458 -15.73 21.09 56.42
N ASP F 459 -16.75 20.28 56.16
CA ASP F 459 -17.48 19.60 57.22
C ASP F 459 -16.65 18.47 57.81
N PRO F 460 -16.39 18.46 59.13
CA PRO F 460 -15.66 17.33 59.72
C PRO F 460 -16.44 16.01 59.66
N ASP F 461 -17.75 16.03 59.47
CA ASP F 461 -18.50 14.80 59.34
C ASP F 461 -18.28 14.11 58.00
N ALA F 462 -17.61 14.77 57.06
CA ALA F 462 -17.28 14.16 55.78
C ALA F 462 -16.01 13.34 55.84
N ALA F 463 -15.32 13.32 56.97
CA ALA F 463 -14.11 12.52 57.12
C ALA F 463 -14.45 11.05 57.15
N GLY F 464 -13.72 10.25 56.38
CA GLY F 464 -13.91 8.82 56.32
C GLY F 464 -14.66 8.34 55.10
N PHE F 465 -15.49 9.18 54.50
CA PHE F 465 -16.25 8.80 53.32
C PHE F 465 -15.45 9.08 52.05
N ILE F 466 -15.70 8.29 51.02
CA ILE F 466 -14.98 8.45 49.75
C ILE F 466 -15.40 9.76 49.07
N TYR F 467 -16.70 10.00 48.98
CA TYR F 467 -17.23 11.17 48.29
C TYR F 467 -18.13 11.98 49.21
N SER F 468 -17.64 12.29 50.41
CA SER F 468 -18.40 13.03 51.43
C SER F 468 -19.54 12.21 52.02
N ASN F 469 -20.08 12.69 53.13
CA ASN F 469 -21.16 12.01 53.82
C ASN F 469 -22.46 12.14 53.02
N PRO F 470 -23.46 11.31 53.32
CA PRO F 470 -24.75 11.46 52.65
C PRO F 470 -25.39 12.81 52.97
N ILE F 471 -26.22 13.29 52.03
CA ILE F 471 -26.95 14.52 52.29
C ILE F 471 -27.91 14.31 53.44
N GLU F 472 -28.12 15.36 54.22
CA GLU F 472 -28.98 15.27 55.40
C GLU F 472 -30.43 15.03 54.97
N THR F 473 -31.00 13.93 55.44
CA THR F 473 -32.38 13.57 55.18
C THR F 473 -33.06 13.29 56.52
N SER F 474 -34.16 14.00 56.78
CA SER F 474 -34.85 13.80 58.05
C SER F 474 -35.56 12.46 58.06
N PHE F 475 -35.95 12.04 59.26
CA PHE F 475 -36.73 10.81 59.40
C PHE F 475 -38.09 10.95 58.74
N LYS F 476 -38.62 12.18 58.65
CA LYS F 476 -39.89 12.40 57.99
C LYS F 476 -39.77 12.23 56.48
N GLN F 477 -38.71 12.78 55.88
CA GLN F 477 -38.50 12.62 54.45
C GLN F 477 -38.25 11.16 54.08
N ARG F 478 -37.50 10.44 54.92
CA ARG F 478 -37.20 9.04 54.63
C ARG F 478 -38.46 8.19 54.61
N CYS F 479 -39.34 8.39 55.59
CA CYS F 479 -40.59 7.64 55.60
C CYS F 479 -41.44 7.95 54.39
N LEU F 480 -41.49 9.22 53.99
CA LEU F 480 -42.26 9.60 52.81
C LEU F 480 -41.65 9.00 51.55
N GLU F 481 -40.32 9.04 51.42
CA GLU F 481 -39.68 8.45 50.26
C GLU F 481 -39.89 6.94 50.23
N ASP F 482 -39.77 6.27 51.38
CA ASP F 482 -40.04 4.84 51.45
C ASP F 482 -41.48 4.54 51.06
N TRP F 483 -42.42 5.39 51.52
CA TRP F 483 -43.82 5.19 51.18
C TRP F 483 -44.06 5.30 49.69
N LYS F 484 -43.42 6.26 49.03
CA LYS F 484 -43.60 6.44 47.59
C LYS F 484 -43.01 5.26 46.81
N VAL F 485 -41.83 4.79 47.21
CA VAL F 485 -41.13 3.76 46.44
C VAL F 485 -41.94 2.47 46.40
N HIS F 486 -42.54 2.09 47.53
CA HIS F 486 -43.33 0.86 47.58
C HIS F 486 -44.49 0.92 46.61
N HIS F 487 -45.19 2.06 46.55
CA HIS F 487 -46.35 2.18 45.68
C HIS F 487 -45.94 2.29 44.20
N ARG F 488 -44.74 2.80 43.93
CA ARG F 488 -44.22 2.74 42.57
C ARG F 488 -44.07 1.29 42.11
N LYS F 489 -43.60 0.42 42.99
CA LYS F 489 -43.52 -1.00 42.66
C LYS F 489 -44.90 -1.60 42.46
N LEU F 490 -45.87 -1.21 43.29
CA LEU F 490 -47.23 -1.68 43.13
C LEU F 490 -47.82 -1.24 41.80
N LEU F 491 -47.55 -0.01 41.39
CA LEU F 491 -47.98 0.46 40.08
C LEU F 491 -47.26 -0.27 38.96
N ARG F 492 -46.03 -0.72 39.21
CA ARG F 492 -45.27 -1.42 38.18
C ARG F 492 -45.79 -2.84 37.95
N THR F 493 -46.12 -3.55 39.04
CA THR F 493 -46.63 -4.91 38.88
C THR F 493 -48.08 -4.93 38.41
N LEU F 494 -48.86 -3.89 38.71
CA LEU F 494 -50.22 -3.82 38.21
C LEU F 494 -50.26 -3.70 36.69
N GLN F 495 -49.26 -3.02 36.12
CA GLN F 495 -49.21 -2.82 34.67
C GLN F 495 -48.72 -4.05 33.91
N SER F 496 -48.18 -5.05 34.59
CA SER F 496 -47.65 -6.24 33.93
C SER F 496 -48.67 -7.37 33.86
N GLU F 497 -49.90 -7.13 34.32
CA GLU F 497 -50.98 -8.10 34.19
C GLU F 497 -52.29 -7.38 33.89
N GLU F 507 -63.58 -4.14 35.47
CA GLU F 507 -62.57 -3.34 34.77
C GLU F 507 -62.58 -1.90 35.28
N SER F 508 -63.74 -1.43 35.73
CA SER F 508 -63.81 -0.09 36.29
C SER F 508 -62.97 0.02 37.55
N ASP F 509 -62.95 -1.03 38.37
CA ASP F 509 -62.11 -1.03 39.56
C ASP F 509 -60.63 -0.98 39.19
N TYR F 510 -60.27 -1.59 38.06
CA TYR F 510 -58.87 -1.54 37.60
C TYR F 510 -58.46 -0.12 37.26
N MET F 511 -59.35 0.65 36.63
CA MET F 511 -59.04 2.04 36.34
C MET F 511 -58.98 2.89 37.60
N ARG F 512 -59.82 2.57 38.59
CA ARG F 512 -59.86 3.36 39.81
C ARG F 512 -58.65 3.09 40.71
N VAL F 513 -58.13 1.86 40.71
CA VAL F 513 -56.89 1.62 41.42
C VAL F 513 -55.69 2.11 40.61
N MET F 514 -55.83 2.21 39.29
CA MET F 514 -54.81 2.84 38.46
C MET F 514 -54.61 4.30 38.85
N GLU F 515 -55.71 5.04 38.98
CA GLU F 515 -55.61 6.46 39.31
C GLU F 515 -55.16 6.68 40.75
N ARG F 516 -55.62 5.83 41.66
CA ARG F 516 -55.29 6.00 43.07
C ARG F 516 -53.78 5.85 43.32
N LEU F 517 -53.15 4.88 42.65
CA LEU F 517 -51.71 4.71 42.79
C LEU F 517 -50.96 5.92 42.25
N ARG F 518 -51.37 6.41 41.08
CA ARG F 518 -50.74 7.62 40.53
C ARG F 518 -50.99 8.83 41.43
N ASN F 519 -52.18 8.88 42.05
CA ASN F 519 -52.48 9.98 42.97
C ASN F 519 -51.58 9.94 44.20
N ILE F 520 -51.28 8.74 44.71
CA ILE F 520 -50.43 8.61 45.89
C ILE F 520 -49.03 9.14 45.59
N ILE F 521 -48.47 8.77 44.44
CA ILE F 521 -47.14 9.22 44.06
C ILE F 521 -47.16 10.70 43.69
N VAL F 594 -61.17 1.50 47.60
CA VAL F 594 -60.19 1.48 46.51
C VAL F 594 -58.84 1.00 47.02
N ASP F 595 -58.37 1.60 48.12
CA ASP F 595 -57.12 1.17 48.72
C ASP F 595 -57.21 -0.27 49.23
N GLU F 596 -58.41 -0.75 49.53
CA GLU F 596 -58.60 -2.15 49.87
C GLU F 596 -58.23 -3.05 48.70
N LEU F 597 -58.63 -2.66 47.48
CA LEU F 597 -58.27 -3.44 46.31
C LEU F 597 -56.78 -3.33 46.00
N ILE F 598 -56.16 -2.21 46.34
CA ILE F 598 -54.70 -2.10 46.17
C ILE F 598 -54.00 -3.08 47.09
N CYS F 599 -54.57 -3.35 48.26
CA CYS F 599 -53.92 -4.17 49.29
C CYS F 599 -53.77 -5.63 48.88
N ARG F 600 -54.46 -6.10 47.84
CA ARG F 600 -54.32 -7.48 47.40
C ARG F 600 -53.17 -7.68 46.43
N ILE F 601 -52.56 -6.61 45.94
CA ILE F 601 -51.44 -6.73 45.01
C ILE F 601 -50.19 -7.08 45.80
N LYS F 602 -49.56 -8.18 45.45
CA LYS F 602 -48.45 -8.74 46.22
C LYS F 602 -47.14 -8.53 45.48
N LEU F 603 -46.14 -8.03 46.20
CA LEU F 603 -44.77 -7.97 45.70
C LEU F 603 -44.04 -9.23 46.11
N HIS F 604 -43.14 -9.69 45.24
CA HIS F 604 -42.42 -10.94 45.45
C HIS F 604 -40.91 -10.73 45.39
N GLU F 605 -40.45 -9.55 45.80
CA GLU F 605 -39.04 -9.23 45.66
C GLU F 605 -38.19 -10.09 46.59
N GLY F 606 -37.20 -10.77 46.01
CA GLY F 606 -36.33 -11.66 46.76
C GLY F 606 -36.80 -13.09 46.87
N ASP F 607 -38.01 -13.40 46.39
CA ASP F 607 -38.56 -14.75 46.49
C ASP F 607 -38.11 -15.56 45.29
N THR F 608 -36.96 -16.23 45.44
CA THR F 608 -36.40 -16.99 44.33
C THR F 608 -37.30 -18.15 43.93
N GLU F 609 -37.91 -18.82 44.92
CA GLU F 609 -38.76 -19.97 44.62
C GLU F 609 -39.97 -19.58 43.78
N PHE F 610 -40.55 -18.40 44.06
CA PHE F 610 -41.65 -17.92 43.24
C PHE F 610 -41.20 -17.65 41.81
N TRP F 611 -40.03 -17.03 41.64
CA TRP F 611 -39.54 -16.71 40.30
C TRP F 611 -39.09 -17.96 39.56
N LYS F 612 -38.63 -18.98 40.28
CA LYS F 612 -38.32 -20.24 39.63
C LYS F 612 -39.58 -20.88 39.07
N ARG F 613 -40.69 -20.80 39.81
CA ARG F 613 -41.95 -21.35 39.31
C ARG F 613 -42.42 -20.61 38.07
N ARG F 614 -42.26 -19.29 38.04
CA ARG F 614 -42.68 -18.53 36.87
C ARG F 614 -41.71 -18.71 35.71
N PHE F 615 -40.43 -19.00 36.01
CA PHE F 615 -39.50 -19.33 34.95
C PHE F 615 -39.85 -20.65 34.29
N LEU F 616 -40.43 -21.59 35.04
CA LEU F 616 -40.89 -22.85 34.49
C LEU F 616 -42.31 -22.70 33.95
N TRP F 740 -33.01 -20.58 15.71
CA TRP F 740 -33.80 -19.50 16.30
C TRP F 740 -34.49 -19.94 17.58
N PHE F 741 -34.19 -19.25 18.67
CA PHE F 741 -34.98 -19.41 19.87
C PHE F 741 -36.40 -18.90 19.61
N PRO F 742 -37.41 -19.54 20.20
CA PRO F 742 -38.79 -19.09 19.98
C PRO F 742 -38.98 -17.65 20.46
N GLU F 743 -39.80 -16.91 19.70
CA GLU F 743 -40.08 -15.53 20.09
C GLU F 743 -40.93 -15.47 21.35
N GLU F 744 -41.77 -16.48 21.57
CA GLU F 744 -42.59 -16.52 22.78
C GLU F 744 -41.69 -16.67 24.01
N PRO F 745 -41.96 -15.93 25.08
CA PRO F 745 -41.05 -15.97 26.24
C PRO F 745 -40.98 -17.32 26.94
N PHE F 746 -42.13 -17.90 27.29
CA PHE F 746 -42.11 -19.15 28.04
C PHE F 746 -41.60 -20.32 27.20
N GLU F 747 -41.80 -20.27 25.89
CA GLU F 747 -41.15 -21.23 25.02
C GLU F 747 -39.64 -21.04 25.01
N ALA F 748 -39.18 -19.79 24.99
CA ALA F 748 -37.76 -19.52 25.01
C ALA F 748 -37.12 -19.96 26.33
N PHE F 749 -37.86 -19.82 27.43
CA PHE F 749 -37.36 -20.34 28.71
C PHE F 749 -37.20 -21.85 28.66
N LYS F 750 -38.15 -22.53 28.02
CA LYS F 750 -38.05 -23.99 27.89
C LYS F 750 -36.88 -24.38 27.02
N GLU F 751 -36.64 -23.65 25.92
CA GLU F 751 -35.50 -23.97 25.08
C GLU F 751 -34.18 -23.68 25.77
N MET F 752 -34.16 -22.68 26.65
CA MET F 752 -32.95 -22.40 27.42
C MET F 752 -32.58 -23.58 28.31
N ARG F 753 -33.59 -24.24 28.88
CA ARG F 753 -33.31 -25.41 29.71
C ARG F 753 -32.96 -26.63 28.87
N GLU F 754 -33.57 -26.78 27.70
CA GLU F 754 -33.30 -27.95 26.86
C GLU F 754 -31.89 -27.89 26.28
N ARG F 755 -31.43 -26.70 25.88
CA ARG F 755 -30.08 -26.52 25.37
C ARG F 755 -29.08 -26.20 26.48
N LYS F 756 -29.51 -26.26 27.74
CA LYS F 756 -28.65 -26.06 28.90
C LYS F 756 -28.04 -24.67 28.92
N VAL F 757 -28.74 -23.68 28.37
CA VAL F 757 -28.29 -22.30 28.51
C VAL F 757 -28.46 -21.82 29.94
N PHE F 758 -29.60 -22.15 30.55
CA PHE F 758 -29.92 -21.66 31.89
C PHE F 758 -30.96 -22.60 32.49
N ASP F 759 -30.78 -22.94 33.77
CA ASP F 759 -31.74 -23.76 34.49
C ASP F 759 -31.97 -23.18 35.87
N VAL F 760 -32.91 -23.77 36.60
CA VAL F 760 -33.27 -23.28 37.92
C VAL F 760 -32.15 -23.47 38.93
N SER F 761 -31.20 -24.37 38.65
CA SER F 761 -30.04 -24.52 39.53
C SER F 761 -29.17 -23.28 39.53
N ASP F 762 -29.29 -22.40 38.53
CA ASP F 762 -28.57 -21.14 38.49
C ASP F 762 -29.31 -20.00 39.17
N MET F 763 -30.55 -20.23 39.63
CA MET F 763 -31.35 -19.18 40.25
C MET F 763 -31.15 -19.24 41.75
N TYR F 764 -30.21 -18.42 42.25
CA TYR F 764 -30.00 -18.27 43.68
C TYR F 764 -29.43 -16.88 43.92
N THR F 765 -29.75 -16.33 45.09
CA THR F 765 -29.23 -15.04 45.50
C THR F 765 -28.37 -15.20 46.75
N ILE F 766 -27.73 -14.11 47.14
CA ILE F 766 -26.86 -14.14 48.33
C ILE F 766 -27.67 -14.47 49.57
N ALA F 767 -28.96 -14.15 49.57
CA ALA F 767 -29.78 -14.38 50.76
C ALA F 767 -30.02 -15.87 51.00
N ASP F 768 -30.22 -16.65 49.93
CA ASP F 768 -30.61 -18.04 50.12
C ASP F 768 -29.42 -19.01 50.15
N VAL F 769 -28.25 -18.62 49.67
CA VAL F 769 -27.08 -19.50 49.78
C VAL F 769 -26.23 -19.17 51.00
N TRP F 770 -26.37 -17.99 51.58
CA TRP F 770 -25.69 -17.63 52.81
C TRP F 770 -26.59 -17.76 54.03
N GLY F 771 -27.75 -18.38 53.87
CA GLY F 771 -28.65 -18.60 55.00
C GLY F 771 -29.24 -17.35 55.59
N TRP F 772 -29.71 -16.42 54.76
CA TRP F 772 -30.30 -15.18 55.24
C TRP F 772 -31.82 -15.37 55.33
N THR F 773 -32.24 -16.05 56.40
CA THR F 773 -33.66 -16.31 56.61
C THR F 773 -34.43 -15.10 57.12
N TRP F 774 -33.74 -14.10 57.68
CA TRP F 774 -34.40 -12.94 58.25
C TRP F 774 -34.78 -11.88 57.21
N GLU F 775 -34.26 -11.98 55.99
CA GLU F 775 -34.47 -10.89 55.03
C GLU F 775 -35.87 -10.89 54.46
N LYS F 776 -36.52 -12.04 54.39
CA LYS F 776 -37.91 -12.07 53.91
C LYS F 776 -38.84 -11.27 54.83
N ASP F 777 -38.43 -11.01 56.07
CA ASP F 777 -39.23 -10.18 56.97
C ASP F 777 -39.12 -8.70 56.63
N PHE F 778 -38.01 -8.28 56.01
CA PHE F 778 -37.76 -6.87 55.73
C PHE F 778 -38.16 -6.46 54.32
N LYS F 779 -38.76 -7.35 53.54
CA LYS F 779 -39.12 -7.06 52.16
C LYS F 779 -40.60 -7.37 51.93
N ASN F 780 -41.16 -6.69 50.94
CA ASN F 780 -42.53 -6.91 50.48
C ASN F 780 -43.55 -6.59 51.57
N LYS F 781 -43.19 -5.69 52.48
CA LYS F 781 -44.09 -5.20 53.51
C LYS F 781 -44.40 -3.73 53.25
N THR F 782 -45.62 -3.33 53.56
CA THR F 782 -46.01 -1.94 53.39
C THR F 782 -45.32 -1.08 54.45
N PRO F 783 -44.62 -0.01 54.06
CA PRO F 783 -43.93 0.81 55.05
C PRO F 783 -44.90 1.56 55.95
N ARG F 784 -44.44 1.84 57.17
CA ARG F 784 -45.24 2.57 58.13
C ARG F 784 -45.15 4.06 57.87
N ARG F 785 -46.28 4.75 57.96
CA ARG F 785 -46.34 6.18 57.67
C ARG F 785 -45.87 6.99 58.88
N TRP F 786 -45.12 8.04 58.60
CA TRP F 786 -44.56 8.86 59.67
C TRP F 786 -45.64 9.56 60.45
N SER F 787 -45.51 9.53 61.77
CA SER F 787 -46.32 10.35 62.66
C SER F 787 -45.40 10.97 63.70
N GLN F 788 -45.70 12.21 64.09
CA GLN F 788 -44.86 12.89 65.06
C GLN F 788 -44.82 12.13 66.38
N GLU F 789 -45.87 11.38 66.70
CA GLU F 789 -45.84 10.54 67.89
C GLU F 789 -44.80 9.44 67.77
N TRP F 790 -44.72 8.81 66.60
CA TRP F 790 -43.72 7.77 66.37
C TRP F 790 -42.31 8.35 66.45
N GLU F 791 -42.12 9.57 65.94
CA GLU F 791 -40.79 10.18 65.97
C GLU F 791 -40.32 10.43 67.39
N VAL F 792 -41.22 10.83 68.28
CA VAL F 792 -40.83 11.16 69.64
C VAL F 792 -40.40 9.90 70.40
N GLU F 793 -41.18 8.83 70.29
CA GLU F 793 -40.88 7.62 71.05
C GLU F 793 -39.60 6.96 70.56
N LEU F 794 -39.28 7.09 69.27
CA LEU F 794 -37.98 6.66 68.78
C LEU F 794 -36.86 7.47 69.40
N ALA F 795 -37.06 8.79 69.51
CA ALA F 795 -36.02 9.66 70.06
C ALA F 795 -35.77 9.37 71.54
N ILE F 796 -36.83 9.05 72.27
CA ILE F 796 -36.67 8.70 73.68
C ILE F 796 -35.92 7.38 73.82
N VAL F 797 -36.25 6.40 72.99
CA VAL F 797 -35.51 5.14 72.99
C VAL F 797 -34.06 5.38 72.58
N LEU F 798 -33.86 6.17 71.53
CA LEU F 798 -32.50 6.43 71.05
C LEU F 798 -31.66 7.16 72.09
N MET F 799 -32.25 8.16 72.76
CA MET F 799 -31.51 8.88 73.79
C MET F 799 -31.14 7.99 74.96
N ALA F 800 -32.05 7.09 75.34
CA ALA F 800 -31.75 6.14 76.42
C ALA F 800 -30.58 5.24 76.04
N LYS F 801 -30.58 4.73 74.81
CA LYS F 801 -29.50 3.84 74.37
C LYS F 801 -28.16 4.58 74.33
N VAL F 802 -28.16 5.82 73.85
CA VAL F 802 -26.90 6.57 73.73
C VAL F 802 -26.31 6.87 75.10
N ILE F 803 -27.16 7.24 76.05
CA ILE F 803 -26.67 7.51 77.41
C ILE F 803 -26.14 6.23 78.05
N GLU F 804 -26.85 5.12 77.89
CA GLU F 804 -26.42 3.87 78.51
C GLU F 804 -25.25 3.23 77.79
N LEU F 805 -24.82 3.80 76.66
CA LEU F 805 -23.67 3.30 75.92
C LEU F 805 -22.52 4.31 75.92
N GLY F 806 -22.53 5.26 76.83
CA GLY F 806 -21.42 6.18 77.01
C GLY F 806 -21.51 7.48 76.27
N GLY F 807 -22.66 7.82 75.70
CA GLY F 807 -22.83 9.04 74.95
C GLY F 807 -23.49 10.13 75.78
N VAL F 808 -23.16 11.37 75.48
CA VAL F 808 -23.68 12.54 76.17
C VAL F 808 -24.43 13.41 75.18
N PRO F 809 -25.75 13.29 75.10
CA PRO F 809 -26.52 14.22 74.29
C PRO F 809 -26.40 15.64 74.82
N THR F 810 -26.43 16.61 73.91
CA THR F 810 -26.25 18.00 74.25
C THR F 810 -27.53 18.59 74.83
N ILE F 811 -27.39 19.77 75.43
CA ILE F 811 -28.55 20.50 75.94
C ILE F 811 -29.48 20.88 74.79
N GLY F 812 -28.91 21.19 73.63
CA GLY F 812 -29.73 21.46 72.46
C GLY F 812 -30.48 20.24 71.97
N ASP F 813 -29.86 19.07 72.06
CA ASP F 813 -30.54 17.84 71.66
C ASP F 813 -31.77 17.58 72.52
N CYS F 814 -31.65 17.78 73.83
CA CYS F 814 -32.77 17.56 74.72
C CYS F 814 -33.92 18.50 74.41
N ALA F 815 -33.61 19.76 74.11
CA ALA F 815 -34.65 20.72 73.77
C ALA F 815 -35.31 20.37 72.45
N VAL F 816 -34.54 19.91 71.46
CA VAL F 816 -35.10 19.56 70.16
C VAL F 816 -36.07 18.39 70.29
N ILE F 817 -35.70 17.38 71.07
CA ILE F 817 -36.64 16.30 71.36
C ILE F 817 -37.83 16.84 72.13
N LEU F 818 -37.57 17.74 73.09
CA LEU F 818 -38.65 18.35 73.85
C LEU F 818 -39.53 19.24 72.97
N ARG F 819 -38.90 20.01 72.07
CA ARG F 819 -39.66 20.89 71.18
C ARG F 819 -40.58 20.08 70.28
N ALA F 820 -40.11 18.93 69.79
CA ALA F 820 -40.94 18.10 68.93
C ALA F 820 -42.19 17.62 69.66
N ALA F 821 -42.06 17.28 70.94
CA ALA F 821 -43.22 16.87 71.73
C ALA F 821 -44.22 18.01 71.87
N ILE F 822 -43.74 19.22 72.08
CA ILE F 822 -44.64 20.36 72.31
C ILE F 822 -45.46 20.67 71.07
N ARG F 823 -44.88 20.47 69.88
CA ARG F 823 -45.66 20.60 68.65
C ARG F 823 -46.62 19.42 68.47
N ALA F 824 -46.23 18.24 68.94
CA ALA F 824 -46.94 16.98 68.85
C ALA F 824 -48.14 16.78 69.78
N PRO F 825 -48.22 17.47 70.93
CA PRO F 825 -48.93 16.92 72.09
C PRO F 825 -48.94 15.41 72.30
N MET F 826 -47.94 14.92 73.04
CA MET F 826 -48.13 13.78 73.95
C MET F 826 -47.56 14.23 75.30
N PRO F 827 -48.43 14.75 76.19
CA PRO F 827 -47.96 15.19 77.51
C PRO F 827 -47.45 14.07 78.39
N SER F 828 -47.71 12.81 78.04
CA SER F 828 -47.16 11.71 78.80
C SER F 828 -45.64 11.68 78.73
N SER F 829 -45.08 11.94 77.55
CA SER F 829 -43.63 11.90 77.37
C SER F 829 -42.91 13.07 78.03
N PHE F 830 -43.64 14.08 78.52
CA PHE F 830 -42.99 15.25 79.08
C PHE F 830 -42.18 14.89 80.32
N LEU F 831 -42.69 13.97 81.14
CA LEU F 831 -42.00 13.63 82.38
C LEU F 831 -40.64 12.98 82.10
N LYS F 832 -40.58 12.09 81.12
CA LYS F 832 -39.34 11.34 80.89
C LYS F 832 -38.27 12.20 80.21
N ILE F 833 -38.68 13.12 79.32
CA ILE F 833 -37.72 13.96 78.63
C ILE F 833 -36.99 14.88 79.62
N LEU F 834 -37.73 15.49 80.55
CA LEU F 834 -37.08 16.30 81.57
C LEU F 834 -36.27 15.45 82.54
N GLN F 835 -36.70 14.21 82.78
CA GLN F 835 -35.96 13.34 83.67
C GLN F 835 -34.57 13.04 83.12
N THR F 836 -34.48 12.72 81.83
CA THR F 836 -33.17 12.46 81.26
C THR F 836 -32.39 13.75 81.01
N THR F 837 -33.09 14.87 80.81
CA THR F 837 -32.41 16.15 80.66
C THR F 837 -31.69 16.53 81.94
N HIS F 838 -32.36 16.39 83.09
CA HIS F 838 -31.76 16.74 84.36
C HIS F 838 -30.77 15.69 84.85
N SER F 839 -30.96 14.43 84.46
CA SER F 839 -29.98 13.41 84.79
C SER F 839 -28.64 13.68 84.12
N LEU F 840 -28.62 14.47 83.05
CA LEU F 840 -27.39 14.91 82.41
C LEU F 840 -26.84 16.20 83.00
N GLY F 841 -27.53 16.79 83.96
CA GLY F 841 -27.08 18.03 84.55
C GLY F 841 -27.47 19.27 83.79
N TYR F 842 -28.50 19.20 82.95
CA TYR F 842 -28.94 20.32 82.15
C TYR F 842 -30.19 20.94 82.76
N ALA F 843 -30.25 22.28 82.74
CA ALA F 843 -31.41 23.01 83.24
C ALA F 843 -31.91 23.91 82.12
N PHE F 844 -33.18 23.74 81.76
CA PHE F 844 -33.81 24.62 80.80
C PHE F 844 -34.09 25.98 81.44
N GLY F 845 -34.36 26.97 80.59
CA GLY F 845 -34.74 28.27 81.10
C GLY F 845 -36.13 28.26 81.71
N SER F 846 -36.37 29.24 82.58
CA SER F 846 -37.69 29.37 83.19
C SER F 846 -38.82 29.51 82.18
N PRO F 847 -38.70 30.30 81.10
CA PRO F 847 -39.80 30.34 80.12
C PRO F 847 -40.11 28.99 79.50
N LEU F 848 -39.10 28.13 79.30
CA LEU F 848 -39.37 26.81 78.74
C LEU F 848 -40.23 25.98 79.66
N TYR F 849 -39.94 26.02 80.97
CA TYR F 849 -40.78 25.31 81.93
C TYR F 849 -42.17 25.92 82.00
N ASP F 850 -42.28 27.22 81.80
CA ASP F 850 -43.60 27.85 81.71
C ASP F 850 -44.37 27.34 80.50
N GLU F 851 -43.68 27.14 79.38
CA GLU F 851 -44.34 26.71 78.16
C GLU F 851 -44.97 25.33 78.30
N ILE F 852 -44.23 24.39 78.90
CA ILE F 852 -44.73 23.02 79.01
C ILE F 852 -45.91 22.95 79.98
N ILE F 853 -45.85 23.74 81.07
CA ILE F 853 -46.93 23.73 82.05
C ILE F 853 -48.20 24.34 81.46
N THR F 854 -48.07 25.49 80.80
CA THR F 854 -49.22 26.09 80.14
C THR F 854 -49.74 25.22 79.01
N LEU F 855 -48.84 24.51 78.32
CA LEU F 855 -49.27 23.57 77.29
C LEU F 855 -50.09 22.44 77.90
N CYS F 856 -49.68 21.95 79.07
CA CYS F 856 -50.45 20.90 79.74
C CYS F 856 -51.85 21.39 80.10
N LEU F 857 -51.95 22.62 80.59
CA LEU F 857 -53.26 23.17 80.93
C LEU F 857 -54.13 23.35 79.70
N ASP F 858 -53.53 23.74 78.57
CA ASP F 858 -54.30 23.89 77.34
C ASP F 858 -54.94 22.58 76.92
N LEU F 859 -54.18 21.48 77.01
CA LEU F 859 -54.71 20.16 76.72
C LEU F 859 -55.46 19.55 77.90
N GLY F 860 -55.39 20.16 79.08
CA GLY F 860 -56.05 19.62 80.24
C GLY F 860 -55.33 18.49 80.94
N GLU F 861 -54.12 18.13 80.50
CA GLU F 861 -53.36 17.06 81.13
C GLU F 861 -52.70 17.63 82.38
N LEU F 862 -53.50 17.73 83.45
CA LEU F 862 -53.01 18.27 84.71
C LEU F 862 -52.14 17.26 85.46
N ASP F 863 -52.35 15.97 85.21
CA ASP F 863 -51.54 14.96 85.90
C ASP F 863 -50.07 15.07 85.51
N ALA F 864 -49.78 15.36 84.24
CA ALA F 864 -48.41 15.64 83.84
C ALA F 864 -47.89 16.92 84.49
N ALA F 865 -48.72 17.96 84.51
CA ALA F 865 -48.28 19.24 85.06
C ALA F 865 -47.96 19.13 86.55
N ILE F 866 -48.79 18.40 87.31
CA ILE F 866 -48.53 18.26 88.74
C ILE F 866 -47.28 17.39 88.97
N ALA F 867 -47.01 16.45 88.08
CA ALA F 867 -45.78 15.67 88.18
C ALA F 867 -44.57 16.45 87.71
N ILE F 868 -44.75 17.33 86.70
CA ILE F 868 -43.64 18.15 86.23
C ILE F 868 -43.20 19.14 87.30
N VAL F 869 -44.16 19.79 87.97
CA VAL F 869 -43.80 20.69 89.06
C VAL F 869 -43.22 19.89 90.23
N ALA F 870 -43.64 18.64 90.39
CA ALA F 870 -43.10 17.80 91.47
C ALA F 870 -41.62 17.54 91.28
N ASP F 871 -41.21 17.20 90.05
CA ASP F 871 -39.80 16.90 89.81
C ASP F 871 -38.95 18.17 89.73
N MET F 872 -39.53 19.30 89.34
CA MET F 872 -38.81 20.56 89.42
C MET F 872 -38.44 20.89 90.86
N GLU F 873 -39.38 20.68 91.79
CA GLU F 873 -39.12 20.95 93.19
C GLU F 873 -38.01 20.04 93.73
N THR F 874 -38.02 18.77 93.32
CA THR F 874 -36.96 17.85 93.75
C THR F 874 -35.60 18.31 93.24
N THR F 875 -35.55 18.78 91.99
CA THR F 875 -34.30 19.32 91.45
C THR F 875 -33.92 20.64 92.10
N GLY F 876 -34.86 21.31 92.76
CA GLY F 876 -34.56 22.56 93.43
C GLY F 876 -34.51 23.79 92.55
N ILE F 877 -34.79 23.65 91.26
CA ILE F 877 -34.77 24.79 90.36
C ILE F 877 -35.91 25.73 90.69
N THR F 878 -35.60 27.02 90.81
CA THR F 878 -36.61 28.02 91.15
C THR F 878 -37.70 28.05 90.09
N VAL F 879 -38.95 28.09 90.54
CA VAL F 879 -40.12 28.06 89.67
C VAL F 879 -40.82 29.40 89.78
N PRO F 880 -41.15 30.06 88.66
CA PRO F 880 -41.76 31.39 88.75
C PRO F 880 -43.13 31.35 89.42
N ASP F 881 -43.48 32.46 90.06
CA ASP F 881 -44.71 32.54 90.84
C ASP F 881 -45.95 32.35 89.96
N GLN F 882 -45.93 32.93 88.76
CA GLN F 882 -47.11 32.86 87.90
C GLN F 882 -47.43 31.41 87.52
N THR F 883 -46.40 30.59 87.31
CA THR F 883 -46.62 29.17 87.04
C THR F 883 -47.25 28.47 88.24
N LEU F 884 -46.77 28.78 89.44
CA LEU F 884 -47.36 28.19 90.64
C LEU F 884 -48.80 28.65 90.83
N ASP F 885 -49.07 29.93 90.55
CA ASP F 885 -50.42 30.46 90.74
C ASP F 885 -51.42 29.79 89.80
N LYS F 886 -51.02 29.56 88.55
CA LYS F 886 -51.97 29.00 87.58
C LYS F 886 -52.19 27.50 87.79
N VAL F 887 -51.17 26.76 88.24
CA VAL F 887 -51.37 25.34 88.50
C VAL F 887 -52.23 25.15 89.74
N ILE F 888 -52.05 25.99 90.76
CA ILE F 888 -52.87 25.90 91.96
C ILE F 888 -54.31 26.25 91.66
N SER F 889 -54.52 27.31 90.85
CA SER F 889 -55.87 27.66 90.43
C SER F 889 -56.49 26.53 89.61
N ALA F 890 -55.71 25.88 88.76
CA ALA F 890 -56.20 24.75 88.00
C ALA F 890 -56.53 23.57 88.91
N ARG F 891 -55.73 23.35 89.95
CA ARG F 891 -56.02 22.28 90.89
C ARG F 891 -57.30 22.56 91.68
N GLN F 892 -57.53 23.82 92.05
CA GLN F 892 -58.76 24.16 92.76
C GLN F 892 -59.98 24.07 91.85
N SER F 893 -59.83 24.39 90.57
CA SER F 893 -60.98 24.37 89.66
C SER F 893 -61.50 22.97 89.45
N ASN F 894 -60.60 21.99 89.29
CA ASN F 894 -61.02 20.62 88.98
C ASN F 894 -61.52 19.85 90.19
N GLU F 895 -61.36 20.39 91.39
CA GLU F 895 -61.80 19.70 92.61
C GLU F 895 -63.25 20.06 92.94
N VAL G 63 52.48 14.78 40.15
CA VAL G 63 51.66 14.97 41.35
C VAL G 63 50.30 15.53 40.97
N SER G 64 49.24 14.96 41.57
CA SER G 64 47.87 15.35 41.29
C SER G 64 47.24 15.93 42.53
N VAL G 65 46.62 17.11 42.39
CA VAL G 65 45.99 17.77 43.52
C VAL G 65 44.75 17.00 43.95
N GLU G 66 44.47 17.02 45.25
CA GLU G 66 43.26 16.39 45.76
C GLU G 66 42.03 17.08 45.19
N LYS G 67 41.03 16.28 44.82
CA LYS G 67 39.82 16.84 44.23
C LYS G 67 39.03 17.61 45.27
N GLY G 68 38.69 18.85 44.95
CA GLY G 68 37.97 19.73 45.85
C GLY G 68 38.83 20.55 46.77
N LYS G 69 40.15 20.35 46.77
CA LYS G 69 41.02 21.16 47.63
C LYS G 69 41.00 22.62 47.22
N TYR G 70 41.04 22.89 45.91
CA TYR G 70 40.97 24.25 45.40
C TYR G 70 39.89 24.37 44.33
N SER G 71 39.84 25.50 43.64
CA SER G 71 38.86 25.69 42.59
C SER G 71 39.20 24.82 41.38
N TYR G 72 38.19 24.61 40.53
CA TYR G 72 38.39 23.80 39.33
C TYR G 72 39.44 24.41 38.41
N ASP G 73 39.34 25.72 38.20
CA ASP G 73 40.33 26.40 37.35
C ASP G 73 41.71 26.40 38.01
N VAL G 74 41.75 26.60 39.33
CA VAL G 74 43.02 26.59 40.04
C VAL G 74 43.66 25.20 40.00
N GLU G 75 42.86 24.16 40.22
CA GLU G 75 43.39 22.80 40.16
C GLU G 75 43.86 22.45 38.76
N SER G 76 43.12 22.90 37.73
CA SER G 76 43.52 22.63 36.36
C SER G 76 44.85 23.28 36.03
N LEU G 77 45.06 24.52 36.50
CA LEU G 77 46.32 25.21 36.24
C LEU G 77 47.49 24.53 36.94
N ILE G 78 47.29 24.12 38.19
CA ILE G 78 48.37 23.47 38.94
C ILE G 78 48.75 22.14 38.30
N ASN G 79 47.74 21.35 37.92
CA ASN G 79 48.00 20.06 37.29
C ASN G 79 48.74 20.22 35.97
N LYS G 80 48.32 21.21 35.17
CA LYS G 80 48.98 21.42 33.88
C LYS G 80 50.42 21.88 34.06
N LEU G 81 50.67 22.81 34.99
CA LEU G 81 52.03 23.24 35.27
C LEU G 81 52.87 22.09 35.80
N SER G 82 52.29 21.23 36.64
CA SER G 82 52.99 20.04 37.11
C SER G 82 53.31 19.11 35.95
N SER G 83 52.38 18.94 35.02
CA SER G 83 52.59 18.09 33.86
C SER G 83 53.35 18.78 32.74
N LEU G 84 53.48 20.11 32.79
CA LEU G 84 54.18 20.81 31.73
C LEU G 84 55.66 20.43 31.73
N PRO G 85 56.25 20.22 30.55
CA PRO G 85 57.68 19.87 30.49
C PRO G 85 58.54 21.03 30.95
N PRO G 86 59.76 20.75 31.39
CA PRO G 86 60.65 21.85 31.83
C PRO G 86 60.93 22.86 30.73
N ARG G 87 60.87 22.45 29.47
CA ARG G 87 61.00 23.36 28.34
C ARG G 87 59.64 23.78 27.78
N GLY G 88 58.56 23.45 28.48
CA GLY G 88 57.24 23.82 28.01
C GLY G 88 56.98 25.31 28.11
N SER G 89 55.97 25.75 27.37
CA SER G 89 55.61 27.17 27.30
C SER G 89 54.58 27.48 28.38
N ILE G 90 54.98 28.31 29.34
CA ILE G 90 54.05 28.73 30.39
C ILE G 90 52.98 29.65 29.82
N ALA G 91 53.36 30.53 28.89
CA ALA G 91 52.40 31.47 28.31
C ALA G 91 51.30 30.73 27.55
N ARG G 92 51.66 29.66 26.84
CA ARG G 92 50.65 28.90 26.11
C ARG G 92 49.62 28.31 27.07
N CYS G 93 50.06 27.77 28.21
CA CYS G 93 49.13 27.24 29.19
C CYS G 93 48.30 28.35 29.83
N LEU G 94 48.92 29.50 30.11
CA LEU G 94 48.22 30.59 30.76
C LEU G 94 47.36 31.41 29.81
N ASP G 95 47.42 31.13 28.50
CA ASP G 95 46.53 31.80 27.56
C ASP G 95 45.07 31.44 27.83
N ILE G 96 44.80 30.18 28.15
CA ILE G 96 43.43 29.73 28.38
C ILE G 96 42.86 30.35 29.65
N PHE G 97 43.69 30.48 30.69
CA PHE G 97 43.23 30.95 31.98
C PHE G 97 43.26 32.48 32.12
N LYS G 98 43.36 33.20 31.01
CA LYS G 98 43.37 34.65 31.06
C LYS G 98 42.02 35.17 31.54
N ASN G 99 42.06 36.16 32.46
CA ASN G 99 40.86 36.76 33.06
C ASN G 99 39.98 35.71 33.74
N LYS G 100 40.58 34.62 34.19
CA LYS G 100 39.87 33.57 34.91
C LYS G 100 40.33 33.38 36.34
N LEU G 101 41.57 33.72 36.65
CA LEU G 101 42.14 33.56 37.99
C LEU G 101 42.60 34.89 38.53
N SER G 102 42.27 35.17 39.79
CA SER G 102 42.67 36.40 40.45
C SER G 102 44.00 36.20 41.17
N LEU G 103 44.42 37.23 41.91
CA LEU G 103 45.69 37.17 42.60
C LEU G 103 45.68 36.14 43.72
N ASN G 104 44.53 35.92 44.36
CA ASN G 104 44.42 34.88 45.38
C ASN G 104 44.67 33.51 44.80
N ASP G 105 44.14 33.23 43.61
CA ASP G 105 44.32 31.93 42.98
C ASP G 105 45.79 31.67 42.68
N PHE G 106 46.50 32.69 42.16
CA PHE G 106 47.93 32.52 41.89
C PHE G 106 48.71 32.32 43.18
N ALA G 107 48.33 33.02 44.25
CA ALA G 107 49.00 32.83 45.53
C ALA G 107 48.79 31.41 46.06
N LEU G 108 47.57 30.88 45.92
CA LEU G 108 47.33 29.51 46.33
C LEU G 108 48.11 28.52 45.47
N VAL G 109 48.39 28.88 44.22
CA VAL G 109 49.24 28.03 43.38
C VAL G 109 50.64 27.93 43.97
N PHE G 110 51.19 29.07 44.41
CA PHE G 110 52.53 29.07 45.00
C PHE G 110 52.57 28.35 46.33
N LYS G 111 51.48 28.41 47.11
CA LYS G 111 51.41 27.65 48.35
C LYS G 111 51.47 26.16 48.07
N GLU G 112 50.76 25.69 47.04
CA GLU G 112 50.86 24.30 46.63
C GLU G 112 52.24 24.01 46.07
N PHE G 113 52.79 24.93 45.28
CA PHE G 113 54.13 24.75 44.73
C PHE G 113 55.17 24.71 45.85
N ALA G 114 55.01 25.56 46.86
CA ALA G 114 55.93 25.55 48.00
C ALA G 114 55.85 24.22 48.74
N GLY G 115 54.63 23.69 48.92
CA GLY G 115 54.49 22.39 49.55
C GLY G 115 55.08 21.27 48.73
N ARG G 116 54.95 21.37 47.40
CA ARG G 116 55.48 20.35 46.50
C ARG G 116 56.99 20.44 46.33
N GLY G 117 57.58 21.59 46.60
CA GLY G 117 59.01 21.75 46.50
C GLY G 117 59.53 22.05 45.11
N ASP G 118 58.66 22.25 44.13
CA ASP G 118 59.07 22.52 42.75
C ASP G 118 59.32 24.02 42.61
N TRP G 119 60.51 24.44 43.07
CA TRP G 119 60.86 25.85 43.03
C TRP G 119 61.21 26.31 41.62
N GLN G 120 61.68 25.41 40.77
CA GLN G 120 62.08 25.79 39.41
C GLN G 120 60.89 26.31 38.62
N ARG G 121 59.74 25.64 38.73
CA ARG G 121 58.55 26.09 38.02
C ARG G 121 58.02 27.39 38.61
N SER G 122 58.13 27.56 39.93
CA SER G 122 57.65 28.79 40.56
C SER G 122 58.45 30.00 40.08
N LEU G 123 59.77 29.87 39.99
CA LEU G 123 60.59 30.99 39.54
C LEU G 123 60.31 31.35 38.09
N ARG G 124 60.15 30.33 37.23
CA ARG G 124 59.83 30.59 35.83
C ARG G 124 58.48 31.27 35.68
N LEU G 125 57.49 30.84 36.49
CA LEU G 125 56.19 31.49 36.47
C LEU G 125 56.29 32.95 36.92
N PHE G 126 57.08 33.21 37.96
CA PHE G 126 57.21 34.58 38.45
C PHE G 126 57.93 35.47 37.45
N LYS G 127 58.92 34.92 36.74
CA LYS G 127 59.62 35.69 35.72
C LYS G 127 58.66 36.09 34.60
N TYR G 128 57.77 35.18 34.21
CA TYR G 128 56.80 35.50 33.16
C TYR G 128 55.82 36.56 33.62
N MET G 129 55.33 36.47 34.86
CA MET G 129 54.33 37.41 35.34
C MET G 129 54.90 38.80 35.58
N GLN G 130 56.21 38.93 35.77
CA GLN G 130 56.81 40.23 36.02
C GLN G 130 56.62 41.19 34.85
N ARG G 131 56.32 40.67 33.67
CA ARG G 131 56.06 41.51 32.50
C ARG G 131 54.58 41.67 32.20
N GLN G 132 53.70 41.09 33.00
CA GLN G 132 52.26 41.12 32.77
C GLN G 132 51.62 42.04 33.80
N ILE G 133 50.88 43.04 33.33
CA ILE G 133 50.26 44.00 34.23
C ILE G 133 49.00 43.43 34.88
N TRP G 134 48.20 42.68 34.10
CA TRP G 134 46.91 42.21 34.59
C TRP G 134 47.03 41.23 35.75
N CYS G 135 48.20 40.64 35.95
CA CYS G 135 48.45 39.74 37.09
C CYS G 135 49.71 40.17 37.82
N LYS G 136 49.79 41.47 38.13
CA LYS G 136 50.97 42.00 38.78
C LYS G 136 51.13 41.38 40.17
N PRO G 137 52.34 40.98 40.54
CA PRO G 137 52.54 40.38 41.87
C PRO G 137 52.28 41.38 42.99
N ASN G 138 51.85 40.86 44.12
CA ASN G 138 51.55 41.66 45.32
C ASN G 138 52.49 41.26 46.45
N GLU G 139 52.30 41.90 47.61
CA GLU G 139 53.17 41.64 48.75
C GLU G 139 53.03 40.21 49.26
N HIS G 140 51.79 39.70 49.30
CA HIS G 140 51.56 38.36 49.84
C HIS G 140 52.29 37.30 49.00
N ILE G 141 52.22 37.40 47.67
CA ILE G 141 52.93 36.45 46.83
C ILE G 141 54.43 36.59 47.04
N TYR G 142 54.94 37.82 47.11
CA TYR G 142 56.37 38.05 47.27
C TYR G 142 56.89 37.39 48.54
N THR G 143 56.16 37.50 49.65
CA THR G 143 56.57 36.85 50.89
C THR G 143 56.63 35.35 50.73
N ILE G 144 55.66 34.77 50.01
CA ILE G 144 55.55 33.32 49.91
C ILE G 144 56.73 32.73 49.15
N MET G 145 57.09 33.33 48.02
CA MET G 145 58.20 32.80 47.23
C MET G 145 59.54 32.99 47.93
N ILE G 146 59.67 34.06 48.71
CA ILE G 146 60.88 34.25 49.51
C ILE G 146 61.04 33.11 50.51
N SER G 147 59.93 32.69 51.13
CA SER G 147 59.97 31.55 52.03
C SER G 147 60.37 30.27 51.31
N LEU G 148 59.80 30.04 50.12
CA LEU G 148 60.10 28.82 49.37
C LEU G 148 61.56 28.78 48.92
N LEU G 149 62.04 29.88 48.36
CA LEU G 149 63.43 29.92 47.90
C LEU G 149 64.40 29.78 49.06
N GLY G 150 64.06 30.39 50.21
CA GLY G 150 64.88 30.21 51.40
C GLY G 150 64.88 28.78 51.90
N ARG G 151 63.75 28.07 51.74
CA ARG G 151 63.69 26.68 52.15
C ARG G 151 64.64 25.80 51.33
N GLU G 152 64.97 26.24 50.12
CA GLU G 152 65.87 25.50 49.24
C GLU G 152 67.31 25.99 49.32
N GLY G 153 67.60 26.95 50.19
CA GLY G 153 68.97 27.41 50.37
C GLY G 153 69.48 28.38 49.34
N LEU G 154 68.61 28.89 48.46
CA LEU G 154 69.02 29.83 47.41
C LEU G 154 68.95 31.25 47.99
N LEU G 155 69.94 31.57 48.82
CA LEU G 155 69.97 32.87 49.48
C LEU G 155 70.15 34.00 48.49
N ASP G 156 70.98 33.79 47.46
CA ASP G 156 71.23 34.85 46.48
C ASP G 156 69.95 35.22 45.74
N LYS G 157 69.16 34.22 45.33
CA LYS G 157 67.90 34.51 44.65
C LYS G 157 66.92 35.20 45.58
N CYS G 158 66.94 34.86 46.87
CA CYS G 158 66.09 35.56 47.83
C CYS G 158 66.45 37.03 47.90
N LEU G 159 67.75 37.34 47.93
CA LEU G 159 68.18 38.73 47.97
C LEU G 159 67.85 39.45 46.66
N GLU G 160 68.01 38.77 45.52
CA GLU G 160 67.69 39.40 44.25
C GLU G 160 66.21 39.72 44.13
N VAL G 161 65.35 38.80 44.57
CA VAL G 161 63.92 39.04 44.54
C VAL G 161 63.55 40.16 45.50
N PHE G 162 64.16 40.17 46.68
CA PHE G 162 63.88 41.23 47.65
C PHE G 162 64.30 42.59 47.11
N GLU G 163 65.40 42.65 46.35
CA GLU G 163 65.86 43.89 45.76
C GLU G 163 65.06 44.28 44.52
N GLU G 164 64.17 43.42 44.04
CA GLU G 164 63.26 43.78 42.96
C GLU G 164 62.07 44.61 43.46
N MET G 165 61.95 44.78 44.77
CA MET G 165 60.86 45.60 45.32
C MET G 165 60.84 47.02 44.77
N PRO G 166 61.94 47.80 44.78
CA PRO G 166 61.84 49.17 44.28
C PRO G 166 61.55 49.26 42.79
N SER G 167 62.06 48.31 41.99
CA SER G 167 61.89 48.39 40.54
C SER G 167 60.48 48.00 40.11
N GLN G 168 59.81 47.14 40.86
CA GLN G 168 58.51 46.61 40.46
C GLN G 168 57.35 47.45 40.99
N GLY G 169 57.61 48.51 41.76
CA GLY G 169 56.55 49.36 42.25
C GLY G 169 55.78 48.81 43.44
N VAL G 170 56.27 47.75 44.07
CA VAL G 170 55.64 47.18 45.25
C VAL G 170 56.35 47.70 46.48
N ALA G 171 55.64 47.76 47.60
CA ALA G 171 56.17 48.32 48.84
C ALA G 171 56.65 47.21 49.77
N ARG G 172 57.77 47.45 50.44
CA ARG G 172 58.27 46.51 51.44
C ARG G 172 57.34 46.48 52.64
N SER G 173 57.13 45.29 53.18
CA SER G 173 56.32 45.12 54.38
C SER G 173 57.09 44.28 55.39
N VAL G 174 56.53 44.18 56.59
CA VAL G 174 57.17 43.40 57.65
C VAL G 174 57.15 41.91 57.30
N PHE G 175 56.07 41.44 56.66
CA PHE G 175 55.97 40.02 56.32
C PHE G 175 57.07 39.61 55.34
N SER G 176 57.32 40.43 54.32
CA SER G 176 58.39 40.11 53.38
C SER G 176 59.76 40.12 54.06
N TYR G 177 59.97 41.08 54.96
CA TYR G 177 61.19 41.10 55.75
C TYR G 177 61.28 39.90 56.67
N THR G 178 60.14 39.48 57.23
CA THR G 178 60.12 38.32 58.12
C THR G 178 60.54 37.06 57.37
N ALA G 179 60.07 36.88 56.14
CA ALA G 179 60.43 35.69 55.37
C ALA G 179 61.90 35.70 54.97
N LEU G 180 62.50 36.88 54.79
CA LEU G 180 63.89 36.93 54.35
C LEU G 180 64.84 36.54 55.47
N ILE G 181 64.62 37.05 56.69
CA ILE G 181 65.49 36.69 57.80
C ILE G 181 65.36 35.21 58.13
N ASN G 182 64.12 34.69 58.11
CA ASN G 182 63.92 33.26 58.31
C ASN G 182 64.57 32.45 57.20
N ALA G 183 64.59 32.98 55.98
CA ALA G 183 65.31 32.34 54.90
C ALA G 183 66.81 32.30 55.19
N TYR G 184 67.38 33.43 55.62
CA TYR G 184 68.80 33.46 55.96
C TYR G 184 69.06 32.69 57.25
N GLY G 185 68.13 32.75 58.20
CA GLY G 185 68.34 32.06 59.46
C GLY G 185 68.38 30.55 59.31
N ARG G 186 67.53 30.01 58.43
CA ARG G 186 67.52 28.57 58.20
C ARG G 186 68.81 28.08 57.55
N ASN G 187 69.57 28.98 56.93
CA ASN G 187 70.88 28.65 56.37
C ASN G 187 72.03 28.94 57.34
N GLY G 188 71.72 29.44 58.54
CA GLY G 188 72.75 29.72 59.53
C GLY G 188 73.41 31.08 59.43
N ARG G 189 72.94 31.95 58.55
CA ARG G 189 73.55 33.27 58.36
C ARG G 189 72.83 34.29 59.25
N TYR G 190 73.04 34.14 60.55
CA TYR G 190 72.43 35.06 61.52
C TYR G 190 73.03 36.46 61.43
N GLU G 191 74.24 36.59 60.87
CA GLU G 191 74.79 37.91 60.63
C GLU G 191 73.97 38.68 59.58
N THR G 192 73.51 37.97 58.55
CA THR G 192 72.63 38.61 57.57
C THR G 192 71.30 39.00 58.19
N SER G 193 70.74 38.15 59.05
CA SER G 193 69.47 38.46 59.70
C SER G 193 69.61 39.68 60.61
N LEU G 194 70.73 39.79 61.33
CA LEU G 194 70.97 40.97 62.14
C LEU G 194 71.11 42.22 61.28
N GLU G 195 71.80 42.10 60.14
CA GLU G 195 71.89 43.22 59.21
C GLU G 195 70.52 43.61 58.67
N LEU G 196 69.70 42.61 58.33
CA LEU G 196 68.35 42.90 57.84
C LEU G 196 67.49 43.53 58.93
N LEU G 197 67.62 43.05 60.18
CA LEU G 197 66.87 43.66 61.28
C LEU G 197 67.29 45.11 61.49
N ASP G 198 68.59 45.39 61.40
CA ASP G 198 69.05 46.77 61.47
C ASP G 198 68.56 47.59 60.28
N ARG G 199 68.34 46.94 59.14
CA ARG G 199 67.83 47.65 57.97
C ARG G 199 66.43 48.20 58.21
N MET G 200 65.57 47.41 58.86
CA MET G 200 64.22 47.87 59.15
C MET G 200 64.23 49.07 60.09
N LYS G 201 65.10 49.03 61.10
CA LYS G 201 65.17 50.13 62.06
C LYS G 201 65.58 51.44 61.37
N SER G 202 66.51 51.35 60.42
CA SER G 202 66.89 52.54 59.65
C SER G 202 65.83 52.92 58.62
N GLU G 203 65.04 51.96 58.16
CA GLU G 203 63.99 52.20 57.17
C GLU G 203 62.65 52.56 57.80
N LYS G 204 62.61 52.72 59.12
CA LYS G 204 61.38 53.09 59.85
C LYS G 204 60.30 52.03 59.66
N ILE G 205 60.69 50.76 59.72
CA ILE G 205 59.76 49.64 59.63
C ILE G 205 59.71 48.96 60.99
N SER G 206 58.55 49.05 61.64
CA SER G 206 58.41 48.46 62.97
C SER G 206 58.36 46.95 62.87
N PRO G 207 59.24 46.23 63.57
CA PRO G 207 59.21 44.76 63.50
C PRO G 207 58.03 44.19 64.27
N SER G 208 57.49 43.10 63.73
CA SER G 208 56.38 42.41 64.34
C SER G 208 56.90 41.34 65.30
N ILE G 209 55.98 40.66 65.98
CA ILE G 209 56.36 39.61 66.92
C ILE G 209 57.03 38.46 66.19
N LEU G 210 56.44 38.03 65.07
CA LEU G 210 57.03 36.94 64.29
C LEU G 210 58.37 37.36 63.70
N THR G 211 58.47 38.61 63.22
CA THR G 211 59.71 39.10 62.66
C THR G 211 60.83 39.09 63.69
N TYR G 212 60.51 39.46 64.93
CA TYR G 212 61.49 39.40 66.01
C TYR G 212 61.71 37.97 66.49
N ASN G 213 60.71 37.10 66.37
CA ASN G 213 60.90 35.70 66.73
C ASN G 213 61.84 35.00 65.76
N THR G 214 61.70 35.29 64.46
CA THR G 214 62.52 34.62 63.46
C THR G 214 63.99 34.99 63.59
N VAL G 215 64.28 36.27 63.88
CA VAL G 215 65.67 36.67 64.04
C VAL G 215 66.30 36.07 65.29
N ILE G 216 65.48 35.62 66.24
CA ILE G 216 66.01 35.03 67.47
C ILE G 216 66.40 33.57 67.25
N ASN G 217 65.49 32.77 66.70
CA ASN G 217 65.83 31.37 66.41
C ASN G 217 66.84 31.27 65.28
N ALA G 218 66.99 32.33 64.47
CA ALA G 218 68.09 32.39 63.53
C ALA G 218 69.43 32.48 64.26
N CYS G 219 69.49 33.31 65.30
CA CYS G 219 70.74 33.51 66.03
C CYS G 219 71.07 32.32 66.91
N ALA G 220 70.05 31.76 67.59
CA ALA G 220 70.29 30.61 68.46
C ALA G 220 70.79 29.41 67.66
N ARG G 221 70.19 29.16 66.49
CA ARG G 221 70.68 28.09 65.63
C ARG G 221 72.00 28.45 64.97
N GLY G 222 72.23 29.74 64.73
CA GLY G 222 73.43 30.18 64.06
C GLY G 222 74.70 30.16 64.89
N GLY G 223 74.58 29.99 66.21
CA GLY G 223 75.74 29.93 67.06
C GLY G 223 76.12 31.23 67.74
N LEU G 224 75.21 32.18 67.82
CA LEU G 224 75.50 33.45 68.49
C LEU G 224 75.71 33.23 69.98
N ASP G 225 76.51 34.11 70.59
CA ASP G 225 76.78 34.04 72.01
C ASP G 225 75.49 34.19 72.82
N TRP G 226 75.55 33.81 74.09
CA TRP G 226 74.34 33.86 74.91
C TRP G 226 73.91 35.29 75.21
N GLU G 227 74.86 36.17 75.51
CA GLU G 227 74.51 37.55 75.83
C GLU G 227 73.91 38.29 74.63
N GLY G 228 74.18 37.84 73.41
CA GLY G 228 73.53 38.43 72.26
C GLY G 228 72.03 38.22 72.27
N LEU G 229 71.60 36.98 72.56
CA LEU G 229 70.17 36.69 72.64
C LEU G 229 69.50 37.44 73.78
N LEU G 230 70.17 37.51 74.94
CA LEU G 230 69.64 38.30 76.05
C LEU G 230 69.59 39.78 75.69
N GLY G 231 70.68 40.29 75.11
CA GLY G 231 70.69 41.67 74.66
C GLY G 231 69.68 41.93 73.55
N LEU G 232 69.48 40.96 72.66
CA LEU G 232 68.47 41.11 71.62
C LEU G 232 67.07 41.18 72.24
N PHE G 233 66.82 40.41 73.30
CA PHE G 233 65.51 40.48 73.93
C PHE G 233 65.29 41.80 74.65
N ALA G 234 66.33 42.34 75.29
CA ALA G 234 66.21 43.64 75.93
C ALA G 234 65.73 44.70 74.95
N GLU G 235 66.05 44.53 73.67
CA GLU G 235 65.54 45.42 72.64
C GLU G 235 64.06 45.17 72.35
N MET G 236 63.60 43.92 72.47
CA MET G 236 62.17 43.64 72.31
C MET G 236 61.34 44.38 73.35
N ARG G 237 61.77 44.33 74.62
CA ARG G 237 61.01 44.96 75.68
C ARG G 237 60.94 46.48 75.54
N HIS G 238 62.02 47.10 75.07
CA HIS G 238 62.08 48.55 74.95
C HIS G 238 61.30 49.08 73.75
N GLU G 239 60.86 48.21 72.84
CA GLU G 239 60.12 48.63 71.66
C GLU G 239 58.65 48.89 71.93
N GLY G 240 58.15 48.57 73.13
CA GLY G 240 56.77 48.83 73.49
C GLY G 240 55.81 47.72 73.15
N ILE G 241 56.22 46.72 72.39
CA ILE G 241 55.37 45.57 72.11
C ILE G 241 55.50 44.58 73.27
N GLN G 242 54.36 44.14 73.80
CA GLN G 242 54.35 43.27 74.97
C GLN G 242 55.10 41.98 74.66
N PRO G 243 56.12 41.63 75.44
CA PRO G 243 56.88 40.40 75.15
C PRO G 243 56.05 39.14 75.37
N ASP G 244 56.65 37.99 75.08
CA ASP G 244 55.95 36.71 75.13
C ASP G 244 56.83 35.69 75.85
N ILE G 245 56.20 34.59 76.27
CA ILE G 245 56.95 33.50 76.87
C ILE G 245 57.88 32.83 75.86
N VAL G 246 57.65 33.04 74.56
CA VAL G 246 58.44 32.37 73.53
C VAL G 246 59.91 32.75 73.65
N THR G 247 60.19 34.05 73.78
CA THR G 247 61.58 34.47 73.93
C THR G 247 62.18 33.95 75.23
N TYR G 248 61.40 33.99 76.32
CA TYR G 248 61.87 33.42 77.57
C TYR G 248 61.96 31.90 77.50
N ASN G 249 61.14 31.27 76.66
CA ASN G 249 61.37 29.87 76.32
C ASN G 249 62.71 29.70 75.62
N THR G 250 63.03 30.61 74.70
CA THR G 250 64.38 30.66 74.13
C THR G 250 65.39 31.07 75.18
N LEU G 251 65.04 32.03 76.04
CA LEU G 251 65.98 32.50 77.06
C LEU G 251 66.34 31.39 78.06
N LEU G 252 65.47 30.39 78.20
CA LEU G 252 65.79 29.22 78.99
C LEU G 252 66.31 28.05 78.15
N SER G 253 66.22 28.15 76.83
CA SER G 253 66.65 27.05 75.97
C SER G 253 68.16 27.04 75.79
N ALA G 254 68.74 28.15 75.33
CA ALA G 254 70.18 28.22 75.13
C ALA G 254 70.94 28.15 76.45
N CYS G 255 70.31 28.51 77.58
CA CYS G 255 70.91 28.24 78.88
C CYS G 255 71.03 26.74 79.11
N ALA G 256 70.00 25.98 78.72
CA ALA G 256 70.07 24.53 78.84
C ALA G 256 71.13 23.95 77.93
N ILE G 257 71.30 24.52 76.74
CA ILE G 257 72.34 24.06 75.83
C ILE G 257 73.72 24.26 76.43
N ARG G 258 73.96 25.43 77.02
CA ARG G 258 75.28 25.82 77.52
C ARG G 258 75.46 25.54 79.01
N GLY G 259 74.48 24.91 79.66
CA GLY G 259 74.63 24.55 81.06
C GLY G 259 74.76 25.72 82.01
N LEU G 260 73.96 26.76 81.82
CA LEU G 260 73.97 27.95 82.67
C LEU G 260 72.88 27.79 83.74
N GLY G 261 73.30 27.64 84.99
CA GLY G 261 72.36 27.47 86.08
C GLY G 261 71.89 28.77 86.67
N ASP G 262 72.84 29.64 87.03
CA ASP G 262 72.48 30.94 87.57
C ASP G 262 71.75 31.79 86.55
N GLU G 263 72.21 31.78 85.29
CA GLU G 263 71.57 32.60 84.27
C GLU G 263 70.11 32.20 84.07
N ALA G 264 69.82 30.91 84.09
CA ALA G 264 68.44 30.46 84.01
C ALA G 264 67.64 30.90 85.24
N GLU G 265 68.30 31.01 86.39
CA GLU G 265 67.61 31.43 87.60
C GLU G 265 67.14 32.88 87.48
N MET G 266 68.03 33.78 87.05
CA MET G 266 67.64 35.18 86.86
C MET G 266 66.62 35.33 85.75
N VAL G 267 66.70 34.48 84.72
CA VAL G 267 65.71 34.52 83.64
C VAL G 267 64.33 34.14 84.19
N PHE G 268 64.27 33.05 84.94
CA PHE G 268 63.00 32.63 85.54
C PHE G 268 62.52 33.66 86.57
N ARG G 269 63.44 34.23 87.34
CA ARG G 269 63.06 35.20 88.37
C ARG G 269 62.48 36.46 87.73
N THR G 270 62.94 36.80 86.53
CA THR G 270 62.41 37.97 85.83
C THR G 270 60.97 37.75 85.41
N MET G 271 60.66 36.56 84.92
CA MET G 271 59.28 36.25 84.54
C MET G 271 58.37 36.19 85.75
N ASN G 272 58.84 35.65 86.88
CA ASN G 272 58.02 35.67 88.09
C ASN G 272 57.69 37.10 88.50
N ASP G 273 58.63 38.03 88.28
CA ASP G 273 58.31 39.44 88.44
C ASP G 273 57.54 40.00 87.25
N GLY G 274 57.53 39.31 86.11
CA GLY G 274 56.83 39.77 84.94
C GLY G 274 55.34 39.55 84.94
N GLY G 275 54.83 38.74 85.87
CA GLY G 275 53.40 38.47 85.96
C GLY G 275 52.82 37.71 84.79
N ILE G 276 53.56 36.74 84.25
CA ILE G 276 53.09 35.88 83.18
C ILE G 276 53.24 34.43 83.62
N VAL G 277 52.21 33.64 83.38
CA VAL G 277 52.22 32.23 83.78
C VAL G 277 53.22 31.46 82.92
N PRO G 278 54.17 30.74 83.51
CA PRO G 278 55.08 29.93 82.71
C PRO G 278 54.36 28.74 82.10
N ASP G 279 54.90 28.25 80.99
CA ASP G 279 54.39 27.07 80.30
C ASP G 279 55.30 25.87 80.59
N LEU G 280 54.97 24.74 79.97
CA LEU G 280 55.73 23.52 80.20
C LEU G 280 57.16 23.64 79.72
N THR G 281 57.40 24.37 78.62
CA THR G 281 58.73 24.48 78.07
C THR G 281 59.68 25.28 78.98
N THR G 282 59.14 26.22 79.76
CA THR G 282 59.98 26.91 80.74
C THR G 282 60.50 25.94 81.80
N TYR G 283 59.61 25.09 82.31
CA TYR G 283 60.00 24.16 83.36
C TYR G 283 60.92 23.07 82.81
N SER G 284 60.67 22.62 81.58
CA SER G 284 61.53 21.61 80.97
C SER G 284 62.94 22.13 80.78
N HIS G 285 63.07 23.37 80.29
CA HIS G 285 64.40 23.95 80.10
C HIS G 285 65.10 24.18 81.43
N LEU G 286 64.36 24.59 82.46
CA LEU G 286 64.94 24.73 83.79
C LEU G 286 65.41 23.38 84.33
N VAL G 287 64.61 22.34 84.14
CA VAL G 287 65.00 21.00 84.59
C VAL G 287 66.25 20.53 83.85
N GLU G 288 66.30 20.76 82.54
CA GLU G 288 67.45 20.33 81.75
C GLU G 288 68.71 21.09 82.14
N THR G 289 68.61 22.41 82.35
CA THR G 289 69.80 23.20 82.60
C THR G 289 70.38 22.94 84.00
N PHE G 290 69.54 22.57 84.96
CA PHE G 290 70.02 22.29 86.30
C PHE G 290 70.52 20.86 86.46
N GLY G 291 69.87 19.90 85.81
CA GLY G 291 70.33 18.52 85.88
C GLY G 291 71.61 18.27 85.13
N LYS G 292 71.92 19.10 84.14
CA LYS G 292 73.21 19.02 83.47
C LYS G 292 74.34 19.37 84.44
N LEU G 293 74.11 20.32 85.33
CA LEU G 293 75.03 20.65 86.41
C LEU G 293 74.78 19.85 87.67
N GLY G 294 73.74 19.02 87.69
CA GLY G 294 73.41 18.24 88.88
C GLY G 294 72.96 19.08 90.06
N ARG G 295 72.16 20.12 89.81
CA ARG G 295 71.63 20.99 90.84
C ARG G 295 70.11 21.06 90.75
N LEU G 296 69.49 19.89 90.61
CA LEU G 296 68.04 19.82 90.46
C LEU G 296 67.30 20.28 91.70
N GLU G 297 67.96 20.28 92.87
CA GLU G 297 67.30 20.72 94.09
C GLU G 297 66.96 22.21 94.04
N LYS G 298 67.71 22.98 93.27
CA LYS G 298 67.41 24.41 93.12
C LYS G 298 66.07 24.63 92.43
N VAL G 299 65.66 23.69 91.56
CA VAL G 299 64.38 23.81 90.89
C VAL G 299 63.25 23.77 91.90
N SER G 300 63.37 22.93 92.93
CA SER G 300 62.37 22.91 93.99
C SER G 300 62.30 24.26 94.70
N ASP G 301 63.45 24.88 94.95
CA ASP G 301 63.46 26.22 95.53
C ASP G 301 62.81 27.23 94.60
N LEU G 302 63.05 27.10 93.30
CA LEU G 302 62.39 27.97 92.33
C LEU G 302 60.88 27.79 92.37
N LEU G 303 60.41 26.55 92.57
CA LEU G 303 58.98 26.31 92.72
C LEU G 303 58.47 26.83 94.06
N SER G 304 59.26 26.67 95.12
CA SER G 304 58.86 27.16 96.43
C SER G 304 58.77 28.68 96.46
N GLU G 305 59.72 29.35 95.78
CA GLU G 305 59.67 30.81 95.72
C GLU G 305 58.41 31.30 95.03
N MET G 306 58.02 30.63 93.94
CA MET G 306 56.79 30.99 93.25
C MET G 306 55.54 30.52 94.00
N ALA G 307 55.68 29.56 94.90
CA ALA G 307 54.55 29.16 95.74
C ALA G 307 54.13 30.28 96.67
N SER G 308 55.10 31.05 97.19
CA SER G 308 54.82 32.19 98.05
C SER G 308 54.51 33.46 97.26
N GLY G 309 54.71 33.45 95.94
CA GLY G 309 54.44 34.59 95.10
C GLY G 309 53.04 34.67 94.55
N GLY G 310 52.17 33.73 94.92
CA GLY G 310 50.79 33.73 94.47
C GLY G 310 50.55 33.01 93.16
N SER G 311 51.59 32.55 92.48
CA SER G 311 51.45 31.84 91.22
C SER G 311 51.64 30.35 91.48
N LEU G 312 50.54 29.62 91.57
CA LEU G 312 50.61 28.20 91.90
C LEU G 312 51.10 27.41 90.69
N PRO G 313 52.17 26.62 90.83
CA PRO G 313 52.68 25.86 89.69
C PRO G 313 51.75 24.72 89.31
N ASP G 314 51.85 24.32 88.04
CA ASP G 314 51.05 23.22 87.53
C ASP G 314 51.72 21.89 87.82
N ILE G 315 50.90 20.83 87.81
CA ILE G 315 51.42 19.48 88.08
C ILE G 315 52.34 19.01 86.96
N THR G 316 52.20 19.58 85.76
CA THR G 316 53.09 19.21 84.65
C THR G 316 54.54 19.55 84.98
N SER G 317 54.77 20.68 85.66
CA SER G 317 56.12 21.04 86.07
C SER G 317 56.67 20.04 87.09
N TYR G 318 55.85 19.67 88.07
CA TYR G 318 56.30 18.75 89.10
C TYR G 318 56.54 17.35 88.52
N ASN G 319 55.70 16.92 87.57
CA ASN G 319 55.89 15.62 86.95
C ASN G 319 57.21 15.55 86.18
N VAL G 320 57.55 16.63 85.47
CA VAL G 320 58.83 16.66 84.75
C VAL G 320 59.99 16.62 85.73
N LEU G 321 59.87 17.36 86.83
CA LEU G 321 60.93 17.35 87.84
C LEU G 321 61.09 15.95 88.45
N LEU G 322 59.98 15.25 88.70
CA LEU G 322 60.06 13.88 89.17
C LEU G 322 60.70 12.98 88.13
N GLU G 323 60.38 13.20 86.85
CA GLU G 323 60.89 12.34 85.79
C GLU G 323 62.42 12.42 85.69
N ALA G 324 62.97 13.64 85.76
CA ALA G 324 64.42 13.79 85.77
C ALA G 324 65.03 13.15 87.01
N TYR G 325 64.37 13.32 88.16
CA TYR G 325 64.85 12.67 89.38
C TYR G 325 64.79 11.15 89.25
N ALA G 326 63.73 10.63 88.62
CA ALA G 326 63.65 9.19 88.38
C ALA G 326 64.77 8.74 87.46
N LYS G 327 65.09 9.53 86.44
CA LYS G 327 66.22 9.23 85.58
C LYS G 327 67.54 9.26 86.37
N SER G 328 67.69 10.25 87.24
CA SER G 328 68.87 10.33 88.10
C SER G 328 68.85 9.29 89.22
N GLY G 329 67.73 8.59 89.40
CA GLY G 329 67.63 7.56 90.42
C GLY G 329 67.39 8.06 91.82
N SER G 330 67.11 9.35 92.00
CA SER G 330 66.91 9.92 93.32
C SER G 330 65.56 9.48 93.88
N ILE G 331 65.58 8.73 94.97
CA ILE G 331 64.35 8.28 95.62
C ILE G 331 63.94 9.26 96.71
N LYS G 332 64.87 9.67 97.57
CA LYS G 332 64.56 10.64 98.62
C LYS G 332 64.16 11.98 98.02
N GLU G 333 64.87 12.41 96.98
CA GLU G 333 64.52 13.68 96.33
C GLU G 333 63.13 13.61 95.73
N ALA G 334 62.79 12.48 95.10
CA ALA G 334 61.43 12.30 94.58
C ALA G 334 60.42 12.32 95.72
N MET G 335 60.76 11.72 96.86
CA MET G 335 59.86 11.75 98.01
C MET G 335 59.65 13.18 98.50
N GLY G 336 60.73 13.97 98.57
CA GLY G 336 60.58 15.36 98.97
C GLY G 336 59.78 16.17 97.97
N VAL G 337 59.95 15.89 96.67
CA VAL G 337 59.17 16.57 95.65
C VAL G 337 57.70 16.23 95.79
N PHE G 338 57.39 14.95 96.03
CA PHE G 338 56.00 14.53 96.19
C PHE G 338 55.36 15.21 97.39
N HIS G 339 56.10 15.31 98.50
CA HIS G 339 55.57 16.02 99.67
C HIS G 339 55.34 17.49 99.37
N GLN G 340 56.26 18.12 98.62
CA GLN G 340 56.09 19.51 98.25
C GLN G 340 54.87 19.71 97.36
N MET G 341 54.56 18.72 96.52
CA MET G 341 53.31 18.75 95.77
C MET G 341 52.10 18.76 96.69
N GLN G 342 52.11 17.87 97.70
CA GLN G 342 50.97 17.73 98.59
C GLN G 342 50.71 19.00 99.38
N ALA G 343 51.77 19.63 99.88
CA ALA G 343 51.63 20.87 100.63
C ALA G 343 51.13 22.02 99.77
N ALA G 344 51.34 21.95 98.46
CA ALA G 344 50.81 22.98 97.57
C ALA G 344 49.31 22.91 97.42
N GLY G 345 48.69 21.80 97.83
CA GLY G 345 47.25 21.63 97.74
C GLY G 345 46.75 21.04 96.44
N CYS G 346 47.63 20.83 95.46
CA CYS G 346 47.22 20.25 94.19
C CYS G 346 47.16 18.73 94.27
N SER G 347 46.16 18.15 93.61
CA SER G 347 46.01 16.71 93.58
C SER G 347 46.95 16.10 92.54
N PRO G 348 47.81 15.16 92.89
CA PRO G 348 48.67 14.52 91.89
C PRO G 348 47.85 13.72 90.89
N ASN G 349 48.36 13.64 89.67
CA ASN G 349 47.67 12.98 88.57
C ASN G 349 48.23 11.58 88.36
N ALA G 350 47.68 10.88 87.37
CA ALA G 350 48.04 9.49 87.13
C ALA G 350 49.48 9.36 86.62
N ASN G 351 49.93 10.31 85.80
CA ASN G 351 51.31 10.27 85.33
C ASN G 351 52.30 10.41 86.47
N THR G 352 51.94 11.17 87.51
CA THR G 352 52.81 11.26 88.68
C THR G 352 53.02 9.89 89.32
N TYR G 353 51.91 9.20 89.63
CA TYR G 353 52.02 7.89 90.27
C TYR G 353 52.79 6.89 89.41
N SER G 354 52.58 6.95 88.09
CA SER G 354 53.29 6.03 87.20
C SER G 354 54.79 6.26 87.23
N VAL G 355 55.23 7.49 87.49
CA VAL G 355 56.65 7.77 87.57
C VAL G 355 57.26 7.12 88.81
N LEU G 356 56.63 7.30 89.97
CA LEU G 356 57.18 6.75 91.20
C LEU G 356 57.20 5.23 91.19
N LEU G 357 56.13 4.61 90.68
CA LEU G 357 56.07 3.15 90.66
C LEU G 357 57.20 2.58 89.80
N ASN G 358 57.42 3.16 88.62
CA ASN G 358 58.54 2.74 87.80
C ASN G 358 59.87 3.06 88.47
N LEU G 359 59.97 4.23 89.12
CA LEU G 359 61.20 4.58 89.83
C LEU G 359 61.44 3.65 91.01
N PHE G 360 60.42 3.47 91.86
CA PHE G 360 60.57 2.58 93.00
C PHE G 360 60.71 1.13 92.56
N GLY G 361 60.07 0.75 91.47
CA GLY G 361 60.21 -0.61 90.96
C GLY G 361 61.60 -0.91 90.44
N GLN G 362 62.24 0.07 89.79
CA GLN G 362 63.58 -0.15 89.26
C GLN G 362 64.60 -0.39 90.38
N ASN G 363 64.33 0.13 91.57
CA ASN G 363 65.24 -0.02 92.69
C ASN G 363 64.92 -1.22 93.57
N GLY G 364 63.96 -2.05 93.16
CA GLY G 364 63.65 -3.25 93.90
C GLY G 364 62.90 -3.04 95.20
N ARG G 365 62.25 -1.89 95.36
CA ARG G 365 61.45 -1.62 96.55
C ARG G 365 60.00 -2.00 96.25
N TYR G 366 59.74 -3.32 96.24
CA TYR G 366 58.42 -3.82 95.89
C TYR G 366 57.39 -3.50 96.97
N ASP G 367 57.81 -3.48 98.24
CA ASP G 367 56.88 -3.09 99.30
C ASP G 367 56.50 -1.62 99.19
N ASP G 368 57.41 -0.78 98.70
CA ASP G 368 57.10 0.65 98.56
C ASP G 368 56.09 0.89 97.44
N VAL G 369 56.19 0.13 96.35
CA VAL G 369 55.22 0.29 95.26
C VAL G 369 53.85 -0.25 95.69
N ARG G 370 53.83 -1.27 96.56
CA ARG G 370 52.55 -1.76 97.07
C ARG G 370 51.86 -0.72 97.93
N GLN G 371 52.62 -0.03 98.79
CA GLN G 371 52.04 1.00 99.63
C GLN G 371 51.57 2.20 98.81
N LEU G 372 52.39 2.65 97.85
CA LEU G 372 52.04 3.80 97.04
C LEU G 372 50.87 3.50 96.13
N PHE G 373 50.79 2.27 95.62
CA PHE G 373 49.62 1.85 94.85
C PHE G 373 48.35 1.91 95.70
N LEU G 374 48.45 1.45 96.95
CA LEU G 374 47.31 1.54 97.86
C LEU G 374 46.97 2.99 98.19
N GLU G 375 47.99 3.84 98.32
CA GLU G 375 47.76 5.24 98.69
C GLU G 375 46.94 5.96 97.63
N MET G 376 47.32 5.82 96.36
CA MET G 376 46.60 6.51 95.29
C MET G 376 45.22 5.91 95.09
N LYS G 377 45.06 4.60 95.32
CA LYS G 377 43.74 4.00 95.27
C LYS G 377 42.81 4.60 96.32
N SER G 378 43.35 4.98 97.48
CA SER G 378 42.59 5.61 98.54
C SER G 378 42.57 7.13 98.45
N SER G 379 43.24 7.71 97.47
CA SER G 379 43.29 9.16 97.31
C SER G 379 42.24 9.69 96.35
N ASN G 380 41.18 8.91 96.10
CA ASN G 380 40.08 9.31 95.21
C ASN G 380 40.60 9.67 93.81
N THR G 381 41.60 8.92 93.35
CA THR G 381 42.20 9.10 92.03
C THR G 381 42.22 7.72 91.37
N ASP G 382 41.19 7.43 90.57
CA ASP G 382 41.08 6.14 89.90
C ASP G 382 42.28 5.89 89.00
N PRO G 383 43.09 4.88 89.31
CA PRO G 383 44.30 4.64 88.51
C PRO G 383 43.96 4.31 87.06
N ASP G 384 44.81 4.78 86.16
CA ASP G 384 44.67 4.55 84.74
C ASP G 384 45.20 3.16 84.37
N ALA G 385 44.93 2.74 83.13
CA ALA G 385 45.41 1.45 82.67
C ALA G 385 46.93 1.38 82.69
N ALA G 386 47.60 2.44 82.25
CA ALA G 386 49.06 2.44 82.19
C ALA G 386 49.69 2.26 83.57
N THR G 387 48.96 2.62 84.63
CA THR G 387 49.43 2.30 85.98
C THR G 387 49.51 0.79 86.19
N TYR G 388 48.49 0.06 85.73
CA TYR G 388 48.48 -1.39 85.93
C TYR G 388 49.56 -2.09 85.10
N ASN G 389 49.85 -1.57 83.90
CA ASN G 389 50.92 -2.15 83.10
C ASN G 389 52.25 -2.03 83.82
N ILE G 390 52.50 -0.90 84.48
CA ILE G 390 53.70 -0.75 85.29
C ILE G 390 53.66 -1.71 86.46
N LEU G 391 52.51 -1.79 87.14
CA LEU G 391 52.37 -2.71 88.26
C LEU G 391 52.53 -4.16 87.80
N ILE G 392 51.94 -4.50 86.66
CA ILE G 392 52.05 -5.85 86.13
C ILE G 392 53.50 -6.19 85.82
N ASP G 393 54.22 -5.25 85.18
CA ASP G 393 55.59 -5.52 84.77
C ASP G 393 56.52 -5.68 85.97
N VAL G 394 56.37 -4.84 86.99
CA VAL G 394 57.28 -4.90 88.12
C VAL G 394 57.04 -6.17 88.93
N PHE G 395 55.78 -6.55 89.12
CA PHE G 395 55.49 -7.78 89.85
C PHE G 395 55.81 -9.02 89.03
N GLY G 396 55.62 -8.94 87.71
CA GLY G 396 55.99 -10.06 86.85
C GLY G 396 57.49 -10.30 86.82
N GLU G 397 58.27 -9.22 86.76
CA GLU G 397 59.72 -9.37 86.77
C GLU G 397 60.24 -9.82 88.13
N GLY G 398 59.50 -9.54 89.19
CA GLY G 398 59.88 -9.95 90.53
C GLY G 398 59.43 -11.34 90.93
N GLY G 399 58.72 -12.04 90.06
CA GLY G 399 58.23 -13.37 90.38
C GLY G 399 56.93 -13.42 91.15
N TYR G 400 56.19 -12.31 91.20
CA TYR G 400 54.91 -12.27 91.89
C TYR G 400 53.78 -12.48 90.89
N PHE G 401 53.73 -13.72 90.39
CA PHE G 401 52.80 -14.07 89.32
C PHE G 401 51.37 -14.19 89.82
N LYS G 402 51.18 -14.72 91.04
CA LYS G 402 49.84 -14.74 91.62
C LYS G 402 49.34 -13.33 91.92
N GLU G 403 50.27 -12.41 92.22
CA GLU G 403 49.88 -11.02 92.39
C GLU G 403 49.47 -10.38 91.07
N VAL G 404 50.12 -10.77 89.97
CA VAL G 404 49.78 -10.21 88.67
C VAL G 404 48.34 -10.54 88.29
N VAL G 405 47.94 -11.80 88.51
CA VAL G 405 46.56 -12.19 88.21
C VAL G 405 45.61 -11.52 89.18
N THR G 406 46.01 -11.37 90.44
CA THR G 406 45.18 -10.67 91.42
C THR G 406 44.99 -9.21 91.02
N LEU G 407 46.01 -8.60 90.42
CA LEU G 407 45.87 -7.23 89.93
C LEU G 407 44.82 -7.14 88.83
N PHE G 408 44.82 -8.10 87.90
CA PHE G 408 43.80 -8.11 86.86
C PHE G 408 42.40 -8.30 87.45
N HIS G 409 42.29 -9.20 88.44
CA HIS G 409 40.99 -9.45 89.05
C HIS G 409 40.46 -8.20 89.73
N ASP G 410 41.32 -7.45 90.41
CA ASP G 410 40.91 -6.15 90.93
C ASP G 410 40.57 -5.19 89.81
N MET G 411 41.37 -5.18 88.74
CA MET G 411 41.24 -4.18 87.69
C MET G 411 39.96 -4.37 86.87
N VAL G 412 39.44 -5.59 86.78
CA VAL G 412 38.20 -5.81 86.04
C VAL G 412 36.98 -5.37 86.84
N GLU G 413 37.09 -5.28 88.16
CA GLU G 413 35.95 -4.82 88.96
C GLU G 413 35.81 -3.30 88.93
N GLU G 414 36.92 -2.58 88.82
CA GLU G 414 36.90 -1.12 88.77
C GLU G 414 36.44 -0.57 87.42
N ASN G 415 35.95 -1.44 86.54
CA ASN G 415 35.36 -1.05 85.27
C ASN G 415 36.37 -0.32 84.39
N ILE G 416 37.54 -0.93 84.22
CA ILE G 416 38.62 -0.39 83.41
C ILE G 416 38.96 -1.38 82.31
N GLU G 417 38.95 -0.91 81.07
CA GLU G 417 39.10 -1.79 79.92
C GLU G 417 40.58 -2.09 79.69
N PRO G 418 41.00 -3.35 79.71
CA PRO G 418 42.40 -3.68 79.41
C PRO G 418 42.70 -3.49 77.93
N ASP G 419 43.98 -3.59 77.59
CA ASP G 419 44.46 -3.40 76.23
C ASP G 419 45.41 -4.53 75.86
N MET G 420 45.97 -4.45 74.64
CA MET G 420 46.87 -5.49 74.16
C MET G 420 48.09 -5.61 75.06
N GLU G 421 48.60 -4.49 75.59
CA GLU G 421 49.76 -4.54 76.46
C GLU G 421 49.44 -5.22 77.78
N THR G 422 48.22 -5.02 78.30
CA THR G 422 47.84 -5.68 79.55
C THR G 422 47.72 -7.19 79.36
N TYR G 423 47.08 -7.62 78.28
CA TYR G 423 46.87 -9.05 78.06
C TYR G 423 48.20 -9.78 77.88
N GLU G 424 49.11 -9.21 77.08
CA GLU G 424 50.40 -9.85 76.88
C GLU G 424 51.23 -9.86 78.15
N GLY G 425 51.11 -8.83 78.99
CA GLY G 425 51.86 -8.81 80.24
C GLY G 425 51.41 -9.87 81.21
N ILE G 426 50.11 -10.07 81.36
CA ILE G 426 49.60 -11.07 82.29
C ILE G 426 49.90 -12.47 81.79
N ILE G 427 49.72 -12.71 80.49
CA ILE G 427 49.94 -14.04 79.94
C ILE G 427 51.39 -14.46 80.08
N PHE G 428 52.32 -13.50 79.88
CA PHE G 428 53.72 -13.80 80.10
C PHE G 428 53.99 -14.22 81.55
N ALA G 429 53.31 -13.56 82.50
CA ALA G 429 53.44 -13.96 83.90
C ALA G 429 52.91 -15.36 84.13
N CYS G 430 51.77 -15.69 83.52
CA CYS G 430 51.22 -17.04 83.63
C CYS G 430 52.14 -18.06 82.97
N GLY G 431 52.67 -17.74 81.79
CA GLY G 431 53.53 -18.68 81.10
C GLY G 431 54.83 -18.94 81.85
N LYS G 432 55.45 -17.89 82.38
CA LYS G 432 56.68 -18.06 83.14
C LYS G 432 56.43 -18.87 84.41
N GLY G 433 55.39 -18.53 85.15
CA GLY G 433 55.04 -19.22 86.37
C GLY G 433 54.23 -20.50 86.19
N GLY G 434 53.86 -20.82 84.96
CA GLY G 434 53.13 -22.05 84.69
C GLY G 434 51.71 -22.09 85.23
N LEU G 435 50.99 -20.97 85.18
CA LEU G 435 49.59 -20.93 85.61
C LEU G 435 48.71 -21.05 84.38
N HIS G 436 48.52 -22.30 83.93
CA HIS G 436 47.76 -22.55 82.72
C HIS G 436 46.28 -22.18 82.88
N GLU G 437 45.72 -22.40 84.07
CA GLU G 437 44.32 -22.10 84.28
C GLU G 437 44.03 -20.62 84.12
N ASP G 438 44.88 -19.77 84.71
CA ASP G 438 44.72 -18.33 84.54
C ASP G 438 44.94 -17.90 83.09
N ALA G 439 45.92 -18.52 82.43
CA ALA G 439 46.18 -18.20 81.03
C ALA G 439 44.98 -18.52 80.15
N ARG G 440 44.32 -19.65 80.41
CA ARG G 440 43.14 -20.02 79.63
C ARG G 440 42.01 -19.03 79.84
N LYS G 441 41.86 -18.50 81.06
CA LYS G 441 40.79 -17.54 81.33
C LYS G 441 41.08 -16.20 80.67
N ILE G 442 42.35 -15.84 80.51
CA ILE G 442 42.68 -14.61 79.78
C ILE G 442 42.28 -14.73 78.32
N LEU G 443 42.60 -15.87 77.70
CA LEU G 443 42.26 -16.07 76.30
C LEU G 443 40.76 -16.07 76.09
N GLN G 444 40.01 -16.72 76.98
CA GLN G 444 38.56 -16.72 76.87
C GLN G 444 37.98 -15.32 77.07
N TYR G 445 38.55 -14.55 78.00
CA TYR G 445 38.11 -13.18 78.22
C TYR G 445 38.34 -12.33 76.97
N MET G 446 39.49 -12.51 76.31
CA MET G 446 39.77 -11.77 75.09
C MET G 446 38.80 -12.15 73.98
N THR G 447 38.54 -13.45 73.80
CA THR G 447 37.61 -13.88 72.76
C THR G 447 36.18 -13.41 73.06
N ALA G 448 35.77 -13.45 74.33
CA ALA G 448 34.45 -12.99 74.70
C ALA G 448 34.25 -11.49 74.46
N LYS G 449 35.34 -10.73 74.36
CA LYS G 449 35.28 -9.30 74.05
C LYS G 449 35.61 -9.04 72.59
N ASP G 450 35.55 -10.06 71.74
CA ASP G 450 35.82 -9.93 70.30
C ASP G 450 37.21 -9.35 70.03
N VAL G 451 38.17 -9.74 70.85
CA VAL G 451 39.56 -9.29 70.72
C VAL G 451 40.39 -10.46 70.18
N VAL G 452 41.10 -10.21 69.08
CA VAL G 452 41.96 -11.22 68.47
C VAL G 452 43.32 -11.13 69.16
N PRO G 453 43.73 -12.14 69.93
CA PRO G 453 45.00 -12.06 70.65
C PRO G 453 46.19 -12.04 69.70
N SER G 454 47.23 -11.35 70.13
CA SER G 454 48.44 -11.21 69.32
C SER G 454 49.21 -12.53 69.29
N SER G 455 50.14 -12.61 68.34
CA SER G 455 50.99 -13.79 68.23
C SER G 455 51.85 -13.98 69.47
N LYS G 456 52.21 -12.89 70.14
CA LYS G 456 52.97 -13.01 71.38
C LYS G 456 52.10 -13.48 72.52
N ALA G 457 50.83 -13.05 72.54
CA ALA G 457 49.93 -13.45 73.62
C ALA G 457 49.69 -14.95 73.63
N TYR G 458 49.54 -15.55 72.45
CA TYR G 458 49.36 -17.00 72.38
C TYR G 458 50.61 -17.74 72.84
N THR G 459 51.80 -17.21 72.51
CA THR G 459 53.04 -17.88 72.88
C THR G 459 53.18 -17.98 74.39
N GLY G 460 52.65 -17.00 75.14
CA GLY G 460 52.63 -17.13 76.58
C GLY G 460 51.69 -18.22 77.05
N VAL G 461 50.55 -18.38 76.38
CA VAL G 461 49.63 -19.47 76.72
C VAL G 461 50.26 -20.81 76.40
N ILE G 462 50.94 -20.90 75.24
CA ILE G 462 51.64 -22.13 74.88
C ILE G 462 52.72 -22.44 75.90
N GLU G 463 53.39 -21.40 76.42
CA GLU G 463 54.41 -21.60 77.43
C GLU G 463 53.82 -22.20 78.70
N ALA G 464 52.66 -21.70 79.14
CA ALA G 464 52.07 -22.14 80.40
C ALA G 464 51.69 -23.61 80.35
N PHE G 465 51.11 -24.06 79.22
CA PHE G 465 50.71 -25.45 79.11
C PHE G 465 51.90 -26.39 79.13
N GLY G 466 53.00 -26.00 78.49
CA GLY G 466 54.21 -26.81 78.54
C GLY G 466 54.84 -26.88 79.91
N GLN G 467 54.63 -25.84 80.74
CA GLN G 467 55.10 -25.90 82.11
C GLN G 467 54.36 -26.96 82.92
N ALA G 468 53.09 -27.21 82.58
CA ALA G 468 52.27 -28.19 83.28
C ALA G 468 52.20 -29.52 82.54
N ALA G 469 53.02 -29.71 81.51
CA ALA G 469 53.05 -30.93 80.70
C ALA G 469 51.70 -31.22 80.05
N LEU G 470 50.97 -30.16 79.69
CA LEU G 470 49.70 -30.30 78.98
C LEU G 470 49.96 -30.06 77.50
N TYR G 471 50.56 -31.07 76.86
CA TYR G 471 50.93 -30.95 75.46
C TYR G 471 49.72 -30.85 74.55
N GLU G 472 48.62 -31.51 74.90
CA GLU G 472 47.43 -31.47 74.07
C GLU G 472 46.87 -30.06 73.98
N GLU G 473 46.78 -29.37 75.12
CA GLU G 473 46.25 -28.01 75.12
C GLU G 473 47.26 -27.02 74.56
N ALA G 474 48.55 -27.31 74.67
CA ALA G 474 49.56 -26.43 74.10
C ALA G 474 49.51 -26.46 72.57
N LEU G 475 49.36 -27.64 71.98
CA LEU G 475 49.30 -27.75 70.53
C LEU G 475 47.98 -27.28 69.96
N VAL G 476 46.92 -27.21 70.78
CA VAL G 476 45.69 -26.58 70.34
C VAL G 476 45.89 -25.08 70.17
N ALA G 477 46.53 -24.45 71.16
CA ALA G 477 46.84 -23.03 71.05
C ALA G 477 47.76 -22.74 69.88
N PHE G 478 48.73 -23.62 69.64
CA PHE G 478 49.58 -23.50 68.46
C PHE G 478 48.75 -23.58 67.19
N ASN G 479 47.79 -24.51 67.16
CA ASN G 479 46.92 -24.64 66.00
C ASN G 479 46.02 -23.43 65.83
N THR G 480 45.51 -22.89 66.94
CA THR G 480 44.60 -21.75 66.87
C THR G 480 45.29 -20.48 66.42
N MET G 481 46.62 -20.38 66.57
CA MET G 481 47.34 -19.19 66.13
C MET G 481 47.19 -18.99 64.63
N HIS G 482 47.35 -20.06 63.85
CA HIS G 482 47.17 -19.93 62.41
C HIS G 482 45.72 -19.68 62.04
N GLU G 483 44.78 -20.10 62.89
CA GLU G 483 43.37 -19.87 62.63
C GLU G 483 43.03 -18.39 62.71
N VAL G 484 43.59 -17.68 63.69
CA VAL G 484 43.31 -16.26 63.87
C VAL G 484 44.28 -15.37 63.12
N GLY G 485 45.24 -15.95 62.39
CA GLY G 485 46.21 -15.19 61.64
C GLY G 485 47.39 -14.70 62.44
N SER G 486 47.45 -14.99 63.74
CA SER G 486 48.59 -14.60 64.57
C SER G 486 49.67 -15.67 64.41
N ASN G 487 50.39 -15.58 63.29
CA ASN G 487 51.35 -16.60 62.95
C ASN G 487 52.46 -16.67 64.00
N PRO G 488 52.98 -17.86 64.27
CA PRO G 488 54.02 -18.00 65.31
C PRO G 488 55.28 -17.24 64.96
N SER G 489 55.92 -16.71 66.00
CA SER G 489 57.21 -16.06 65.88
C SER G 489 58.32 -17.07 66.19
N ILE G 490 59.56 -16.60 66.23
CA ILE G 490 60.67 -17.46 66.59
C ILE G 490 60.56 -17.89 68.04
N GLU G 491 60.05 -17.00 68.91
CA GLU G 491 59.91 -17.35 70.32
C GLU G 491 58.88 -18.44 70.53
N THR G 492 57.85 -18.51 69.67
CA THR G 492 56.85 -19.57 69.79
C THR G 492 57.46 -20.94 69.53
N PHE G 493 58.33 -21.04 68.53
CA PHE G 493 59.02 -22.30 68.26
C PHE G 493 60.02 -22.66 69.34
N HIS G 494 60.32 -21.76 70.26
CA HIS G 494 61.15 -22.08 71.41
C HIS G 494 60.32 -22.53 72.61
N SER G 495 59.12 -21.97 72.79
CA SER G 495 58.26 -22.43 73.87
C SER G 495 57.91 -23.90 73.71
N LEU G 496 57.67 -24.33 72.47
CA LEU G 496 57.41 -25.74 72.21
C LEU G 496 58.65 -26.59 72.43
N LEU G 497 59.80 -26.12 71.94
CA LEU G 497 61.02 -26.92 72.03
C LEU G 497 61.43 -27.16 73.48
N TYR G 498 61.35 -26.14 74.32
CA TYR G 498 61.66 -26.33 75.74
C TYR G 498 60.58 -27.18 76.43
N SER G 499 59.32 -27.01 76.02
CA SER G 499 58.26 -27.86 76.57
C SER G 499 58.48 -29.32 76.21
N PHE G 500 58.86 -29.58 74.95
CA PHE G 500 59.11 -30.95 74.54
C PHE G 500 60.42 -31.48 75.12
N ALA G 501 61.40 -30.60 75.33
CA ALA G 501 62.69 -31.05 75.82
C ALA G 501 62.58 -31.67 77.21
N ARG G 502 61.77 -31.05 78.07
CA ARG G 502 61.63 -31.55 79.44
C ARG G 502 61.07 -32.96 79.45
N GLY G 503 60.12 -33.25 78.57
CA GLY G 503 59.52 -34.57 78.50
C GLY G 503 60.27 -35.58 77.66
N GLY G 504 61.35 -35.17 77.00
CA GLY G 504 62.08 -36.08 76.14
C GLY G 504 61.31 -36.50 74.90
N LEU G 505 60.56 -35.57 74.30
CA LEU G 505 59.79 -35.87 73.10
C LEU G 505 60.57 -35.41 71.88
N PHE G 506 61.67 -36.13 71.61
CA PHE G 506 62.53 -35.76 70.49
C PHE G 506 61.86 -36.01 69.15
N LYS G 507 60.81 -36.84 69.10
CA LYS G 507 60.04 -36.97 67.87
C LYS G 507 59.33 -35.65 67.54
N GLU G 508 58.74 -35.01 68.54
CA GLU G 508 58.10 -33.71 68.34
C GLU G 508 59.11 -32.59 68.18
N SER G 509 60.28 -32.72 68.82
CA SER G 509 61.34 -31.73 68.65
C SER G 509 61.86 -31.73 67.22
N GLU G 510 62.02 -32.91 66.62
CA GLU G 510 62.46 -32.98 65.23
C GLU G 510 61.42 -32.41 64.28
N VAL G 511 60.14 -32.50 64.63
CA VAL G 511 59.10 -31.89 63.81
C VAL G 511 59.29 -30.37 63.76
N ILE G 512 59.57 -29.76 64.91
CA ILE G 512 59.85 -28.33 64.93
C ILE G 512 61.12 -28.01 64.15
N LEU G 513 62.16 -28.83 64.35
CA LEU G 513 63.42 -28.60 63.65
C LEU G 513 63.24 -28.74 62.14
N SER G 514 62.52 -29.78 61.70
CA SER G 514 62.22 -29.92 60.29
C SER G 514 61.28 -28.84 59.78
N ARG G 515 60.55 -28.18 60.69
CA ARG G 515 59.71 -27.05 60.32
C ARG G 515 60.48 -25.74 60.35
N LEU G 516 61.51 -25.64 61.20
CA LEU G 516 62.28 -24.40 61.29
C LEU G 516 63.12 -24.18 60.04
N VAL G 517 63.63 -25.25 59.43
CA VAL G 517 64.51 -25.10 58.27
C VAL G 517 63.74 -24.56 57.08
N ASN G 518 62.52 -25.06 56.85
CA ASN G 518 61.73 -24.59 55.71
C ASN G 518 60.97 -23.31 56.02
N SER G 519 60.92 -22.88 57.28
CA SER G 519 60.28 -21.63 57.63
C SER G 519 61.22 -20.44 57.51
N GLY G 520 62.45 -20.64 57.07
CA GLY G 520 63.42 -19.58 56.95
C GLY G 520 64.11 -19.20 58.23
N ILE G 521 63.98 -20.00 59.28
CA ILE G 521 64.55 -19.69 60.59
C ILE G 521 65.84 -20.49 60.75
N PRO G 522 67.00 -19.85 60.81
CA PRO G 522 68.23 -20.59 61.10
C PRO G 522 68.24 -21.13 62.53
N ARG G 523 69.05 -22.16 62.73
CA ARG G 523 69.18 -22.76 64.05
C ARG G 523 70.08 -21.87 64.91
N ASN G 524 69.50 -21.28 65.95
CA ASN G 524 70.27 -20.48 66.89
C ASN G 524 70.81 -21.40 67.99
N ARG G 525 71.40 -20.81 69.03
CA ARG G 525 71.95 -21.63 70.11
C ARG G 525 70.84 -22.20 70.98
N ASP G 526 69.77 -21.45 71.19
CA ASP G 526 68.67 -21.93 72.05
C ASP G 526 68.03 -23.17 71.46
N THR G 527 67.90 -23.23 70.14
CA THR G 527 67.36 -24.43 69.49
C THR G 527 68.26 -25.64 69.75
N PHE G 528 69.58 -25.43 69.72
CA PHE G 528 70.50 -26.54 69.94
C PHE G 528 70.44 -27.05 71.37
N ASN G 529 70.24 -26.16 72.34
CA ASN G 529 70.15 -26.59 73.73
C ASN G 529 68.93 -27.48 73.96
N ALA G 530 67.79 -27.12 73.38
CA ALA G 530 66.59 -27.93 73.53
C ALA G 530 66.76 -29.30 72.86
N THR G 531 67.46 -29.33 71.73
CA THR G 531 67.70 -30.60 71.05
C THR G 531 68.53 -31.55 71.93
N ILE G 532 69.57 -31.03 72.56
CA ILE G 532 70.37 -31.85 73.47
C ILE G 532 69.54 -32.30 74.66
N GLU G 533 68.77 -31.38 75.24
CA GLU G 533 67.95 -31.70 76.40
C GLU G 533 66.87 -32.71 76.04
N ALA G 534 66.27 -32.57 74.85
CA ALA G 534 65.23 -33.51 74.44
C ALA G 534 65.80 -34.90 74.21
N TYR G 535 66.93 -35.00 73.52
CA TYR G 535 67.56 -36.29 73.28
C TYR G 535 68.03 -36.92 74.59
N LYS G 536 68.54 -36.11 75.51
CA LYS G 536 69.02 -36.65 76.78
C LYS G 536 67.87 -37.25 77.59
N GLN G 537 66.78 -36.50 77.75
CA GLN G 537 65.64 -37.00 78.53
C GLN G 537 64.98 -38.19 77.84
N GLY G 538 65.07 -38.26 76.51
CA GLY G 538 64.57 -39.39 75.75
C GLY G 538 65.48 -40.58 75.70
N GLY G 539 66.64 -40.52 76.36
CA GLY G 539 67.53 -41.66 76.43
C GLY G 539 68.45 -41.81 75.24
N LYS G 540 68.37 -40.92 74.25
CA LYS G 540 69.25 -40.98 73.08
C LYS G 540 70.54 -40.26 73.45
N PHE G 541 71.48 -41.01 74.04
CA PHE G 541 72.76 -40.42 74.41
C PHE G 541 73.65 -40.19 73.21
N GLU G 542 73.67 -41.14 72.26
CA GLU G 542 74.52 -41.01 71.08
C GLU G 542 74.10 -39.80 70.24
N GLU G 543 72.81 -39.61 70.04
CA GLU G 543 72.33 -38.49 69.24
C GLU G 543 72.49 -37.17 69.97
N ALA G 544 72.52 -37.18 71.30
CA ALA G 544 72.71 -35.95 72.06
C ALA G 544 74.10 -35.38 71.83
N VAL G 545 75.14 -36.21 71.95
CA VAL G 545 76.50 -35.72 71.76
C VAL G 545 76.75 -35.38 70.29
N LYS G 546 76.07 -36.06 69.36
CA LYS G 546 76.21 -35.72 67.96
C LYS G 546 75.71 -34.31 67.68
N THR G 547 74.60 -33.91 68.31
CA THR G 547 74.12 -32.54 68.17
C THR G 547 75.15 -31.55 68.70
N TYR G 548 75.75 -31.85 69.85
CA TYR G 548 76.84 -31.04 70.36
C TYR G 548 78.06 -31.12 69.44
N VAL G 549 78.28 -32.28 68.82
CA VAL G 549 79.37 -32.40 67.84
C VAL G 549 79.06 -31.59 66.60
N ASP G 550 77.83 -31.68 66.10
CA ASP G 550 77.45 -30.91 64.91
C ASP G 550 77.24 -29.44 65.21
N MET G 551 77.01 -29.08 66.47
CA MET G 551 76.85 -27.67 66.83
C MET G 551 78.14 -26.90 66.59
N GLU G 552 79.27 -27.47 67.02
CA GLU G 552 80.55 -26.77 66.89
C GLU G 552 80.96 -26.62 65.43
N LYS G 553 80.57 -27.55 64.57
CA LYS G 553 80.88 -27.43 63.15
C LYS G 553 80.23 -26.19 62.55
N SER G 554 78.99 -25.89 62.97
CA SER G 554 78.26 -24.73 62.49
C SER G 554 78.58 -23.47 63.27
N ARG G 555 79.77 -23.39 63.87
CA ARG G 555 80.23 -22.23 64.63
C ARG G 555 79.39 -22.02 65.87
N CYS G 556 78.55 -20.99 65.85
CA CYS G 556 77.72 -20.61 67.00
C CYS G 556 78.58 -20.32 68.22
N ASP G 557 77.96 -20.22 69.39
CA ASP G 557 78.67 -19.88 70.62
C ASP G 557 77.95 -20.55 71.79
N PRO G 558 78.42 -21.72 72.23
CA PRO G 558 77.76 -22.39 73.37
C PRO G 558 77.76 -21.52 74.61
N ASP G 559 76.60 -21.43 75.25
CA ASP G 559 76.44 -20.63 76.47
C ASP G 559 76.63 -21.52 77.69
N GLU G 560 76.28 -20.98 78.87
CA GLU G 560 76.47 -21.73 80.10
C GLU G 560 75.51 -22.90 80.20
N ARG G 561 74.27 -22.71 79.74
CA ARG G 561 73.30 -23.81 79.76
C ARG G 561 73.70 -24.92 78.79
N THR G 562 74.31 -24.57 77.66
CA THR G 562 74.77 -25.59 76.72
C THR G 562 75.80 -26.51 77.37
N LEU G 563 76.74 -25.92 78.11
CA LEU G 563 77.69 -26.73 78.87
C LEU G 563 76.97 -27.57 79.92
N GLU G 564 75.97 -26.98 80.59
CA GLU G 564 75.15 -27.75 81.52
C GLU G 564 74.29 -28.77 80.79
N ALA G 565 73.85 -28.45 79.57
CA ALA G 565 73.07 -29.42 78.80
C ALA G 565 73.89 -30.65 78.46
N VAL G 566 75.12 -30.46 77.98
CA VAL G 566 75.96 -31.61 77.65
C VAL G 566 76.53 -32.29 78.87
N LEU G 567 76.67 -31.56 79.98
CA LEU G 567 77.14 -32.20 81.22
C LEU G 567 76.12 -33.22 81.73
N SER G 568 74.84 -32.89 81.64
CA SER G 568 73.81 -33.82 82.09
C SER G 568 73.82 -35.09 81.25
N VAL G 569 74.20 -35.01 79.98
CA VAL G 569 74.29 -36.19 79.13
C VAL G 569 75.36 -37.13 79.67
N TYR G 570 76.55 -36.60 79.93
CA TYR G 570 77.66 -37.44 80.40
C TYR G 570 77.39 -37.92 81.83
N SER G 571 76.79 -37.08 82.66
CA SER G 571 76.46 -37.50 84.01
C SER G 571 75.41 -38.59 84.00
N CYS G 572 74.43 -38.51 83.10
CA CYS G 572 73.38 -39.52 83.04
C CYS G 572 73.96 -40.88 82.62
N ALA G 573 74.85 -40.89 81.64
CA ALA G 573 75.47 -42.15 81.23
C ALA G 573 76.81 -42.40 81.92
N ARG G 574 76.83 -42.19 83.24
CA ARG G 574 77.91 -42.61 84.14
C ARG G 574 79.30 -42.49 83.51
N LEU G 575 79.65 -41.28 83.11
CA LEU G 575 80.98 -41.00 82.53
C LEU G 575 81.74 -40.11 83.50
N VAL G 576 82.47 -40.75 84.42
CA VAL G 576 83.16 -40.01 85.48
C VAL G 576 84.29 -39.16 84.92
N ASP G 577 85.13 -39.75 84.05
CA ASP G 577 86.27 -39.01 83.54
C ASP G 577 85.84 -37.91 82.57
N GLU G 578 84.82 -38.18 81.76
CA GLU G 578 84.32 -37.15 80.85
C GLU G 578 83.68 -36.00 81.63
N CYS G 579 82.96 -36.32 82.70
CA CYS G 579 82.35 -35.27 83.51
C CYS G 579 83.42 -34.39 84.16
N ARG G 580 84.53 -34.99 84.58
CA ARG G 580 85.61 -34.20 85.16
C ARG G 580 86.17 -33.19 84.17
N GLU G 581 86.37 -33.61 82.91
CA GLU G 581 86.87 -32.70 81.89
C GLU G 581 85.84 -31.62 81.57
N GLN G 582 84.55 -31.93 81.69
CA GLN G 582 83.52 -30.93 81.46
C GLN G 582 83.45 -29.94 82.62
N PHE G 583 83.72 -30.40 83.84
CA PHE G 583 83.47 -29.57 85.02
C PHE G 583 84.56 -28.51 85.20
N GLU G 584 85.83 -28.93 85.20
CA GLU G 584 86.90 -27.97 85.52
C GLU G 584 87.04 -26.93 84.42
N GLU G 585 86.66 -27.27 83.18
CA GLU G 585 86.63 -26.28 82.12
C GLU G 585 85.54 -25.25 82.35
N MET G 586 84.47 -25.62 83.07
CA MET G 586 83.45 -24.66 83.44
C MET G 586 84.03 -23.55 84.32
N LYS G 587 84.87 -23.92 85.27
CA LYS G 587 85.55 -22.95 86.12
C LYS G 587 86.88 -22.48 85.53
N ALA G 588 87.34 -23.09 84.44
CA ALA G 588 88.57 -22.63 83.80
C ALA G 588 88.41 -21.24 83.19
N SER G 589 87.18 -20.82 82.90
CA SER G 589 86.91 -19.49 82.39
C SER G 589 86.36 -18.56 83.46
N ASP G 590 86.44 -18.96 84.74
CA ASP G 590 85.90 -18.18 85.86
C ASP G 590 84.42 -17.88 85.65
N ILE G 591 83.63 -18.96 85.61
CA ILE G 591 82.19 -18.85 85.40
C ILE G 591 81.40 -19.16 86.68
N LEU G 592 81.99 -19.84 87.66
CA LEU G 592 81.30 -20.24 88.89
C LEU G 592 80.05 -21.04 88.53
N PRO G 593 80.19 -22.30 88.14
CA PRO G 593 79.04 -23.07 87.67
C PRO G 593 77.92 -23.12 88.70
N SER G 594 76.69 -23.11 88.21
CA SER G 594 75.53 -23.03 89.08
C SER G 594 75.36 -24.32 89.88
N ILE G 595 74.39 -24.30 90.79
CA ILE G 595 74.18 -25.43 91.70
C ILE G 595 73.77 -26.68 90.94
N MET G 596 73.16 -26.52 89.77
CA MET G 596 72.73 -27.67 88.99
C MET G 596 73.91 -28.51 88.54
N CYS G 597 74.98 -27.87 88.07
CA CYS G 597 76.17 -28.62 87.65
C CYS G 597 76.85 -29.29 88.84
N TYR G 598 76.83 -28.65 90.00
CA TYR G 598 77.40 -29.26 91.20
C TYR G 598 76.63 -30.51 91.61
N CYS G 599 75.29 -30.46 91.53
CA CYS G 599 74.49 -31.61 91.88
C CYS G 599 74.65 -32.75 90.90
N MET G 600 74.95 -32.45 89.64
CA MET G 600 75.22 -33.50 88.67
C MET G 600 76.55 -34.19 88.95
N MET G 601 77.52 -33.46 89.49
CA MET G 601 78.79 -34.08 89.84
C MET G 601 78.64 -35.05 91.00
N LEU G 602 77.80 -34.72 91.98
CA LEU G 602 77.55 -35.64 93.08
C LEU G 602 76.86 -36.91 92.59
N SER G 603 76.04 -36.80 91.53
CA SER G 603 75.39 -37.98 90.98
C SER G 603 76.40 -38.94 90.36
N VAL G 604 77.26 -38.42 89.48
CA VAL G 604 78.20 -39.28 88.77
C VAL G 604 79.24 -39.85 89.73
N TYR G 605 79.58 -39.12 90.78
CA TYR G 605 80.46 -39.68 91.80
C TYR G 605 79.72 -40.66 92.70
N GLY G 606 78.47 -40.35 93.05
CA GLY G 606 77.68 -41.25 93.86
C GLY G 606 77.19 -42.48 93.12
N LYS G 607 77.08 -42.40 91.78
CA LYS G 607 76.69 -43.57 91.01
C LYS G 607 77.81 -44.61 90.99
N THR G 608 79.06 -44.16 90.88
CA THR G 608 80.22 -45.04 90.88
C THR G 608 80.78 -45.27 92.28
N GLU G 609 80.10 -44.78 93.32
CA GLU G 609 80.52 -44.97 94.70
C GLU G 609 81.88 -44.33 94.98
N SER G 610 82.22 -43.29 94.23
CA SER G 610 83.50 -42.59 94.41
C SER G 610 83.34 -41.62 95.58
N TRP G 611 83.38 -42.18 96.78
CA TRP G 611 83.17 -41.38 97.98
C TRP G 611 84.28 -40.37 98.22
N ASP G 612 85.45 -40.56 97.62
CA ASP G 612 86.52 -39.58 97.77
C ASP G 612 86.18 -38.28 97.06
N ASP G 613 85.70 -38.36 95.82
CA ASP G 613 85.39 -37.15 95.07
C ASP G 613 84.15 -36.45 95.62
N VAL G 614 83.22 -37.19 96.21
CA VAL G 614 82.01 -36.57 96.77
C VAL G 614 82.39 -35.63 97.91
N ASN G 615 83.25 -36.09 98.82
CA ASN G 615 83.67 -35.26 99.93
C ASN G 615 84.54 -34.09 99.46
N GLU G 616 85.33 -34.30 98.41
CA GLU G 616 86.14 -33.20 97.87
C GLU G 616 85.26 -32.08 97.32
N LEU G 617 84.20 -32.43 96.60
CA LEU G 617 83.32 -31.42 96.02
C LEU G 617 82.42 -30.77 97.07
N LEU G 618 82.02 -31.53 98.09
CA LEU G 618 81.15 -30.96 99.12
C LEU G 618 81.86 -29.86 99.89
N GLU G 619 83.15 -30.04 100.19
CA GLU G 619 83.90 -29.00 100.89
C GLU G 619 84.00 -27.74 100.06
N GLU G 620 83.98 -27.87 98.72
CA GLU G 620 83.98 -26.69 97.87
C GLU G 620 82.69 -25.89 98.02
N MET G 621 81.56 -26.60 98.14
CA MET G 621 80.28 -25.94 98.35
C MET G 621 80.10 -25.43 99.77
N LEU G 622 80.82 -26.00 100.74
CA LEU G 622 80.59 -25.62 102.13
C LEU G 622 81.07 -24.19 102.41
N SER G 623 82.20 -23.80 101.83
CA SER G 623 82.70 -22.44 102.08
C SER G 623 82.00 -21.43 101.17
N ASN G 624 82.25 -21.52 99.87
CA ASN G 624 81.53 -20.78 98.82
C ASN G 624 81.14 -19.37 99.26
N ARG G 625 82.16 -18.58 99.59
CA ARG G 625 81.94 -17.24 100.13
C ARG G 625 81.19 -16.33 99.16
N VAL G 626 81.16 -16.65 97.88
CA VAL G 626 80.52 -15.79 96.89
C VAL G 626 79.03 -16.11 96.73
N SER G 627 78.67 -17.39 96.65
CA SER G 627 77.30 -17.79 96.34
C SER G 627 76.67 -18.42 97.57
N ASN G 628 75.51 -17.87 97.98
CA ASN G 628 74.80 -18.38 99.15
C ASN G 628 74.04 -19.67 98.83
N ILE G 629 73.53 -19.81 97.60
CA ILE G 629 72.69 -20.95 97.27
C ILE G 629 73.49 -22.25 97.36
N HIS G 630 74.74 -22.25 96.90
CA HIS G 630 75.56 -23.45 97.00
C HIS G 630 75.80 -23.83 98.46
N GLN G 631 76.10 -22.83 99.30
CA GLN G 631 76.42 -23.11 100.69
C GLN G 631 75.25 -23.78 101.41
N VAL G 632 74.05 -23.21 101.28
CA VAL G 632 72.88 -23.76 101.96
C VAL G 632 72.55 -25.14 101.40
N ILE G 633 72.51 -25.27 100.07
CA ILE G 633 72.16 -26.55 99.46
C ILE G 633 73.23 -27.60 99.75
N GLY G 634 74.50 -27.22 99.65
CA GLY G 634 75.56 -28.14 100.00
C GLY G 634 75.51 -28.57 101.45
N GLN G 635 75.20 -27.64 102.34
CA GLN G 635 75.09 -27.98 103.77
C GLN G 635 73.91 -28.90 104.02
N MET G 636 72.77 -28.64 103.38
CA MET G 636 71.58 -29.44 103.63
C MET G 636 71.69 -30.85 103.05
N ILE G 637 72.54 -31.06 102.04
CA ILE G 637 72.75 -32.40 101.51
C ILE G 637 73.36 -33.29 102.57
N LYS G 638 74.36 -32.79 103.30
CA LYS G 638 75.02 -33.58 104.34
C LYS G 638 74.12 -33.85 105.53
N GLY G 639 73.02 -33.12 105.65
CA GLY G 639 72.11 -33.30 106.76
C GLY G 639 72.26 -32.33 107.90
N ASN G 640 73.08 -31.28 107.73
CA ASN G 640 73.27 -30.31 108.80
C ASN G 640 72.03 -29.46 109.06
N TYR G 641 71.16 -29.30 108.07
CA TYR G 641 70.02 -28.40 108.16
C TYR G 641 68.69 -29.15 108.28
N ASP G 642 68.71 -30.36 108.85
CA ASP G 642 67.52 -31.18 108.95
C ASP G 642 66.75 -30.97 110.24
N ASP G 643 66.89 -29.81 110.87
CA ASP G 643 66.19 -29.50 112.10
C ASP G 643 64.98 -28.61 111.80
N ASP G 644 64.08 -28.51 112.78
CA ASP G 644 62.87 -27.72 112.60
C ASP G 644 63.21 -26.26 112.31
N SER G 645 64.05 -25.64 113.15
CA SER G 645 64.45 -24.27 112.91
C SER G 645 65.47 -24.17 111.78
N ASN G 646 66.26 -25.22 111.57
CA ASN G 646 67.31 -25.20 110.55
C ASN G 646 66.80 -25.59 109.17
N TRP G 647 65.52 -25.92 109.03
CA TRP G 647 64.92 -26.12 107.73
C TRP G 647 64.30 -24.84 107.17
N GLN G 648 64.25 -23.78 107.96
CA GLN G 648 63.72 -22.51 107.47
C GLN G 648 64.72 -21.81 106.56
N ILE G 649 66.01 -21.98 106.81
CA ILE G 649 67.02 -21.40 105.93
C ILE G 649 66.99 -22.10 104.57
N VAL G 650 66.84 -23.43 104.56
CA VAL G 650 66.73 -24.16 103.30
C VAL G 650 65.49 -23.71 102.54
N GLU G 651 64.36 -23.58 103.25
CA GLU G 651 63.14 -23.08 102.60
C GLU G 651 63.32 -21.66 102.09
N TYR G 652 64.15 -20.86 102.76
CA TYR G 652 64.38 -19.49 102.32
C TYR G 652 65.04 -19.46 100.93
N VAL G 653 65.98 -20.37 100.69
CA VAL G 653 66.60 -20.44 99.37
C VAL G 653 65.60 -20.91 98.33
N LEU G 654 64.74 -21.87 98.70
CA LEU G 654 63.77 -22.40 97.75
C LEU G 654 62.78 -21.33 97.31
N ASP G 655 62.35 -20.48 98.24
CA ASP G 655 61.45 -19.38 97.89
C ASP G 655 62.16 -18.36 96.99
N LYS G 656 63.44 -18.11 97.24
CA LYS G 656 64.19 -17.21 96.37
C LYS G 656 64.32 -17.76 94.96
N LEU G 657 64.53 -19.08 94.85
CA LEU G 657 64.60 -19.70 93.53
C LEU G 657 63.22 -19.85 92.90
N ASN G 658 62.15 -19.81 93.70
CA ASN G 658 60.80 -19.89 93.18
C ASN G 658 60.35 -18.54 92.66
N SER G 659 61.19 -17.90 91.83
CA SER G 659 60.86 -16.64 91.22
C SER G 659 61.25 -16.54 89.75
N GLU G 660 62.07 -17.46 89.25
CA GLU G 660 62.32 -17.58 87.82
C GLU G 660 61.30 -18.47 87.13
N GLY G 661 60.21 -18.80 87.80
CA GLY G 661 59.17 -19.62 87.21
C GLY G 661 59.45 -21.10 87.37
N CYS G 662 58.54 -21.90 86.81
CA CYS G 662 58.67 -23.35 86.89
C CYS G 662 59.76 -23.89 85.99
N GLY G 663 60.18 -23.12 84.98
CA GLY G 663 61.18 -23.62 84.05
C GLY G 663 62.52 -23.86 84.71
N LEU G 664 62.97 -22.93 85.54
CA LEU G 664 64.22 -23.14 86.28
C LEU G 664 64.03 -24.08 87.45
N GLY G 665 62.86 -24.06 88.08
CA GLY G 665 62.64 -24.90 89.25
C GLY G 665 62.73 -26.39 88.93
N ILE G 666 62.18 -26.79 87.78
CA ILE G 666 62.19 -28.21 87.42
C ILE G 666 63.62 -28.70 87.20
N ARG G 667 64.47 -27.84 86.64
CA ARG G 667 65.87 -28.22 86.45
C ARG G 667 66.61 -28.34 87.77
N PHE G 668 66.32 -27.43 88.71
CA PHE G 668 67.00 -27.46 90.00
C PHE G 668 66.61 -28.69 90.81
N TYR G 669 65.32 -29.01 90.85
CA TYR G 669 64.87 -30.14 91.66
C TYR G 669 65.24 -31.48 91.03
N ASN G 670 65.30 -31.55 89.70
CA ASN G 670 65.70 -32.80 89.05
C ASN G 670 67.15 -33.15 89.39
N ALA G 671 68.04 -32.14 89.37
CA ALA G 671 69.44 -32.40 89.71
C ALA G 671 69.60 -32.69 91.19
N LEU G 672 68.87 -31.97 92.05
CA LEU G 672 69.02 -32.14 93.49
C LEU G 672 68.59 -33.53 93.93
N LEU G 673 67.44 -34.00 93.43
CA LEU G 673 66.97 -35.33 93.79
C LEU G 673 67.88 -36.42 93.22
N ASP G 674 68.45 -36.19 92.05
CA ASP G 674 69.41 -37.13 91.48
C ASP G 674 70.64 -37.25 92.37
N ALA G 675 71.15 -36.12 92.87
CA ALA G 675 72.31 -36.15 93.75
C ALA G 675 71.99 -36.86 95.06
N LEU G 676 70.86 -36.51 95.68
CA LEU G 676 70.52 -37.10 96.97
C LEU G 676 70.34 -38.61 96.87
N TRP G 677 69.65 -39.07 95.82
CA TRP G 677 69.38 -40.51 95.71
C TRP G 677 70.65 -41.32 95.53
N TRP G 678 71.57 -40.84 94.68
CA TRP G 678 72.80 -41.59 94.45
C TRP G 678 73.76 -41.48 95.63
N LEU G 679 73.59 -40.49 96.50
CA LEU G 679 74.41 -40.35 97.69
C LEU G 679 73.83 -41.07 98.89
N GLY G 680 72.72 -41.77 98.73
CA GLY G 680 72.11 -42.52 99.80
C GLY G 680 71.15 -41.74 100.67
N GLN G 681 71.03 -40.43 100.46
CA GLN G 681 70.12 -39.60 101.23
C GLN G 681 68.70 -39.71 100.67
N LYS G 682 68.16 -40.94 100.74
CA LYS G 682 66.88 -41.24 100.13
C LYS G 682 65.71 -40.69 100.93
N GLU G 683 65.84 -40.62 102.26
CA GLU G 683 64.78 -40.00 103.06
C GLU G 683 64.77 -38.48 102.86
N ARG G 684 65.95 -37.89 102.68
CA ARG G 684 66.02 -36.45 102.41
C ARG G 684 65.41 -36.12 101.05
N ALA G 685 65.65 -36.97 100.05
CA ALA G 685 65.06 -36.74 98.74
C ALA G 685 63.54 -36.79 98.79
N ALA G 686 62.98 -37.60 99.69
CA ALA G 686 61.53 -37.65 99.84
C ALA G 686 60.98 -36.31 100.33
N ARG G 687 61.66 -35.68 101.28
CA ARG G 687 61.19 -34.39 101.79
C ARG G 687 61.48 -33.26 100.81
N VAL G 688 62.54 -33.37 100.01
CA VAL G 688 62.82 -32.36 99.00
C VAL G 688 61.75 -32.40 97.91
N LEU G 689 61.35 -33.60 97.50
CA LEU G 689 60.27 -33.73 96.54
C LEU G 689 58.95 -33.21 97.10
N ASN G 690 58.71 -33.46 98.39
CA ASN G 690 57.52 -32.92 99.03
C ASN G 690 57.55 -31.40 99.09
N GLU G 691 58.74 -30.81 99.11
CA GLU G 691 58.87 -29.36 99.06
C GLU G 691 58.60 -28.81 97.68
N ALA G 692 58.91 -29.57 96.63
CA ALA G 692 58.71 -29.09 95.27
C ALA G 692 57.24 -29.12 94.88
N THR G 693 56.51 -30.16 95.27
CA THR G 693 55.12 -30.30 94.84
C THR G 693 54.25 -29.17 95.39
N LYS G 694 54.46 -28.79 96.64
CA LYS G 694 53.66 -27.71 97.23
C LYS G 694 53.98 -26.36 96.60
N ARG G 695 55.12 -26.23 95.94
CA ARG G 695 55.48 -25.00 95.22
C ARG G 695 55.03 -25.02 93.77
N GLY G 696 54.31 -26.06 93.35
CA GLY G 696 53.82 -26.16 91.99
C GLY G 696 54.73 -26.91 91.04
N ILE G 697 55.91 -27.33 91.47
CA ILE G 697 56.80 -28.12 90.63
C ILE G 697 56.24 -29.53 90.50
N PHE G 698 56.35 -30.10 89.30
CA PHE G 698 55.77 -31.40 88.95
C PHE G 698 54.28 -31.42 89.24
N PRO G 699 53.47 -30.60 88.56
CA PRO G 699 52.01 -30.64 88.80
C PRO G 699 51.35 -31.89 88.26
N GLU G 700 51.98 -32.60 87.32
CA GLU G 700 51.44 -33.81 86.74
C GLU G 700 51.90 -35.07 87.46
N LEU G 701 52.61 -34.92 88.58
CA LEU G 701 53.28 -36.06 89.19
C LEU G 701 52.29 -37.11 89.68
N PHE G 702 51.18 -36.69 90.27
CA PHE G 702 50.26 -37.63 90.91
C PHE G 702 48.82 -37.35 90.52
N ARG G 703 48.07 -38.43 90.30
CA ARG G 703 46.63 -38.41 90.17
C ARG G 703 46.07 -39.50 91.05
N LYS G 704 45.05 -39.17 91.86
CA LYS G 704 44.45 -40.15 92.77
C LYS G 704 42.93 -39.95 92.73
N ASN G 705 42.27 -40.68 91.83
CA ASN G 705 40.81 -40.68 91.80
C ASN G 705 40.30 -42.11 91.83
N LYS G 706 38.99 -42.29 91.66
CA LYS G 706 38.41 -43.63 91.68
C LYS G 706 38.83 -44.47 90.48
N LEU G 707 39.21 -43.84 89.37
CA LEU G 707 39.55 -44.57 88.16
C LEU G 707 41.03 -44.94 88.11
N VAL G 708 41.92 -43.96 88.30
CA VAL G 708 43.34 -44.12 88.05
C VAL G 708 44.12 -43.60 89.24
N TRP G 709 45.13 -44.36 89.66
CA TRP G 709 46.18 -43.90 90.57
C TRP G 709 47.47 -43.91 89.75
N SER G 710 47.94 -42.73 89.36
CA SER G 710 49.05 -42.64 88.42
C SER G 710 50.19 -41.81 88.99
N VAL G 711 51.40 -42.13 88.54
CA VAL G 711 52.58 -41.34 88.80
C VAL G 711 53.27 -41.10 87.46
N ASP G 712 53.57 -39.84 87.15
CA ASP G 712 54.10 -39.45 85.86
C ASP G 712 55.56 -39.03 86.04
N VAL G 713 56.47 -39.83 85.47
CA VAL G 713 57.90 -39.64 85.68
C VAL G 713 58.64 -39.39 84.38
N HIS G 714 57.94 -38.97 83.33
CA HIS G 714 58.61 -38.76 82.05
C HIS G 714 59.40 -37.46 81.99
N ARG G 715 59.23 -36.57 82.97
CA ARG G 715 59.98 -35.32 83.02
C ARG G 715 60.97 -35.29 84.18
N MET G 716 61.29 -36.44 84.76
CA MET G 716 62.15 -36.52 85.93
C MET G 716 63.47 -37.19 85.57
N SER G 717 64.47 -36.95 86.41
CA SER G 717 65.73 -37.66 86.31
C SER G 717 65.61 -39.03 86.98
N GLU G 718 66.64 -39.85 86.80
CA GLU G 718 66.59 -41.21 87.33
C GLU G 718 66.48 -41.21 88.85
N GLY G 719 67.22 -40.33 89.52
CA GLY G 719 67.08 -40.23 90.96
C GLY G 719 65.74 -39.67 91.39
N GLY G 720 65.24 -38.67 90.65
CA GLY G 720 63.92 -38.14 90.95
C GLY G 720 62.82 -39.15 90.69
N MET G 721 62.96 -39.94 89.62
CA MET G 721 61.98 -40.97 89.33
C MET G 721 61.92 -42.01 90.44
N TYR G 722 63.08 -42.45 90.94
CA TYR G 722 63.09 -43.43 92.02
C TYR G 722 62.47 -42.88 93.29
N THR G 723 62.72 -41.60 93.58
CA THR G 723 62.08 -40.98 94.74
C THR G 723 60.58 -40.88 94.54
N ALA G 724 60.13 -40.52 93.33
CA ALA G 724 58.70 -40.43 93.07
C ALA G 724 58.03 -41.80 93.20
N LEU G 725 58.65 -42.84 92.66
CA LEU G 725 58.08 -44.19 92.77
C LEU G 725 58.05 -44.66 94.21
N SER G 726 59.11 -44.39 94.97
CA SER G 726 59.19 -44.84 96.35
C SER G 726 58.07 -44.25 97.18
N VAL G 727 57.86 -42.94 97.08
CA VAL G 727 56.77 -42.30 97.81
C VAL G 727 55.43 -42.82 97.32
N TRP G 728 55.27 -42.96 96.01
CA TRP G 728 54.01 -43.42 95.44
C TRP G 728 53.69 -44.85 95.88
N LEU G 729 54.70 -45.72 95.90
CA LEU G 729 54.48 -47.10 96.35
C LEU G 729 54.10 -47.14 97.82
N ASN G 730 54.77 -46.34 98.66
CA ASN G 730 54.43 -46.32 100.08
C ASN G 730 53.02 -45.81 100.30
N ASP G 731 52.61 -44.79 99.53
CA ASP G 731 51.25 -44.29 99.66
C ASP G 731 50.23 -45.27 99.08
N LEU G 732 50.65 -46.12 98.15
CA LEU G 732 49.76 -47.14 97.62
C LEU G 732 49.39 -48.17 98.69
N SER G 733 50.38 -48.62 99.46
CA SER G 733 50.12 -49.60 100.51
C SER G 733 49.27 -49.03 101.63
N ASP G 734 49.25 -47.71 101.81
CA ASP G 734 48.44 -47.11 102.86
C ASP G 734 46.97 -47.37 102.62
N ILE G 735 46.49 -47.12 101.39
CA ILE G 735 45.07 -47.31 101.10
C ILE G 735 44.71 -48.78 101.06
N LEU G 736 45.69 -49.68 100.89
CA LEU G 736 45.43 -51.10 100.98
C LEU G 736 45.25 -51.56 102.42
N VAL G 737 45.95 -50.91 103.37
CA VAL G 737 45.79 -51.27 104.78
C VAL G 737 44.38 -50.96 105.25
N LYS G 738 43.85 -49.80 104.87
CA LYS G 738 42.52 -49.36 105.28
C LYS G 738 41.50 -49.67 104.19
N GLY G 739 40.24 -49.39 104.49
CA GLY G 739 39.17 -49.56 103.53
C GLY G 739 38.86 -48.28 102.77
N GLN G 740 39.84 -47.78 102.02
CA GLN G 740 39.71 -46.53 101.27
C GLN G 740 39.34 -46.78 99.81
N ASP G 741 38.56 -47.83 99.55
CA ASP G 741 38.21 -48.24 98.19
C ASP G 741 39.46 -48.61 97.41
N LEU G 742 39.39 -48.57 96.08
CA LEU G 742 40.53 -48.97 95.27
C LEU G 742 40.36 -48.43 93.87
N PRO G 743 41.41 -47.86 93.28
CA PRO G 743 41.32 -47.43 91.88
C PRO G 743 41.22 -48.63 90.94
N GLN G 744 40.61 -48.40 89.78
CA GLN G 744 40.54 -49.46 88.78
C GLN G 744 41.91 -49.80 88.21
N LEU G 745 42.90 -48.93 88.40
CA LEU G 745 44.21 -49.11 87.80
C LEU G 745 45.23 -48.31 88.58
N ALA G 746 46.45 -48.85 88.67
CA ALA G 746 47.61 -48.12 89.16
C ALA G 746 48.66 -48.13 88.05
N VAL G 747 49.01 -46.95 87.54
CA VAL G 747 49.84 -46.84 86.35
C VAL G 747 51.07 -46.00 86.65
N VAL G 748 52.12 -46.24 85.87
CA VAL G 748 53.33 -45.44 85.89
C VAL G 748 53.55 -44.92 84.48
N VAL G 749 53.48 -43.61 84.32
CA VAL G 749 53.61 -42.98 83.00
C VAL G 749 55.09 -42.63 82.83
N SER G 750 55.80 -43.47 82.08
CA SER G 750 57.23 -43.24 81.83
C SER G 750 57.49 -42.59 80.48
N VAL G 751 56.64 -42.82 79.49
CA VAL G 751 56.76 -42.20 78.18
C VAL G 751 55.42 -41.53 77.87
N ARG G 752 55.47 -40.25 77.53
CA ARG G 752 54.27 -39.44 77.33
C ARG G 752 54.44 -38.65 76.03
N GLY G 753 54.07 -39.27 74.91
CA GLY G 753 54.20 -38.63 73.63
C GLY G 753 53.83 -39.57 72.50
N GLN G 754 54.31 -39.25 71.30
CA GLN G 754 54.03 -40.10 70.15
C GLN G 754 54.83 -41.40 70.19
N LEU G 755 55.88 -41.46 71.01
CA LEU G 755 56.66 -42.68 71.12
C LEU G 755 55.88 -43.83 71.76
N GLU G 756 54.75 -43.52 72.42
CA GLU G 756 53.97 -44.57 73.07
C GLU G 756 53.48 -45.61 72.07
N LYS G 757 53.00 -45.17 70.91
CA LYS G 757 52.44 -46.08 69.93
C LYS G 757 53.53 -46.74 69.10
N SER G 758 54.52 -47.32 69.79
CA SER G 758 55.65 -47.97 69.13
C SER G 758 56.34 -48.87 70.14
N SER G 759 57.23 -49.72 69.63
CA SER G 759 58.02 -50.60 70.49
C SER G 759 59.22 -49.91 71.10
N ALA G 760 59.59 -48.72 70.62
CA ALA G 760 60.74 -48.02 71.18
C ALA G 760 60.46 -47.50 72.59
N ALA G 761 59.21 -47.16 72.88
CA ALA G 761 58.88 -46.60 74.19
C ALA G 761 59.16 -47.61 75.30
N ARG G 762 58.82 -48.88 75.07
CA ARG G 762 59.10 -49.90 76.07
C ARG G 762 60.58 -50.17 76.22
N GLU G 763 61.40 -49.73 75.26
CA GLU G 763 62.85 -49.84 75.33
C GLU G 763 63.51 -48.55 75.79
N SER G 764 62.72 -47.56 76.19
CA SER G 764 63.29 -46.32 76.70
C SER G 764 64.00 -46.58 78.03
N PRO G 765 65.10 -45.86 78.30
CA PRO G 765 65.80 -46.04 79.58
C PRO G 765 64.91 -45.79 80.78
N ILE G 766 63.99 -44.81 80.69
CA ILE G 766 63.08 -44.54 81.79
C ILE G 766 62.11 -45.69 82.00
N THR G 767 61.56 -46.22 80.91
CA THR G 767 60.62 -47.34 81.03
C THR G 767 61.29 -48.57 81.61
N ARG G 768 62.52 -48.87 81.17
CA ARG G 768 63.25 -50.00 81.71
C ARG G 768 63.63 -49.76 83.17
N ALA G 769 64.04 -48.53 83.51
CA ALA G 769 64.43 -48.25 84.89
C ALA G 769 63.25 -48.39 85.84
N ALA G 770 62.09 -47.86 85.47
CA ALA G 770 60.92 -47.98 86.33
C ALA G 770 60.50 -49.43 86.50
N PHE G 771 60.48 -50.19 85.40
CA PHE G 771 60.08 -51.59 85.47
C PHE G 771 61.10 -52.40 86.28
N SER G 772 62.39 -52.17 86.06
CA SER G 772 63.41 -52.85 86.85
C SER G 772 63.30 -52.48 88.32
N PHE G 773 63.06 -51.20 88.61
CA PHE G 773 62.85 -50.77 90.00
C PHE G 773 61.63 -51.45 90.62
N LEU G 774 60.54 -51.54 89.86
CA LEU G 774 59.33 -52.13 90.39
C LEU G 774 59.44 -53.65 90.53
N GLN G 775 60.23 -54.29 89.66
CA GLN G 775 60.35 -55.75 89.71
C GLN G 775 60.89 -56.21 91.06
N ASP G 776 62.02 -55.65 91.49
CA ASP G 776 62.55 -56.01 92.80
C ASP G 776 62.11 -55.05 93.89
N HIS G 777 60.83 -54.68 93.92
CA HIS G 777 60.22 -54.07 95.10
C HIS G 777 58.83 -54.58 95.40
N VAL G 778 58.05 -54.99 94.42
CA VAL G 778 56.69 -55.50 94.63
C VAL G 778 56.55 -56.82 93.88
N SER G 779 57.67 -57.48 93.62
CA SER G 779 57.73 -58.75 92.90
C SER G 779 57.14 -58.50 91.50
N SER G 780 56.42 -59.46 90.93
CA SER G 780 55.81 -59.30 89.62
C SER G 780 54.35 -58.90 89.80
N SER G 781 54.14 -57.63 90.12
CA SER G 781 52.80 -57.07 90.27
C SER G 781 52.49 -56.00 89.23
N PHE G 782 53.51 -55.34 88.69
CA PHE G 782 53.34 -54.29 87.68
C PHE G 782 53.86 -54.84 86.36
N SER G 783 52.95 -55.04 85.41
CA SER G 783 53.28 -55.55 84.09
C SER G 783 53.01 -54.48 83.04
N PHE G 784 53.67 -54.62 81.90
CA PHE G 784 53.48 -53.69 80.80
C PHE G 784 52.04 -53.77 80.28
N THR G 785 51.71 -52.85 79.38
CA THR G 785 50.40 -52.79 78.75
C THR G 785 50.51 -53.20 77.30
N GLY G 786 49.51 -53.94 76.82
CA GLY G 786 49.48 -54.33 75.42
C GLY G 786 48.99 -53.27 74.48
N TRP G 787 48.53 -52.13 74.99
CA TRP G 787 47.98 -51.06 74.17
C TRP G 787 48.78 -49.78 74.20
N ASN G 788 49.86 -49.72 74.98
CA ASN G 788 50.67 -48.51 75.09
C ASN G 788 52.08 -48.90 75.50
N GLY G 789 53.07 -48.37 74.79
CA GLY G 789 54.45 -48.73 75.08
C GLY G 789 55.01 -48.09 76.33
N GLY G 790 54.47 -46.93 76.73
CA GLY G 790 55.04 -46.21 77.85
C GLY G 790 54.20 -46.23 79.11
N ARG G 791 53.59 -47.37 79.43
CA ARG G 791 52.78 -47.50 80.63
C ARG G 791 53.15 -48.79 81.36
N ILE G 792 53.14 -48.73 82.68
CA ILE G 792 53.38 -49.88 83.55
C ILE G 792 52.23 -49.91 84.54
N MET G 793 51.38 -50.93 84.43
CA MET G 793 50.07 -50.90 85.08
C MET G 793 49.90 -52.07 86.05
N CYS G 794 48.88 -51.95 86.90
CA CYS G 794 48.52 -53.00 87.84
C CYS G 794 47.00 -53.00 88.00
N GLN G 795 46.36 -54.11 87.65
CA GLN G 795 44.91 -54.19 87.71
C GLN G 795 44.43 -54.08 89.15
N ARG G 796 43.15 -53.76 89.30
CA ARG G 796 42.56 -53.65 90.64
C ARG G 796 42.60 -54.99 91.37
N SER G 797 42.38 -56.08 90.63
CA SER G 797 42.45 -57.40 91.24
C SER G 797 43.86 -57.69 91.76
N GLN G 798 44.88 -57.32 90.99
CA GLN G 798 46.25 -57.53 91.43
C GLN G 798 46.67 -56.56 92.53
N LEU G 799 46.01 -55.41 92.65
CA LEU G 799 46.31 -54.49 93.73
C LEU G 799 45.99 -55.09 95.08
N LYS G 800 45.00 -55.99 95.13
CA LYS G 800 44.67 -56.66 96.38
C LYS G 800 45.82 -57.55 96.85
N GLN G 801 46.51 -58.21 95.92
CA GLN G 801 47.64 -59.08 96.25
C GLN G 801 48.95 -58.29 96.20
N LEU G 802 49.00 -57.22 96.98
CA LEU G 802 50.19 -56.38 97.03
C LEU G 802 50.73 -56.27 98.45
N ASN G 817 56.03 -49.84 105.23
CA ASN G 817 56.48 -49.33 103.94
C ASN G 817 56.85 -50.45 102.97
N ILE G 818 56.61 -50.20 101.68
CA ILE G 818 57.05 -51.14 100.66
C ILE G 818 58.49 -50.87 100.27
N VAL G 819 58.88 -49.60 100.24
CA VAL G 819 60.24 -49.18 99.90
C VAL G 819 60.85 -48.52 101.13
N ALA G 820 62.09 -48.90 101.45
CA ALA G 820 62.79 -48.34 102.60
C ALA G 820 63.43 -47.00 102.22
N LEU G 821 63.11 -45.96 102.98
CA LEU G 821 63.63 -44.62 102.75
C LEU G 821 64.52 -44.25 103.93
N THR G 822 65.83 -44.36 103.74
CA THR G 822 66.81 -44.12 104.79
C THR G 822 67.95 -43.28 104.24
N ASN G 823 68.62 -42.57 105.15
CA ASN G 823 69.80 -41.78 104.81
C ASN G 823 71.05 -42.56 105.16
N SER G 824 71.98 -42.66 104.22
CA SER G 824 73.25 -43.34 104.45
C SER G 824 74.09 -42.61 105.49
N THR H 67 -60.48 14.34 -18.28
CA THR H 67 -61.00 12.98 -18.25
C THR H 67 -60.70 12.26 -19.56
N GLU H 68 -61.00 10.97 -19.61
CA GLU H 68 -60.82 10.18 -20.82
C GLU H 68 -62.10 10.18 -21.66
N ASP H 69 -62.67 11.35 -21.83
CA ASP H 69 -63.68 11.65 -22.82
C ASP H 69 -63.38 12.93 -23.58
N GLU H 70 -62.88 13.95 -22.88
CA GLU H 70 -62.48 15.19 -23.54
C GLU H 70 -61.15 15.03 -24.25
N ALA H 71 -60.23 14.25 -23.66
CA ALA H 71 -58.93 14.02 -24.30
C ALA H 71 -59.09 13.25 -25.60
N ARG H 72 -59.97 12.25 -25.61
CA ARG H 72 -60.23 11.52 -26.86
C ARG H 72 -60.86 12.44 -27.89
N ARG H 73 -61.82 13.27 -27.48
CA ARG H 73 -62.42 14.22 -28.40
C ARG H 73 -61.40 15.26 -28.85
N ARG H 74 -60.54 15.71 -27.94
CA ARG H 74 -59.48 16.65 -28.31
C ARG H 74 -58.53 16.04 -29.34
N ASN H 75 -58.19 14.76 -29.16
CA ASN H 75 -57.29 14.10 -30.11
C ASN H 75 -57.92 14.00 -31.49
N TRP H 76 -59.23 13.72 -31.55
CA TRP H 76 -59.91 13.64 -32.83
C TRP H 76 -59.94 15.00 -33.53
N ILE H 77 -60.31 16.05 -32.80
CA ILE H 77 -60.55 17.34 -33.43
C ILE H 77 -59.23 18.08 -33.67
N GLU H 78 -58.35 18.13 -32.68
CA GLU H 78 -57.13 18.91 -32.82
C GLU H 78 -55.99 18.14 -33.50
N ARG H 79 -55.84 16.86 -33.20
CA ARG H 79 -54.71 16.08 -33.69
C ARG H 79 -55.08 15.06 -34.75
N GLY H 80 -56.34 14.99 -35.15
CA GLY H 80 -56.75 14.09 -36.21
C GLY H 80 -56.62 12.62 -35.90
N TRP H 81 -56.84 12.22 -34.65
CA TRP H 81 -56.83 10.81 -34.33
C TRP H 81 -58.08 10.12 -34.87
N ALA H 82 -57.92 8.85 -35.26
CA ALA H 82 -59.04 8.00 -35.60
C ALA H 82 -58.61 6.58 -35.28
N PRO H 83 -59.51 5.73 -34.80
CA PRO H 83 -59.15 4.33 -34.51
C PRO H 83 -59.15 3.46 -35.78
N TRP H 84 -58.17 3.73 -36.64
CA TRP H 84 -58.06 2.98 -37.89
C TRP H 84 -57.80 1.50 -37.61
N GLU H 85 -58.40 0.64 -38.43
CA GLU H 85 -58.25 -0.80 -38.25
C GLU H 85 -56.80 -1.22 -38.47
N GLU H 86 -56.34 -2.12 -37.61
CA GLU H 86 -55.03 -2.75 -37.76
C GLU H 86 -55.27 -4.21 -38.12
N ILE H 87 -54.88 -4.59 -39.33
CA ILE H 87 -55.01 -5.96 -39.79
C ILE H 87 -53.73 -6.69 -39.39
N LEU H 88 -53.83 -7.56 -38.39
CA LEU H 88 -52.67 -8.19 -37.78
C LEU H 88 -52.49 -9.61 -38.30
N THR H 89 -51.24 -10.05 -38.31
CA THR H 89 -50.94 -11.45 -38.55
C THR H 89 -51.31 -12.26 -37.31
N PRO H 90 -51.43 -13.60 -37.45
CA PRO H 90 -51.69 -14.42 -36.25
C PRO H 90 -50.67 -14.22 -35.14
N GLU H 91 -49.40 -14.04 -35.48
CA GLU H 91 -48.39 -13.81 -34.46
C GLU H 91 -48.62 -12.49 -33.72
N ALA H 92 -48.95 -11.43 -34.46
CA ALA H 92 -49.23 -10.15 -33.82
C ALA H 92 -50.53 -10.19 -33.03
N ASP H 93 -51.53 -10.91 -33.54
CA ASP H 93 -52.79 -11.05 -32.81
C ASP H 93 -52.58 -11.82 -31.51
N PHE H 94 -51.74 -12.86 -31.54
CA PHE H 94 -51.46 -13.61 -30.32
C PHE H 94 -50.68 -12.77 -29.31
N ALA H 95 -49.78 -11.93 -29.79
CA ALA H 95 -48.95 -11.12 -28.89
C ALA H 95 -49.80 -10.16 -28.08
N ARG H 96 -50.80 -9.54 -28.69
CA ARG H 96 -51.61 -8.58 -27.96
C ARG H 96 -52.61 -9.27 -27.03
N LYS H 97 -53.11 -10.44 -27.41
CA LYS H 97 -54.08 -11.13 -26.55
C LYS H 97 -53.40 -11.84 -25.39
N SER H 98 -52.19 -12.36 -25.57
CA SER H 98 -51.54 -13.12 -24.51
C SER H 98 -50.80 -12.24 -23.52
N LEU H 99 -50.20 -11.13 -23.99
CA LEU H 99 -49.45 -10.26 -23.10
C LEU H 99 -50.32 -9.51 -22.11
N ASN H 100 -51.63 -9.46 -22.32
CA ASN H 100 -52.52 -8.85 -21.34
C ASN H 100 -52.71 -9.70 -20.10
N GLU H 101 -52.33 -10.98 -20.13
CA GLU H 101 -52.56 -11.88 -19.01
C GLU H 101 -51.41 -11.90 -18.02
N GLY H 102 -50.18 -11.77 -18.50
CA GLY H 102 -49.02 -11.87 -17.61
C GLY H 102 -47.75 -12.02 -18.41
N GLU H 103 -46.81 -12.77 -17.85
CA GLU H 103 -45.54 -13.01 -18.52
C GLU H 103 -45.36 -14.47 -18.91
N GLU H 104 -45.34 -15.39 -17.93
CA GLU H 104 -45.24 -16.82 -18.21
C GLU H 104 -46.31 -17.49 -17.36
N VAL H 105 -47.53 -17.48 -17.89
CA VAL H 105 -48.70 -17.97 -17.15
C VAL H 105 -49.55 -18.79 -18.11
N PRO H 106 -50.35 -19.72 -17.56
CA PRO H 106 -51.29 -20.45 -18.42
C PRO H 106 -52.34 -19.50 -18.97
N LEU H 107 -52.46 -19.48 -20.29
CA LEU H 107 -53.46 -18.63 -20.93
C LEU H 107 -54.85 -19.13 -20.57
N GLN H 108 -55.70 -18.21 -20.12
CA GLN H 108 -57.04 -18.55 -19.65
C GLN H 108 -58.15 -17.94 -20.46
N SER H 109 -57.97 -16.72 -20.95
CA SER H 109 -59.03 -16.05 -21.69
C SER H 109 -59.32 -16.80 -22.99
N PRO H 110 -60.59 -16.93 -23.37
CA PRO H 110 -60.91 -17.65 -24.61
C PRO H 110 -60.31 -17.02 -25.86
N GLU H 111 -60.04 -15.71 -25.83
CA GLU H 111 -59.44 -15.06 -26.98
C GLU H 111 -57.98 -15.45 -27.14
N ALA H 112 -57.22 -15.43 -26.04
CA ALA H 112 -55.82 -15.80 -26.11
C ALA H 112 -55.64 -17.28 -26.40
N ILE H 113 -56.53 -18.12 -25.86
CA ILE H 113 -56.47 -19.55 -26.14
C ILE H 113 -56.72 -19.80 -27.62
N GLU H 114 -57.73 -19.14 -28.18
CA GLU H 114 -57.98 -19.28 -29.61
C GLU H 114 -56.84 -18.72 -30.44
N ALA H 115 -56.28 -17.58 -30.02
CA ALA H 115 -55.15 -17.01 -30.75
C ALA H 115 -53.94 -17.93 -30.72
N PHE H 116 -53.75 -18.67 -29.63
CA PHE H 116 -52.68 -19.68 -29.57
C PHE H 116 -52.90 -20.76 -30.62
N LYS H 117 -54.14 -21.23 -30.76
CA LYS H 117 -54.44 -22.26 -31.75
C LYS H 117 -54.23 -21.76 -33.17
N MET H 118 -54.55 -20.48 -33.41
CA MET H 118 -54.42 -19.90 -34.75
C MET H 118 -52.97 -19.68 -35.16
N LEU H 119 -52.01 -19.89 -34.27
CA LEU H 119 -50.61 -19.77 -34.63
C LEU H 119 -50.17 -20.81 -35.65
N ARG H 120 -50.98 -21.84 -35.89
CA ARG H 120 -50.68 -22.84 -36.91
C ARG H 120 -51.63 -22.66 -38.09
N PRO H 121 -51.13 -22.38 -39.28
CA PRO H 121 -52.03 -22.26 -40.44
C PRO H 121 -52.82 -23.52 -40.74
N SER H 122 -52.34 -24.69 -40.32
CA SER H 122 -53.11 -25.92 -40.51
C SER H 122 -54.40 -25.88 -39.70
N TYR H 123 -54.34 -25.35 -38.47
CA TYR H 123 -55.54 -25.21 -37.67
C TYR H 123 -56.52 -24.21 -38.30
N ARG H 124 -56.00 -23.16 -38.90
CA ARG H 124 -56.85 -22.17 -39.56
C ARG H 124 -57.60 -22.79 -40.73
N LYS H 125 -56.93 -23.62 -41.53
CA LYS H 125 -57.59 -24.27 -42.66
C LYS H 125 -58.70 -25.20 -42.19
N LYS H 126 -58.44 -25.95 -41.13
CA LYS H 126 -59.49 -26.79 -40.56
C LYS H 126 -60.64 -25.95 -40.03
N LYS H 127 -60.34 -24.81 -39.39
CA LYS H 127 -61.39 -23.93 -38.93
C LYS H 127 -62.17 -23.33 -40.09
N ILE H 128 -61.48 -22.98 -41.18
CA ILE H 128 -62.15 -22.40 -42.33
C ILE H 128 -63.10 -23.40 -42.97
N LYS H 129 -62.65 -24.66 -43.12
CA LYS H 129 -63.49 -25.67 -43.74
C LYS H 129 -64.75 -25.92 -42.93
N GLU H 130 -64.63 -25.94 -41.60
CA GLU H 130 -65.80 -26.14 -40.74
C GLU H 130 -66.81 -25.00 -40.86
N MET H 131 -66.36 -23.83 -41.32
CA MET H 131 -67.26 -22.70 -41.55
C MET H 131 -67.83 -22.68 -42.96
N GLY H 132 -67.36 -23.55 -43.84
CA GLY H 132 -67.92 -23.67 -45.17
C GLY H 132 -67.52 -22.58 -46.15
N ILE H 133 -66.61 -21.70 -45.77
CA ILE H 133 -66.16 -20.65 -46.65
C ILE H 133 -64.82 -21.05 -47.27
N THR H 134 -64.43 -20.34 -48.32
CA THR H 134 -63.14 -20.59 -48.96
C THR H 134 -62.03 -19.84 -48.22
N GLU H 135 -60.79 -20.17 -48.59
CA GLU H 135 -59.65 -19.50 -47.96
C GLU H 135 -59.57 -18.03 -48.35
N ASP H 136 -59.81 -17.72 -49.63
CA ASP H 136 -59.73 -16.33 -50.08
C ASP H 136 -60.81 -15.47 -49.42
N GLU H 137 -62.00 -16.05 -49.21
CA GLU H 137 -63.04 -15.32 -48.50
C GLU H 137 -62.62 -15.01 -47.07
N TRP H 138 -61.97 -15.96 -46.41
CA TRP H 138 -61.44 -15.69 -45.08
C TRP H 138 -60.38 -14.61 -45.12
N TYR H 139 -59.53 -14.62 -46.15
CA TYR H 139 -58.51 -13.59 -46.30
C TYR H 139 -59.14 -12.22 -46.50
N ALA H 140 -60.33 -12.16 -47.09
CA ALA H 140 -61.00 -10.89 -47.29
C ALA H 140 -61.81 -10.43 -46.09
N LYS H 141 -62.22 -11.35 -45.21
CA LYS H 141 -62.97 -10.97 -44.02
C LYS H 141 -62.10 -10.26 -42.99
N GLN H 142 -60.78 -10.45 -43.03
CA GLN H 142 -59.92 -9.75 -42.09
C GLN H 142 -59.73 -8.29 -42.46
N PHE H 143 -59.94 -7.92 -43.72
CA PHE H 143 -59.91 -6.53 -44.14
C PHE H 143 -61.30 -5.90 -44.07
N GLU H 144 -61.97 -6.06 -42.93
CA GLU H 144 -63.32 -5.55 -42.76
C GLU H 144 -63.32 -4.44 -41.72
N ILE H 145 -64.14 -3.42 -41.98
CA ILE H 145 -64.23 -2.29 -41.07
C ILE H 145 -64.89 -2.73 -39.78
N ARG H 146 -64.21 -2.50 -38.66
CA ARG H 146 -64.73 -2.86 -37.35
C ARG H 146 -65.46 -1.68 -36.73
N GLY H 147 -66.17 -1.95 -35.64
CA GLY H 147 -66.92 -0.92 -34.97
C GLY H 147 -68.26 -0.66 -35.62
N ASP H 148 -68.91 0.40 -35.15
CA ASP H 148 -70.25 0.74 -35.60
C ASP H 148 -70.22 1.40 -36.97
N LYS H 149 -71.37 1.43 -37.59
CA LYS H 149 -71.57 2.06 -38.88
C LYS H 149 -72.25 3.40 -38.71
N PRO H 150 -71.94 4.37 -39.57
CA PRO H 150 -72.62 5.66 -39.51
C PRO H 150 -74.07 5.53 -39.93
N PRO H 151 -74.94 6.44 -39.51
CA PRO H 151 -76.32 6.43 -39.99
C PRO H 151 -76.36 6.56 -41.51
N PRO H 152 -77.11 5.68 -42.19
CA PRO H 152 -77.09 5.70 -43.66
C PRO H 152 -77.61 7.02 -44.23
N LEU H 153 -77.06 7.39 -45.38
CA LEU H 153 -77.37 8.66 -45.99
C LEU H 153 -78.82 8.70 -46.47
N ASP H 154 -79.40 9.90 -46.41
CA ASP H 154 -80.74 10.17 -46.95
C ASP H 154 -80.64 11.50 -47.70
N THR H 155 -80.30 11.43 -48.98
CA THR H 155 -80.14 12.61 -49.81
C THR H 155 -81.48 12.96 -50.44
N SER H 156 -81.99 14.15 -50.13
CA SER H 156 -83.24 14.65 -50.67
C SER H 156 -82.96 15.70 -51.73
N TRP H 157 -83.73 15.66 -52.82
CA TRP H 157 -83.58 16.63 -53.90
C TRP H 157 -84.40 17.87 -53.58
N ALA H 158 -83.75 19.03 -53.62
CA ALA H 158 -84.41 20.31 -53.35
C ALA H 158 -85.11 20.80 -54.62
N GLY H 159 -86.23 20.14 -54.92
CA GLY H 159 -86.95 20.40 -56.14
C GLY H 159 -86.26 19.74 -57.31
N PRO H 160 -86.78 19.99 -58.52
CA PRO H 160 -86.17 19.39 -59.71
C PRO H 160 -84.84 20.03 -60.06
N LEU H 161 -84.05 19.29 -60.83
CA LEU H 161 -82.80 19.81 -61.38
C LEU H 161 -83.11 20.50 -62.70
N VAL H 162 -83.01 21.83 -62.71
CA VAL H 162 -83.28 22.64 -63.88
C VAL H 162 -81.96 23.24 -64.36
N VAL H 163 -81.65 23.05 -65.64
CA VAL H 163 -80.37 23.49 -66.18
C VAL H 163 -80.58 24.29 -67.46
N ARG H 164 -79.56 25.04 -67.81
CA ARG H 164 -79.42 25.66 -69.12
C ARG H 164 -78.07 25.28 -69.69
N GLN H 165 -77.94 25.38 -71.02
CA GLN H 165 -76.66 25.20 -71.69
C GLN H 165 -76.06 26.59 -71.87
N ILE H 166 -75.23 26.99 -70.92
CA ILE H 166 -74.62 28.31 -70.88
C ILE H 166 -73.14 28.16 -71.20
N PRO H 167 -72.61 28.86 -72.21
CA PRO H 167 -71.18 28.79 -72.47
C PRO H 167 -70.40 29.33 -71.29
N PRO H 168 -69.21 28.79 -71.03
CA PRO H 168 -68.40 29.30 -69.93
C PRO H 168 -68.09 30.78 -70.10
N ARG H 169 -68.10 31.50 -68.98
CA ARG H 169 -67.85 32.94 -69.02
C ARG H 169 -66.43 33.24 -69.49
N ASP H 170 -65.48 32.34 -69.24
CA ASP H 170 -64.07 32.60 -69.50
C ASP H 170 -63.64 32.21 -70.91
N TRP H 171 -64.58 31.80 -71.76
CA TRP H 171 -64.24 31.59 -73.17
C TRP H 171 -64.00 32.93 -73.84
N PRO H 172 -62.95 33.06 -74.67
CA PRO H 172 -61.95 32.06 -75.07
C PRO H 172 -60.70 32.08 -74.18
N PRO H 173 -59.80 31.11 -74.32
CA PRO H 173 -58.56 31.14 -73.53
C PRO H 173 -57.68 32.32 -73.92
N LYS H 174 -56.82 32.72 -72.98
CA LYS H 174 -55.94 33.85 -73.19
C LYS H 174 -55.00 33.58 -74.36
N GLY H 175 -54.89 34.57 -75.25
CA GLY H 175 -54.02 34.44 -76.41
C GLY H 175 -54.63 33.71 -77.58
N TRP H 176 -55.90 33.33 -77.52
CA TRP H 176 -56.58 32.69 -78.64
C TRP H 176 -57.57 33.68 -79.24
N GLU H 177 -57.47 33.88 -80.55
CA GLU H 177 -58.28 34.87 -81.24
C GLU H 177 -59.51 34.22 -81.84
N VAL H 178 -60.67 34.80 -81.55
CA VAL H 178 -61.94 34.36 -82.12
C VAL H 178 -62.62 35.57 -82.75
N ASP H 179 -63.67 35.30 -83.53
CA ASP H 179 -64.48 36.37 -84.08
C ASP H 179 -65.20 37.09 -82.94
N ARG H 180 -64.93 38.38 -82.78
CA ARG H 180 -65.53 39.13 -81.69
C ARG H 180 -67.03 39.34 -81.89
N LYS H 181 -67.50 39.32 -83.14
CA LYS H 181 -68.94 39.41 -83.38
C LYS H 181 -69.63 38.12 -82.95
N GLU H 182 -69.03 36.96 -83.24
CA GLU H 182 -69.58 35.71 -82.75
C GLU H 182 -69.49 35.62 -81.23
N LEU H 183 -68.42 36.17 -80.65
CA LEU H 183 -68.27 36.13 -79.20
C LEU H 183 -69.36 36.94 -78.51
N GLU H 184 -69.68 38.12 -79.03
CA GLU H 184 -70.76 38.92 -78.44
C GLU H 184 -72.10 38.22 -78.58
N PHE H 185 -72.32 37.48 -79.66
CA PHE H 185 -73.51 36.67 -79.77
C PHE H 185 -73.52 35.57 -78.72
N ILE H 186 -72.36 34.94 -78.49
CA ILE H 186 -72.25 33.92 -77.45
C ILE H 186 -72.54 34.51 -76.08
N ARG H 187 -71.97 35.69 -75.80
CA ARG H 187 -72.03 36.28 -74.47
C ARG H 187 -73.41 36.77 -74.08
N GLU H 188 -74.35 36.85 -75.03
CA GLU H 188 -75.72 37.24 -74.69
C GLU H 188 -76.37 36.24 -73.75
N ALA H 189 -75.97 34.97 -73.82
CA ALA H 189 -76.57 33.94 -72.98
C ALA H 189 -76.23 34.11 -71.50
N HIS H 190 -75.19 34.90 -71.19
CA HIS H 190 -74.79 35.07 -69.80
C HIS H 190 -75.79 35.91 -69.01
N LYS H 191 -76.60 36.72 -69.69
CA LYS H 191 -77.64 37.47 -69.01
C LYS H 191 -78.89 36.64 -68.69
N LEU H 192 -78.95 35.40 -69.17
CA LEU H 192 -80.08 34.54 -68.87
C LEU H 192 -80.09 34.06 -67.43
N MET H 193 -78.96 34.13 -66.74
CA MET H 193 -78.93 33.75 -65.33
C MET H 193 -79.81 34.64 -64.47
N ALA H 194 -80.13 35.85 -64.93
CA ALA H 194 -80.95 36.77 -64.17
C ALA H 194 -82.44 36.43 -64.21
N GLU H 195 -82.88 35.64 -65.19
CA GLU H 195 -84.30 35.30 -65.30
C GLU H 195 -84.73 34.44 -64.13
N ARG H 196 -85.92 34.72 -63.60
CA ARG H 196 -86.44 34.01 -62.44
C ARG H 196 -87.30 32.83 -62.88
N VAL H 197 -87.14 31.71 -62.18
CA VAL H 197 -87.91 30.50 -62.44
C VAL H 197 -88.57 30.06 -61.14
N TRP H 198 -89.87 29.81 -61.19
CA TRP H 198 -90.63 29.38 -60.04
C TRP H 198 -91.11 27.95 -60.25
N LEU H 199 -91.07 27.15 -59.19
CA LEU H 199 -91.49 25.76 -59.30
C LEU H 199 -92.98 25.65 -59.61
N GLU H 200 -93.77 26.63 -59.17
CA GLU H 200 -95.19 26.66 -59.54
C GLU H 200 -95.40 26.96 -61.01
N ASP H 201 -94.34 27.16 -61.79
CA ASP H 201 -94.46 27.53 -63.19
C ASP H 201 -93.82 26.54 -64.16
N LEU H 202 -93.11 25.51 -63.67
CA LEU H 202 -92.58 24.51 -64.60
C LEU H 202 -93.62 23.47 -64.97
N ASP H 203 -94.85 23.88 -65.24
CA ASP H 203 -95.90 23.00 -65.73
C ASP H 203 -96.76 23.61 -66.83
N LYS H 204 -96.82 24.94 -66.92
CA LYS H 204 -97.83 25.58 -67.76
C LYS H 204 -97.63 25.26 -69.24
N ASP H 205 -96.39 25.27 -69.71
CA ASP H 205 -96.08 25.05 -71.12
C ASP H 205 -94.91 24.08 -71.26
N LEU H 206 -94.97 22.98 -70.51
CA LEU H 206 -93.90 21.99 -70.54
C LEU H 206 -93.94 21.18 -71.83
N LYS H 207 -92.78 21.08 -72.49
CA LYS H 207 -92.65 20.32 -73.72
C LYS H 207 -92.10 18.94 -73.40
N VAL H 208 -92.80 17.91 -73.88
CA VAL H 208 -92.42 16.53 -73.61
C VAL H 208 -92.47 15.74 -74.92
N GLY H 209 -91.83 14.57 -74.90
CA GLY H 209 -91.98 13.62 -75.98
C GLY H 209 -91.52 14.18 -77.31
N GLU H 210 -92.42 14.14 -78.30
CA GLU H 210 -92.09 14.65 -79.63
C GLU H 210 -91.89 16.15 -79.65
N ASP H 211 -92.43 16.88 -78.66
CA ASP H 211 -92.23 18.32 -78.59
C ASP H 211 -90.90 18.71 -77.95
N ALA H 212 -90.17 17.75 -77.38
CA ALA H 212 -88.91 18.02 -76.69
C ALA H 212 -87.72 17.42 -77.43
N THR H 213 -87.83 17.23 -78.74
CA THR H 213 -86.66 16.82 -79.50
C THR H 213 -85.68 17.99 -79.63
N VAL H 214 -84.43 17.65 -79.91
CA VAL H 214 -83.35 18.65 -79.83
C VAL H 214 -83.57 19.76 -80.85
N ASP H 215 -84.02 19.40 -82.05
CA ASP H 215 -84.24 20.41 -83.08
C ASP H 215 -85.28 21.45 -82.68
N LYS H 216 -86.14 21.14 -81.72
CA LYS H 216 -87.15 22.08 -81.25
C LYS H 216 -86.60 23.13 -80.31
N MET H 217 -85.41 22.94 -79.77
CA MET H 217 -84.87 23.83 -78.76
C MET H 217 -84.02 24.93 -79.38
N CYS H 218 -84.03 26.09 -78.74
CA CYS H 218 -83.19 27.21 -79.13
C CYS H 218 -81.88 27.08 -78.38
N LEU H 219 -80.86 26.57 -79.05
CA LEU H 219 -79.51 26.47 -78.51
C LEU H 219 -78.51 27.16 -79.42
N GLU H 220 -78.94 28.23 -80.09
CA GLU H 220 -78.12 28.87 -81.13
C GLU H 220 -76.86 29.49 -80.52
N ARG H 221 -76.97 30.10 -79.34
CA ARG H 221 -75.79 30.71 -78.74
C ARG H 221 -74.81 29.68 -78.22
N PHE H 222 -75.30 28.53 -77.75
CA PHE H 222 -74.40 27.48 -77.32
C PHE H 222 -73.74 26.77 -78.49
N LYS H 223 -74.43 26.69 -79.63
CA LYS H 223 -73.85 26.06 -80.81
C LYS H 223 -72.70 26.88 -81.39
N VAL H 224 -72.79 28.21 -81.32
CA VAL H 224 -71.68 29.04 -81.77
C VAL H 224 -70.49 28.85 -80.86
N PHE H 225 -70.72 28.67 -79.56
CA PHE H 225 -69.62 28.34 -78.66
C PHE H 225 -69.00 26.99 -79.03
N LEU H 226 -69.84 26.00 -79.35
CA LEU H 226 -69.31 24.69 -79.72
C LEU H 226 -68.46 24.77 -80.98
N LYS H 227 -68.87 25.59 -81.95
CA LYS H 227 -68.08 25.76 -83.16
C LYS H 227 -66.72 26.37 -82.85
N GLN H 228 -66.68 27.39 -82.00
CA GLN H 228 -65.40 27.99 -81.62
C GLN H 228 -64.58 27.02 -80.77
N TYR H 229 -65.24 26.27 -79.89
CA TYR H 229 -64.52 25.33 -79.04
C TYR H 229 -63.84 24.24 -79.85
N ASN H 230 -64.54 23.70 -80.85
CA ASN H 230 -63.97 22.63 -81.67
C ASN H 230 -62.80 23.14 -82.50
N GLU H 231 -62.87 24.38 -82.98
CA GLU H 231 -61.74 24.96 -83.71
C GLU H 231 -60.53 25.12 -82.81
N TRP H 232 -60.75 25.54 -81.56
CA TRP H 232 -59.64 25.68 -80.62
C TRP H 232 -59.04 24.31 -80.27
N VAL H 233 -59.90 23.29 -80.13
CA VAL H 233 -59.41 21.97 -79.73
C VAL H 233 -58.50 21.40 -80.81
N GLU H 234 -58.89 21.53 -82.08
CA GLU H 234 -58.12 20.93 -83.17
C GLU H 234 -56.76 21.61 -83.33
N ALA H 235 -56.66 22.88 -82.95
CA ALA H 235 -55.44 23.66 -83.15
C ALA H 235 -54.51 23.67 -81.95
N ASN H 236 -54.98 23.22 -80.79
CA ASN H 236 -54.21 23.31 -79.56
C ASN H 236 -54.02 21.97 -78.88
N LYS H 237 -54.61 20.89 -79.41
CA LYS H 237 -54.56 19.60 -78.73
C LYS H 237 -53.12 19.11 -78.58
N ASP H 238 -52.34 19.18 -79.66
CA ASP H 238 -50.98 18.64 -79.63
C ASP H 238 -50.06 19.50 -78.77
N ARG H 239 -50.21 20.82 -78.83
CA ARG H 239 -49.39 21.70 -78.01
C ARG H 239 -49.64 21.47 -76.53
N LEU H 240 -50.91 21.28 -76.14
CA LEU H 240 -51.24 21.06 -74.75
C LEU H 240 -50.65 19.75 -74.23
N GLU H 241 -50.67 18.69 -75.04
CA GLU H 241 -50.06 17.43 -74.64
C GLU H 241 -48.55 17.57 -74.52
N GLU H 242 -47.93 18.32 -75.43
CA GLU H 242 -46.48 18.53 -75.35
C GLU H 242 -46.11 19.28 -74.08
N ASP H 243 -46.91 20.28 -73.69
CA ASP H 243 -46.64 21.01 -72.46
C ASP H 243 -46.81 20.13 -71.24
N SER H 244 -47.76 19.18 -71.27
CA SER H 244 -47.93 18.27 -70.15
C SER H 244 -46.67 17.43 -69.92
N TYR H 245 -46.07 16.94 -71.01
CA TYR H 245 -44.85 16.14 -70.87
C TYR H 245 -43.67 17.01 -70.42
N LYS H 246 -43.61 18.25 -70.89
CA LYS H 246 -42.49 19.12 -70.52
C LYS H 246 -42.52 19.48 -69.04
N TYR H 247 -43.72 19.67 -68.48
CA TYR H 247 -43.87 20.19 -67.13
C TYR H 247 -44.13 19.11 -66.09
N ASP H 248 -44.93 18.10 -66.41
CA ASP H 248 -45.34 17.07 -65.45
C ASP H 248 -44.64 15.78 -65.81
N GLN H 249 -43.73 15.33 -64.93
CA GLN H 249 -42.94 14.15 -65.22
C GLN H 249 -43.80 12.89 -65.17
N ASP H 250 -44.60 12.74 -64.11
CA ASP H 250 -45.42 11.56 -63.92
C ASP H 250 -46.88 11.95 -63.92
N PHE H 251 -47.73 11.02 -64.34
CA PHE H 251 -49.15 11.25 -64.27
C PHE H 251 -49.64 11.12 -62.82
N TYR H 252 -50.67 11.89 -62.50
CA TYR H 252 -51.33 11.87 -61.21
C TYR H 252 -52.74 12.40 -61.42
N PRO H 253 -53.72 11.94 -60.64
CA PRO H 253 -55.08 12.48 -60.80
C PRO H 253 -55.08 14.00 -60.66
N GLY H 254 -55.74 14.65 -61.61
CA GLY H 254 -55.68 16.09 -61.76
C GLY H 254 -54.74 16.56 -62.86
N ARG H 255 -53.81 15.71 -63.29
CA ARG H 255 -52.95 16.05 -64.42
C ARG H 255 -53.66 15.74 -65.72
N ARG H 256 -53.04 16.17 -66.83
CA ARG H 256 -53.62 15.95 -68.14
C ARG H 256 -53.43 14.50 -68.56
N ILE H 257 -54.53 13.85 -68.96
CA ILE H 257 -54.45 12.50 -69.48
C ILE H 257 -53.76 12.53 -70.83
N ARG H 258 -52.74 11.69 -71.00
CA ARG H 258 -51.87 11.75 -72.17
C ARG H 258 -51.49 10.34 -72.58
N GLY H 259 -50.71 10.26 -73.67
CA GLY H 259 -50.23 8.96 -74.13
C GLY H 259 -51.35 8.07 -74.60
N LYS H 260 -51.23 6.76 -74.29
CA LYS H 260 -52.23 5.80 -74.69
C LYS H 260 -53.56 5.99 -73.95
N ASP H 261 -53.52 6.58 -72.76
CA ASP H 261 -54.75 6.76 -71.98
C ASP H 261 -55.64 7.84 -72.55
N TYR H 262 -55.12 8.71 -73.42
CA TYR H 262 -55.93 9.76 -74.00
C TYR H 262 -56.86 9.19 -75.07
N LYS H 263 -58.10 9.67 -75.06
CA LYS H 263 -59.09 9.34 -76.09
C LYS H 263 -59.63 10.63 -76.68
N GLU H 264 -59.80 10.64 -78.00
CA GLU H 264 -60.39 11.80 -78.65
C GLU H 264 -61.83 11.99 -78.20
N GLY H 265 -62.20 13.24 -77.96
CA GLY H 265 -63.51 13.56 -77.43
C GLY H 265 -63.53 13.89 -75.96
N MET H 266 -62.42 13.71 -75.25
CA MET H 266 -62.32 14.16 -73.87
C MET H 266 -62.41 15.67 -73.81
N TYR H 267 -63.14 16.19 -72.84
CA TYR H 267 -63.37 17.62 -72.73
C TYR H 267 -62.13 18.33 -72.19
N GLU H 268 -61.76 19.43 -72.86
CA GLU H 268 -60.68 20.25 -72.35
C GLU H 268 -61.18 21.16 -71.24
N LEU H 269 -60.24 21.76 -70.52
CA LEU H 269 -60.59 22.63 -69.40
C LEU H 269 -61.51 23.79 -69.80
N PRO H 270 -61.31 24.49 -70.91
CA PRO H 270 -62.23 25.60 -71.25
C PRO H 270 -63.66 25.16 -71.49
N PHE H 271 -63.95 23.87 -71.57
CA PHE H 271 -65.32 23.40 -71.70
C PHE H 271 -66.08 23.48 -70.37
N TYR H 272 -65.40 23.52 -69.24
CA TYR H 272 -66.02 23.52 -67.93
C TYR H 272 -66.07 24.93 -67.34
N TYR H 273 -67.00 25.12 -66.41
CA TYR H 273 -67.13 26.38 -65.69
C TYR H 273 -67.84 26.13 -64.38
N PRO H 274 -67.53 26.88 -63.32
CA PRO H 274 -68.24 26.70 -62.05
C PRO H 274 -69.74 26.88 -62.21
N GLY H 275 -70.49 26.05 -61.48
CA GLY H 275 -71.93 26.01 -61.59
C GLY H 275 -72.45 24.87 -62.44
N MET H 276 -71.61 24.29 -63.28
CA MET H 276 -72.03 23.14 -64.09
C MET H 276 -72.27 21.93 -63.21
N ILE H 277 -73.28 21.14 -63.59
CA ILE H 277 -73.58 19.87 -62.94
C ILE H 277 -73.08 18.76 -63.85
N CYS H 278 -72.37 17.80 -63.28
CA CYS H 278 -71.81 16.70 -64.04
C CYS H 278 -72.19 15.38 -63.40
N GLU H 279 -72.27 14.34 -64.23
CA GLU H 279 -72.33 12.97 -63.77
C GLU H 279 -70.97 12.33 -63.99
N GLY H 280 -70.48 11.61 -62.98
CA GLY H 280 -69.17 10.99 -63.09
C GLY H 280 -69.06 9.78 -62.20
N THR H 281 -67.87 9.18 -62.23
CA THR H 281 -67.54 8.04 -61.39
C THR H 281 -66.32 8.35 -60.55
N VAL H 282 -66.31 7.81 -59.34
CA VAL H 282 -65.17 7.96 -58.44
C VAL H 282 -64.06 7.01 -58.90
N THR H 283 -62.87 7.55 -59.10
CA THR H 283 -61.73 6.76 -59.57
C THR H 283 -60.64 6.58 -58.54
N THR H 284 -60.44 7.56 -57.66
CA THR H 284 -59.34 7.52 -56.71
C THR H 284 -59.78 8.14 -55.39
N LEU H 285 -59.40 7.49 -54.29
CA LEU H 285 -59.55 8.06 -52.96
C LEU H 285 -58.17 8.27 -52.35
N HIS H 286 -57.90 9.49 -51.90
CA HIS H 286 -56.65 9.81 -51.23
C HIS H 286 -56.96 10.28 -49.82
N LEU H 287 -56.27 9.68 -48.83
CA LEU H 287 -56.57 9.96 -47.44
C LEU H 287 -56.29 11.40 -47.06
N TYR H 288 -55.30 12.03 -47.70
CA TYR H 288 -54.93 13.39 -47.38
C TYR H 288 -55.43 14.43 -48.38
N GLN H 289 -56.02 13.99 -49.50
CA GLN H 289 -56.45 14.93 -50.53
C GLN H 289 -57.95 14.90 -50.78
N GLY H 290 -58.52 13.74 -51.05
CA GLY H 290 -59.95 13.64 -51.27
C GLY H 290 -60.27 12.62 -52.34
N ALA H 291 -61.46 12.77 -52.91
CA ALA H 291 -61.96 11.87 -53.93
C ALA H 291 -61.78 12.50 -55.30
N PHE H 292 -61.33 11.70 -56.26
CA PHE H 292 -61.11 12.16 -57.62
C PHE H 292 -62.15 11.53 -58.54
N VAL H 293 -62.83 12.36 -59.32
CA VAL H 293 -64.00 11.94 -60.09
C VAL H 293 -63.71 12.18 -61.57
N ASP H 294 -63.98 11.16 -62.40
CA ASP H 294 -63.90 11.31 -63.84
C ASP H 294 -65.20 11.93 -64.34
N ILE H 295 -65.12 13.13 -64.89
CA ILE H 295 -66.30 13.85 -65.37
C ILE H 295 -66.21 14.03 -66.88
N GLY H 296 -65.60 13.07 -67.56
CA GLY H 296 -65.52 13.07 -69.01
C GLY H 296 -64.46 13.96 -69.60
N GLY H 297 -63.54 14.49 -68.79
CA GLY H 297 -62.55 15.43 -69.25
C GLY H 297 -61.15 14.84 -69.35
N VAL H 298 -60.25 15.68 -69.85
CA VAL H 298 -58.83 15.34 -69.88
C VAL H 298 -58.18 15.57 -68.52
N HIS H 299 -58.90 16.19 -67.58
CA HIS H 299 -58.51 16.29 -66.19
C HIS H 299 -59.60 15.71 -65.32
N GLU H 300 -59.20 14.98 -64.28
CA GLU H 300 -60.16 14.48 -63.30
C GLU H 300 -60.52 15.59 -62.31
N GLY H 301 -61.77 15.58 -61.86
CA GLY H 301 -62.19 16.50 -60.83
C GLY H 301 -61.76 16.05 -59.45
N TRP H 302 -61.83 16.98 -58.50
CA TRP H 302 -61.32 16.75 -57.15
C TRP H 302 -62.31 17.24 -56.12
N VAL H 303 -62.75 16.35 -55.23
CA VAL H 303 -63.57 16.71 -54.08
C VAL H 303 -62.66 16.67 -52.84
N PRO H 304 -62.37 17.80 -52.22
CA PRO H 304 -61.44 17.80 -51.07
C PRO H 304 -62.00 17.17 -49.81
N ILE H 305 -61.41 16.04 -49.42
CA ILE H 305 -61.71 15.35 -48.16
C ILE H 305 -60.39 14.87 -47.58
N LYS H 306 -60.17 15.08 -46.29
CA LYS H 306 -58.88 14.67 -45.74
C LYS H 306 -59.01 14.27 -44.27
N GLY H 307 -58.12 13.37 -43.86
CA GLY H 307 -57.92 13.08 -42.45
C GLY H 307 -59.07 12.30 -41.83
N ASN H 308 -59.51 12.78 -40.67
CA ASN H 308 -60.50 12.06 -39.86
C ASN H 308 -61.81 11.85 -40.59
N ASP H 309 -62.19 12.79 -41.46
CA ASP H 309 -63.48 12.69 -42.14
C ASP H 309 -63.61 11.38 -42.91
N TRP H 310 -62.51 10.86 -43.44
CA TRP H 310 -62.54 9.61 -44.18
C TRP H 310 -62.91 8.42 -43.32
N PHE H 311 -62.81 8.53 -41.99
CA PHE H 311 -63.13 7.40 -41.13
C PHE H 311 -64.60 6.98 -41.28
N TRP H 312 -65.50 7.96 -41.41
CA TRP H 312 -66.90 7.67 -41.68
C TRP H 312 -67.25 7.74 -43.16
N ILE H 313 -66.64 8.67 -43.89
CA ILE H 313 -66.99 8.89 -45.30
C ILE H 313 -66.62 7.70 -46.17
N ARG H 314 -65.62 6.92 -45.76
CA ARG H 314 -65.21 5.77 -46.55
C ARG H 314 -66.30 4.72 -46.67
N HIS H 315 -67.31 4.76 -45.79
CA HIS H 315 -68.44 3.85 -45.90
C HIS H 315 -69.37 4.21 -47.06
N PHE H 316 -69.32 5.44 -47.55
CA PHE H 316 -70.27 5.90 -48.56
C PHE H 316 -69.62 6.26 -49.89
N ILE H 317 -68.43 6.83 -49.89
CA ILE H 317 -67.72 7.19 -51.11
C ILE H 317 -66.78 6.04 -51.44
N ARG H 318 -67.07 5.31 -52.51
CA ARG H 318 -66.29 4.15 -52.91
C ARG H 318 -65.83 4.30 -54.35
N VAL H 319 -64.74 3.62 -54.67
CA VAL H 319 -64.18 3.68 -56.02
C VAL H 319 -65.14 3.00 -56.99
N GLY H 320 -65.37 3.64 -58.13
CA GLY H 320 -66.16 3.06 -59.19
C GLY H 320 -67.63 3.40 -59.17
N MET H 321 -68.12 4.08 -58.14
CA MET H 321 -69.54 4.37 -58.02
C MET H 321 -69.88 5.68 -58.75
N HIS H 322 -71.12 5.75 -59.23
CA HIS H 322 -71.59 6.90 -59.99
C HIS H 322 -72.13 7.97 -59.05
N VAL H 323 -71.74 9.22 -59.31
CA VAL H 323 -72.10 10.35 -58.47
C VAL H 323 -72.62 11.48 -59.35
N ILE H 324 -73.21 12.47 -58.70
CA ILE H 324 -73.53 13.75 -59.32
C ILE H 324 -72.74 14.81 -58.57
N VAL H 325 -71.96 15.59 -59.31
CA VAL H 325 -71.07 16.59 -58.72
C VAL H 325 -71.38 17.95 -59.32
N GLU H 326 -70.95 18.99 -58.60
CA GLU H 326 -71.05 20.37 -59.07
C GLU H 326 -69.66 20.99 -59.06
N ILE H 327 -69.33 21.70 -60.12
CA ILE H 327 -68.03 22.37 -60.21
C ILE H 327 -68.07 23.63 -59.36
N THR H 328 -67.15 23.73 -58.40
CA THR H 328 -67.07 24.91 -57.54
C THR H 328 -65.94 25.86 -57.92
N ALA H 329 -64.90 25.36 -58.57
CA ALA H 329 -63.79 26.22 -58.97
C ALA H 329 -63.05 25.57 -60.14
N LYS H 330 -62.52 26.42 -61.02
CA LYS H 330 -61.67 25.97 -62.12
C LYS H 330 -60.41 26.81 -62.10
N ARG H 331 -59.26 26.15 -62.13
CA ARG H 331 -57.98 26.82 -61.93
C ARG H 331 -56.99 26.41 -63.00
N ASP H 332 -55.87 27.11 -63.03
CA ASP H 332 -54.83 26.87 -64.03
C ASP H 332 -54.02 25.63 -63.64
N PRO H 333 -53.95 24.61 -64.49
CA PRO H 333 -53.25 23.37 -64.10
C PRO H 333 -51.75 23.51 -63.99
N TYR H 334 -51.15 24.57 -64.54
CA TYR H 334 -49.72 24.77 -64.36
C TYR H 334 -49.38 25.09 -62.90
N ARG H 335 -50.22 25.92 -62.25
CA ARG H 335 -49.94 26.35 -60.89
C ARG H 335 -50.61 25.46 -59.85
N PHE H 336 -51.85 25.05 -60.08
CA PHE H 336 -52.62 24.30 -59.09
C PHE H 336 -52.61 22.82 -59.41
N ARG H 337 -52.46 22.00 -58.36
CA ARG H 337 -52.40 20.55 -58.56
C ARG H 337 -53.71 20.02 -59.13
N PHE H 338 -54.85 20.53 -58.66
CA PHE H 338 -56.16 20.01 -59.02
C PHE H 338 -56.98 21.14 -59.65
N PRO H 339 -56.96 21.26 -60.99
CA PRO H 339 -57.60 22.41 -61.64
C PRO H 339 -59.12 22.41 -61.57
N LEU H 340 -59.77 21.26 -61.35
CA LEU H 340 -61.22 21.19 -61.27
C LEU H 340 -61.60 20.81 -59.85
N GLU H 341 -62.25 21.73 -59.14
CA GLU H 341 -62.68 21.49 -57.77
C GLU H 341 -64.18 21.22 -57.75
N LEU H 342 -64.58 20.17 -57.06
CA LEU H 342 -65.96 19.70 -57.07
C LEU H 342 -66.49 19.59 -55.66
N ARG H 343 -67.80 19.40 -55.58
CA ARG H 343 -68.44 18.92 -54.37
C ARG H 343 -69.49 17.90 -54.77
N PHE H 344 -69.72 16.92 -53.89
CA PHE H 344 -70.71 15.90 -54.17
C PHE H 344 -72.11 16.47 -54.02
N VAL H 345 -72.92 16.34 -55.05
CA VAL H 345 -74.33 16.68 -54.97
C VAL H 345 -75.16 15.49 -54.56
N HIS H 346 -74.95 14.35 -55.22
CA HIS H 346 -75.52 13.08 -54.79
C HIS H 346 -74.39 12.06 -54.75
N PRO H 347 -74.11 11.44 -53.61
CA PRO H 347 -74.75 11.65 -52.30
C PRO H 347 -74.30 12.95 -51.64
N ASN H 348 -75.12 13.51 -50.76
CA ASN H 348 -74.76 14.73 -50.04
C ASN H 348 -74.03 14.35 -48.75
N ILE H 349 -72.79 14.81 -48.62
CA ILE H 349 -71.98 14.46 -47.45
C ILE H 349 -71.44 15.73 -46.80
N ASP H 350 -72.17 16.83 -46.95
CA ASP H 350 -71.71 18.10 -46.38
C ASP H 350 -71.62 18.02 -44.86
N HIS H 351 -72.55 17.30 -44.23
CA HIS H 351 -72.58 17.19 -42.78
C HIS H 351 -71.45 16.32 -42.22
N MET H 352 -70.73 15.59 -43.07
CA MET H 352 -69.66 14.71 -42.63
C MET H 352 -68.27 15.30 -42.82
N ILE H 353 -68.15 16.44 -43.47
CA ILE H 353 -66.85 17.03 -43.79
C ILE H 353 -66.55 18.14 -42.79
N PHE H 354 -65.49 17.95 -42.02
CA PHE H 354 -65.08 18.91 -41.00
C PHE H 354 -63.71 19.51 -41.23
N ASN H 355 -62.78 18.77 -41.84
CA ASN H 355 -61.44 19.27 -42.10
C ASN H 355 -61.41 19.93 -43.47
N LYS H 356 -61.06 21.21 -43.52
CA LYS H 356 -61.09 21.99 -44.74
C LYS H 356 -59.67 22.41 -45.13
N PHE H 357 -59.44 22.52 -46.43
CA PHE H 357 -58.21 23.09 -46.95
C PHE H 357 -58.27 24.61 -46.84
N ASP H 358 -57.27 25.20 -46.20
CA ASP H 358 -57.20 26.66 -46.15
C ASP H 358 -57.04 27.23 -47.55
N PHE H 359 -56.16 26.64 -48.35
CA PHE H 359 -55.87 27.07 -49.70
C PHE H 359 -55.75 25.84 -50.59
N PRO H 360 -56.09 25.96 -51.87
CA PRO H 360 -55.87 24.85 -52.80
C PRO H 360 -54.39 24.59 -53.01
N PRO H 361 -53.96 23.33 -53.00
CA PRO H 361 -52.53 23.01 -53.13
C PRO H 361 -52.00 23.38 -54.50
N ILE H 362 -50.70 23.73 -54.54
CA ILE H 362 -50.05 24.25 -55.72
C ILE H 362 -48.75 23.49 -55.98
N PHE H 363 -48.17 23.75 -57.15
CA PHE H 363 -46.83 23.29 -57.49
C PHE H 363 -45.81 24.38 -57.17
N HIS H 364 -44.64 23.97 -56.72
CA HIS H 364 -43.47 24.84 -56.64
C HIS H 364 -42.50 24.37 -57.72
N ARG H 365 -42.43 25.12 -58.82
CA ARG H 365 -41.78 24.66 -60.03
C ARG H 365 -40.40 25.29 -60.20
N ASP H 366 -39.74 24.96 -61.32
CA ASP H 366 -38.36 25.37 -61.53
C ASP H 366 -38.22 26.88 -61.62
N GLY H 367 -39.14 27.55 -62.31
CA GLY H 367 -39.03 28.98 -62.46
C GLY H 367 -39.49 29.80 -61.28
N ASP H 368 -39.98 29.16 -60.22
CA ASP H 368 -40.51 29.87 -59.06
C ASP H 368 -39.37 30.10 -58.07
N THR H 369 -38.70 31.24 -58.24
CA THR H 369 -37.62 31.63 -57.33
C THR H 369 -38.01 32.74 -56.36
N ASN H 370 -38.98 33.58 -56.73
CA ASN H 370 -39.39 34.68 -55.87
C ASN H 370 -40.64 34.28 -55.11
N PRO H 371 -40.59 34.15 -53.78
CA PRO H 371 -41.80 33.81 -53.02
C PRO H 371 -42.93 34.80 -53.19
N ASP H 372 -42.61 36.10 -53.35
CA ASP H 372 -43.66 37.09 -53.51
C ASP H 372 -44.40 36.93 -54.84
N GLU H 373 -43.70 36.47 -55.88
CA GLU H 373 -44.37 36.21 -57.15
C GLU H 373 -45.27 34.98 -57.04
N ILE H 374 -44.81 33.94 -56.34
CA ILE H 374 -45.59 32.71 -56.22
C ILE H 374 -46.93 32.99 -55.56
N ARG H 375 -46.91 33.72 -54.44
CA ARG H 375 -48.14 33.96 -53.70
C ARG H 375 -49.12 34.84 -54.47
N ARG H 376 -48.63 35.67 -55.39
CA ARG H 376 -49.53 36.45 -56.24
C ARG H 376 -50.14 35.59 -57.35
N ASP H 377 -49.45 34.53 -57.77
CA ASP H 377 -50.02 33.64 -58.78
C ASP H 377 -51.20 32.87 -58.22
N CYS H 378 -51.17 32.53 -56.94
CA CYS H 378 -52.31 32.01 -56.23
C CYS H 378 -52.91 33.12 -55.37
N GLY H 379 -53.82 32.77 -54.47
CA GLY H 379 -54.39 33.77 -53.58
C GLY H 379 -53.82 33.72 -52.18
N ARG H 380 -52.52 33.57 -52.08
CA ARG H 380 -51.97 33.32 -50.76
C ARG H 380 -51.43 34.60 -50.15
N PRO H 381 -51.39 34.68 -48.81
CA PRO H 381 -51.02 35.93 -48.14
C PRO H 381 -49.54 36.24 -48.33
N PRO H 382 -49.15 37.49 -48.13
CA PRO H 382 -47.72 37.84 -48.19
C PRO H 382 -46.96 37.24 -47.03
N GLU H 383 -45.65 37.14 -47.21
CA GLU H 383 -44.78 36.70 -46.13
C GLU H 383 -44.76 37.76 -45.04
N PRO H 384 -45.16 37.43 -43.81
CA PRO H 384 -45.27 38.46 -42.77
C PRO H 384 -43.92 39.01 -42.34
N ARG H 385 -43.96 40.22 -41.80
CA ARG H 385 -42.78 40.91 -41.33
C ARG H 385 -43.08 41.56 -40.00
N LYS H 386 -42.02 41.84 -39.24
CA LYS H 386 -42.19 42.59 -38.00
C LYS H 386 -42.61 44.01 -38.31
N ASP H 387 -43.57 44.51 -37.54
CA ASP H 387 -44.04 45.87 -37.74
C ASP H 387 -42.93 46.86 -37.42
N PRO H 388 -42.65 47.83 -38.29
CA PRO H 388 -41.59 48.80 -38.00
C PRO H 388 -41.88 49.68 -36.80
N GLY H 389 -43.15 49.82 -36.40
CA GLY H 389 -43.50 50.66 -35.28
C GLY H 389 -43.44 52.15 -35.56
N SER H 390 -43.30 52.55 -36.81
CA SER H 390 -43.25 53.96 -37.20
C SER H 390 -44.23 54.21 -38.33
N LYS H 391 -44.91 55.34 -38.26
CA LYS H 391 -45.93 55.68 -39.25
C LYS H 391 -45.27 56.30 -40.49
N PRO H 392 -45.54 55.78 -41.69
CA PRO H 392 -44.90 56.33 -42.89
C PRO H 392 -45.21 57.80 -43.15
N GLU H 393 -46.38 58.29 -42.74
CA GLU H 393 -46.72 59.68 -42.98
C GLU H 393 -45.96 60.64 -42.07
N GLU H 394 -45.24 60.14 -41.07
CA GLU H 394 -44.52 60.99 -40.13
C GLU H 394 -43.00 60.98 -40.37
N GLU H 395 -42.53 60.35 -41.44
CA GLU H 395 -41.11 60.29 -41.73
C GLU H 395 -40.68 61.49 -42.56
N GLY H 396 -39.41 61.85 -42.42
CA GLY H 396 -38.89 62.99 -43.17
C GLY H 396 -38.84 62.71 -44.66
N LEU H 397 -38.98 63.77 -45.45
CA LEU H 397 -39.00 63.62 -46.89
C LEU H 397 -37.61 63.27 -47.42
N LEU H 398 -37.59 62.64 -48.58
CA LEU H 398 -36.36 62.22 -49.24
C LEU H 398 -36.05 63.16 -50.40
N SER H 399 -34.82 63.65 -50.45
CA SER H 399 -34.42 64.59 -51.47
C SER H 399 -33.11 64.23 -52.16
N ASP H 400 -32.42 63.18 -51.72
CA ASP H 400 -31.17 62.77 -52.33
C ASP H 400 -31.47 62.01 -53.61
N HIS H 401 -31.35 62.69 -54.73
CA HIS H 401 -31.56 62.05 -56.03
C HIS H 401 -30.49 60.99 -56.24
N PRO H 402 -30.86 59.77 -56.64
CA PRO H 402 -29.85 58.72 -56.83
C PRO H 402 -28.83 59.02 -57.92
N TYR H 403 -29.16 59.88 -58.87
CA TYR H 403 -28.23 60.22 -59.95
C TYR H 403 -27.13 61.18 -59.50
N VAL H 404 -27.26 61.81 -58.33
CA VAL H 404 -26.29 62.80 -57.89
C VAL H 404 -24.92 62.16 -57.69
N ASP H 405 -24.90 60.93 -57.17
CA ASP H 405 -23.63 60.21 -57.01
C ASP H 405 -22.92 60.03 -58.34
N LYS H 406 -23.66 59.88 -59.43
CA LYS H 406 -23.04 59.80 -60.75
C LYS H 406 -22.56 61.18 -61.21
N LEU H 407 -23.34 62.22 -60.93
CA LEU H 407 -22.92 63.57 -61.29
C LEU H 407 -21.64 63.96 -60.55
N TRP H 408 -21.53 63.55 -59.29
CA TRP H 408 -20.32 63.85 -58.52
C TRP H 408 -19.09 63.21 -59.16
N GLN H 409 -19.22 61.98 -59.64
CA GLN H 409 -18.10 61.32 -60.30
C GLN H 409 -17.68 62.05 -61.56
N LEU H 410 -18.66 62.51 -62.36
CA LEU H 410 -18.33 63.28 -63.54
C LEU H 410 -17.71 64.63 -63.18
N HIS H 411 -18.19 65.24 -62.10
CA HIS H 411 -17.64 66.51 -61.65
C HIS H 411 -16.16 66.37 -61.29
N VAL H 412 -15.81 65.32 -60.56
CA VAL H 412 -14.42 65.11 -60.17
C VAL H 412 -13.55 64.80 -61.39
N ALA H 413 -14.10 64.03 -62.33
CA ALA H 413 -13.34 63.69 -63.54
C ALA H 413 -13.01 64.92 -64.37
N GLU H 414 -13.95 65.85 -64.49
CA GLU H 414 -13.69 67.08 -65.24
C GLU H 414 -12.67 67.95 -64.53
N GLN H 415 -12.77 68.07 -63.20
CA GLN H 415 -11.89 68.97 -62.47
C GLN H 415 -10.44 68.51 -62.53
N MET H 416 -10.21 67.20 -62.42
CA MET H 416 -8.84 66.69 -62.50
C MET H 416 -8.30 66.71 -63.92
N ILE H 417 -9.18 66.59 -64.92
CA ILE H 417 -8.74 66.76 -66.31
C ILE H 417 -8.37 68.22 -66.57
N LEU H 418 -9.13 69.15 -66.00
CA LEU H 418 -8.79 70.57 -66.13
C LEU H 418 -7.46 70.89 -65.47
N ASP H 419 -7.20 70.30 -64.30
CA ASP H 419 -5.95 70.57 -63.60
C ASP H 419 -4.74 70.10 -64.40
N ASP H 420 -4.82 68.92 -65.01
CA ASP H 420 -3.74 68.44 -65.84
C ASP H 420 -3.52 69.34 -67.05
N TYR H 421 -4.61 69.86 -67.62
CA TYR H 421 -4.50 70.79 -68.74
C TYR H 421 -3.69 72.01 -68.35
N GLU H 422 -3.92 72.54 -67.16
CA GLU H 422 -3.14 73.68 -66.68
C GLU H 422 -1.68 73.30 -66.45
N ALA H 423 -1.43 72.22 -65.72
CA ALA H 423 -0.08 71.89 -65.30
C ALA H 423 0.79 71.47 -66.48
N ASN H 424 0.24 70.63 -67.36
CA ASN H 424 0.99 70.07 -68.49
C ASN H 424 0.24 70.39 -69.78
N PRO H 425 0.20 71.66 -70.19
CA PRO H 425 -0.47 71.99 -71.46
C PRO H 425 0.28 71.49 -72.67
N GLU H 426 1.57 71.17 -72.54
CA GLU H 426 2.34 70.65 -73.66
C GLU H 426 1.78 69.31 -74.15
N LYS H 427 1.21 68.52 -73.24
CA LYS H 427 0.56 67.27 -73.65
C LYS H 427 -0.66 67.56 -74.51
N TYR H 428 -1.42 68.60 -74.17
CA TYR H 428 -2.64 68.96 -74.89
C TYR H 428 -2.31 70.00 -75.97
N LYS H 429 -1.64 69.52 -77.02
CA LYS H 429 -1.31 70.34 -78.18
C LYS H 429 -1.98 69.75 -79.42
N GLY H 430 -2.77 70.57 -80.12
CA GLY H 430 -3.38 70.16 -81.36
C GLY H 430 -4.59 69.28 -81.23
N LYS H 431 -5.05 69.01 -80.01
CA LYS H 431 -6.23 68.18 -79.78
C LYS H 431 -7.27 68.99 -79.04
N LYS H 432 -8.49 69.03 -79.58
CA LYS H 432 -9.61 69.63 -78.86
C LYS H 432 -10.02 68.73 -77.70
N LEU H 433 -10.30 69.35 -76.55
CA LEU H 433 -10.65 68.55 -75.37
C LEU H 433 -11.92 67.73 -75.60
N SER H 434 -12.83 68.21 -76.46
CA SER H 434 -14.00 67.43 -76.78
C SER H 434 -13.68 66.21 -77.65
N GLU H 435 -12.50 66.18 -78.26
CA GLU H 435 -12.09 65.07 -79.11
C GLU H 435 -11.28 64.01 -78.36
N LEU H 436 -11.14 64.14 -77.05
CA LEU H 436 -10.38 63.15 -76.28
C LEU H 436 -11.10 61.81 -76.27
N SER H 437 -10.31 60.74 -76.19
CA SER H 437 -10.83 59.38 -76.14
C SER H 437 -10.22 58.65 -74.95
N ASP H 438 -10.95 57.67 -74.44
CA ASP H 438 -10.44 56.88 -73.33
C ASP H 438 -9.24 56.03 -73.77
N ASP H 439 -8.49 55.56 -72.78
CA ASP H 439 -7.30 54.77 -73.05
C ASP H 439 -7.68 53.39 -73.59
N GLU H 440 -6.72 52.76 -74.26
CA GLU H 440 -6.92 51.43 -74.85
C GLU H 440 -7.01 50.40 -73.74
N GLY H 441 -8.22 49.89 -73.52
CA GLY H 441 -8.46 48.93 -72.46
C GLY H 441 -9.66 49.34 -71.63
N PHE H 442 -10.28 50.45 -72.03
CA PHE H 442 -11.44 50.98 -71.30
C PHE H 442 -12.63 50.03 -71.47
N ASP H 443 -12.99 49.35 -70.40
CA ASP H 443 -14.18 48.50 -70.37
C ASP H 443 -15.31 49.26 -69.71
N GLU H 444 -16.39 49.50 -70.47
CA GLU H 444 -17.54 50.19 -69.91
C GLU H 444 -18.28 49.35 -68.89
N ARG H 445 -18.07 48.04 -68.87
CA ARG H 445 -18.72 47.17 -67.91
C ARG H 445 -17.99 47.05 -66.59
N LYS H 446 -16.77 47.59 -66.50
CA LYS H 446 -15.96 47.49 -65.29
C LYS H 446 -15.71 48.86 -64.68
N GLU H 447 -16.75 49.71 -64.69
CA GLU H 447 -16.61 51.06 -64.16
C GLU H 447 -16.37 51.07 -62.65
N ILE H 448 -16.70 49.99 -61.96
CA ILE H 448 -16.48 49.86 -60.52
C ILE H 448 -15.55 48.68 -60.30
N GLU H 449 -14.38 48.94 -59.72
CA GLU H 449 -13.44 47.91 -59.32
C GLU H 449 -13.23 48.00 -57.82
N HIS H 450 -13.47 46.90 -57.12
CA HIS H 450 -13.31 46.82 -55.68
C HIS H 450 -11.92 46.28 -55.36
N GLY H 451 -11.30 46.84 -54.34
CA GLY H 451 -9.99 46.40 -53.93
C GLY H 451 -9.74 46.77 -52.48
N GLU H 452 -8.47 46.65 -52.08
CA GLU H 452 -8.07 46.99 -50.74
C GLU H 452 -6.74 47.72 -50.80
N ALA H 453 -6.55 48.64 -49.85
CA ALA H 453 -5.35 49.46 -49.81
C ALA H 453 -4.83 49.52 -48.38
N TYR H 454 -3.51 49.68 -48.26
CA TYR H 454 -2.84 49.84 -46.98
C TYR H 454 -2.51 51.30 -46.75
N TYR H 455 -2.97 51.84 -45.62
CA TYR H 455 -2.58 53.18 -45.17
C TYR H 455 -1.77 53.01 -43.90
N LYS H 456 -0.47 53.36 -43.97
CA LYS H 456 0.46 53.11 -42.88
C LYS H 456 0.43 51.64 -42.49
N LYS H 457 -0.04 51.34 -41.28
CA LYS H 457 -0.28 49.96 -40.88
C LYS H 457 -1.72 49.53 -41.08
N THR H 458 -2.66 50.48 -41.06
CA THR H 458 -4.06 50.18 -41.30
C THR H 458 -4.31 49.82 -42.76
N LYS H 459 -5.22 48.87 -42.96
CA LYS H 459 -5.61 48.44 -44.30
C LYS H 459 -7.10 48.73 -44.47
N LEU H 460 -7.42 49.76 -45.27
CA LEU H 460 -8.81 50.05 -45.60
C LEU H 460 -9.12 49.61 -47.02
N PRO H 461 -10.25 48.95 -47.25
CA PRO H 461 -10.64 48.62 -48.62
C PRO H 461 -10.79 49.88 -49.45
N LYS H 462 -10.48 49.78 -50.74
CA LYS H 462 -10.56 50.92 -51.63
C LYS H 462 -11.35 50.53 -52.87
N VAL H 463 -12.21 51.44 -53.31
CA VAL H 463 -13.03 51.23 -54.50
C VAL H 463 -12.54 52.17 -55.60
N ILE H 464 -12.41 51.65 -56.80
CA ILE H 464 -11.95 52.40 -57.95
C ILE H 464 -13.15 52.68 -58.84
N LEU H 465 -13.39 53.96 -59.15
CA LEU H 465 -14.52 54.37 -59.99
C LEU H 465 -13.97 54.85 -61.33
N LYS H 466 -14.02 53.96 -62.33
CA LYS H 466 -13.58 54.31 -63.67
C LYS H 466 -14.58 55.25 -64.32
N THR H 467 -14.08 56.29 -64.97
CA THR H 467 -14.89 57.31 -65.61
C THR H 467 -14.43 57.51 -67.05
N SER H 468 -15.39 57.67 -67.95
CA SER H 468 -15.10 57.89 -69.36
C SER H 468 -14.92 59.37 -69.65
N VAL H 469 -14.11 59.67 -70.66
CA VAL H 469 -13.93 61.06 -71.08
C VAL H 469 -15.05 61.52 -72.00
N LYS H 470 -15.77 60.59 -72.63
CA LYS H 470 -16.83 60.95 -73.57
C LYS H 470 -18.16 61.25 -72.88
N GLU H 471 -18.25 61.00 -71.57
CA GLU H 471 -19.44 61.36 -70.80
C GLU H 471 -19.25 62.67 -70.04
N LEU H 472 -18.18 63.41 -70.34
CA LEU H 472 -17.87 64.67 -69.68
C LEU H 472 -18.04 65.82 -70.65
N ASP H 473 -18.50 66.97 -70.14
CA ASP H 473 -18.67 68.18 -70.93
C ASP H 473 -17.51 69.12 -70.63
N LEU H 474 -16.39 68.87 -71.30
CA LEU H 474 -15.18 69.64 -71.05
C LEU H 474 -15.20 71.01 -71.71
N GLU H 475 -16.04 71.20 -72.74
CA GLU H 475 -16.14 72.51 -73.36
C GLU H 475 -16.68 73.55 -72.39
N ALA H 476 -17.74 73.20 -71.64
CA ALA H 476 -18.31 74.13 -70.68
C ALA H 476 -17.44 74.25 -69.44
N ALA H 477 -16.77 73.18 -69.03
CA ALA H 477 -15.92 73.23 -67.85
C ALA H 477 -14.73 74.16 -68.07
N LEU H 478 -14.12 74.12 -69.25
CA LEU H 478 -12.95 74.95 -69.52
C LEU H 478 -13.29 76.43 -69.47
N ILE H 479 -14.43 76.83 -70.05
CA ILE H 479 -14.84 78.22 -69.98
C ILE H 479 -15.09 78.64 -68.54
N GLU H 480 -15.72 77.77 -67.76
CA GLU H 480 -15.91 78.05 -66.34
C GLU H 480 -14.57 78.08 -65.61
N ARG H 481 -13.65 77.19 -65.96
CA ARG H 481 -12.34 77.18 -65.33
C ARG H 481 -11.56 78.45 -65.67
N LYS H 482 -11.56 78.86 -66.94
CA LYS H 482 -10.86 80.08 -67.33
C LYS H 482 -11.50 81.31 -66.72
N TYR H 483 -12.83 81.33 -66.62
CA TYR H 483 -13.51 82.48 -66.05
C TYR H 483 -13.14 82.68 -64.59
N HIS H 484 -13.03 81.58 -63.83
CA HIS H 484 -12.67 81.69 -62.42
C HIS H 484 -11.19 81.97 -62.22
N ASN H 485 -10.33 81.54 -63.15
CA ASN H 485 -8.92 81.90 -63.07
C ASN H 485 -8.74 83.40 -63.19
N LYS H 486 -9.48 84.03 -64.11
CA LYS H 486 -9.37 85.47 -64.31
C LYS H 486 -9.76 86.24 -63.06
N LEU H 487 -10.84 85.81 -62.39
CA LEU H 487 -11.27 86.47 -61.16
C LEU H 487 -10.27 86.24 -60.04
N MET H 488 -9.68 85.04 -59.98
CA MET H 488 -8.63 84.78 -59.00
C MET H 488 -7.42 85.68 -59.24
N MET H 489 -7.01 85.83 -60.51
CA MET H 489 -5.90 86.71 -60.82
C MET H 489 -6.20 88.15 -60.47
N GLU H 490 -7.42 88.62 -60.79
CA GLU H 490 -7.79 89.99 -60.47
C GLU H 490 -7.83 90.22 -58.97
N ALA H 491 -8.32 89.23 -58.21
CA ALA H 491 -8.29 89.33 -56.75
C ALA H 491 -6.86 89.36 -56.23
N LYS H 492 -5.99 88.52 -56.80
CA LYS H 492 -4.60 88.49 -56.36
C LYS H 492 -3.90 89.82 -56.63
N ALA H 493 -4.16 90.42 -57.79
CA ALA H 493 -3.55 91.70 -58.11
C ALA H 493 -4.00 92.81 -57.18
N ARG H 494 -5.17 92.66 -56.56
CA ARG H 494 -5.68 93.66 -55.61
C ARG H 494 -5.32 93.33 -54.17
N GLY H 495 -4.51 92.30 -53.94
CA GLY H 495 -4.20 91.92 -52.58
C GLY H 495 -5.36 91.29 -51.84
N GLU H 496 -6.29 90.66 -52.57
CA GLU H 496 -7.45 90.01 -51.98
C GLU H 496 -7.51 88.55 -52.39
N GLY H 497 -8.23 87.77 -51.60
CA GLY H 497 -8.44 86.37 -51.92
C GLY H 497 -9.75 86.13 -52.64
N TYR H 498 -9.82 85.04 -53.39
CA TYR H 498 -11.01 84.66 -54.13
C TYR H 498 -11.44 83.25 -53.74
N LYS H 499 -12.74 83.08 -53.53
CA LYS H 499 -13.33 81.79 -53.20
C LYS H 499 -14.46 81.50 -54.17
N ILE H 500 -14.50 80.28 -54.68
CA ILE H 500 -15.59 79.82 -55.53
C ILE H 500 -16.62 79.12 -54.66
N GLU H 501 -17.86 79.59 -54.72
CA GLU H 501 -18.91 79.05 -53.86
C GLU H 501 -19.50 77.75 -54.38
N LYS H 502 -19.81 77.69 -55.68
CA LYS H 502 -20.19 76.43 -56.31
C LYS H 502 -20.03 76.57 -57.81
N LEU H 503 -19.92 75.42 -58.47
CA LEU H 503 -19.71 75.34 -59.90
C LEU H 503 -21.01 74.87 -60.57
N ARG H 504 -20.95 74.72 -61.90
CA ARG H 504 -22.13 74.33 -62.65
C ARG H 504 -22.61 72.94 -62.24
N ARG H 505 -21.69 72.02 -62.02
CA ARG H 505 -22.09 70.66 -61.63
C ARG H 505 -22.72 70.63 -60.26
N ASN H 506 -22.24 71.46 -59.32
CA ASN H 506 -22.88 71.55 -58.02
C ASN H 506 -24.30 72.10 -58.15
N ILE H 507 -24.49 73.10 -59.03
CA ILE H 507 -25.82 73.61 -59.31
C ILE H 507 -26.66 72.53 -60.00
N GLU H 508 -26.04 71.75 -60.87
CA GLU H 508 -26.75 70.64 -61.50
C GLU H 508 -27.19 69.60 -60.48
N MET H 509 -26.40 69.41 -59.43
CA MET H 509 -26.78 68.44 -58.39
C MET H 509 -27.98 68.94 -57.59
N ASP H 510 -28.07 70.26 -57.36
CA ASP H 510 -29.17 70.79 -56.58
C ASP H 510 -30.48 70.73 -57.33
N GLU H 511 -30.45 70.92 -58.66
CA GLU H 511 -31.69 70.86 -59.43
C GLU H 511 -32.21 69.44 -59.54
N TYR H 512 -31.33 68.45 -59.58
CA TYR H 512 -31.78 67.06 -59.51
C TYR H 512 -32.34 66.74 -58.12
N ASP H 513 -31.72 67.29 -57.08
CA ASP H 513 -32.24 67.11 -55.73
C ASP H 513 -33.61 67.76 -55.58
N SER H 514 -33.80 68.94 -56.19
CA SER H 514 -35.08 69.62 -56.10
C SER H 514 -36.19 68.82 -56.78
N LEU H 515 -35.88 68.20 -57.92
CA LEU H 515 -36.86 67.34 -58.58
C LEU H 515 -37.23 66.14 -57.72
N HIS H 516 -36.24 65.54 -57.06
CA HIS H 516 -36.51 64.41 -56.19
C HIS H 516 -37.27 64.84 -54.95
N TRP H 517 -36.94 66.01 -54.39
CA TRP H 517 -37.66 66.50 -53.22
C TRP H 517 -39.12 66.80 -53.56
N ARG H 518 -39.37 67.36 -54.74
CA ARG H 518 -40.75 67.63 -55.15
C ARG H 518 -41.54 66.33 -55.32
N ARG H 519 -40.90 65.29 -55.85
CA ARG H 519 -41.56 64.00 -55.99
C ARG H 519 -41.94 63.42 -54.63
N SER H 520 -41.05 63.54 -53.64
CA SER H 520 -41.36 63.07 -52.30
C SER H 520 -42.50 63.89 -51.68
N LEU H 521 -42.49 65.20 -51.89
CA LEU H 521 -43.53 66.05 -51.32
C LEU H 521 -44.91 65.70 -51.89
N GLU H 522 -44.99 65.46 -53.20
CA GLU H 522 -46.26 65.15 -53.82
C GLU H 522 -46.79 63.79 -53.37
N GLU H 523 -45.90 62.82 -53.12
CA GLU H 523 -46.35 61.54 -52.59
C GLU H 523 -46.89 61.69 -51.17
N ARG H 524 -46.21 62.46 -50.33
CA ARG H 524 -46.65 62.64 -48.96
C ARG H 524 -47.99 63.37 -48.90
N GLU H 525 -48.18 64.37 -49.75
CA GLU H 525 -49.45 65.09 -49.76
C GLU H 525 -50.60 64.18 -50.17
N ALA H 526 -50.38 63.36 -51.20
CA ALA H 526 -51.40 62.39 -51.59
C ALA H 526 -51.60 61.32 -50.52
N LEU H 527 -50.53 60.96 -49.80
CA LEU H 527 -50.66 59.99 -48.73
C LEU H 527 -51.55 60.51 -47.60
N LEU H 528 -51.42 61.79 -47.27
CA LEU H 528 -52.21 62.35 -46.18
C LEU H 528 -53.69 62.36 -46.52
N ARG H 529 -54.03 62.70 -47.76
CA ARG H 529 -55.42 62.60 -48.20
C ARG H 529 -55.87 61.14 -48.25
N ASP H 530 -55.00 60.24 -48.71
CA ASP H 530 -55.35 58.83 -48.79
C ASP H 530 -55.62 58.25 -47.41
N ILE H 531 -54.89 58.72 -46.40
CA ILE H 531 -55.10 58.22 -45.04
C ILE H 531 -56.48 58.62 -44.54
N SER H 532 -56.87 59.89 -44.76
CA SER H 532 -58.16 60.35 -44.26
C SER H 532 -59.33 59.63 -44.93
N SER H 533 -59.21 59.36 -46.24
CA SER H 533 -60.25 58.61 -46.94
C SER H 533 -60.36 57.18 -46.41
N ARG H 534 -59.21 56.51 -46.24
CA ARG H 534 -59.24 55.11 -45.82
C ARG H 534 -59.71 54.97 -44.37
N GLN H 535 -59.33 55.91 -43.50
CA GLN H 535 -59.78 55.85 -42.12
C GLN H 535 -61.27 56.11 -42.01
N ALA H 536 -61.83 56.92 -42.91
CA ALA H 536 -63.26 57.19 -42.89
C ALA H 536 -64.07 56.01 -43.42
N LEU H 537 -63.55 55.29 -44.41
CA LEU H 537 -64.27 54.21 -45.06
C LEU H 537 -63.86 52.83 -44.54
N GLY H 538 -63.02 52.78 -43.52
CA GLY H 538 -62.60 51.50 -42.96
C GLY H 538 -61.78 50.63 -43.90
N LEU H 539 -60.91 51.23 -44.67
CA LEU H 539 -60.02 50.52 -45.58
C LEU H 539 -58.62 50.42 -44.98
N PRO H 540 -57.89 49.34 -45.26
CA PRO H 540 -56.59 49.14 -44.60
C PRO H 540 -55.59 50.23 -44.98
N LEU H 541 -54.76 50.60 -44.01
CA LEU H 541 -53.67 51.53 -44.27
C LEU H 541 -52.41 50.83 -44.74
N GLU H 542 -52.14 49.63 -44.23
CA GLU H 542 -51.03 48.82 -44.67
C GLU H 542 -51.56 47.65 -45.49
N GLU H 543 -50.66 47.03 -46.25
CA GLU H 543 -51.05 45.87 -47.05
C GLU H 543 -51.44 44.73 -46.13
N PRO H 544 -52.66 44.21 -46.23
CA PRO H 544 -53.08 43.14 -45.30
C PRO H 544 -52.21 41.90 -45.43
N GLY H 545 -51.94 41.27 -44.28
CA GLY H 545 -51.06 40.13 -44.22
C GLY H 545 -49.63 40.51 -43.90
N ARG H 546 -49.18 41.65 -44.43
CA ARG H 546 -47.91 42.21 -44.05
C ARG H 546 -47.98 42.77 -42.63
N TYR H 547 -46.83 42.83 -41.97
CA TYR H 547 -46.68 43.46 -40.65
C TYR H 547 -47.55 42.79 -39.60
N LYS H 548 -47.19 41.54 -39.30
CA LYS H 548 -47.80 40.85 -38.18
C LYS H 548 -47.30 41.40 -36.85
N PRO H 549 -48.11 41.33 -35.79
CA PRO H 549 -47.69 41.89 -34.50
C PRO H 549 -46.68 41.03 -33.76
N GLY H 550 -46.36 41.43 -32.53
CA GLY H 550 -45.39 40.68 -31.75
C GLY H 550 -45.94 39.33 -31.31
N SER H 551 -45.00 38.46 -30.91
CA SER H 551 -45.22 37.08 -30.49
C SER H 551 -45.66 36.18 -31.64
N PHE H 552 -45.87 36.74 -32.84
CA PHE H 552 -46.19 35.91 -34.00
C PHE H 552 -44.97 35.13 -34.47
N PHE H 553 -43.78 35.66 -34.26
CA PHE H 553 -42.55 35.09 -34.78
C PHE H 553 -41.85 34.16 -33.79
N GLY H 554 -42.46 33.91 -32.63
CA GLY H 554 -41.90 32.99 -31.66
C GLY H 554 -41.93 33.52 -30.24
N LYS H 555 -41.97 32.61 -29.27
CA LYS H 555 -41.98 33.00 -27.87
C LYS H 555 -40.61 33.47 -27.39
N ASP H 556 -39.54 32.91 -27.95
CA ASP H 556 -38.18 33.22 -27.53
C ASP H 556 -37.48 34.02 -28.62
N GLN H 557 -37.04 35.22 -28.27
CA GLN H 557 -36.29 36.08 -29.18
C GLN H 557 -35.21 36.81 -28.38
N TYR H 558 -34.01 36.88 -28.94
CA TYR H 558 -32.91 37.57 -28.27
C TYR H 558 -33.18 39.07 -28.30
N ASP H 559 -33.43 39.65 -27.13
CA ASP H 559 -33.66 41.09 -26.99
C ASP H 559 -32.55 41.67 -26.14
N PRO H 560 -31.52 42.26 -26.75
CA PRO H 560 -30.41 42.82 -25.96
C PRO H 560 -30.84 43.88 -24.96
N THR H 561 -31.88 44.64 -25.27
CA THR H 561 -32.37 45.66 -24.35
C THR H 561 -33.17 45.08 -23.18
N SER H 562 -33.70 43.87 -23.33
CA SER H 562 -34.54 43.29 -22.29
C SER H 562 -33.72 42.96 -21.05
N ALA H 563 -34.39 42.99 -19.90
CA ALA H 563 -33.76 42.65 -18.62
C ALA H 563 -33.42 41.17 -18.52
N LEU H 564 -33.96 40.33 -19.40
CA LEU H 564 -33.67 38.91 -19.40
C LEU H 564 -32.49 38.55 -20.29
N TYR H 565 -31.81 39.55 -20.88
CA TYR H 565 -30.66 39.27 -21.74
C TYR H 565 -29.52 40.27 -21.49
N GLN H 566 -29.44 40.83 -20.29
CA GLN H 566 -28.45 41.84 -19.96
C GLN H 566 -27.41 41.28 -19.01
N TYR H 567 -26.14 41.62 -19.24
CA TYR H 567 -25.04 41.03 -18.49
C TYR H 567 -24.15 42.04 -17.77
N ASP H 568 -24.48 43.33 -17.81
CA ASP H 568 -23.72 44.35 -17.08
C ASP H 568 -24.46 44.84 -15.84
N TYR H 569 -25.18 43.94 -15.17
CA TYR H 569 -25.92 44.30 -13.97
C TYR H 569 -25.00 44.80 -12.87
N TRP H 570 -23.87 44.11 -12.67
CA TRP H 570 -22.91 44.45 -11.63
C TRP H 570 -21.68 45.15 -12.20
N GLY H 571 -21.88 45.99 -13.19
CA GLY H 571 -20.80 46.64 -13.89
C GLY H 571 -20.48 45.96 -15.21
N GLU H 572 -20.03 46.74 -16.17
CA GLU H 572 -19.68 46.18 -17.47
C GLU H 572 -18.48 45.25 -17.33
N PRO H 573 -18.55 44.03 -17.86
CA PRO H 573 -17.41 43.12 -17.75
C PRO H 573 -16.17 43.71 -18.42
N LYS H 574 -15.02 43.48 -17.79
CA LYS H 574 -13.77 44.05 -18.32
C LYS H 574 -13.35 43.38 -19.62
N ASN H 575 -13.75 42.13 -19.82
CA ASN H 575 -13.47 41.42 -21.06
C ASN H 575 -14.61 41.52 -22.07
N SER H 576 -15.68 42.25 -21.73
CA SER H 576 -16.80 42.39 -22.64
C SER H 576 -16.40 43.16 -23.89
N GLU H 577 -17.10 42.88 -24.99
CA GLU H 577 -16.81 43.55 -26.25
C GLU H 577 -17.06 45.05 -26.15
N ILE H 578 -18.03 45.47 -25.34
CA ILE H 578 -18.28 46.89 -25.14
C ILE H 578 -17.08 47.55 -24.47
N SER H 579 -16.54 46.90 -23.43
CA SER H 579 -15.39 47.47 -22.73
C SER H 579 -14.19 47.60 -23.65
N LYS H 580 -13.93 46.59 -24.48
CA LYS H 580 -12.80 46.64 -25.39
C LYS H 580 -12.95 47.77 -26.40
N GLN H 581 -14.16 47.96 -26.92
CA GLN H 581 -14.37 49.02 -27.90
C GLN H 581 -14.30 50.41 -27.25
N GLU H 582 -14.85 50.53 -26.04
CA GLU H 582 -14.82 51.83 -25.35
C GLU H 582 -13.40 52.26 -25.04
N ARG H 583 -12.56 51.32 -24.58
CA ARG H 583 -11.15 51.65 -24.32
C ARG H 583 -10.39 51.92 -25.61
N MET H 584 -10.85 51.37 -26.74
CA MET H 584 -10.12 51.55 -27.99
C MET H 584 -10.22 52.98 -28.50
N LYS H 585 -11.43 53.55 -28.47
CA LYS H 585 -11.61 54.92 -28.96
C LYS H 585 -11.08 55.94 -27.96
N ASP H 586 -10.98 55.59 -26.68
CA ASP H 586 -10.33 56.49 -25.73
C ASP H 586 -8.87 56.68 -26.09
N ALA H 587 -8.18 55.60 -26.46
CA ALA H 587 -6.79 55.71 -26.90
C ALA H 587 -6.69 56.46 -28.22
N HIS H 588 -7.61 56.20 -29.16
CA HIS H 588 -7.56 56.90 -30.44
C HIS H 588 -7.78 58.39 -30.27
N ASN H 589 -8.69 58.78 -29.38
CA ASN H 589 -8.91 60.20 -29.11
C ASN H 589 -7.72 60.81 -28.37
N LYS H 590 -7.22 60.12 -27.34
CA LYS H 590 -6.14 60.68 -26.53
C LYS H 590 -4.89 60.92 -27.37
N SER H 591 -4.64 60.09 -28.38
CA SER H 591 -3.55 60.33 -29.32
C SER H 591 -3.78 61.56 -30.18
N ILE H 592 -4.92 62.22 -30.04
CA ILE H 592 -5.23 63.46 -30.73
C ILE H 592 -5.37 64.63 -29.77
N VAL H 593 -6.06 64.42 -28.65
CA VAL H 593 -6.41 65.54 -27.78
C VAL H 593 -5.73 65.41 -26.41
N GLY H 594 -6.05 64.35 -25.66
CA GLY H 594 -5.38 64.11 -24.39
C GLY H 594 -6.13 64.49 -23.14
N LYS H 595 -5.61 65.45 -22.38
CA LYS H 595 -6.11 65.81 -21.06
C LYS H 595 -6.92 67.10 -21.04
N GLY H 596 -7.12 67.74 -22.20
CA GLY H 596 -7.72 69.07 -22.19
C GLY H 596 -9.19 69.05 -21.84
N ASN H 597 -9.62 70.11 -21.17
CA ASN H 597 -11.01 70.24 -20.74
C ASN H 597 -11.86 70.71 -21.92
N VAL H 598 -13.06 70.13 -22.03
CA VAL H 598 -14.00 70.53 -23.08
C VAL H 598 -14.53 71.91 -22.73
N TRP H 599 -14.10 72.92 -23.50
CA TRP H 599 -14.52 74.29 -23.22
C TRP H 599 -15.99 74.50 -23.57
N TYR H 600 -16.31 74.36 -24.86
CA TYR H 600 -17.68 74.49 -25.33
C TYR H 600 -17.79 73.76 -26.66
N ASP H 601 -18.91 73.08 -26.86
CA ASP H 601 -19.15 72.26 -28.04
C ASP H 601 -20.27 72.87 -28.87
N MET H 602 -20.13 72.78 -30.19
CA MET H 602 -21.13 73.29 -31.11
C MET H 602 -21.31 72.32 -32.27
N SER H 603 -22.53 72.24 -32.78
CA SER H 603 -22.78 71.41 -33.95
C SER H 603 -22.09 72.00 -35.18
N TYR H 604 -21.77 71.11 -36.13
CA TYR H 604 -21.13 71.54 -37.36
C TYR H 604 -21.99 72.53 -38.12
N ASP H 605 -23.28 72.23 -38.24
CA ASP H 605 -24.17 73.08 -39.05
C ASP H 605 -24.27 74.48 -38.48
N ASP H 606 -24.39 74.61 -37.16
CA ASP H 606 -24.42 75.91 -36.51
C ASP H 606 -23.03 76.53 -36.36
N ALA H 607 -21.97 75.77 -36.62
CA ALA H 607 -20.62 76.31 -36.65
C ALA H 607 -20.18 76.70 -38.05
N ILE H 608 -21.07 76.60 -39.04
CA ILE H 608 -20.82 77.06 -40.39
C ILE H 608 -21.50 78.39 -40.66
N LYS H 609 -22.76 78.53 -40.23
CA LYS H 609 -23.48 79.79 -40.39
C LYS H 609 -22.73 80.93 -39.72
N GLN H 610 -22.32 80.73 -38.47
CA GLN H 610 -21.60 81.78 -37.74
C GLN H 610 -20.34 82.21 -38.48
N THR H 611 -19.65 81.27 -39.14
CA THR H 611 -18.50 81.63 -39.96
C THR H 611 -18.92 82.47 -41.16
N ILE H 612 -20.04 82.10 -41.79
CA ILE H 612 -20.55 82.88 -42.92
C ILE H 612 -20.94 84.28 -42.46
N GLU H 613 -21.56 84.38 -41.28
CA GLU H 613 -21.94 85.68 -40.75
C GLU H 613 -20.74 86.57 -40.50
N ARG H 614 -19.67 86.00 -39.91
CA ARG H 614 -18.47 86.80 -39.65
C ARG H 614 -17.78 87.21 -40.93
N ARG H 615 -17.76 86.33 -41.93
CA ARG H 615 -17.12 86.63 -43.21
C ARG H 615 -17.98 87.56 -44.06
N TYR I 49 -71.10 39.57 -68.71
CA TYR I 49 -72.27 40.41 -68.58
C TYR I 49 -73.23 39.83 -67.55
N TYR I 50 -73.98 40.71 -66.89
CA TYR I 50 -74.96 40.32 -65.91
C TYR I 50 -76.28 40.99 -66.24
N GLY I 51 -77.36 40.25 -66.09
CA GLY I 51 -78.67 40.83 -66.23
C GLY I 51 -79.12 41.50 -64.95
N LEU I 52 -80.16 42.31 -65.08
CA LEU I 52 -80.82 42.91 -63.91
C LEU I 52 -81.90 41.95 -63.44
N LYS I 53 -81.70 41.36 -62.27
CA LYS I 53 -82.66 40.41 -61.73
C LYS I 53 -83.80 41.15 -61.05
N THR I 54 -85.01 40.76 -61.38
CA THR I 54 -86.19 41.32 -60.73
C THR I 54 -86.25 40.84 -59.28
N PRO I 55 -86.74 41.68 -58.35
CA PRO I 55 -86.95 41.18 -56.99
C PRO I 55 -87.92 40.03 -56.98
N PRO I 56 -87.88 39.18 -55.97
CA PRO I 56 -88.74 37.99 -55.97
C PRO I 56 -90.20 38.29 -55.65
N TYR I 57 -90.57 39.56 -55.68
CA TYR I 57 -91.93 40.00 -55.40
C TYR I 57 -92.25 41.18 -56.29
N PRO I 58 -93.53 41.46 -56.54
CA PRO I 58 -93.88 42.67 -57.29
C PRO I 58 -93.49 43.92 -56.53
N LEU I 59 -93.29 45.01 -57.27
CA LEU I 59 -92.71 46.22 -56.69
C LEU I 59 -93.60 46.88 -55.65
N ASP I 60 -94.90 46.56 -55.63
CA ASP I 60 -95.79 47.12 -54.63
C ASP I 60 -96.07 46.15 -53.48
N ALA I 61 -95.34 45.03 -53.40
CA ALA I 61 -95.64 43.99 -52.43
C ALA I 61 -95.10 44.29 -51.04
N LEU I 62 -94.19 45.25 -50.89
CA LEU I 62 -93.66 45.59 -49.58
C LEU I 62 -94.40 46.75 -48.94
N GLU I 63 -95.48 47.23 -49.55
CA GLU I 63 -96.27 48.30 -48.97
C GLU I 63 -96.95 47.81 -47.70
N PRO I 64 -97.19 48.71 -46.72
CA PRO I 64 -96.82 50.12 -46.69
C PRO I 64 -95.43 50.36 -46.09
N TYR I 65 -94.72 49.29 -45.78
CA TYR I 65 -93.45 49.41 -45.08
C TYR I 65 -92.36 49.96 -46.00
N MET I 66 -92.34 49.51 -47.25
CA MET I 66 -91.45 50.06 -48.27
C MET I 66 -92.31 50.39 -49.47
N SER I 67 -92.39 51.67 -49.82
CA SER I 67 -93.35 52.12 -50.81
C SER I 67 -92.97 51.64 -52.21
N GLN I 68 -93.97 51.61 -53.09
CA GLN I 68 -93.73 51.20 -54.47
C GLN I 68 -92.77 52.17 -55.17
N ARG I 69 -92.91 53.47 -54.88
CA ARG I 69 -92.02 54.46 -55.50
C ARG I 69 -90.58 54.23 -55.06
N THR I 70 -90.36 53.82 -53.82
CA THR I 70 -89.01 53.51 -53.39
C THR I 70 -88.44 52.34 -54.18
N LEU I 71 -89.23 51.29 -54.41
CA LEU I 71 -88.76 50.15 -55.19
C LEU I 71 -88.45 50.55 -56.62
N GLU I 72 -89.28 51.43 -57.20
CA GLU I 72 -89.09 51.83 -58.59
C GLU I 72 -87.77 52.57 -58.78
N VAL I 73 -87.41 53.44 -57.85
CA VAL I 73 -86.15 54.15 -57.97
C VAL I 73 -84.99 53.27 -57.51
N HIS I 74 -85.16 52.58 -56.38
CA HIS I 74 -84.06 51.79 -55.82
C HIS I 74 -83.66 50.66 -56.76
N TRP I 75 -84.63 49.89 -57.24
CA TRP I 75 -84.33 48.81 -58.17
C TRP I 75 -84.24 49.30 -59.61
N GLY I 76 -85.20 50.11 -60.06
CA GLY I 76 -85.28 50.48 -61.45
C GLY I 76 -84.25 51.50 -61.90
N LYS I 77 -83.68 52.27 -60.98
CA LYS I 77 -82.68 53.27 -61.32
C LYS I 77 -81.31 53.01 -60.71
N HIS I 78 -81.24 52.80 -59.39
CA HIS I 78 -79.95 52.58 -58.75
C HIS I 78 -79.39 51.22 -59.13
N HIS I 79 -80.14 50.15 -58.86
CA HIS I 79 -79.67 48.80 -59.18
C HIS I 79 -79.44 48.65 -60.68
N ARG I 80 -80.34 49.18 -61.51
CA ARG I 80 -80.16 49.10 -62.94
C ARG I 80 -78.90 49.84 -63.38
N GLY I 81 -78.65 51.01 -62.81
CA GLY I 81 -77.46 51.77 -63.17
C GLY I 81 -76.17 51.03 -62.83
N TYR I 82 -76.17 50.30 -61.71
CA TYR I 82 -75.00 49.51 -61.34
C TYR I 82 -74.76 48.39 -62.34
N VAL I 83 -75.81 47.71 -62.77
CA VAL I 83 -75.68 46.63 -63.73
C VAL I 83 -75.18 47.16 -65.07
N ASP I 84 -75.75 48.28 -65.53
CA ASP I 84 -75.34 48.83 -66.83
C ASP I 84 -73.90 49.30 -66.80
N ASN I 85 -73.47 49.93 -65.70
CA ASN I 85 -72.09 50.40 -65.61
C ASN I 85 -71.12 49.23 -65.54
N LEU I 86 -71.47 48.17 -64.80
CA LEU I 86 -70.59 47.01 -64.72
C LEU I 86 -70.45 46.33 -66.07
N ASN I 87 -71.54 46.23 -66.84
CA ASN I 87 -71.49 45.53 -68.12
C ASN I 87 -70.59 46.26 -69.11
N LYS I 88 -70.56 47.59 -69.07
CA LYS I 88 -69.65 48.34 -69.92
C LYS I 88 -68.19 48.03 -69.56
N GLN I 89 -67.89 47.92 -68.26
CA GLN I 89 -66.53 47.65 -67.84
C GLN I 89 -66.11 46.23 -68.21
N LEU I 90 -67.03 45.26 -68.09
CA LEU I 90 -66.69 43.88 -68.39
C LEU I 90 -66.49 43.65 -69.88
N GLY I 91 -67.07 44.49 -70.73
CA GLY I 91 -66.91 44.36 -72.17
C GLY I 91 -65.59 44.84 -72.69
N LYS I 92 -64.73 45.40 -71.84
CA LYS I 92 -63.42 45.87 -72.23
C LYS I 92 -62.28 45.06 -71.65
N ASP I 93 -62.53 44.21 -70.66
CA ASP I 93 -61.49 43.40 -70.02
C ASP I 93 -61.91 41.94 -70.08
N ASP I 94 -61.20 41.15 -70.87
CA ASP I 94 -61.54 39.74 -71.00
C ASP I 94 -61.19 38.95 -69.74
N ARG I 95 -60.23 39.42 -68.95
CA ARG I 95 -59.85 38.69 -67.74
C ARG I 95 -60.88 38.87 -66.63
N LEU I 96 -61.38 40.09 -66.44
CA LEU I 96 -62.43 40.31 -65.45
C LEU I 96 -63.72 39.62 -65.87
N TYR I 97 -64.04 39.66 -67.16
CA TYR I 97 -64.98 38.70 -67.72
C TYR I 97 -64.43 37.30 -67.50
N GLY I 98 -65.31 36.35 -67.21
CA GLY I 98 -64.87 35.00 -66.95
C GLY I 98 -64.64 34.67 -65.50
N TYR I 99 -64.47 35.68 -64.65
CA TYR I 99 -64.61 35.47 -63.22
C TYR I 99 -66.06 35.20 -62.88
N THR I 100 -66.28 34.36 -61.87
CA THR I 100 -67.61 34.29 -61.30
C THR I 100 -67.89 35.57 -60.52
N MET I 101 -69.16 35.77 -60.17
CA MET I 101 -69.53 37.00 -59.48
C MET I 101 -68.79 37.15 -58.16
N GLU I 102 -68.72 36.08 -57.37
CA GLU I 102 -67.98 36.12 -56.12
C GLU I 102 -66.49 36.32 -56.38
N GLU I 103 -65.94 35.63 -57.39
CA GLU I 103 -64.52 35.78 -57.72
C GLU I 103 -64.22 37.20 -58.18
N LEU I 104 -65.12 37.78 -58.98
CA LEU I 104 -64.91 39.14 -59.47
C LEU I 104 -64.86 40.14 -58.32
N ILE I 105 -65.75 40.00 -57.35
CA ILE I 105 -65.78 40.92 -56.22
C ILE I 105 -64.49 40.82 -55.42
N LYS I 106 -64.03 39.60 -55.15
CA LYS I 106 -62.78 39.42 -54.42
C LYS I 106 -61.59 39.92 -55.21
N ALA I 107 -61.57 39.66 -56.52
CA ALA I 107 -60.43 40.07 -57.34
C ALA I 107 -60.36 41.59 -57.47
N THR I 108 -61.50 42.24 -57.73
CA THR I 108 -61.49 43.69 -57.88
C THR I 108 -61.31 44.41 -56.55
N TYR I 109 -61.60 43.75 -55.43
CA TYR I 109 -61.29 44.36 -54.14
C TYR I 109 -59.79 44.54 -53.96
N ASN I 110 -59.00 43.62 -54.52
CA ASN I 110 -57.55 43.79 -54.64
C ASN I 110 -56.89 43.98 -53.28
N ASN I 111 -57.37 43.24 -52.28
CA ASN I 111 -56.76 43.21 -50.95
C ASN I 111 -56.67 44.60 -50.33
N GLY I 112 -57.69 45.42 -50.55
CA GLY I 112 -57.77 46.72 -49.92
C GLY I 112 -57.38 47.90 -50.79
N ASN I 113 -57.06 47.69 -52.06
CA ASN I 113 -56.80 48.77 -53.01
C ASN I 113 -57.70 48.55 -54.22
N PRO I 114 -58.99 48.81 -54.09
CA PRO I 114 -59.96 48.32 -55.09
C PRO I 114 -59.75 48.89 -56.49
N LEU I 115 -59.95 48.03 -57.48
CA LEU I 115 -59.92 48.40 -58.89
C LEU I 115 -61.18 49.16 -59.26
N PRO I 116 -61.17 49.87 -60.41
CA PRO I 116 -62.34 50.68 -60.77
C PRO I 116 -63.64 49.89 -60.90
N GLU I 117 -63.56 48.59 -61.20
CA GLU I 117 -64.78 47.80 -61.37
C GLU I 117 -65.39 47.35 -60.05
N PHE I 118 -64.69 47.52 -58.93
CA PHE I 118 -65.16 46.93 -57.68
C PHE I 118 -66.48 47.52 -57.23
N ASN I 119 -66.64 48.85 -57.32
CA ASN I 119 -67.84 49.48 -56.79
C ASN I 119 -69.10 49.00 -57.50
N ASN I 120 -69.05 48.86 -58.82
CA ASN I 120 -70.20 48.37 -59.56
C ASN I 120 -70.44 46.90 -59.29
N ALA I 121 -69.38 46.08 -59.33
CA ALA I 121 -69.53 44.65 -59.12
C ALA I 121 -70.03 44.35 -57.72
N ALA I 122 -69.51 45.05 -56.71
CA ALA I 122 -69.97 44.82 -55.35
C ALA I 122 -71.42 45.26 -55.18
N GLN I 123 -71.81 46.39 -55.78
CA GLN I 123 -73.15 46.92 -55.55
C GLN I 123 -74.22 46.07 -56.22
N VAL I 124 -73.92 45.49 -57.39
CA VAL I 124 -74.91 44.63 -58.04
C VAL I 124 -75.18 43.39 -57.20
N TYR I 125 -74.13 42.79 -56.64
CA TYR I 125 -74.33 41.66 -55.73
C TYR I 125 -75.07 42.10 -54.46
N ASN I 126 -74.71 43.25 -53.90
CA ASN I 126 -75.33 43.70 -52.66
C ASN I 126 -76.83 43.90 -52.82
N HIS I 127 -77.25 44.49 -53.94
CA HIS I 127 -78.67 44.78 -54.12
C HIS I 127 -79.45 43.51 -54.44
N ASP I 128 -78.86 42.61 -55.24
CA ASP I 128 -79.50 41.32 -55.47
C ASP I 128 -79.69 40.57 -54.17
N PHE I 129 -78.68 40.57 -53.30
CA PHE I 129 -78.81 39.95 -51.99
C PHE I 129 -79.85 40.66 -51.13
N PHE I 130 -79.98 41.98 -51.29
CA PHE I 130 -80.90 42.75 -50.43
C PHE I 130 -82.35 42.47 -50.76
N TRP I 131 -82.71 42.40 -52.05
CA TRP I 131 -84.09 42.13 -52.42
C TRP I 131 -84.54 40.76 -51.92
N GLU I 132 -83.64 39.77 -51.97
CA GLU I 132 -83.96 38.44 -51.46
C GLU I 132 -83.96 38.38 -49.94
N SER I 133 -83.36 39.36 -49.27
CA SER I 133 -83.42 39.41 -47.81
C SER I 133 -84.78 39.84 -47.28
N MET I 134 -85.66 40.32 -48.14
CA MET I 134 -86.97 40.80 -47.73
C MET I 134 -88.06 39.99 -48.40
N GLN I 135 -89.23 39.96 -47.76
CA GLN I 135 -90.38 39.29 -48.34
C GLN I 135 -91.64 39.94 -47.80
N PRO I 136 -92.74 39.92 -48.56
CA PRO I 136 -94.04 40.29 -47.97
C PRO I 136 -94.39 39.33 -46.84
N GLY I 137 -94.95 39.89 -45.78
CA GLY I 137 -95.23 39.09 -44.60
C GLY I 137 -93.99 38.55 -43.92
N GLY I 138 -92.91 39.32 -43.92
CA GLY I 138 -91.68 38.96 -43.25
C GLY I 138 -91.68 39.40 -41.81
N GLY I 139 -90.47 39.45 -41.24
CA GLY I 139 -90.32 39.92 -39.87
C GLY I 139 -90.44 38.82 -38.83
N ASP I 140 -91.09 39.15 -37.71
CA ASP I 140 -91.14 38.34 -36.49
C ASP I 140 -89.84 37.61 -36.22
N MET I 141 -89.90 36.32 -35.90
CA MET I 141 -88.73 35.60 -35.45
C MET I 141 -88.41 34.45 -36.40
N PRO I 142 -87.14 34.04 -36.49
CA PRO I 142 -86.78 32.85 -37.25
C PRO I 142 -87.14 31.59 -36.48
N ILE I 143 -87.03 30.46 -37.16
CA ILE I 143 -87.37 29.16 -36.60
C ILE I 143 -86.24 28.18 -36.92
N LYS I 144 -86.36 26.98 -36.34
CA LYS I 144 -85.58 25.80 -36.72
C LYS I 144 -84.10 26.13 -36.62
N GLY I 145 -83.28 25.79 -37.62
CA GLY I 145 -81.84 25.89 -37.48
C GLY I 145 -81.31 27.32 -37.44
N VAL I 146 -82.02 28.25 -38.05
CA VAL I 146 -81.58 29.64 -37.98
C VAL I 146 -81.75 30.19 -36.58
N LEU I 147 -82.86 29.86 -35.92
CA LEU I 147 -83.08 30.31 -34.55
C LEU I 147 -82.05 29.71 -33.60
N GLU I 148 -81.76 28.41 -33.75
CA GLU I 148 -80.82 27.76 -32.84
C GLU I 148 -79.41 28.32 -33.01
N GLN I 149 -78.99 28.57 -34.25
CA GLN I 149 -77.66 29.15 -34.46
C GLN I 149 -77.58 30.57 -33.90
N ILE I 150 -78.65 31.35 -34.05
CA ILE I 150 -78.67 32.70 -33.48
C ILE I 150 -78.60 32.65 -31.96
N GLU I 151 -79.39 31.76 -31.35
CA GLU I 151 -79.39 31.65 -29.89
C GLU I 151 -78.04 31.14 -29.39
N LYS I 152 -77.35 30.31 -30.17
CA LYS I 152 -76.05 29.82 -29.76
C LYS I 152 -74.98 30.88 -29.90
N ASP I 153 -75.02 31.68 -30.97
CA ASP I 153 -73.96 32.63 -31.25
C ASP I 153 -74.21 34.02 -30.66
N PHE I 154 -75.42 34.29 -30.19
CA PHE I 154 -75.72 35.59 -29.58
C PHE I 154 -76.31 35.48 -28.18
N GLY I 155 -76.71 34.29 -27.75
CA GLY I 155 -77.34 34.13 -26.45
C GLY I 155 -78.85 34.05 -26.57
N SER I 156 -79.42 34.90 -27.42
CA SER I 156 -80.86 34.93 -27.64
C SER I 156 -81.14 35.77 -28.88
N PHE I 157 -82.37 35.68 -29.37
CA PHE I 157 -82.75 36.52 -30.50
C PHE I 157 -82.81 37.99 -30.11
N THR I 158 -83.17 38.27 -28.85
CA THR I 158 -83.17 39.65 -28.38
C THR I 158 -81.77 40.25 -28.43
N ASN I 159 -80.75 39.49 -28.03
CA ASN I 159 -79.39 39.98 -28.10
C ASN I 159 -78.97 40.24 -29.54
N PHE I 160 -79.34 39.36 -30.47
CA PHE I 160 -79.01 39.59 -31.88
C PHE I 160 -79.68 40.86 -32.39
N ARG I 161 -80.95 41.08 -32.00
CA ARG I 161 -81.69 42.23 -32.53
C ARG I 161 -81.05 43.55 -32.13
N GLU I 162 -80.61 43.66 -30.88
CA GLU I 162 -79.92 44.88 -30.46
C GLU I 162 -78.59 45.04 -31.19
N LYS I 163 -77.85 43.95 -31.38
CA LYS I 163 -76.57 44.04 -32.09
C LYS I 163 -76.79 44.48 -33.54
N PHE I 164 -77.82 43.93 -34.20
CA PHE I 164 -78.13 44.34 -35.56
C PHE I 164 -78.58 45.79 -35.61
N THR I 165 -79.43 46.20 -34.65
CA THR I 165 -79.91 47.58 -34.63
C THR I 165 -78.78 48.57 -34.38
N ASN I 166 -77.91 48.27 -33.41
CA ASN I 166 -76.84 49.21 -33.08
C ASN I 166 -75.83 49.33 -34.22
N ALA I 167 -75.56 48.23 -34.91
CA ALA I 167 -74.69 48.30 -36.08
C ALA I 167 -75.30 49.17 -37.18
N ALA I 168 -76.61 49.06 -37.36
CA ALA I 168 -77.29 49.84 -38.40
C ALA I 168 -77.43 51.31 -38.01
N LEU I 169 -77.60 51.59 -36.72
CA LEU I 169 -77.73 52.98 -36.27
C LEU I 169 -76.40 53.71 -36.27
N THR I 170 -75.29 52.99 -36.10
CA THR I 170 -73.99 53.62 -35.94
C THR I 170 -73.14 53.59 -37.20
N GLN I 171 -73.61 52.97 -38.27
CA GLN I 171 -72.90 53.03 -39.55
C GLN I 171 -73.03 54.44 -40.10
N PHE I 172 -71.92 55.16 -40.14
CA PHE I 172 -71.91 56.55 -40.57
C PHE I 172 -71.80 56.62 -42.09
N GLY I 173 -72.69 57.39 -42.71
CA GLY I 173 -72.71 57.50 -44.16
C GLY I 173 -73.35 56.30 -44.82
N SER I 174 -73.04 56.14 -46.09
CA SER I 174 -73.58 55.02 -46.86
C SER I 174 -72.92 53.72 -46.45
N GLY I 175 -73.69 52.63 -46.44
CA GLY I 175 -73.11 51.36 -46.11
C GLY I 175 -74.15 50.27 -46.03
N TRP I 176 -73.71 49.14 -45.48
CA TRP I 176 -74.52 47.94 -45.36
C TRP I 176 -74.34 47.34 -43.98
N VAL I 177 -75.35 46.60 -43.54
CA VAL I 177 -75.31 45.85 -42.29
C VAL I 177 -75.58 44.39 -42.62
N TRP I 178 -74.74 43.50 -42.10
CA TRP I 178 -74.76 42.10 -42.49
C TRP I 178 -74.88 41.20 -41.27
N LEU I 179 -75.67 40.15 -41.42
CA LEU I 179 -75.55 38.95 -40.60
C LEU I 179 -74.74 37.95 -41.42
N VAL I 180 -73.55 37.58 -40.90
CA VAL I 180 -72.61 36.79 -41.68
C VAL I 180 -72.30 35.50 -40.94
N LEU I 181 -71.83 34.53 -41.69
CA LEU I 181 -71.31 33.28 -41.14
C LEU I 181 -69.80 33.30 -41.29
N LYS I 182 -69.09 33.26 -40.16
CA LYS I 182 -67.64 33.26 -40.19
C LYS I 182 -67.12 31.89 -40.62
N ARG I 183 -66.27 31.88 -41.64
CA ARG I 183 -65.76 30.62 -42.16
C ARG I 183 -64.80 29.96 -41.18
N GLU I 184 -63.84 30.73 -40.66
CA GLU I 184 -62.85 30.16 -39.77
C GLU I 184 -63.41 29.88 -38.38
N GLU I 185 -64.26 30.77 -37.87
CA GLU I 185 -64.79 30.64 -36.52
C GLU I 185 -66.04 29.78 -36.45
N ARG I 186 -66.70 29.54 -37.58
CA ARG I 186 -67.90 28.70 -37.65
C ARG I 186 -68.99 29.23 -36.72
N ARG I 187 -69.32 30.51 -36.87
CA ARG I 187 -70.37 31.12 -36.07
C ARG I 187 -70.89 32.35 -36.78
N LEU I 188 -72.06 32.81 -36.35
CA LEU I 188 -72.69 34.00 -36.91
C LEU I 188 -72.16 35.25 -36.25
N GLU I 189 -72.11 36.34 -37.02
CA GLU I 189 -71.68 37.64 -36.52
C GLU I 189 -72.47 38.74 -37.20
N VAL I 190 -72.52 39.91 -36.56
CA VAL I 190 -73.10 41.11 -37.14
C VAL I 190 -71.96 42.02 -37.56
N VAL I 191 -71.95 42.40 -38.83
CA VAL I 191 -70.88 43.20 -39.42
C VAL I 191 -71.51 44.36 -40.18
N LYS I 192 -70.91 45.54 -40.05
CA LYS I 192 -71.30 46.70 -40.84
C LYS I 192 -70.13 47.14 -41.72
N THR I 193 -70.44 47.50 -42.96
CA THR I 193 -69.45 47.92 -43.93
C THR I 193 -69.86 49.24 -44.56
N SER I 194 -68.90 49.95 -45.12
CA SER I 194 -69.13 51.27 -45.70
C SER I 194 -69.12 51.18 -47.22
N ASN I 195 -70.00 51.96 -47.84
CA ASN I 195 -70.12 52.10 -49.30
C ASN I 195 -70.49 50.73 -49.88
N ALA I 196 -69.70 50.13 -50.76
CA ALA I 196 -70.07 48.90 -51.45
C ALA I 196 -69.45 47.65 -50.85
N ILE I 197 -68.68 47.77 -49.77
CA ILE I 197 -67.94 46.64 -49.24
C ILE I 197 -68.91 45.59 -48.69
N ASN I 198 -68.64 44.33 -48.99
CA ASN I 198 -69.42 43.20 -48.53
C ASN I 198 -68.50 42.17 -47.91
N PRO I 199 -69.02 41.27 -47.07
CA PRO I 199 -68.15 40.31 -46.37
C PRO I 199 -67.47 39.29 -47.27
N LEU I 200 -67.81 39.23 -48.56
CA LEU I 200 -67.16 38.28 -49.46
C LEU I 200 -65.66 38.58 -49.60
N VAL I 201 -65.27 39.84 -49.45
CA VAL I 201 -63.86 40.19 -49.63
C VAL I 201 -62.99 39.61 -48.51
N TRP I 202 -63.59 39.14 -47.42
CA TRP I 202 -62.88 38.46 -46.35
C TRP I 202 -63.31 37.00 -46.20
N ASP I 203 -63.82 36.42 -47.29
CA ASP I 203 -64.19 35.00 -47.35
C ASP I 203 -65.26 34.64 -46.32
N ASP I 204 -66.14 35.57 -46.01
CA ASP I 204 -67.29 35.31 -45.15
C ASP I 204 -68.53 35.10 -46.00
N ILE I 205 -69.52 34.43 -45.42
CA ILE I 205 -70.73 34.08 -46.15
C ILE I 205 -71.88 34.93 -45.62
N PRO I 206 -72.39 35.88 -46.40
CA PRO I 206 -73.53 36.68 -45.94
C PRO I 206 -74.78 35.84 -45.78
N ILE I 207 -75.62 36.22 -44.82
CA ILE I 207 -76.87 35.53 -44.53
C ILE I 207 -78.07 36.47 -44.69
N ILE I 208 -77.98 37.66 -44.10
CA ILE I 208 -79.04 38.67 -44.22
C ILE I 208 -78.39 40.02 -44.47
N ASN I 209 -79.02 40.83 -45.32
CA ASN I 209 -78.55 42.14 -45.73
C ASN I 209 -79.53 43.23 -45.31
N LEU I 210 -78.99 44.40 -45.00
CA LEU I 210 -79.80 45.61 -44.84
C LEU I 210 -79.05 46.79 -45.47
N ASP I 211 -79.71 47.47 -46.40
CA ASP I 211 -79.14 48.64 -47.07
C ASP I 211 -79.39 49.87 -46.21
N VAL I 212 -78.32 50.52 -45.77
CA VAL I 212 -78.46 51.78 -45.03
C VAL I 212 -77.89 52.95 -45.81
N TRP I 213 -77.73 52.79 -47.13
CA TRP I 213 -77.60 53.96 -47.99
C TRP I 213 -78.87 54.80 -47.87
N GLU I 214 -78.71 56.12 -47.90
CA GLU I 214 -79.85 57.00 -47.67
C GLU I 214 -80.94 56.82 -48.74
N HIS I 215 -80.56 56.43 -49.95
CA HIS I 215 -81.55 56.28 -51.02
C HIS I 215 -82.52 55.13 -50.76
N SER I 216 -82.23 54.24 -49.80
CA SER I 216 -83.10 53.12 -49.53
C SER I 216 -84.22 53.44 -48.56
N TYR I 217 -84.16 54.56 -47.85
CA TYR I 217 -85.20 54.89 -46.88
C TYR I 217 -85.61 56.35 -46.85
N TYR I 218 -85.00 57.23 -47.64
CA TYR I 218 -85.22 58.66 -47.42
C TYR I 218 -86.61 59.11 -47.87
N LEU I 219 -87.17 58.47 -48.91
CA LEU I 219 -88.51 58.86 -49.34
C LEU I 219 -89.56 58.49 -48.32
N ASP I 220 -89.39 57.37 -47.62
CA ASP I 220 -90.39 56.87 -46.69
C ASP I 220 -90.16 57.32 -45.25
N TYR I 221 -88.92 57.59 -44.88
CA TYR I 221 -88.60 57.89 -43.48
C TYR I 221 -87.76 59.14 -43.29
N LYS I 222 -87.21 59.72 -44.36
CA LYS I 222 -86.36 60.92 -44.29
C LYS I 222 -85.17 60.61 -43.38
N ASN I 223 -84.93 61.37 -42.32
CA ASN I 223 -83.77 61.18 -41.46
C ASN I 223 -83.96 60.10 -40.41
N GLU I 224 -85.16 59.51 -40.32
CA GLU I 224 -85.48 58.55 -39.28
C GLU I 224 -85.01 57.16 -39.70
N ARG I 225 -83.69 56.96 -39.68
CA ARG I 225 -83.14 55.65 -40.00
C ARG I 225 -83.57 54.61 -38.97
N GLY I 226 -83.73 55.01 -37.71
CA GLY I 226 -84.13 54.06 -36.68
C GLY I 226 -85.49 53.45 -36.93
N LYS I 227 -86.44 54.25 -37.42
CA LYS I 227 -87.74 53.71 -37.79
C LYS I 227 -87.62 52.74 -38.96
N TYR I 228 -86.77 53.06 -39.93
CA TYR I 228 -86.55 52.19 -41.07
C TYR I 228 -85.96 50.85 -40.65
N ILE I 229 -85.00 50.88 -39.71
CA ILE I 229 -84.41 49.64 -39.21
C ILE I 229 -85.44 48.82 -38.45
N ASN I 230 -86.24 49.49 -37.61
CA ASN I 230 -87.25 48.78 -36.83
C ASN I 230 -88.29 48.14 -37.72
N THR I 231 -88.71 48.85 -38.78
CA THR I 231 -89.67 48.28 -39.71
C THR I 231 -89.09 47.08 -40.45
N PHE I 232 -87.81 47.15 -40.82
CA PHE I 232 -87.18 46.03 -41.52
C PHE I 232 -87.18 44.77 -40.67
N LEU I 233 -86.86 44.91 -39.38
CA LEU I 233 -86.82 43.75 -38.49
C LEU I 233 -88.20 43.25 -38.11
N ASN I 234 -89.22 44.10 -38.21
CA ASN I 234 -90.56 43.73 -37.76
C ASN I 234 -91.45 43.21 -38.88
N HIS I 235 -91.27 43.67 -40.11
CA HIS I 235 -92.22 43.35 -41.16
C HIS I 235 -91.61 42.92 -42.48
N LEU I 236 -90.29 43.03 -42.67
CA LEU I 236 -89.72 42.80 -43.99
C LEU I 236 -88.70 41.68 -44.04
N VAL I 237 -87.84 41.55 -43.02
CA VAL I 237 -86.72 40.62 -43.10
C VAL I 237 -87.23 39.21 -43.36
N SER I 238 -86.59 38.53 -44.30
CA SER I 238 -87.01 37.19 -44.73
C SER I 238 -86.14 36.16 -44.01
N TRP I 239 -86.69 35.55 -42.97
CA TRP I 239 -85.98 34.45 -42.32
C TRP I 239 -86.03 33.18 -43.15
N ASN I 240 -87.00 33.06 -44.06
CA ASN I 240 -87.02 31.94 -45.00
C ASN I 240 -85.79 31.95 -45.90
N ALA I 241 -85.41 33.14 -46.37
CA ALA I 241 -84.20 33.25 -47.18
C ALA I 241 -82.97 32.87 -46.38
N ALA I 242 -82.92 33.27 -45.10
CA ALA I 242 -81.78 32.93 -44.26
C ALA I 242 -81.65 31.43 -44.08
N MET I 243 -82.76 30.70 -44.04
CA MET I 243 -82.70 29.25 -43.92
C MET I 243 -81.97 28.63 -45.09
N SER I 244 -82.29 29.07 -46.31
CA SER I 244 -81.67 28.50 -47.50
C SER I 244 -80.22 28.94 -47.64
N ARG I 245 -79.92 30.18 -47.28
CA ARG I 245 -78.54 30.65 -47.33
C ARG I 245 -77.67 29.92 -46.30
N MET I 246 -78.23 29.63 -45.13
CA MET I 246 -77.51 28.82 -44.16
C MET I 246 -77.29 27.40 -44.68
N ALA I 247 -78.30 26.84 -45.37
CA ALA I 247 -78.15 25.52 -45.95
C ALA I 247 -77.07 25.49 -47.02
N ARG I 248 -77.04 26.52 -47.87
CA ARG I 248 -75.98 26.61 -48.88
C ARG I 248 -74.62 26.81 -48.22
N ALA I 249 -74.57 27.60 -47.15
CA ALA I 249 -73.29 27.85 -46.47
C ALA I 249 -72.77 26.61 -45.76
N GLU I 250 -73.67 25.71 -45.34
CA GLU I 250 -73.26 24.49 -44.66
C GLU I 250 -72.50 23.54 -45.56
N ALA I 251 -72.50 23.77 -46.87
CA ALA I 251 -71.64 23.02 -47.77
C ALA I 251 -70.18 23.44 -47.67
N PHE I 252 -69.87 24.46 -46.87
CA PHE I 252 -68.50 24.94 -46.75
C PHE I 252 -68.03 25.16 -45.31
N VAL I 253 -68.91 25.12 -44.31
CA VAL I 253 -68.57 25.54 -42.96
C VAL I 253 -68.77 24.43 -41.93
N ASN I 254 -69.87 23.68 -42.03
CA ASN I 254 -70.16 22.55 -41.13
C ASN I 254 -70.28 23.01 -39.67
N LEU I 255 -71.39 23.69 -39.40
CA LEU I 255 -71.72 24.13 -38.05
C LEU I 255 -72.07 23.00 -37.08
N GLY I 256 -71.98 21.74 -37.48
CA GLY I 256 -72.28 20.62 -36.61
C GLY I 256 -71.07 20.18 -35.80
N GLU I 257 -71.24 19.05 -35.11
CA GLU I 257 -70.18 18.44 -34.31
C GLU I 257 -69.88 17.04 -34.81
N PRO I 258 -68.62 16.64 -34.85
CA PRO I 258 -68.28 15.31 -35.36
C PRO I 258 -68.72 14.18 -34.44
N THR I 259 -69.00 13.03 -35.04
CA THR I 259 -69.32 11.82 -34.30
C THR I 259 -68.01 11.09 -34.01
N ILE I 260 -67.64 10.99 -32.75
CA ILE I 260 -66.32 10.51 -32.34
C ILE I 260 -66.50 9.13 -31.71
N PRO I 261 -65.86 8.09 -32.24
CA PRO I 261 -66.02 6.75 -31.66
C PRO I 261 -65.41 6.66 -30.27
N ILE I 262 -66.03 5.81 -29.44
CA ILE I 262 -65.50 5.57 -28.10
C ILE I 262 -64.36 4.56 -28.13
N ALA I 263 -64.13 3.89 -29.26
CA ALA I 263 -63.01 2.97 -29.41
C ALA I 263 -61.68 3.70 -29.24
N ASN J 184 -28.88 -84.39 -10.10
CA ASN J 184 -30.20 -83.99 -10.57
C ASN J 184 -30.09 -83.20 -11.86
N GLY J 185 -30.66 -81.99 -11.87
CA GLY J 185 -30.57 -81.13 -13.03
C GLY J 185 -29.53 -80.05 -12.85
N PHE J 186 -28.38 -80.40 -12.27
CA PHE J 186 -27.35 -79.43 -11.95
C PHE J 186 -26.10 -79.55 -12.81
N VAL J 187 -25.93 -80.64 -13.54
CA VAL J 187 -24.80 -80.83 -14.44
C VAL J 187 -25.34 -80.90 -15.86
N VAL J 188 -24.81 -80.04 -16.73
CA VAL J 188 -25.20 -79.99 -18.14
C VAL J 188 -23.96 -80.19 -18.98
N TYR J 189 -24.05 -81.08 -19.97
CA TYR J 189 -22.96 -81.37 -20.89
C TYR J 189 -23.28 -80.79 -22.26
N ASN J 190 -22.31 -80.07 -22.83
CA ASN J 190 -22.44 -79.61 -24.20
C ASN J 190 -21.16 -79.88 -25.00
N GLY J 202 -21.57 -61.42 -40.36
CA GLY J 202 -21.45 -60.02 -40.73
C GLY J 202 -21.49 -59.11 -39.51
N PHE J 203 -22.55 -58.32 -39.40
CA PHE J 203 -22.76 -57.54 -38.20
C PHE J 203 -22.95 -58.48 -37.02
N GLU J 204 -22.68 -57.93 -35.83
CA GLU J 204 -22.73 -58.65 -34.55
C GLU J 204 -21.54 -59.60 -34.39
N LEU J 205 -20.78 -59.81 -35.46
CA LEU J 205 -19.46 -60.39 -35.36
C LEU J 205 -18.36 -59.34 -35.50
N ASP J 206 -18.54 -58.39 -36.43
CA ASP J 206 -17.69 -57.22 -36.46
C ASP J 206 -17.82 -56.41 -35.18
N LYS J 207 -19.06 -56.27 -34.67
CA LYS J 207 -19.27 -55.51 -33.45
C LYS J 207 -18.62 -56.19 -32.25
N LYS J 208 -18.68 -57.53 -32.20
CA LYS J 208 -18.08 -58.25 -31.09
C LYS J 208 -16.57 -58.13 -31.09
N LEU J 209 -15.94 -58.18 -32.27
CA LEU J 209 -14.50 -58.19 -32.38
C LEU J 209 -13.87 -56.80 -32.39
N GLY J 210 -14.66 -55.75 -32.59
CA GLY J 210 -14.10 -54.42 -32.72
C GLY J 210 -13.64 -54.06 -34.12
N ARG J 211 -13.99 -54.86 -35.13
CA ARG J 211 -13.71 -54.53 -36.50
C ARG J 211 -14.60 -53.37 -36.96
N PRO J 212 -14.20 -52.65 -38.01
CA PRO J 212 -15.01 -51.53 -38.48
C PRO J 212 -16.42 -51.98 -38.87
N HIS J 213 -17.40 -51.20 -38.42
CA HIS J 213 -18.80 -51.54 -38.63
C HIS J 213 -19.64 -50.31 -38.34
N PRO J 214 -20.83 -50.20 -38.92
CA PRO J 214 -21.71 -49.08 -38.57
C PRO J 214 -22.07 -49.13 -37.10
N PHE J 215 -22.17 -47.96 -36.48
CA PHE J 215 -22.59 -47.90 -35.09
C PHE J 215 -24.00 -48.45 -34.91
N ILE J 216 -24.85 -48.26 -35.90
CA ILE J 216 -26.22 -48.76 -35.88
C ILE J 216 -26.36 -49.78 -37.00
N ASP J 217 -26.91 -50.94 -36.66
CA ASP J 217 -27.13 -52.00 -37.63
C ASP J 217 -28.06 -51.52 -38.74
N PRO J 218 -27.66 -51.59 -40.01
CA PRO J 218 -28.54 -51.12 -41.08
C PRO J 218 -29.87 -51.87 -41.15
N THR J 219 -29.86 -53.17 -40.86
CA THR J 219 -31.12 -53.92 -40.85
C THR J 219 -32.05 -53.42 -39.76
N LYS J 220 -31.53 -53.16 -38.56
CA LYS J 220 -32.33 -52.63 -37.47
C LYS J 220 -32.28 -51.11 -37.43
N LYS J 221 -32.52 -50.49 -38.58
CA LYS J 221 -32.52 -49.04 -38.72
C LYS J 221 -33.81 -48.64 -39.41
N LYS J 222 -34.44 -47.58 -38.91
CA LYS J 222 -35.72 -47.15 -39.44
C LYS J 222 -35.70 -45.64 -39.65
N GLN J 223 -36.56 -45.18 -40.56
CA GLN J 223 -36.73 -43.76 -40.80
C GLN J 223 -37.42 -43.11 -39.61
N ILE J 224 -37.65 -41.79 -39.72
CA ILE J 224 -38.24 -41.03 -38.63
C ILE J 224 -39.60 -40.50 -39.06
N GLU J 225 -40.28 -41.27 -39.92
CA GLU J 225 -41.66 -41.00 -40.33
C GLU J 225 -41.73 -39.61 -40.96
N THR J 226 -42.84 -38.91 -40.76
CA THR J 226 -43.02 -37.55 -41.25
C THR J 226 -43.20 -36.62 -40.06
N THR J 227 -42.57 -35.46 -40.13
CA THR J 227 -42.62 -34.45 -39.07
C THR J 227 -43.32 -33.20 -39.60
N LEU J 228 -43.50 -32.23 -38.71
CA LEU J 228 -44.28 -31.03 -39.04
C LEU J 228 -43.70 -30.32 -40.25
N THR J 229 -44.59 -29.90 -41.16
CA THR J 229 -44.20 -29.35 -42.46
C THR J 229 -44.43 -27.85 -42.56
N SER J 230 -44.14 -27.13 -41.46
CA SER J 230 -44.07 -25.67 -41.45
C SER J 230 -45.45 -25.01 -41.57
N ASP J 231 -46.48 -25.80 -41.87
CA ASP J 231 -47.85 -25.33 -41.80
C ASP J 231 -48.54 -25.77 -40.53
N GLU J 232 -48.07 -26.85 -39.90
CA GLU J 232 -48.54 -27.27 -38.59
C GLU J 232 -47.60 -26.83 -37.48
N SER J 233 -46.70 -25.89 -37.77
CA SER J 233 -45.68 -25.47 -36.83
C SER J 233 -45.87 -24.01 -36.44
N TRP J 234 -45.50 -23.69 -35.20
CA TRP J 234 -45.41 -22.30 -34.78
C TRP J 234 -44.30 -21.59 -35.56
N TRP J 235 -44.33 -20.26 -35.49
CA TRP J 235 -43.39 -19.47 -36.28
C TRP J 235 -41.95 -19.71 -35.87
N ASN J 236 -41.70 -19.88 -34.56
CA ASN J 236 -40.33 -20.01 -34.09
C ASN J 236 -39.68 -21.34 -34.45
N TRP J 237 -40.45 -22.34 -34.88
CA TRP J 237 -39.92 -23.65 -35.24
C TRP J 237 -39.95 -23.91 -36.74
N ARG J 238 -40.27 -22.90 -37.54
CA ARG J 238 -40.30 -23.07 -38.99
C ARG J 238 -38.91 -22.89 -39.58
N LYS J 239 -38.62 -23.68 -40.60
CA LYS J 239 -37.36 -23.53 -41.31
C LYS J 239 -37.39 -22.26 -42.17
N PRO J 240 -36.33 -21.45 -42.16
CA PRO J 240 -36.30 -20.28 -43.04
C PRO J 240 -36.43 -20.69 -44.50
N GLU J 241 -37.13 -19.86 -45.28
CA GLU J 241 -37.33 -20.17 -46.68
C GLU J 241 -36.00 -20.18 -47.44
N LYS J 242 -35.12 -19.23 -47.13
CA LYS J 242 -33.81 -19.14 -47.74
C LYS J 242 -32.75 -19.53 -46.71
N GLU J 243 -31.73 -20.24 -47.17
CA GLU J 243 -30.61 -20.58 -46.30
C GLU J 243 -29.94 -19.30 -45.80
N GLN J 244 -29.51 -19.32 -44.54
CA GLN J 244 -28.92 -18.17 -43.89
C GLN J 244 -27.42 -18.35 -43.79
N TRP J 245 -26.68 -17.30 -44.17
CA TRP J 245 -25.23 -17.30 -44.00
C TRP J 245 -24.87 -17.38 -42.53
N SER J 246 -23.79 -18.09 -42.21
CA SER J 246 -23.54 -18.44 -40.81
C SER J 246 -22.17 -18.09 -40.27
N ARG J 247 -21.13 -18.21 -41.09
CA ARG J 247 -19.71 -18.16 -40.69
C ARG J 247 -19.30 -19.46 -40.00
N TRP J 248 -20.27 -20.29 -39.63
CA TRP J 248 -20.01 -21.63 -39.14
C TRP J 248 -20.48 -22.69 -40.14
N GLN J 249 -20.70 -22.30 -41.39
CA GLN J 249 -21.31 -23.18 -42.38
C GLN J 249 -20.32 -24.19 -42.97
N ARG J 250 -19.03 -24.06 -42.68
CA ARG J 250 -18.02 -25.00 -43.15
C ARG J 250 -17.46 -25.78 -41.98
N ARG J 251 -17.17 -27.06 -42.20
CA ARG J 251 -16.55 -27.88 -41.17
C ARG J 251 -15.13 -27.40 -40.89
N ARG J 252 -14.77 -27.38 -39.62
CA ARG J 252 -13.44 -26.95 -39.22
C ARG J 252 -12.40 -28.00 -39.62
N PRO J 253 -11.35 -27.61 -40.33
CA PRO J 253 -10.31 -28.58 -40.68
C PRO J 253 -9.52 -29.00 -39.45
N ASP J 254 -9.00 -30.23 -39.49
CA ASP J 254 -8.16 -30.69 -38.39
C ASP J 254 -7.31 -31.87 -38.84
N VAL J 255 -6.40 -32.28 -37.96
CA VAL J 255 -5.49 -33.38 -38.23
C VAL J 255 -6.26 -34.70 -38.35
N GLU J 256 -7.27 -34.89 -37.49
CA GLU J 256 -7.99 -36.16 -37.45
C GLU J 256 -8.68 -36.45 -38.78
N THR J 257 -9.29 -35.43 -39.39
CA THR J 257 -9.96 -35.63 -40.67
C THR J 257 -8.98 -36.08 -41.75
N VAL J 258 -7.80 -35.49 -41.77
CA VAL J 258 -6.81 -35.79 -42.81
C VAL J 258 -6.25 -37.20 -42.63
N PHE J 259 -5.92 -37.58 -41.39
CA PHE J 259 -5.37 -38.90 -41.15
C PHE J 259 -6.40 -39.99 -41.40
N LEU J 260 -7.66 -39.76 -41.02
CA LEU J 260 -8.69 -40.76 -41.24
C LEU J 260 -8.92 -41.04 -42.71
N LYS J 261 -8.90 -39.98 -43.54
CA LYS J 261 -9.04 -40.17 -44.97
C LYS J 261 -7.86 -40.95 -45.54
N ALA J 262 -6.64 -40.63 -45.10
CA ALA J 262 -5.47 -41.35 -45.57
C ALA J 262 -5.50 -42.82 -45.15
N MET J 263 -6.00 -43.09 -43.94
CA MET J 263 -6.15 -44.48 -43.50
C MET J 263 -7.28 -45.18 -44.22
N ALA J 264 -8.31 -44.44 -44.63
CA ALA J 264 -9.40 -45.06 -45.38
C ALA J 264 -8.94 -45.50 -46.76
N GLU J 265 -8.00 -44.77 -47.38
CA GLU J 265 -7.52 -45.13 -48.70
C GLU J 265 -6.58 -46.33 -48.69
N THR J 266 -5.85 -46.53 -47.59
CA THR J 266 -5.02 -47.72 -47.47
C THR J 266 -5.79 -48.92 -46.93
N GLY J 267 -7.03 -48.73 -46.52
CA GLY J 267 -7.84 -49.81 -45.99
C GLY J 267 -7.65 -50.10 -44.52
N GLN J 268 -6.83 -49.33 -43.81
CA GLN J 268 -6.59 -49.63 -42.40
C GLN J 268 -7.87 -49.49 -41.58
N VAL J 269 -8.74 -48.55 -41.94
CA VAL J 269 -10.06 -48.41 -41.34
C VAL J 269 -11.09 -48.28 -42.45
N LYS J 270 -12.35 -48.41 -42.07
CA LYS J 270 -13.49 -48.14 -42.96
C LYS J 270 -14.40 -47.12 -42.30
N LEU J 271 -14.85 -46.14 -43.07
CA LEU J 271 -15.74 -45.11 -42.59
C LEU J 271 -17.14 -45.32 -43.16
N TYR J 272 -18.12 -44.69 -42.51
CA TYR J 272 -19.49 -44.80 -42.99
C TYR J 272 -19.66 -44.19 -44.37
N GLY J 273 -19.04 -43.03 -44.60
CA GLY J 273 -19.13 -42.36 -45.88
C GLY J 273 -17.79 -41.92 -46.40
N LYS J 274 -17.79 -41.04 -47.41
CA LYS J 274 -16.54 -40.59 -48.01
C LYS J 274 -15.75 -39.67 -47.07
N GLU J 275 -16.45 -38.85 -46.29
CA GLU J 275 -15.82 -37.91 -45.39
C GLU J 275 -16.11 -38.29 -43.95
N PRO J 276 -15.09 -38.31 -43.08
CA PRO J 276 -15.33 -38.67 -41.68
C PRO J 276 -16.25 -37.68 -40.98
N THR J 277 -17.12 -38.22 -40.13
CA THR J 277 -18.02 -37.42 -39.33
C THR J 277 -17.31 -36.86 -38.11
N LEU J 278 -18.00 -35.99 -37.38
CA LEU J 278 -17.46 -35.51 -36.11
C LEU J 278 -17.38 -36.64 -35.09
N THR J 279 -18.30 -37.61 -35.16
CA THR J 279 -18.23 -38.77 -34.28
C THR J 279 -16.99 -39.60 -34.58
N GLU J 280 -16.66 -39.78 -35.86
CA GLU J 280 -15.53 -40.62 -36.22
C GLU J 280 -14.20 -39.95 -35.90
N THR J 281 -14.12 -38.62 -36.02
CA THR J 281 -12.88 -37.94 -35.64
C THR J 281 -12.70 -37.96 -34.12
N SER J 282 -13.79 -37.85 -33.36
CA SER J 282 -13.69 -37.98 -31.91
C SER J 282 -13.20 -39.37 -31.51
N LEU J 283 -13.72 -40.41 -32.16
CA LEU J 283 -13.29 -41.76 -31.85
C LEU J 283 -11.84 -41.99 -32.28
N TYR J 284 -11.44 -41.39 -33.40
CA TYR J 284 -10.04 -41.50 -33.83
C TYR J 284 -9.10 -40.86 -32.83
N ARG J 285 -9.50 -39.72 -32.26
CA ARG J 285 -8.66 -39.04 -31.29
C ARG J 285 -8.34 -39.94 -30.11
N ALA J 286 -9.30 -40.77 -29.71
CA ALA J 286 -9.11 -41.65 -28.56
C ALA J 286 -8.20 -42.83 -28.88
N ARG J 287 -8.26 -43.36 -30.10
CA ARG J 287 -7.55 -44.58 -30.44
C ARG J 287 -6.45 -44.36 -31.48
N ARG J 288 -6.01 -43.12 -31.69
CA ARG J 288 -5.08 -42.84 -32.79
C ARG J 288 -3.71 -43.47 -32.55
N HIS J 289 -3.32 -43.64 -31.29
CA HIS J 289 -2.00 -44.22 -31.01
C HIS J 289 -1.94 -45.69 -31.40
N LEU J 290 -3.08 -46.40 -31.34
CA LEU J 290 -3.10 -47.79 -31.75
C LEU J 290 -2.82 -47.93 -33.25
N PHE J 291 -3.44 -47.09 -34.07
CA PHE J 291 -3.26 -47.21 -35.52
C PHE J 291 -1.86 -46.83 -35.95
N LYS J 292 -1.27 -45.81 -35.30
CA LYS J 292 0.11 -45.46 -35.59
C LYS J 292 1.05 -46.59 -35.23
N GLU J 293 0.80 -47.26 -34.10
CA GLU J 293 1.65 -48.38 -33.70
C GLU J 293 1.59 -49.51 -34.73
N GLU J 294 0.41 -49.75 -35.29
CA GLU J 294 0.28 -50.74 -36.36
C GLU J 294 1.15 -50.38 -37.56
N ARG J 295 1.12 -49.12 -37.98
CA ARG J 295 1.92 -48.70 -39.12
C ARG J 295 3.42 -48.81 -38.82
N LEU J 296 3.84 -48.43 -37.62
CA LEU J 296 5.25 -48.53 -37.27
C LEU J 296 5.70 -49.98 -37.25
N GLN J 297 4.84 -50.88 -36.78
CA GLN J 297 5.19 -52.30 -36.77
C GLN J 297 5.34 -52.85 -38.18
N ALA J 298 4.48 -52.40 -39.11
CA ALA J 298 4.59 -52.87 -40.49
C ALA J 298 5.89 -52.41 -41.13
N GLU J 299 6.39 -51.23 -40.77
CA GLU J 299 7.68 -50.80 -41.29
C GLU J 299 8.83 -51.60 -40.72
N ARG J 300 8.73 -51.98 -39.44
CA ARG J 300 9.76 -52.83 -38.85
C ARG J 300 9.79 -54.20 -39.52
N GLU J 301 8.63 -54.79 -39.79
CA GLU J 301 8.58 -56.07 -40.47
C GLU J 301 9.06 -55.96 -41.90
N ARG J 302 8.80 -54.83 -42.56
CA ARG J 302 9.27 -54.65 -43.93
C ARG J 302 10.78 -54.52 -43.99
N LEU J 303 11.38 -53.80 -43.02
CA LEU J 303 12.83 -53.73 -42.97
C LEU J 303 13.44 -55.10 -42.72
N ALA J 304 12.85 -55.89 -41.82
CA ALA J 304 13.38 -57.21 -41.54
C ALA J 304 13.23 -58.16 -42.73
N LYS J 305 12.32 -57.85 -43.66
CA LYS J 305 12.13 -58.68 -44.85
C LYS J 305 13.08 -58.28 -45.98
N GLU J 306 13.04 -57.00 -46.39
CA GLU J 306 13.83 -56.54 -47.53
C GLU J 306 15.30 -56.41 -47.20
N GLY J 307 15.64 -56.11 -45.95
CA GLY J 307 17.00 -55.81 -45.59
C GLY J 307 17.30 -54.33 -45.68
N PRO J 308 18.39 -53.89 -45.08
CA PRO J 308 18.68 -52.44 -45.02
C PRO J 308 18.85 -51.78 -46.37
N MET J 309 19.45 -52.46 -47.35
CA MET J 309 19.72 -51.84 -48.64
C MET J 309 18.43 -51.44 -49.34
N ALA J 310 17.50 -52.38 -49.48
CA ALA J 310 16.23 -52.08 -50.14
C ALA J 310 15.43 -51.06 -49.35
N PHE J 311 15.42 -51.19 -48.02
CA PHE J 311 14.61 -50.31 -47.19
C PHE J 311 15.09 -48.87 -47.26
N TYR J 312 16.39 -48.63 -47.04
CA TYR J 312 16.90 -47.28 -46.97
C TYR J 312 17.19 -46.66 -48.33
N SER J 313 17.08 -47.43 -49.41
CA SER J 313 17.22 -46.83 -50.74
C SER J 313 16.05 -45.92 -51.09
N GLU J 314 14.98 -45.94 -50.29
CA GLU J 314 13.89 -44.98 -50.47
C GLU J 314 14.39 -43.55 -50.35
N TRP J 315 15.44 -43.32 -49.56
CA TRP J 315 15.97 -41.99 -49.32
C TRP J 315 17.36 -41.79 -49.93
N VAL J 316 17.75 -42.64 -50.88
CA VAL J 316 18.96 -42.43 -51.68
C VAL J 316 18.55 -42.57 -53.14
N LYS J 317 18.17 -41.44 -53.75
CA LYS J 317 17.64 -41.46 -55.10
C LYS J 317 18.71 -41.80 -56.13
N ALA J 318 19.94 -41.34 -55.90
CA ALA J 318 21.04 -41.55 -56.84
C ALA J 318 21.47 -43.01 -56.92
N TRP J 319 21.03 -43.86 -56.02
CA TRP J 319 21.46 -45.26 -56.00
C TRP J 319 20.64 -46.07 -56.98
N LYS J 320 21.30 -46.62 -58.00
CA LYS J 320 20.61 -47.33 -59.07
C LYS J 320 20.89 -48.82 -59.09
N ARG J 321 21.87 -49.32 -58.33
CA ARG J 321 22.11 -50.75 -58.29
C ARG J 321 20.92 -51.47 -57.68
N ASP J 322 20.72 -52.72 -58.10
CA ASP J 322 19.67 -53.55 -57.52
C ASP J 322 19.93 -53.72 -56.04
N THR J 323 18.89 -53.54 -55.23
CA THR J 323 19.01 -53.54 -53.78
C THR J 323 18.38 -54.75 -53.13
N SER J 324 17.96 -55.75 -53.91
CA SER J 324 17.32 -56.92 -53.33
C SER J 324 18.34 -57.72 -52.53
N ARG J 325 17.82 -58.57 -51.64
CA ARG J 325 18.70 -59.40 -50.82
C ARG J 325 19.57 -60.31 -51.68
N GLU J 326 18.98 -60.90 -52.72
CA GLU J 326 19.75 -61.77 -53.60
C GLU J 326 20.82 -61.00 -54.35
N ALA J 327 20.51 -59.78 -54.80
CA ALA J 327 21.51 -58.95 -55.46
C ALA J 327 22.63 -58.56 -54.50
N VAL J 328 22.28 -58.29 -53.23
CA VAL J 328 23.31 -57.96 -52.25
C VAL J 328 24.23 -59.15 -52.04
N GLN J 329 23.66 -60.36 -51.92
CA GLN J 329 24.47 -61.55 -51.76
C GLN J 329 25.32 -61.81 -53.00
N LYS J 330 24.75 -61.63 -54.19
CA LYS J 330 25.49 -61.87 -55.42
C LYS J 330 26.65 -60.88 -55.57
N HIS J 331 26.44 -59.62 -55.20
CA HIS J 331 27.52 -58.65 -55.24
C HIS J 331 28.63 -59.02 -54.26
N PHE J 332 28.27 -59.57 -53.10
CA PHE J 332 29.27 -59.96 -52.12
C PHE J 332 30.16 -61.08 -52.64
N GLU J 333 29.58 -62.05 -53.36
CA GLU J 333 30.36 -63.18 -53.85
C GLU J 333 31.28 -62.79 -54.99
N GLU J 334 30.79 -61.93 -55.88
CA GLU J 334 31.56 -61.53 -57.05
C GLU J 334 32.57 -60.42 -56.76
N THR J 335 32.48 -59.75 -55.61
CA THR J 335 33.36 -58.63 -55.30
C THR J 335 34.01 -58.70 -53.92
N GLY J 336 33.45 -59.44 -52.97
CA GLY J 336 33.99 -59.50 -51.63
C GLY J 336 33.46 -58.47 -50.66
N GLU J 337 32.63 -57.53 -51.13
CA GLU J 337 32.07 -56.49 -50.27
C GLU J 337 30.79 -56.99 -49.62
N ASP J 338 30.81 -57.12 -48.30
CA ASP J 338 29.64 -57.62 -47.58
C ASP J 338 28.54 -56.56 -47.56
N GLU J 339 27.40 -56.93 -46.95
CA GLU J 339 26.24 -56.05 -46.96
C GLU J 339 26.53 -54.72 -46.27
N ASN J 340 27.27 -54.74 -45.16
CA ASN J 340 27.59 -53.51 -44.45
C ASN J 340 28.44 -52.59 -45.30
N THR J 341 29.40 -53.15 -46.04
CA THR J 341 30.22 -52.35 -46.94
C THR J 341 29.38 -51.71 -48.04
N GLN J 342 28.43 -52.46 -48.60
CA GLN J 342 27.58 -51.91 -49.64
C GLN J 342 26.65 -50.82 -49.10
N LEU J 343 26.13 -51.02 -47.88
CA LEU J 343 25.27 -50.03 -47.26
C LEU J 343 26.01 -48.72 -47.03
N ILE J 344 27.27 -48.80 -46.58
CA ILE J 344 28.06 -47.60 -46.39
C ILE J 344 28.31 -46.91 -47.74
N GLU J 345 28.48 -47.69 -48.80
CA GLU J 345 28.65 -47.10 -50.12
C GLU J 345 27.37 -46.40 -50.60
N MET J 346 26.21 -47.02 -50.35
CA MET J 346 24.94 -46.40 -50.75
C MET J 346 24.73 -45.06 -50.06
N PHE J 347 24.99 -45.00 -48.75
CA PHE J 347 24.81 -43.76 -48.00
C PHE J 347 25.81 -42.69 -48.38
N SER J 348 26.87 -43.04 -49.10
CA SER J 348 27.79 -42.06 -49.64
C SER J 348 27.22 -41.30 -50.83
N HIS J 349 26.09 -41.75 -51.37
CA HIS J 349 25.43 -41.09 -52.48
C HIS J 349 24.15 -40.36 -52.07
N GLN J 350 23.92 -40.21 -50.76
CA GLN J 350 22.73 -39.58 -50.23
C GLN J 350 23.02 -38.11 -49.96
N THR J 351 22.12 -37.24 -50.40
CA THR J 351 22.25 -35.81 -50.15
C THR J 351 21.89 -35.49 -48.70
N ASP J 352 22.31 -34.30 -48.26
CA ASP J 352 21.96 -33.87 -46.91
C ASP J 352 20.46 -33.63 -46.77
N ARG J 353 19.80 -33.20 -47.85
CA ARG J 353 18.35 -33.04 -47.81
C ARG J 353 17.64 -34.38 -47.63
N GLU J 354 18.09 -35.41 -48.35
CA GLU J 354 17.50 -36.74 -48.20
C GLU J 354 17.79 -37.32 -46.83
N TYR J 355 19.00 -37.10 -46.32
CA TYR J 355 19.35 -37.60 -45.00
C TYR J 355 18.42 -37.04 -43.92
N ARG J 356 18.11 -35.74 -44.01
CA ARG J 356 17.22 -35.12 -43.02
C ARG J 356 15.81 -35.66 -43.12
N ILE J 357 15.35 -36.00 -44.33
CA ILE J 357 14.06 -36.69 -44.45
C ILE J 357 14.12 -38.06 -43.81
N MET J 358 15.22 -38.79 -44.04
CA MET J 358 15.36 -40.14 -43.51
C MET J 358 15.41 -40.17 -41.99
N MET J 359 15.64 -39.03 -41.33
CA MET J 359 15.67 -39.02 -39.87
C MET J 359 14.32 -39.36 -39.25
N GLY J 360 13.25 -39.37 -40.03
CA GLY J 360 11.98 -39.89 -39.56
C GLY J 360 12.03 -41.37 -39.19
N THR J 361 13.00 -42.11 -39.71
CA THR J 361 13.18 -43.51 -39.34
C THR J 361 14.12 -43.71 -38.16
N ASP J 362 14.61 -42.63 -37.55
CA ASP J 362 15.42 -42.73 -36.34
C ASP J 362 14.65 -43.48 -35.26
N VAL J 363 15.34 -44.37 -34.56
CA VAL J 363 14.67 -45.26 -33.62
C VAL J 363 14.15 -44.53 -32.39
N ARG J 364 14.62 -43.31 -32.13
CA ARG J 364 14.10 -42.50 -31.04
C ARG J 364 12.99 -41.56 -31.51
N ILE J 365 12.99 -41.18 -32.78
CA ILE J 365 12.00 -40.24 -33.30
C ILE J 365 10.71 -40.94 -33.70
N LYS J 366 10.83 -42.00 -34.50
CA LYS J 366 9.71 -42.87 -34.85
C LYS J 366 8.53 -42.08 -35.43
N ARG J 367 8.83 -41.31 -36.48
CA ARG J 367 7.77 -40.54 -37.13
C ARG J 367 6.75 -41.47 -37.75
N ASP J 368 5.49 -41.03 -37.73
CA ASP J 368 4.40 -41.81 -38.30
C ASP J 368 4.68 -42.07 -39.77
N PRO J 369 4.73 -43.32 -40.21
CA PRO J 369 4.97 -43.60 -41.64
C PRO J 369 3.95 -42.92 -42.55
N LEU J 370 2.69 -42.86 -42.12
CA LEU J 370 1.67 -42.18 -42.93
C LEU J 370 1.99 -40.69 -43.06
N ALA J 371 2.48 -40.08 -41.99
CA ALA J 371 2.86 -38.67 -42.06
C ALA J 371 4.05 -38.47 -43.00
N MET J 372 5.00 -39.40 -43.00
CA MET J 372 6.22 -39.26 -43.78
C MET J 372 5.97 -39.30 -45.29
N ARG J 373 4.86 -39.89 -45.72
CA ARG J 373 4.61 -40.07 -47.15
C ARG J 373 3.39 -39.30 -47.63
N MET J 374 2.81 -38.46 -46.78
CA MET J 374 1.69 -37.62 -47.20
C MET J 374 2.16 -36.63 -48.26
N LYS J 375 1.30 -36.37 -49.23
CA LYS J 375 1.59 -35.38 -50.25
C LYS J 375 1.11 -34.00 -49.81
N GLU J 376 1.57 -32.97 -50.53
CA GLU J 376 1.29 -31.59 -50.13
C GLU J 376 -0.20 -31.29 -50.15
N ASP J 377 -0.93 -31.84 -51.13
CA ASP J 377 -2.35 -31.55 -51.22
C ASP J 377 -3.14 -32.16 -50.08
N GLN J 378 -2.68 -33.29 -49.54
CA GLN J 378 -3.31 -33.85 -48.35
C GLN J 378 -2.97 -33.04 -47.10
N ILE J 379 -1.70 -32.67 -46.95
CA ILE J 379 -1.23 -32.02 -45.73
C ILE J 379 -1.91 -30.68 -45.55
N LYS J 380 -2.04 -29.90 -46.62
CA LYS J 380 -2.58 -28.55 -46.50
C LYS J 380 -4.05 -28.53 -46.12
N GLN J 381 -4.76 -29.65 -46.21
CA GLN J 381 -6.13 -29.70 -45.71
C GLN J 381 -6.19 -29.80 -44.20
N ILE J 382 -5.05 -29.95 -43.53
CA ILE J 382 -5.03 -29.89 -42.06
C ILE J 382 -5.50 -28.52 -41.59
N TRP J 383 -5.05 -27.46 -42.25
CA TRP J 383 -5.50 -26.11 -41.94
C TRP J 383 -6.51 -25.57 -42.94
N GLY J 384 -6.86 -26.34 -43.96
CA GLY J 384 -7.92 -25.96 -44.86
C GLY J 384 -7.52 -25.24 -46.12
N GLY J 385 -6.28 -25.38 -46.58
CA GLY J 385 -5.87 -24.77 -47.82
C GLY J 385 -5.29 -23.38 -47.65
N ASP J 386 -5.18 -22.69 -48.78
CA ASP J 386 -4.52 -21.40 -48.80
C ASP J 386 -5.37 -20.34 -48.10
N PRO J 387 -4.75 -19.42 -47.38
CA PRO J 387 -5.50 -18.28 -46.82
C PRO J 387 -6.10 -17.41 -47.92
N VAL J 388 -7.32 -16.92 -47.67
CA VAL J 388 -7.98 -16.07 -48.65
C VAL J 388 -7.27 -14.72 -48.76
N TYR J 389 -6.76 -14.20 -47.66
CA TYR J 389 -5.90 -13.03 -47.70
C TYR J 389 -4.48 -13.47 -47.99
N PRO J 390 -3.88 -13.04 -49.11
CA PRO J 390 -2.59 -13.61 -49.51
C PRO J 390 -1.46 -13.22 -48.56
N THR J 391 -0.64 -14.21 -48.22
CA THR J 391 0.46 -14.01 -47.28
C THR J 391 1.52 -13.05 -47.82
N ILE J 392 1.60 -12.88 -49.14
CA ILE J 392 2.54 -11.95 -49.74
C ILE J 392 2.32 -10.52 -49.23
N ASN J 393 1.11 -10.20 -48.77
CA ASN J 393 0.88 -8.90 -48.15
C ASN J 393 1.66 -8.73 -46.85
N TYR J 394 1.89 -9.83 -46.13
CA TYR J 394 2.59 -9.77 -44.86
C TYR J 394 4.10 -9.80 -45.01
N ILE J 395 4.61 -10.36 -46.10
CA ILE J 395 6.01 -10.72 -46.21
C ILE J 395 6.86 -9.48 -46.46
N GLN J 396 7.97 -9.40 -45.74
CA GLN J 396 8.92 -8.30 -45.82
C GLN J 396 10.32 -8.89 -45.84
N ALA J 397 11.20 -8.30 -46.66
CA ALA J 397 12.58 -8.77 -46.71
C ALA J 397 13.25 -8.51 -45.36
N PRO J 398 14.00 -9.49 -44.83
CA PRO J 398 14.63 -9.29 -43.50
C PRO J 398 15.61 -8.14 -43.46
N ASP J 399 16.23 -7.80 -44.59
CA ASP J 399 17.20 -6.71 -44.65
C ASP J 399 16.62 -5.47 -45.34
N ALA J 400 15.30 -5.34 -45.37
CA ALA J 400 14.68 -4.20 -46.01
C ALA J 400 14.90 -2.94 -45.19
N VAL J 401 15.09 -1.82 -45.88
CA VAL J 401 15.15 -0.50 -45.27
C VAL J 401 13.83 0.20 -45.55
N MET J 402 13.14 0.61 -44.49
CA MET J 402 11.83 1.22 -44.65
C MET J 402 11.94 2.53 -45.44
N ASP J 403 11.12 2.66 -46.48
CA ASP J 403 11.05 3.86 -47.29
C ASP J 403 9.98 4.77 -46.69
N PHE J 404 10.42 5.82 -46.02
CA PHE J 404 9.50 6.71 -45.31
C PHE J 404 8.73 7.64 -46.24
N ARG J 405 8.96 7.58 -47.55
CA ARG J 405 8.16 8.32 -48.52
C ARG J 405 7.18 7.43 -49.29
N GLY J 406 6.89 6.24 -48.76
CA GLY J 406 5.94 5.35 -49.37
C GLY J 406 4.52 5.78 -49.11
N PRO J 407 3.58 5.14 -49.83
CA PRO J 407 2.18 5.59 -49.80
C PRO J 407 1.52 5.47 -48.43
N ASP J 408 2.05 4.66 -47.51
CA ASP J 408 1.44 4.50 -46.21
C ASP J 408 2.03 5.41 -45.15
N PHE J 409 2.83 6.40 -45.55
CA PHE J 409 3.48 7.30 -44.61
C PHE J 409 2.92 8.71 -44.77
N HIS J 410 2.81 9.43 -43.66
CA HIS J 410 2.42 10.82 -43.68
C HIS J 410 3.54 11.67 -44.30
N GLU J 411 3.20 12.91 -44.64
CA GLU J 411 4.17 13.81 -45.22
C GLU J 411 5.28 14.13 -44.22
N PRO J 412 6.51 14.38 -44.70
CA PRO J 412 7.63 14.58 -43.79
C PRO J 412 7.39 15.73 -42.82
N THR J 413 7.78 15.51 -41.57
CA THR J 413 7.59 16.50 -40.53
C THR J 413 8.60 17.64 -40.70
N PRO J 414 8.15 18.88 -40.86
CA PRO J 414 9.11 19.98 -40.97
C PRO J 414 9.76 20.29 -39.63
N ASN J 415 10.97 20.84 -39.70
CA ASN J 415 11.61 21.38 -38.50
C ASN J 415 10.77 22.53 -37.96
N MET J 416 10.53 22.51 -36.65
CA MET J 416 9.55 23.46 -36.08
C MET J 416 10.00 24.90 -36.27
N LEU J 417 11.29 25.18 -36.05
CA LEU J 417 11.81 26.53 -36.24
C LEU J 417 11.70 26.95 -37.70
N SER J 418 12.12 26.07 -38.63
CA SER J 418 12.05 26.40 -40.04
C SER J 418 10.60 26.56 -40.50
N TYR J 419 9.68 25.85 -39.87
CA TYR J 419 8.26 26.00 -40.19
C TYR J 419 7.74 27.35 -39.71
N LEU J 420 8.14 27.77 -38.51
CA LEU J 420 7.69 29.06 -37.99
C LEU J 420 8.26 30.21 -38.82
N LYS J 421 9.53 30.13 -39.19
CA LYS J 421 10.13 31.17 -40.03
C LYS J 421 9.49 31.19 -41.41
N GLU J 422 9.19 30.02 -41.97
CA GLU J 422 8.58 29.96 -43.29
C GLU J 422 7.22 30.65 -43.32
N ASN J 423 6.44 30.46 -42.26
CA ASN J 423 5.12 31.09 -42.16
C ASN J 423 5.18 32.48 -41.56
N CYS J 424 6.38 33.05 -41.40
CA CYS J 424 6.57 34.45 -41.01
C CYS J 424 5.99 34.74 -39.64
N LYS J 425 6.40 33.94 -38.66
CA LYS J 425 6.05 34.18 -37.26
C LYS J 425 7.27 34.29 -36.37
N VAL J 426 8.47 34.01 -36.89
CA VAL J 426 9.73 34.18 -36.18
C VAL J 426 10.70 34.88 -37.12
N ILE J 427 11.35 35.92 -36.62
CA ILE J 427 12.27 36.74 -37.41
C ILE J 427 13.69 36.39 -37.02
N SER J 428 14.56 36.21 -38.01
CA SER J 428 15.95 35.84 -37.76
C SER J 428 16.71 36.88 -36.94
N VAL K 77 -4.84 -21.97 -93.03
CA VAL K 77 -4.67 -21.52 -94.40
C VAL K 77 -4.39 -22.69 -95.33
N ASP K 78 -3.34 -23.45 -95.04
CA ASP K 78 -2.95 -24.57 -95.89
C ASP K 78 -3.06 -25.93 -95.20
N TYR K 79 -2.36 -26.12 -94.08
CA TYR K 79 -2.17 -27.46 -93.50
C TYR K 79 -2.04 -27.29 -92.00
N ASP K 80 -1.53 -28.31 -91.33
CA ASP K 80 -1.32 -28.28 -89.88
C ASP K 80 0.14 -27.96 -89.56
N ASP K 81 0.47 -28.02 -88.28
CA ASP K 81 1.84 -27.83 -87.82
C ASP K 81 2.02 -28.58 -86.51
N GLY K 82 3.16 -29.28 -86.41
CA GLY K 82 3.47 -30.06 -85.22
C GLY K 82 3.05 -31.51 -85.35
N ILE K 83 3.27 -32.24 -84.26
CA ILE K 83 2.91 -33.64 -84.14
C ILE K 83 1.72 -33.76 -83.21
N ASP K 84 0.68 -34.46 -83.66
CA ASP K 84 -0.50 -34.65 -82.83
C ASP K 84 -0.15 -35.44 -81.57
N PHE K 85 -0.70 -35.02 -80.43
CA PHE K 85 -0.29 -35.49 -79.13
C PHE K 85 -1.52 -35.62 -78.25
N PRO K 86 -1.49 -36.51 -77.24
CA PRO K 86 -2.65 -36.63 -76.34
C PRO K 86 -2.99 -35.37 -75.55
N TYR K 87 -2.14 -34.34 -75.54
CA TYR K 87 -2.56 -33.02 -75.06
C TYR K 87 -3.01 -32.99 -73.60
N ASP K 88 -2.05 -33.05 -72.67
CA ASP K 88 -2.30 -33.08 -71.23
C ASP K 88 -3.39 -32.13 -70.75
N ASP K 89 -4.09 -32.52 -69.67
CA ASP K 89 -5.10 -31.78 -68.93
C ASP K 89 -4.46 -30.96 -67.81
N PRO K 90 -5.02 -29.79 -67.48
CA PRO K 90 -6.17 -29.13 -68.09
C PRO K 90 -5.87 -28.58 -69.48
N PRO K 91 -6.91 -28.38 -70.30
CA PRO K 91 -6.69 -27.91 -71.67
C PRO K 91 -5.98 -26.57 -71.72
N LEU K 92 -5.10 -26.42 -72.71
CA LEU K 92 -4.33 -25.20 -72.87
C LEU K 92 -5.20 -24.05 -73.34
N VAL K 93 -4.81 -22.84 -72.93
CA VAL K 93 -5.42 -21.60 -73.40
C VAL K 93 -4.31 -20.71 -73.91
N CYS K 94 -4.60 -19.93 -74.95
CA CYS K 94 -3.62 -19.04 -75.56
C CYS K 94 -4.07 -17.59 -75.38
N CYS K 95 -3.16 -16.75 -74.93
CA CYS K 95 -3.40 -15.32 -74.76
C CYS K 95 -2.57 -14.55 -75.78
N PHE K 96 -3.23 -13.69 -76.55
CA PHE K 96 -2.64 -13.02 -77.69
C PHE K 96 -2.61 -11.53 -77.45
N GLY K 97 -1.45 -10.91 -77.62
CA GLY K 97 -1.38 -9.47 -77.54
C GLY K 97 -0.03 -9.04 -77.02
N ALA K 98 -0.05 -7.95 -76.25
CA ALA K 98 1.16 -7.32 -75.74
C ALA K 98 1.36 -7.68 -74.28
N VAL K 99 2.57 -8.10 -73.95
CA VAL K 99 2.94 -8.38 -72.57
C VAL K 99 3.51 -7.09 -71.98
N GLN K 100 2.81 -6.55 -70.98
CA GLN K 100 3.21 -5.31 -70.34
C GLN K 100 3.12 -5.49 -68.83
N LYS K 101 3.92 -4.70 -68.12
CA LYS K 101 3.88 -4.68 -66.68
C LYS K 101 2.89 -3.59 -66.27
N GLU K 102 1.82 -3.99 -65.58
CA GLU K 102 0.74 -3.08 -65.21
C GLU K 102 0.02 -2.55 -66.45
N PHE K 103 0.06 -1.24 -66.66
CA PHE K 103 -0.55 -0.61 -67.84
C PHE K 103 -2.05 -0.80 -67.99
N VAL K 104 -2.84 -0.08 -67.19
CA VAL K 104 -4.29 -0.06 -67.33
C VAL K 104 -4.68 0.60 -68.65
N PRO K 105 -5.36 -0.11 -69.55
CA PRO K 105 -5.74 0.49 -70.84
C PRO K 105 -6.98 1.38 -70.79
N VAL K 106 -7.95 1.03 -69.95
CA VAL K 106 -9.24 1.73 -69.95
C VAL K 106 -9.08 3.04 -69.19
N VAL K 107 -9.08 4.16 -69.91
CA VAL K 107 -8.87 5.48 -69.31
C VAL K 107 -10.01 6.38 -69.73
N ARG K 108 -10.73 6.93 -68.75
CA ARG K 108 -11.74 7.96 -69.00
C ARG K 108 -11.53 9.09 -68.01
N VAL K 109 -12.45 10.05 -67.97
CA VAL K 109 -12.34 11.22 -67.11
C VAL K 109 -13.12 10.96 -65.82
N HIS K 110 -12.45 11.12 -64.68
CA HIS K 110 -13.09 11.08 -63.38
C HIS K 110 -13.22 12.49 -62.83
N ASP K 111 -14.28 12.71 -62.06
CA ASP K 111 -14.63 14.03 -61.56
C ASP K 111 -14.22 14.25 -60.11
N ASN K 112 -13.47 13.33 -59.52
CA ASN K 112 -13.09 13.39 -58.10
C ASN K 112 -11.60 13.15 -57.97
N PRO K 113 -10.78 14.11 -58.36
CA PRO K 113 -9.32 13.92 -58.25
C PRO K 113 -8.80 14.24 -56.87
N MET K 114 -7.74 13.53 -56.48
CA MET K 114 -7.06 13.76 -55.22
C MET K 114 -5.95 14.79 -55.41
N HIS K 115 -5.12 14.98 -54.39
CA HIS K 115 -4.02 15.93 -54.50
C HIS K 115 -3.07 15.49 -55.61
N PRO K 116 -2.61 16.42 -56.45
CA PRO K 116 -1.74 16.04 -57.57
C PRO K 116 -0.38 15.50 -57.17
N ASP K 117 0.09 15.79 -55.95
CA ASP K 117 1.43 15.38 -55.53
C ASP K 117 1.42 14.34 -54.43
N ILE K 118 0.51 14.46 -53.47
CA ILE K 118 0.49 13.58 -52.30
C ILE K 118 -0.21 12.29 -52.67
N TYR K 119 0.56 11.31 -53.19
CA TYR K 119 0.00 10.05 -53.65
C TYR K 119 -0.47 9.17 -52.51
N SER K 120 -0.18 9.52 -51.26
CA SER K 120 -0.73 8.78 -50.13
C SER K 120 -2.24 8.97 -50.02
N GLN K 121 -2.78 10.02 -50.63
CA GLN K 121 -4.24 10.20 -50.66
C GLN K 121 -4.91 9.37 -51.76
N TRP K 122 -4.13 8.88 -52.73
CA TRP K 122 -4.74 8.30 -53.92
C TRP K 122 -5.40 6.95 -53.64
N LYS K 123 -5.05 6.29 -52.53
CA LYS K 123 -5.72 5.05 -52.18
C LYS K 123 -7.20 5.25 -51.90
N MET K 124 -7.62 6.48 -51.54
CA MET K 124 -9.03 6.73 -51.32
C MET K 124 -9.85 6.59 -52.60
N LEU K 125 -9.22 6.71 -53.76
CA LEU K 125 -9.86 6.39 -55.03
C LEU K 125 -9.84 4.91 -55.34
N GLN K 126 -9.05 4.12 -54.62
CA GLN K 126 -9.13 2.67 -54.77
C GLN K 126 -10.34 2.09 -54.06
N TRP K 127 -10.83 2.75 -53.02
CA TRP K 127 -12.00 2.24 -52.33
C TRP K 127 -13.26 3.05 -52.59
N ASP K 128 -13.15 4.15 -53.34
CA ASP K 128 -14.31 4.81 -53.97
C ASP K 128 -13.94 5.09 -55.42
N PRO K 129 -13.92 4.05 -56.25
CA PRO K 129 -13.34 4.18 -57.59
C PRO K 129 -14.29 4.83 -58.56
N PRO K 130 -13.80 5.33 -59.68
CA PRO K 130 -14.67 5.59 -60.83
C PRO K 130 -15.30 4.28 -61.29
N GLU K 131 -16.50 4.38 -61.85
CA GLU K 131 -17.23 3.17 -62.21
C GLU K 131 -16.48 2.36 -63.27
N PHE K 132 -15.85 3.03 -64.23
CA PHE K 132 -15.07 2.30 -65.23
C PHE K 132 -13.84 1.63 -64.63
N GLY K 133 -13.46 1.97 -63.40
CA GLY K 133 -12.30 1.37 -62.78
C GLY K 133 -12.60 0.47 -61.61
N ARG K 134 -13.86 0.01 -61.50
CA ARG K 134 -14.22 -0.85 -60.38
C ARG K 134 -13.48 -2.18 -60.42
N ALA K 135 -13.36 -2.78 -61.59
CA ALA K 135 -12.57 -4.00 -61.78
C ALA K 135 -11.79 -3.89 -63.07
N PRO K 136 -10.70 -3.10 -63.08
CA PRO K 136 -9.98 -2.84 -64.34
C PRO K 136 -9.35 -4.09 -64.92
N GLY K 137 -9.35 -4.16 -66.25
CA GLY K 137 -8.57 -5.15 -66.96
C GLY K 137 -7.17 -4.65 -67.26
N GLY K 138 -6.41 -5.48 -67.95
CA GLY K 138 -5.04 -5.15 -68.28
C GLY K 138 -4.55 -5.84 -69.53
N PRO K 139 -3.24 -6.03 -69.64
CA PRO K 139 -2.67 -6.69 -70.81
C PRO K 139 -2.99 -8.18 -70.81
N PRO K 140 -2.97 -8.83 -71.97
CA PRO K 140 -3.31 -10.26 -72.02
C PRO K 140 -2.37 -11.15 -71.22
N SER K 141 -1.15 -10.70 -70.95
CA SER K 141 -0.25 -11.50 -70.12
C SER K 141 -0.74 -11.59 -68.68
N ASN K 142 -1.54 -10.60 -68.23
CA ASN K 142 -2.15 -10.70 -66.91
C ASN K 142 -3.11 -11.88 -66.83
N VAL K 143 -3.94 -12.06 -67.86
CA VAL K 143 -4.89 -13.16 -67.87
C VAL K 143 -4.17 -14.50 -67.87
N ALA K 144 -3.10 -14.61 -68.67
CA ALA K 144 -2.35 -15.87 -68.73
C ALA K 144 -1.75 -16.22 -67.38
N ILE K 145 -1.14 -15.25 -66.71
CA ILE K 145 -0.54 -15.51 -65.39
C ILE K 145 -1.64 -15.88 -64.39
N SER K 146 -2.73 -15.12 -64.39
CA SER K 146 -3.82 -15.40 -63.46
C SER K 146 -4.46 -16.75 -63.72
N HIS K 147 -4.59 -17.12 -64.99
CA HIS K 147 -5.17 -18.42 -65.34
C HIS K 147 -4.32 -19.57 -64.82
N VAL K 148 -2.99 -19.45 -64.93
CA VAL K 148 -2.12 -20.51 -64.44
C VAL K 148 -2.19 -20.64 -62.93
N ARG K 149 -2.21 -19.51 -62.21
CA ARG K 149 -2.30 -19.57 -60.75
C ARG K 149 -3.61 -20.19 -60.29
N LEU K 150 -4.68 -20.07 -61.07
CA LEU K 150 -5.95 -20.70 -60.76
C LEU K 150 -6.00 -22.17 -61.16
N GLY K 151 -4.87 -22.74 -61.58
CA GLY K 151 -4.79 -24.16 -61.87
C GLY K 151 -4.80 -24.53 -63.33
N GLY K 152 -4.91 -23.57 -64.24
CA GLY K 152 -4.95 -23.87 -65.66
C GLY K 152 -3.57 -23.92 -66.28
N ARG K 153 -3.56 -24.06 -67.61
CA ARG K 153 -2.34 -24.01 -68.40
C ARG K 153 -2.53 -23.00 -69.51
N ALA K 154 -1.53 -22.15 -69.72
CA ALA K 154 -1.66 -21.04 -70.66
C ALA K 154 -0.36 -20.83 -71.40
N ALA K 155 -0.48 -20.31 -72.63
CA ALA K 155 0.64 -19.91 -73.47
C ALA K 155 0.40 -18.51 -73.98
N PHE K 156 1.46 -17.70 -74.03
CA PHE K 156 1.36 -16.33 -74.51
C PHE K 156 1.96 -16.22 -75.90
N MET K 157 1.20 -15.59 -76.81
CA MET K 157 1.64 -15.34 -78.18
C MET K 157 1.89 -13.84 -78.32
N GLY K 158 3.11 -13.47 -78.65
CA GLY K 158 3.46 -12.07 -78.83
C GLY K 158 4.93 -11.92 -79.09
N LYS K 159 5.35 -10.67 -79.20
CA LYS K 159 6.72 -10.32 -79.53
C LYS K 159 7.27 -9.33 -78.51
N VAL K 160 8.51 -9.53 -78.11
CA VAL K 160 9.25 -8.57 -77.30
C VAL K 160 10.59 -8.33 -77.97
N GLY K 161 11.23 -7.24 -77.57
CA GLY K 161 12.54 -6.93 -78.09
C GLY K 161 13.62 -7.79 -77.46
N GLY K 162 14.81 -7.71 -78.06
CA GLY K 162 15.95 -8.46 -77.57
C GLY K 162 16.73 -7.78 -76.47
N ASP K 163 16.18 -6.72 -75.87
CA ASP K 163 16.89 -5.95 -74.86
C ASP K 163 16.64 -6.55 -73.48
N ASP K 164 17.11 -5.85 -72.44
CA ASP K 164 17.05 -6.40 -71.09
C ASP K 164 15.62 -6.41 -70.54
N TYR K 165 14.84 -5.38 -70.85
CA TYR K 165 13.46 -5.35 -70.38
C TYR K 165 12.64 -6.47 -71.02
N GLY K 166 12.94 -6.82 -72.27
CA GLY K 166 12.27 -7.95 -72.88
C GLY K 166 12.53 -9.25 -72.15
N GLU K 167 13.77 -9.48 -71.72
CA GLU K 167 14.08 -10.68 -70.96
C GLU K 167 13.36 -10.69 -69.62
N GLU K 168 13.24 -9.53 -68.98
CA GLU K 168 12.55 -9.45 -67.70
C GLU K 168 11.07 -9.83 -67.84
N LEU K 169 10.43 -9.38 -68.91
CA LEU K 169 9.03 -9.75 -69.13
C LEU K 169 8.88 -11.24 -69.38
N VAL K 170 9.80 -11.84 -70.14
CA VAL K 170 9.72 -13.27 -70.40
C VAL K 170 10.03 -14.06 -69.14
N LEU K 171 11.02 -13.62 -68.36
CA LEU K 171 11.35 -14.29 -67.11
C LEU K 171 10.21 -14.18 -66.11
N MET K 172 9.45 -13.09 -66.15
CA MET K 172 8.26 -12.99 -65.30
C MET K 172 7.22 -14.05 -65.69
N MET K 173 7.02 -14.26 -66.98
CA MET K 173 6.04 -15.24 -67.43
C MET K 173 6.54 -16.67 -67.26
N ASN K 174 7.85 -16.90 -67.37
CA ASN K 174 8.39 -18.25 -67.12
C ASN K 174 8.32 -18.60 -65.65
N LYS K 175 8.54 -17.62 -64.77
CA LYS K 175 8.43 -17.86 -63.33
C LYS K 175 7.00 -18.28 -62.97
N GLU K 176 6.01 -17.64 -63.58
CA GLU K 176 4.61 -17.96 -63.36
C GLU K 176 4.16 -19.19 -64.14
N ARG K 177 5.10 -19.92 -64.76
CA ARG K 177 4.81 -21.17 -65.47
C ARG K 177 3.83 -20.95 -66.62
N VAL K 178 3.96 -19.82 -67.30
CA VAL K 178 3.27 -19.58 -68.56
C VAL K 178 4.19 -20.02 -69.69
N GLN K 179 3.65 -20.76 -70.64
CA GLN K 179 4.44 -21.16 -71.80
C GLN K 179 4.83 -19.94 -72.62
N THR K 180 6.11 -19.87 -73.00
CA THR K 180 6.61 -18.74 -73.77
C THR K 180 7.24 -19.17 -75.08
N ARG K 181 6.92 -20.38 -75.56
CA ARG K 181 7.36 -20.78 -76.89
C ARG K 181 6.70 -19.96 -77.98
N GLY K 182 5.52 -19.41 -77.71
CA GLY K 182 4.87 -18.51 -78.64
C GLY K 182 5.37 -17.09 -78.61
N VAL K 183 6.34 -16.78 -77.75
CA VAL K 183 6.90 -15.45 -77.66
C VAL K 183 8.10 -15.35 -78.58
N LYS K 184 8.07 -14.38 -79.50
CA LYS K 184 9.15 -14.17 -80.46
C LYS K 184 9.97 -12.94 -80.05
N PHE K 185 11.29 -13.05 -80.20
CA PHE K 185 12.20 -11.96 -79.91
C PHE K 185 12.50 -11.17 -81.18
N ASP K 186 12.55 -9.85 -81.06
CA ASP K 186 12.98 -8.96 -82.13
C ASP K 186 14.25 -8.26 -81.64
N GLU K 187 15.40 -8.73 -82.11
CA GLU K 187 16.68 -8.23 -81.60
C GLU K 187 16.97 -6.81 -82.03
N GLY K 188 16.25 -6.27 -83.02
CA GLY K 188 16.46 -4.91 -83.47
C GLY K 188 15.53 -3.87 -82.88
N ALA K 189 14.77 -4.21 -81.84
CA ALA K 189 13.76 -3.31 -81.28
C ALA K 189 13.92 -3.22 -79.78
N SER K 190 13.45 -2.11 -79.21
CA SER K 190 13.47 -1.87 -77.79
C SER K 190 12.08 -2.14 -77.21
N THR K 191 12.02 -2.98 -76.19
CA THR K 191 10.73 -3.39 -75.64
C THR K 191 9.98 -2.21 -75.04
N ALA K 192 8.68 -2.14 -75.34
CA ALA K 192 7.77 -1.14 -74.79
C ALA K 192 8.20 0.28 -75.15
N CYS K 193 8.86 0.46 -76.29
CA CYS K 193 9.32 1.78 -76.72
C CYS K 193 8.77 2.06 -78.11
N THR K 194 8.02 3.14 -78.23
CA THR K 194 7.45 3.58 -79.50
C THR K 194 8.11 4.89 -79.91
N ARG K 195 8.60 4.93 -81.14
CA ARG K 195 9.11 6.17 -81.70
C ARG K 195 7.95 6.97 -82.28
N VAL K 196 7.80 8.21 -81.83
CA VAL K 196 6.73 9.09 -82.30
C VAL K 196 7.33 10.45 -82.63
N LYS K 197 6.62 11.18 -83.47
CA LYS K 197 7.01 12.53 -83.85
C LYS K 197 5.95 13.51 -83.35
N ILE K 198 6.41 14.65 -82.83
CA ILE K 198 5.54 15.65 -82.24
C ILE K 198 5.28 16.74 -83.28
N LYS K 199 4.00 17.03 -83.51
CA LYS K 199 3.58 18.06 -84.45
C LYS K 199 2.71 19.08 -83.75
N PHE K 200 2.47 20.20 -84.42
CA PHE K 200 1.80 21.36 -83.84
C PHE K 200 0.65 21.82 -84.72
N GLU K 201 -0.21 20.88 -85.12
CA GLU K 201 -1.31 21.19 -86.01
C GLU K 201 -2.36 22.04 -85.31
N ASP K 202 -2.90 23.01 -86.05
CA ASP K 202 -3.94 23.95 -85.62
C ASP K 202 -3.70 24.48 -84.21
N GLY K 203 -2.45 24.81 -83.88
CA GLY K 203 -2.14 25.37 -82.58
C GLY K 203 -2.22 24.41 -81.43
N LYS K 204 -2.23 23.10 -81.70
CA LYS K 204 -2.34 22.08 -80.67
C LYS K 204 -1.28 21.01 -80.89
N MET K 205 -0.77 20.45 -79.80
CA MET K 205 0.23 19.39 -79.89
C MET K 205 -0.43 18.05 -80.19
N LYS K 206 0.13 17.34 -81.16
CA LYS K 206 -0.26 15.97 -81.45
C LYS K 206 0.99 15.17 -81.76
N ALA K 207 0.87 13.85 -81.63
CA ALA K 207 1.95 12.95 -81.95
C ALA K 207 1.45 11.91 -82.95
N GLU K 208 2.36 11.45 -83.81
CA GLU K 208 2.04 10.39 -84.74
C GLU K 208 3.16 9.34 -84.71
N THR K 209 2.77 8.10 -84.93
CA THR K 209 3.68 6.98 -84.76
C THR K 209 4.63 6.87 -85.94
N VAL K 210 5.92 6.81 -85.65
CA VAL K 210 6.96 6.61 -86.66
C VAL K 210 7.37 5.15 -86.75
N LYS K 211 7.55 4.49 -85.61
CA LYS K 211 7.90 3.07 -85.56
C LYS K 211 7.23 2.44 -84.36
N GLU K 212 6.40 1.42 -84.63
CA GLU K 212 5.67 0.75 -83.57
C GLU K 212 6.61 -0.06 -82.69
N PRO K 213 6.26 -0.29 -81.43
CA PRO K 213 7.10 -1.10 -80.56
C PRO K 213 7.06 -2.57 -80.97
N PRO K 214 8.02 -3.37 -80.52
CA PRO K 214 7.97 -4.80 -80.82
C PRO K 214 6.71 -5.49 -80.31
N GLU K 215 6.11 -4.97 -79.24
CA GLU K 215 4.90 -5.58 -78.69
C GLU K 215 3.76 -5.58 -79.70
N ASP K 216 3.71 -4.58 -80.57
CA ASP K 216 2.65 -4.46 -81.56
C ASP K 216 3.14 -4.75 -82.98
N SER K 217 4.08 -5.69 -83.11
CA SER K 217 4.67 -5.94 -84.42
C SER K 217 4.85 -7.41 -84.70
N LEU K 218 4.04 -8.28 -84.08
CA LEU K 218 4.10 -9.69 -84.42
C LEU K 218 3.53 -9.92 -85.81
N LEU K 219 4.23 -10.70 -86.62
CA LEU K 219 3.81 -11.01 -87.97
C LEU K 219 3.12 -12.37 -88.02
N ALA K 220 2.35 -12.58 -89.09
CA ALA K 220 1.64 -13.84 -89.25
C ALA K 220 2.60 -15.00 -89.43
N SER K 221 3.71 -14.77 -90.14
CA SER K 221 4.71 -15.83 -90.31
C SER K 221 5.41 -16.20 -89.02
N GLU K 222 5.25 -15.40 -87.96
CA GLU K 222 5.88 -15.65 -86.67
C GLU K 222 4.96 -16.36 -85.69
N LEU K 223 3.74 -16.71 -86.10
CA LEU K 223 2.83 -17.40 -85.21
C LEU K 223 3.31 -18.82 -84.93
N ASN K 224 3.18 -19.24 -83.67
CA ASN K 224 3.49 -20.62 -83.28
C ASN K 224 2.22 -21.44 -83.45
N LEU K 225 2.18 -22.23 -84.54
CA LEU K 225 0.97 -22.97 -84.86
C LEU K 225 0.76 -24.20 -83.99
N ALA K 226 1.82 -24.69 -83.33
CA ALA K 226 1.64 -25.77 -82.37
C ALA K 226 0.79 -25.31 -81.20
N VAL K 227 0.99 -24.07 -80.74
CA VAL K 227 0.16 -23.51 -79.69
C VAL K 227 -1.27 -23.36 -80.18
N LEU K 228 -1.44 -22.78 -81.36
CA LEU K 228 -2.80 -22.56 -81.88
C LEU K 228 -3.51 -23.86 -82.16
N LYS K 229 -2.78 -24.94 -82.44
CA LYS K 229 -3.41 -26.24 -82.62
C LYS K 229 -3.85 -26.82 -81.30
N GLU K 230 -3.02 -26.71 -80.26
CA GLU K 230 -3.34 -27.30 -78.97
C GLU K 230 -4.36 -26.48 -78.18
N ALA K 231 -4.30 -25.15 -78.29
CA ALA K 231 -5.10 -24.29 -77.41
C ALA K 231 -6.58 -24.41 -77.70
N ARG K 232 -7.38 -24.54 -76.63
CA ARG K 232 -8.82 -24.65 -76.75
C ARG K 232 -9.53 -23.30 -76.68
N ILE K 233 -8.92 -22.30 -76.05
CA ILE K 233 -9.46 -20.95 -76.01
C ILE K 233 -8.38 -19.99 -76.51
N PHE K 234 -8.75 -19.14 -77.45
CA PHE K 234 -7.88 -18.09 -77.95
C PHE K 234 -8.38 -16.76 -77.42
N HIS K 235 -7.54 -16.06 -76.67
CA HIS K 235 -7.94 -14.86 -75.94
C HIS K 235 -7.16 -13.65 -76.43
N PHE K 236 -7.85 -12.54 -76.63
CA PHE K 236 -7.22 -11.30 -77.06
C PHE K 236 -8.07 -10.12 -76.63
N ASN K 237 -7.45 -8.95 -76.56
CA ASN K 237 -8.10 -7.70 -76.21
C ASN K 237 -8.21 -6.80 -77.42
N SER K 238 -8.92 -5.68 -77.24
CA SER K 238 -9.09 -4.71 -78.31
C SER K 238 -7.88 -3.81 -78.49
N GLU K 239 -6.88 -3.91 -77.62
CA GLU K 239 -5.66 -3.12 -77.80
C GLU K 239 -4.94 -3.49 -79.10
N VAL K 240 -5.08 -4.73 -79.56
CA VAL K 240 -4.45 -5.14 -80.82
C VAL K 240 -5.09 -4.46 -82.02
N LEU K 241 -6.30 -3.91 -81.87
CA LEU K 241 -6.95 -3.20 -82.95
C LEU K 241 -6.40 -1.81 -83.19
N THR K 242 -5.61 -1.28 -82.26
CA THR K 242 -4.96 0.01 -82.42
C THR K 242 -3.67 -0.07 -83.22
N SER K 243 -3.25 -1.27 -83.62
CA SER K 243 -2.02 -1.47 -84.37
C SER K 243 -2.34 -2.07 -85.73
N PRO K 244 -1.95 -1.43 -86.84
CA PRO K 244 -2.21 -2.05 -88.16
C PRO K 244 -1.57 -3.42 -88.34
N THR K 245 -0.36 -3.60 -87.80
CA THR K 245 0.33 -4.88 -87.94
C THR K 245 -0.38 -5.97 -87.16
N MET K 246 -0.73 -5.68 -85.91
CA MET K 246 -1.33 -6.71 -85.05
C MET K 246 -2.71 -7.11 -85.55
N GLU K 247 -3.46 -6.16 -86.10
CA GLU K 247 -4.81 -6.47 -86.57
C GLU K 247 -4.77 -7.49 -87.70
N SER K 248 -3.85 -7.32 -88.66
CA SER K 248 -3.72 -8.32 -89.72
C SER K 248 -3.24 -9.67 -89.15
N THR K 249 -2.27 -9.63 -88.24
CA THR K 249 -1.81 -10.86 -87.61
C THR K 249 -2.90 -11.52 -86.77
N LEU K 250 -3.75 -10.72 -86.14
CA LEU K 250 -4.79 -11.27 -85.27
C LEU K 250 -5.76 -12.15 -86.05
N PHE K 251 -6.16 -11.72 -87.24
CA PHE K 251 -7.15 -12.46 -87.99
C PHE K 251 -6.59 -13.70 -88.66
N LYS K 252 -5.26 -13.78 -88.83
CA LYS K 252 -4.68 -15.06 -89.23
C LYS K 252 -4.64 -16.02 -88.05
N ALA K 253 -4.38 -15.50 -86.84
CA ALA K 253 -4.38 -16.35 -85.66
C ALA K 253 -5.77 -16.92 -85.38
N ILE K 254 -6.81 -16.09 -85.57
CA ILE K 254 -8.18 -16.56 -85.34
C ILE K 254 -8.54 -17.64 -86.36
N GLN K 255 -8.14 -17.44 -87.62
CA GLN K 255 -8.41 -18.45 -88.65
C GLN K 255 -7.79 -19.80 -88.28
N TRP K 256 -6.53 -19.78 -87.83
CA TRP K 256 -5.87 -21.01 -87.42
C TRP K 256 -6.58 -21.65 -86.22
N SER K 257 -6.92 -20.84 -85.22
CA SER K 257 -7.55 -21.39 -84.03
C SER K 257 -8.90 -22.01 -84.34
N LYS K 258 -9.70 -21.36 -85.19
CA LYS K 258 -11.00 -21.92 -85.53
C LYS K 258 -10.86 -23.21 -86.34
N LYS K 259 -9.86 -23.26 -87.23
CA LYS K 259 -9.63 -24.47 -88.00
C LYS K 259 -9.30 -25.66 -87.10
N PHE K 260 -8.69 -25.41 -85.95
CA PHE K 260 -8.35 -26.46 -85.00
C PHE K 260 -9.38 -26.61 -83.89
N GLY K 261 -10.53 -25.95 -84.01
CA GLY K 261 -11.60 -26.13 -83.06
C GLY K 261 -11.52 -25.27 -81.81
N GLY K 262 -10.60 -24.31 -81.76
CA GLY K 262 -10.52 -23.45 -80.59
C GLY K 262 -11.66 -22.45 -80.53
N LEU K 263 -12.02 -22.07 -79.30
CA LEU K 263 -12.99 -21.02 -79.06
C LEU K 263 -12.29 -19.68 -78.95
N ILE K 264 -12.95 -18.63 -79.44
CA ILE K 264 -12.38 -17.29 -79.49
C ILE K 264 -12.98 -16.47 -78.36
N PHE K 265 -12.11 -15.95 -77.49
CA PHE K 265 -12.50 -15.13 -76.35
C PHE K 265 -12.07 -13.70 -76.62
N PHE K 266 -13.04 -12.80 -76.77
CA PHE K 266 -12.79 -11.39 -76.97
C PHE K 266 -13.06 -10.66 -75.65
N ASP K 267 -12.00 -10.23 -74.99
CA ASP K 267 -12.08 -9.43 -73.77
C ASP K 267 -11.81 -8.00 -74.18
N LEU K 268 -12.88 -7.19 -74.26
CA LEU K 268 -12.83 -5.90 -74.93
C LEU K 268 -11.75 -4.97 -74.38
N ASN K 269 -11.91 -4.52 -73.12
CA ASN K 269 -10.93 -3.67 -72.45
C ASN K 269 -10.50 -2.49 -73.33
N LEU K 270 -11.47 -1.62 -73.63
CA LEU K 270 -11.23 -0.56 -74.61
C LEU K 270 -10.13 0.39 -74.14
N PRO K 271 -9.09 0.60 -74.95
CA PRO K 271 -8.07 1.61 -74.59
C PRO K 271 -8.61 3.02 -74.78
N LEU K 272 -7.80 3.99 -74.35
CA LEU K 272 -8.20 5.39 -74.35
C LEU K 272 -8.73 5.89 -75.69
N PRO K 273 -8.07 5.66 -76.83
CA PRO K 273 -8.61 6.20 -78.10
C PRO K 273 -9.99 5.69 -78.46
N LEU K 274 -10.32 4.45 -78.13
CA LEU K 274 -11.58 3.84 -78.57
C LEU K 274 -12.78 4.32 -77.77
N TRP K 275 -12.59 5.22 -76.81
CA TRP K 275 -13.69 5.83 -76.07
C TRP K 275 -14.16 7.14 -76.69
N ARG K 276 -13.59 7.55 -77.82
CA ARG K 276 -13.90 8.87 -78.37
C ARG K 276 -15.33 8.95 -78.86
N SER K 277 -15.77 7.97 -79.66
CA SER K 277 -17.09 8.02 -80.26
C SER K 277 -17.62 6.60 -80.44
N ARG K 278 -18.93 6.44 -80.22
CA ARG K 278 -19.54 5.12 -80.35
C ARG K 278 -19.45 4.59 -81.77
N ASN K 279 -19.74 5.43 -82.75
CA ASN K 279 -19.83 4.94 -84.13
C ASN K 279 -18.48 4.51 -84.67
N GLU K 280 -17.41 5.26 -84.37
CA GLU K 280 -16.09 4.86 -84.84
C GLU K 280 -15.66 3.56 -84.18
N THR K 281 -15.93 3.41 -82.87
CA THR K 281 -15.52 2.21 -82.15
C THR K 281 -16.30 0.99 -82.63
N ARG K 282 -17.60 1.16 -82.87
CA ARG K 282 -18.41 0.03 -83.33
C ARG K 282 -17.94 -0.48 -84.69
N LYS K 283 -17.57 0.44 -85.58
CA LYS K 283 -16.99 0.01 -86.85
C LYS K 283 -15.64 -0.66 -86.66
N LEU K 284 -14.83 -0.15 -85.72
CA LEU K 284 -13.49 -0.68 -85.55
C LEU K 284 -13.49 -2.08 -84.96
N ILE K 285 -14.42 -2.37 -84.04
CA ILE K 285 -14.44 -3.67 -83.39
C ILE K 285 -15.38 -4.67 -84.04
N LYS K 286 -16.15 -4.26 -85.05
CA LYS K 286 -17.21 -5.11 -85.57
C LYS K 286 -16.67 -6.43 -86.11
N LYS K 287 -15.55 -6.39 -86.84
CA LYS K 287 -15.00 -7.61 -87.41
C LYS K 287 -14.53 -8.58 -86.34
N SER K 288 -13.81 -8.08 -85.33
CA SER K 288 -13.36 -8.95 -84.25
C SER K 288 -14.51 -9.38 -83.36
N TRP K 289 -15.53 -8.54 -83.20
CA TRP K 289 -16.72 -8.92 -82.44
C TRP K 289 -17.42 -10.10 -83.09
N ASP K 290 -17.50 -10.11 -84.42
CA ASP K 290 -18.20 -11.18 -85.13
C ASP K 290 -17.44 -12.50 -85.11
N GLU K 291 -16.12 -12.47 -84.90
CA GLU K 291 -15.34 -13.69 -84.86
C GLU K 291 -15.32 -14.35 -83.48
N ALA K 292 -15.85 -13.70 -82.46
CA ALA K 292 -15.72 -14.17 -81.09
C ALA K 292 -16.86 -15.12 -80.72
N ASN K 293 -16.50 -16.17 -79.98
CA ASN K 293 -17.49 -17.08 -79.40
C ASN K 293 -17.85 -16.70 -77.98
N ILE K 294 -16.91 -16.10 -77.24
CA ILE K 294 -17.13 -15.63 -75.89
C ILE K 294 -16.68 -14.18 -75.82
N ILE K 295 -17.51 -13.33 -75.22
CA ILE K 295 -17.21 -11.90 -75.09
C ILE K 295 -17.41 -11.48 -73.64
N GLU K 296 -16.42 -10.79 -73.09
CA GLU K 296 -16.55 -10.14 -71.79
C GLU K 296 -16.43 -8.63 -71.97
N VAL K 297 -17.41 -7.89 -71.47
CA VAL K 297 -17.39 -6.44 -71.48
C VAL K 297 -17.77 -5.94 -70.10
N SER K 298 -17.34 -4.73 -69.78
CA SER K 298 -17.81 -4.10 -68.57
C SER K 298 -19.16 -3.44 -68.82
N GLN K 299 -19.84 -3.08 -67.73
CA GLN K 299 -21.11 -2.38 -67.85
C GLN K 299 -20.93 -1.05 -68.57
N GLN K 300 -19.83 -0.35 -68.29
CA GLN K 300 -19.56 0.92 -68.94
C GLN K 300 -19.28 0.74 -70.43
N GLU K 301 -18.54 -0.31 -70.80
CA GLU K 301 -18.29 -0.56 -72.21
C GLU K 301 -19.57 -0.92 -72.96
N LEU K 302 -20.43 -1.75 -72.35
CA LEU K 302 -21.67 -2.14 -73.01
C LEU K 302 -22.59 -0.95 -73.22
N GLU K 303 -22.76 -0.10 -72.20
CA GLU K 303 -23.62 1.07 -72.34
C GLU K 303 -23.05 2.07 -73.34
N PHE K 304 -21.72 2.20 -73.39
CA PHE K 304 -21.10 3.07 -74.37
C PHE K 304 -21.34 2.57 -75.79
N LEU K 305 -21.29 1.25 -75.98
CA LEU K 305 -21.47 0.70 -77.33
C LEU K 305 -22.91 0.78 -77.80
N LEU K 306 -23.89 0.78 -76.88
CA LEU K 306 -25.29 0.83 -77.29
C LEU K 306 -25.82 2.27 -77.28
N ASP K 307 -25.92 2.87 -76.09
CA ASP K 307 -26.34 4.26 -75.94
C ASP K 307 -26.01 4.75 -74.53
N GLU K 308 -25.03 5.63 -74.40
CA GLU K 308 -24.57 5.99 -73.06
C GLU K 308 -25.59 6.86 -72.33
N GLU K 309 -26.23 7.78 -73.05
CA GLU K 309 -27.12 8.75 -72.42
C GLU K 309 -28.45 8.13 -72.01
N TYR K 310 -28.96 7.15 -72.76
CA TYR K 310 -30.23 6.53 -72.41
C TYR K 310 -30.14 5.82 -71.06
N TYR K 311 -29.04 5.09 -70.82
CA TYR K 311 -28.91 4.37 -69.57
C TYR K 311 -28.57 5.27 -68.40
N GLU K 312 -27.85 6.38 -68.65
CA GLU K 312 -27.62 7.35 -67.59
C GLU K 312 -28.93 8.04 -67.18
N ARG K 313 -29.76 8.40 -68.15
CA ARG K 313 -31.07 8.94 -67.85
C ARG K 313 -31.91 7.92 -67.08
N ARG K 314 -31.82 6.65 -67.48
CA ARG K 314 -32.58 5.60 -66.82
C ARG K 314 -32.18 5.46 -65.36
N ARG K 315 -30.88 5.56 -65.06
CA ARG K 315 -30.42 5.46 -63.69
C ARG K 315 -30.85 6.65 -62.84
N ASN K 316 -30.97 7.83 -63.45
CA ASN K 316 -31.26 9.05 -62.71
C ASN K 316 -32.74 9.33 -62.55
N TYR K 317 -33.61 8.44 -63.03
CA TYR K 317 -35.05 8.67 -62.92
C TYR K 317 -35.54 8.37 -61.52
N THR K 318 -36.38 9.26 -61.00
CA THR K 318 -37.00 9.11 -59.69
C THR K 318 -38.49 9.40 -59.82
N PRO K 319 -39.37 8.49 -59.40
CA PRO K 319 -40.81 8.76 -59.47
C PRO K 319 -41.19 9.98 -58.66
N GLN K 320 -42.17 10.73 -59.18
CA GLN K 320 -42.49 12.03 -58.61
C GLN K 320 -43.31 11.92 -57.33
N TYR K 321 -44.23 10.96 -57.25
CA TYR K 321 -45.18 10.90 -56.14
C TYR K 321 -44.99 9.70 -55.25
N PHE K 322 -44.90 8.50 -55.81
CA PHE K 322 -44.69 7.30 -55.01
C PHE K 322 -43.94 6.27 -55.85
N ALA K 323 -43.30 5.34 -55.16
CA ALA K 323 -42.56 4.28 -55.83
C ALA K 323 -43.52 3.27 -56.45
N GLU K 324 -43.04 2.62 -57.51
CA GLU K 324 -43.85 1.60 -58.17
C GLU K 324 -43.90 0.31 -57.37
N ASP K 325 -42.95 0.09 -56.48
CA ASP K 325 -42.95 -1.10 -55.62
C ASP K 325 -42.15 -0.77 -54.38
N PHE K 326 -42.25 -1.66 -53.38
CA PHE K 326 -41.61 -1.40 -52.10
C PHE K 326 -40.09 -1.30 -52.23
N GLU K 327 -39.50 -2.08 -53.13
CA GLU K 327 -38.04 -2.07 -53.26
C GLU K 327 -37.52 -0.74 -53.79
N GLN K 328 -38.29 -0.08 -54.64
CA GLN K 328 -37.89 1.23 -55.17
C GLN K 328 -37.82 2.29 -54.08
N THR K 329 -38.46 2.07 -52.94
CA THR K 329 -38.37 3.05 -51.85
C THR K 329 -37.03 3.03 -51.15
N LYS K 330 -36.30 1.90 -51.20
CA LYS K 330 -35.07 1.77 -50.42
C LYS K 330 -33.91 2.55 -51.02
N ASN K 331 -34.07 3.10 -52.23
CA ASN K 331 -33.03 3.91 -52.86
C ASN K 331 -31.71 3.16 -52.97
N ARG K 332 -31.78 1.90 -53.39
CA ARG K 332 -30.61 1.05 -53.47
C ARG K 332 -29.82 1.33 -54.74
N ARG K 333 -28.61 0.77 -54.79
CA ARG K 333 -27.77 0.91 -55.97
C ARG K 333 -28.42 0.23 -57.17
N ASP K 334 -28.18 0.78 -58.36
CA ASP K 334 -28.81 0.28 -59.57
C ASP K 334 -27.98 -0.88 -60.14
N TYR K 335 -28.63 -2.04 -60.27
CA TYR K 335 -27.99 -3.21 -60.86
C TYR K 335 -28.77 -3.67 -62.08
N TYR K 336 -29.11 -2.73 -62.96
CA TYR K 336 -30.02 -3.02 -64.06
C TYR K 336 -29.51 -4.18 -64.92
N HIS K 337 -30.38 -5.15 -65.16
CA HIS K 337 -30.09 -6.29 -66.01
C HIS K 337 -30.63 -6.01 -67.41
N TYR K 338 -29.74 -5.89 -68.37
CA TYR K 338 -30.14 -5.57 -69.74
C TYR K 338 -30.92 -6.75 -70.35
N THR K 339 -32.02 -6.44 -71.01
CA THR K 339 -32.79 -7.48 -71.66
C THR K 339 -32.08 -7.98 -72.91
N PRO K 340 -32.31 -9.24 -73.29
CA PRO K 340 -31.71 -9.73 -74.53
C PRO K 340 -32.14 -8.96 -75.78
N GLU K 341 -33.26 -8.22 -75.73
CA GLU K 341 -33.63 -7.39 -76.86
C GLU K 341 -32.80 -6.11 -76.94
N GLU K 342 -32.41 -5.55 -75.79
CA GLU K 342 -31.48 -4.43 -75.81
C GLU K 342 -30.12 -4.86 -76.34
N ILE K 343 -29.69 -6.07 -76.00
CA ILE K 343 -28.40 -6.60 -76.45
C ILE K 343 -28.41 -7.02 -77.91
N LYS K 344 -29.58 -7.14 -78.53
CA LYS K 344 -29.70 -7.71 -79.86
C LYS K 344 -28.81 -7.09 -80.92
N PRO K 345 -28.58 -5.77 -80.96
CA PRO K 345 -27.64 -5.23 -81.97
C PRO K 345 -26.25 -5.85 -81.91
N LEU K 346 -25.83 -6.38 -80.76
CA LEU K 346 -24.51 -6.94 -80.60
C LEU K 346 -24.48 -8.46 -80.69
N TRP K 347 -25.63 -9.11 -80.84
CA TRP K 347 -25.67 -10.56 -80.90
C TRP K 347 -25.43 -11.04 -82.33
N HIS K 348 -24.75 -12.17 -82.46
CA HIS K 348 -24.53 -12.81 -83.75
C HIS K 348 -24.65 -14.31 -83.59
N ASP K 349 -24.47 -15.03 -84.70
CA ASP K 349 -24.80 -16.45 -84.75
C ASP K 349 -23.83 -17.30 -83.93
N ASP K 350 -22.54 -16.98 -84.01
CA ASP K 350 -21.50 -17.82 -83.40
C ASP K 350 -21.26 -17.50 -81.93
N LEU K 351 -21.97 -16.53 -81.37
CA LEU K 351 -21.73 -16.11 -79.99
C LEU K 351 -22.39 -17.10 -79.03
N LYS K 352 -21.58 -17.70 -78.15
CA LYS K 352 -22.05 -18.67 -77.18
C LYS K 352 -22.34 -18.07 -75.82
N LEU K 353 -21.54 -17.10 -75.39
CA LEU K 353 -21.68 -16.55 -74.04
C LEU K 353 -21.22 -15.10 -74.06
N LEU K 354 -22.09 -14.20 -73.60
CA LEU K 354 -21.73 -12.81 -73.36
C LEU K 354 -21.81 -12.55 -71.86
N VAL K 355 -20.75 -12.01 -71.30
CA VAL K 355 -20.68 -11.69 -69.88
C VAL K 355 -20.48 -10.19 -69.75
N VAL K 356 -21.35 -9.53 -68.99
CA VAL K 356 -21.25 -8.11 -68.68
C VAL K 356 -20.94 -7.99 -67.19
N THR K 357 -19.82 -7.36 -66.87
CA THR K 357 -19.32 -7.30 -65.50
C THR K 357 -19.54 -5.91 -64.93
N ASP K 358 -20.24 -5.85 -63.80
CA ASP K 358 -20.32 -4.65 -62.98
C ASP K 358 -19.33 -4.77 -61.83
N GLY K 359 -18.06 -4.67 -62.17
CA GLY K 359 -17.02 -5.03 -61.21
C GLY K 359 -17.15 -6.49 -60.84
N THR K 360 -16.98 -6.78 -59.55
CA THR K 360 -17.32 -8.09 -59.01
C THR K 360 -18.71 -8.12 -58.40
N LEU K 361 -19.46 -7.01 -58.48
CA LEU K 361 -20.77 -6.94 -57.84
C LEU K 361 -21.81 -7.74 -58.61
N ARG K 362 -21.81 -7.66 -59.93
CA ARG K 362 -22.77 -8.37 -60.76
C ARG K 362 -22.06 -8.95 -61.97
N LEU K 363 -22.46 -10.15 -62.36
CA LEU K 363 -22.01 -10.78 -63.60
C LEU K 363 -23.26 -11.15 -64.41
N HIS K 364 -23.63 -10.29 -65.35
CA HIS K 364 -24.74 -10.59 -66.25
C HIS K 364 -24.24 -11.49 -67.38
N TYR K 365 -24.93 -12.60 -67.59
CA TYR K 365 -24.53 -13.56 -68.61
C TYR K 365 -25.67 -13.75 -69.61
N TYR K 366 -25.29 -13.95 -70.87
CA TYR K 366 -26.25 -14.09 -71.96
C TYR K 366 -25.82 -15.23 -72.86
N THR K 367 -26.74 -16.15 -73.13
CA THR K 367 -26.56 -17.28 -74.03
C THR K 367 -27.67 -17.24 -75.06
N PRO K 368 -27.54 -18.00 -76.15
CA PRO K 368 -28.67 -18.09 -77.09
C PRO K 368 -29.95 -18.59 -76.46
N LYS K 369 -29.87 -19.42 -75.42
CA LYS K 369 -31.05 -20.03 -74.82
C LYS K 369 -31.57 -19.29 -73.59
N PHE K 370 -30.70 -18.71 -72.77
CA PHE K 370 -31.14 -18.11 -71.51
C PHE K 370 -30.24 -16.93 -71.16
N ASP K 371 -30.64 -16.22 -70.10
CA ASP K 371 -29.85 -15.12 -69.57
C ASP K 371 -30.15 -14.95 -68.09
N GLY K 372 -29.27 -14.26 -67.40
CA GLY K 372 -29.44 -14.03 -65.98
C GLY K 372 -28.27 -13.28 -65.40
N VAL K 373 -28.27 -13.15 -64.08
CA VAL K 373 -27.23 -12.40 -63.37
C VAL K 373 -26.76 -13.20 -62.17
N VAL K 374 -25.47 -13.15 -61.92
CA VAL K 374 -24.85 -13.72 -60.72
C VAL K 374 -24.55 -12.57 -59.77
N VAL K 375 -25.06 -12.67 -58.55
CA VAL K 375 -24.82 -11.63 -57.55
C VAL K 375 -23.47 -11.89 -56.89
N GLY K 376 -22.63 -10.87 -56.88
CA GLY K 376 -21.35 -10.95 -56.20
C GLY K 376 -21.22 -9.92 -55.11
N THR K 377 -20.00 -9.59 -54.75
CA THR K 377 -19.74 -8.62 -53.70
C THR K 377 -18.30 -8.13 -53.84
N GLU K 378 -17.93 -7.17 -53.00
CA GLU K 378 -16.56 -6.68 -52.95
C GLU K 378 -16.29 -6.19 -51.54
N ASP K 379 -15.05 -6.30 -51.11
CA ASP K 379 -14.65 -5.72 -49.82
C ASP K 379 -13.18 -5.31 -49.94
N VAL K 380 -12.97 -4.06 -50.35
CA VAL K 380 -11.63 -3.48 -50.30
C VAL K 380 -11.41 -2.71 -49.01
N LEU K 381 -12.48 -2.29 -48.33
CA LEU K 381 -12.38 -1.63 -47.05
C LEU K 381 -11.97 -2.56 -45.92
N ILE K 382 -11.95 -3.87 -46.19
CA ILE K 382 -11.43 -4.79 -45.18
C ILE K 382 -9.92 -4.63 -45.04
N THR K 383 -9.23 -4.14 -46.08
CA THR K 383 -7.79 -3.89 -46.02
C THR K 383 -7.47 -2.56 -46.72
N PRO K 384 -7.73 -1.44 -46.03
CA PRO K 384 -7.63 -0.13 -46.70
C PRO K 384 -6.24 0.23 -47.20
N PHE K 385 -5.19 -0.36 -46.65
CA PHE K 385 -3.83 0.04 -47.00
C PHE K 385 -3.15 -0.89 -47.99
N THR K 386 -3.76 -2.03 -48.33
CA THR K 386 -3.22 -2.89 -49.37
C THR K 386 -4.16 -3.09 -50.54
N CYS K 387 -5.36 -2.50 -50.50
CA CYS K 387 -6.32 -2.69 -51.57
C CYS K 387 -5.87 -2.00 -52.84
N ASP K 388 -6.02 -2.71 -53.97
CA ASP K 388 -5.67 -2.17 -55.28
C ASP K 388 -6.46 -2.94 -56.31
N ARG K 389 -7.37 -2.26 -57.01
CA ARG K 389 -8.29 -2.92 -57.91
C ARG K 389 -7.66 -3.35 -59.22
N THR K 390 -6.45 -2.86 -59.53
CA THR K 390 -5.81 -3.17 -60.80
C THR K 390 -5.59 -4.67 -60.95
N GLY K 391 -6.00 -5.21 -62.10
CA GLY K 391 -5.85 -6.61 -62.39
C GLY K 391 -7.01 -7.48 -61.95
N SER K 392 -7.99 -6.93 -61.23
CA SER K 392 -9.11 -7.76 -60.80
C SER K 392 -10.00 -8.15 -61.97
N GLY K 393 -10.05 -7.32 -63.01
CA GLY K 393 -10.76 -7.70 -64.22
C GLY K 393 -10.13 -8.89 -64.91
N ASP K 394 -8.81 -8.98 -64.88
CA ASP K 394 -8.11 -10.11 -65.49
C ASP K 394 -8.34 -11.40 -64.70
N ALA K 395 -8.43 -11.31 -63.37
CA ALA K 395 -8.68 -12.50 -62.56
C ALA K 395 -10.07 -13.06 -62.81
N VAL K 396 -11.06 -12.18 -63.02
CA VAL K 396 -12.41 -12.63 -63.32
C VAL K 396 -12.44 -13.37 -64.66
N VAL K 397 -11.78 -12.80 -65.68
CA VAL K 397 -11.72 -13.44 -66.99
C VAL K 397 -10.98 -14.77 -66.92
N ALA K 398 -9.86 -14.80 -66.18
CA ALA K 398 -9.12 -16.05 -66.01
C ALA K 398 -9.95 -17.10 -65.30
N GLY K 399 -10.76 -16.67 -64.31
CA GLY K 399 -11.63 -17.61 -63.62
C GLY K 399 -12.71 -18.18 -64.52
N ILE K 400 -13.25 -17.35 -65.41
CA ILE K 400 -14.21 -17.84 -66.39
C ILE K 400 -13.56 -18.88 -67.30
N MET K 401 -12.36 -18.56 -67.80
CA MET K 401 -11.64 -19.47 -68.69
C MET K 401 -11.26 -20.77 -67.99
N ARG K 402 -10.93 -20.70 -66.69
CA ARG K 402 -10.59 -21.90 -65.95
C ARG K 402 -11.77 -22.86 -65.87
N LYS K 403 -12.97 -22.32 -65.66
CA LYS K 403 -14.14 -23.17 -65.53
C LYS K 403 -14.72 -23.58 -66.88
N LEU K 404 -14.59 -22.73 -67.91
CA LEU K 404 -15.14 -23.08 -69.22
C LEU K 404 -14.43 -24.30 -69.80
N THR K 405 -13.11 -24.37 -69.66
CA THR K 405 -12.36 -25.49 -70.25
C THR K 405 -12.63 -26.80 -69.53
N THR K 406 -12.87 -26.76 -68.22
CA THR K 406 -13.05 -27.98 -67.44
C THR K 406 -14.51 -28.35 -67.22
N CYS K 407 -15.44 -27.41 -67.45
CA CYS K 407 -16.87 -27.64 -67.24
C CYS K 407 -17.62 -27.16 -68.48
N PRO K 408 -17.56 -27.92 -69.57
CA PRO K 408 -18.17 -27.48 -70.84
C PRO K 408 -19.69 -27.44 -70.79
N GLU K 409 -20.34 -28.01 -69.78
CA GLU K 409 -21.80 -27.90 -69.68
C GLU K 409 -22.24 -26.50 -69.29
N MET K 410 -21.30 -25.62 -68.91
CA MET K 410 -21.61 -24.24 -68.57
C MET K 410 -22.38 -23.54 -69.69
N PHE K 411 -22.07 -23.89 -70.94
CA PHE K 411 -22.71 -23.23 -72.07
C PHE K 411 -24.19 -23.57 -72.18
N GLU K 412 -24.60 -24.75 -71.70
CA GLU K 412 -25.97 -25.22 -71.91
C GLU K 412 -26.80 -25.34 -70.64
N ASP K 413 -26.19 -25.36 -69.47
CA ASP K 413 -26.90 -25.50 -68.20
C ASP K 413 -26.80 -24.20 -67.42
N GLN K 414 -27.96 -23.61 -67.11
CA GLN K 414 -27.96 -22.32 -66.44
C GLN K 414 -27.51 -22.43 -65.00
N ASP K 415 -28.01 -23.44 -64.28
CA ASP K 415 -27.62 -23.60 -62.88
C ASP K 415 -26.14 -23.90 -62.74
N VAL K 416 -25.60 -24.73 -63.64
CA VAL K 416 -24.18 -25.01 -63.62
C VAL K 416 -23.37 -23.75 -63.93
N LEU K 417 -23.84 -22.96 -64.90
CA LEU K 417 -23.11 -21.75 -65.27
C LEU K 417 -23.03 -20.77 -64.10
N GLU K 418 -24.14 -20.60 -63.37
CA GLU K 418 -24.14 -19.66 -62.25
C GLU K 418 -23.20 -20.11 -61.13
N ARG K 419 -23.18 -21.40 -60.82
CA ARG K 419 -22.28 -21.89 -59.79
C ARG K 419 -20.83 -21.71 -60.19
N GLN K 420 -20.50 -21.97 -61.45
CA GLN K 420 -19.11 -21.82 -61.89
C GLN K 420 -18.70 -20.35 -61.96
N LEU K 421 -19.63 -19.46 -62.28
CA LEU K 421 -19.29 -18.05 -62.34
C LEU K 421 -19.04 -17.45 -60.96
N ARG K 422 -19.59 -18.05 -59.91
CA ARG K 422 -19.28 -17.59 -58.56
C ARG K 422 -17.82 -17.81 -58.21
N PHE K 423 -17.18 -18.81 -58.83
CA PHE K 423 -15.74 -18.99 -58.70
C PHE K 423 -14.98 -17.80 -59.28
N ALA K 424 -15.44 -17.29 -60.43
CA ALA K 424 -14.81 -16.12 -61.02
C ALA K 424 -15.00 -14.87 -60.17
N VAL K 425 -16.15 -14.76 -59.51
CA VAL K 425 -16.40 -13.63 -58.61
C VAL K 425 -15.40 -13.65 -57.46
N ALA K 426 -15.19 -14.83 -56.87
CA ALA K 426 -14.28 -14.94 -55.74
C ALA K 426 -12.85 -14.58 -56.13
N ALA K 427 -12.42 -14.99 -57.33
CA ALA K 427 -11.07 -14.66 -57.79
C ALA K 427 -10.91 -13.16 -57.95
N GLY K 428 -11.93 -12.47 -58.47
CA GLY K 428 -11.86 -11.03 -58.58
C GLY K 428 -11.77 -10.34 -57.23
N ILE K 429 -12.47 -10.88 -56.22
CA ILE K 429 -12.47 -10.25 -54.90
C ILE K 429 -11.08 -10.32 -54.28
N ILE K 430 -10.44 -11.49 -54.33
CA ILE K 430 -9.13 -11.66 -53.72
C ILE K 430 -8.10 -10.78 -54.43
N SER K 431 -8.23 -10.66 -55.75
CA SER K 431 -7.27 -9.90 -56.53
C SER K 431 -7.22 -8.43 -56.14
N GLN K 432 -8.29 -7.90 -55.53
CA GLN K 432 -8.35 -6.51 -55.13
C GLN K 432 -7.72 -6.25 -53.76
N TRP K 433 -7.15 -7.27 -53.12
CA TRP K 433 -6.62 -7.14 -51.77
C TRP K 433 -5.11 -6.95 -51.73
N THR K 434 -4.46 -6.78 -52.88
CA THR K 434 -3.00 -6.67 -52.95
C THR K 434 -2.61 -5.57 -53.91
N ILE K 435 -1.53 -4.86 -53.58
CA ILE K 435 -0.97 -3.87 -54.50
C ILE K 435 -0.24 -4.58 -55.63
N GLY K 436 -0.62 -4.27 -56.86
CA GLY K 436 -0.01 -4.90 -58.01
C GLY K 436 -0.83 -6.06 -58.53
N ALA K 437 -1.03 -6.10 -59.85
CA ALA K 437 -1.90 -7.13 -60.44
C ALA K 437 -1.29 -8.52 -60.32
N VAL K 438 -0.07 -8.69 -60.84
CA VAL K 438 0.56 -10.00 -60.84
C VAL K 438 0.85 -10.46 -59.43
N ARG K 439 1.30 -9.55 -58.57
CA ARG K 439 1.63 -9.90 -57.19
C ARG K 439 0.43 -10.46 -56.44
N GLY K 440 -0.77 -9.99 -56.74
CA GLY K 440 -1.96 -10.36 -56.00
C GLY K 440 -2.89 -11.38 -56.63
N PHE K 441 -2.53 -11.98 -57.76
CA PHE K 441 -3.40 -12.96 -58.39
C PHE K 441 -3.55 -14.19 -57.50
N PRO K 442 -4.76 -14.69 -57.27
CA PRO K 442 -4.98 -15.76 -56.30
C PRO K 442 -4.81 -17.16 -56.89
N THR K 443 -4.52 -18.10 -55.99
CA THR K 443 -4.45 -19.51 -56.35
C THR K 443 -5.85 -20.13 -56.36
N GLU K 444 -5.93 -21.37 -56.86
CA GLU K 444 -7.22 -22.04 -56.95
C GLU K 444 -7.80 -22.35 -55.58
N SER K 445 -6.98 -22.84 -54.65
CA SER K 445 -7.51 -23.24 -53.35
C SER K 445 -7.96 -22.02 -52.55
N ALA K 446 -7.23 -20.91 -52.66
CA ALA K 446 -7.69 -19.68 -52.00
C ALA K 446 -9.02 -19.21 -52.59
N THR K 447 -9.17 -19.27 -53.91
CA THR K 447 -10.42 -18.85 -54.54
C THR K 447 -11.57 -19.76 -54.12
N GLN K 448 -11.34 -21.08 -54.12
CA GLN K 448 -12.38 -22.00 -53.71
C GLN K 448 -12.75 -21.82 -52.24
N ASN K 449 -11.75 -21.53 -51.40
CA ASN K 449 -12.03 -21.27 -49.99
C ASN K 449 -12.92 -20.04 -49.81
N LEU K 450 -12.59 -18.94 -50.49
CA LEU K 450 -13.37 -17.72 -50.35
C LEU K 450 -14.80 -17.92 -50.86
N LYS K 451 -14.95 -18.65 -51.97
CA LYS K 451 -16.28 -18.90 -52.51
C LYS K 451 -17.17 -19.61 -51.50
N GLU K 452 -16.62 -20.61 -50.80
CA GLU K 452 -17.41 -21.34 -49.82
C GLU K 452 -17.65 -20.54 -48.56
N GLN K 453 -16.77 -19.60 -48.24
CA GLN K 453 -16.99 -18.74 -47.09
C GLN K 453 -18.05 -17.68 -47.36
N VAL K 454 -18.07 -17.15 -48.58
CA VAL K 454 -18.98 -16.04 -48.90
C VAL K 454 -20.40 -16.55 -49.14
N TYR K 455 -20.53 -17.60 -49.95
CA TYR K 455 -21.85 -18.09 -50.36
C TYR K 455 -22.35 -19.18 -49.42
N VAL K 456 -23.66 -19.22 -49.25
CA VAL K 456 -24.29 -20.28 -48.46
C VAL K 456 -24.08 -21.60 -49.19
N PRO K 457 -24.04 -22.73 -48.48
CA PRO K 457 -23.65 -23.99 -49.12
C PRO K 457 -24.52 -24.39 -50.30
N SER K 458 -25.80 -23.99 -50.33
CA SER K 458 -26.65 -24.36 -51.45
C SER K 458 -26.27 -23.65 -52.75
N MET K 459 -25.45 -22.60 -52.69
CA MET K 459 -25.03 -21.88 -53.87
C MET K 459 -23.67 -22.32 -54.41
N TRP K 460 -22.98 -23.23 -53.72
CA TRP K 460 -21.66 -23.66 -54.15
C TRP K 460 -21.74 -24.40 -55.48
N PHE L 56 48.74 -57.88 19.39
CA PHE L 56 47.94 -57.89 18.19
C PHE L 56 46.67 -58.73 18.36
N PRO L 57 45.59 -58.33 17.69
CA PRO L 57 44.31 -59.05 17.86
C PRO L 57 44.39 -60.51 17.45
N LEU L 58 45.33 -60.88 16.59
CA LEU L 58 45.50 -62.29 16.24
C LEU L 58 46.17 -63.09 17.35
N PHE L 59 46.96 -62.44 18.21
CA PHE L 59 47.72 -63.12 19.24
C PHE L 59 47.05 -63.06 20.60
N GLN L 60 45.85 -62.51 20.69
CA GLN L 60 45.12 -62.47 21.96
C GLN L 60 44.02 -63.53 21.97
N LEU L 72 21.05 -67.97 33.17
CA LEU L 72 20.45 -66.89 32.41
C LEU L 72 20.71 -67.02 30.92
N GLU L 73 19.68 -67.43 30.19
CA GLU L 73 19.74 -67.53 28.74
C GLU L 73 19.03 -66.34 28.12
N SER L 74 19.53 -65.92 26.97
CA SER L 74 18.84 -64.88 26.20
C SER L 74 17.43 -65.34 25.90
N ALA L 75 16.48 -64.42 26.04
CA ALA L 75 15.09 -64.74 25.74
C ALA L 75 14.95 -65.14 24.27
N ASP L 76 13.77 -65.66 23.95
CA ASP L 76 13.44 -65.95 22.56
C ASP L 76 13.64 -64.70 21.72
N PRO L 77 14.37 -64.78 20.60
CA PRO L 77 14.57 -63.57 19.78
C PRO L 77 13.27 -62.93 19.34
N ASP L 78 12.21 -63.72 19.17
CA ASP L 78 10.90 -63.19 18.80
C ASP L 78 10.22 -62.42 19.93
N PHE L 79 10.72 -62.53 21.16
CA PHE L 79 10.11 -61.78 22.26
C PHE L 79 10.25 -60.28 22.03
N TYR L 80 11.47 -59.82 21.78
CA TYR L 80 11.67 -58.40 21.51
C TYR L 80 11.14 -58.02 20.13
N LYS L 81 11.19 -58.94 19.16
CA LYS L 81 10.85 -58.60 17.78
C LYS L 81 9.39 -58.23 17.63
N ILE L 82 8.49 -58.94 18.32
CA ILE L 82 7.06 -58.65 18.16
C ILE L 82 6.75 -57.26 18.69
N GLY L 83 7.43 -56.83 19.76
CA GLY L 83 7.31 -55.45 20.19
C GLY L 83 8.05 -54.49 19.27
N TYR L 84 9.22 -54.90 18.78
CA TYR L 84 10.05 -54.00 17.99
C TYR L 84 9.36 -53.59 16.69
N VAL L 85 8.67 -54.53 16.04
CA VAL L 85 7.93 -54.19 14.83
C VAL L 85 6.71 -53.32 15.13
N ARG L 86 6.37 -53.13 16.40
CA ARG L 86 5.28 -52.27 16.82
C ARG L 86 5.78 -51.08 17.62
N ARG L 87 7.04 -50.68 17.38
CA ARG L 87 7.68 -49.47 17.90
C ARG L 87 8.14 -49.60 19.35
N VAL L 88 8.28 -50.79 19.89
CA VAL L 88 8.97 -50.95 21.16
C VAL L 88 10.46 -50.80 20.92
N ARG L 89 11.11 -49.94 21.72
CA ARG L 89 12.55 -49.75 21.64
C ARG L 89 13.18 -50.03 22.99
N ALA L 90 14.26 -50.81 22.97
CA ALA L 90 15.08 -51.05 24.14
C ALA L 90 16.49 -50.57 23.82
N TYR L 91 17.11 -49.87 24.77
CA TYR L 91 18.41 -49.25 24.56
C TYR L 91 19.38 -49.77 25.61
N GLY L 92 20.39 -50.51 25.17
CA GLY L 92 21.43 -50.96 26.07
C GLY L 92 21.01 -52.02 27.05
N VAL L 93 19.87 -52.67 26.83
CA VAL L 93 19.41 -53.74 27.69
C VAL L 93 18.99 -54.92 26.85
N GLU L 94 18.94 -56.09 27.48
CA GLU L 94 18.53 -57.31 26.83
C GLU L 94 17.61 -58.08 27.76
N PHE L 95 16.69 -58.83 27.18
CA PHE L 95 15.77 -59.65 27.94
C PHE L 95 16.37 -61.05 28.07
N LYS L 96 16.57 -61.49 29.31
CA LYS L 96 17.17 -62.77 29.60
C LYS L 96 16.22 -63.60 30.44
N GLU L 97 16.26 -64.90 30.22
CA GLU L 97 15.34 -65.82 30.85
C GLU L 97 16.13 -66.79 31.72
N GLY L 98 15.63 -67.05 32.92
CA GLY L 98 16.22 -68.00 33.82
C GLY L 98 15.17 -68.89 34.43
N PRO L 99 15.60 -69.82 35.29
CA PRO L 99 14.62 -70.67 35.97
C PRO L 99 13.62 -69.90 36.81
N ASP L 100 14.02 -68.76 37.37
CA ASP L 100 13.09 -67.95 38.15
C ASP L 100 12.28 -66.96 37.32
N GLY L 101 12.60 -66.80 36.04
CA GLY L 101 11.75 -66.06 35.13
C GLY L 101 12.54 -65.08 34.29
N PHE L 102 11.79 -64.23 33.60
CA PHE L 102 12.37 -63.21 32.73
C PHE L 102 13.00 -62.09 33.56
N GLY L 103 13.85 -61.32 32.91
CA GLY L 103 14.47 -60.15 33.51
C GLY L 103 15.05 -59.27 32.44
N ILE L 104 15.39 -58.06 32.83
CA ILE L 104 15.98 -57.07 31.94
C ILE L 104 17.36 -56.73 32.47
N TYR L 105 18.37 -56.87 31.63
CA TYR L 105 19.76 -56.70 32.03
C TYR L 105 20.46 -55.74 31.08
N ALA L 106 21.37 -54.96 31.63
CA ALA L 106 22.16 -54.04 30.82
C ALA L 106 23.08 -54.85 29.91
N SER L 107 22.85 -54.74 28.60
CA SER L 107 23.70 -55.45 27.65
C SER L 107 25.08 -54.82 27.51
N LYS L 108 25.30 -53.64 28.10
CA LYS L 108 26.58 -52.97 28.03
C LYS L 108 26.69 -52.02 29.21
N ASP L 109 27.87 -51.40 29.35
CA ASP L 109 28.09 -50.45 30.44
C ASP L 109 27.34 -49.16 30.14
N ILE L 110 26.31 -48.87 30.93
CA ILE L 110 25.49 -47.68 30.75
C ILE L 110 26.13 -46.56 31.56
N GLU L 111 26.82 -45.67 30.86
CA GLU L 111 27.55 -44.61 31.53
C GLU L 111 26.61 -43.56 32.10
N PRO L 112 26.98 -42.93 33.22
CA PRO L 112 26.13 -41.88 33.79
C PRO L 112 26.11 -40.63 32.91
N ARG L 113 24.97 -39.95 32.94
CA ARG L 113 24.78 -38.70 32.23
C ARG L 113 24.23 -37.66 33.20
N ARG L 114 24.07 -36.44 32.72
CA ARG L 114 23.49 -35.39 33.57
C ARG L 114 22.02 -35.64 33.85
N ARG L 115 21.34 -36.38 32.98
CA ARG L 115 19.92 -36.64 33.12
C ARG L 115 19.65 -38.13 33.01
N ALA L 116 18.41 -38.51 33.34
CA ALA L 116 18.01 -39.90 33.23
C ALA L 116 18.08 -40.37 31.77
N ARG L 117 18.62 -41.56 31.57
CA ARG L 117 18.74 -42.14 30.25
C ARG L 117 17.51 -42.96 29.93
N VAL L 118 17.09 -42.92 28.67
CA VAL L 118 15.97 -43.74 28.22
C VAL L 118 16.46 -45.16 28.04
N ILE L 119 15.84 -46.10 28.76
CA ILE L 119 16.18 -47.51 28.67
C ILE L 119 15.22 -48.25 27.74
N MET L 120 13.92 -48.03 27.92
CA MET L 120 12.92 -48.68 27.09
C MET L 120 11.80 -47.69 26.77
N GLU L 121 11.19 -47.86 25.60
CA GLU L 121 10.04 -47.10 25.19
C GLU L 121 8.95 -48.06 24.75
N ILE L 122 7.78 -47.97 25.37
CA ILE L 122 6.68 -48.87 25.09
C ILE L 122 5.50 -48.05 24.62
N PRO L 123 5.03 -48.23 23.39
CA PRO L 123 3.86 -47.49 22.92
C PRO L 123 2.60 -47.83 23.69
N HIS L 124 1.71 -46.84 23.79
CA HIS L 124 0.48 -47.00 24.55
C HIS L 124 -0.42 -48.07 23.96
N GLU L 125 -0.45 -48.18 22.62
CA GLU L 125 -1.36 -49.11 21.96
C GLU L 125 -1.05 -50.57 22.26
N LEU L 126 0.10 -50.87 22.82
CA LEU L 126 0.43 -52.24 23.20
C LEU L 126 0.04 -52.57 24.63
N MET L 127 -0.57 -51.65 25.36
CA MET L 127 -0.93 -51.87 26.75
C MET L 127 -2.41 -52.19 26.90
N ILE L 128 -2.75 -52.73 28.06
CA ILE L 128 -4.14 -52.92 28.49
C ILE L 128 -4.32 -52.09 29.74
N THR L 129 -5.08 -51.00 29.63
CA THR L 129 -5.27 -50.10 30.76
C THR L 129 -6.76 -49.91 31.02
N ILE L 130 -7.07 -49.68 32.29
CA ILE L 130 -8.43 -49.36 32.72
C ILE L 130 -8.30 -48.26 33.77
N ARG L 131 -9.31 -47.40 33.83
CA ARG L 131 -9.33 -46.35 34.83
C ARG L 131 -9.34 -46.95 36.23
N GLN L 132 -8.51 -46.37 37.11
CA GLN L 132 -8.53 -46.79 38.51
C GLN L 132 -9.86 -46.46 39.17
N LYS L 133 -10.45 -45.32 38.82
CA LYS L 133 -11.67 -44.84 39.44
C LYS L 133 -12.84 -44.93 38.47
N HIS L 134 -14.02 -45.16 39.04
CA HIS L 134 -15.25 -45.21 38.27
C HIS L 134 -15.47 -43.89 37.54
N PRO L 135 -16.02 -43.90 36.32
CA PRO L 135 -16.50 -45.03 35.52
C PRO L 135 -15.38 -45.78 34.81
N TRP L 136 -15.60 -47.03 34.44
CA TRP L 136 -14.56 -47.85 33.83
C TRP L 136 -14.46 -47.53 32.36
N MET L 137 -13.38 -46.87 31.97
CA MET L 137 -13.05 -46.64 30.58
C MET L 137 -11.70 -47.29 30.29
N PHE L 138 -11.56 -47.81 29.08
CA PHE L 138 -10.39 -48.58 28.69
C PHE L 138 -9.56 -47.77 27.71
N PHE L 139 -8.25 -47.74 27.93
CA PHE L 139 -7.33 -46.97 27.10
C PHE L 139 -6.20 -47.87 26.64
N PRO L 140 -6.09 -48.21 25.36
CA PRO L 140 -7.03 -47.86 24.27
C PRO L 140 -8.34 -48.62 24.40
N ASP L 141 -9.44 -48.09 23.86
CA ASP L 141 -10.74 -48.70 24.02
C ASP L 141 -10.85 -49.89 23.08
N ILE L 142 -10.85 -51.09 23.65
CA ILE L 142 -10.88 -52.32 22.88
C ILE L 142 -12.19 -53.07 23.02
N VAL L 143 -12.99 -52.79 24.04
CA VAL L 143 -14.24 -53.50 24.27
C VAL L 143 -15.33 -52.87 23.41
N PRO L 144 -15.97 -53.63 22.53
CA PRO L 144 -17.04 -53.06 21.72
C PRO L 144 -18.22 -52.64 22.56
N ILE L 145 -18.94 -51.63 22.06
CA ILE L 145 -20.18 -51.21 22.72
C ILE L 145 -21.17 -52.36 22.69
N GLY L 146 -21.75 -52.66 23.84
CA GLY L 146 -22.71 -53.75 23.96
C GLY L 146 -22.12 -55.10 24.27
N HIS L 147 -20.80 -55.22 24.31
CA HIS L 147 -20.19 -56.50 24.65
C HIS L 147 -20.55 -56.89 26.07
N PRO L 148 -20.88 -58.17 26.33
CA PRO L 148 -21.20 -58.59 27.69
C PRO L 148 -20.04 -58.53 28.66
N ILE L 149 -18.80 -58.39 28.18
CA ILE L 149 -17.67 -58.32 29.10
C ILE L 149 -17.71 -57.01 29.89
N PHE L 150 -18.23 -55.93 29.32
CA PHE L 150 -18.32 -54.69 30.07
C PHE L 150 -19.27 -54.82 31.25
N ASP L 151 -20.38 -55.53 31.06
CA ASP L 151 -21.31 -55.76 32.16
C ASP L 151 -20.63 -56.50 33.31
N ILE L 152 -19.77 -57.46 32.99
CA ILE L 152 -19.03 -58.18 34.02
C ILE L 152 -18.03 -57.26 34.70
N ILE L 153 -17.32 -56.44 33.92
CA ILE L 153 -16.39 -55.46 34.51
C ILE L 153 -17.16 -54.45 35.35
N ASN L 154 -18.32 -54.01 34.87
CA ASN L 154 -19.11 -53.01 35.55
C ASN L 154 -19.75 -53.49 36.84
N SER L 155 -19.82 -54.81 37.07
CA SER L 155 -20.44 -55.37 38.25
C SER L 155 -19.48 -55.53 39.42
N THR L 156 -18.25 -55.03 39.29
CA THR L 156 -17.23 -55.23 40.29
C THR L 156 -17.29 -54.15 41.37
N ASP L 157 -16.64 -54.44 42.49
CA ASP L 157 -16.44 -53.47 43.55
C ASP L 157 -15.40 -52.44 43.10
N PRO L 158 -15.71 -51.15 43.10
CA PRO L 158 -14.73 -50.17 42.59
C PRO L 158 -13.41 -50.15 43.34
N GLU L 159 -13.42 -50.41 44.64
CA GLU L 159 -12.16 -50.36 45.39
C GLU L 159 -11.38 -51.66 45.31
N ARG L 160 -12.02 -52.78 45.65
CA ARG L 160 -11.30 -54.03 45.86
C ARG L 160 -11.04 -54.80 44.57
N ASP L 161 -11.92 -54.68 43.57
CA ASP L 161 -11.92 -55.57 42.41
C ASP L 161 -11.20 -55.01 41.20
N TRP L 162 -10.17 -54.19 41.41
CA TRP L 162 -9.39 -53.71 40.27
C TRP L 162 -8.70 -54.86 39.55
N ASP L 163 -8.31 -55.91 40.29
CA ASP L 163 -7.65 -57.05 39.67
C ASP L 163 -8.62 -57.91 38.87
N LEU L 164 -9.87 -57.99 39.31
CA LEU L 164 -10.89 -58.70 38.53
C LEU L 164 -11.18 -57.96 37.23
N ARG L 165 -11.25 -56.63 37.27
CA ARG L 165 -11.49 -55.85 36.07
C ARG L 165 -10.37 -56.02 35.07
N LEU L 166 -9.12 -56.01 35.55
CA LEU L 166 -7.98 -56.20 34.66
C LEU L 166 -7.94 -57.62 34.12
N ALA L 167 -8.33 -58.60 34.94
CA ALA L 167 -8.34 -59.99 34.49
C ALA L 167 -9.35 -60.20 33.38
N CYS L 168 -10.54 -59.58 33.50
CA CYS L 168 -11.53 -59.69 32.44
C CYS L 168 -11.01 -59.07 31.15
N LEU L 169 -10.36 -57.90 31.25
CA LEU L 169 -9.77 -57.28 30.07
C LEU L 169 -8.67 -58.14 29.49
N LEU L 170 -7.87 -58.77 30.35
CA LEU L 170 -6.77 -59.59 29.89
C LEU L 170 -7.27 -60.82 29.13
N LEU L 171 -8.26 -61.51 29.70
CA LEU L 171 -8.83 -62.68 29.03
C LEU L 171 -9.52 -62.28 27.74
N PHE L 172 -10.22 -61.14 27.76
CA PHE L 172 -10.84 -60.64 26.55
C PHE L 172 -9.80 -60.32 25.48
N SER L 173 -8.64 -59.80 25.90
CA SER L 173 -7.60 -59.44 24.94
C SER L 173 -6.99 -60.66 24.28
N PHE L 174 -6.84 -61.76 25.03
CA PHE L 174 -6.32 -62.99 24.45
C PHE L 174 -7.24 -63.53 23.37
N ASP L 175 -8.53 -63.22 23.45
CA ASP L 175 -9.51 -63.70 22.48
C ASP L 175 -9.53 -62.88 21.20
N ARG L 176 -8.94 -61.69 21.19
CA ARG L 176 -8.95 -60.83 20.01
C ARG L 176 -7.79 -61.20 19.10
N GLU L 177 -8.08 -61.38 17.81
CA GLU L 177 -7.05 -61.78 16.87
C GLU L 177 -5.99 -60.70 16.68
N ASP L 178 -6.40 -59.44 16.62
CA ASP L 178 -5.46 -58.37 16.33
C ASP L 178 -4.73 -57.85 17.56
N HIS L 179 -5.15 -58.23 18.77
CA HIS L 179 -4.55 -57.67 19.97
C HIS L 179 -3.12 -58.16 20.14
N PHE L 180 -2.25 -57.27 20.63
CA PHE L 180 -0.85 -57.61 20.82
C PHE L 180 -0.67 -58.68 21.89
N TRP L 181 -1.51 -58.65 22.93
CA TRP L 181 -1.37 -59.60 24.02
C TRP L 181 -1.78 -61.02 23.64
N ARG L 182 -2.40 -61.21 22.46
CA ARG L 182 -2.49 -62.55 21.90
C ARG L 182 -1.11 -63.12 21.65
N LEU L 183 -0.18 -62.29 21.16
CA LEU L 183 1.20 -62.71 21.01
C LEU L 183 1.97 -62.62 22.31
N TYR L 184 1.83 -61.51 23.03
CA TYR L 184 2.62 -61.30 24.24
C TYR L 184 2.21 -62.27 25.35
N GLY L 185 0.98 -62.77 25.31
CA GLY L 185 0.51 -63.69 26.34
C GLY L 185 1.28 -64.99 26.40
N ASP L 186 1.96 -65.37 25.32
CA ASP L 186 2.76 -66.60 25.32
C ASP L 186 4.04 -66.48 26.12
N PHE L 187 4.45 -65.26 26.47
CA PHE L 187 5.61 -65.05 27.32
C PHE L 187 5.23 -64.76 28.76
N LEU L 188 3.95 -64.83 29.09
CA LEU L 188 3.53 -64.72 30.47
C LEU L 188 3.74 -66.05 31.19
N PRO L 189 4.07 -66.00 32.48
CA PRO L 189 4.23 -67.26 33.23
C PRO L 189 2.92 -68.03 33.26
N ALA L 190 3.03 -69.35 33.16
CA ALA L 190 1.87 -70.22 33.18
C ALA L 190 1.37 -70.41 34.61
N ALA L 191 0.34 -71.24 34.77
CA ALA L 191 -0.27 -71.40 36.09
C ALA L 191 0.68 -72.05 37.08
N ASP L 192 1.57 -72.92 36.61
CA ASP L 192 2.54 -73.56 37.50
C ASP L 192 3.86 -72.82 37.55
N GLU L 193 3.98 -71.67 36.90
CA GLU L 193 5.18 -70.86 36.94
C GLU L 193 4.98 -69.50 37.58
N CYS L 194 3.76 -69.01 37.69
CA CYS L 194 3.49 -67.75 38.35
C CYS L 194 3.59 -67.90 39.86
N SER L 195 4.25 -66.94 40.50
CA SER L 195 4.49 -67.00 41.94
C SER L 195 3.36 -66.39 42.77
N SER L 196 2.28 -65.95 42.13
CA SER L 196 1.17 -65.38 42.87
C SER L 196 0.59 -66.42 43.83
N LEU L 197 0.25 -65.96 45.04
CA LEU L 197 -0.33 -66.85 46.04
C LEU L 197 -1.78 -67.20 45.75
N LEU L 198 -2.41 -66.54 44.77
CA LEU L 198 -3.74 -66.95 44.34
C LEU L 198 -3.72 -68.36 43.76
N LEU L 199 -2.58 -68.78 43.23
CA LEU L 199 -2.41 -70.13 42.70
C LEU L 199 -1.93 -71.12 43.75
N ALA L 200 -1.67 -70.66 44.98
CA ALA L 200 -1.12 -71.54 46.00
C ALA L 200 -2.18 -72.49 46.53
N THR L 201 -1.77 -73.74 46.73
CA THR L 201 -2.62 -74.71 47.38
C THR L 201 -2.61 -74.48 48.90
N GLU L 202 -3.51 -75.18 49.59
CA GLU L 202 -3.56 -75.05 51.04
C GLU L 202 -2.28 -75.54 51.69
N GLU L 203 -1.62 -76.54 51.08
CA GLU L 203 -0.33 -77.01 51.58
C GLU L 203 0.77 -75.98 51.35
N ASP L 204 0.70 -75.22 50.26
CA ASP L 204 1.67 -74.14 50.03
C ASP L 204 1.49 -73.03 51.06
N LEU L 205 0.25 -72.72 51.42
CA LEU L 205 0.00 -71.73 52.45
C LEU L 205 0.42 -72.22 53.83
N ALA L 206 0.49 -73.53 54.02
CA ALA L 206 0.95 -74.09 55.29
C ALA L 206 2.42 -73.81 55.54
N GLU L 207 3.20 -73.54 54.49
CA GLU L 207 4.63 -73.27 54.62
C GLU L 207 4.94 -71.80 54.83
N LEU L 208 3.93 -70.94 54.88
CA LEU L 208 4.17 -69.52 55.10
C LEU L 208 4.55 -69.23 56.54
N GLN L 209 3.95 -69.96 57.48
CA GLN L 209 4.10 -69.70 58.91
C GLN L 209 3.64 -68.29 59.28
N ASP L 210 2.58 -67.82 58.62
CA ASP L 210 2.02 -66.50 58.89
C ASP L 210 0.51 -66.57 58.78
N PRO L 211 -0.18 -66.74 59.91
CA PRO L 211 -1.65 -66.85 59.87
C PRO L 211 -2.34 -65.63 59.29
N GLN L 212 -1.79 -64.43 59.50
CA GLN L 212 -2.43 -63.24 58.95
C GLN L 212 -2.35 -63.22 57.43
N LEU L 213 -1.18 -63.55 56.87
CA LEU L 213 -1.05 -63.60 55.42
C LEU L 213 -1.86 -64.74 54.82
N VAL L 214 -1.89 -65.88 55.51
CA VAL L 214 -2.64 -67.03 55.00
C VAL L 214 -4.12 -66.69 54.89
N SER L 215 -4.67 -66.06 55.92
CA SER L 215 -6.08 -65.69 55.88
C SER L 215 -6.35 -64.65 54.79
N THR L 216 -5.41 -63.75 54.56
CA THR L 216 -5.56 -62.77 53.49
C THR L 216 -5.62 -63.45 52.12
N ILE L 217 -4.75 -64.45 51.90
CA ILE L 217 -4.75 -65.15 50.63
C ILE L 217 -6.03 -65.95 50.43
N ARG L 218 -6.50 -66.61 51.50
CA ARG L 218 -7.72 -67.40 51.40
C ARG L 218 -8.92 -66.53 51.05
N GLN L 219 -8.97 -65.31 51.59
CA GLN L 219 -10.03 -64.39 51.20
C GLN L 219 -9.91 -63.97 49.75
N GLN L 220 -8.68 -63.74 49.28
CA GLN L 220 -8.45 -63.41 47.88
C GLN L 220 -8.90 -64.54 46.96
N GLN L 221 -8.52 -65.77 47.30
CA GLN L 221 -8.92 -66.91 46.48
C GLN L 221 -10.42 -67.11 46.49
N LYS L 222 -11.06 -66.88 47.63
CA LYS L 222 -12.51 -66.99 47.71
C LYS L 222 -13.19 -65.91 46.88
N ARG L 223 -12.68 -64.68 46.94
CA ARG L 223 -13.27 -63.58 46.18
C ARG L 223 -13.14 -63.82 44.68
N VAL L 224 -11.97 -64.28 44.24
CA VAL L 224 -11.75 -64.52 42.81
C VAL L 224 -12.63 -65.66 42.32
N LEU L 225 -12.72 -66.74 43.09
CA LEU L 225 -13.51 -67.88 42.66
C LEU L 225 -15.00 -67.55 42.58
N GLU L 226 -15.51 -66.84 43.58
CA GLU L 226 -16.94 -66.51 43.59
C GLU L 226 -17.32 -65.61 42.43
N PHE L 227 -16.40 -64.73 42.01
CA PHE L 227 -16.66 -63.88 40.85
C PHE L 227 -16.79 -64.71 39.59
N TRP L 228 -15.93 -65.72 39.42
CA TRP L 228 -16.03 -66.57 38.24
C TRP L 228 -17.31 -67.37 38.24
N GLU L 229 -17.68 -67.93 39.39
CA GLU L 229 -18.89 -68.75 39.46
C GLU L 229 -20.15 -67.93 39.20
N LYS L 230 -20.14 -66.66 39.61
CA LYS L 230 -21.30 -65.82 39.41
C LYS L 230 -21.45 -65.38 37.95
N ASN L 231 -20.34 -65.05 37.29
CA ASN L 231 -20.38 -64.45 35.97
C ASN L 231 -20.09 -65.43 34.84
N TRP L 232 -19.59 -66.62 35.14
CA TRP L 232 -19.31 -67.61 34.11
C TRP L 232 -20.15 -68.85 34.36
N HIS L 233 -21.43 -68.67 34.63
CA HIS L 233 -22.34 -69.80 34.84
C HIS L 233 -22.74 -70.37 33.48
N SER L 234 -23.75 -71.23 33.48
CA SER L 234 -24.09 -71.97 32.26
C SER L 234 -24.83 -71.11 31.24
N GLY L 235 -25.57 -70.11 31.69
CA GLY L 235 -26.38 -69.35 30.76
C GLY L 235 -25.69 -68.24 30.01
N VAL L 236 -24.40 -68.00 30.25
CA VAL L 236 -23.71 -66.86 29.67
C VAL L 236 -23.43 -67.13 28.19
N PRO L 237 -23.24 -66.11 27.37
CA PRO L 237 -22.99 -66.33 25.94
C PRO L 237 -21.66 -67.04 25.70
N LEU L 238 -21.55 -67.64 24.51
CA LEU L 238 -20.33 -68.35 24.15
C LEU L 238 -19.14 -67.42 24.09
N LYS L 239 -19.34 -66.17 23.67
CA LYS L 239 -18.24 -65.22 23.64
C LYS L 239 -17.73 -64.89 25.04
N ILE L 240 -18.49 -65.22 26.08
CA ILE L 240 -18.01 -65.10 27.45
C ILE L 240 -17.42 -66.41 27.95
N LYS L 241 -18.09 -67.54 27.65
CA LYS L 241 -17.62 -68.84 28.11
C LYS L 241 -16.18 -69.11 27.64
N ARG L 242 -15.90 -68.79 26.39
CA ARG L 242 -14.60 -69.12 25.81
C ARG L 242 -13.46 -68.31 26.40
N LEU L 243 -13.75 -67.28 27.19
CA LEU L 243 -12.70 -66.52 27.84
C LEU L 243 -12.11 -67.31 29.02
N ALA L 244 -12.97 -67.76 29.93
CA ALA L 244 -12.55 -68.50 31.12
C ALA L 244 -13.39 -69.76 31.20
N GLU L 245 -12.96 -70.80 30.50
CA GLU L 245 -13.70 -72.05 30.46
C GLU L 245 -13.68 -72.74 31.81
N ASP L 246 -12.63 -72.54 32.60
CA ASP L 246 -12.50 -73.14 33.91
C ASP L 246 -12.12 -72.05 34.92
N ALA L 247 -12.36 -72.34 36.19
CA ALA L 247 -12.01 -71.38 37.23
C ALA L 247 -10.51 -71.12 37.26
N GLU L 248 -9.70 -72.15 37.05
CA GLU L 248 -8.25 -71.99 37.08
C GLU L 248 -7.77 -71.04 35.99
N ARG L 249 -8.44 -71.02 34.84
CA ARG L 249 -8.08 -70.05 33.81
C ARG L 249 -8.35 -68.62 34.28
N PHE L 250 -9.47 -68.40 34.98
CA PHE L 250 -9.74 -67.06 35.47
C PHE L 250 -8.85 -66.70 36.66
N ILE L 251 -8.56 -67.68 37.53
CA ILE L 251 -7.65 -67.44 38.63
C ILE L 251 -6.27 -67.07 38.11
N TRP L 252 -5.82 -67.75 37.04
CA TRP L 252 -4.53 -67.41 36.44
C TRP L 252 -4.53 -65.98 35.91
N ALA L 253 -5.63 -65.56 35.28
CA ALA L 253 -5.70 -64.20 34.77
C ALA L 253 -5.64 -63.17 35.88
N VAL L 254 -6.33 -63.44 37.00
CA VAL L 254 -6.27 -62.52 38.14
C VAL L 254 -4.85 -62.51 38.71
N SER L 255 -4.18 -63.66 38.73
CA SER L 255 -2.79 -63.70 39.18
C SER L 255 -1.89 -62.86 38.29
N ILE L 256 -2.09 -62.94 36.97
CA ILE L 256 -1.33 -62.09 36.06
C ILE L 256 -1.65 -60.62 36.33
N ALA L 257 -2.93 -60.31 36.56
CA ALA L 257 -3.33 -58.94 36.82
C ALA L 257 -2.66 -58.40 38.08
N GLN L 258 -2.65 -59.18 39.16
CA GLN L 258 -2.09 -58.69 40.42
C GLN L 258 -0.58 -58.53 40.32
N THR L 259 0.12 -59.53 39.78
CA THR L 259 1.57 -59.52 39.78
C THR L 259 2.18 -58.57 38.76
N ARG L 260 1.43 -58.14 37.75
CA ARG L 260 2.01 -57.36 36.67
C ARG L 260 1.37 -56.00 36.47
N CYS L 261 0.31 -55.66 37.19
CA CYS L 261 -0.34 -54.37 36.97
C CYS L 261 0.53 -53.23 37.47
N ILE L 262 0.65 -52.20 36.65
CA ILE L 262 1.39 -50.99 37.00
C ILE L 262 0.38 -49.84 37.04
N SER L 263 0.27 -49.19 38.18
CA SER L 263 -0.65 -48.07 38.37
C SER L 263 0.13 -46.77 38.30
N MET L 264 -0.27 -45.88 37.38
CA MET L 264 0.35 -44.58 37.24
C MET L 264 -0.73 -43.55 36.98
N LYS L 265 -0.39 -42.30 37.24
CA LYS L 265 -1.17 -41.17 36.78
C LYS L 265 -0.66 -40.76 35.40
N THR L 266 -1.55 -40.79 34.42
CA THR L 266 -1.19 -40.47 33.04
C THR L 266 -2.05 -39.32 32.54
N ARG L 267 -1.52 -38.59 31.58
CA ARG L 267 -2.30 -37.66 30.78
C ARG L 267 -2.40 -38.22 29.37
N ILE L 268 -3.62 -38.44 28.91
CA ILE L 268 -3.86 -38.88 27.54
C ILE L 268 -4.65 -37.77 26.87
N GLY L 269 -4.04 -37.12 25.89
CA GLY L 269 -4.62 -35.94 25.29
C GLY L 269 -4.74 -34.80 26.30
N ALA L 270 -5.97 -34.43 26.63
CA ALA L 270 -6.23 -33.43 27.65
C ALA L 270 -6.75 -34.03 28.95
N LEU L 271 -6.90 -35.34 29.01
CA LEU L 271 -7.53 -36.02 30.15
C LEU L 271 -6.45 -36.62 31.03
N VAL L 272 -6.36 -36.14 32.27
CA VAL L 272 -5.45 -36.68 33.26
C VAL L 272 -6.23 -37.61 34.18
N GLN L 273 -5.75 -38.84 34.34
CA GLN L 273 -6.46 -39.82 35.15
C GLN L 273 -5.48 -40.87 35.65
N ASP L 274 -5.91 -41.59 36.68
CA ASP L 274 -5.16 -42.72 37.21
C ASP L 274 -5.58 -43.98 36.46
N LEU L 275 -4.60 -44.79 36.07
CA LEU L 275 -4.86 -45.99 35.31
C LEU L 275 -4.21 -47.20 35.97
N ASN L 276 -4.87 -48.34 35.87
CA ASN L 276 -4.26 -49.63 36.12
C ASN L 276 -3.86 -50.21 34.77
N MET L 277 -2.57 -50.47 34.59
CA MET L 277 -2.03 -50.76 33.27
C MET L 277 -1.32 -52.10 33.25
N MET L 278 -1.56 -52.85 32.18
CA MET L 278 -0.77 -54.02 31.82
C MET L 278 0.19 -53.60 30.72
N ILE L 279 1.46 -53.44 31.06
CA ILE L 279 2.43 -52.86 30.14
C ILE L 279 3.43 -53.94 29.74
N PRO L 280 3.44 -54.39 28.49
CA PRO L 280 4.43 -55.38 28.07
C PRO L 280 5.84 -54.82 28.08
N TYR L 281 6.79 -55.72 28.36
CA TYR L 281 8.23 -55.50 28.39
C TYR L 281 8.68 -54.66 29.58
N ALA L 282 7.75 -53.96 30.22
CA ALA L 282 8.03 -53.27 31.47
C ALA L 282 7.59 -54.08 32.66
N ASP L 283 6.62 -54.96 32.47
CA ASP L 283 6.33 -55.98 33.45
C ASP L 283 7.36 -57.08 33.46
N MET L 284 8.47 -56.94 32.73
CA MET L 284 9.61 -57.84 32.89
C MET L 284 10.68 -57.26 33.80
N LEU L 285 10.56 -56.00 34.20
CA LEU L 285 11.47 -55.43 35.18
C LEU L 285 11.18 -56.02 36.56
N ASN L 286 12.22 -56.48 37.22
CA ASN L 286 12.05 -57.01 38.56
C ASN L 286 12.03 -55.88 39.58
N HIS L 287 11.62 -56.21 40.80
CA HIS L 287 11.51 -55.21 41.85
C HIS L 287 12.83 -55.06 42.60
N SER L 288 13.11 -53.84 43.01
CA SER L 288 14.17 -53.56 43.97
C SER L 288 13.77 -52.35 44.80
N PHE L 289 14.08 -52.39 46.09
CA PHE L 289 13.87 -51.23 46.93
C PHE L 289 14.98 -50.20 46.77
N GLU L 290 16.03 -50.51 46.01
CA GLU L 290 17.02 -49.54 45.58
C GLU L 290 17.14 -49.64 44.07
N PRO L 291 16.09 -49.26 43.34
CA PRO L 291 16.08 -49.48 41.89
C PRO L 291 17.06 -48.59 41.17
N ASN L 292 17.50 -49.06 40.01
CA ASN L 292 18.29 -48.23 39.11
C ASN L 292 17.46 -47.67 37.95
N CYS L 293 16.15 -47.90 37.95
CA CYS L 293 15.29 -47.41 36.88
C CYS L 293 13.97 -46.93 37.47
N PHE L 294 13.26 -46.12 36.70
CA PHE L 294 11.91 -45.70 37.06
C PHE L 294 11.09 -45.52 35.80
N LEU L 295 9.78 -45.58 35.98
CA LEU L 295 8.85 -45.44 34.86
C LEU L 295 8.42 -43.98 34.72
N HIS L 296 8.26 -43.54 33.48
CA HIS L 296 7.88 -42.17 33.19
C HIS L 296 6.94 -42.16 31.99
N TRP L 297 5.73 -41.65 32.19
CA TRP L 297 4.77 -41.54 31.10
C TRP L 297 5.09 -40.31 30.28
N ARG L 298 5.23 -40.49 28.97
CA ARG L 298 5.47 -39.38 28.05
C ARG L 298 4.15 -39.05 27.37
N PRO L 299 3.41 -38.03 27.82
CA PRO L 299 2.07 -37.79 27.28
C PRO L 299 2.03 -37.45 25.80
N LYS L 300 3.05 -36.77 25.28
CA LYS L 300 2.94 -36.19 23.94
C LYS L 300 2.80 -37.27 22.87
N ASP L 301 3.57 -38.36 22.98
CA ASP L 301 3.45 -39.45 22.02
C ASP L 301 2.88 -40.71 22.63
N ARG L 302 2.39 -40.65 23.86
CA ARG L 302 1.77 -41.78 24.56
C ARG L 302 2.72 -42.98 24.60
N ILE L 303 3.87 -42.76 25.22
CA ILE L 303 4.90 -43.77 25.35
C ILE L 303 5.29 -43.88 26.82
N LEU L 304 5.31 -45.09 27.35
CA LEU L 304 5.88 -45.30 28.66
C LEU L 304 7.38 -45.45 28.54
N GLU L 305 8.11 -44.63 29.27
CA GLU L 305 9.56 -44.66 29.29
C GLU L 305 10.05 -45.40 30.53
N VAL L 306 11.01 -46.29 30.36
CA VAL L 306 11.81 -46.80 31.45
C VAL L 306 13.11 -46.00 31.45
N MET L 307 13.34 -45.24 32.51
CA MET L 307 14.51 -44.37 32.60
C MET L 307 15.38 -44.84 33.75
N SER L 308 16.68 -44.98 33.47
CA SER L 308 17.63 -45.22 34.55
C SER L 308 17.85 -43.93 35.34
N ASN L 309 18.22 -44.08 36.60
CA ASN L 309 18.42 -42.92 37.47
C ASN L 309 19.51 -42.01 36.93
N ALA L 310 19.25 -40.70 36.99
CA ALA L 310 20.21 -39.71 36.51
C ALA L 310 21.49 -39.78 37.34
N GLY L 311 22.62 -39.83 36.65
CA GLY L 311 23.91 -39.86 37.29
C GLY L 311 24.36 -41.21 37.80
N GLN L 312 23.56 -42.25 37.59
CA GLN L 312 23.87 -43.58 38.12
C GLN L 312 24.49 -44.43 37.02
N ALA L 313 25.69 -44.95 37.29
CA ALA L 313 26.36 -45.82 36.34
C ALA L 313 25.85 -47.25 36.51
N ILE L 314 25.52 -47.90 35.40
CA ILE L 314 24.98 -49.26 35.39
C ILE L 314 25.94 -50.13 34.61
N LYS L 315 26.41 -51.21 35.25
CA LYS L 315 27.41 -52.08 34.65
C LYS L 315 26.75 -53.08 33.71
N LYS L 316 27.55 -53.61 32.78
CA LYS L 316 27.05 -54.64 31.88
C LYS L 316 26.65 -55.88 32.67
N GLY L 317 25.48 -56.41 32.35
CA GLY L 317 24.95 -57.55 33.06
C GLY L 317 24.14 -57.22 34.29
N GLU L 318 24.21 -55.98 34.77
CA GLU L 318 23.42 -55.58 35.93
C GLU L 318 21.93 -55.63 35.58
N GLU L 319 21.13 -56.15 36.52
CA GLU L 319 19.71 -56.21 36.29
C GLU L 319 19.08 -54.83 36.43
N MET L 320 18.12 -54.54 35.55
CA MET L 320 17.40 -53.29 35.61
C MET L 320 16.12 -53.49 36.42
N THR L 321 15.92 -52.66 37.42
CA THR L 321 14.86 -52.85 38.38
C THR L 321 14.10 -51.55 38.62
N ILE L 322 12.87 -51.71 39.07
CA ILE L 322 12.04 -50.58 39.48
C ILE L 322 11.49 -50.92 40.86
N ASN L 323 10.98 -49.90 41.53
CA ASN L 323 10.33 -50.08 42.83
C ASN L 323 8.85 -50.31 42.58
N TYR L 324 8.40 -51.57 42.72
CA TYR L 324 6.99 -51.88 42.55
C TYR L 324 6.12 -51.14 43.56
N MET L 325 6.55 -51.13 44.81
CA MET L 325 5.67 -50.79 45.93
C MET L 325 6.50 -50.08 47.00
N PRO L 326 6.68 -48.77 46.87
CA PRO L 326 7.45 -48.04 47.88
C PRO L 326 6.80 -48.14 49.26
N GLY L 327 7.63 -48.36 50.27
CA GLY L 327 7.19 -48.35 51.65
C GLY L 327 6.41 -49.57 52.10
N GLN L 328 6.40 -50.65 51.34
CA GLN L 328 5.56 -51.80 51.63
C GLN L 328 6.38 -52.95 52.21
N LYS L 329 5.80 -53.65 53.18
CA LYS L 329 6.44 -54.78 53.84
C LYS L 329 6.37 -56.02 52.97
N ASN L 330 7.09 -57.07 53.40
CA ASN L 330 7.17 -58.29 52.61
C ASN L 330 5.83 -58.99 52.52
N ASN L 331 5.00 -58.89 53.56
CA ASN L 331 3.68 -59.50 53.50
C ASN L 331 2.79 -58.81 52.48
N MET L 332 3.02 -57.52 52.23
CA MET L 332 2.32 -56.85 51.14
C MET L 332 2.89 -57.26 49.79
N LEU L 333 4.21 -57.39 49.70
CA LEU L 333 4.82 -57.90 48.47
C LEU L 333 4.38 -59.33 48.17
N MET L 334 4.13 -60.12 49.21
CA MET L 334 3.68 -61.49 49.01
C MET L 334 2.23 -61.54 48.57
N GLU L 335 1.39 -60.69 49.15
CA GLU L 335 -0.03 -60.70 48.81
C GLU L 335 -0.25 -60.22 47.37
N ARG L 336 0.53 -59.24 46.93
CA ARG L 336 0.33 -58.67 45.60
C ARG L 336 1.14 -59.41 44.53
N TYR L 337 2.44 -59.54 44.74
CA TYR L 337 3.34 -60.05 43.71
C TYR L 337 3.84 -61.46 43.98
N GLY L 338 3.50 -62.05 45.12
CA GLY L 338 3.96 -63.39 45.41
C GLY L 338 5.47 -63.54 45.51
N PHE L 339 6.12 -62.57 46.14
CA PHE L 339 7.55 -62.68 46.42
C PHE L 339 7.86 -61.82 47.63
N SER L 340 9.03 -62.06 48.22
CA SER L 340 9.52 -61.28 49.34
C SER L 340 11.01 -61.07 49.17
N THR L 341 11.53 -60.09 49.89
CA THR L 341 12.96 -59.79 49.86
C THR L 341 13.52 -59.82 51.27
N PRO L 342 14.73 -60.35 51.45
CA PRO L 342 15.36 -60.29 52.78
C PRO L 342 15.88 -58.91 53.15
N VAL L 343 15.98 -58.00 52.19
CA VAL L 343 16.54 -56.68 52.44
C VAL L 343 15.44 -55.63 52.31
N ASN L 344 14.21 -56.00 52.64
CA ASN L 344 13.11 -55.05 52.63
C ASN L 344 13.35 -54.01 53.73
N PRO L 345 13.53 -52.74 53.39
CA PRO L 345 13.81 -51.72 54.42
C PRO L 345 12.59 -51.28 55.21
N TRP L 346 11.43 -51.87 54.95
CA TRP L 346 10.19 -51.50 55.63
C TRP L 346 9.66 -52.62 56.50
N ASP L 347 10.30 -53.79 56.50
CA ASP L 347 9.83 -54.89 57.30
C ASP L 347 9.91 -54.56 58.78
N ALA L 348 8.94 -55.03 59.54
CA ALA L 348 8.82 -54.68 60.95
C ALA L 348 8.82 -55.95 61.78
N ILE L 349 9.21 -55.79 63.04
CA ILE L 349 9.24 -56.89 63.99
C ILE L 349 8.59 -56.42 65.28
N PRO L 350 7.70 -57.20 65.89
CA PRO L 350 7.01 -56.75 67.10
C PRO L 350 7.88 -56.89 68.33
N PHE L 351 8.35 -55.76 68.85
CA PHE L 351 9.08 -55.73 70.11
C PHE L 351 8.18 -55.22 71.22
N SER L 352 8.55 -55.54 72.46
CA SER L 352 7.75 -55.13 73.60
C SER L 352 7.91 -53.65 73.89
N GLY L 353 9.07 -53.08 73.58
CA GLY L 353 9.36 -51.70 73.94
C GLY L 353 9.90 -51.51 75.34
N ASP L 354 10.11 -52.60 76.08
CA ASP L 354 10.69 -52.47 77.42
C ASP L 354 12.13 -51.98 77.36
N SER L 355 12.91 -52.48 76.42
CA SER L 355 14.30 -52.09 76.24
C SER L 355 14.44 -51.30 74.94
N ARG L 356 15.14 -50.17 75.01
CA ARG L 356 15.32 -49.29 73.87
C ARG L 356 16.79 -48.95 73.71
N ILE L 357 17.22 -48.81 72.46
CA ILE L 357 18.56 -48.38 72.15
C ILE L 357 18.52 -46.94 71.66
N HIS L 358 19.69 -46.35 71.53
CA HIS L 358 19.81 -44.95 71.12
C HIS L 358 19.71 -44.86 69.61
N LEU L 359 18.65 -44.20 69.11
CA LEU L 359 18.44 -44.14 67.67
C LEU L 359 19.60 -43.41 66.98
N ASN L 360 20.07 -42.32 67.56
CA ASN L 360 21.13 -41.54 66.92
C ASN L 360 22.41 -42.36 66.81
N SER L 361 22.77 -43.07 67.88
CA SER L 361 23.99 -43.89 67.86
C SER L 361 23.88 -45.02 66.84
N PHE L 362 22.75 -45.72 66.83
CA PHE L 362 22.58 -46.83 65.90
C PHE L 362 22.68 -46.36 64.45
N LEU L 363 22.10 -45.20 64.14
CA LEU L 363 22.18 -44.68 62.79
C LEU L 363 23.60 -44.30 62.41
N SER L 364 24.34 -43.70 63.34
CA SER L 364 25.69 -43.23 63.04
C SER L 364 26.70 -44.38 63.01
N VAL L 365 26.49 -45.40 63.84
CA VAL L 365 27.38 -46.56 63.82
C VAL L 365 27.38 -47.22 62.45
N PHE L 366 26.20 -47.31 61.83
CA PHE L 366 26.05 -47.97 60.54
C PHE L 366 26.01 -47.00 59.37
N ASN L 367 26.28 -45.71 59.62
CA ASN L 367 26.27 -44.69 58.57
C ASN L 367 24.92 -44.60 57.86
N ILE L 368 23.84 -44.69 58.62
CA ILE L 368 22.50 -44.48 58.06
C ILE L 368 22.14 -43.02 58.25
N PHE L 369 21.95 -42.32 57.15
CA PHE L 369 21.69 -40.89 57.16
C PHE L 369 20.31 -40.59 56.61
N GLY L 370 19.94 -39.32 56.66
CA GLY L 370 18.64 -38.89 56.19
C GLY L 370 17.60 -38.93 57.29
N LEU L 371 16.41 -38.45 56.93
CA LEU L 371 15.27 -38.50 57.82
C LEU L 371 14.72 -39.92 57.87
N PRO L 372 13.93 -40.24 58.91
CA PRO L 372 13.44 -41.63 59.05
C PRO L 372 12.73 -42.18 57.82
N GLU L 373 11.96 -41.35 57.12
CA GLU L 373 11.23 -41.80 55.95
C GLU L 373 12.10 -41.86 54.70
N GLU L 374 13.35 -41.41 54.80
CA GLU L 374 14.27 -41.44 53.66
C GLU L 374 15.62 -42.00 54.08
N TYR L 375 15.63 -42.92 55.04
CA TYR L 375 16.88 -43.53 55.50
C TYR L 375 17.64 -44.16 54.34
N TYR L 376 18.94 -43.92 54.30
CA TYR L 376 19.78 -44.51 53.28
C TYR L 376 21.16 -44.78 53.88
N HIS L 377 21.90 -45.69 53.24
CA HIS L 377 23.23 -46.05 53.69
C HIS L 377 24.25 -45.29 52.86
N ASP L 378 25.11 -44.53 53.53
CA ASP L 378 26.21 -43.85 52.85
C ASP L 378 27.30 -44.89 52.61
N SER L 379 27.18 -45.59 51.49
CA SER L 379 28.11 -46.68 51.20
C SER L 379 29.54 -46.19 51.04
N GLU L 380 29.73 -44.90 50.80
CA GLU L 380 31.08 -44.34 50.68
C GLU L 380 31.71 -44.00 52.02
N LEU L 381 30.96 -44.11 53.12
CA LEU L 381 31.48 -43.89 54.47
C LEU L 381 31.83 -45.19 55.17
N SER L 382 31.62 -46.33 54.52
CA SER L 382 31.94 -47.63 55.09
C SER L 382 33.03 -48.36 54.33
N GLY L 383 33.27 -48.01 53.07
CA GLY L 383 34.35 -48.60 52.30
C GLY L 383 34.06 -50.00 51.80
N ASP L 384 34.08 -50.97 52.72
CA ASP L 384 33.85 -52.35 52.35
C ASP L 384 32.92 -53.07 53.32
N ASP L 385 32.25 -52.34 54.21
CA ASP L 385 31.31 -52.96 55.15
C ASP L 385 30.08 -53.39 54.37
N SER L 386 30.06 -54.65 53.94
CA SER L 386 28.91 -55.20 53.24
C SER L 386 27.73 -55.44 54.17
N PHE L 387 27.92 -55.31 55.47
CA PHE L 387 26.87 -55.68 56.42
C PHE L 387 25.64 -54.82 56.25
N VAL L 388 25.82 -53.50 56.17
CA VAL L 388 24.67 -52.60 56.15
C VAL L 388 23.94 -52.74 54.83
N ASP L 389 22.65 -53.05 54.91
CA ASP L 389 21.79 -53.14 53.75
C ASP L 389 20.39 -52.72 54.19
N GLY L 390 19.38 -53.06 53.39
CA GLY L 390 18.02 -52.68 53.72
C GLY L 390 17.53 -53.27 55.03
N ALA L 391 18.09 -54.41 55.45
CA ALA L 391 17.67 -55.02 56.70
C ALA L 391 18.07 -54.17 57.90
N VAL L 392 19.27 -53.57 57.86
CA VAL L 392 19.72 -52.72 58.95
C VAL L 392 18.91 -51.42 58.98
N ILE L 393 18.58 -50.89 57.80
CA ILE L 393 17.67 -49.74 57.74
C ILE L 393 16.32 -50.10 58.31
N ALA L 394 15.79 -51.28 57.94
CA ALA L 394 14.56 -51.76 58.54
C ALA L 394 14.70 -51.93 60.04
N ALA L 395 15.89 -52.37 60.49
CA ALA L 395 16.14 -52.50 61.93
C ALA L 395 16.07 -51.15 62.63
N ALA L 396 16.59 -50.11 61.99
CA ALA L 396 16.53 -48.77 62.58
C ALA L 396 15.10 -48.30 62.76
N ARG L 397 14.23 -48.59 61.77
CA ARG L 397 12.84 -48.17 61.84
C ARG L 397 12.01 -49.05 62.78
N THR L 398 12.38 -50.31 62.96
CA THR L 398 11.55 -51.22 63.74
C THR L 398 12.05 -51.46 65.16
N LEU L 399 13.32 -51.22 65.44
CA LEU L 399 13.81 -51.41 66.79
C LEU L 399 13.21 -50.36 67.73
N PRO L 400 12.96 -50.71 68.99
CA PRO L 400 12.60 -49.69 69.97
C PRO L 400 13.76 -48.73 70.18
N THR L 401 13.49 -47.44 70.07
CA THR L 401 14.52 -46.42 70.15
C THR L 401 14.09 -45.30 71.08
N TRP L 402 15.09 -44.63 71.66
CA TRP L 402 14.88 -43.40 72.39
C TRP L 402 15.78 -42.33 71.80
N SER L 403 15.42 -41.07 72.05
CA SER L 403 16.20 -39.94 71.58
C SER L 403 15.83 -38.73 72.41
N ASP L 404 16.83 -37.98 72.84
CA ASP L 404 16.66 -36.81 73.71
C ASP L 404 17.46 -35.63 73.18
N ILE L 405 17.27 -35.35 71.89
CA ILE L 405 17.97 -34.28 71.17
C ILE L 405 19.45 -34.62 71.08
N ASP L 406 20.23 -34.27 72.10
CA ASP L 406 21.67 -34.52 72.06
C ASP L 406 22.18 -35.16 73.34
N LEU L 407 21.30 -35.75 74.14
CA LEU L 407 21.75 -36.51 75.30
C LEU L 407 22.50 -37.75 74.85
N PRO L 408 23.70 -38.01 75.36
CA PRO L 408 24.42 -39.21 74.98
C PRO L 408 23.93 -40.42 75.76
N PRO L 409 24.09 -41.62 75.22
CA PRO L 409 23.69 -42.82 75.96
C PRO L 409 24.82 -43.38 76.82
N ILE L 410 24.45 -43.84 78.01
CA ILE L 410 25.41 -44.53 78.88
C ILE L 410 25.70 -45.92 78.30
N PRO L 411 26.97 -46.29 78.12
CA PRO L 411 27.27 -47.59 77.49
C PRO L 411 26.73 -48.78 78.27
N SER L 412 26.82 -48.76 79.61
CA SER L 412 26.40 -49.91 80.39
C SER L 412 24.89 -50.09 80.35
N ALA L 413 24.14 -49.00 80.26
CA ALA L 413 22.69 -49.10 80.14
C ALA L 413 22.26 -49.53 78.74
N GLU L 414 23.04 -49.18 77.73
CA GLU L 414 22.72 -49.60 76.37
C GLU L 414 23.02 -51.09 76.16
N ARG L 415 24.01 -51.63 76.87
CA ARG L 415 24.31 -53.05 76.75
C ARG L 415 23.17 -53.90 77.30
N LYS L 416 22.55 -53.46 78.39
CA LYS L 416 21.40 -54.19 78.93
C LYS L 416 20.24 -54.20 77.93
N ALA L 417 19.99 -53.07 77.27
CA ALA L 417 18.96 -53.03 76.26
C ALA L 417 19.29 -53.92 75.07
N VAL L 418 20.54 -53.85 74.59
CA VAL L 418 20.94 -54.68 73.45
C VAL L 418 20.81 -56.16 73.79
N LYS L 419 21.22 -56.54 75.00
CA LYS L 419 21.09 -57.94 75.42
C LYS L 419 19.64 -58.36 75.48
N GLU L 420 18.78 -57.52 76.06
CA GLU L 420 17.36 -57.85 76.17
C GLU L 420 16.69 -57.86 74.81
N LEU L 421 17.11 -56.99 73.90
CA LEU L 421 16.55 -57.00 72.54
C LEU L 421 16.99 -58.25 71.79
N GLN L 422 18.23 -58.70 72.01
CA GLN L 422 18.71 -59.91 71.36
C GLN L 422 18.00 -61.14 71.88
N ASP L 423 17.70 -61.17 73.18
CA ASP L 423 16.93 -62.27 73.74
C ASP L 423 15.54 -62.33 73.12
N GLU L 424 14.89 -61.18 72.96
CA GLU L 424 13.58 -61.16 72.34
C GLU L 424 13.65 -61.53 70.86
N CYS L 425 14.77 -61.23 70.20
CA CYS L 425 14.94 -61.66 68.82
C CYS L 425 15.08 -63.18 68.73
N ARG L 426 15.77 -63.78 69.71
CA ARG L 426 15.94 -65.24 69.69
C ARG L 426 14.66 -65.96 70.09
N LYS L 427 13.85 -65.33 70.94
CA LYS L 427 12.56 -65.92 71.28
C LYS L 427 11.68 -66.06 70.05
N MET L 428 11.76 -65.11 69.11
CA MET L 428 10.96 -65.18 67.90
C MET L 428 11.51 -66.19 66.91
N LEU L 429 12.83 -66.32 66.81
CA LEU L 429 13.40 -67.35 65.96
C LEU L 429 13.03 -68.75 66.45
N ALA L 430 12.89 -68.91 67.77
CA ALA L 430 12.51 -70.20 68.35
C ALA L 430 11.03 -70.52 68.13
N GLU L 431 10.24 -69.57 67.63
CA GLU L 431 8.86 -69.89 67.27
C GLU L 431 8.80 -70.70 65.98
N TYR L 432 9.79 -70.55 65.12
CA TYR L 432 9.80 -71.27 63.85
C TYR L 432 10.36 -72.67 64.05
N PRO L 433 9.66 -73.71 63.57
CA PRO L 433 10.16 -75.07 63.74
C PRO L 433 11.53 -75.32 63.12
N THR L 434 11.85 -74.66 62.01
CA THR L 434 13.14 -74.81 61.36
C THR L 434 13.88 -73.48 61.42
N THR L 435 15.12 -73.49 60.96
CA THR L 435 15.93 -72.29 60.92
C THR L 435 16.01 -71.77 59.48
N SER L 436 16.75 -70.69 59.29
CA SER L 436 16.92 -70.12 57.95
C SER L 436 17.96 -70.85 57.14
N GLU L 437 18.91 -71.54 57.78
CA GLU L 437 19.80 -72.42 57.02
C GLU L 437 19.08 -73.68 56.58
N GLN L 438 18.28 -74.27 57.47
CA GLN L 438 17.53 -75.47 57.13
C GLN L 438 16.50 -75.20 56.03
N ASP L 439 15.95 -73.98 56.00
CA ASP L 439 15.06 -73.61 54.91
C ASP L 439 15.82 -73.42 53.61
N GLN L 440 17.03 -72.88 53.69
CA GLN L 440 17.83 -72.65 52.49
C GLN L 440 18.22 -73.96 51.82
N LYS L 441 18.59 -74.97 52.63
CA LYS L 441 18.94 -76.26 52.04
C LYS L 441 17.72 -77.04 51.61
N LEU L 442 16.55 -76.79 52.21
CA LEU L 442 15.32 -77.38 51.72
C LEU L 442 15.03 -76.91 50.30
N LEU L 443 15.26 -75.64 50.02
CA LEU L 443 15.08 -75.12 48.67
C LEU L 443 16.02 -75.78 47.68
N ASP L 444 17.28 -75.96 48.08
CA ASP L 444 18.24 -76.61 47.19
C ASP L 444 17.91 -78.07 46.95
N SER L 445 17.27 -78.73 47.92
CA SER L 445 16.94 -80.14 47.81
C SER L 445 15.65 -80.39 47.06
N LEU L 446 14.89 -79.34 46.71
CA LEU L 446 13.62 -79.53 46.04
C LEU L 446 13.84 -80.06 44.62
N SER L 447 12.92 -80.92 44.18
CA SER L 447 12.92 -81.39 42.80
C SER L 447 11.56 -81.37 42.14
N GLU L 448 10.47 -81.41 42.90
CA GLU L 448 9.11 -81.42 42.34
C GLU L 448 8.21 -80.50 43.13
N ALA L 449 8.71 -79.31 43.47
CA ALA L 449 7.96 -78.37 44.28
C ALA L 449 7.25 -77.36 43.39
N ARG L 450 6.05 -76.96 43.80
CA ARG L 450 5.34 -75.91 43.11
C ARG L 450 6.07 -74.58 43.30
N THR L 451 5.85 -73.66 42.36
CA THR L 451 6.46 -72.35 42.46
C THR L 451 6.06 -71.66 43.74
N THR L 452 4.79 -71.79 44.13
CA THR L 452 4.30 -71.13 45.33
C THR L 452 4.86 -71.76 46.59
N PHE L 453 5.12 -73.06 46.58
CA PHE L 453 5.75 -73.70 47.74
C PHE L 453 7.12 -73.09 48.01
N ALA L 454 7.95 -72.97 46.97
CA ALA L 454 9.26 -72.35 47.13
C ALA L 454 9.12 -70.89 47.54
N THR L 455 8.12 -70.21 47.00
CA THR L 455 7.86 -68.83 47.41
C THR L 455 7.48 -68.75 48.89
N ALA L 456 6.66 -69.69 49.36
CA ALA L 456 6.29 -69.70 50.76
C ALA L 456 7.49 -69.96 51.66
N VAL L 457 8.40 -70.83 51.24
CA VAL L 457 9.60 -71.10 52.03
C VAL L 457 10.54 -69.90 52.03
N LYS L 458 10.74 -69.28 50.85
CA LYS L 458 11.59 -68.10 50.79
C LYS L 458 11.06 -66.99 51.68
N TYR L 459 9.74 -66.89 51.82
CA TYR L 459 9.15 -65.85 52.64
C TYR L 459 9.53 -66.02 54.10
N ARG L 460 9.33 -67.21 54.65
CA ARG L 460 9.63 -67.44 56.06
C ARG L 460 11.14 -67.41 56.32
N MET L 461 11.94 -67.84 55.34
CA MET L 461 13.38 -67.76 55.50
C MET L 461 13.85 -66.31 55.51
N HIS L 462 13.25 -65.47 54.67
CA HIS L 462 13.63 -64.06 54.64
C HIS L 462 13.33 -63.38 55.98
N ARG L 463 12.19 -63.70 56.58
CA ARG L 463 11.87 -63.15 57.88
C ARG L 463 12.85 -63.62 58.95
N LYS L 464 13.24 -64.89 58.89
CA LYS L 464 14.28 -65.40 59.79
C LYS L 464 15.61 -64.72 59.52
N MET L 465 15.96 -64.52 58.24
CA MET L 465 17.20 -63.82 57.92
C MET L 465 17.17 -62.39 58.42
N PHE L 466 15.99 -61.77 58.45
CA PHE L 466 15.86 -60.40 58.94
C PHE L 466 16.07 -60.34 60.45
N ILE L 467 15.44 -61.26 61.19
CA ILE L 467 15.62 -61.30 62.64
C ILE L 467 17.06 -61.62 63.00
N GLY L 468 17.69 -62.52 62.24
CA GLY L 468 19.09 -62.82 62.46
C GLY L 468 20.01 -61.64 62.16
N LYS L 469 19.66 -60.84 61.16
CA LYS L 469 20.44 -59.65 60.86
C LYS L 469 20.35 -58.63 62.00
N ILE L 470 19.19 -58.55 62.66
CA ILE L 470 19.02 -57.63 63.78
C ILE L 470 19.93 -58.03 64.94
N ILE L 471 20.03 -59.33 65.22
CA ILE L 471 20.93 -59.79 66.29
C ILE L 471 22.38 -59.45 65.94
N LYS L 472 22.76 -59.61 64.67
CA LYS L 472 24.11 -59.26 64.26
C LYS L 472 24.34 -57.76 64.35
N ALA L 473 23.36 -56.95 63.89
CA ALA L 473 23.51 -55.50 63.93
C ALA L 473 23.60 -54.99 65.36
N LEU L 474 22.79 -55.56 66.26
CA LEU L 474 22.84 -55.15 67.67
C LEU L 474 24.19 -55.49 68.30
N ASP L 475 24.77 -56.64 67.93
CA ASP L 475 26.08 -57.01 68.44
C ASP L 475 27.16 -56.05 67.97
N ILE L 476 27.12 -55.67 66.69
CA ILE L 476 28.08 -54.70 66.18
C ILE L 476 27.88 -53.35 66.87
N TYR L 477 26.63 -52.91 66.98
CA TYR L 477 26.34 -51.61 67.56
C TYR L 477 26.81 -51.53 69.01
N GLN L 478 26.60 -52.61 69.77
CA GLN L 478 26.97 -52.61 71.18
C GLN L 478 28.48 -52.46 71.35
N GLU L 479 29.26 -53.04 70.45
CA GLU L 479 30.71 -52.94 70.56
C GLU L 479 31.23 -51.63 70.00
N ARG L 480 30.65 -51.14 68.89
CA ARG L 480 31.07 -49.88 68.29
C ARG L 480 30.67 -48.67 69.12
N LEU L 481 30.02 -48.88 70.26
CA LEU L 481 29.66 -47.80 71.18
C LEU L 481 30.73 -47.58 72.25
N LEU L 482 31.98 -47.90 71.95
CA LEU L 482 33.06 -47.78 72.92
C LEU L 482 34.17 -46.89 72.40
N PHE M 120 -27.28 -85.98 15.36
CA PHE M 120 -28.13 -85.79 16.53
C PHE M 120 -29.53 -85.32 16.12
N ILE M 121 -29.59 -84.16 15.49
CA ILE M 121 -30.84 -83.55 15.08
C ILE M 121 -30.84 -83.41 13.56
N SER M 122 -31.98 -83.69 12.94
CA SER M 122 -32.15 -83.53 11.50
C SER M 122 -32.92 -82.25 11.23
N THR M 123 -32.20 -81.17 10.93
CA THR M 123 -32.83 -79.91 10.57
C THR M 123 -33.45 -79.93 9.17
N GLN M 124 -33.18 -80.98 8.40
CA GLN M 124 -33.71 -81.07 7.05
C GLN M 124 -35.23 -80.97 7.07
N GLY M 125 -35.77 -80.16 6.16
CA GLY M 125 -37.21 -79.94 6.12
C GLY M 125 -37.74 -79.02 7.17
N TRP M 126 -36.88 -78.33 7.91
CA TRP M 126 -37.33 -77.41 8.95
C TRP M 126 -37.49 -76.00 8.38
N ASP M 127 -38.01 -75.12 9.23
CA ASP M 127 -38.22 -73.72 8.84
C ASP M 127 -36.94 -73.10 8.31
N SER M 128 -37.09 -72.16 7.39
CA SER M 128 -35.94 -71.57 6.72
C SER M 128 -35.35 -70.38 7.45
N GLU M 129 -36.05 -69.81 8.44
CA GLU M 129 -35.49 -68.66 9.16
C GLU M 129 -35.82 -68.62 10.65
N MET M 130 -36.46 -69.65 11.21
CA MET M 130 -36.88 -69.59 12.60
C MET M 130 -35.76 -70.03 13.53
N VAL M 131 -35.71 -69.41 14.71
CA VAL M 131 -34.70 -69.74 15.70
C VAL M 131 -35.01 -71.08 16.34
N VAL M 132 -33.97 -71.75 16.83
CA VAL M 132 -34.12 -72.99 17.57
C VAL M 132 -33.98 -72.67 19.05
N ASP M 133 -34.51 -73.58 19.89
CA ASP M 133 -34.62 -73.30 21.31
C ASP M 133 -33.32 -73.56 22.07
N TYR M 134 -32.34 -74.23 21.47
CA TYR M 134 -31.17 -74.71 22.17
C TYR M 134 -29.91 -74.04 21.61
N ARG M 135 -28.78 -74.33 22.25
CA ARG M 135 -27.48 -73.86 21.78
C ARG M 135 -26.61 -75.07 21.47
N ILE M 136 -26.17 -75.17 20.22
CA ILE M 136 -25.45 -76.35 19.79
C ILE M 136 -24.05 -76.37 20.39
N ASN M 137 -23.47 -77.56 20.42
CA ASN M 137 -22.07 -77.73 20.82
C ASN M 137 -21.21 -77.52 19.58
N GLU M 138 -20.52 -76.39 19.54
CA GLU M 138 -19.91 -75.94 18.29
C GLU M 138 -18.72 -76.78 17.85
N ASP M 139 -18.16 -77.64 18.70
CA ASP M 139 -17.00 -78.42 18.29
C ASP M 139 -17.39 -79.72 17.60
N GLU M 140 -18.68 -80.02 17.49
CA GLU M 140 -19.18 -81.08 16.63
C GLU M 140 -19.55 -80.58 15.24
N PHE M 141 -19.12 -79.37 14.87
CA PHE M 141 -19.53 -78.75 13.62
C PHE M 141 -18.33 -78.10 12.95
N HIS M 142 -18.40 -78.01 11.63
CA HIS M 142 -17.56 -77.06 10.91
C HIS M 142 -18.09 -75.66 11.15
N LYS M 143 -17.22 -74.73 11.53
CA LYS M 143 -17.59 -73.33 11.63
C LYS M 143 -17.04 -72.60 10.42
N ILE M 144 -17.94 -72.04 9.62
CA ILE M 144 -17.58 -71.31 8.41
C ILE M 144 -18.02 -69.87 8.59
N SER M 145 -17.05 -68.96 8.63
CA SER M 145 -17.29 -67.57 8.95
C SER M 145 -17.36 -66.77 7.65
N LEU M 146 -18.47 -66.08 7.44
CA LEU M 146 -18.65 -65.19 6.31
C LEU M 146 -18.84 -63.76 6.84
N LEU M 147 -19.06 -62.83 5.92
CA LEU M 147 -19.16 -61.43 6.31
C LEU M 147 -20.38 -61.17 7.18
N ASP M 148 -21.50 -61.82 6.88
CA ASP M 148 -22.76 -61.51 7.54
C ASP M 148 -23.35 -62.68 8.32
N CYS M 149 -22.63 -63.80 8.43
CA CYS M 149 -23.18 -64.93 9.16
C CYS M 149 -22.05 -65.88 9.53
N ASP M 150 -22.37 -66.80 10.45
CA ASP M 150 -21.58 -67.99 10.68
C ASP M 150 -22.42 -69.19 10.27
N PHE M 151 -21.86 -70.06 9.44
CA PHE M 151 -22.55 -71.24 8.94
C PHE M 151 -21.98 -72.47 9.62
N PHE M 152 -22.87 -73.33 10.12
CA PHE M 152 -22.48 -74.53 10.86
C PHE M 152 -23.00 -75.76 10.13
N ILE M 153 -22.09 -76.69 9.84
CA ILE M 153 -22.42 -77.97 9.22
C ILE M 153 -21.81 -79.06 10.08
N ARG M 154 -22.59 -80.10 10.37
CA ARG M 154 -22.14 -81.13 11.29
C ARG M 154 -20.89 -81.81 10.76
N LYS M 155 -19.95 -82.06 11.66
CA LYS M 155 -18.68 -82.68 11.30
C LYS M 155 -18.58 -84.07 11.92
N PRO M 156 -18.75 -85.13 11.15
CA PRO M 156 -18.40 -86.47 11.63
C PRO M 156 -16.91 -86.55 11.91
N PRO M 157 -16.50 -87.24 12.97
CA PRO M 157 -15.07 -87.31 13.29
C PRO M 157 -14.27 -87.95 12.15
N ASP M 158 -13.11 -87.37 11.88
CA ASP M 158 -12.25 -87.79 10.78
C ASP M 158 -10.89 -87.14 10.96
N PRO M 159 -9.79 -87.87 10.72
CA PRO M 159 -8.46 -87.28 10.94
C PRO M 159 -8.20 -86.04 10.09
N ASP M 160 -8.71 -85.98 8.87
CA ASP M 160 -8.47 -84.82 8.01
C ASP M 160 -9.46 -83.68 8.26
N ASN M 161 -10.54 -83.92 9.00
CA ASN M 161 -11.52 -82.90 9.34
C ASN M 161 -12.15 -82.26 8.11
N ASP M 162 -12.42 -83.06 7.08
CA ASP M 162 -13.00 -82.54 5.84
C ASP M 162 -14.19 -83.38 5.39
N VAL M 163 -14.88 -84.02 6.33
CA VAL M 163 -16.11 -84.76 6.06
C VAL M 163 -17.27 -83.94 6.60
N TYR M 164 -18.32 -83.81 5.79
CA TYR M 164 -19.45 -82.94 6.10
C TYR M 164 -20.73 -83.76 6.16
N ASP M 165 -21.55 -83.48 7.17
CA ASP M 165 -22.88 -84.07 7.31
C ASP M 165 -23.89 -82.94 7.12
N PHE M 166 -24.45 -82.84 5.91
CA PHE M 166 -25.33 -81.74 5.55
C PHE M 166 -26.74 -81.89 6.08
N ARG M 167 -27.05 -83.01 6.74
CA ARG M 167 -28.39 -83.19 7.28
C ARG M 167 -28.69 -82.19 8.40
N GLU M 168 -27.67 -81.76 9.15
CA GLU M 168 -27.84 -80.78 10.22
C GLU M 168 -27.00 -79.56 9.92
N MET M 169 -27.65 -78.43 9.67
CA MET M 169 -26.97 -77.18 9.38
C MET M 169 -27.65 -76.03 10.12
N TYR M 170 -26.86 -75.06 10.54
CA TYR M 170 -27.35 -73.88 11.24
C TYR M 170 -26.66 -72.64 10.70
N VAL M 171 -27.30 -71.50 10.94
CA VAL M 171 -26.74 -70.20 10.56
C VAL M 171 -27.01 -69.23 11.69
N THR M 172 -26.04 -68.37 11.97
CA THR M 172 -26.06 -67.42 13.07
C THR M 172 -25.58 -66.07 12.57
N PRO M 173 -26.01 -64.98 13.21
CA PRO M 173 -25.30 -63.72 13.02
C PRO M 173 -23.87 -63.84 13.54
N PRO M 174 -22.94 -63.09 12.97
CA PRO M 174 -21.53 -63.27 13.31
C PRO M 174 -21.25 -63.08 14.79
N ASP M 175 -20.37 -63.93 15.32
CA ASP M 175 -19.98 -63.98 16.74
C ASP M 175 -21.20 -63.93 17.65
N THR M 176 -22.08 -64.91 17.46
CA THR M 176 -23.30 -65.04 18.25
C THR M 176 -23.60 -66.52 18.40
N ASP M 177 -24.35 -66.85 19.43
CA ASP M 177 -24.75 -68.23 19.68
C ASP M 177 -26.27 -68.38 19.69
N ILE M 178 -26.93 -67.75 18.71
CA ILE M 178 -28.37 -67.87 18.53
C ILE M 178 -28.60 -68.47 17.15
N TYR M 179 -28.94 -69.76 17.11
CA TYR M 179 -28.88 -70.54 15.89
C TYR M 179 -30.25 -70.68 15.24
N SER M 180 -30.26 -70.69 13.91
CA SER M 180 -31.47 -70.88 13.13
C SER M 180 -31.13 -71.68 11.88
N VAL M 181 -32.15 -72.32 11.32
CA VAL M 181 -31.97 -73.19 10.15
C VAL M 181 -31.80 -72.31 8.92
N PRO M 182 -30.78 -72.55 8.09
CA PRO M 182 -30.61 -71.74 6.88
C PRO M 182 -31.57 -72.15 5.78
N ARG M 183 -31.77 -71.24 4.84
CA ARG M 183 -32.56 -71.55 3.65
C ARG M 183 -31.78 -72.50 2.76
N VAL M 184 -32.45 -73.56 2.30
CA VAL M 184 -31.82 -74.58 1.47
C VAL M 184 -32.49 -74.52 0.10
N LEU M 185 -31.72 -74.16 -0.92
CA LEU M 185 -32.25 -73.92 -2.25
C LEU M 185 -31.97 -75.07 -3.22
N ALA M 186 -31.41 -76.17 -2.74
CA ALA M 186 -31.13 -77.32 -3.59
C ALA M 186 -31.22 -78.57 -2.73
N PRO M 187 -31.40 -79.74 -3.35
CA PRO M 187 -31.25 -80.98 -2.60
C PRO M 187 -29.84 -81.12 -2.05
N MET M 188 -29.75 -81.59 -0.84
CA MET M 188 -28.51 -81.71 -0.10
C MET M 188 -28.03 -83.16 -0.05
N PRO M 189 -26.73 -83.39 0.07
CA PRO M 189 -26.23 -84.76 0.17
C PRO M 189 -26.78 -85.46 1.40
N GLN M 190 -27.11 -86.74 1.25
CA GLN M 190 -27.73 -87.48 2.34
C GLN M 190 -26.72 -88.24 3.17
N LYS M 191 -25.71 -88.82 2.55
CA LYS M 191 -24.63 -89.47 3.26
C LYS M 191 -23.47 -88.51 3.43
N TYR M 192 -22.50 -88.92 4.26
CA TYR M 192 -21.30 -88.13 4.46
C TYR M 192 -20.55 -87.97 3.15
N ILE M 193 -19.97 -86.80 2.94
CA ILE M 193 -19.12 -86.55 1.78
C ILE M 193 -17.90 -85.76 2.23
N ARG M 194 -16.80 -85.97 1.51
CA ARG M 194 -15.55 -85.27 1.75
C ARG M 194 -15.47 -84.09 0.79
N CYS M 195 -15.21 -82.90 1.34
CA CYS M 195 -15.23 -81.69 0.54
C CYS M 195 -14.03 -80.81 0.88
N ALA M 196 -13.56 -80.08 -0.12
CA ALA M 196 -12.54 -79.05 0.05
C ALA M 196 -13.22 -77.69 0.07
N MET M 197 -12.81 -76.85 1.01
CA MET M 197 -13.45 -75.57 1.23
C MET M 197 -12.57 -74.43 0.73
N SER M 198 -13.18 -73.47 0.04
CA SER M 198 -12.49 -72.26 -0.38
C SER M 198 -13.47 -71.09 -0.32
N ASP M 199 -12.97 -69.92 0.04
CA ASP M 199 -13.82 -68.74 0.21
C ASP M 199 -13.70 -67.81 -0.98
N TYR M 200 -14.73 -66.97 -1.13
CA TYR M 200 -14.89 -66.10 -2.28
C TYR M 200 -15.26 -64.71 -1.76
N GLY M 201 -14.53 -63.70 -2.20
CA GLY M 201 -14.80 -62.35 -1.72
C GLY M 201 -13.85 -61.31 -2.23
N CYS M 202 -13.51 -60.35 -1.39
CA CYS M 202 -12.69 -59.22 -1.79
C CYS M 202 -11.85 -58.75 -0.61
N TYR M 203 -10.87 -57.91 -0.90
CA TYR M 203 -10.10 -57.23 0.12
C TYR M 203 -10.66 -55.83 0.32
N ASP M 204 -10.90 -55.47 1.57
CA ASP M 204 -11.29 -54.11 1.92
C ASP M 204 -10.04 -53.43 2.45
N VAL M 205 -9.31 -52.77 1.56
CA VAL M 205 -8.12 -52.01 1.93
C VAL M 205 -8.55 -50.56 2.07
N THR M 206 -8.54 -50.06 3.30
CA THR M 206 -8.97 -48.70 3.61
C THR M 206 -7.80 -47.89 4.14
N GLU M 207 -8.04 -46.58 4.29
CA GLU M 207 -7.12 -45.68 4.96
C GLU M 207 -7.90 -45.02 6.09
N PRO M 208 -7.87 -45.60 7.29
CA PRO M 208 -8.71 -45.10 8.38
C PRO M 208 -8.18 -43.79 8.91
N PRO M 209 -9.03 -42.99 9.55
CA PRO M 209 -8.55 -41.74 10.15
C PRO M 209 -7.53 -42.01 11.25
N ILE M 210 -6.58 -41.09 11.38
CA ILE M 210 -5.45 -41.24 12.28
C ILE M 210 -5.77 -40.44 13.54
N ASP M 211 -6.28 -41.12 14.56
CA ASP M 211 -6.66 -40.45 15.81
C ASP M 211 -5.51 -40.49 16.83
N ALA M 212 -5.09 -41.68 17.24
CA ALA M 212 -4.04 -41.83 18.23
C ALA M 212 -2.67 -41.76 17.57
N PRO M 213 -1.62 -41.50 18.35
CA PRO M 213 -0.26 -41.56 17.78
C PRO M 213 0.04 -42.94 17.22
N ARG M 214 0.76 -42.94 16.09
CA ARG M 214 1.15 -44.17 15.37
C ARG M 214 -0.05 -44.98 14.92
N ASP M 215 -1.19 -44.33 14.69
CA ASP M 215 -2.32 -45.03 14.10
C ASP M 215 -1.96 -45.48 12.69
N PRO M 216 -2.36 -46.69 12.29
CA PRO M 216 -1.87 -47.25 11.01
C PRO M 216 -2.32 -46.42 9.81
N LEU M 217 -1.48 -46.43 8.77
CA LEU M 217 -1.81 -45.68 7.57
C LEU M 217 -2.87 -46.39 6.74
N TYR M 218 -2.96 -47.72 6.83
CA TYR M 218 -3.97 -48.46 6.10
C TYR M 218 -4.48 -49.60 6.97
N LYS M 219 -5.62 -50.15 6.56
CA LYS M 219 -6.15 -51.37 7.16
C LYS M 219 -6.61 -52.29 6.04
N SER M 220 -6.13 -53.52 6.04
CA SER M 220 -6.41 -54.48 4.98
C SER M 220 -7.12 -55.68 5.58
N GLU M 221 -8.40 -55.85 5.23
CA GLU M 221 -9.21 -56.95 5.73
C GLU M 221 -9.88 -57.68 4.58
N ARG M 222 -10.18 -58.94 4.81
CA ARG M 222 -10.81 -59.81 3.82
C ARG M 222 -12.29 -59.93 4.12
N GLU M 223 -13.13 -59.73 3.11
CA GLU M 223 -14.58 -59.81 3.25
C GLU M 223 -15.08 -60.96 2.40
N ILE M 224 -15.60 -62.00 3.06
CA ILE M 224 -16.01 -63.24 2.41
C ILE M 224 -17.51 -63.18 2.17
N SER M 225 -17.91 -63.26 0.91
CA SER M 225 -19.32 -63.26 0.56
C SER M 225 -19.85 -64.64 0.21
N LYS M 226 -19.01 -65.54 -0.30
CA LYS M 226 -19.44 -66.89 -0.63
C LYS M 226 -18.36 -67.88 -0.20
N VAL M 227 -18.80 -69.11 0.10
CA VAL M 227 -17.90 -70.21 0.39
C VAL M 227 -18.28 -71.37 -0.52
N PHE M 228 -17.29 -71.96 -1.17
CA PHE M 228 -17.49 -73.11 -2.04
C PHE M 228 -17.03 -74.38 -1.34
N LEU M 229 -17.86 -75.41 -1.38
CA LEU M 229 -17.52 -76.73 -0.86
C LEU M 229 -17.48 -77.69 -2.04
N THR M 230 -16.27 -78.08 -2.44
CA THR M 230 -16.07 -78.92 -3.62
C THR M 230 -15.81 -80.35 -3.18
N LYS M 231 -16.62 -81.27 -3.69
CA LYS M 231 -16.51 -82.67 -3.30
C LYS M 231 -15.22 -83.29 -3.82
N HIS M 232 -14.53 -84.03 -2.96
CA HIS M 232 -13.44 -84.88 -3.41
C HIS M 232 -14.01 -85.99 -4.29
N TYR M 233 -13.38 -86.23 -5.43
CA TYR M 233 -13.87 -87.26 -6.34
C TYR M 233 -13.77 -88.62 -5.66
N ARG M 234 -14.91 -89.31 -5.56
CA ARG M 234 -15.03 -90.59 -4.88
C ARG M 234 -14.63 -90.51 -3.41
N ASN M 235 -14.66 -89.31 -2.84
CA ASN M 235 -14.35 -89.06 -1.43
C ASN M 235 -12.92 -89.44 -1.06
N ARG M 236 -11.99 -89.33 -2.00
CA ARG M 236 -10.60 -89.63 -1.71
C ARG M 236 -9.98 -88.54 -0.84
N ARG M 237 -8.94 -88.91 -0.10
CA ARG M 237 -8.27 -87.98 0.80
C ARG M 237 -7.29 -87.09 0.03
N LEU M 238 -6.89 -86.00 0.69
CA LEU M 238 -5.95 -85.07 0.09
C LEU M 238 -4.61 -85.73 -0.21
N ASN M 239 -4.15 -86.59 0.69
CA ASN M 239 -2.86 -87.25 0.54
C ASN M 239 -2.94 -88.50 -0.34
N ASP M 240 -4.12 -88.85 -0.83
CA ASP M 240 -4.25 -89.93 -1.78
C ASP M 240 -3.52 -89.59 -3.07
N PRO M 241 -2.69 -90.49 -3.61
CA PRO M 241 -2.02 -90.20 -4.89
C PRO M 241 -2.98 -90.07 -6.07
N GLU M 242 -4.20 -90.57 -5.95
CA GLU M 242 -5.21 -90.43 -7.00
C GLU M 242 -6.24 -89.35 -6.67
N PHE M 243 -5.89 -88.41 -5.80
CA PHE M 243 -6.83 -87.36 -5.40
C PHE M 243 -7.09 -86.40 -6.55
N VAL M 244 -8.36 -86.16 -6.84
CA VAL M 244 -8.81 -85.10 -7.72
C VAL M 244 -10.09 -84.52 -7.15
N LEU M 245 -10.43 -83.32 -7.60
CA LEU M 245 -11.67 -82.69 -7.20
C LEU M 245 -12.78 -83.09 -8.16
N ASP M 246 -13.99 -83.18 -7.62
CA ASP M 246 -15.19 -83.49 -8.40
C ASP M 246 -15.94 -82.16 -8.59
N PHE M 247 -15.65 -81.49 -9.71
CA PHE M 247 -16.24 -80.18 -9.94
C PHE M 247 -17.71 -80.24 -10.31
N GLU M 248 -18.26 -81.44 -10.53
CA GLU M 248 -19.68 -81.56 -10.81
C GLU M 248 -20.55 -81.41 -9.57
N GLU M 249 -19.97 -81.51 -8.37
CA GLU M 249 -20.72 -81.42 -7.12
C GLU M 249 -20.09 -80.33 -6.26
N ILE M 250 -20.63 -79.12 -6.35
CA ILE M 250 -20.14 -77.97 -5.60
C ILE M 250 -21.31 -77.34 -4.86
N TYR M 251 -21.12 -77.05 -3.58
CA TYR M 251 -22.15 -76.43 -2.76
C TYR M 251 -21.71 -75.03 -2.38
N VAL M 252 -22.63 -74.08 -2.49
CA VAL M 252 -22.33 -72.66 -2.34
C VAL M 252 -23.08 -72.12 -1.13
N ILE M 253 -22.35 -71.50 -0.22
CA ILE M 253 -22.93 -70.77 0.91
C ILE M 253 -22.86 -69.29 0.59
N ASP M 254 -24.00 -68.61 0.67
CA ASP M 254 -24.07 -67.18 0.38
C ASP M 254 -24.29 -66.42 1.68
N SER M 255 -23.44 -65.43 1.93
CA SER M 255 -23.53 -64.66 3.17
C SER M 255 -24.73 -63.72 3.16
N LYS M 256 -25.03 -63.12 2.01
CA LYS M 256 -26.10 -62.13 1.96
C LYS M 256 -27.47 -62.74 2.25
N THR M 257 -27.73 -63.93 1.74
CA THR M 257 -29.04 -64.55 1.90
C THR M 257 -29.06 -65.62 2.98
N LYS M 258 -27.91 -65.92 3.61
CA LYS M 258 -27.82 -66.94 4.67
C LYS M 258 -28.35 -68.28 4.18
N SER M 259 -28.07 -68.61 2.93
CA SER M 259 -28.60 -69.81 2.31
C SER M 259 -27.48 -70.69 1.81
N ILE M 260 -27.82 -71.93 1.51
CA ILE M 260 -26.90 -72.87 0.90
C ILE M 260 -27.59 -73.52 -0.29
N THR M 261 -26.85 -73.68 -1.39
CA THR M 261 -27.39 -74.23 -2.62
C THR M 261 -26.31 -75.04 -3.32
N ARG M 262 -26.71 -75.75 -4.35
CA ARG M 262 -25.79 -76.48 -5.20
C ARG M 262 -25.56 -75.70 -6.49
N ALA M 263 -24.31 -75.60 -6.91
CA ALA M 263 -23.98 -74.86 -8.12
C ALA M 263 -24.42 -75.61 -9.36
N ARG M 264 -24.94 -74.87 -10.34
CA ARG M 264 -25.25 -75.42 -11.66
C ARG M 264 -24.01 -75.32 -12.53
N VAL M 265 -23.45 -76.45 -12.90
CA VAL M 265 -22.16 -76.52 -13.59
C VAL M 265 -22.38 -76.95 -15.02
N LEU M 266 -21.75 -76.24 -15.95
CA LEU M 266 -21.77 -76.58 -17.37
C LEU M 266 -20.45 -77.23 -17.74
N VAL M 267 -20.50 -78.42 -18.32
CA VAL M 267 -19.32 -79.17 -18.71
C VAL M 267 -19.14 -79.03 -20.20
N THR M 268 -17.99 -78.50 -20.61
CA THR M 268 -17.63 -78.38 -22.02
C THR M 268 -16.51 -79.32 -22.43
N VAL M 269 -15.94 -80.05 -21.48
CA VAL M 269 -14.86 -81.01 -21.78
C VAL M 269 -15.45 -82.19 -22.55
N PRO M 270 -14.79 -82.69 -23.61
CA PRO M 270 -15.33 -83.89 -24.27
C PRO M 270 -14.94 -85.14 -23.49
N GLY M 271 -15.91 -86.02 -23.29
CA GLY M 271 -15.70 -87.22 -22.52
C GLY M 271 -16.91 -87.60 -21.70
N GLY M 272 -17.79 -86.63 -21.45
CA GLY M 272 -18.97 -86.92 -20.69
C GLY M 272 -18.66 -87.24 -19.23
N ARG M 273 -19.47 -88.11 -18.64
CA ARG M 273 -19.30 -88.47 -17.24
C ARG M 273 -17.98 -89.20 -17.01
N LYS M 274 -17.60 -90.08 -17.94
CA LYS M 274 -16.36 -90.85 -17.83
C LYS M 274 -15.28 -90.10 -18.59
N ARG M 275 -14.42 -89.40 -17.86
CA ARG M 275 -13.34 -88.63 -18.45
C ARG M 275 -12.20 -88.55 -17.46
N ASP M 276 -11.04 -88.13 -17.97
CA ASP M 276 -9.89 -87.87 -17.11
C ASP M 276 -10.13 -86.55 -16.37
N ARG M 277 -10.49 -86.66 -15.09
CA ARG M 277 -10.72 -85.47 -14.28
C ARG M 277 -9.46 -84.68 -13.99
N LYS M 278 -8.29 -85.25 -14.28
CA LYS M 278 -7.04 -84.53 -14.11
C LYS M 278 -6.83 -83.45 -15.15
N ASP M 279 -7.65 -83.41 -16.20
CA ASP M 279 -7.49 -82.46 -17.29
C ASP M 279 -8.45 -81.28 -17.22
N ASP M 280 -9.41 -81.28 -16.30
CA ASP M 280 -10.46 -80.27 -16.37
C ASP M 280 -10.19 -79.13 -15.39
N LEU M 281 -10.63 -77.94 -15.81
CA LEU M 281 -10.42 -76.72 -15.06
C LEU M 281 -11.77 -76.06 -14.83
N LEU M 282 -12.03 -75.64 -13.60
CA LEU M 282 -13.27 -74.97 -13.26
C LEU M 282 -13.08 -73.47 -13.37
N VAL M 283 -13.98 -72.80 -14.09
CA VAL M 283 -13.97 -71.35 -14.23
C VAL M 283 -15.21 -70.80 -13.54
N ILE M 284 -15.01 -69.88 -12.61
CA ILE M 284 -16.09 -69.27 -11.84
C ILE M 284 -16.15 -67.78 -12.20
N ARG M 285 -17.34 -67.33 -12.59
CA ARG M 285 -17.55 -65.93 -12.96
C ARG M 285 -18.85 -65.44 -12.33
N ASP M 286 -19.16 -64.17 -12.58
CA ASP M 286 -20.46 -63.57 -12.28
C ASP M 286 -20.82 -63.67 -10.80
N ASN M 287 -19.93 -63.18 -9.94
CA ASN M 287 -20.17 -63.14 -8.50
C ASN M 287 -20.46 -64.54 -7.93
N GLY M 288 -19.72 -65.53 -8.43
CA GLY M 288 -19.91 -66.89 -7.98
C GLY M 288 -21.26 -67.49 -8.34
N ASN M 289 -21.74 -67.22 -9.56
CA ASN M 289 -23.00 -67.75 -10.02
C ASN M 289 -22.91 -68.55 -11.30
N SER M 290 -21.82 -68.43 -12.06
CA SER M 290 -21.63 -69.17 -13.29
C SER M 290 -20.44 -70.11 -13.12
N PHE M 291 -20.64 -71.38 -13.45
CA PHE M 291 -19.64 -72.43 -13.25
C PHE M 291 -19.49 -73.21 -14.54
N LYS M 292 -18.27 -73.22 -15.08
CA LYS M 292 -18.01 -73.89 -16.35
C LYS M 292 -16.74 -74.72 -16.21
N ILE M 293 -16.80 -75.98 -16.64
CA ILE M 293 -15.65 -76.86 -16.64
C ILE M 293 -15.09 -76.92 -18.05
N ILE M 294 -13.82 -76.53 -18.19
CA ILE M 294 -13.14 -76.53 -19.48
C ILE M 294 -11.91 -77.42 -19.37
N HIS M 295 -11.30 -77.67 -20.53
CA HIS M 295 -10.04 -78.40 -20.56
C HIS M 295 -8.89 -77.48 -20.16
N VAL M 296 -7.91 -78.05 -19.46
CA VAL M 296 -6.82 -77.26 -18.91
C VAL M 296 -5.96 -76.63 -20.00
N GLY M 297 -6.07 -77.11 -21.25
CA GLY M 297 -5.40 -76.48 -22.36
C GLY M 297 -6.07 -75.24 -22.89
N GLU M 298 -7.34 -75.01 -22.53
CA GLU M 298 -8.05 -73.80 -22.90
C GLU M 298 -7.92 -72.70 -21.84
N ARG M 299 -6.93 -72.79 -20.97
CA ARG M 299 -6.76 -71.83 -19.90
C ARG M 299 -6.43 -70.45 -20.47
N ASP M 300 -7.12 -69.43 -19.95
CA ASP M 300 -6.89 -68.06 -20.37
C ASP M 300 -5.79 -67.42 -19.51
N ASP M 301 -4.95 -66.63 -20.17
CA ASP M 301 -3.96 -65.84 -19.46
C ASP M 301 -4.66 -64.84 -18.53
N PRO M 302 -4.13 -64.60 -17.33
CA PRO M 302 -4.73 -63.58 -16.45
C PRO M 302 -4.79 -62.20 -17.08
N THR M 303 -3.81 -61.83 -17.89
CA THR M 303 -3.90 -60.56 -18.62
C THR M 303 -5.09 -60.55 -19.56
N THR M 304 -5.32 -61.66 -20.27
CA THR M 304 -6.45 -61.73 -21.18
C THR M 304 -7.77 -61.56 -20.45
N VAL M 305 -7.90 -62.18 -19.27
CA VAL M 305 -9.13 -62.06 -18.49
C VAL M 305 -9.37 -60.61 -18.10
N ILE M 306 -8.33 -59.94 -17.60
CA ILE M 306 -8.47 -58.56 -17.18
C ILE M 306 -8.76 -57.64 -18.38
N GLU M 307 -8.05 -57.86 -19.49
CA GLU M 307 -8.21 -56.98 -20.64
C GLU M 307 -9.54 -57.17 -21.33
N ARG M 308 -10.10 -58.39 -21.31
CA ARG M 308 -11.44 -58.60 -21.86
C ARG M 308 -12.47 -57.76 -21.11
N GLU M 309 -12.38 -57.76 -19.78
CA GLU M 309 -13.32 -57.00 -18.98
C GLU M 309 -13.20 -55.50 -19.26
N GLU M 310 -11.96 -55.01 -19.40
CA GLU M 310 -11.78 -53.59 -19.66
C GLU M 310 -12.27 -53.20 -21.04
N TRP M 311 -12.01 -54.04 -22.04
CA TRP M 311 -12.45 -53.72 -23.40
C TRP M 311 -13.97 -53.65 -23.48
N THR M 312 -14.65 -54.60 -22.85
CA THR M 312 -16.11 -54.61 -22.87
C THR M 312 -16.70 -53.38 -22.21
N LYS M 313 -16.10 -52.96 -21.08
CA LYS M 313 -16.64 -51.81 -20.36
C LYS M 313 -16.37 -50.50 -21.08
N THR M 314 -15.14 -50.31 -21.58
CA THR M 314 -14.82 -49.06 -22.25
C THR M 314 -15.51 -48.94 -23.60
N ARG M 315 -15.77 -50.07 -24.26
CA ARG M 315 -16.49 -50.03 -25.53
C ARG M 315 -17.91 -49.53 -25.33
N GLU M 316 -18.59 -49.97 -24.28
CA GLU M 316 -19.94 -49.49 -24.00
C GLU M 316 -19.93 -48.03 -23.56
N ASP M 317 -18.98 -47.66 -22.71
CA ASP M 317 -18.91 -46.28 -22.23
C ASP M 317 -18.62 -45.30 -23.36
N MET M 318 -17.73 -45.68 -24.28
CA MET M 318 -17.41 -44.81 -25.42
C MET M 318 -18.64 -44.59 -26.30
N GLU M 319 -19.38 -45.65 -26.60
CA GLU M 319 -20.54 -45.51 -27.47
C GLU M 319 -21.61 -44.64 -26.80
N LYS M 320 -21.79 -44.79 -25.50
CA LYS M 320 -22.72 -43.95 -24.76
C LYS M 320 -22.31 -42.48 -24.81
N HIS M 321 -21.00 -42.22 -24.73
CA HIS M 321 -20.50 -40.85 -24.85
C HIS M 321 -20.75 -40.28 -26.24
N LEU M 322 -20.54 -41.10 -27.28
CA LEU M 322 -20.68 -40.65 -28.66
C LEU M 322 -22.11 -40.62 -29.15
N ARG M 323 -23.05 -41.21 -28.41
CA ARG M 323 -24.42 -41.35 -28.91
C ARG M 323 -25.09 -40.00 -29.11
N LYS M 324 -24.76 -39.01 -28.29
CA LYS M 324 -25.46 -37.73 -28.35
C LYS M 324 -24.95 -36.81 -29.46
N LEU M 325 -23.87 -37.17 -30.14
CA LEU M 325 -23.46 -36.43 -31.33
C LEU M 325 -24.44 -36.71 -32.45
N ARG M 326 -24.93 -35.65 -33.10
CA ARG M 326 -26.06 -35.79 -34.02
C ARG M 326 -25.70 -36.53 -35.31
N ASP M 327 -24.43 -36.79 -35.58
CA ASP M 327 -24.03 -37.59 -36.73
C ASP M 327 -23.65 -39.01 -36.35
N PHE M 328 -24.07 -39.47 -35.16
CA PHE M 328 -23.73 -40.81 -34.70
C PHE M 328 -24.34 -41.89 -35.60
N SER M 329 -25.59 -41.68 -36.05
CA SER M 329 -26.27 -42.70 -36.83
C SER M 329 -25.65 -42.92 -38.20
N VAL M 330 -24.81 -42.00 -38.67
CA VAL M 330 -24.18 -42.12 -39.98
C VAL M 330 -22.67 -42.23 -39.81
N SER M 331 -22.24 -42.90 -38.74
CA SER M 331 -20.82 -43.04 -38.45
C SER M 331 -20.49 -44.49 -38.12
N ASN M 332 -19.21 -44.84 -38.28
CA ASN M 332 -18.71 -46.18 -38.06
C ASN M 332 -17.93 -46.24 -36.75
N TRP M 333 -17.95 -47.42 -36.12
CA TRP M 333 -16.89 -47.78 -35.19
C TRP M 333 -15.66 -48.23 -35.99
N PHE M 334 -14.48 -47.94 -35.48
CA PHE M 334 -13.26 -48.50 -36.06
C PHE M 334 -12.15 -48.63 -35.02
N GLY N 47 -70.51 75.67 -26.19
CA GLY N 47 -71.83 75.46 -26.74
C GLY N 47 -72.01 76.09 -28.12
N PHE N 48 -71.86 75.28 -29.16
CA PHE N 48 -72.05 75.75 -30.52
C PHE N 48 -73.53 75.87 -30.83
N GLU N 49 -73.87 76.88 -31.63
CA GLU N 49 -75.25 77.18 -31.97
C GLU N 49 -75.48 76.96 -33.45
N LEU N 50 -76.65 76.42 -33.79
CA LEU N 50 -77.04 76.22 -35.18
C LEU N 50 -77.46 77.56 -35.78
N LYS N 51 -76.64 78.11 -36.64
CA LYS N 51 -77.02 79.35 -37.31
C LYS N 51 -77.96 79.04 -38.49
N PRO N 52 -78.91 79.91 -38.77
CA PRO N 52 -79.77 79.72 -39.94
C PRO N 52 -79.02 80.08 -41.20
N PRO N 53 -79.49 79.62 -42.36
CA PRO N 53 -78.88 80.06 -43.61
C PRO N 53 -79.06 81.53 -43.80
N PRO N 54 -78.18 82.19 -44.57
CA PRO N 54 -78.25 83.65 -44.75
C PRO N 54 -79.36 84.12 -45.67
N TYR N 55 -80.35 83.29 -45.95
CA TYR N 55 -81.49 83.61 -46.80
C TYR N 55 -82.73 82.96 -46.21
N PRO N 56 -83.91 83.44 -46.54
CA PRO N 56 -85.13 82.75 -46.10
C PRO N 56 -85.19 81.34 -46.66
N LEU N 57 -85.81 80.44 -45.90
CA LEU N 57 -85.86 79.03 -46.28
C LEU N 57 -86.64 78.79 -47.55
N ASP N 58 -87.42 79.77 -48.03
CA ASP N 58 -88.13 79.67 -49.29
C ASP N 58 -87.40 80.35 -50.44
N ALA N 59 -86.21 80.92 -50.18
CA ALA N 59 -85.57 81.79 -51.15
C ALA N 59 -84.82 81.04 -52.24
N LEU N 60 -84.56 79.75 -52.06
CA LEU N 60 -83.85 78.96 -53.05
C LEU N 60 -84.80 78.27 -54.02
N GLU N 61 -86.11 78.45 -53.88
CA GLU N 61 -87.06 77.85 -54.81
C GLU N 61 -86.88 78.46 -56.20
N PRO N 62 -87.10 77.66 -57.26
CA PRO N 62 -87.45 76.23 -57.25
C PRO N 62 -86.24 75.32 -57.29
N HIS N 63 -85.03 75.88 -57.29
CA HIS N 63 -83.82 75.07 -57.43
C HIS N 63 -83.62 74.15 -56.22
N MET N 64 -83.86 74.66 -55.02
CA MET N 64 -83.82 73.86 -53.80
C MET N 64 -85.08 74.15 -53.00
N SER N 65 -85.91 73.13 -52.81
CA SER N 65 -87.23 73.33 -52.24
C SER N 65 -87.15 73.63 -50.74
N ARG N 66 -88.27 74.13 -50.21
CA ARG N 66 -88.36 74.37 -48.78
C ARG N 66 -88.35 73.05 -48.00
N GLU N 67 -88.91 71.99 -48.59
CA GLU N 67 -88.91 70.70 -47.92
C GLU N 67 -87.49 70.20 -47.71
N THR N 68 -86.62 70.38 -48.70
CA THR N 68 -85.23 69.99 -48.55
C THR N 68 -84.56 70.78 -47.43
N LEU N 69 -84.79 72.10 -47.40
CA LEU N 69 -84.19 72.94 -46.37
C LEU N 69 -84.75 72.62 -45.00
N ASP N 70 -86.04 72.25 -44.91
CA ASP N 70 -86.63 71.87 -43.64
C ASP N 70 -85.94 70.64 -43.07
N TYR N 71 -85.59 69.68 -43.93
CA TYR N 71 -84.94 68.47 -43.45
C TYR N 71 -83.42 68.60 -43.40
N HIS N 72 -82.81 69.21 -44.42
CA HIS N 72 -81.36 69.32 -44.44
C HIS N 72 -80.87 70.20 -43.30
N TRP N 73 -81.47 71.36 -43.13
CA TRP N 73 -81.05 72.28 -42.07
C TRP N 73 -81.78 71.98 -40.76
N GLY N 74 -83.10 71.83 -40.82
CA GLY N 74 -83.89 71.68 -39.61
C GLY N 74 -83.71 70.37 -38.87
N LYS N 75 -83.31 69.31 -39.58
CA LYS N 75 -83.13 68.00 -38.95
C LYS N 75 -81.69 67.54 -38.99
N HIS N 76 -81.08 67.45 -40.18
CA HIS N 76 -79.73 66.90 -40.29
C HIS N 76 -78.71 67.81 -39.63
N HIS N 77 -78.66 69.07 -40.06
CA HIS N 77 -77.70 70.02 -39.51
C HIS N 77 -77.95 70.27 -38.03
N LYS N 78 -79.23 70.37 -37.65
CA LYS N 78 -79.58 70.60 -36.25
C LYS N 78 -79.11 69.45 -35.36
N THR N 79 -79.26 68.21 -35.84
CA THR N 79 -78.84 67.06 -35.04
C THR N 79 -77.33 67.04 -34.85
N TYR N 80 -76.57 67.43 -35.88
CA TYR N 80 -75.12 67.46 -35.77
C TYR N 80 -74.67 68.41 -34.68
N VAL N 81 -75.28 69.61 -34.60
CA VAL N 81 -74.92 70.55 -33.55
C VAL N 81 -75.37 70.04 -32.19
N GLU N 82 -76.57 69.48 -32.10
CA GLU N 82 -77.07 68.99 -30.82
C GLU N 82 -76.21 67.87 -30.27
N ASN N 83 -75.81 66.92 -31.14
CA ASN N 83 -74.97 65.82 -30.67
C ASN N 83 -73.57 66.28 -30.33
N LEU N 84 -73.05 67.28 -31.05
CA LEU N 84 -71.74 67.82 -30.74
C LEU N 84 -71.71 68.46 -29.36
N ASN N 85 -72.77 69.18 -29.00
CA ASN N 85 -72.81 69.86 -27.71
C ASN N 85 -72.86 68.87 -26.54
N LYS N 86 -73.38 67.67 -26.78
CA LYS N 86 -73.37 66.64 -25.73
C LYS N 86 -72.00 66.02 -25.55
N GLN N 87 -71.18 65.98 -26.61
CA GLN N 87 -69.86 65.37 -26.53
C GLN N 87 -68.78 66.32 -26.05
N ILE N 88 -69.04 67.62 -26.04
CA ILE N 88 -68.03 68.60 -25.66
C ILE N 88 -68.20 68.98 -24.19
N VAL N 89 -69.44 69.06 -23.72
CA VAL N 89 -69.72 69.57 -22.38
C VAL N 89 -68.95 68.74 -21.36
N GLY N 90 -68.18 69.43 -20.52
CA GLY N 90 -67.38 68.77 -19.51
C GLY N 90 -66.04 68.24 -19.99
N THR N 91 -65.63 68.57 -21.21
CA THR N 91 -64.36 68.14 -21.76
C THR N 91 -63.48 69.35 -22.06
N ASP N 92 -62.28 69.08 -22.57
CA ASP N 92 -61.36 70.15 -22.96
C ASP N 92 -61.70 70.77 -24.29
N LEU N 93 -62.62 70.16 -25.05
CA LEU N 93 -63.07 70.75 -26.31
C LEU N 93 -63.94 71.98 -26.09
N ASP N 94 -64.32 72.26 -24.84
CA ASP N 94 -65.07 73.48 -24.54
C ASP N 94 -64.22 74.72 -24.78
N GLY N 95 -64.83 75.74 -25.37
CA GLY N 95 -64.21 77.03 -25.51
C GLY N 95 -63.45 77.25 -26.80
N LEU N 96 -63.08 76.18 -27.50
CA LEU N 96 -62.40 76.34 -28.77
C LEU N 96 -63.41 76.59 -29.87
N SER N 97 -62.94 77.22 -30.95
CA SER N 97 -63.80 77.41 -32.11
C SER N 97 -64.03 76.07 -32.81
N LEU N 98 -65.03 76.06 -33.67
CA LEU N 98 -65.40 74.81 -34.36
C LEU N 98 -64.24 74.30 -35.20
N GLU N 99 -63.47 75.21 -35.82
CA GLU N 99 -62.32 74.78 -36.60
C GLU N 99 -61.28 74.08 -35.73
N GLU N 100 -61.05 74.60 -34.53
CA GLU N 100 -60.11 73.95 -33.61
C GLU N 100 -60.63 72.58 -33.18
N VAL N 101 -61.93 72.48 -32.92
CA VAL N 101 -62.52 71.21 -32.50
C VAL N 101 -62.36 70.17 -33.61
N VAL N 102 -62.53 70.58 -34.85
CA VAL N 102 -62.41 69.64 -35.97
C VAL N 102 -60.99 69.10 -36.06
N LEU N 103 -60.00 69.98 -35.94
CA LEU N 103 -58.60 69.53 -36.01
C LEU N 103 -58.23 68.64 -34.83
N LEU N 104 -58.69 69.00 -33.63
CA LEU N 104 -58.37 68.20 -32.45
C LEU N 104 -59.01 66.83 -32.51
N SER N 105 -60.29 66.77 -32.91
CA SER N 105 -60.99 65.49 -32.94
C SER N 105 -60.56 64.62 -34.10
N TYR N 106 -59.96 65.21 -35.16
CA TYR N 106 -59.43 64.39 -36.24
C TYR N 106 -58.28 63.52 -35.75
N ASN N 107 -57.42 64.08 -34.90
CA ASN N 107 -56.39 63.31 -34.20
C ASN N 107 -55.45 62.60 -35.18
N ARG N 108 -55.06 63.32 -36.25
CA ARG N 108 -54.10 62.83 -37.23
C ARG N 108 -54.55 61.51 -37.87
N GLY N 109 -55.87 61.35 -38.06
CA GLY N 109 -56.43 60.22 -38.76
C GLY N 109 -57.12 59.21 -37.84
N ASN N 110 -56.73 59.16 -36.57
CA ASN N 110 -57.42 58.30 -35.60
C ASN N 110 -58.54 59.10 -34.97
N MET N 111 -59.62 59.26 -35.75
CA MET N 111 -60.66 60.22 -35.42
C MET N 111 -61.32 59.90 -34.09
N LEU N 112 -61.50 60.94 -33.27
CA LEU N 112 -62.17 60.83 -31.99
C LEU N 112 -63.68 60.88 -32.18
N PRO N 113 -64.46 60.46 -31.17
CA PRO N 113 -65.91 60.38 -31.36
C PRO N 113 -66.58 61.68 -31.78
N ALA N 114 -66.02 62.83 -31.41
CA ALA N 114 -66.65 64.11 -31.73
C ALA N 114 -66.42 64.54 -33.17
N PHE N 115 -65.49 63.90 -33.90
CA PHE N 115 -65.10 64.44 -35.21
C PHE N 115 -66.26 64.43 -36.20
N ASN N 116 -67.03 63.35 -36.24
CA ASN N 116 -68.10 63.27 -37.23
C ASN N 116 -69.13 64.36 -37.03
N ASN N 117 -69.52 64.61 -35.77
CA ASN N 117 -70.46 65.70 -35.52
C ASN N 117 -69.82 67.06 -35.75
N ALA N 118 -68.57 67.23 -35.31
CA ALA N 118 -67.91 68.53 -35.44
C ALA N 118 -67.65 68.88 -36.90
N ALA N 119 -67.12 67.92 -37.66
CA ALA N 119 -66.81 68.18 -39.07
C ALA N 119 -68.07 68.42 -39.88
N GLN N 120 -69.12 67.64 -39.63
CA GLN N 120 -70.37 67.83 -40.37
C GLN N 120 -71.02 69.16 -40.03
N ALA N 121 -70.96 69.56 -38.75
CA ALA N 121 -71.52 70.86 -38.38
C ALA N 121 -70.79 71.99 -39.08
N TRP N 122 -69.46 71.89 -39.17
CA TRP N 122 -68.70 72.89 -39.93
C TRP N 122 -69.03 72.81 -41.42
N ASN N 123 -69.15 71.59 -41.95
CA ASN N 123 -69.38 71.44 -43.38
C ASN N 123 -70.69 72.09 -43.82
N HIS N 124 -71.74 71.90 -43.04
CA HIS N 124 -73.05 72.42 -43.45
C HIS N 124 -73.11 73.93 -43.33
N GLU N 125 -72.49 74.50 -42.29
CA GLU N 125 -72.41 75.95 -42.20
C GLU N 125 -71.66 76.53 -43.40
N PHE N 126 -70.57 75.88 -43.80
CA PHE N 126 -69.85 76.27 -45.01
C PHE N 126 -70.74 76.11 -46.25
N PHE N 127 -71.54 75.04 -46.29
CA PHE N 127 -72.39 74.78 -47.44
C PHE N 127 -73.47 75.84 -47.61
N TRP N 128 -74.10 76.26 -46.51
CA TRP N 128 -75.18 77.26 -46.62
C TRP N 128 -74.64 78.60 -47.10
N GLU N 129 -73.41 78.96 -46.72
CA GLU N 129 -72.80 80.19 -47.18
C GLU N 129 -72.29 80.11 -48.61
N SER N 130 -72.17 78.90 -49.18
CA SER N 130 -71.67 78.75 -50.53
C SER N 130 -72.72 79.05 -51.60
N ILE N 131 -73.99 79.20 -51.22
CA ILE N 131 -75.07 79.40 -52.18
C ILE N 131 -75.86 80.63 -51.82
N GLN N 132 -76.54 81.19 -52.82
CA GLN N 132 -77.36 82.37 -52.66
C GLN N 132 -78.58 82.26 -53.57
N PRO N 133 -79.65 83.00 -53.26
CA PRO N 133 -80.86 82.92 -54.09
C PRO N 133 -80.67 83.37 -55.54
N GLY N 134 -79.65 84.15 -55.84
CA GLY N 134 -79.44 84.60 -57.21
C GLY N 134 -78.09 84.22 -57.78
N GLY N 135 -77.63 83.01 -57.46
CA GLY N 135 -76.26 82.61 -57.73
C GLY N 135 -76.03 82.17 -59.16
N GLY N 136 -74.93 81.44 -59.34
CA GLY N 136 -74.50 81.05 -60.65
C GLY N 136 -73.72 82.15 -61.34
N GLY N 137 -73.56 81.99 -62.65
CA GLY N 137 -72.82 82.96 -63.43
C GLY N 137 -71.33 82.71 -63.41
N LYS N 138 -70.54 83.78 -63.37
CA LYS N 138 -69.09 83.67 -63.39
C LYS N 138 -68.48 84.50 -62.28
N PRO N 139 -67.34 84.08 -61.76
CA PRO N 139 -66.61 84.93 -60.82
C PRO N 139 -65.72 85.92 -61.55
N SER N 140 -65.04 86.78 -60.81
CA SER N 140 -64.16 87.78 -61.41
C SER N 140 -63.00 88.04 -60.43
N GLY N 141 -62.25 89.11 -60.71
CA GLY N 141 -61.19 89.51 -59.81
C GLY N 141 -60.05 88.50 -59.77
N ASP N 142 -59.46 88.36 -58.58
CA ASP N 142 -58.32 87.47 -58.43
C ASP N 142 -58.74 86.00 -58.53
N LEU N 143 -59.98 85.68 -58.19
CA LEU N 143 -60.44 84.30 -58.30
C LEU N 143 -60.45 83.85 -59.75
N LEU N 144 -60.96 84.69 -60.66
CA LEU N 144 -60.99 84.33 -62.07
C LEU N 144 -59.57 84.18 -62.62
N ARG N 145 -58.66 85.06 -62.19
CA ARG N 145 -57.27 84.94 -62.62
C ARG N 145 -56.64 83.64 -62.12
N LEU N 146 -56.91 83.28 -60.86
CA LEU N 146 -56.35 82.04 -60.32
C LEU N 146 -56.98 80.82 -60.97
N ILE N 147 -58.28 80.88 -61.27
CA ILE N 147 -58.96 79.75 -61.90
C ILE N 147 -58.40 79.49 -63.29
N GLU N 148 -58.21 80.55 -64.07
CA GLU N 148 -57.66 80.39 -65.41
C GLU N 148 -56.21 79.93 -65.36
N ARG N 149 -55.45 80.36 -64.35
CA ARG N 149 -54.07 79.94 -64.22
C ARG N 149 -53.96 78.44 -63.94
N ASP N 150 -54.83 77.91 -63.08
CA ASP N 150 -54.71 76.54 -62.59
C ASP N 150 -55.61 75.55 -63.32
N PHE N 151 -56.56 76.02 -64.13
CA PHE N 151 -57.44 75.12 -64.85
C PHE N 151 -57.56 75.43 -66.34
N GLY N 152 -56.88 76.47 -66.82
CA GLY N 152 -56.94 76.83 -68.22
C GLY N 152 -57.97 77.90 -68.52
N SER N 153 -59.22 77.64 -68.16
CA SER N 153 -60.31 78.59 -68.35
C SER N 153 -61.39 78.28 -67.32
N PHE N 154 -62.34 79.20 -67.19
CA PHE N 154 -63.45 78.95 -66.29
C PHE N 154 -64.31 77.79 -66.77
N SER N 155 -64.52 77.68 -68.08
CA SER N 155 -65.29 76.57 -68.62
C SER N 155 -64.61 75.23 -68.33
N ASP N 156 -63.28 75.19 -68.43
CA ASP N 156 -62.55 73.97 -68.10
C ASP N 156 -62.70 73.61 -66.63
N PHE N 157 -62.65 74.62 -65.74
CA PHE N 157 -62.79 74.36 -64.32
C PHE N 157 -64.17 73.81 -63.98
N VAL N 158 -65.22 74.37 -64.61
CA VAL N 158 -66.58 73.94 -64.31
C VAL N 158 -66.77 72.47 -64.67
N GLU N 159 -66.25 72.04 -65.82
CA GLU N 159 -66.36 70.66 -66.22
C GLU N 159 -65.61 69.74 -65.25
N ARG N 160 -64.43 70.14 -64.82
CA ARG N 160 -63.65 69.32 -63.89
C ARG N 160 -64.32 69.27 -62.52
N PHE N 161 -64.91 70.37 -62.07
CA PHE N 161 -65.59 70.37 -60.78
C PHE N 161 -66.85 69.52 -60.80
N LYS N 162 -67.62 69.62 -61.89
CA LYS N 162 -68.84 68.83 -62.01
C LYS N 162 -68.55 67.34 -62.08
N ALA N 163 -67.50 66.97 -62.82
CA ALA N 163 -67.14 65.55 -62.92
C ALA N 163 -66.69 65.00 -61.58
N ALA N 164 -65.93 65.78 -60.81
CA ALA N 164 -65.52 65.33 -59.49
C ALA N 164 -66.71 65.12 -58.57
N ALA N 165 -67.68 66.06 -58.60
CA ALA N 165 -68.85 65.90 -57.76
C ALA N 165 -69.70 64.71 -58.19
N ALA N 166 -69.71 64.39 -59.48
CA ALA N 166 -70.51 63.27 -59.96
C ALA N 166 -69.89 61.94 -59.60
N SER N 167 -68.57 61.83 -59.64
CA SER N 167 -67.89 60.56 -59.42
C SER N 167 -67.61 60.28 -57.95
N ASN N 168 -67.99 61.17 -57.05
CA ASN N 168 -67.78 60.96 -55.61
C ASN N 168 -68.73 59.86 -55.14
N PHE N 169 -68.18 58.67 -54.90
CA PHE N 169 -68.99 57.50 -54.61
C PHE N 169 -69.41 57.48 -53.14
N GLY N 170 -70.71 57.30 -52.90
CA GLY N 170 -71.22 57.33 -51.55
C GLY N 170 -71.50 58.73 -51.05
N SER N 171 -71.46 58.88 -49.74
CA SER N 171 -71.64 60.19 -49.11
C SER N 171 -70.30 60.93 -49.07
N GLY N 172 -70.34 62.22 -49.38
CA GLY N 172 -69.12 63.00 -49.33
C GLY N 172 -69.33 64.43 -49.79
N TRP N 173 -68.21 65.13 -49.93
CA TRP N 173 -68.19 66.53 -50.32
C TRP N 173 -67.14 66.73 -51.41
N THR N 174 -67.39 67.69 -52.29
CA THR N 174 -66.43 68.09 -53.31
C THR N 174 -66.06 69.55 -53.08
N TRP N 175 -64.76 69.82 -53.05
CA TRP N 175 -64.25 71.11 -52.60
C TRP N 175 -63.40 71.77 -53.67
N LEU N 176 -63.54 73.09 -53.77
CA LEU N 176 -62.52 73.95 -54.35
C LEU N 176 -61.75 74.55 -53.19
N ALA N 177 -60.43 74.30 -53.16
CA ALA N 177 -59.61 74.71 -52.04
C ALA N 177 -58.39 75.45 -52.52
N TYR N 178 -57.91 76.36 -51.68
CA TYR N 178 -56.64 77.05 -51.91
C TYR N 178 -55.56 76.30 -51.14
N LYS N 179 -54.64 75.69 -51.88
CA LYS N 179 -53.65 74.80 -51.29
C LYS N 179 -52.41 75.60 -50.91
N ALA N 180 -52.29 75.94 -49.64
CA ALA N 180 -51.13 76.61 -49.09
C ALA N 180 -50.69 75.92 -47.80
N ASN N 181 -50.68 74.60 -47.82
CA ASN N 181 -50.47 73.79 -46.62
C ASN N 181 -49.01 73.79 -46.19
N ARG N 182 -48.80 73.54 -44.91
CA ARG N 182 -47.48 73.25 -44.36
C ARG N 182 -47.53 71.90 -43.66
N LEU N 183 -46.46 71.13 -43.82
CA LEU N 183 -46.38 69.79 -43.27
C LEU N 183 -45.62 69.81 -41.95
N ASP N 184 -46.05 68.96 -41.02
CA ASP N 184 -45.43 68.85 -39.70
C ASP N 184 -44.30 67.83 -39.66
N VAL N 185 -43.64 67.57 -40.78
CA VAL N 185 -42.55 66.62 -40.84
C VAL N 185 -41.25 67.36 -41.12
N ALA N 186 -40.14 66.63 -41.05
CA ALA N 186 -38.82 67.21 -41.25
C ALA N 186 -38.51 67.35 -42.73
N ASN N 187 -37.69 68.36 -43.05
CA ASN N 187 -37.26 68.63 -44.42
C ASN N 187 -38.46 68.84 -45.35
N ALA N 188 -39.45 69.59 -44.87
CA ALA N 188 -40.68 69.81 -45.62
C ALA N 188 -40.86 71.27 -46.03
N VAL N 189 -39.82 72.09 -45.95
CA VAL N 189 -39.89 73.50 -46.31
C VAL N 189 -39.11 73.71 -47.60
N ASN N 190 -39.75 74.37 -48.56
CA ASN N 190 -39.08 74.71 -49.81
C ASN N 190 -38.16 75.91 -49.59
N PRO N 191 -36.85 75.77 -49.80
CA PRO N 191 -35.96 76.93 -49.64
C PRO N 191 -36.28 78.06 -50.60
N LEU N 192 -36.67 77.73 -51.83
CA LEU N 192 -36.91 78.71 -52.89
C LEU N 192 -38.32 78.51 -53.43
N PRO N 193 -39.33 79.07 -52.77
CA PRO N 193 -40.70 78.94 -53.29
C PRO N 193 -40.87 79.61 -54.64
N LYS N 194 -41.78 79.07 -55.45
CA LYS N 194 -42.00 79.55 -56.81
C LYS N 194 -43.29 80.34 -56.97
N GLU N 195 -44.10 80.47 -55.92
CA GLU N 195 -45.30 81.29 -55.89
C GLU N 195 -46.42 80.68 -56.73
N GLU N 196 -46.11 79.65 -57.51
CA GLU N 196 -47.13 78.86 -58.18
C GLU N 196 -47.50 77.62 -57.38
N ASP N 197 -46.80 77.37 -56.27
CA ASP N 197 -47.11 76.25 -55.41
C ASP N 197 -48.36 76.48 -54.57
N LYS N 198 -48.79 77.74 -54.42
CA LYS N 198 -50.07 78.05 -53.79
C LYS N 198 -51.11 78.16 -54.91
N LYS N 199 -51.84 77.07 -55.14
CA LYS N 199 -52.72 76.95 -56.28
C LYS N 199 -54.11 76.51 -55.82
N LEU N 200 -55.05 76.53 -56.77
CA LEU N 200 -56.39 76.02 -56.53
C LEU N 200 -56.44 74.54 -56.90
N VAL N 201 -57.18 73.76 -56.10
CA VAL N 201 -57.33 72.35 -56.34
C VAL N 201 -58.79 71.96 -56.18
N ILE N 202 -59.18 70.90 -56.86
CA ILE N 202 -60.47 70.24 -56.67
C ILE N 202 -60.21 68.93 -55.96
N VAL N 203 -60.78 68.78 -54.77
CA VAL N 203 -60.57 67.58 -53.96
C VAL N 203 -61.92 67.03 -53.54
N LYS N 204 -62.03 65.71 -53.50
CA LYS N 204 -63.21 65.02 -53.00
C LYS N 204 -62.88 64.39 -51.66
N THR N 205 -63.84 64.42 -50.75
CA THR N 205 -63.70 63.78 -49.46
C THR N 205 -64.90 62.89 -49.18
N PRO N 206 -64.70 61.81 -48.43
CA PRO N 206 -65.83 60.96 -48.04
C PRO N 206 -66.42 61.35 -46.70
N ASN N 207 -67.75 61.14 -46.59
CA ASN N 207 -68.49 61.30 -45.35
C ASN N 207 -68.37 62.69 -44.75
N ALA N 208 -67.64 62.83 -43.65
CA ALA N 208 -67.54 64.08 -42.92
C ALA N 208 -66.20 64.78 -43.12
N VAL N 209 -65.26 64.18 -43.84
CA VAL N 209 -63.93 64.75 -43.99
C VAL N 209 -64.00 66.04 -44.80
N ASN N 210 -63.18 67.02 -44.42
CA ASN N 210 -63.06 68.29 -45.11
C ASN N 210 -61.58 68.63 -45.25
N PRO N 211 -61.23 69.56 -46.15
CA PRO N 211 -59.80 69.85 -46.37
C PRO N 211 -59.10 70.51 -45.20
N LEU N 212 -59.83 70.91 -44.15
CA LEU N 212 -59.17 71.52 -42.99
C LEU N 212 -58.18 70.58 -42.34
N VAL N 213 -58.43 69.27 -42.36
CA VAL N 213 -57.56 68.33 -41.70
C VAL N 213 -56.22 68.15 -42.39
N TRP N 214 -56.07 68.65 -43.62
CA TRP N 214 -54.76 68.69 -44.27
C TRP N 214 -54.20 70.11 -44.37
N ASP N 215 -54.77 71.06 -43.63
CA ASP N 215 -54.32 72.45 -43.65
C ASP N 215 -54.51 73.09 -45.02
N TYR N 216 -55.60 72.75 -45.69
CA TYR N 216 -56.00 73.47 -46.88
C TYR N 216 -56.98 74.58 -46.50
N SER N 217 -57.27 75.47 -47.44
CA SER N 217 -58.22 76.55 -47.23
C SER N 217 -59.42 76.36 -48.16
N PRO N 218 -60.53 75.82 -47.67
CA PRO N 218 -61.69 75.60 -48.55
C PRO N 218 -62.31 76.92 -48.99
N LEU N 219 -62.75 76.92 -50.23
CA LEU N 219 -63.41 78.09 -50.82
C LEU N 219 -64.85 77.81 -51.26
N LEU N 220 -65.11 76.60 -51.75
CA LEU N 220 -66.45 76.22 -52.18
C LEU N 220 -66.65 74.75 -51.90
N THR N 221 -67.89 74.38 -51.57
CA THR N 221 -68.24 72.99 -51.40
C THR N 221 -69.64 72.75 -51.94
N ILE N 222 -69.89 71.50 -52.31
CA ILE N 222 -71.23 71.03 -52.62
C ILE N 222 -71.46 69.73 -51.85
N ASP N 223 -72.61 69.63 -51.20
CA ASP N 223 -72.96 68.46 -50.41
C ASP N 223 -73.47 67.36 -51.34
N THR N 224 -72.74 66.25 -51.43
CA THR N 224 -73.17 65.12 -52.24
C THR N 224 -73.71 63.97 -51.42
N TRP N 225 -73.98 64.17 -50.12
CA TRP N 225 -74.83 63.23 -49.41
C TRP N 225 -76.18 63.21 -50.08
N GLU N 226 -76.80 62.02 -50.13
CA GLU N 226 -78.04 61.88 -50.88
C GLU N 226 -79.18 62.70 -50.26
N HIS N 227 -79.13 62.97 -48.95
CA HIS N 227 -80.18 63.78 -48.33
C HIS N 227 -80.19 65.22 -48.82
N ALA N 228 -79.09 65.68 -49.45
CA ALA N 228 -79.03 67.04 -49.93
C ALA N 228 -79.86 67.25 -51.19
N TYR N 229 -80.15 66.20 -51.95
CA TYR N 229 -80.85 66.36 -53.22
C TYR N 229 -81.94 65.33 -53.48
N TYR N 230 -82.15 64.35 -52.62
CA TYR N 230 -83.03 63.25 -52.98
C TYR N 230 -84.49 63.66 -53.05
N LEU N 231 -84.90 64.64 -52.23
CA LEU N 231 -86.29 65.09 -52.30
C LEU N 231 -86.57 65.94 -53.52
N ASP N 232 -85.54 66.49 -54.17
CA ASP N 232 -85.73 67.33 -55.33
C ASP N 232 -85.35 66.67 -56.64
N PHE N 233 -84.39 65.74 -56.64
CA PHE N 233 -83.90 65.15 -57.87
C PHE N 233 -83.89 63.62 -57.84
N GLU N 234 -84.25 63.00 -56.72
CA GLU N 234 -84.18 61.55 -56.54
C GLU N 234 -82.76 61.10 -56.87
N ASN N 235 -82.56 60.11 -57.75
CA ASN N 235 -81.23 59.61 -58.06
C ASN N 235 -80.44 60.54 -58.97
N ARG N 236 -81.06 61.55 -59.56
CA ARG N 236 -80.43 62.39 -60.59
C ARG N 236 -79.46 63.37 -59.93
N ARG N 237 -78.28 62.87 -59.58
CA ARG N 237 -77.27 63.72 -58.97
C ARG N 237 -76.64 64.67 -59.98
N ILE N 238 -76.61 64.28 -61.26
CA ILE N 238 -76.04 65.15 -62.29
C ILE N 238 -76.84 66.43 -62.41
N GLU N 239 -78.18 66.34 -62.40
CA GLU N 239 -79.01 67.52 -62.50
C GLU N 239 -78.85 68.42 -61.28
N TYR N 240 -78.68 67.81 -60.10
CA TYR N 240 -78.46 68.59 -58.89
C TYR N 240 -77.14 69.34 -58.96
N ILE N 241 -76.08 68.69 -59.45
CA ILE N 241 -74.79 69.36 -59.59
C ILE N 241 -74.86 70.48 -60.61
N ASN N 242 -75.53 70.22 -61.74
CA ASN N 242 -75.66 71.25 -62.78
C ASN N 242 -76.47 72.43 -62.28
N THR N 243 -77.53 72.18 -61.52
CA THR N 243 -78.32 73.26 -60.93
C THR N 243 -77.48 74.08 -59.95
N PHE N 244 -76.63 73.40 -59.17
CA PHE N 244 -75.80 74.10 -58.19
C PHE N 244 -74.87 75.09 -58.87
N MET N 245 -74.23 74.68 -59.97
CA MET N 245 -73.23 75.53 -60.61
C MET N 245 -73.85 76.60 -61.50
N GLU N 246 -75.11 76.48 -61.88
CA GLU N 246 -75.74 77.44 -62.77
C GLU N 246 -76.67 78.42 -62.05
N LYS N 247 -77.25 78.02 -60.91
CA LYS N 247 -78.27 78.83 -60.26
C LYS N 247 -77.96 79.17 -58.81
N LEU N 248 -77.14 78.39 -58.12
CA LEU N 248 -77.01 78.52 -56.67
C LEU N 248 -75.67 79.07 -56.20
N VAL N 249 -74.58 78.77 -56.89
CA VAL N 249 -73.25 79.06 -56.35
C VAL N 249 -73.07 80.56 -56.17
N SER N 250 -72.52 80.95 -55.03
CA SER N 250 -72.28 82.35 -54.68
C SER N 250 -70.80 82.65 -54.88
N TRP N 251 -70.47 83.26 -56.02
CA TRP N 251 -69.07 83.52 -56.33
C TRP N 251 -68.51 84.67 -55.50
N GLU N 252 -69.36 85.60 -55.05
CA GLU N 252 -68.86 86.67 -54.20
C GLU N 252 -68.39 86.14 -52.85
N THR N 253 -69.10 85.14 -52.31
CA THR N 253 -68.63 84.48 -51.10
C THR N 253 -67.33 83.72 -51.35
N VAL N 254 -67.23 83.04 -52.49
CA VAL N 254 -66.02 82.32 -52.82
C VAL N 254 -64.85 83.29 -52.97
N SER N 255 -65.09 84.45 -53.61
CA SER N 255 -64.07 85.47 -53.71
C SER N 255 -63.67 85.99 -52.33
N THR N 256 -64.65 86.20 -51.45
CA THR N 256 -64.35 86.66 -50.10
C THR N 256 -63.49 85.66 -49.35
N ARG N 257 -63.81 84.37 -49.47
CA ARG N 257 -63.01 83.35 -48.79
C ARG N 257 -61.61 83.25 -49.36
N LEU N 258 -61.44 83.56 -50.64
CA LEU N 258 -60.11 83.53 -51.24
C LEU N 258 -59.22 84.63 -50.66
N GLU N 259 -59.80 85.81 -50.39
CA GLU N 259 -59.00 86.89 -49.81
C GLU N 259 -58.47 86.51 -48.44
N SER N 260 -59.30 85.87 -47.60
CA SER N 260 -58.86 85.45 -46.28
C SER N 260 -57.81 84.34 -46.38
N ALA N 261 -57.98 83.42 -47.33
CA ALA N 261 -56.98 82.38 -47.55
C ALA N 261 -55.65 82.97 -48.02
N MET N 262 -55.72 83.96 -48.91
CA MET N 262 -54.50 84.62 -49.36
C MET N 262 -53.81 85.36 -48.22
N ALA N 263 -54.59 86.03 -47.37
CA ALA N 263 -54.03 86.72 -46.21
C ALA N 263 -53.47 85.73 -45.19
N ARG N 264 -54.09 84.55 -45.08
CA ARG N 264 -53.56 83.51 -44.19
C ARG N 264 -52.16 83.09 -44.62
N ALA N 265 -51.96 82.89 -45.92
CA ALA N 265 -50.63 82.51 -46.41
C ALA N 265 -49.65 83.67 -46.28
N ALA N 266 -50.12 84.90 -46.50
CA ALA N 266 -49.24 86.05 -46.38
C ALA N 266 -48.73 86.22 -44.95
N GLN N 267 -49.61 86.01 -43.97
CA GLN N 267 -49.20 86.12 -42.56
C GLN N 267 -48.17 85.06 -42.21
N ARG N 268 -48.32 83.85 -42.76
CA ARG N 268 -47.36 82.79 -42.49
C ARG N 268 -45.99 83.09 -43.10
N GLU N 269 -45.98 83.67 -44.29
CA GLU N 269 -44.71 83.97 -44.97
C GLU N 269 -43.95 85.10 -44.30
N GLN N 270 -44.58 85.86 -43.42
CA GLN N 270 -43.89 86.93 -42.71
C GLN N 270 -43.70 86.57 -41.24
N PHE O 72 12.99 28.32 -46.30
CA PHE O 72 13.36 27.74 -45.01
C PHE O 72 13.04 26.25 -44.95
N VAL O 73 11.97 25.85 -45.63
CA VAL O 73 11.53 24.46 -45.67
C VAL O 73 11.59 23.99 -47.12
N ARG O 74 12.41 22.98 -47.38
CA ARG O 74 12.52 22.43 -48.73
C ARG O 74 11.22 21.76 -49.14
N GLU O 75 10.83 21.97 -50.40
CA GLU O 75 9.60 21.37 -50.89
C GLU O 75 9.76 19.85 -51.00
N ASP O 76 8.66 19.15 -50.81
CA ASP O 76 8.67 17.69 -50.71
C ASP O 76 8.60 17.00 -52.07
N TYR O 77 8.30 17.71 -53.14
CA TYR O 77 8.08 17.09 -54.44
C TYR O 77 8.76 17.90 -55.53
N LEU O 78 9.52 17.21 -56.37
CA LEU O 78 10.31 17.85 -57.42
C LEU O 78 9.62 17.89 -58.78
N VAL O 79 8.77 16.92 -59.08
CA VAL O 79 8.15 16.84 -60.41
C VAL O 79 7.01 17.83 -60.49
N ARG O 80 7.05 18.69 -61.51
CA ARG O 80 6.04 19.73 -61.69
C ARG O 80 4.88 19.23 -62.54
N LYS O 81 3.68 19.64 -62.19
CA LYS O 81 2.48 19.35 -62.96
C LYS O 81 2.20 20.51 -63.90
N LEU O 82 2.05 20.22 -65.18
CA LEU O 82 1.89 21.25 -66.21
C LEU O 82 0.57 21.07 -66.95
N SER O 83 0.01 22.19 -67.39
CA SER O 83 -1.12 22.18 -68.29
C SER O 83 -0.66 21.83 -69.69
N ALA O 84 -1.62 21.54 -70.57
CA ALA O 84 -1.28 21.30 -71.98
C ALA O 84 -0.72 22.56 -72.61
N GLN O 85 -1.30 23.71 -72.30
CA GLN O 85 -0.77 24.98 -72.81
C GLN O 85 0.64 25.23 -72.30
N GLU O 86 0.88 25.01 -71.02
CA GLU O 86 2.23 25.20 -70.48
C GLU O 86 3.21 24.21 -71.09
N LEU O 87 2.80 22.95 -71.27
CA LEU O 87 3.67 21.98 -71.93
C LEU O 87 3.92 22.35 -73.38
N GLN O 88 2.96 23.03 -74.01
CA GLN O 88 3.15 23.48 -75.39
C GLN O 88 4.34 24.41 -75.50
N ASP O 89 4.37 25.45 -74.68
CA ASP O 89 5.43 26.44 -74.74
C ASP O 89 6.77 25.84 -74.37
N LEU O 90 6.78 24.85 -73.47
CA LEU O 90 8.03 24.22 -73.07
C LEU O 90 8.63 23.41 -74.21
N VAL O 91 7.81 22.79 -75.04
CA VAL O 91 8.32 22.00 -76.16
C VAL O 91 8.67 22.88 -77.34
N LYS O 92 7.84 23.89 -77.63
CA LYS O 92 8.15 24.82 -78.72
C LYS O 92 9.41 25.62 -78.41
N GLY O 93 9.58 26.03 -77.16
CA GLY O 93 10.75 26.81 -76.78
C GLY O 93 12.03 26.01 -76.90
N GLU O 94 13.15 26.71 -76.71
CA GLU O 94 14.46 26.08 -76.81
C GLU O 94 14.79 25.33 -75.53
N ARG O 95 15.21 24.09 -75.67
CA ARG O 95 15.56 23.24 -74.54
C ARG O 95 16.98 22.73 -74.71
N LYS O 96 17.65 22.52 -73.59
CA LYS O 96 19.00 21.97 -73.58
C LYS O 96 19.09 20.61 -72.92
N VAL O 97 18.19 20.29 -71.99
CA VAL O 97 18.22 19.01 -71.28
C VAL O 97 17.08 18.13 -71.80
N PRO O 98 17.18 16.82 -71.65
CA PRO O 98 16.06 15.94 -72.04
C PRO O 98 14.80 16.27 -71.25
N LEU O 99 13.66 16.17 -71.92
CA LEU O 99 12.36 16.48 -71.33
C LEU O 99 11.57 15.18 -71.20
N ILE O 100 11.18 14.83 -69.97
CA ILE O 100 10.43 13.62 -69.68
C ILE O 100 9.04 14.04 -69.20
N VAL O 101 8.01 13.58 -69.90
CA VAL O 101 6.63 13.96 -69.61
C VAL O 101 5.88 12.72 -69.14
N ASP O 102 5.25 12.82 -67.96
CA ASP O 102 4.52 11.72 -67.36
C ASP O 102 3.02 12.01 -67.42
N PHE O 103 2.27 11.07 -67.98
CA PHE O 103 0.81 11.15 -67.96
C PHE O 103 0.30 10.24 -66.86
N TYR O 104 -0.54 10.78 -65.98
CA TYR O 104 -0.99 10.03 -64.82
C TYR O 104 -2.41 10.44 -64.49
N ALA O 105 -3.01 9.68 -63.58
CA ALA O 105 -4.31 10.00 -63.01
C ALA O 105 -4.31 9.50 -61.57
N THR O 106 -4.89 10.30 -60.66
CA THR O 106 -4.86 9.94 -59.25
C THR O 106 -5.68 8.70 -58.93
N TRP O 107 -6.59 8.29 -59.80
CA TRP O 107 -7.39 7.09 -59.58
C TRP O 107 -6.71 5.82 -60.07
N CYS O 108 -5.61 5.92 -60.80
CA CYS O 108 -4.93 4.76 -61.37
C CYS O 108 -3.91 4.23 -60.38
N GLY O 109 -4.10 2.98 -59.95
CA GLY O 109 -3.26 2.36 -58.95
C GLY O 109 -1.78 2.32 -59.29
N PRO O 110 -1.43 1.91 -60.51
CA PRO O 110 -0.02 1.91 -60.90
C PRO O 110 0.64 3.29 -60.91
N CYS O 111 -0.13 4.37 -61.02
CA CYS O 111 0.47 5.70 -61.03
C CYS O 111 1.10 6.04 -59.68
N ILE O 112 0.62 5.43 -58.59
CA ILE O 112 1.27 5.63 -57.29
C ILE O 112 2.69 5.11 -57.32
N LEU O 113 2.91 3.96 -57.95
CA LEU O 113 4.26 3.40 -58.05
C LEU O 113 5.11 4.24 -58.99
N MET O 114 4.54 4.69 -60.11
CA MET O 114 5.29 5.50 -61.06
C MET O 114 5.66 6.87 -60.48
N ALA O 115 4.78 7.44 -59.64
CA ALA O 115 5.07 8.74 -59.06
C ALA O 115 6.33 8.70 -58.20
N GLN O 116 6.53 7.60 -57.48
CA GLN O 116 7.71 7.48 -56.63
C GLN O 116 8.98 7.26 -57.43
N GLU O 117 8.89 6.58 -58.58
CA GLU O 117 10.07 6.37 -59.41
C GLU O 117 10.52 7.67 -60.07
N LEU O 118 9.57 8.50 -60.50
CA LEU O 118 9.94 9.74 -61.17
C LEU O 118 10.49 10.77 -60.20
N GLU O 119 10.04 10.75 -58.95
CA GLU O 119 10.65 11.61 -57.94
C GLU O 119 12.10 11.24 -57.70
N MET O 120 12.39 9.93 -57.68
CA MET O 120 13.78 9.48 -57.55
C MET O 120 14.60 9.84 -58.77
N LEU O 121 14.01 9.74 -59.96
CA LEU O 121 14.71 10.14 -61.18
C LEU O 121 15.02 11.63 -61.18
N ALA O 122 14.14 12.44 -60.58
CA ALA O 122 14.41 13.87 -60.50
C ALA O 122 15.58 14.16 -59.57
N VAL O 123 15.71 13.40 -58.48
CA VAL O 123 16.85 13.58 -57.58
C VAL O 123 18.14 13.17 -58.28
N GLU O 124 18.12 12.06 -59.04
CA GLU O 124 19.31 11.62 -59.75
C GLU O 124 19.76 12.63 -60.79
N TYR O 125 18.81 13.16 -61.56
CA TYR O 125 19.09 14.12 -62.63
C TYR O 125 18.63 15.48 -62.13
N GLU O 126 19.52 16.16 -61.39
CA GLU O 126 19.15 17.45 -60.79
C GLU O 126 18.83 18.47 -61.86
N SER O 127 19.82 18.85 -62.66
CA SER O 127 19.64 19.80 -63.73
C SER O 127 19.96 19.24 -65.10
N ASN O 128 20.35 17.96 -65.17
CA ASN O 128 20.63 17.32 -66.45
C ASN O 128 19.38 16.77 -67.12
N ALA O 129 18.22 16.90 -66.49
CA ALA O 129 16.96 16.50 -67.10
C ALA O 129 15.84 17.32 -66.47
N MET O 130 14.72 17.39 -67.18
CA MET O 130 13.53 18.09 -66.70
C MET O 130 12.36 17.10 -66.72
N ILE O 131 11.80 16.85 -65.54
CA ILE O 131 10.72 15.88 -65.36
C ILE O 131 9.44 16.65 -65.08
N VAL O 132 8.41 16.42 -65.89
CA VAL O 132 7.11 17.04 -65.70
C VAL O 132 6.03 15.97 -65.79
N LYS O 133 4.84 16.32 -65.32
CA LYS O 133 3.72 15.40 -65.33
C LYS O 133 2.46 16.12 -65.78
N VAL O 134 1.55 15.36 -66.40
CA VAL O 134 0.28 15.88 -66.90
C VAL O 134 -0.84 14.96 -66.41
N ASP O 135 -1.87 15.54 -65.80
CA ASP O 135 -3.02 14.76 -65.35
C ASP O 135 -3.99 14.55 -66.52
N THR O 136 -4.38 13.30 -66.74
CA THR O 136 -5.33 13.01 -67.81
C THR O 136 -6.76 13.41 -67.45
N ASP O 137 -7.06 13.58 -66.15
CA ASP O 137 -8.38 14.07 -65.77
C ASP O 137 -8.57 15.52 -66.21
N ASP O 138 -7.48 16.30 -66.28
CA ASP O 138 -7.55 17.69 -66.69
C ASP O 138 -7.28 17.90 -68.17
N GLU O 139 -6.45 17.05 -68.78
CA GLU O 139 -6.00 17.22 -70.16
C GLU O 139 -6.28 15.97 -70.98
N TYR O 140 -7.53 15.49 -70.90
CA TYR O 140 -7.90 14.23 -71.56
C TYR O 140 -7.73 14.33 -73.07
N GLU O 141 -8.23 15.42 -73.66
CA GLU O 141 -8.13 15.58 -75.11
C GLU O 141 -6.69 15.67 -75.55
N PHE O 142 -5.87 16.39 -74.78
CA PHE O 142 -4.45 16.51 -75.10
C PHE O 142 -3.76 15.15 -75.02
N ALA O 143 -4.10 14.34 -74.02
CA ALA O 143 -3.50 13.01 -73.90
C ALA O 143 -3.83 12.14 -75.10
N ARG O 144 -5.08 12.17 -75.56
CA ARG O 144 -5.47 11.33 -76.68
C ARG O 144 -4.74 11.75 -77.96
N ASP O 145 -4.59 13.05 -78.19
CA ASP O 145 -3.87 13.53 -79.37
C ASP O 145 -2.40 13.14 -79.33
N MET O 146 -1.83 13.02 -78.14
CA MET O 146 -0.45 12.58 -77.97
C MET O 146 -0.28 11.08 -78.11
N GLN O 147 -1.34 10.36 -78.50
CA GLN O 147 -1.32 8.91 -78.69
C GLN O 147 -1.16 8.16 -77.38
N VAL O 148 -1.66 8.71 -76.28
CA VAL O 148 -1.68 7.97 -75.02
C VAL O 148 -2.77 6.91 -75.11
N ARG O 149 -2.37 5.64 -74.99
CA ARG O 149 -3.29 4.51 -75.07
C ARG O 149 -3.70 3.97 -73.71
N GLY O 150 -3.04 4.41 -72.65
CA GLY O 150 -3.31 3.94 -71.30
C GLY O 150 -2.32 4.55 -70.35
N LEU O 151 -2.43 4.16 -69.09
CA LEU O 151 -1.59 4.72 -68.05
C LEU O 151 -0.88 3.61 -67.29
N PRO O 152 0.36 3.86 -66.83
CA PRO O 152 1.18 5.06 -67.00
C PRO O 152 1.92 5.14 -68.33
N THR O 153 2.09 6.34 -68.88
CA THR O 153 2.76 6.56 -70.15
C THR O 153 3.79 7.66 -69.98
N LEU O 154 4.99 7.43 -70.51
CA LEU O 154 6.08 8.40 -70.44
C LEU O 154 6.50 8.82 -71.84
N PHE O 155 6.81 10.10 -72.00
CA PHE O 155 7.39 10.64 -73.23
C PHE O 155 8.78 11.17 -72.93
N PHE O 156 9.76 10.72 -73.71
CA PHE O 156 11.14 11.18 -73.59
C PHE O 156 11.42 12.04 -74.83
N ILE O 157 11.55 13.35 -74.63
CA ILE O 157 11.69 14.30 -75.72
C ILE O 157 13.11 14.86 -75.70
N SER O 158 13.82 14.71 -76.81
CA SER O 158 15.20 15.14 -76.93
C SER O 158 15.30 16.64 -77.12
N PRO O 159 16.38 17.26 -76.63
CA PRO O 159 16.62 18.67 -76.95
C PRO O 159 16.94 18.91 -78.42
N ASP O 160 17.37 17.88 -79.16
CA ASP O 160 17.60 18.02 -80.59
C ASP O 160 16.26 17.96 -81.31
N PRO O 161 15.84 19.01 -82.01
CA PRO O 161 14.51 19.00 -82.63
C PRO O 161 14.34 17.98 -83.74
N SER O 162 15.43 17.50 -84.34
CA SER O 162 15.29 16.52 -85.41
C SER O 162 14.96 15.13 -84.88
N LYS O 163 15.54 14.76 -83.74
CA LYS O 163 15.27 13.44 -83.16
C LYS O 163 13.82 13.35 -82.73
N ASP O 164 13.24 12.16 -82.91
CA ASP O 164 11.85 11.92 -82.55
C ASP O 164 11.76 11.45 -81.10
N ALA O 165 10.62 11.71 -80.48
CA ALA O 165 10.41 11.38 -79.08
C ALA O 165 10.14 9.89 -78.91
N ILE O 166 10.37 9.42 -77.69
CA ILE O 166 10.18 8.02 -77.34
C ILE O 166 9.01 7.93 -76.35
N ARG O 167 8.03 7.10 -76.68
CA ARG O 167 6.87 6.87 -75.83
C ARG O 167 6.98 5.46 -75.25
N THR O 168 6.88 5.37 -73.93
CA THR O 168 6.93 4.09 -73.23
C THR O 168 5.63 3.86 -72.49
N GLU O 169 5.27 2.59 -72.34
CA GLU O 169 4.04 2.20 -71.66
C GLU O 169 4.35 1.18 -70.58
N GLY O 170 3.72 1.36 -69.42
CA GLY O 170 3.85 0.43 -68.31
C GLY O 170 4.89 0.89 -67.30
N LEU O 171 4.91 0.16 -66.17
CA LEU O 171 5.80 0.46 -65.06
C LEU O 171 7.19 -0.06 -65.39
N ILE O 172 7.94 0.73 -66.16
CA ILE O 172 9.29 0.38 -66.57
C ILE O 172 10.25 0.58 -65.41
N PRO O 173 11.34 -0.17 -65.35
CA PRO O 173 12.31 0.00 -64.25
C PRO O 173 13.05 1.32 -64.35
N LEU O 174 13.52 1.78 -63.18
CA LEU O 174 14.27 3.03 -63.11
C LEU O 174 15.52 2.98 -63.99
N GLN O 175 16.19 1.83 -64.02
CA GLN O 175 17.40 1.71 -64.83
C GLN O 175 17.09 1.86 -66.32
N MET O 176 15.93 1.36 -66.76
CA MET O 176 15.57 1.52 -68.16
C MET O 176 15.31 2.98 -68.52
N MET O 177 14.78 3.76 -67.58
CA MET O 177 14.65 5.19 -67.81
C MET O 177 16.01 5.86 -67.98
N ARG O 178 16.97 5.48 -67.12
CA ARG O 178 18.30 6.07 -67.19
C ARG O 178 18.98 5.79 -68.52
N ASP O 179 18.84 4.56 -69.01
CA ASP O 179 19.46 4.19 -70.28
C ASP O 179 18.87 4.98 -71.45
N ILE O 180 17.57 5.22 -71.43
CA ILE O 180 16.95 6.03 -72.48
C ILE O 180 17.47 7.46 -72.42
N ILE O 181 17.55 8.02 -71.22
CA ILE O 181 17.99 9.41 -71.08
C ILE O 181 19.46 9.56 -71.47
N ASP O 182 20.31 8.62 -71.05
CA ASP O 182 21.74 8.74 -71.31
C ASP O 182 22.08 8.43 -72.76
N ASN O 183 21.49 7.38 -73.33
CA ASN O 183 21.90 6.89 -74.63
C ASN O 183 21.04 7.42 -75.78
N ASP O 184 19.79 7.77 -75.52
CA ASP O 184 18.89 8.26 -76.57
C ASP O 184 18.44 9.69 -76.35
N MET O 185 18.88 10.34 -75.28
CA MET O 185 18.50 11.72 -75.01
C MET O 185 19.74 12.55 -74.66
N LEU P 78 81.97 -35.16 -18.85
CA LEU P 78 81.00 -35.36 -19.92
C LEU P 78 81.01 -36.80 -20.43
N VAL P 79 79.81 -37.35 -20.64
CA VAL P 79 79.67 -38.71 -21.15
C VAL P 79 79.95 -38.68 -22.65
N ARG P 80 80.90 -39.50 -23.08
CA ARG P 80 81.41 -39.48 -24.45
C ARG P 80 80.98 -40.72 -25.20
N LYS P 81 80.58 -40.54 -26.46
CA LYS P 81 80.27 -41.65 -27.34
C LYS P 81 81.55 -42.19 -27.96
N LEU P 82 81.68 -43.52 -27.99
CA LEU P 82 82.89 -44.16 -28.48
C LEU P 82 82.52 -45.35 -29.37
N SER P 83 83.44 -45.72 -30.25
CA SER P 83 83.29 -46.91 -31.07
C SER P 83 83.89 -48.11 -30.33
N ALA P 84 83.88 -49.27 -31.00
CA ALA P 84 84.41 -50.48 -30.36
C ALA P 84 85.93 -50.44 -30.27
N GLN P 85 86.59 -49.88 -31.29
CA GLN P 85 88.05 -49.77 -31.27
C GLN P 85 88.53 -48.73 -30.27
N GLU P 86 87.77 -47.64 -30.10
CA GLU P 86 88.13 -46.67 -29.06
C GLU P 86 88.03 -47.30 -27.68
N LEU P 87 87.00 -48.12 -27.46
CA LEU P 87 86.83 -48.78 -26.16
C LEU P 87 87.90 -49.84 -25.94
N GLN P 88 88.31 -50.53 -27.01
CA GLN P 88 89.41 -51.48 -26.87
C GLN P 88 90.69 -50.77 -26.45
N ASP P 89 90.99 -49.62 -27.08
CA ASP P 89 92.16 -48.85 -26.69
C ASP P 89 92.04 -48.31 -25.27
N LEU P 90 90.81 -48.11 -24.79
CA LEU P 90 90.57 -47.58 -23.46
C LEU P 90 90.59 -48.66 -22.38
N VAL P 91 90.21 -49.88 -22.72
CA VAL P 91 90.21 -50.98 -21.75
C VAL P 91 91.59 -51.62 -21.64
N LYS P 92 92.25 -51.86 -22.77
CA LYS P 92 93.59 -52.44 -22.75
C LYS P 92 94.57 -51.55 -22.01
N GLY P 93 94.44 -50.24 -22.17
CA GLY P 93 95.26 -49.30 -21.44
C GLY P 93 94.99 -49.36 -19.94
N GLU P 94 95.46 -48.34 -19.24
CA GLU P 94 95.32 -48.28 -17.81
C GLU P 94 94.80 -46.92 -17.39
N ARG P 95 94.21 -46.89 -16.19
CA ARG P 95 93.54 -45.70 -15.67
C ARG P 95 93.60 -45.76 -14.15
N LYS P 96 93.31 -44.63 -13.52
CA LYS P 96 93.27 -44.55 -12.07
C LYS P 96 91.86 -44.47 -11.52
N VAL P 97 90.85 -44.47 -12.38
CA VAL P 97 89.46 -44.33 -11.96
C VAL P 97 88.64 -45.43 -12.62
N PRO P 98 87.52 -45.81 -12.01
CA PRO P 98 86.64 -46.81 -12.64
C PRO P 98 86.03 -46.31 -13.94
N LEU P 99 85.76 -47.26 -14.83
CA LEU P 99 85.23 -46.99 -16.15
C LEU P 99 83.82 -47.57 -16.27
N ILE P 100 82.85 -46.74 -16.65
CA ILE P 100 81.47 -47.17 -16.83
C ILE P 100 81.15 -47.12 -18.32
N VAL P 101 80.78 -48.26 -18.88
CA VAL P 101 80.41 -48.38 -20.28
C VAL P 101 78.90 -48.59 -20.37
N ASP P 102 78.22 -47.69 -21.06
CA ASP P 102 76.77 -47.68 -21.14
C ASP P 102 76.36 -48.11 -22.55
N PHE P 103 76.05 -49.39 -22.71
CA PHE P 103 75.51 -49.87 -23.97
C PHE P 103 74.10 -49.35 -24.16
N TYR P 104 73.83 -48.75 -25.31
CA TYR P 104 72.52 -48.13 -25.55
C TYR P 104 72.17 -48.22 -27.02
N ALA P 105 70.93 -47.86 -27.32
CA ALA P 105 70.46 -47.68 -28.69
C ALA P 105 69.50 -46.51 -28.71
N THR P 106 69.35 -45.91 -29.88
CA THR P 106 68.51 -44.72 -30.01
C THR P 106 67.04 -45.04 -29.84
N TRP P 107 66.63 -46.26 -30.14
CA TRP P 107 65.22 -46.62 -30.17
C TRP P 107 64.66 -47.03 -28.80
N CYS P 108 65.48 -47.09 -27.77
CA CYS P 108 65.07 -47.63 -26.47
C CYS P 108 64.72 -46.49 -25.52
N GLY P 109 63.47 -46.46 -25.06
CA GLY P 109 63.02 -45.46 -24.13
C GLY P 109 63.74 -45.44 -22.79
N PRO P 110 63.87 -46.60 -22.14
CA PRO P 110 64.61 -46.62 -20.85
C PRO P 110 66.07 -46.23 -20.98
N CYS P 111 66.70 -46.41 -22.14
CA CYS P 111 68.07 -45.96 -22.31
C CYS P 111 68.18 -44.44 -22.21
N ILE P 112 67.11 -43.73 -22.58
CA ILE P 112 67.09 -42.28 -22.45
C ILE P 112 66.99 -41.88 -20.98
N LEU P 113 66.20 -42.61 -20.19
CA LEU P 113 66.14 -42.36 -18.76
C LEU P 113 67.47 -42.68 -18.09
N MET P 114 68.13 -43.75 -18.54
CA MET P 114 69.45 -44.09 -17.99
C MET P 114 70.48 -43.02 -18.31
N ALA P 115 70.34 -42.36 -19.46
CA ALA P 115 71.24 -41.26 -19.80
C ALA P 115 71.13 -40.13 -18.78
N GLN P 116 69.91 -39.85 -18.31
CA GLN P 116 69.73 -38.80 -17.30
C GLN P 116 70.39 -39.17 -15.98
N GLU P 117 70.27 -40.43 -15.55
CA GLU P 117 70.92 -40.85 -14.31
C GLU P 117 72.43 -40.76 -14.43
N LEU P 118 72.97 -41.17 -15.58
CA LEU P 118 74.43 -41.24 -15.73
C LEU P 118 75.07 -39.86 -15.75
N GLU P 119 74.39 -38.85 -16.26
CA GLU P 119 74.98 -37.51 -16.26
C GLU P 119 74.91 -36.89 -14.88
N MET P 120 73.91 -37.24 -14.07
CA MET P 120 73.92 -36.83 -12.67
C MET P 120 75.08 -37.49 -11.92
N LEU P 121 75.32 -38.78 -12.19
CA LEU P 121 76.43 -39.48 -11.57
C LEU P 121 77.77 -38.92 -12.02
N ALA P 122 77.89 -38.61 -13.33
CA ALA P 122 79.14 -38.07 -13.85
C ALA P 122 79.48 -36.74 -13.19
N VAL P 123 78.48 -35.94 -12.84
CA VAL P 123 78.73 -34.68 -12.14
C VAL P 123 79.19 -34.95 -10.71
N GLU P 124 78.57 -35.92 -10.04
CA GLU P 124 78.96 -36.24 -8.67
C GLU P 124 80.40 -36.70 -8.61
N TYR P 125 80.77 -37.65 -9.49
CA TYR P 125 82.14 -38.13 -9.61
C TYR P 125 82.76 -37.45 -10.83
N GLU P 126 83.22 -36.21 -10.63
CA GLU P 126 83.74 -35.42 -11.74
C GLU P 126 84.93 -36.12 -12.39
N SER P 127 86.01 -36.29 -11.64
CA SER P 127 87.19 -37.00 -12.10
C SER P 127 87.36 -38.35 -11.43
N ASN P 128 86.52 -38.67 -10.44
CA ASN P 128 86.62 -39.93 -9.72
C ASN P 128 86.16 -41.13 -10.56
N ALA P 129 85.62 -40.89 -11.75
CA ALA P 129 85.21 -41.97 -12.63
C ALA P 129 85.05 -41.44 -14.04
N MET P 130 84.97 -42.36 -15.00
CA MET P 130 84.78 -42.02 -16.40
C MET P 130 83.60 -42.82 -16.95
N ILE P 131 82.67 -42.13 -17.61
CA ILE P 131 81.46 -42.73 -18.13
C ILE P 131 81.48 -42.58 -19.65
N VAL P 132 81.38 -43.71 -20.36
CA VAL P 132 81.39 -43.73 -21.81
C VAL P 132 80.20 -44.57 -22.28
N LYS P 133 79.75 -44.31 -23.50
CA LYS P 133 78.62 -45.03 -24.06
C LYS P 133 78.98 -45.55 -25.45
N VAL P 134 78.43 -46.72 -25.76
CA VAL P 134 78.66 -47.41 -27.03
C VAL P 134 77.30 -47.72 -27.63
N ASP P 135 77.13 -47.40 -28.91
CA ASP P 135 75.87 -47.64 -29.61
C ASP P 135 75.85 -49.09 -30.09
N THR P 136 74.95 -49.90 -29.55
CA THR P 136 74.95 -51.32 -29.87
C THR P 136 74.44 -51.58 -31.29
N ASP P 137 73.63 -50.68 -31.84
CA ASP P 137 73.22 -50.81 -33.23
C ASP P 137 74.41 -50.72 -34.16
N ASP P 138 75.31 -49.77 -33.91
CA ASP P 138 76.53 -49.67 -34.70
C ASP P 138 77.45 -50.87 -34.46
N GLU P 139 77.56 -51.31 -33.20
CA GLU P 139 78.55 -52.30 -32.82
C GLU P 139 77.91 -53.58 -32.30
N TYR P 140 76.95 -54.13 -33.07
CA TYR P 140 76.29 -55.35 -32.65
C TYR P 140 77.28 -56.50 -32.46
N GLU P 141 78.36 -56.53 -33.24
CA GLU P 141 79.41 -57.53 -33.02
C GLU P 141 80.06 -57.37 -31.66
N PHE P 142 80.37 -56.13 -31.28
CA PHE P 142 81.02 -55.89 -30.00
C PHE P 142 80.03 -56.01 -28.84
N ALA P 143 78.78 -55.61 -29.07
CA ALA P 143 77.75 -55.80 -28.04
C ALA P 143 77.55 -57.29 -27.74
N ARG P 144 77.57 -58.12 -28.78
CA ARG P 144 77.40 -59.56 -28.58
C ARG P 144 78.61 -60.17 -27.91
N ASP P 145 79.82 -59.80 -28.33
CA ASP P 145 81.04 -60.33 -27.73
C ASP P 145 81.21 -59.89 -26.28
N MET P 146 80.56 -58.80 -25.88
CA MET P 146 80.56 -58.37 -24.49
C MET P 146 79.46 -59.03 -23.67
N GLN P 147 78.69 -59.93 -24.30
CA GLN P 147 77.55 -60.59 -23.65
C GLN P 147 76.53 -59.59 -23.13
N VAL P 148 76.16 -58.64 -23.99
CA VAL P 148 75.03 -57.76 -23.75
C VAL P 148 73.77 -58.48 -24.23
N ARG P 149 72.82 -58.71 -23.34
CA ARG P 149 71.61 -59.45 -23.65
C ARG P 149 70.39 -58.57 -23.81
N GLY P 150 70.55 -57.27 -23.72
CA GLY P 150 69.43 -56.35 -23.81
C GLY P 150 69.84 -54.97 -23.37
N LEU P 151 68.87 -54.07 -23.30
CA LEU P 151 69.17 -52.68 -23.00
C LEU P 151 68.19 -52.14 -21.97
N PRO P 152 68.66 -51.24 -21.09
CA PRO P 152 70.04 -50.75 -20.94
C PRO P 152 70.96 -51.73 -20.24
N THR P 153 72.27 -51.61 -20.48
CA THR P 153 73.29 -52.46 -19.88
C THR P 153 74.50 -51.61 -19.55
N LEU P 154 74.98 -51.71 -18.31
CA LEU P 154 76.16 -50.98 -17.87
C LEU P 154 77.27 -51.97 -17.53
N PHE P 155 78.49 -51.60 -17.87
CA PHE P 155 79.69 -52.33 -17.47
C PHE P 155 80.50 -51.43 -16.55
N PHE P 156 80.79 -51.92 -15.35
CA PHE P 156 81.67 -51.22 -14.41
C PHE P 156 83.01 -51.95 -14.42
N ILE P 157 84.02 -51.31 -15.00
CA ILE P 157 85.32 -51.92 -15.21
C ILE P 157 86.32 -51.29 -14.25
N SER P 158 86.98 -52.11 -13.47
CA SER P 158 87.93 -51.64 -12.47
C SER P 158 89.27 -51.31 -13.12
N PRO P 159 90.02 -50.37 -12.54
CA PRO P 159 91.40 -50.14 -12.97
C PRO P 159 92.39 -51.15 -12.41
N ASP P 160 92.00 -51.93 -11.41
CA ASP P 160 92.78 -53.05 -10.96
C ASP P 160 92.56 -54.21 -11.92
N PRO P 161 93.59 -54.73 -12.57
CA PRO P 161 93.39 -55.85 -13.52
C PRO P 161 92.87 -57.12 -12.87
N SER P 162 93.24 -57.40 -11.63
CA SER P 162 92.77 -58.62 -10.98
C SER P 162 91.27 -58.57 -10.69
N LYS P 163 90.74 -57.40 -10.37
CA LYS P 163 89.32 -57.27 -10.10
C LYS P 163 88.51 -57.57 -11.35
N ASP P 164 87.33 -58.15 -11.16
CA ASP P 164 86.44 -58.50 -12.24
C ASP P 164 85.40 -57.40 -12.44
N ALA P 165 84.94 -57.28 -13.68
CA ALA P 165 83.95 -56.26 -14.00
C ALA P 165 82.56 -56.71 -13.59
N ILE P 166 81.63 -55.76 -13.59
CA ILE P 166 80.25 -56.01 -13.19
C ILE P 166 79.33 -55.53 -14.30
N ARG P 167 78.41 -56.39 -14.71
CA ARG P 167 77.41 -56.09 -15.73
C ARG P 167 76.06 -55.96 -15.04
N THR P 168 75.41 -54.80 -15.21
CA THR P 168 74.09 -54.58 -14.67
C THR P 168 73.10 -54.43 -15.83
N GLU P 169 71.90 -54.97 -15.63
CA GLU P 169 70.86 -54.96 -16.64
C GLU P 169 69.62 -54.25 -16.12
N GLY P 170 69.05 -53.39 -16.96
CA GLY P 170 67.85 -52.67 -16.59
C GLY P 170 68.14 -51.31 -15.97
N LEU P 171 67.06 -50.63 -15.59
CA LEU P 171 67.16 -49.30 -15.00
C LEU P 171 67.37 -49.46 -13.51
N ILE P 172 68.62 -49.34 -13.07
CA ILE P 172 68.96 -49.52 -11.65
C ILE P 172 69.03 -48.16 -10.99
N PRO P 173 68.68 -48.05 -9.71
CA PRO P 173 68.76 -46.76 -9.02
C PRO P 173 70.18 -46.27 -8.86
N LEU P 174 70.31 -44.96 -8.67
CA LEU P 174 71.61 -44.32 -8.59
C LEU P 174 72.44 -44.87 -7.43
N GLN P 175 71.79 -45.12 -6.30
CA GLN P 175 72.50 -45.62 -5.12
C GLN P 175 73.20 -46.94 -5.40
N MET P 176 72.62 -47.79 -6.25
CA MET P 176 73.31 -49.02 -6.62
C MET P 176 74.61 -48.72 -7.37
N MET P 177 74.58 -47.75 -8.27
CA MET P 177 75.80 -47.37 -8.99
C MET P 177 76.85 -46.82 -8.04
N ARG P 178 76.44 -45.99 -7.08
CA ARG P 178 77.38 -45.48 -6.10
C ARG P 178 77.95 -46.62 -5.25
N ASP P 179 77.12 -47.60 -4.90
CA ASP P 179 77.60 -48.75 -4.13
C ASP P 179 78.59 -49.58 -4.94
N ILE P 180 78.30 -49.82 -6.22
CA ILE P 180 79.21 -50.60 -7.05
C ILE P 180 80.55 -49.90 -7.19
N ILE P 181 80.52 -48.59 -7.42
CA ILE P 181 81.76 -47.85 -7.65
C ILE P 181 82.65 -47.88 -6.42
N ASP P 182 82.06 -47.71 -5.23
CA ASP P 182 82.86 -47.64 -4.01
C ASP P 182 83.26 -49.04 -3.53
N ASN P 183 82.29 -49.94 -3.38
CA ASN P 183 82.55 -51.18 -2.66
C ASN P 183 83.44 -52.14 -3.47
N ASP P 184 83.29 -52.16 -4.80
CA ASP P 184 83.94 -53.21 -5.56
C ASP P 184 84.59 -52.73 -6.85
N MET P 185 84.85 -51.44 -7.00
CA MET P 185 85.48 -50.94 -8.22
C MET P 185 86.59 -49.94 -7.89
N ILE Q 230 11.69 74.10 62.32
CA ILE Q 230 11.97 73.94 63.74
C ILE Q 230 13.46 73.76 63.95
N VAL Q 231 14.02 74.50 64.91
CA VAL Q 231 15.45 74.54 65.15
C VAL Q 231 15.81 73.49 66.21
N GLU Q 232 16.83 72.68 65.92
CA GLU Q 232 17.24 71.62 66.82
C GLU Q 232 18.25 72.16 67.82
N PRO Q 233 17.95 72.12 69.13
CA PRO Q 233 18.93 72.59 70.11
C PRO Q 233 20.13 71.68 70.22
N LYS Q 234 21.26 72.26 70.61
CA LYS Q 234 22.52 71.55 70.78
C LYS Q 234 22.93 71.59 72.24
N PHE Q 235 23.17 70.42 72.83
CA PHE Q 235 23.56 70.30 74.23
C PHE Q 235 24.89 69.57 74.32
N ARG Q 236 25.75 70.06 75.21
CA ARG Q 236 27.07 69.47 75.43
C ARG Q 236 27.38 69.45 76.92
N LEU Q 237 27.44 68.28 77.51
CA LEU Q 237 27.70 68.11 78.93
C LEU Q 237 28.72 66.99 79.13
N SER Q 238 29.63 67.20 80.06
CA SER Q 238 30.57 66.15 80.41
C SER Q 238 29.90 65.11 81.30
N LEU Q 239 30.48 63.91 81.32
CA LEU Q 239 29.91 62.83 82.13
C LEU Q 239 29.95 63.16 83.61
N ALA Q 240 31.05 63.77 84.08
CA ALA Q 240 31.15 64.15 85.49
C ALA Q 240 30.10 65.19 85.86
N GLU Q 241 29.89 66.19 85.00
CA GLU Q 241 28.90 67.21 85.27
C GLU Q 241 27.48 66.64 85.26
N LEU Q 242 27.20 65.73 84.31
CA LEU Q 242 25.86 65.17 84.21
C LEU Q 242 25.49 64.38 85.46
N LEU Q 243 26.42 63.59 85.98
CA LEU Q 243 26.16 62.87 87.22
C LEU Q 243 25.99 63.82 88.40
N ASP Q 244 26.83 64.86 88.47
CA ASP Q 244 26.76 65.81 89.58
C ASP Q 244 25.44 66.58 89.57
N GLU Q 245 24.99 67.01 88.39
CA GLU Q 245 23.74 67.76 88.30
C GLU Q 245 22.54 66.88 88.59
N SER Q 246 22.57 65.63 88.11
CA SER Q 246 21.44 64.72 88.30
C SER Q 246 21.40 64.10 89.69
N LYS Q 247 22.44 64.27 90.50
CA LYS Q 247 22.54 63.73 91.84
C LYS Q 247 22.46 62.21 91.86
N VAL Q 248 22.82 61.55 90.76
CA VAL Q 248 22.84 60.09 90.71
C VAL Q 248 24.15 59.60 91.30
N VAL Q 249 24.06 58.70 92.27
CA VAL Q 249 25.24 58.15 92.94
C VAL Q 249 25.53 56.79 92.31
N PRO Q 250 26.60 56.66 91.53
CA PRO Q 250 26.91 55.38 90.89
C PRO Q 250 27.54 54.39 91.85
N ILE Q 251 27.26 53.11 91.58
CA ILE Q 251 27.91 52.04 92.34
C ILE Q 251 29.40 52.01 92.04
N SER Q 252 29.76 52.04 90.76
CA SER Q 252 31.15 52.06 90.34
C SER Q 252 31.23 52.73 88.97
N VAL Q 253 32.36 53.40 88.72
CA VAL Q 253 32.59 54.12 87.48
C VAL Q 253 33.91 53.64 86.88
N TYR Q 254 33.90 53.36 85.58
CA TYR Q 254 35.08 52.96 84.84
C TYR Q 254 35.29 53.90 83.66
N GLY Q 255 36.55 54.03 83.25
CA GLY Q 255 36.88 54.84 82.09
C GLY Q 255 37.14 56.29 82.38
N ASP Q 256 36.84 57.16 81.43
CA ASP Q 256 37.09 58.60 81.55
C ASP Q 256 35.79 59.31 81.90
N LEU Q 257 35.83 60.11 82.98
CA LEU Q 257 34.69 60.88 83.42
C LEU Q 257 34.56 62.22 82.72
N ASP Q 258 35.58 62.66 81.98
CA ASP Q 258 35.54 63.92 81.26
C ASP Q 258 35.01 63.78 79.85
N VAL Q 259 34.42 62.63 79.50
CA VAL Q 259 33.96 62.41 78.14
C VAL Q 259 32.76 63.29 77.85
N GLU Q 260 32.84 64.05 76.75
CA GLU Q 260 31.76 64.94 76.37
C GLU Q 260 30.57 64.15 75.82
N ILE Q 261 29.38 64.49 76.29
CA ILE Q 261 28.15 63.81 75.89
C ILE Q 261 27.29 64.79 75.11
N THR Q 262 26.93 64.41 73.88
CA THR Q 262 26.07 65.22 73.04
C THR Q 262 24.64 64.70 72.96
N GLY Q 263 24.35 63.55 73.54
CA GLY Q 263 23.01 63.01 73.51
C GLY Q 263 22.87 61.86 74.49
N ILE Q 264 21.62 61.53 74.79
CA ILE Q 264 21.28 60.42 75.67
C ILE Q 264 20.20 59.58 75.00
N GLN Q 265 20.39 58.26 75.00
CA GLN Q 265 19.44 57.35 74.40
C GLN Q 265 19.32 56.10 75.26
N HIS Q 266 18.13 55.49 75.23
CA HIS Q 266 17.90 54.20 75.86
C HIS Q 266 17.56 53.09 74.87
N ASP Q 267 17.08 53.43 73.68
CA ASP Q 267 16.87 52.46 72.61
C ASP Q 267 18.10 52.46 71.71
N SER Q 268 18.70 51.29 71.52
CA SER Q 268 19.95 51.20 70.78
C SER Q 268 19.79 51.66 69.33
N ARG Q 269 18.64 51.40 68.72
CA ARG Q 269 18.43 51.77 67.33
C ARG Q 269 18.43 53.27 67.10
N GLY Q 270 18.24 54.07 68.16
CA GLY Q 270 18.31 55.51 68.08
C GLY Q 270 19.60 56.14 68.53
N VAL Q 271 20.59 55.34 68.90
CA VAL Q 271 21.85 55.87 69.42
C VAL Q 271 22.68 56.42 68.26
N SER Q 272 23.16 57.65 68.42
CA SER Q 272 24.06 58.28 67.46
C SER Q 272 25.45 58.43 68.06
N SER Q 273 26.39 58.87 67.22
CA SER Q 273 27.75 59.09 67.67
C SER Q 273 27.80 60.25 68.66
N GLY Q 274 28.42 60.01 69.82
CA GLY Q 274 28.47 61.00 70.88
C GLY Q 274 27.35 60.91 71.88
N ASP Q 275 26.52 59.88 71.81
CA ASP Q 275 25.38 59.74 72.72
C ASP Q 275 25.76 58.88 73.93
N LEU Q 276 25.12 59.16 75.06
CA LEU Q 276 25.22 58.33 76.25
C LEU Q 276 24.11 57.31 76.23
N PHE Q 277 24.47 56.03 76.32
CA PHE Q 277 23.49 54.95 76.27
C PHE Q 277 23.15 54.49 77.68
N VAL Q 278 21.85 54.37 77.95
CA VAL Q 278 21.35 53.84 79.22
C VAL Q 278 20.73 52.49 78.92
N CYS Q 279 21.30 51.44 79.52
CA CYS Q 279 20.85 50.06 79.27
C CYS Q 279 19.84 49.67 80.33
N CYS Q 280 18.59 49.47 79.92
CA CYS Q 280 17.58 48.97 80.84
C CYS Q 280 17.82 47.49 81.15
N GLU Q 281 17.22 47.03 82.25
CA GLU Q 281 17.45 45.67 82.71
C GLU Q 281 16.90 44.62 81.76
N ASN Q 282 16.00 44.99 80.85
CA ASN Q 282 15.35 44.04 79.97
C ASN Q 282 16.02 43.91 78.60
N GLU Q 283 17.16 44.56 78.41
CA GLU Q 283 17.85 44.55 77.12
C GLU Q 283 19.18 43.81 77.26
N GLY Q 284 19.40 42.84 76.37
CA GLY Q 284 20.51 41.91 76.51
C GLY Q 284 21.83 42.45 75.97
N ASP Q 285 22.79 41.53 75.86
CA ASP Q 285 24.14 41.91 75.47
C ASP Q 285 24.22 42.39 74.03
N SER Q 286 23.35 41.89 73.15
CA SER Q 286 23.37 42.34 71.77
C SER Q 286 23.01 43.82 71.65
N VAL Q 287 22.17 44.31 72.56
CA VAL Q 287 21.80 45.72 72.54
C VAL Q 287 23.00 46.60 72.81
N LEU Q 288 23.85 46.20 73.78
CA LEU Q 288 25.03 47.00 74.11
C LEU Q 288 26.00 47.09 72.94
N SER Q 289 26.19 45.98 72.23
CA SER Q 289 27.07 46.01 71.06
C SER Q 289 26.51 46.93 69.98
N GLU Q 290 25.18 46.90 69.78
CA GLU Q 290 24.57 47.77 68.78
C GLU Q 290 24.76 49.24 69.12
N ALA Q 291 24.61 49.59 70.41
CA ALA Q 291 24.85 50.97 70.82
C ALA Q 291 26.32 51.35 70.64
N ASP Q 292 27.23 50.44 70.97
CA ASP Q 292 28.65 50.72 70.77
C ASP Q 292 28.99 50.85 69.29
N LYS Q 293 28.41 50.00 68.45
CA LYS Q 293 28.67 50.08 67.01
C LYS Q 293 28.19 51.39 66.42
N ARG Q 294 27.10 51.94 66.94
CA ARG Q 294 26.56 53.20 66.42
C ARG Q 294 27.28 54.43 66.96
N GLY Q 295 28.19 54.27 67.91
CA GLY Q 295 29.01 55.38 68.35
C GLY Q 295 28.73 55.88 69.76
N ALA Q 296 28.24 55.01 70.63
CA ALA Q 296 28.04 55.37 72.02
C ALA Q 296 29.39 55.55 72.71
N VAL Q 297 29.55 56.64 73.44
CA VAL Q 297 30.82 56.95 74.09
C VAL Q 297 30.81 56.58 75.59
N ALA Q 298 29.65 56.53 76.23
CA ALA Q 298 29.54 56.10 77.61
C ALA Q 298 28.24 55.34 77.79
N VAL Q 299 28.25 54.38 78.71
CA VAL Q 299 27.12 53.48 78.92
C VAL Q 299 26.74 53.48 80.40
N VAL Q 300 25.44 53.53 80.66
CA VAL Q 300 24.90 53.43 82.01
C VAL Q 300 24.09 52.14 82.08
N ALA Q 301 24.42 51.28 83.05
CA ALA Q 301 23.74 50.00 83.19
C ALA Q 301 23.71 49.61 84.66
N SER Q 302 22.81 48.67 84.99
CA SER Q 302 22.64 48.22 86.35
C SER Q 302 23.54 47.06 86.73
N LYS Q 303 24.21 46.42 85.76
CA LYS Q 303 25.06 45.27 86.03
C LYS Q 303 26.43 45.49 85.40
N GLU Q 304 27.44 44.89 86.01
CA GLU Q 304 28.80 44.99 85.50
C GLU Q 304 28.91 44.31 84.13
N ILE Q 305 29.54 45.01 83.19
CA ILE Q 305 29.75 44.50 81.83
C ILE Q 305 31.24 44.55 81.53
N ASP Q 306 31.75 43.52 80.87
CA ASP Q 306 33.17 43.43 80.54
C ASP Q 306 33.48 44.44 79.42
N ILE Q 307 34.02 45.58 79.81
CA ILE Q 307 34.33 46.64 78.85
C ILE Q 307 35.57 46.29 78.03
N GLU Q 308 36.55 45.65 78.65
CA GLU Q 308 37.90 45.56 78.09
C GLU Q 308 37.97 44.73 76.81
N ASP Q 309 36.99 43.85 76.56
CA ASP Q 309 37.06 42.97 75.41
C ASP Q 309 35.88 43.09 74.46
N THR Q 310 34.76 43.69 74.86
CA THR Q 310 33.57 43.73 74.04
C THR Q 310 33.07 45.13 73.72
N LEU Q 311 33.42 46.14 74.51
CA LEU Q 311 32.89 47.49 74.34
C LEU Q 311 34.03 48.46 74.07
N GLY Q 312 33.88 49.27 73.02
CA GLY Q 312 34.79 50.35 72.73
C GLY Q 312 34.44 51.67 73.37
N CYS Q 313 33.42 51.70 74.22
CA CYS Q 313 33.02 52.93 74.89
C CYS Q 313 34.09 53.37 75.88
N ARG Q 314 34.25 54.69 76.01
CA ARG Q 314 35.29 55.26 76.84
C ARG Q 314 34.94 55.27 78.33
N ALA Q 315 33.68 55.01 78.69
CA ALA Q 315 33.29 55.05 80.10
C ALA Q 315 32.07 54.16 80.31
N LEU Q 316 31.94 53.66 81.54
CA LEU Q 316 30.79 52.88 81.96
C LEU Q 316 30.37 53.31 83.37
N VAL Q 317 29.07 53.41 83.59
CA VAL Q 317 28.51 53.79 84.89
C VAL Q 317 27.59 52.68 85.37
N ILE Q 318 27.79 52.23 86.60
CA ILE Q 318 26.97 51.20 87.22
C ILE Q 318 26.07 51.87 88.25
N VAL Q 319 24.76 51.62 88.13
CA VAL Q 319 23.77 52.23 89.01
C VAL Q 319 22.86 51.11 89.54
N GLU Q 320 22.18 51.43 90.65
CA GLU Q 320 21.27 50.45 91.25
C GLU Q 320 20.05 50.21 90.37
N ASP Q 321 19.47 51.28 89.84
CA ASP Q 321 18.25 51.19 89.05
C ASP Q 321 18.40 52.08 87.82
N THR Q 322 18.38 51.47 86.64
CA THR Q 322 18.55 52.24 85.41
C THR Q 322 17.29 53.03 85.06
N GLU Q 323 16.11 52.43 85.26
CA GLU Q 323 14.87 53.10 84.89
C GLU Q 323 14.63 54.36 85.71
N ALA Q 324 14.89 54.29 87.02
CA ALA Q 324 14.69 55.47 87.87
C ALA Q 324 15.73 56.54 87.57
N VAL Q 325 16.98 56.13 87.34
CA VAL Q 325 18.03 57.09 87.00
C VAL Q 325 17.78 57.70 85.62
N LEU Q 326 17.10 56.98 84.73
CA LEU Q 326 16.92 57.44 83.36
C LEU Q 326 16.22 58.79 83.30
N ALA Q 327 15.16 58.96 84.10
CA ALA Q 327 14.45 60.23 84.09
C ALA Q 327 15.34 61.37 84.60
N ALA Q 328 16.12 61.12 85.65
CA ALA Q 328 16.99 62.15 86.21
C ALA Q 328 18.09 62.53 85.22
N LEU Q 329 18.66 61.55 84.53
CA LEU Q 329 19.72 61.85 83.56
C LEU Q 329 19.20 62.70 82.40
N ALA Q 330 18.01 62.36 81.89
CA ALA Q 330 17.46 63.12 80.77
C ALA Q 330 17.18 64.57 81.16
N SER Q 331 16.60 64.79 82.33
CA SER Q 331 16.29 66.15 82.76
C SER Q 331 17.56 66.97 82.99
N SER Q 332 18.58 66.37 83.60
CA SER Q 332 19.84 67.08 83.84
C SER Q 332 20.55 67.40 82.53
N PHE Q 333 20.52 66.47 81.57
CA PHE Q 333 21.17 66.69 80.29
C PHE Q 333 20.54 67.86 79.54
N TYR Q 334 19.21 67.94 79.55
CA TYR Q 334 18.48 69.00 78.86
C TYR Q 334 18.21 70.20 79.75
N ARG Q 335 18.78 70.22 80.96
CA ARG Q 335 18.83 71.40 81.83
C ARG Q 335 17.46 71.78 82.39
N HIS Q 336 16.64 70.77 82.66
CA HIS Q 336 15.32 70.96 83.24
C HIS Q 336 14.50 72.00 82.48
N PRO Q 337 14.19 71.76 81.20
CA PRO Q 337 13.42 72.75 80.44
C PRO Q 337 12.02 72.99 80.99
N SER Q 338 11.44 72.01 81.68
CA SER Q 338 10.10 72.18 82.24
C SER Q 338 10.03 73.28 83.28
N LYS Q 339 11.18 73.67 83.85
CA LYS Q 339 11.21 74.74 84.83
C LYS Q 339 11.05 76.12 84.22
N ASN Q 340 11.17 76.25 82.91
CA ASN Q 340 11.08 77.54 82.23
C ASN Q 340 9.74 77.76 81.54
N MET Q 341 8.79 76.85 81.69
CA MET Q 341 7.49 76.95 81.05
C MET Q 341 6.39 76.71 82.07
N ALA Q 342 5.17 77.04 81.68
CA ALA Q 342 3.97 76.63 82.41
C ALA Q 342 3.54 75.27 81.89
N VAL Q 343 3.59 74.26 82.75
CA VAL Q 343 3.32 72.88 82.37
C VAL Q 343 1.97 72.49 82.93
N ILE Q 344 1.06 72.08 82.03
CA ILE Q 344 -0.29 71.68 82.40
C ILE Q 344 -0.44 70.20 82.08
N GLY Q 345 -0.63 69.39 83.12
CA GLY Q 345 -0.80 67.96 82.97
C GLY Q 345 -2.26 67.58 83.19
N VAL Q 346 -2.79 66.79 82.27
CA VAL Q 346 -4.16 66.31 82.32
C VAL Q 346 -4.10 64.80 82.51
N THR Q 347 -4.77 64.31 83.55
CA THR Q 347 -4.77 62.89 83.87
C THR Q 347 -6.20 62.38 83.99
N GLY Q 348 -6.38 61.10 83.68
CA GLY Q 348 -7.67 60.46 83.70
C GLY Q 348 -7.76 59.38 82.63
N THR Q 349 -8.77 58.54 82.74
CA THR Q 349 -8.96 57.48 81.75
C THR Q 349 -9.51 58.03 80.44
N ASN Q 350 -10.30 59.10 80.51
CA ASN Q 350 -10.97 59.63 79.33
C ASN Q 350 -10.82 61.14 79.30
N GLY Q 351 -10.84 61.68 78.09
CA GLY Q 351 -10.83 63.12 77.90
C GLY Q 351 -9.48 63.78 77.95
N LYS Q 352 -8.40 63.03 78.05
CA LYS Q 352 -7.08 63.65 78.14
C LYS Q 352 -6.69 64.34 76.84
N THR Q 353 -6.94 63.69 75.70
CA THR Q 353 -6.45 64.22 74.44
C THR Q 353 -7.28 65.42 73.97
N THR Q 354 -8.60 65.34 74.11
CA THR Q 354 -9.44 66.46 73.66
C THR Q 354 -9.28 67.67 74.57
N THR Q 355 -9.16 67.44 75.88
CA THR Q 355 -8.92 68.55 76.80
C THR Q 355 -7.57 69.19 76.54
N THR Q 356 -6.55 68.38 76.26
CA THR Q 356 -5.23 68.92 75.93
C THR Q 356 -5.29 69.75 74.66
N TYR Q 357 -6.06 69.29 73.67
CA TYR Q 357 -6.23 70.07 72.45
C TYR Q 357 -7.00 71.36 72.71
N LEU Q 358 -8.03 71.29 73.56
CA LEU Q 358 -8.82 72.48 73.87
C LEU Q 358 -8.00 73.49 74.67
N ILE Q 359 -7.23 73.02 75.64
CA ILE Q 359 -6.48 73.93 76.51
C ILE Q 359 -5.37 74.62 75.73
N LYS Q 360 -4.71 73.89 74.82
CA LYS Q 360 -3.66 74.50 74.02
C LYS Q 360 -4.21 75.63 73.16
N SER Q 361 -5.39 75.43 72.56
CA SER Q 361 -6.03 76.51 71.82
C SER Q 361 -6.42 77.65 72.74
N LEU Q 362 -6.83 77.34 73.97
CA LEU Q 362 -7.17 78.38 74.94
C LEU Q 362 -5.97 79.24 75.26
N TYR Q 363 -4.81 78.62 75.47
CA TYR Q 363 -3.59 79.37 75.76
C TYR Q 363 -3.13 80.16 74.55
N GLU Q 364 -3.30 79.58 73.35
CA GLU Q 364 -2.93 80.31 72.13
C GLU Q 364 -3.85 81.48 71.86
N ALA Q 365 -5.15 81.35 72.21
CA ALA Q 365 -6.06 82.48 72.03
C ALA Q 365 -5.65 83.66 72.90
N MET Q 366 -4.93 83.41 73.99
CA MET Q 366 -4.37 84.45 74.82
C MET Q 366 -3.02 84.95 74.33
N GLY Q 367 -2.54 84.42 73.21
CA GLY Q 367 -1.28 84.86 72.64
C GLY Q 367 -0.05 84.12 73.14
N VAL Q 368 -0.22 83.12 73.99
CA VAL Q 368 0.90 82.36 74.54
C VAL Q 368 1.26 81.27 73.55
N ARG Q 369 2.53 81.21 73.16
CA ARG Q 369 3.02 80.14 72.30
C ARG Q 369 3.00 78.83 73.08
N THR Q 370 2.15 77.90 72.67
CA THR Q 370 1.86 76.71 73.46
C THR Q 370 2.23 75.45 72.68
N GLY Q 371 3.03 74.59 73.32
CA GLY Q 371 3.29 73.26 72.79
C GLY Q 371 2.31 72.25 73.34
N MET Q 372 2.43 71.02 72.84
CA MET Q 372 1.52 69.96 73.25
C MET Q 372 2.20 68.61 73.17
N PHE Q 373 1.96 67.77 74.17
CA PHE Q 373 2.32 66.36 74.14
C PHE Q 373 1.03 65.55 74.23
N SER Q 374 0.70 64.82 73.16
CA SER Q 374 -0.53 64.05 73.12
C SER Q 374 -0.25 62.70 72.49
N THR Q 375 -1.14 61.75 72.75
CA THR Q 375 -1.06 60.44 72.10
C THR Q 375 -1.22 60.55 70.60
N VAL Q 376 -1.82 61.63 70.12
CA VAL Q 376 -2.10 61.79 68.69
C VAL Q 376 -1.00 62.58 67.99
N SER Q 377 -0.54 63.67 68.60
CA SER Q 377 0.34 64.61 67.91
C SER Q 377 1.18 65.37 68.92
N CYS Q 378 2.24 66.00 68.41
CA CYS Q 378 3.11 66.85 69.21
C CYS Q 378 3.45 68.10 68.41
N TYR Q 379 3.23 69.26 69.01
CA TYR Q 379 3.44 70.55 68.36
C TYR Q 379 4.40 71.38 69.19
N VAL Q 380 5.20 72.23 68.53
CA VAL Q 380 6.04 73.15 69.27
C VAL Q 380 5.25 74.40 69.65
N HIS Q 381 4.44 74.92 68.71
CA HIS Q 381 3.46 75.97 68.95
C HIS Q 381 2.71 76.22 67.65
N GLY Q 382 1.46 76.69 67.74
CA GLY Q 382 0.68 76.91 66.53
C GLY Q 382 0.48 75.61 65.75
N ASP Q 383 0.75 75.66 64.45
CA ASP Q 383 0.56 74.52 63.56
C ASP Q 383 1.86 73.78 63.26
N ASN Q 384 2.92 74.06 64.00
CA ASN Q 384 4.24 73.49 63.73
C ASN Q 384 4.30 72.07 64.29
N LYS Q 385 3.86 71.11 63.48
CA LYS Q 385 3.85 69.72 63.89
C LYS Q 385 5.26 69.14 63.93
N MET Q 386 5.55 68.37 64.98
CA MET Q 386 6.77 67.60 65.06
C MET Q 386 6.55 66.21 64.46
N ASP Q 387 7.62 65.64 63.88
CA ASP Q 387 7.58 64.28 63.38
C ASP Q 387 7.79 63.33 64.55
N SER Q 388 6.71 63.11 65.30
CA SER Q 388 6.77 62.29 66.50
C SER Q 388 6.89 60.82 66.14
N PRO Q 389 7.78 60.08 66.81
CA PRO Q 389 7.85 58.62 66.60
C PRO Q 389 6.53 57.95 66.96
N THR Q 390 6.21 56.89 66.24
CA THR Q 390 4.95 56.18 66.42
C THR Q 390 5.02 55.24 67.63
N THR Q 391 5.20 55.85 68.80
CA THR Q 391 5.17 55.14 70.08
C THR Q 391 4.04 55.70 70.93
N THR Q 392 3.16 54.81 71.41
CA THR Q 392 2.01 55.24 72.19
C THR Q 392 2.39 55.85 73.53
N SER Q 393 3.58 55.54 74.04
CA SER Q 393 4.03 56.07 75.33
C SER Q 393 5.45 56.58 75.17
N PRO Q 394 5.64 57.89 74.99
CA PRO Q 394 6.99 58.44 74.86
C PRO Q 394 7.82 58.18 76.11
N ASP Q 395 9.09 57.89 75.91
CA ASP Q 395 10.00 57.58 77.01
C ASP Q 395 10.41 58.85 77.73
N ALA Q 396 11.05 58.66 78.89
CA ALA Q 396 11.48 59.80 79.71
C ALA Q 396 12.51 60.65 78.97
N VAL Q 397 13.43 60.01 78.26
CA VAL Q 397 14.43 60.76 77.49
C VAL Q 397 13.76 61.57 76.39
N LEU Q 398 12.81 60.96 75.66
CA LEU Q 398 12.12 61.66 74.59
C LEU Q 398 11.35 62.85 75.12
N VAL Q 399 10.64 62.69 76.23
CA VAL Q 399 9.83 63.78 76.77
C VAL Q 399 10.71 64.98 77.10
N GLN Q 400 11.85 64.74 77.75
CA GLN Q 400 12.79 65.82 78.02
C GLN Q 400 13.43 66.34 76.73
N SER Q 401 13.69 65.46 75.76
CA SER Q 401 14.39 65.87 74.54
C SER Q 401 13.56 66.86 73.73
N MET Q 402 12.30 66.52 73.44
CA MET Q 402 11.46 67.43 72.69
C MET Q 402 11.12 68.67 73.49
N MET Q 403 10.98 68.55 74.81
CA MET Q 403 10.55 69.68 75.63
C MET Q 403 11.55 70.84 75.54
N ALA Q 404 12.85 70.53 75.55
CA ALA Q 404 13.85 71.57 75.36
C ALA Q 404 13.79 72.16 73.96
N LYS Q 405 13.42 71.35 72.96
CA LYS Q 405 13.30 71.83 71.60
C LYS Q 405 12.25 72.93 71.50
N MET Q 406 11.13 72.77 72.21
CA MET Q 406 10.13 73.83 72.25
C MET Q 406 10.69 75.10 72.89
N LEU Q 407 11.47 74.95 73.96
CA LEU Q 407 12.08 76.12 74.60
C LEU Q 407 13.01 76.84 73.64
N HIS Q 408 13.83 76.10 72.91
CA HIS Q 408 14.77 76.71 71.97
C HIS Q 408 14.04 77.45 70.85
N ASN Q 409 12.81 77.04 70.54
CA ASN Q 409 12.03 77.65 69.48
C ASN Q 409 11.05 78.72 69.96
N GLY Q 410 11.03 79.01 71.26
CA GLY Q 410 10.22 80.08 71.78
C GLY Q 410 8.90 79.68 72.43
N THR Q 411 8.73 78.43 72.80
CA THR Q 411 7.50 77.99 73.46
C THR Q 411 7.48 78.46 74.92
N GLU Q 412 6.35 79.03 75.35
CA GLU Q 412 6.21 79.55 76.70
C GLU Q 412 5.39 78.64 77.61
N ALA Q 413 4.38 77.96 77.08
CA ALA Q 413 3.52 77.08 77.87
C ALA Q 413 3.36 75.76 77.13
N LEU Q 414 3.02 74.71 77.87
CA LEU Q 414 2.86 73.40 77.26
C LEU Q 414 1.77 72.62 78.00
N VAL Q 415 1.11 71.74 77.25
CA VAL Q 415 0.09 70.85 77.80
C VAL Q 415 0.46 69.43 77.39
N MET Q 416 0.59 68.54 78.36
CA MET Q 416 0.92 67.15 78.09
C MET Q 416 -0.12 66.23 78.70
N GLU Q 417 -0.39 65.13 78.00
CA GLU Q 417 -1.18 64.06 78.58
C GLU Q 417 -0.37 63.35 79.65
N ALA Q 418 -1.00 63.08 80.80
CA ALA Q 418 -0.38 62.33 81.88
C ALA Q 418 -1.17 61.04 82.05
N SER Q 419 -0.82 60.04 81.24
CA SER Q 419 -1.51 58.76 81.31
C SER Q 419 -1.09 58.01 82.57
N PRO Q 420 -1.96 57.14 83.09
CA PRO Q 420 -1.57 56.34 84.27
C PRO Q 420 -0.34 55.49 84.02
N GLN Q 421 -0.21 54.92 82.82
CA GLN Q 421 0.95 54.08 82.52
C GLN Q 421 2.24 54.90 82.53
N GLU Q 422 2.21 56.10 81.95
CA GLU Q 422 3.40 56.94 81.98
C GLU Q 422 3.72 57.40 83.39
N LEU Q 423 2.69 57.76 84.18
CA LEU Q 423 2.93 58.17 85.55
C LEU Q 423 3.44 57.02 86.41
N ALA Q 424 2.88 55.82 86.22
CA ALA Q 424 3.35 54.66 86.97
C ALA Q 424 4.78 54.30 86.59
N SER Q 425 5.11 54.37 85.30
CA SER Q 425 6.43 53.98 84.82
C SER Q 425 7.51 54.99 85.21
N GLY Q 426 7.13 56.17 85.70
CA GLY Q 426 8.11 57.17 86.07
C GLY Q 426 8.71 57.96 84.92
N LYS Q 427 8.12 57.88 83.73
CA LYS Q 427 8.63 58.63 82.60
C LYS Q 427 8.51 60.14 82.83
N CYS Q 428 7.41 60.58 83.43
CA CYS Q 428 7.15 61.99 83.67
C CYS Q 428 7.57 62.43 85.06
N ASP Q 429 8.47 61.68 85.71
CA ASP Q 429 8.85 61.99 87.08
C ASP Q 429 9.62 63.30 87.19
N GLU Q 430 10.32 63.70 86.13
CA GLU Q 430 11.14 64.90 86.14
C GLU Q 430 10.48 66.08 85.43
N VAL Q 431 9.16 66.09 85.37
CA VAL Q 431 8.42 67.18 84.73
C VAL Q 431 7.85 68.08 85.82
N ASP Q 432 8.17 69.37 85.74
CA ASP Q 432 7.70 70.35 86.73
C ASP Q 432 6.33 70.85 86.31
N PHE Q 433 5.31 70.07 86.68
CA PHE Q 433 3.94 70.44 86.36
C PHE Q 433 3.51 71.67 87.17
N ASP Q 434 2.81 72.58 86.50
CA ASP Q 434 2.24 73.75 87.14
C ASP Q 434 0.77 73.56 87.51
N ILE Q 435 -0.04 73.03 86.59
CA ILE Q 435 -1.46 72.82 86.81
C ILE Q 435 -1.78 71.37 86.53
N ALA Q 436 -2.53 70.74 87.43
CA ALA Q 436 -2.92 69.35 87.29
C ALA Q 436 -4.43 69.27 87.13
N VAL Q 437 -4.89 68.60 86.06
CA VAL Q 437 -6.30 68.52 85.72
C VAL Q 437 -6.72 67.06 85.79
N PHE Q 438 -7.79 66.78 86.51
CA PHE Q 438 -8.34 65.44 86.65
C PHE Q 438 -9.71 65.39 85.98
N THR Q 439 -9.89 64.44 85.07
CA THR Q 439 -11.10 64.35 84.26
C THR Q 439 -12.08 63.31 84.78
N ASN Q 440 -11.66 62.05 84.87
CA ASN Q 440 -12.51 60.97 85.34
C ASN Q 440 -11.66 59.73 85.53
N LEU Q 441 -12.28 58.68 86.06
CA LEU Q 441 -11.62 57.38 86.24
C LEU Q 441 -12.64 56.27 86.08
N THR Q 442 -12.47 55.46 85.04
CA THR Q 442 -13.25 54.25 84.84
C THR Q 442 -12.31 53.11 84.46
N ARG Q 443 -12.59 51.91 84.94
CA ARG Q 443 -11.74 50.78 84.64
C ARG Q 443 -11.94 50.31 83.20
N GLU Q 444 -11.17 50.87 82.28
CA GLU Q 444 -11.27 50.55 80.87
C GLU Q 444 -9.99 49.95 80.30
N ASP Q 445 -8.84 50.46 80.70
CA ASP Q 445 -7.56 50.07 80.11
C ASP Q 445 -7.20 48.67 80.58
N SER Q 446 -7.43 47.67 79.72
CA SER Q 446 -6.97 46.31 80.02
C SER Q 446 -5.45 46.20 79.94
N ASP Q 447 -4.77 47.17 79.32
CA ASP Q 447 -3.33 47.13 79.21
C ASP Q 447 -2.64 47.47 80.53
N PHE Q 448 -3.35 48.06 81.49
CA PHE Q 448 -2.72 48.46 82.74
C PHE Q 448 -2.44 47.22 83.58
N ARG Q 449 -1.15 46.97 83.84
CA ARG Q 449 -0.72 45.84 84.66
C ARG Q 449 -0.72 46.27 86.12
N GLY Q 450 -1.91 46.32 86.70
CA GLY Q 450 -2.04 46.69 88.10
C GLY Q 450 -3.50 46.65 88.53
N THR Q 451 -3.70 46.80 89.84
CA THR Q 451 -5.03 46.78 90.40
C THR Q 451 -5.70 48.15 90.25
N ASP Q 452 -6.98 48.20 90.64
CA ASP Q 452 -7.72 49.46 90.56
C ASP Q 452 -7.13 50.51 91.50
N GLU Q 453 -6.72 50.10 92.70
CA GLU Q 453 -6.08 51.03 93.62
C GLU Q 453 -4.75 51.53 93.08
N GLU Q 454 -3.97 50.65 92.47
CA GLU Q 454 -2.73 51.08 91.84
C GLU Q 454 -3.00 51.99 90.65
N TYR Q 455 -4.05 51.69 89.88
CA TYR Q 455 -4.44 52.58 88.80
C TYR Q 455 -4.85 53.95 89.32
N ARG Q 456 -5.58 53.99 90.44
CA ARG Q 456 -5.98 55.26 91.04
C ARG Q 456 -4.78 56.01 91.60
N ASP Q 457 -3.89 55.31 92.30
CA ASP Q 457 -2.75 55.98 92.92
C ASP Q 457 -1.75 56.46 91.88
N ALA Q 458 -1.69 55.80 90.72
CA ALA Q 458 -0.78 56.25 89.67
C ALA Q 458 -1.17 57.64 89.17
N GLU Q 459 -2.46 57.88 88.98
CA GLU Q 459 -2.92 59.20 88.57
C GLU Q 459 -2.76 60.21 89.70
N ALA Q 460 -2.80 59.76 90.95
CA ALA Q 460 -2.61 60.65 92.09
C ALA Q 460 -1.19 61.21 92.17
N LYS Q 461 -0.25 60.62 91.45
CA LYS Q 461 1.13 61.12 91.47
C LYS Q 461 1.19 62.54 90.93
N LEU Q 462 0.44 62.83 89.88
CA LEU Q 462 0.39 64.19 89.34
C LEU Q 462 -0.19 65.16 90.35
N PHE Q 463 -1.28 64.77 91.02
CA PHE Q 463 -1.91 65.63 92.01
C PHE Q 463 -1.09 65.73 93.30
N ALA Q 464 -0.26 64.72 93.58
CA ALA Q 464 0.59 64.78 94.77
C ALA Q 464 1.60 65.90 94.69
N ARG Q 465 2.04 66.25 93.48
CA ARG Q 465 3.03 67.30 93.28
C ARG Q 465 2.43 68.70 93.35
N MET Q 466 1.14 68.83 93.66
CA MET Q 466 0.50 70.13 93.77
C MET Q 466 0.82 70.71 95.15
N VAL Q 467 1.99 71.34 95.23
CA VAL Q 467 2.58 71.76 96.50
C VAL Q 467 2.48 73.27 96.72
N ASP Q 468 2.85 74.05 95.72
CA ASP Q 468 2.97 75.50 95.87
C ASP Q 468 1.62 76.17 95.65
N PRO Q 469 1.01 76.76 96.69
CA PRO Q 469 -0.28 77.43 96.48
C PRO Q 469 -0.20 78.61 95.54
N GLU Q 470 0.91 79.35 95.52
CA GLU Q 470 1.02 80.54 94.69
C GLU Q 470 1.15 80.21 93.21
N ARG Q 471 1.76 79.07 92.89
CA ARG Q 471 2.06 78.70 91.51
C ARG Q 471 1.14 77.62 90.96
N HIS Q 472 0.70 76.70 91.81
CA HIS Q 472 -0.04 75.53 91.35
C HIS Q 472 -1.54 75.75 91.45
N ARG Q 473 -2.28 75.08 90.56
CA ARG Q 473 -3.74 75.12 90.55
C ARG Q 473 -4.27 73.71 90.35
N LYS Q 474 -5.48 73.47 90.85
CA LYS Q 474 -6.13 72.18 90.72
C LYS Q 474 -7.47 72.34 90.01
N VAL Q 475 -7.74 71.45 89.08
CA VAL Q 475 -9.03 71.38 88.39
C VAL Q 475 -9.53 69.95 88.48
N VAL Q 476 -10.71 69.77 89.07
CA VAL Q 476 -11.25 68.45 89.35
C VAL Q 476 -12.67 68.36 88.83
N ASN Q 477 -13.03 67.19 88.29
CA ASN Q 477 -14.39 66.86 87.92
C ASN Q 477 -15.06 66.19 89.11
N ILE Q 478 -16.02 66.89 89.74
CA ILE Q 478 -16.64 66.39 90.96
C ILE Q 478 -17.79 65.44 90.71
N ASP Q 479 -18.08 65.12 89.44
CA ASP Q 479 -19.09 64.10 89.17
C ASP Q 479 -18.57 62.70 89.46
N ASP Q 480 -17.25 62.50 89.37
CA ASP Q 480 -16.65 61.22 89.67
C ASP Q 480 -16.65 60.99 91.19
N PRO Q 481 -17.03 59.78 91.63
CA PRO Q 481 -17.00 59.50 93.08
C PRO Q 481 -15.61 59.62 93.69
N ASN Q 482 -14.57 59.41 92.88
CA ASN Q 482 -13.19 59.45 93.36
C ASN Q 482 -12.73 60.88 93.65
N ALA Q 483 -13.30 61.87 92.96
CA ALA Q 483 -12.78 63.24 92.95
C ALA Q 483 -12.34 63.73 94.32
N ALA Q 484 -12.98 63.26 95.40
CA ALA Q 484 -12.58 63.67 96.73
C ALA Q 484 -11.16 63.20 97.06
N PHE Q 485 -10.79 62.01 96.58
CA PHE Q 485 -9.45 61.47 96.84
C PHE Q 485 -8.37 62.36 96.24
N PHE Q 486 -8.61 62.88 95.02
CA PHE Q 486 -7.62 63.72 94.37
C PHE Q 486 -7.52 65.09 95.04
N VAL Q 487 -8.65 65.65 95.47
CA VAL Q 487 -8.63 66.96 96.11
C VAL Q 487 -7.79 66.94 97.37
N GLN Q 488 -7.78 65.81 98.08
CA GLN Q 488 -6.95 65.67 99.27
C GLN Q 488 -5.47 65.48 98.95
N GLN Q 489 -5.15 65.10 97.72
CA GLN Q 489 -3.75 64.91 97.34
C GLN Q 489 -3.01 66.24 97.27
N GLY Q 490 -1.72 66.20 97.60
CA GLY Q 490 -0.90 67.38 97.55
C GLY Q 490 -1.20 68.35 98.69
N ASN Q 491 -0.83 69.61 98.46
CA ASN Q 491 -1.08 70.66 99.43
C ASN Q 491 -2.56 71.04 99.41
N PRO Q 492 -3.28 70.92 100.51
CA PRO Q 492 -4.70 71.34 100.53
C PRO Q 492 -4.89 72.83 100.30
N ASP Q 493 -3.85 73.64 100.47
CA ASP Q 493 -3.96 75.08 100.27
C ASP Q 493 -3.95 75.50 98.81
N VAL Q 494 -3.62 74.59 97.90
CA VAL Q 494 -3.61 74.91 96.47
C VAL Q 494 -5.03 75.18 96.00
N PRO Q 495 -5.29 76.27 95.28
CA PRO Q 495 -6.65 76.54 94.80
C PRO Q 495 -7.17 75.44 93.89
N VAL Q 496 -8.46 75.14 94.02
CA VAL Q 496 -9.11 74.09 93.24
C VAL Q 496 -10.35 74.67 92.57
N VAL Q 497 -10.48 74.44 91.27
CA VAL Q 497 -11.65 74.85 90.49
C VAL Q 497 -12.40 73.59 90.09
N THR Q 498 -13.68 73.52 90.43
CA THR Q 498 -14.48 72.33 90.20
C THR Q 498 -15.41 72.53 89.01
N PHE Q 499 -15.51 71.50 88.17
CA PHE Q 499 -16.41 71.51 87.03
C PHE Q 499 -17.22 70.22 87.01
N ALA Q 500 -18.49 70.32 86.63
CA ALA Q 500 -19.35 69.15 86.58
C ALA Q 500 -20.48 69.40 85.59
N MET Q 501 -20.91 68.32 84.93
CA MET Q 501 -22.05 68.41 84.02
C MET Q 501 -23.38 68.30 84.77
N GLU Q 502 -23.44 67.44 85.79
CA GLU Q 502 -24.67 67.18 86.52
C GLU Q 502 -24.70 67.80 87.91
N ASN Q 503 -23.56 67.87 88.58
CA ASN Q 503 -23.48 68.46 89.92
C ASN Q 503 -23.43 69.98 89.79
N THR Q 504 -24.53 70.64 90.15
CA THR Q 504 -24.61 72.09 90.06
C THR Q 504 -23.78 72.81 91.12
N LYS Q 505 -23.25 72.07 92.10
CA LYS Q 505 -22.39 72.67 93.11
C LYS Q 505 -21.01 73.03 92.58
N ALA Q 506 -20.67 72.60 91.37
CA ALA Q 506 -19.37 72.90 90.79
C ALA Q 506 -19.24 74.38 90.46
N ASP Q 507 -18.00 74.87 90.47
CA ASP Q 507 -17.75 76.26 90.09
C ASP Q 507 -18.13 76.52 88.64
N VAL Q 508 -17.79 75.59 87.75
CA VAL Q 508 -18.06 75.70 86.33
C VAL Q 508 -19.01 74.57 85.96
N HIS Q 509 -20.19 74.91 85.46
CA HIS Q 509 -21.17 73.90 85.09
C HIS Q 509 -22.10 74.46 84.04
N PRO Q 510 -22.66 73.61 83.18
CA PRO Q 510 -23.57 74.10 82.14
C PRO Q 510 -24.95 74.40 82.69
N LEU Q 511 -25.59 75.40 82.07
CA LEU Q 511 -26.97 75.74 82.39
C LEU Q 511 -27.94 75.05 81.44
N LYS Q 512 -27.60 75.00 80.16
CA LYS Q 512 -28.39 74.29 79.17
C LYS Q 512 -27.47 73.94 78.01
N PHE Q 513 -27.77 72.83 77.33
CA PHE Q 513 -26.99 72.42 76.17
C PHE Q 513 -27.91 71.79 75.14
N GLU Q 514 -27.48 71.86 73.88
CA GLU Q 514 -28.19 71.24 72.77
C GLU Q 514 -27.20 70.39 71.99
N LEU Q 515 -27.59 69.15 71.69
CA LEU Q 515 -26.76 68.21 70.98
C LEU Q 515 -27.38 67.87 69.64
N SER Q 516 -26.54 67.84 68.60
CA SER Q 516 -26.97 67.48 67.25
C SER Q 516 -25.86 66.67 66.60
N LEU Q 517 -26.11 66.23 65.36
CA LEU Q 517 -25.11 65.45 64.65
C LEU Q 517 -23.90 66.27 64.24
N PHE Q 518 -24.05 67.60 64.13
CA PHE Q 518 -22.99 68.44 63.59
C PHE Q 518 -22.30 69.32 64.62
N GLU Q 519 -22.99 69.72 65.68
CA GLU Q 519 -22.42 70.67 66.63
C GLU Q 519 -23.08 70.51 67.98
N THR Q 520 -22.43 71.06 69.00
CA THR Q 520 -23.01 71.20 70.33
C THR Q 520 -22.98 72.66 70.75
N GLN Q 521 -24.05 73.10 71.40
CA GLN Q 521 -24.15 74.47 71.92
C GLN Q 521 -24.42 74.38 73.41
N VAL Q 522 -23.58 75.04 74.21
CA VAL Q 522 -23.65 74.93 75.67
C VAL Q 522 -23.56 76.32 76.30
N LEU Q 523 -24.41 76.56 77.30
CA LEU Q 523 -24.37 77.75 78.14
C LEU Q 523 -23.79 77.34 79.49
N VAL Q 524 -22.60 77.82 79.80
CA VAL Q 524 -21.85 77.39 80.98
C VAL Q 524 -21.79 78.52 82.00
N ASN Q 525 -22.16 78.21 83.24
CA ASN Q 525 -22.04 79.15 84.34
C ASN Q 525 -20.65 79.01 84.97
N THR Q 526 -19.94 80.13 85.06
CA THR Q 526 -18.59 80.19 85.60
C THR Q 526 -18.55 81.18 86.74
N PRO Q 527 -17.54 81.08 87.62
CA PRO Q 527 -17.45 82.07 88.71
C PRO Q 527 -17.34 83.51 88.22
N GLN Q 528 -16.83 83.73 87.02
CA GLN Q 528 -16.69 85.06 86.46
C GLN Q 528 -17.84 85.46 85.53
N GLY Q 529 -18.86 84.62 85.40
CA GLY Q 529 -20.01 84.92 84.59
C GLY Q 529 -20.47 83.71 83.81
N ILE Q 530 -21.31 83.96 82.81
CA ILE Q 530 -21.80 82.90 81.93
C ILE Q 530 -21.12 83.04 80.57
N LEU Q 531 -21.00 81.92 79.87
CA LEU Q 531 -20.38 81.89 78.55
C LEU Q 531 -21.28 81.13 77.58
N GLU Q 532 -21.23 81.52 76.32
CA GLU Q 532 -21.92 80.83 75.24
C GLU Q 532 -20.89 80.19 74.34
N ILE Q 533 -20.99 78.88 74.14
CA ILE Q 533 -20.02 78.12 73.37
C ILE Q 533 -20.76 77.28 72.34
N SER Q 534 -20.37 77.40 71.08
CA SER Q 534 -20.85 76.54 70.00
C SER Q 534 -19.65 75.78 69.45
N SER Q 535 -19.62 74.47 69.67
CA SER Q 535 -18.46 73.66 69.36
C SER Q 535 -18.79 72.58 68.35
N GLY Q 536 -17.81 72.25 67.51
CA GLY Q 536 -17.94 71.15 66.58
C GLY Q 536 -17.74 69.78 67.19
N LEU Q 537 -17.25 69.73 68.44
CA LEU Q 537 -17.12 68.45 69.13
C LEU Q 537 -18.50 67.86 69.41
N LEU Q 538 -18.56 66.53 69.41
CA LEU Q 538 -19.82 65.82 69.51
C LEU Q 538 -19.89 65.02 70.82
N GLY Q 539 -21.12 64.85 71.30
CA GLY Q 539 -21.35 64.00 72.47
C GLY Q 539 -21.28 64.79 73.76
N ARG Q 540 -21.98 64.26 74.77
CA ARG Q 540 -21.97 64.90 76.09
C ARG Q 540 -20.67 64.67 76.84
N HIS Q 541 -19.90 63.65 76.46
CA HIS Q 541 -18.60 63.46 77.08
C HIS Q 541 -17.64 64.57 76.70
N ASN Q 542 -17.87 65.22 75.56
CA ASN Q 542 -17.05 66.36 75.16
C ASN Q 542 -17.45 67.65 75.85
N ILE Q 543 -18.62 67.69 76.49
CA ILE Q 543 -18.98 68.86 77.29
C ILE Q 543 -18.05 68.95 78.50
N TYR Q 544 -17.74 67.82 79.13
CA TYR Q 544 -16.78 67.80 80.22
C TYR Q 544 -15.44 68.36 79.77
N ASN Q 545 -14.99 67.96 78.58
CA ASN Q 545 -13.71 68.44 78.06
C ASN Q 545 -13.75 69.95 77.84
N ILE Q 546 -14.89 70.47 77.39
CA ILE Q 546 -15.06 71.91 77.26
C ILE Q 546 -15.02 72.57 78.64
N LEU Q 547 -15.75 72.00 79.60
CA LEU Q 547 -15.79 72.56 80.95
C LEU Q 547 -14.41 72.55 81.59
N ALA Q 548 -13.64 71.49 81.38
CA ALA Q 548 -12.30 71.43 81.93
C ALA Q 548 -11.41 72.52 81.35
N ALA Q 549 -11.52 72.76 80.04
CA ALA Q 549 -10.78 73.85 79.43
C ALA Q 549 -11.25 75.21 79.94
N VAL Q 550 -12.56 75.35 80.19
CA VAL Q 550 -13.09 76.58 80.76
C VAL Q 550 -12.57 76.77 82.19
N ALA Q 551 -12.60 75.71 83.00
CA ALA Q 551 -12.14 75.82 84.38
C ALA Q 551 -10.64 76.12 84.44
N VAL Q 552 -9.85 75.50 83.56
CA VAL Q 552 -8.43 75.83 83.50
C VAL Q 552 -8.25 77.28 83.09
N GLY Q 553 -9.03 77.76 82.14
CA GLY Q 553 -9.04 79.18 81.83
C GLY Q 553 -9.50 80.01 83.02
N ILE Q 554 -10.49 79.52 83.76
CA ILE Q 554 -10.92 80.18 84.99
C ILE Q 554 -9.79 80.17 86.01
N ALA Q 555 -9.11 79.02 86.15
CA ALA Q 555 -8.05 78.91 87.14
C ALA Q 555 -6.91 79.87 86.87
N VAL Q 556 -6.55 80.05 85.61
CA VAL Q 556 -5.46 80.95 85.25
C VAL Q 556 -6.00 82.37 85.10
N GLY Q 557 -7.27 82.56 85.43
CA GLY Q 557 -7.86 83.89 85.33
C GLY Q 557 -7.90 84.42 83.90
N ALA Q 558 -8.13 83.53 82.94
CA ALA Q 558 -8.10 83.93 81.52
C ALA Q 558 -9.30 84.81 81.15
N PRO Q 559 -9.19 85.69 80.14
CA PRO Q 559 -10.32 86.50 79.69
C PRO Q 559 -11.45 85.60 79.17
N LEU Q 560 -12.69 85.88 79.59
CA LEU Q 560 -13.85 85.06 79.15
C LEU Q 560 -13.85 84.98 77.62
N GLU Q 561 -13.55 86.09 76.94
CA GLU Q 561 -13.61 86.05 75.48
C GLU Q 561 -12.53 85.14 74.92
N ASP Q 562 -11.39 85.00 75.61
CA ASP Q 562 -10.37 84.06 75.17
C ASP Q 562 -10.82 82.63 75.43
N ILE Q 563 -11.64 82.42 76.46
CA ILE Q 563 -12.16 81.09 76.73
C ILE Q 563 -13.07 80.63 75.59
N VAL Q 564 -13.95 81.52 75.13
CA VAL Q 564 -14.90 81.15 74.09
C VAL Q 564 -14.18 80.96 72.75
N ARG Q 565 -13.28 81.88 72.41
CA ARG Q 565 -12.58 81.79 71.13
C ARG Q 565 -11.70 80.54 71.06
N GLY Q 566 -10.99 80.24 72.15
CA GLY Q 566 -10.12 79.07 72.13
C GLY Q 566 -10.87 77.77 72.02
N VAL Q 567 -11.98 77.63 72.75
CA VAL Q 567 -12.77 76.41 72.69
C VAL Q 567 -13.39 76.23 71.32
N GLU Q 568 -13.99 77.30 70.78
CA GLU Q 568 -14.64 77.20 69.48
C GLU Q 568 -13.66 77.06 68.34
N GLU Q 569 -12.39 77.38 68.55
CA GLU Q 569 -11.39 77.20 67.50
C GLU Q 569 -11.14 75.73 67.22
N VAL Q 570 -11.04 74.92 68.28
CA VAL Q 570 -10.81 73.49 68.10
C VAL Q 570 -12.05 72.85 67.50
N ASP Q 571 -11.86 72.10 66.42
CA ASP Q 571 -12.97 71.50 65.69
C ASP Q 571 -12.89 69.97 65.64
N ALA Q 572 -11.69 69.41 65.48
CA ALA Q 572 -11.56 67.96 65.35
C ALA Q 572 -10.18 67.54 65.87
N VAL Q 573 -10.14 67.05 67.10
CA VAL Q 573 -8.94 66.35 67.58
C VAL Q 573 -8.84 65.01 66.86
N PRO Q 574 -7.70 64.67 66.26
CA PRO Q 574 -7.67 63.55 65.30
C PRO Q 574 -7.92 62.21 65.98
N GLY Q 575 -8.92 61.49 65.47
CA GLY Q 575 -9.23 60.16 65.93
C GLY Q 575 -10.10 60.08 67.17
N ARG Q 576 -10.56 61.21 67.70
CA ARG Q 576 -11.37 61.24 68.92
C ARG Q 576 -12.76 61.74 68.54
N CYS Q 577 -13.62 60.81 68.12
CA CYS Q 577 -14.97 61.13 67.62
C CYS Q 577 -14.90 62.22 66.55
N GLU Q 578 -13.87 62.15 65.71
CA GLU Q 578 -13.58 63.22 64.77
C GLU Q 578 -14.65 63.26 63.69
N LEU Q 579 -15.43 64.34 63.68
CA LEU Q 579 -16.45 64.51 62.66
C LEU Q 579 -15.82 64.84 61.32
N ILE Q 580 -16.19 64.10 60.29
CA ILE Q 580 -15.74 64.35 58.92
C ILE Q 580 -16.87 65.11 58.23
N ASP Q 581 -16.67 66.40 58.00
CA ASP Q 581 -17.70 67.28 57.46
C ASP Q 581 -17.37 67.61 56.01
N GLU Q 582 -18.30 67.32 55.12
CA GLU Q 582 -18.20 67.68 53.72
C GLU Q 582 -19.52 68.23 53.21
N GLU Q 583 -20.28 68.88 54.09
CA GLU Q 583 -21.58 69.47 53.78
C GLU Q 583 -22.55 68.43 53.27
N GLN Q 584 -22.87 67.47 54.14
CA GLN Q 584 -23.79 66.40 53.82
C GLN Q 584 -24.78 66.23 54.97
N ALA Q 585 -25.86 65.49 54.69
CA ALA Q 585 -26.99 65.40 55.60
C ALA Q 585 -26.82 64.36 56.70
N PHE Q 586 -25.70 63.64 56.73
CA PHE Q 586 -25.45 62.66 57.78
C PHE Q 586 -24.06 62.88 58.37
N GLY Q 587 -23.94 62.60 59.66
CA GLY Q 587 -22.66 62.76 60.33
C GLY Q 587 -21.77 61.55 60.12
N VAL Q 588 -20.48 61.82 59.97
CA VAL Q 588 -19.46 60.78 59.83
C VAL Q 588 -18.38 61.05 60.87
N ILE Q 589 -18.17 60.11 61.78
CA ILE Q 589 -17.19 60.25 62.84
C ILE Q 589 -16.21 59.09 62.76
N VAL Q 590 -14.93 59.39 62.96
CA VAL Q 590 -13.86 58.40 62.99
C VAL Q 590 -13.31 58.35 64.41
N ASP Q 591 -13.31 57.17 65.00
CA ASP Q 591 -12.84 57.00 66.37
C ASP Q 591 -11.84 55.86 66.45
N HIS Q 592 -11.03 55.90 67.51
CA HIS Q 592 -9.98 54.92 67.77
C HIS Q 592 -10.45 53.76 68.65
N ALA Q 593 -11.75 53.67 68.94
CA ALA Q 593 -12.26 52.63 69.81
C ALA Q 593 -12.03 51.25 69.20
N ASN Q 594 -11.24 50.42 69.89
CA ASN Q 594 -10.93 49.08 69.42
C ASN Q 594 -11.15 48.03 70.52
N THR Q 595 -11.97 48.33 71.51
CA THR Q 595 -12.22 47.43 72.62
C THR Q 595 -13.71 47.31 72.85
N PRO Q 596 -14.16 46.20 73.45
CA PRO Q 596 -15.61 46.04 73.69
C PRO Q 596 -16.22 47.16 74.52
N ASP Q 597 -15.51 47.64 75.54
CA ASP Q 597 -16.06 48.69 76.38
C ASP Q 597 -15.90 50.08 75.76
N GLY Q 598 -14.85 50.27 74.97
CA GLY Q 598 -14.74 51.51 74.22
C GLY Q 598 -15.81 51.66 73.16
N LEU Q 599 -16.12 50.57 72.45
CA LEU Q 599 -17.16 50.61 71.44
C LEU Q 599 -18.54 50.79 72.07
N SER Q 600 -18.79 50.13 73.20
CA SER Q 600 -20.08 50.27 73.88
C SER Q 600 -20.30 51.71 74.32
N ARG Q 601 -19.27 52.34 74.87
CA ARG Q 601 -19.37 53.73 75.30
C ARG Q 601 -19.53 54.66 74.11
N LEU Q 602 -18.82 54.39 73.01
CA LEU Q 602 -18.91 55.24 71.83
C LEU Q 602 -20.30 55.16 71.20
N LEU Q 603 -20.88 53.97 71.10
CA LEU Q 603 -22.18 53.83 70.46
C LEU Q 603 -23.30 54.36 71.34
N ASP Q 604 -23.10 54.38 72.66
CA ASP Q 604 -24.10 54.98 73.53
C ASP Q 604 -24.05 56.50 73.49
N SER Q 605 -22.86 57.07 73.21
CA SER Q 605 -22.76 58.51 73.02
C SER Q 605 -23.35 58.95 71.69
N VAL Q 606 -23.25 58.10 70.66
CA VAL Q 606 -23.85 58.43 69.37
C VAL Q 606 -25.37 58.35 69.45
N ARG Q 607 -25.89 57.38 70.20
CA ARG Q 607 -27.34 57.19 70.27
C ARG Q 607 -28.03 58.39 70.92
N GLU Q 608 -27.38 59.02 71.91
CA GLU Q 608 -27.98 60.17 72.58
C GLU Q 608 -28.07 61.39 71.67
N LEU Q 609 -27.29 61.44 70.59
CA LEU Q 609 -27.41 62.51 69.60
C LEU Q 609 -28.68 62.41 68.79
N LYS Q 610 -29.42 61.33 68.95
CA LYS Q 610 -30.69 61.04 68.25
C LYS Q 610 -30.53 61.00 66.74
N PRO Q 611 -29.73 60.10 66.19
CA PRO Q 611 -29.78 59.85 64.75
C PRO Q 611 -30.88 58.86 64.39
N ARG Q 612 -31.25 58.87 63.11
CA ARG Q 612 -32.25 57.90 62.65
C ARG Q 612 -31.68 56.50 62.59
N ARG Q 613 -30.44 56.36 62.12
CA ARG Q 613 -29.76 55.08 62.07
C ARG Q 613 -28.31 55.29 62.45
N ILE Q 614 -27.69 54.22 62.95
CA ILE Q 614 -26.26 54.19 63.23
C ILE Q 614 -25.64 53.10 62.37
N ILE Q 615 -24.60 53.45 61.63
CA ILE Q 615 -23.89 52.53 60.77
C ILE Q 615 -22.44 52.46 61.27
N THR Q 616 -22.04 51.29 61.73
CA THR Q 616 -20.73 51.10 62.35
C THR Q 616 -19.84 50.25 61.47
N VAL Q 617 -18.61 50.71 61.26
CA VAL Q 617 -17.58 49.97 60.55
C VAL Q 617 -16.52 49.58 61.55
N ILE Q 618 -16.36 48.28 61.78
CA ILE Q 618 -15.50 47.78 62.85
C ILE Q 618 -14.74 46.55 62.36
N GLY Q 619 -13.54 46.37 62.88
CA GLY Q 619 -12.74 45.19 62.61
C GLY Q 619 -11.87 44.87 63.80
N CYS Q 620 -11.19 43.73 63.73
CA CYS Q 620 -10.35 43.25 64.82
C CYS Q 620 -8.93 43.04 64.31
N ALA Q 621 -7.95 43.31 65.19
CA ALA Q 621 -6.56 43.09 64.84
C ALA Q 621 -6.24 41.60 64.78
N GLY Q 622 -5.25 41.26 63.96
CA GLY Q 622 -4.87 39.87 63.78
C GLY Q 622 -3.71 39.47 64.66
N GLU Q 623 -3.66 38.17 64.97
CA GLU Q 623 -2.64 37.51 65.77
C GLU Q 623 -2.66 37.93 67.23
N ASN Q 624 -3.54 38.86 67.63
CA ASN Q 624 -3.59 39.32 69.01
C ASN Q 624 -5.04 39.67 69.34
N GLU Q 625 -5.33 39.68 70.65
CA GLU Q 625 -6.65 40.03 71.17
C GLU Q 625 -7.74 39.17 70.53
N ARG Q 626 -7.55 37.85 70.63
CA ARG Q 626 -8.50 36.92 70.03
C ARG Q 626 -9.80 36.81 70.82
N GLY Q 627 -9.84 37.33 72.05
CA GLY Q 627 -11.02 37.17 72.88
C GLY Q 627 -12.10 38.19 72.64
N LYS Q 628 -11.76 39.34 72.06
CA LYS Q 628 -12.73 40.41 71.82
C LYS Q 628 -13.45 40.28 70.50
N ARG Q 629 -13.04 39.35 69.63
CA ARG Q 629 -13.63 39.27 68.30
C ARG Q 629 -15.13 38.93 68.33
N PRO Q 630 -15.59 37.90 69.04
CA PRO Q 630 -17.04 37.70 69.13
C PRO Q 630 -17.73 38.74 69.98
N VAL Q 631 -17.02 39.34 70.95
CA VAL Q 631 -17.63 40.29 71.85
C VAL Q 631 -17.98 41.59 71.13
N MET Q 632 -17.06 42.09 70.32
CA MET Q 632 -17.27 43.37 69.64
C MET Q 632 -18.35 43.27 68.58
N THR Q 633 -18.58 42.08 68.03
CA THR Q 633 -19.66 41.92 67.05
C THR Q 633 -21.02 41.90 67.73
N LYS Q 634 -21.11 41.26 68.89
CA LYS Q 634 -22.36 41.26 69.64
C LYS Q 634 -22.73 42.67 70.09
N ILE Q 635 -21.73 43.46 70.50
CA ILE Q 635 -21.98 44.83 70.93
C ILE Q 635 -22.43 45.69 69.75
N ALA Q 636 -21.73 45.57 68.62
CA ALA Q 636 -22.07 46.39 67.46
C ALA Q 636 -23.44 46.05 66.91
N THR Q 637 -23.80 44.77 66.90
CA THR Q 637 -25.10 44.37 66.34
C THR Q 637 -26.26 44.66 67.26
N GLU Q 638 -26.02 44.94 68.54
CA GLU Q 638 -27.09 45.26 69.46
C GLU Q 638 -27.26 46.75 69.70
N LYS Q 639 -26.34 47.58 69.20
CA LYS Q 639 -26.39 49.02 69.37
C LYS Q 639 -26.39 49.79 68.06
N SER Q 640 -26.09 49.14 66.94
CA SER Q 640 -26.03 49.80 65.64
C SER Q 640 -27.09 49.20 64.73
N ASP Q 641 -27.79 50.07 63.99
CA ASP Q 641 -28.82 49.61 63.08
C ASP Q 641 -28.22 48.78 61.95
N VAL Q 642 -27.09 49.20 61.42
CA VAL Q 642 -26.36 48.46 60.39
C VAL Q 642 -24.92 48.31 60.83
N THR Q 643 -24.40 47.09 60.76
CA THR Q 643 -23.01 46.81 61.12
C THR Q 643 -22.28 46.31 59.88
N MET Q 644 -21.09 46.87 59.65
CA MET Q 644 -20.24 46.46 58.54
C MET Q 644 -18.92 45.98 59.13
N LEU Q 645 -18.72 44.67 59.14
CA LEU Q 645 -17.46 44.10 59.60
C LEU Q 645 -16.41 44.21 58.50
N THR Q 646 -15.16 44.38 58.90
CA THR Q 646 -14.08 44.55 57.95
C THR Q 646 -12.76 44.16 58.62
N SER Q 647 -11.66 44.53 58.00
CA SER Q 647 -10.32 44.20 58.47
C SER Q 647 -9.68 45.43 59.09
N ASP Q 648 -9.15 45.27 60.31
CA ASP Q 648 -8.51 46.36 61.03
C ASP Q 648 -6.99 46.32 60.90
N ASN Q 649 -6.37 45.19 61.19
CA ASN Q 649 -4.94 45.00 61.02
C ASN Q 649 -4.66 43.50 60.94
N PRO Q 650 -4.88 42.88 59.77
CA PRO Q 650 -4.75 41.41 59.69
C PRO Q 650 -3.37 40.90 60.07
N GLY Q 651 -2.32 41.63 59.72
CA GLY Q 651 -0.98 41.10 59.91
C GLY Q 651 -0.79 39.86 59.06
N ASN Q 652 -0.32 38.79 59.70
CA ASN Q 652 -0.08 37.53 59.00
C ASN Q 652 -1.28 36.59 59.05
N GLU Q 653 -2.37 36.98 59.71
CA GLU Q 653 -3.57 36.17 59.75
C GLU Q 653 -4.47 36.50 58.56
N ASP Q 654 -5.17 35.49 58.07
CA ASP Q 654 -6.08 35.68 56.94
C ASP Q 654 -7.28 36.51 57.39
N PRO Q 655 -7.64 37.57 56.67
CA PRO Q 655 -8.76 38.42 57.11
C PRO Q 655 -10.08 37.70 57.22
N LEU Q 656 -10.34 36.70 56.39
CA LEU Q 656 -11.60 35.97 56.49
C LEU Q 656 -11.65 35.06 57.71
N ASP Q 657 -10.50 34.70 58.27
CA ASP Q 657 -10.48 33.91 59.50
C ASP Q 657 -10.85 34.75 60.71
N ILE Q 658 -10.37 35.99 60.77
CA ILE Q 658 -10.76 36.90 61.83
C ILE Q 658 -12.24 37.20 61.75
N LEU Q 659 -12.75 37.45 60.53
CA LEU Q 659 -14.16 37.75 60.35
C LEU Q 659 -15.03 36.56 60.72
N ASP Q 660 -14.52 35.34 60.55
CA ASP Q 660 -15.24 34.17 61.03
C ASP Q 660 -15.33 34.15 62.55
N ASP Q 661 -14.25 34.55 63.23
CA ASP Q 661 -14.27 34.64 64.69
C ASP Q 661 -15.25 35.70 65.15
N MET Q 662 -15.29 36.85 64.47
CA MET Q 662 -16.25 37.89 64.81
C MET Q 662 -17.67 37.41 64.58
N LEU Q 663 -17.92 36.71 63.46
CA LEU Q 663 -19.27 36.26 63.14
C LEU Q 663 -19.80 35.28 64.17
N SER Q 664 -18.91 34.53 64.83
CA SER Q 664 -19.34 33.54 65.80
C SER Q 664 -20.02 34.15 67.01
N GLY Q 665 -19.82 35.45 67.27
CA GLY Q 665 -20.44 36.10 68.41
C GLY Q 665 -21.92 36.33 68.27
N ILE Q 666 -22.47 36.19 67.07
CA ILE Q 666 -23.90 36.30 66.83
C ILE Q 666 -24.49 35.01 66.27
N GLY Q 667 -23.69 33.96 66.18
CA GLY Q 667 -24.17 32.67 65.71
C GLY Q 667 -24.07 32.43 64.23
N TRP Q 668 -23.24 33.19 63.52
CA TRP Q 668 -23.08 33.03 62.09
C TRP Q 668 -21.72 32.43 61.77
N THR Q 669 -21.54 32.07 60.50
CA THR Q 669 -20.27 31.61 59.98
C THR Q 669 -20.04 32.25 58.62
N MET Q 670 -18.77 32.28 58.20
CA MET Q 670 -18.45 32.85 56.90
C MET Q 670 -19.15 32.09 55.78
N GLN Q 671 -19.23 30.78 55.91
CA GLN Q 671 -19.88 29.97 54.88
C GLN Q 671 -21.35 30.33 54.74
N GLU Q 672 -22.06 30.51 55.86
CA GLU Q 672 -23.46 30.90 55.81
C GLU Q 672 -23.63 32.30 55.20
N TYR Q 673 -22.75 33.23 55.57
CA TYR Q 673 -22.83 34.57 54.98
C TYR Q 673 -22.59 34.53 53.48
N LEU Q 674 -21.61 33.73 53.04
CA LEU Q 674 -21.34 33.63 51.61
C LEU Q 674 -22.47 32.93 50.87
N LYS Q 675 -23.17 32.01 51.52
CA LYS Q 675 -24.34 31.39 50.89
C LYS Q 675 -25.43 32.42 50.65
N HIS Q 676 -25.64 33.31 51.62
CA HIS Q 676 -26.62 34.37 51.45
C HIS Q 676 -26.24 35.31 50.31
N GLY Q 677 -24.93 35.48 50.06
CA GLY Q 677 -24.49 36.29 48.94
C GLY Q 677 -24.85 35.68 47.61
N GLU Q 678 -24.81 34.35 47.51
CA GLU Q 678 -25.18 33.68 46.28
C GLU Q 678 -26.64 33.92 45.94
N HIS Q 679 -27.51 33.89 46.95
CA HIS Q 679 -28.93 34.21 46.76
C HIS Q 679 -29.20 35.70 46.77
N ASP Q 680 -28.15 36.52 46.61
CA ASP Q 680 -28.19 37.99 46.57
C ASP Q 680 -29.14 38.58 47.60
N TYR Q 681 -29.14 38.04 48.81
CA TYR Q 681 -29.99 38.56 49.87
C TYR Q 681 -29.41 38.19 51.22
N TYR Q 682 -29.10 39.18 52.04
CA TYR Q 682 -28.62 38.96 53.39
C TYR Q 682 -29.75 39.25 54.37
N PRO Q 683 -30.24 38.27 55.10
CA PRO Q 683 -31.36 38.51 56.02
C PRO Q 683 -30.93 39.34 57.21
N PRO Q 684 -31.86 40.01 57.87
CA PRO Q 684 -31.52 40.74 59.10
C PRO Q 684 -31.33 39.77 60.26
N LEU Q 685 -30.92 40.35 61.39
CA LEU Q 685 -30.71 39.58 62.61
C LEU Q 685 -32.03 39.43 63.36
N SER Q 686 -31.96 38.79 64.54
CA SER Q 686 -33.16 38.57 65.34
C SER Q 686 -33.76 39.88 65.84
N ASN Q 687 -32.92 40.89 66.09
CA ASN Q 687 -33.39 42.17 66.58
C ASN Q 687 -33.81 43.13 65.47
N GLY Q 688 -33.73 42.69 64.21
CA GLY Q 688 -34.10 43.53 63.08
C GLY Q 688 -32.97 44.34 62.49
N HIS Q 689 -31.77 44.28 63.06
CA HIS Q 689 -30.63 45.00 62.53
C HIS Q 689 -30.04 44.26 61.34
N ARG Q 690 -29.17 44.95 60.60
CA ARG Q 690 -28.52 44.40 59.43
C ARG Q 690 -27.03 44.24 59.70
N LEU Q 691 -26.46 43.14 59.20
CA LEU Q 691 -25.02 42.94 59.25
C LEU Q 691 -24.52 42.66 57.84
N PHE Q 692 -23.48 43.37 57.44
CA PHE Q 692 -22.82 43.18 56.17
C PHE Q 692 -21.33 42.95 56.43
N LEU Q 693 -20.60 42.62 55.38
CA LEU Q 693 -19.24 42.15 55.56
C LEU Q 693 -18.42 42.40 54.31
N HIS Q 694 -17.16 42.79 54.50
CA HIS Q 694 -16.19 42.85 53.41
C HIS Q 694 -14.81 42.95 54.00
N ASP Q 695 -13.88 42.14 53.48
CA ASP Q 695 -12.55 42.05 54.06
C ASP Q 695 -11.62 43.17 53.62
N VAL Q 696 -11.99 43.97 52.63
CA VAL Q 696 -11.19 45.11 52.21
C VAL Q 696 -11.69 46.33 52.96
N ARG Q 697 -10.81 46.94 53.77
CA ARG Q 697 -11.23 48.06 54.60
C ARG Q 697 -11.65 49.26 53.75
N ARG Q 698 -10.92 49.53 52.66
CA ARG Q 698 -11.26 50.66 51.81
C ARG Q 698 -12.66 50.50 51.22
N VAL Q 699 -13.02 49.28 50.83
CA VAL Q 699 -14.35 49.02 50.29
C VAL Q 699 -15.40 49.18 51.38
N ALA Q 700 -15.14 48.61 52.56
CA ALA Q 700 -16.14 48.60 53.62
C ALA Q 700 -16.41 49.99 54.17
N VAL Q 701 -15.37 50.83 54.27
CA VAL Q 701 -15.54 52.18 54.79
C VAL Q 701 -16.37 53.01 53.82
N ARG Q 702 -16.02 52.99 52.54
CA ARG Q 702 -16.71 53.82 51.57
C ARG Q 702 -18.12 53.32 51.29
N CYS Q 703 -18.33 52.00 51.33
CA CYS Q 703 -19.68 51.47 51.13
C CYS Q 703 -20.61 51.84 52.28
N ALA Q 704 -20.06 52.02 53.48
CA ALA Q 704 -20.88 52.43 54.62
C ALA Q 704 -21.26 53.91 54.53
N VAL Q 705 -20.37 54.74 54.00
CA VAL Q 705 -20.71 56.14 53.77
C VAL Q 705 -21.81 56.24 52.71
N ALA Q 706 -21.76 55.37 51.70
CA ALA Q 706 -22.77 55.35 50.66
C ALA Q 706 -24.12 54.84 51.16
N MET Q 707 -24.15 54.16 52.30
CA MET Q 707 -25.41 53.75 52.90
C MET Q 707 -26.06 54.85 53.72
N GLY Q 708 -25.34 55.96 53.97
CA GLY Q 708 -25.88 57.00 54.80
C GLY Q 708 -27.06 57.71 54.15
N GLU Q 709 -28.00 58.13 55.00
CA GLU Q 709 -29.18 58.85 54.56
C GLU Q 709 -29.27 60.18 55.30
N GLU Q 710 -30.40 60.87 55.19
CA GLU Q 710 -30.57 62.12 55.91
C GLU Q 710 -30.74 61.85 57.40
N GLY Q 711 -29.91 62.51 58.22
CA GLY Q 711 -30.03 62.38 59.66
C GLY Q 711 -29.48 61.10 60.24
N ASP Q 712 -28.52 60.47 59.57
CA ASP Q 712 -27.89 59.26 60.07
C ASP Q 712 -26.53 59.59 60.68
N MET Q 713 -25.87 58.58 61.24
CA MET Q 713 -24.49 58.71 61.69
C MET Q 713 -23.73 57.47 61.27
N VAL Q 714 -22.57 57.68 60.65
CA VAL Q 714 -21.69 56.61 60.22
C VAL Q 714 -20.45 56.65 61.11
N VAL Q 715 -20.23 55.57 61.87
CA VAL Q 715 -19.14 55.49 62.83
C VAL Q 715 -18.08 54.55 62.29
N VAL Q 716 -16.90 55.09 62.03
CA VAL Q 716 -15.77 54.30 61.54
C VAL Q 716 -14.82 54.15 62.73
N ALA Q 717 -14.97 53.05 63.45
CA ALA Q 717 -14.20 52.81 64.65
C ALA Q 717 -12.94 52.01 64.33
N GLY Q 718 -12.15 51.72 65.37
CA GLY Q 718 -10.97 50.89 65.23
C GLY Q 718 -9.64 51.61 65.09
N LYS Q 719 -9.45 52.38 64.02
CA LYS Q 719 -8.13 52.95 63.76
C LYS Q 719 -7.97 54.35 64.36
N GLY Q 720 -8.94 55.22 64.14
CA GLY Q 720 -8.83 56.58 64.63
C GLY Q 720 -7.87 57.42 63.81
N HIS Q 721 -6.79 57.87 64.43
CA HIS Q 721 -5.80 58.72 63.78
C HIS Q 721 -4.64 57.94 63.18
N GLU Q 722 -4.61 56.62 63.36
CA GLU Q 722 -3.52 55.82 62.81
C GLU Q 722 -3.56 55.84 61.28
N SER Q 723 -2.39 55.86 60.67
CA SER Q 723 -2.24 56.00 59.23
C SER Q 723 -1.50 54.82 58.63
N TYR Q 724 -1.84 53.61 59.06
CA TYR Q 724 -1.23 52.41 58.48
C TYR Q 724 -2.21 51.25 58.59
N GLN Q 725 -2.18 50.39 57.57
CA GLN Q 725 -2.94 49.14 57.54
C GLN Q 725 -1.93 48.01 57.36
N LEU Q 726 -1.68 47.27 58.43
CA LEU Q 726 -0.65 46.24 58.42
C LEU Q 726 -1.18 44.99 57.73
N GLU Q 727 -0.62 44.67 56.57
CA GLU Q 727 -0.95 43.45 55.83
C GLU Q 727 0.34 42.64 55.67
N GLY Q 728 0.34 41.42 56.20
CA GLY Q 728 1.57 40.65 56.24
C GLY Q 728 2.56 41.27 57.20
N ASP Q 729 3.62 41.87 56.65
CA ASP Q 729 4.60 42.59 57.46
C ASP Q 729 4.74 44.06 57.08
N LYS Q 730 4.36 44.45 55.86
CA LYS Q 730 4.49 45.83 55.42
C LYS Q 730 3.34 46.67 55.95
N LYS Q 731 3.68 47.87 56.44
CA LYS Q 731 2.69 48.79 56.99
C LYS Q 731 2.26 49.75 55.88
N GLU Q 732 1.35 49.28 55.04
CA GLU Q 732 0.83 50.10 53.95
C GLU Q 732 0.16 51.35 54.50
N PHE Q 733 0.41 52.49 53.84
CA PHE Q 733 -0.20 53.73 54.27
C PHE Q 733 -1.71 53.68 54.02
N TYR Q 734 -2.47 54.01 55.05
CA TYR Q 734 -3.93 54.01 54.95
C TYR Q 734 -4.49 54.93 56.03
N ASP Q 735 -5.23 55.95 55.61
CA ASP Q 735 -5.88 56.87 56.52
C ASP Q 735 -7.39 56.70 56.41
N ASP Q 736 -8.04 56.46 57.55
CA ASP Q 736 -9.50 56.33 57.56
C ASP Q 736 -10.17 57.67 57.24
N ARG Q 737 -9.58 58.78 57.69
CA ARG Q 737 -10.17 60.08 57.44
C ARG Q 737 -10.20 60.41 55.95
N GLU Q 738 -9.14 60.05 55.23
CA GLU Q 738 -9.10 60.30 53.79
C GLU Q 738 -10.16 59.50 53.05
N GLU Q 739 -10.35 58.23 53.43
CA GLU Q 739 -11.33 57.39 52.75
C GLU Q 739 -12.74 57.94 52.93
N CYS Q 740 -13.08 58.36 54.16
CA CYS Q 740 -14.39 58.97 54.38
C CYS Q 740 -14.51 60.31 53.66
N ARG Q 741 -13.43 61.10 53.66
CA ARG Q 741 -13.45 62.39 52.96
C ARG Q 741 -13.64 62.20 51.47
N GLU Q 742 -12.92 61.25 50.87
CA GLU Q 742 -13.00 61.05 49.43
C GLU Q 742 -14.30 60.36 49.02
N ALA Q 743 -14.85 59.50 49.87
CA ALA Q 743 -16.11 58.85 49.55
C ALA Q 743 -17.27 59.85 49.55
N LEU Q 744 -17.22 60.85 50.44
CA LEU Q 744 -18.27 61.85 50.48
C LEU Q 744 -18.29 62.72 49.22
N GLN Q 745 -17.11 62.98 48.65
CA GLN Q 745 -17.05 63.79 47.44
C GLN Q 745 -17.73 63.10 46.26
N TYR Q 746 -17.49 61.79 46.10
CA TYR Q 746 -17.93 61.07 44.91
C TYR Q 746 -19.19 60.24 45.13
N VAL Q 747 -19.87 60.41 46.28
CA VAL Q 747 -21.11 59.67 46.49
C VAL Q 747 -22.24 60.24 45.65
N ASP Q 748 -22.14 61.50 45.23
CA ASP Q 748 -23.20 62.11 44.43
C ASP Q 748 -23.28 61.48 43.05
N GLU Q 749 -22.14 61.36 42.37
CA GLU Q 749 -22.13 60.81 41.01
C GLU Q 749 -22.53 59.34 40.98
N LEU Q 750 -22.32 58.62 42.08
CA LEU Q 750 -22.74 57.23 42.14
C LEU Q 750 -24.26 57.12 42.19
N HIS Q 751 -24.92 58.04 42.90
CA HIS Q 751 -26.37 57.96 43.07
C HIS Q 751 -27.12 58.38 41.82
N GLN Q 752 -26.61 59.38 41.10
CA GLN Q 752 -27.24 59.79 39.86
C GLN Q 752 -26.98 58.82 38.72
N ALA Q 753 -25.99 57.93 38.86
CA ALA Q 753 -25.73 56.89 37.88
C ALA Q 753 -26.69 55.72 37.99
N GLY Q 754 -27.71 55.83 38.83
CA GLY Q 754 -28.73 54.81 38.97
C GLY Q 754 -28.45 53.71 39.96
N ILE Q 755 -27.29 53.74 40.62
CA ILE Q 755 -26.92 52.69 41.55
C ILE Q 755 -27.66 52.89 42.87
N ASP Q 756 -28.30 51.82 43.34
CA ASP Q 756 -29.01 51.82 44.61
C ASP Q 756 -28.09 51.21 45.66
N THR Q 757 -27.51 52.07 46.51
CA THR Q 757 -26.56 51.65 47.53
C THR Q 757 -27.17 51.65 48.93
N SER Q 758 -28.47 51.39 49.03
CA SER Q 758 -29.13 51.38 50.33
C SER Q 758 -28.66 50.25 51.21
N GLU Q 759 -28.14 49.18 50.64
CA GLU Q 759 -27.72 48.00 51.40
C GLU Q 759 -26.84 47.14 50.50
N PHE Q 760 -26.50 45.96 50.99
CA PHE Q 760 -25.75 44.95 50.25
C PHE Q 760 -26.70 43.88 49.74
N PRO Q 761 -26.61 43.48 48.47
CA PRO Q 761 -25.73 44.00 47.41
C PRO Q 761 -26.30 45.24 46.72
N TRP Q 762 -25.45 46.04 46.09
CA TRP Q 762 -25.93 47.20 45.34
C TRP Q 762 -26.75 46.75 44.14
N ARG Q 763 -27.77 47.55 43.82
CA ARG Q 763 -28.62 47.28 42.65
C ARG Q 763 -28.21 48.25 41.54
N LEU Q 764 -27.47 47.74 40.56
CA LEU Q 764 -27.15 48.53 39.39
C LEU Q 764 -28.38 48.62 38.50
N PRO Q 765 -28.46 49.67 37.66
CA PRO Q 765 -29.58 49.74 36.70
C PRO Q 765 -29.63 48.57 35.76
N GLU Q 766 -28.48 48.01 35.41
CA GLU Q 766 -28.37 46.87 34.48
C GLU Q 766 -28.34 45.54 35.20
N SER Q 767 -28.92 45.45 36.40
CA SER Q 767 -29.00 44.21 37.16
C SER Q 767 -30.42 44.01 37.65
N HIS Q 768 -30.91 42.78 37.51
CA HIS Q 768 -32.24 42.44 37.99
C HIS Q 768 -32.24 41.03 38.56
N GLY R 35 6.62 -76.29 39.61
CA GLY R 35 7.36 -75.14 39.12
C GLY R 35 8.85 -75.36 39.11
N ILE R 36 9.44 -75.50 40.28
CA ILE R 36 10.88 -75.74 40.39
C ILE R 36 11.15 -77.23 40.18
N GLN R 37 12.04 -77.53 39.24
CA GLN R 37 12.37 -78.90 38.89
C GLN R 37 13.88 -79.01 38.76
N ARG R 38 14.47 -79.98 39.45
CA ARG R 38 15.88 -80.34 39.31
C ARG R 38 15.97 -81.83 39.01
N ASP R 39 16.78 -82.19 38.00
CA ASP R 39 16.92 -83.57 37.57
C ASP R 39 18.34 -84.06 37.85
N ASP R 40 18.45 -85.15 38.62
CA ASP R 40 19.70 -85.88 38.84
C ASP R 40 20.83 -85.04 39.40
N ASN R 41 21.39 -84.14 38.58
CA ASN R 41 22.64 -83.45 38.88
C ASN R 41 22.43 -82.08 39.53
N GLY R 42 21.21 -81.76 39.94
CA GLY R 42 20.95 -80.52 40.64
C GLY R 42 20.73 -79.32 39.76
N ARG R 43 21.01 -79.41 38.45
CA ARG R 43 20.69 -78.32 37.55
C ARG R 43 19.17 -78.16 37.46
N ARG R 44 18.69 -76.95 37.72
CA ARG R 44 17.28 -76.68 37.55
C ARG R 44 16.91 -76.71 36.08
N ILE R 45 15.79 -77.34 35.76
CA ILE R 45 15.27 -77.39 34.40
C ILE R 45 13.96 -76.62 34.36
N TRP R 46 13.76 -75.88 33.28
CA TRP R 46 12.65 -74.93 33.23
C TRP R 46 12.17 -74.80 31.80
N ARG R 47 10.92 -74.34 31.67
CA ARG R 47 10.25 -74.22 30.38
C ARG R 47 10.59 -72.85 29.79
N ARG R 48 11.34 -72.84 28.69
CA ARG R 48 11.63 -71.61 28.00
C ARG R 48 10.39 -71.11 27.28
N ARG R 49 10.06 -69.84 27.47
CA ARG R 49 8.86 -69.27 26.86
C ARG R 49 9.15 -68.85 25.43
N THR R 50 8.24 -69.21 24.52
CA THR R 50 8.42 -68.97 23.10
C THR R 50 7.13 -68.43 22.51
N LEU R 51 7.24 -67.95 21.26
CA LEU R 51 6.09 -67.30 20.63
C LEU R 51 4.93 -68.27 20.44
N THR R 52 5.23 -69.53 20.09
CA THR R 52 4.25 -70.61 19.92
C THR R 52 2.96 -70.11 19.26
N LYS R 53 3.12 -69.24 18.26
CA LYS R 53 2.02 -68.52 17.63
C LYS R 53 2.61 -67.72 16.48
N LYS R 54 1.77 -67.40 15.51
CA LYS R 54 2.23 -66.79 14.27
C LYS R 54 1.98 -65.28 14.30
N ASP R 55 3.04 -64.52 14.09
CA ASP R 55 2.95 -63.07 13.92
C ASP R 55 3.34 -62.75 12.49
N ASP R 56 2.35 -62.36 11.68
CA ASP R 56 2.62 -62.02 10.30
C ASP R 56 3.39 -60.70 10.15
N MET R 57 3.46 -59.90 11.21
CA MET R 57 4.25 -58.68 11.19
C MET R 57 5.74 -58.93 11.27
N LEU R 58 6.18 -60.15 11.59
CA LEU R 58 7.60 -60.41 11.72
C LEU R 58 8.27 -60.52 10.35
N ARG R 59 7.60 -61.11 9.37
CA ARG R 59 8.21 -61.34 8.07
C ARG R 59 8.42 -60.03 7.31
N TYR R 60 7.39 -59.19 7.25
CA TYR R 60 7.35 -58.06 6.33
C TYR R 60 7.84 -56.76 6.94
N LYS R 61 8.37 -56.80 8.17
CA LYS R 61 8.77 -55.57 8.84
C LYS R 61 10.23 -55.54 9.25
N LEU R 62 10.89 -56.67 9.41
CA LEU R 62 12.32 -56.70 9.77
C LEU R 62 13.16 -56.90 8.51
N GLN R 63 13.08 -55.89 7.64
CA GLN R 63 13.79 -55.92 6.37
C GLN R 63 14.47 -54.57 6.20
N ARG R 64 15.01 -54.30 5.01
CA ARG R 64 15.76 -53.08 4.80
C ARG R 64 15.85 -52.76 3.33
N VAL R 65 15.81 -51.46 3.01
CA VAL R 65 16.07 -50.96 1.67
C VAL R 65 17.58 -50.79 1.50
N PRO R 66 18.14 -51.10 0.33
CA PRO R 66 19.60 -51.06 0.18
C PRO R 66 20.19 -49.82 -0.46
N PHE R 67 19.38 -48.91 -1.02
CA PHE R 67 19.97 -47.88 -1.86
C PHE R 67 19.75 -46.46 -1.34
N VAL R 68 19.96 -46.22 -0.05
CA VAL R 68 19.72 -44.91 0.52
C VAL R 68 21.00 -44.25 1.00
N GLU R 69 22.16 -44.72 0.53
CA GLU R 69 23.42 -44.16 1.00
C GLU R 69 23.55 -42.69 0.63
N GLU R 70 23.21 -42.33 -0.60
CA GLU R 70 23.30 -40.94 -1.02
C GLU R 70 22.33 -40.08 -0.21
N GLN R 71 21.11 -40.57 -0.01
CA GLN R 71 20.12 -39.81 0.73
C GLN R 71 20.53 -39.60 2.18
N VAL R 72 21.07 -40.65 2.82
CA VAL R 72 21.51 -40.53 4.22
C VAL R 72 22.61 -39.48 4.33
N ARG R 73 23.56 -39.50 3.39
CA ARG R 73 24.67 -38.56 3.46
C ARG R 73 24.23 -37.12 3.25
N LYS R 74 23.22 -36.89 2.40
CA LYS R 74 22.70 -35.53 2.25
C LYS R 74 21.91 -35.08 3.47
N ILE R 75 21.20 -36.01 4.13
CA ILE R 75 20.43 -35.63 5.31
C ILE R 75 21.36 -35.07 6.38
N LYS R 76 22.51 -35.70 6.58
CA LYS R 76 23.49 -35.17 7.53
C LYS R 76 24.11 -33.87 7.03
N GLU R 77 24.33 -33.76 5.72
CA GLU R 77 24.96 -32.56 5.17
C GLU R 77 24.08 -31.33 5.37
N VAL R 78 22.77 -31.47 5.19
CA VAL R 78 21.88 -30.32 5.28
C VAL R 78 21.43 -30.01 6.70
N GLY R 79 21.77 -30.85 7.67
CA GLY R 79 21.40 -30.61 9.05
C GLY R 79 20.03 -31.11 9.44
N LYS R 80 19.48 -32.08 8.71
CA LYS R 80 18.16 -32.60 9.04
C LYS R 80 18.17 -33.46 10.29
N VAL R 81 19.33 -33.97 10.70
CA VAL R 81 19.39 -34.83 11.88
C VAL R 81 18.99 -34.05 13.13
N MET R 82 19.52 -32.83 13.27
CA MET R 82 19.16 -32.01 14.42
C MET R 82 17.68 -31.65 14.42
N THR R 83 17.08 -31.54 13.23
CA THR R 83 15.65 -31.30 13.14
C THR R 83 14.85 -32.39 13.82
N MET R 84 15.24 -33.65 13.60
CA MET R 84 14.59 -34.77 14.28
C MET R 84 14.90 -34.78 15.77
N ASP R 85 16.12 -34.37 16.14
CA ASP R 85 16.49 -34.30 17.55
C ASP R 85 15.67 -33.25 18.28
N ILE R 86 15.45 -32.09 17.64
CA ILE R 86 14.63 -31.05 18.26
C ILE R 86 13.22 -31.56 18.50
N GLU R 87 12.65 -32.26 17.52
CA GLU R 87 11.32 -32.84 17.70
C GLU R 87 11.34 -33.90 18.79
N ARG R 88 12.44 -34.66 18.90
CA ARG R 88 12.58 -35.65 19.96
C ARG R 88 12.59 -34.98 21.33
N LEU R 89 13.33 -33.88 21.48
CA LEU R 89 13.39 -33.20 22.76
C LEU R 89 12.05 -32.57 23.13
N LEU R 90 11.31 -32.09 22.13
CA LEU R 90 10.03 -31.44 22.40
C LEU R 90 8.94 -32.43 22.80
N LEU R 91 9.13 -33.72 22.53
CA LEU R 91 8.19 -34.72 23.01
C LEU R 91 8.27 -34.91 24.51
N SER R 92 9.38 -34.55 25.13
CA SER R 92 9.55 -34.63 26.58
C SER R 92 9.24 -33.32 27.28
N GLU R 93 8.78 -32.30 26.54
CA GLU R 93 8.52 -30.99 27.09
C GLU R 93 7.02 -30.69 27.08
N ASP R 94 6.54 -30.14 28.19
CA ASP R 94 5.14 -29.76 28.29
C ASP R 94 4.83 -28.47 27.54
N ASN R 95 5.78 -27.54 27.52
CA ASN R 95 5.58 -26.22 26.90
C ASN R 95 6.79 -25.89 26.05
N ARG R 96 6.56 -25.64 24.76
CA ARG R 96 7.70 -25.40 23.87
C ARG R 96 8.34 -24.03 24.10
N PHE R 97 7.61 -23.09 24.71
CA PHE R 97 8.20 -21.78 24.98
C PHE R 97 9.16 -21.82 26.16
N GLU R 98 8.89 -22.65 27.17
CA GLU R 98 9.85 -22.80 28.25
C GLU R 98 11.05 -23.63 27.81
N PHE R 99 10.86 -24.52 26.84
CA PHE R 99 12.00 -25.23 26.26
C PHE R 99 12.95 -24.26 25.57
N VAL R 100 12.40 -23.31 24.81
CA VAL R 100 13.23 -22.34 24.11
C VAL R 100 13.99 -21.48 25.11
N ASN R 101 13.32 -21.02 26.17
CA ASN R 101 13.98 -20.20 27.17
C ASN R 101 15.08 -20.97 27.90
N SER R 102 14.82 -22.23 28.25
CA SER R 102 15.82 -23.02 28.95
C SER R 102 17.06 -23.26 28.09
N VAL R 103 16.87 -23.52 26.79
CA VAL R 103 18.01 -23.72 25.90
C VAL R 103 18.85 -22.46 25.81
N ALA R 104 18.19 -21.30 25.68
CA ALA R 104 18.93 -20.04 25.61
C ALA R 104 19.64 -19.76 26.93
N ALA R 105 19.01 -20.08 28.05
CA ALA R 105 19.68 -19.90 29.35
C ALA R 105 20.92 -20.78 29.46
N GLU R 106 20.81 -22.04 29.02
CA GLU R 106 21.98 -22.92 29.04
C GLU R 106 23.05 -22.44 28.07
N ALA R 107 22.65 -21.89 26.93
CA ALA R 107 23.61 -21.41 25.94
C ALA R 107 24.36 -20.19 26.47
N THR R 108 23.66 -19.30 27.17
CA THR R 108 24.33 -18.14 27.76
C THR R 108 25.41 -18.57 28.74
N GLU R 109 25.15 -19.62 29.51
CA GLU R 109 26.13 -20.11 30.48
C GLU R 109 27.37 -20.66 29.77
N TYR R 110 27.20 -21.32 28.63
CA TYR R 110 28.35 -21.85 27.90
C TYR R 110 29.28 -20.73 27.47
N VAL R 111 28.73 -19.63 26.96
CA VAL R 111 29.55 -18.55 26.40
C VAL R 111 30.33 -17.85 27.50
N GLU R 112 29.70 -17.62 28.66
CA GLU R 112 30.43 -17.01 29.77
C GLU R 112 31.54 -17.92 30.26
N LYS R 113 31.28 -19.23 30.30
CA LYS R 113 32.28 -20.17 30.79
C LYS R 113 33.48 -20.25 29.85
N ASN R 114 33.23 -20.43 28.55
CA ASN R 114 34.29 -20.53 27.55
C ASN R 114 33.90 -19.64 26.36
N ARG R 115 34.40 -18.42 26.35
CA ARG R 115 33.97 -17.43 25.35
C ARG R 115 34.55 -17.75 23.98
N ASP R 116 35.84 -18.08 23.92
CA ASP R 116 36.55 -18.14 22.64
C ASP R 116 36.19 -19.36 21.81
N GLU R 117 35.59 -20.39 22.41
CA GLU R 117 35.32 -21.61 21.66
C GLU R 117 34.06 -21.55 20.82
N TYR R 118 33.29 -20.48 20.89
CA TYR R 118 32.00 -20.40 20.22
C TYR R 118 31.95 -19.24 19.24
N GLY R 119 31.10 -19.37 18.23
CA GLY R 119 30.90 -18.36 17.22
C GLY R 119 31.38 -18.76 15.84
N GLY R 120 32.21 -19.80 15.75
CA GLY R 120 32.69 -20.25 14.45
C GLY R 120 32.13 -21.61 14.05
N THR R 121 32.98 -22.65 14.13
CA THR R 121 32.52 -23.99 13.79
C THR R 121 31.64 -24.57 14.89
N LYS R 122 31.82 -24.13 16.13
CA LYS R 122 31.02 -24.58 17.26
C LYS R 122 30.09 -23.44 17.67
N LYS R 123 28.78 -23.67 17.53
CA LYS R 123 27.78 -22.71 17.95
C LYS R 123 27.15 -23.16 19.26
N ALA R 124 27.01 -22.22 20.19
CA ALA R 124 26.59 -22.58 21.55
C ALA R 124 25.22 -23.23 21.58
N ILE R 125 24.28 -22.71 20.78
CA ILE R 125 22.94 -23.29 20.75
C ILE R 125 22.98 -24.71 20.19
N PHE R 126 23.83 -24.95 19.20
CA PHE R 126 23.98 -26.30 18.67
C PHE R 126 24.64 -27.21 19.69
N HIS R 127 25.56 -26.68 20.49
CA HIS R 127 26.17 -27.47 21.55
C HIS R 127 25.15 -27.88 22.61
N VAL R 128 24.24 -26.97 22.97
CA VAL R 128 23.23 -27.28 23.97
C VAL R 128 22.34 -28.41 23.49
N LEU R 129 21.90 -28.34 22.23
CA LEU R 129 20.98 -29.35 21.71
C LEU R 129 21.64 -30.72 21.63
N SER R 130 22.89 -30.79 21.19
CA SER R 130 23.57 -32.08 21.12
C SER R 130 23.85 -32.62 22.51
N ASN R 131 24.15 -31.75 23.47
CA ASN R 131 24.33 -32.19 24.85
C ASN R 131 23.05 -32.79 25.41
N ARG R 132 21.91 -32.18 25.09
CA ARG R 132 20.65 -32.66 25.63
C ARG R 132 20.21 -33.98 24.99
N VAL R 133 20.62 -34.22 23.74
CA VAL R 133 20.37 -35.53 23.14
C VAL R 133 21.28 -36.58 23.77
N ASN R 134 22.54 -36.23 24.02
CA ASN R 134 23.45 -37.16 24.67
C ASN R 134 23.02 -37.45 26.11
N ASP R 135 22.36 -36.50 26.78
CA ASP R 135 21.90 -36.75 28.13
C ASP R 135 20.81 -37.81 28.18
N LEU R 136 20.04 -37.95 27.10
CA LEU R 136 19.05 -39.02 27.01
C LEU R 136 19.69 -40.39 26.83
N GLY R 137 21.00 -40.45 26.59
CA GLY R 137 21.71 -41.68 26.37
C GLY R 137 22.03 -41.97 24.92
N PHE R 138 21.54 -41.15 24.00
CA PHE R 138 21.87 -41.30 22.59
C PHE R 138 23.17 -40.57 22.29
N ASP R 139 23.70 -40.82 21.10
CA ASP R 139 25.04 -40.35 20.75
C ASP R 139 24.98 -39.47 19.51
N ARG R 140 25.50 -38.25 19.63
CA ARG R 140 25.56 -37.28 18.55
C ARG R 140 26.93 -36.60 18.58
N PRO R 141 27.42 -36.15 17.43
CA PRO R 141 28.64 -35.35 17.43
C PRO R 141 28.43 -34.02 18.13
N GLU R 142 29.54 -33.46 18.65
CA GLU R 142 29.47 -32.25 19.44
C GLU R 142 29.05 -31.07 18.57
N ALA R 143 27.93 -30.43 18.94
CA ALA R 143 27.39 -29.26 18.27
C ALA R 143 27.06 -29.51 16.80
N TYR R 144 26.88 -30.78 16.41
CA TYR R 144 26.53 -31.16 15.05
C TYR R 144 27.53 -30.65 14.02
N ALA R 145 28.76 -30.41 14.43
CA ALA R 145 29.77 -29.84 13.56
C ALA R 145 30.42 -30.92 12.70
N GLU R 146 30.40 -30.71 11.39
CA GLU R 146 31.03 -31.60 10.44
C GLU R 146 31.74 -30.77 9.37
N SER R 147 32.73 -31.37 8.72
CA SER R 147 33.55 -30.67 7.73
C SER R 147 33.74 -31.54 6.50
N ASP R 148 34.06 -30.87 5.39
CA ASP R 148 34.29 -31.56 4.12
C ASP R 148 35.69 -32.17 4.12
N PRO R 149 35.81 -33.49 3.97
CA PRO R 149 37.15 -34.11 3.90
C PRO R 149 37.81 -34.03 2.53
N TYR R 150 37.09 -33.61 1.49
CA TYR R 150 37.62 -33.56 0.14
C TYR R 150 37.97 -32.15 -0.30
N LYS R 151 38.21 -31.26 0.66
CA LYS R 151 38.61 -29.89 0.32
C LYS R 151 40.05 -29.87 -0.18
N PRO R 152 40.31 -29.31 -1.35
CA PRO R 152 41.65 -29.39 -1.97
C PRO R 152 42.67 -28.41 -1.38
N GLY R 153 42.71 -28.32 -0.05
CA GLY R 153 43.67 -27.48 0.62
C GLY R 153 43.12 -26.13 1.03
N PRO R 154 43.96 -25.32 1.66
CA PRO R 154 43.50 -24.01 2.14
C PRO R 154 43.20 -23.06 1.00
N GLY R 155 42.33 -22.10 1.27
CA GLY R 155 41.90 -21.12 0.30
C GLY R 155 40.71 -21.52 -0.53
N TYR R 156 40.37 -22.81 -0.57
CA TYR R 156 39.33 -23.32 -1.43
C TYR R 156 38.00 -23.35 -0.70
N LEU R 157 36.98 -22.71 -1.28
CA LEU R 157 35.63 -22.74 -0.75
C LEU R 157 34.78 -23.65 -1.62
N LYS R 158 34.03 -24.54 -0.99
CA LYS R 158 33.03 -25.29 -1.71
C LYS R 158 31.97 -24.34 -2.23
N GLU R 159 31.62 -24.49 -3.51
CA GLU R 159 30.67 -23.61 -4.18
C GLU R 159 29.36 -24.35 -4.35
N TYR R 160 28.26 -23.68 -4.05
CA TYR R 160 26.95 -24.34 -4.02
C TYR R 160 26.24 -24.21 -5.36
N TYR R 161 25.68 -25.33 -5.82
CA TYR R 161 24.91 -25.40 -7.04
C TYR R 161 23.45 -25.13 -6.70
N THR R 162 22.98 -23.93 -7.02
CA THR R 162 21.60 -23.56 -6.74
C THR R 162 20.61 -24.36 -7.60
N ILE S 193 43.77 -80.10 -2.78
CA ILE S 193 43.18 -78.83 -2.36
C ILE S 193 42.55 -78.13 -3.56
N SER S 194 42.25 -78.90 -4.61
CA SER S 194 41.63 -78.34 -5.79
C SER S 194 40.26 -77.76 -5.49
N HIS S 195 39.65 -78.13 -4.36
CA HIS S 195 38.41 -77.50 -3.92
C HIS S 195 38.64 -76.06 -3.47
N THR S 196 39.89 -75.67 -3.20
CA THR S 196 40.21 -74.30 -2.85
C THR S 196 40.63 -73.45 -4.04
N TYR S 197 40.81 -74.05 -5.21
CA TYR S 197 41.21 -73.29 -6.39
C TYR S 197 40.02 -72.46 -6.88
N GLY S 198 40.26 -71.18 -7.13
CA GLY S 198 39.21 -70.26 -7.53
C GLY S 198 39.14 -70.07 -9.03
N TRP S 199 38.52 -68.96 -9.43
CA TRP S 199 38.42 -68.53 -10.81
C TRP S 199 38.82 -67.07 -10.86
N PRO S 200 39.55 -66.63 -11.89
CA PRO S 200 40.03 -67.37 -13.07
C PRO S 200 41.18 -68.33 -12.72
N PRO S 201 41.52 -69.25 -13.61
CA PRO S 201 42.64 -70.16 -13.34
C PRO S 201 43.94 -69.40 -13.16
N LEU S 202 44.78 -69.89 -12.25
CA LEU S 202 46.07 -69.26 -12.01
C LEU S 202 46.99 -69.46 -13.21
N VAL S 203 47.79 -68.45 -13.51
CA VAL S 203 48.79 -68.51 -14.56
C VAL S 203 50.16 -68.31 -13.92
N CYS S 204 51.09 -69.21 -14.21
CA CYS S 204 52.45 -69.10 -13.70
C CYS S 204 53.34 -68.51 -14.78
N CYS S 205 53.85 -67.31 -14.53
CA CYS S 205 54.80 -66.67 -15.41
C CYS S 205 56.20 -66.96 -14.89
N PHE S 206 57.03 -67.57 -15.73
CA PHE S 206 58.32 -68.11 -15.33
C PHE S 206 59.44 -67.32 -15.99
N GLY S 207 60.38 -66.85 -15.18
CA GLY S 207 61.53 -66.19 -15.76
C GLY S 207 62.14 -65.12 -14.89
N SER S 208 62.28 -63.92 -15.45
CA SER S 208 62.98 -62.83 -14.80
C SER S 208 62.04 -61.67 -14.52
N ALA S 209 62.25 -61.03 -13.38
CA ALA S 209 61.57 -59.79 -13.02
C ALA S 209 62.60 -58.67 -13.08
N GLN S 210 62.77 -58.10 -14.27
CA GLN S 210 63.67 -56.99 -14.48
C GLN S 210 62.88 -55.68 -14.47
N HIS S 211 63.61 -54.57 -14.43
CA HIS S 211 63.01 -53.25 -14.41
C HIS S 211 63.37 -52.53 -15.71
N ALA S 212 62.36 -52.29 -16.54
CA ALA S 212 62.51 -51.55 -17.80
C ALA S 212 63.67 -52.10 -18.62
N PHE S 213 63.59 -53.39 -18.91
CA PHE S 213 64.60 -54.10 -19.66
C PHE S 213 64.00 -54.58 -20.97
N VAL S 214 64.73 -54.36 -22.07
CA VAL S 214 64.25 -54.64 -23.42
C VAL S 214 65.15 -55.70 -24.03
N PRO S 215 64.60 -56.81 -24.53
CA PRO S 215 65.45 -57.84 -25.15
C PRO S 215 66.04 -57.43 -26.49
N SER S 216 65.25 -56.83 -27.37
CA SER S 216 65.69 -56.51 -28.71
C SER S 216 64.76 -55.49 -29.33
N GLY S 217 65.14 -54.99 -30.51
CA GLY S 217 64.32 -54.05 -31.24
C GLY S 217 64.52 -54.14 -32.74
N ARG S 218 63.45 -54.34 -33.49
CA ARG S 218 63.53 -54.56 -34.92
C ARG S 218 62.76 -53.48 -35.67
N PRO S 219 63.19 -53.14 -36.89
CA PRO S 219 62.41 -52.19 -37.69
C PRO S 219 61.01 -52.72 -37.96
N ALA S 220 60.03 -51.82 -37.90
CA ALA S 220 58.64 -52.23 -37.99
C ALA S 220 57.84 -51.17 -38.73
N ASN S 221 56.69 -51.59 -39.26
CA ASN S 221 55.71 -50.71 -39.84
C ASN S 221 54.45 -50.74 -39.00
N ARG S 222 53.89 -49.58 -38.71
CA ARG S 222 52.64 -49.47 -37.99
C ARG S 222 51.60 -48.78 -38.88
N LEU S 223 50.34 -49.11 -38.66
CA LEU S 223 49.26 -48.41 -39.33
C LEU S 223 49.16 -46.99 -38.79
N LEU S 224 49.14 -46.01 -39.68
CA LEU S 224 49.14 -44.63 -39.26
C LEU S 224 48.41 -43.76 -40.28
N ASP S 225 47.76 -42.71 -39.79
CA ASP S 225 47.12 -41.71 -40.63
C ASP S 225 48.14 -40.60 -40.87
N TYR S 226 48.77 -40.62 -42.04
CA TYR S 226 49.89 -39.69 -42.29
C TYR S 226 49.43 -38.28 -42.60
N GLU S 227 48.17 -38.09 -42.97
CA GLU S 227 47.64 -36.73 -43.08
C GLU S 227 47.61 -36.06 -41.71
N ARG S 228 47.19 -36.78 -40.68
CA ARG S 228 47.19 -36.23 -39.33
C ARG S 228 48.61 -35.94 -38.86
N GLN S 229 49.56 -36.84 -39.15
CA GLN S 229 50.92 -36.67 -38.65
C GLN S 229 51.55 -35.39 -39.17
N GLU S 230 51.32 -35.08 -40.45
CA GLU S 230 51.83 -33.82 -41.01
C GLU S 230 51.16 -32.62 -40.37
N ARG S 231 49.85 -32.72 -40.09
CA ARG S 231 49.15 -31.59 -39.48
C ARG S 231 49.59 -31.36 -38.04
N MET S 232 49.95 -32.42 -37.33
CA MET S 232 50.28 -32.32 -35.90
C MET S 232 51.76 -32.53 -35.61
N LYS S 233 52.63 -32.38 -36.61
CA LYS S 233 54.04 -32.73 -36.42
C LYS S 233 54.70 -31.88 -35.34
N ASP S 234 54.35 -30.60 -35.27
CA ASP S 234 54.96 -29.73 -34.28
C ASP S 234 54.49 -30.01 -32.85
N ALA S 235 53.45 -30.83 -32.68
CA ALA S 235 52.89 -31.10 -31.37
C ALA S 235 52.91 -32.57 -30.95
N VAL S 236 53.06 -33.50 -31.88
CA VAL S 236 53.04 -34.93 -31.58
C VAL S 236 54.43 -35.49 -31.84
N TRP S 237 55.02 -36.10 -30.82
CA TRP S 237 56.33 -36.71 -30.98
C TRP S 237 56.24 -37.98 -31.80
N ALA S 238 57.13 -38.13 -32.76
CA ALA S 238 57.29 -39.36 -33.50
C ALA S 238 58.76 -39.71 -33.59
N PRO S 239 59.10 -41.00 -33.56
CA PRO S 239 60.49 -41.38 -33.80
C PRO S 239 60.89 -41.14 -35.26
N GLU S 240 62.17 -40.85 -35.46
CA GLU S 240 62.70 -40.77 -36.80
C GLU S 240 62.60 -42.12 -37.51
N LYS S 241 62.92 -43.21 -36.81
CA LYS S 241 62.80 -44.56 -37.32
C LYS S 241 61.97 -45.39 -36.35
N TYR S 242 60.90 -45.99 -36.85
CA TYR S 242 60.01 -46.78 -36.01
C TYR S 242 60.64 -48.16 -35.79
N ILE S 243 61.03 -48.43 -34.55
CA ILE S 243 61.61 -49.70 -34.16
C ILE S 243 60.82 -50.23 -32.97
N ARG S 244 60.31 -51.45 -33.09
CA ARG S 244 59.44 -52.04 -32.09
C ARG S 244 60.15 -53.19 -31.39
N ALA S 245 60.05 -53.21 -30.07
CA ALA S 245 60.53 -54.28 -29.21
C ALA S 245 59.43 -55.33 -29.00
N PRO S 246 59.78 -56.61 -28.94
CA PRO S 246 58.74 -57.64 -28.80
C PRO S 246 57.96 -57.55 -27.50
N GLY S 247 58.60 -57.09 -26.43
CA GLY S 247 57.98 -57.08 -25.12
C GLY S 247 59.03 -56.92 -24.06
N GLY S 248 58.69 -57.35 -22.85
CA GLY S 248 59.61 -57.22 -21.73
C GLY S 248 60.02 -58.55 -21.14
N CYS S 249 60.01 -58.63 -19.80
CA CYS S 249 60.36 -59.84 -19.08
C CYS S 249 59.11 -60.56 -18.62
N ALA S 250 59.31 -61.73 -17.99
CA ALA S 250 58.19 -62.49 -17.45
C ALA S 250 57.49 -61.74 -16.32
N GLY S 251 58.22 -60.91 -15.58
CA GLY S 251 57.60 -60.16 -14.51
C GLY S 251 56.58 -59.15 -15.00
N GLY S 252 56.89 -58.46 -16.09
CA GLY S 252 55.97 -57.47 -16.62
C GLY S 252 54.69 -58.09 -17.17
N VAL S 253 54.81 -59.29 -17.75
CA VAL S 253 53.62 -59.99 -18.22
C VAL S 253 52.73 -60.37 -17.04
N ALA S 254 53.34 -60.77 -15.92
CA ALA S 254 52.56 -61.07 -14.72
C ALA S 254 51.84 -59.82 -14.23
N ILE S 255 52.53 -58.68 -14.22
CA ILE S 255 51.91 -57.44 -13.78
C ILE S 255 50.78 -57.04 -14.72
N ALA S 256 51.00 -57.17 -16.03
CA ALA S 256 49.96 -56.80 -16.99
C ALA S 256 48.75 -57.72 -16.87
N LEU S 257 48.98 -59.02 -16.66
CA LEU S 257 47.87 -59.96 -16.53
C LEU S 257 47.05 -59.68 -15.26
N ALA S 258 47.72 -59.34 -14.16
CA ALA S 258 47.00 -58.99 -12.94
C ALA S 258 46.16 -57.74 -13.11
N SER S 259 46.56 -56.84 -14.00
CA SER S 259 45.79 -55.62 -14.25
C SER S 259 44.51 -55.88 -15.02
N LEU S 260 44.42 -57.00 -15.74
CA LEU S 260 43.25 -57.36 -16.52
C LEU S 260 42.24 -58.17 -15.73
N GLY S 261 42.43 -58.31 -14.42
CA GLY S 261 41.60 -59.18 -13.65
C GLY S 261 42.02 -60.63 -13.65
N GLY S 262 43.18 -60.94 -14.20
CA GLY S 262 43.69 -62.29 -14.17
C GLY S 262 44.36 -62.62 -12.85
N LYS S 263 44.74 -63.89 -12.73
CA LYS S 263 45.44 -64.41 -11.56
C LYS S 263 46.80 -64.87 -12.03
N ALA S 264 47.85 -64.14 -11.62
CA ALA S 264 49.20 -64.40 -12.09
C ALA S 264 50.11 -64.66 -10.90
N ALA S 265 50.95 -65.68 -11.01
CA ALA S 265 52.02 -65.95 -10.07
C ALA S 265 53.34 -65.85 -10.81
N PHE S 266 54.33 -65.24 -10.19
CA PHE S 266 55.64 -65.11 -10.80
C PHE S 266 56.60 -66.11 -10.16
N MET S 267 57.27 -66.90 -11.00
CA MET S 267 58.22 -67.91 -10.54
C MET S 267 59.61 -67.47 -10.95
N GLY S 268 60.46 -67.22 -9.97
CA GLY S 268 61.80 -66.73 -10.23
C GLY S 268 62.58 -66.59 -8.94
N LYS S 269 63.72 -65.93 -9.03
CA LYS S 269 64.59 -65.72 -7.88
C LYS S 269 65.05 -64.27 -7.84
N LEU S 270 64.99 -63.66 -6.65
CA LEU S 270 65.51 -62.32 -6.43
C LEU S 270 66.49 -62.34 -5.27
N GLY S 271 67.43 -61.40 -5.29
CA GLY S 271 68.36 -61.27 -4.19
C GLY S 271 67.71 -60.62 -2.99
N ASP S 272 68.40 -60.73 -1.85
CA ASP S 272 67.95 -60.14 -0.61
C ASP S 272 68.41 -58.69 -0.45
N ASP S 273 69.12 -58.15 -1.44
CA ASP S 273 69.54 -56.76 -1.39
C ASP S 273 68.33 -55.83 -1.53
N ASP S 274 68.59 -54.54 -1.41
CA ASP S 274 67.52 -53.55 -1.44
C ASP S 274 66.79 -53.54 -2.78
N PHE S 275 67.53 -53.66 -3.89
CA PHE S 275 66.89 -53.68 -5.19
C PHE S 275 66.01 -54.92 -5.36
N GLY S 276 66.49 -56.07 -4.90
CA GLY S 276 65.67 -57.27 -4.96
C GLY S 276 64.42 -57.17 -4.12
N GLN S 277 64.53 -56.51 -2.95
CA GLN S 277 63.37 -56.34 -2.09
C GLN S 277 62.40 -55.31 -2.64
N ALA S 278 62.91 -54.27 -3.32
CA ALA S 278 62.02 -53.31 -3.97
C ALA S 278 61.21 -53.97 -5.08
N MET S 279 61.85 -54.83 -5.89
CA MET S 279 61.14 -55.51 -6.96
C MET S 279 60.10 -56.47 -6.41
N LEU S 280 60.44 -57.19 -5.34
CA LEU S 280 59.46 -58.06 -4.69
C LEU S 280 58.28 -57.26 -4.17
N TYR S 281 58.56 -56.10 -3.58
CA TYR S 281 57.49 -55.22 -3.14
C TYR S 281 56.63 -54.76 -4.32
N TYR S 282 57.27 -54.41 -5.44
CA TYR S 282 56.52 -53.96 -6.60
C TYR S 282 55.60 -55.05 -7.12
N LEU S 283 56.07 -56.30 -7.15
CA LEU S 283 55.23 -57.41 -7.61
C LEU S 283 54.05 -57.64 -6.66
N ASN S 284 54.29 -57.58 -5.35
CA ASN S 284 53.22 -57.83 -4.39
C ASN S 284 52.13 -56.76 -4.49
N VAL S 285 52.52 -55.49 -4.62
CA VAL S 285 51.55 -54.42 -4.69
C VAL S 285 50.76 -54.49 -6.00
N CYS S 286 51.41 -54.92 -7.07
CA CYS S 286 50.68 -55.19 -8.31
C CYS S 286 49.84 -56.45 -8.24
N GLN S 287 49.77 -57.08 -7.06
CA GLN S 287 48.93 -58.25 -6.81
C GLN S 287 49.37 -59.45 -7.65
N VAL S 288 50.66 -59.57 -7.91
CA VAL S 288 51.23 -60.81 -8.44
C VAL S 288 51.57 -61.71 -7.26
N GLN S 289 51.22 -62.99 -7.38
CA GLN S 289 51.57 -63.97 -6.35
C GLN S 289 53.07 -64.24 -6.38
N THR S 290 53.74 -64.03 -5.24
CA THR S 290 55.18 -64.21 -5.16
C THR S 290 55.57 -65.34 -4.22
N ARG S 291 54.63 -66.21 -3.84
CA ARG S 291 54.99 -67.39 -3.07
C ARG S 291 55.90 -68.33 -3.86
N SER S 292 55.92 -68.20 -5.18
CA SER S 292 56.84 -68.92 -6.05
C SER S 292 58.14 -68.16 -6.30
N VAL S 293 58.40 -67.11 -5.54
CA VAL S 293 59.62 -66.31 -5.68
C VAL S 293 60.59 -66.73 -4.60
N LYS S 294 61.78 -67.18 -5.01
CA LYS S 294 62.83 -67.59 -4.08
C LYS S 294 63.75 -66.39 -3.81
N ILE S 295 63.91 -66.05 -2.54
CA ILE S 295 64.78 -64.94 -2.15
C ILE S 295 66.15 -65.52 -1.81
N ASP S 296 67.18 -65.04 -2.49
CA ASP S 296 68.54 -65.56 -2.38
C ASP S 296 69.40 -64.56 -1.62
N SER S 297 69.86 -64.95 -0.43
CA SER S 297 70.78 -64.11 0.33
C SER S 297 72.18 -64.12 -0.25
N LYS S 298 72.54 -65.14 -1.03
CA LYS S 298 73.91 -65.27 -1.54
C LYS S 298 74.10 -64.60 -2.89
N ARG S 299 73.06 -64.49 -3.71
CA ARG S 299 73.15 -63.88 -5.03
C ARG S 299 72.63 -62.45 -5.00
N VAL S 300 72.99 -61.69 -6.03
CA VAL S 300 72.72 -60.25 -6.10
C VAL S 300 71.80 -59.96 -7.29
N THR S 301 70.74 -59.19 -7.04
CA THR S 301 69.77 -58.88 -8.08
C THR S 301 70.36 -57.97 -9.15
N ALA S 302 70.19 -58.36 -10.40
CA ALA S 302 70.52 -57.53 -11.56
C ALA S 302 72.00 -57.23 -11.69
N CYS S 303 72.86 -58.10 -11.14
CA CYS S 303 74.30 -57.89 -11.22
C CYS S 303 75.01 -59.22 -11.42
N SER S 304 75.87 -59.29 -12.44
CA SER S 304 76.65 -60.48 -12.74
C SER S 304 78.13 -60.14 -12.73
N THR S 305 78.93 -61.05 -12.19
CA THR S 305 80.38 -60.90 -12.19
C THR S 305 80.92 -61.55 -13.46
N MET S 306 81.49 -60.72 -14.33
CA MET S 306 82.05 -61.18 -15.60
C MET S 306 83.56 -61.16 -15.53
N LYS S 307 84.20 -62.01 -16.33
CA LYS S 307 85.65 -62.06 -16.45
C LYS S 307 86.03 -61.56 -17.84
N ILE S 308 86.36 -60.27 -17.93
CA ILE S 308 86.65 -59.66 -19.22
C ILE S 308 88.07 -60.01 -19.64
N SER S 309 88.22 -60.54 -20.84
CA SER S 309 89.52 -60.93 -21.38
C SER S 309 90.23 -59.70 -21.94
N LYS S 310 91.52 -59.59 -21.62
CA LYS S 310 92.36 -58.49 -22.11
C LYS S 310 93.52 -59.03 -22.92
N ARG S 311 93.27 -60.05 -23.74
CA ARG S 311 94.31 -60.66 -24.56
C ARG S 311 94.09 -60.40 -26.06
N GLY S 312 92.94 -60.80 -26.59
CA GLY S 312 92.64 -60.53 -27.99
C GLY S 312 91.47 -59.57 -28.13
N ARG S 313 90.52 -59.92 -28.99
CA ARG S 313 89.26 -59.18 -29.01
C ARG S 313 88.55 -59.36 -27.67
N LEU S 314 87.80 -58.33 -27.27
CA LEU S 314 87.17 -58.33 -25.96
C LEU S 314 86.05 -59.36 -25.88
N LYS S 315 86.06 -60.15 -24.80
CA LYS S 315 85.03 -61.13 -24.50
C LYS S 315 84.70 -61.04 -23.01
N SER S 316 83.56 -61.61 -22.62
CA SER S 316 83.05 -61.42 -21.26
C SER S 316 83.00 -62.69 -20.43
N THR S 317 82.33 -63.75 -20.89
CA THR S 317 82.37 -65.06 -20.22
C THR S 317 81.99 -64.96 -18.74
N CYS S 318 80.69 -64.69 -18.50
CA CYS S 318 80.14 -64.55 -17.16
C CYS S 318 80.68 -65.59 -16.18
N VAL S 319 80.94 -65.13 -14.95
CA VAL S 319 81.53 -65.96 -13.89
C VAL S 319 80.51 -66.29 -12.80
N LYS S 320 79.98 -65.27 -12.14
CA LYS S 320 78.98 -65.45 -11.10
C LYS S 320 77.66 -64.83 -11.55
N PRO S 321 76.65 -65.63 -11.86
CA PRO S 321 75.42 -65.07 -12.42
C PRO S 321 74.66 -64.25 -11.38
N CYS S 322 73.70 -63.48 -11.87
CA CYS S 322 72.86 -62.70 -10.99
C CYS S 322 71.85 -63.59 -10.28
N ALA S 323 71.11 -62.99 -9.34
CA ALA S 323 70.10 -63.74 -8.60
C ALA S 323 69.01 -64.27 -9.52
N GLU S 324 68.57 -63.47 -10.49
CA GLU S 324 67.54 -63.90 -11.41
C GLU S 324 68.15 -64.67 -12.58
N ASP S 325 69.08 -65.56 -12.26
CA ASP S 325 69.56 -66.56 -13.21
C ASP S 325 69.89 -67.84 -12.47
N SER S 326 69.59 -67.93 -11.17
CA SER S 326 70.12 -68.97 -10.30
C SER S 326 69.00 -69.81 -9.69
N LEU S 327 67.79 -69.73 -10.23
CA LEU S 327 66.75 -70.64 -9.77
C LEU S 327 67.15 -72.07 -10.10
N SER S 328 67.07 -72.92 -9.09
CA SER S 328 67.43 -74.33 -9.23
C SER S 328 66.16 -75.18 -9.28
N LYS S 329 66.34 -76.43 -9.72
CA LYS S 329 65.20 -77.34 -9.81
C LYS S 329 64.62 -77.65 -8.44
N SER S 330 65.47 -77.69 -7.41
CA SER S 330 64.99 -77.91 -6.06
C SER S 330 64.13 -76.75 -5.57
N GLU S 331 64.26 -75.57 -6.18
CA GLU S 331 63.54 -74.38 -5.77
C GLU S 331 62.23 -74.17 -6.53
N ILE S 332 61.88 -75.03 -7.47
CA ILE S 332 60.61 -74.90 -8.17
C ILE S 332 59.46 -75.19 -7.22
N ASN S 333 58.47 -74.29 -7.21
CA ASN S 333 57.30 -74.43 -6.34
C ASN S 333 56.28 -75.30 -7.07
N VAL S 334 56.30 -76.60 -6.77
CA VAL S 334 55.40 -77.54 -7.45
C VAL S 334 53.94 -77.27 -7.07
N ASP S 335 53.69 -76.69 -5.89
CA ASP S 335 52.33 -76.35 -5.51
C ASP S 335 51.73 -75.32 -6.46
N VAL S 336 52.51 -74.31 -6.85
CA VAL S 336 52.04 -73.33 -7.82
C VAL S 336 51.75 -74.01 -9.16
N LEU S 337 52.63 -74.90 -9.59
CA LEU S 337 52.41 -75.58 -10.86
C LEU S 337 51.19 -76.49 -10.81
N LYS S 338 50.88 -77.04 -9.63
CA LYS S 338 49.68 -77.86 -9.49
C LYS S 338 48.41 -77.03 -9.69
N GLU S 339 48.36 -75.83 -9.10
CA GLU S 339 47.18 -74.98 -9.25
C GLU S 339 47.12 -74.33 -10.63
N ALA S 340 48.27 -73.92 -11.17
CA ALA S 340 48.27 -73.17 -12.42
C ALA S 340 47.76 -74.03 -13.56
N LYS S 341 46.94 -73.42 -14.42
CA LYS S 341 46.44 -74.05 -15.62
C LYS S 341 47.21 -73.67 -16.87
N MET S 342 48.05 -72.64 -16.80
CA MET S 342 48.89 -72.25 -17.92
C MET S 342 50.28 -71.92 -17.39
N PHE S 343 51.31 -72.31 -18.14
CA PHE S 343 52.69 -72.01 -17.81
C PHE S 343 53.27 -71.13 -18.90
N TYR S 344 53.75 -69.95 -18.54
CA TYR S 344 54.27 -68.96 -19.47
C TYR S 344 55.76 -68.80 -19.25
N PHE S 345 56.52 -68.72 -20.35
CA PHE S 345 57.95 -68.50 -20.26
C PHE S 345 58.44 -67.89 -21.57
N THR S 346 59.65 -67.34 -21.53
CA THR S 346 60.24 -66.67 -22.68
C THR S 346 61.68 -67.14 -22.87
N THR S 347 62.25 -66.78 -24.03
CA THR S 347 63.58 -67.26 -24.41
C THR S 347 64.68 -66.79 -23.47
N HIS S 348 64.48 -65.68 -22.77
CA HIS S 348 65.52 -65.17 -21.89
C HIS S 348 65.94 -66.19 -20.84
N SER S 349 65.03 -67.09 -20.46
CA SER S 349 65.33 -68.14 -19.50
C SER S 349 66.14 -69.29 -20.09
N LEU S 350 66.38 -69.30 -21.40
CA LEU S 350 67.19 -70.32 -22.04
C LEU S 350 68.62 -69.87 -22.29
N LEU S 351 68.97 -68.63 -21.96
CA LEU S 351 70.28 -68.11 -22.32
C LEU S 351 71.38 -68.70 -21.43
N ASP S 352 71.10 -68.82 -20.13
CA ASP S 352 72.04 -69.42 -19.19
C ASP S 352 71.83 -70.93 -19.16
N LYS S 353 72.92 -71.69 -19.28
CA LYS S 353 72.81 -73.14 -19.34
C LYS S 353 72.23 -73.71 -18.06
N LYS S 354 72.61 -73.17 -16.90
CA LYS S 354 72.00 -73.59 -15.65
C LYS S 354 70.53 -73.19 -15.60
N MET S 355 70.20 -71.98 -16.07
CA MET S 355 68.81 -71.55 -16.09
C MET S 355 67.98 -72.32 -17.11
N MET S 356 68.61 -72.76 -18.20
CA MET S 356 67.88 -73.53 -19.21
C MET S 356 67.36 -74.84 -18.65
N SER S 357 68.19 -75.53 -17.86
CA SER S 357 67.78 -76.83 -17.32
C SER S 357 66.65 -76.69 -16.31
N THR S 358 66.63 -75.59 -15.56
CA THR S 358 65.51 -75.32 -14.66
C THR S 358 64.24 -75.04 -15.44
N THR S 359 64.34 -74.29 -16.54
CA THR S 359 63.17 -74.02 -17.37
C THR S 359 62.62 -75.30 -17.97
N LEU S 360 63.50 -76.16 -18.47
CA LEU S 360 63.07 -77.43 -19.03
C LEU S 360 62.42 -78.30 -17.96
N GLN S 361 62.97 -78.30 -16.75
CA GLN S 361 62.36 -79.07 -15.66
C GLN S 361 60.98 -78.53 -15.32
N ALA S 362 60.85 -77.21 -15.20
CA ALA S 362 59.55 -76.62 -14.87
C ALA S 362 58.53 -76.90 -15.96
N ILE S 363 58.93 -76.82 -17.23
CA ILE S 363 58.01 -77.09 -18.33
C ILE S 363 57.54 -78.54 -18.29
N LYS S 364 58.48 -79.48 -18.11
CA LYS S 364 58.12 -80.89 -18.12
C LYS S 364 57.17 -81.22 -16.98
N ILE S 365 57.42 -80.65 -15.79
CA ILE S 365 56.53 -80.86 -14.65
C ILE S 365 55.13 -80.31 -14.95
N SER S 366 55.07 -79.11 -15.53
CA SER S 366 53.77 -78.49 -15.81
C SER S 366 52.97 -79.29 -16.84
N LYS S 367 53.66 -79.85 -17.85
CA LYS S 367 52.96 -80.70 -18.80
C LYS S 367 52.38 -81.93 -18.13
N GLN S 368 53.11 -82.47 -17.15
CA GLN S 368 52.60 -83.63 -16.42
C GLN S 368 51.34 -83.31 -15.64
N LEU S 369 51.28 -82.13 -15.03
CA LEU S 369 50.10 -81.71 -14.28
C LEU S 369 49.04 -81.09 -15.18
N GLY S 370 49.12 -81.33 -16.49
CA GLY S 370 48.12 -80.87 -17.43
C GLY S 370 48.00 -79.38 -17.62
N ASN S 371 49.13 -78.67 -17.61
CA ASN S 371 49.13 -77.24 -17.88
C ASN S 371 49.34 -76.98 -19.36
N VAL S 372 48.69 -75.94 -19.86
CA VAL S 372 48.95 -75.45 -21.20
C VAL S 372 50.25 -74.65 -21.18
N ILE S 373 51.11 -74.89 -22.16
CA ILE S 373 52.41 -74.26 -22.23
C ILE S 373 52.35 -73.13 -23.25
N PHE S 374 52.56 -71.91 -22.79
CA PHE S 374 52.58 -70.71 -23.61
C PHE S 374 54.03 -70.26 -23.73
N TYR S 375 54.57 -70.32 -24.94
CA TYR S 375 55.96 -69.95 -25.19
C TYR S 375 55.97 -68.62 -25.94
N ASP S 376 56.41 -67.57 -25.25
CA ASP S 376 56.57 -66.25 -25.84
C ASP S 376 58.03 -66.08 -26.23
N LEU S 377 58.29 -65.96 -27.52
CA LEU S 377 59.67 -65.97 -28.01
C LEU S 377 60.49 -64.81 -27.45
N ASN S 378 60.14 -63.58 -27.82
CA ASN S 378 60.83 -62.37 -27.37
C ASN S 378 62.34 -62.53 -27.48
N LEU S 379 62.80 -62.71 -28.72
CA LEU S 379 64.15 -63.19 -28.98
C LEU S 379 65.20 -62.20 -28.45
N PRO S 380 66.07 -62.62 -27.54
CA PRO S 380 67.08 -61.70 -26.99
C PRO S 380 68.09 -61.29 -28.04
N LEU S 381 68.76 -60.18 -27.75
CA LEU S 381 69.65 -59.50 -28.70
C LEU S 381 70.71 -60.41 -29.32
N PRO S 382 71.45 -61.23 -28.57
CA PRO S 382 72.48 -62.07 -29.22
C PRO S 382 71.93 -63.08 -30.21
N LEU S 383 70.74 -63.61 -29.96
CA LEU S 383 70.21 -64.68 -30.80
C LEU S 383 69.81 -64.21 -32.19
N TRP S 384 69.68 -62.90 -32.39
CA TRP S 384 69.27 -62.39 -33.69
C TRP S 384 70.33 -62.58 -34.76
N GLN S 385 71.55 -62.90 -34.37
CA GLN S 385 72.57 -63.36 -35.29
C GLN S 385 72.68 -64.87 -35.17
N SER S 386 73.09 -65.51 -36.27
CA SER S 386 73.27 -66.96 -36.33
C SER S 386 71.95 -67.69 -36.05
N LEU S 387 71.04 -67.57 -37.01
CA LEU S 387 69.79 -68.31 -37.02
C LEU S 387 69.97 -69.79 -36.66
N GLU S 388 71.09 -70.39 -37.06
CA GLU S 388 71.33 -71.79 -36.74
C GLU S 388 71.48 -71.99 -35.24
N GLU S 389 72.18 -71.08 -34.56
CA GLU S 389 72.26 -71.16 -33.11
C GLU S 389 70.89 -71.01 -32.46
N THR S 390 70.08 -70.08 -32.98
CA THR S 390 68.74 -69.88 -32.41
C THR S 390 67.90 -71.14 -32.54
N LYS S 391 67.92 -71.77 -33.71
CA LYS S 391 67.11 -72.97 -33.92
C LYS S 391 67.53 -74.09 -32.98
N SER S 392 68.84 -74.29 -32.82
CA SER S 392 69.33 -75.32 -31.92
C SER S 392 68.98 -75.02 -30.47
N LEU S 393 69.04 -73.74 -30.08
CA LEU S 393 68.77 -73.37 -28.70
C LEU S 393 67.30 -73.56 -28.33
N ILE S 394 66.38 -73.13 -29.21
CA ILE S 394 64.96 -73.13 -28.87
C ILE S 394 64.24 -74.38 -29.34
N GLN S 395 64.94 -75.33 -29.98
CA GLN S 395 64.25 -76.45 -30.61
C GLN S 395 63.50 -77.29 -29.59
N GLU S 396 64.12 -77.59 -28.45
CA GLU S 396 63.49 -78.48 -27.48
C GLU S 396 62.27 -77.84 -26.83
N VAL S 397 62.37 -76.57 -26.43
CA VAL S 397 61.22 -75.91 -25.82
C VAL S 397 60.13 -75.65 -26.84
N TRP S 398 60.50 -75.47 -28.11
CA TRP S 398 59.51 -75.17 -29.15
C TRP S 398 58.52 -76.31 -29.31
N ASP S 399 58.99 -77.55 -29.28
CA ASP S 399 58.15 -78.72 -29.47
C ASP S 399 57.28 -79.04 -28.27
N LEU S 400 57.57 -78.46 -27.10
CA LEU S 400 56.77 -78.68 -25.90
C LEU S 400 55.71 -77.60 -25.69
N ALA S 401 55.61 -76.63 -26.59
CA ALA S 401 54.71 -75.49 -26.41
C ALA S 401 53.38 -75.76 -27.09
N ASP S 402 52.29 -75.50 -26.38
CA ASP S 402 50.96 -75.60 -26.95
C ASP S 402 50.56 -74.33 -27.68
N VAL S 403 50.94 -73.17 -27.13
CA VAL S 403 50.68 -71.87 -27.73
C VAL S 403 52.01 -71.16 -27.87
N ILE S 404 52.25 -70.58 -29.04
CA ILE S 404 53.45 -69.81 -29.30
C ILE S 404 53.06 -68.44 -29.82
N GLU S 405 53.73 -67.40 -29.33
CA GLU S 405 53.55 -66.05 -29.84
C GLU S 405 54.89 -65.52 -30.34
N VAL S 406 54.91 -65.01 -31.57
CA VAL S 406 56.08 -64.43 -32.17
C VAL S 406 55.70 -63.10 -32.80
N THR S 407 56.69 -62.24 -32.97
CA THR S 407 56.46 -61.05 -33.78
C THR S 407 56.59 -61.41 -35.26
N LYS S 408 56.07 -60.52 -36.11
CA LYS S 408 56.21 -60.71 -37.54
C LYS S 408 57.68 -60.74 -37.94
N GLN S 409 58.51 -59.91 -37.29
CA GLN S 409 59.94 -59.93 -37.57
C GLN S 409 60.57 -61.23 -37.11
N GLU S 410 60.16 -61.76 -35.96
CA GLU S 410 60.69 -63.03 -35.48
C GLU S 410 60.27 -64.18 -36.39
N LEU S 411 59.01 -64.18 -36.84
CA LEU S 411 58.54 -65.22 -37.76
C LEU S 411 59.33 -65.20 -39.07
N GLU S 412 59.61 -64.02 -39.58
CA GLU S 412 60.41 -63.93 -40.81
C GLU S 412 61.82 -64.46 -40.60
N PHE S 413 62.40 -64.16 -39.43
CA PHE S 413 63.76 -64.60 -39.14
C PHE S 413 63.85 -66.11 -38.99
N LEU S 414 62.89 -66.73 -38.30
CA LEU S 414 62.90 -68.17 -38.12
C LEU S 414 62.60 -68.91 -39.41
N CYS S 415 61.84 -68.29 -40.33
CA CYS S 415 61.47 -68.91 -41.58
C CYS S 415 62.43 -68.59 -42.72
N GLY S 416 63.48 -67.81 -42.46
CA GLY S 416 64.40 -67.44 -43.52
C GLY S 416 63.80 -66.58 -44.59
N ILE S 417 62.97 -65.61 -44.20
CA ILE S 417 62.35 -64.66 -45.11
C ILE S 417 63.03 -63.32 -44.92
N GLU S 418 63.74 -62.86 -45.94
CA GLU S 418 64.41 -61.58 -45.85
C GLU S 418 63.39 -60.46 -46.04
N PRO S 419 63.39 -59.45 -45.16
CA PRO S 419 62.41 -58.37 -45.29
C PRO S 419 62.54 -57.66 -46.64
N THR S 420 61.42 -57.55 -47.35
CA THR S 420 61.38 -56.94 -48.66
C THR S 420 60.52 -55.69 -48.74
N GLU S 421 59.69 -55.42 -47.74
CA GLU S 421 58.86 -54.23 -47.74
C GLU S 421 59.66 -53.01 -47.30
N GLU S 422 59.09 -51.83 -47.55
CA GLU S 422 59.73 -50.59 -47.17
C GLU S 422 59.53 -50.31 -45.68
N PHE S 423 60.39 -49.47 -45.13
CA PHE S 423 60.29 -49.04 -43.75
C PHE S 423 60.36 -47.53 -43.68
N ASP S 424 59.51 -46.93 -42.86
CA ASP S 424 59.47 -45.49 -42.64
C ASP S 424 59.13 -44.75 -43.94
N THR S 425 57.98 -45.11 -44.50
CA THR S 425 57.42 -44.45 -45.66
C THR S 425 55.97 -44.13 -45.39
N LYS S 426 55.53 -42.95 -45.85
CA LYS S 426 54.24 -42.39 -45.43
C LYS S 426 53.11 -42.95 -46.29
N ASN S 427 52.86 -44.24 -46.09
CA ASN S 427 51.69 -44.90 -46.64
C ASN S 427 51.40 -46.15 -45.82
N ASN S 428 50.22 -46.71 -46.01
CA ASN S 428 49.75 -47.90 -45.32
C ASN S 428 49.56 -49.05 -46.30
N ASP S 429 50.51 -49.20 -47.22
CA ASP S 429 50.37 -50.19 -48.28
C ASP S 429 50.33 -51.60 -47.70
N SER S 430 49.45 -52.44 -48.28
CA SER S 430 49.19 -53.75 -47.71
C SER S 430 50.40 -54.67 -47.72
N SER S 431 51.44 -54.34 -48.48
CA SER S 431 52.67 -55.13 -48.43
C SER S 431 53.39 -55.01 -47.10
N LYS S 432 53.15 -53.92 -46.36
CA LYS S 432 53.75 -53.80 -45.03
C LYS S 432 53.06 -54.71 -44.02
N PHE S 433 51.83 -55.12 -44.28
CA PHE S 433 51.05 -55.95 -43.37
C PHE S 433 50.49 -57.11 -44.19
N VAL S 434 51.31 -58.13 -44.38
CA VAL S 434 50.98 -59.26 -45.23
C VAL S 434 50.68 -60.46 -44.34
N HIS S 435 49.53 -61.08 -44.56
CA HIS S 435 49.15 -62.29 -43.85
C HIS S 435 49.76 -63.47 -44.60
N TYR S 436 50.75 -64.11 -44.01
CA TYR S 436 51.40 -65.25 -44.64
C TYR S 436 50.45 -66.44 -44.69
N GLU S 437 50.48 -67.16 -45.80
CA GLU S 437 49.67 -68.34 -45.97
C GLU S 437 50.11 -69.44 -45.01
N PRO S 438 49.21 -70.36 -44.66
CA PRO S 438 49.58 -71.41 -43.69
C PRO S 438 50.79 -72.23 -44.08
N GLU S 439 51.01 -72.49 -45.37
CA GLU S 439 52.15 -73.29 -45.77
C GLU S 439 53.48 -72.59 -45.49
N THR S 440 53.46 -71.27 -45.35
CA THR S 440 54.69 -70.54 -45.05
C THR S 440 55.15 -70.77 -43.62
N VAL S 441 54.24 -71.12 -42.71
CA VAL S 441 54.57 -71.39 -41.31
C VAL S 441 54.49 -72.87 -40.98
N GLU S 442 54.17 -73.72 -41.95
CA GLU S 442 54.13 -75.16 -41.69
C GLU S 442 55.46 -75.74 -41.20
N PRO S 443 56.63 -75.34 -41.70
CA PRO S 443 57.88 -75.93 -41.19
C PRO S 443 58.09 -75.70 -39.70
N LEU S 444 57.48 -74.68 -39.10
CA LEU S 444 57.56 -74.46 -37.68
C LEU S 444 56.51 -75.23 -36.91
N TRP S 445 55.54 -75.83 -37.58
CA TRP S 445 54.48 -76.55 -36.89
C TRP S 445 55.00 -77.84 -36.28
N HIS S 446 54.34 -78.31 -35.22
CA HIS S 446 54.60 -79.61 -34.64
C HIS S 446 53.30 -80.20 -34.14
N GLU S 447 53.38 -81.44 -33.66
CA GLU S 447 52.18 -82.25 -33.46
C GLU S 447 51.27 -81.66 -32.37
N ASN S 448 51.86 -81.13 -31.31
CA ASN S 448 51.09 -80.65 -30.17
C ASN S 448 50.80 -79.14 -30.20
N LEU S 449 51.21 -78.44 -31.26
CA LEU S 449 50.98 -77.01 -31.32
C LEU S 449 49.50 -76.72 -31.59
N LYS S 450 48.89 -75.91 -30.74
CA LYS S 450 47.48 -75.58 -30.87
C LYS S 450 47.27 -74.27 -31.65
N ILE S 451 47.90 -73.18 -31.19
CA ILE S 451 47.79 -71.89 -31.84
C ILE S 451 49.17 -71.29 -32.00
N LEU S 452 49.39 -70.63 -33.14
CA LEU S 452 50.53 -69.74 -33.33
C LEU S 452 50.01 -68.33 -33.53
N PHE S 453 50.45 -67.40 -32.70
CA PHE S 453 50.07 -65.99 -32.80
C PHE S 453 51.26 -65.21 -33.37
N VAL S 454 50.99 -64.39 -34.36
CA VAL S 454 52.01 -63.54 -35.00
C VAL S 454 51.59 -62.10 -34.82
N THR S 455 52.43 -61.31 -34.16
CA THR S 455 52.10 -59.94 -33.81
C THR S 455 52.87 -58.95 -34.65
N ASN S 456 52.18 -57.88 -35.05
CA ASN S 456 52.79 -56.74 -35.70
C ASN S 456 52.46 -55.51 -34.87
N GLY S 457 52.77 -55.58 -33.58
CA GLY S 457 52.34 -54.55 -32.65
C GLY S 457 50.85 -54.64 -32.43
N THR S 458 50.25 -53.52 -32.06
CA THR S 458 48.80 -53.44 -32.03
C THR S 458 48.21 -53.15 -33.40
N SER S 459 49.04 -53.04 -34.43
CA SER S 459 48.54 -52.80 -35.78
C SER S 459 47.80 -54.02 -36.33
N LYS S 460 48.36 -55.21 -36.17
CA LYS S 460 47.76 -56.41 -36.73
C LYS S 460 48.22 -57.63 -35.95
N ILE S 461 47.29 -58.53 -35.67
CA ILE S 461 47.59 -59.81 -35.03
C ILE S 461 47.06 -60.92 -35.92
N HIS S 462 47.95 -61.83 -36.30
CA HIS S 462 47.61 -63.01 -37.09
C HIS S 462 47.55 -64.23 -36.18
N TYR S 463 46.66 -65.17 -36.51
CA TYR S 463 46.56 -66.42 -35.77
C TYR S 463 46.54 -67.60 -36.75
N TYR S 464 47.10 -68.71 -36.30
CA TYR S 464 47.17 -69.93 -37.07
C TYR S 464 46.84 -71.11 -36.18
N THR S 465 45.86 -71.90 -36.59
CA THR S 465 45.61 -73.21 -35.99
C THR S 465 45.84 -74.29 -37.05
N LYS S 466 45.58 -75.54 -36.67
CA LYS S 466 45.66 -76.62 -37.63
C LYS S 466 44.62 -76.46 -38.73
N GLU S 467 43.42 -76.01 -38.37
CA GLU S 467 42.32 -75.88 -39.32
C GLU S 467 42.09 -74.45 -39.79
N HIS S 468 42.29 -73.46 -38.93
CA HIS S 468 41.92 -72.08 -39.25
C HIS S 468 43.13 -71.18 -39.27
N ASN S 469 42.98 -70.05 -39.95
CA ASN S 469 43.96 -68.97 -39.91
C ASN S 469 43.26 -67.67 -40.28
N GLY S 470 43.81 -66.57 -39.78
CA GLY S 470 43.18 -65.27 -40.01
C GLY S 470 44.00 -64.17 -39.38
N ALA S 471 43.45 -62.96 -39.44
CA ALA S 471 44.14 -61.79 -38.93
C ALA S 471 43.12 -60.75 -38.52
N VAL S 472 43.49 -59.92 -37.55
CA VAL S 472 42.63 -58.87 -37.04
C VAL S 472 43.38 -57.54 -37.10
N LEU S 473 42.76 -56.53 -37.68
CA LEU S 473 43.33 -55.20 -37.75
C LEU S 473 43.16 -54.47 -36.42
N GLY S 474 44.13 -53.63 -36.11
CA GLY S 474 44.15 -52.91 -34.85
C GLY S 474 44.37 -51.42 -35.06
N MET S 475 45.09 -50.84 -34.10
CA MET S 475 45.33 -49.40 -34.04
C MET S 475 46.65 -49.19 -33.32
N GLU S 476 47.57 -48.46 -33.95
CA GLU S 476 48.87 -48.19 -33.32
C GLU S 476 49.18 -46.70 -33.35
N ASP S 477 48.16 -45.85 -33.38
CA ASP S 477 48.37 -44.41 -33.24
C ASP S 477 48.12 -43.96 -31.80
N VAL S 478 48.96 -44.45 -30.92
CA VAL S 478 48.86 -44.17 -29.49
C VAL S 478 49.84 -43.06 -29.14
N PRO S 479 49.63 -42.32 -28.07
CA PRO S 479 50.65 -41.34 -27.65
C PRO S 479 51.94 -42.04 -27.27
N ILE S 480 53.04 -41.61 -27.88
CA ILE S 480 54.35 -42.17 -27.60
C ILE S 480 55.31 -41.03 -27.31
N THR S 481 56.15 -41.23 -26.30
CA THR S 481 57.13 -40.26 -25.88
C THR S 481 58.51 -40.86 -26.08
N PRO S 482 59.60 -40.08 -25.98
CA PRO S 482 60.93 -40.70 -26.08
C PRO S 482 61.17 -41.76 -25.01
N PHE S 483 60.49 -41.68 -23.87
CA PHE S 483 60.66 -42.67 -22.80
C PHE S 483 59.89 -43.96 -23.05
N THR S 484 58.97 -43.99 -24.01
CA THR S 484 58.16 -45.18 -24.27
C THR S 484 58.25 -45.67 -25.71
N ARG S 485 59.23 -45.19 -26.47
CA ARG S 485 59.20 -45.32 -27.93
C ARG S 485 59.34 -46.75 -28.43
N ASP S 486 59.91 -47.66 -27.63
CA ASP S 486 60.12 -49.02 -28.11
C ASP S 486 58.85 -49.86 -28.10
N MET S 487 57.75 -49.36 -27.53
CA MET S 487 56.45 -50.02 -27.52
C MET S 487 56.49 -51.38 -26.82
N SER S 488 57.36 -51.55 -25.83
CA SER S 488 57.38 -52.80 -25.10
C SER S 488 56.17 -52.96 -24.18
N ALA S 489 55.57 -51.85 -23.76
CA ALA S 489 54.34 -51.94 -22.96
C ALA S 489 53.22 -52.57 -23.76
N SER S 490 53.16 -52.29 -25.06
CA SER S 490 52.14 -52.91 -25.91
C SER S 490 52.33 -54.42 -25.99
N GLY S 491 53.58 -54.88 -26.14
CA GLY S 491 53.81 -56.31 -26.29
C GLY S 491 53.41 -57.10 -25.07
N ASP S 492 53.74 -56.60 -23.88
CA ASP S 492 53.28 -57.24 -22.65
C ASP S 492 51.76 -57.18 -22.54
N GLY S 493 51.18 -56.03 -22.90
CA GLY S 493 49.73 -55.93 -22.88
C GLY S 493 49.06 -56.88 -23.84
N ILE S 494 49.64 -57.07 -25.02
CA ILE S 494 49.06 -57.98 -26.01
C ILE S 494 49.09 -59.41 -25.50
N VAL S 495 50.24 -59.85 -24.98
CA VAL S 495 50.37 -61.23 -24.53
C VAL S 495 49.48 -61.49 -23.32
N ALA S 496 49.38 -60.50 -22.42
CA ALA S 496 48.49 -60.65 -21.27
C ALA S 496 47.04 -60.79 -21.71
N GLY S 497 46.64 -60.06 -22.76
CA GLY S 497 45.30 -60.21 -23.29
C GLY S 497 45.05 -61.57 -23.88
N LEU S 498 46.01 -62.09 -24.65
CA LEU S 498 45.88 -63.44 -25.19
C LEU S 498 45.77 -64.48 -24.08
N ILE S 499 46.61 -64.38 -23.06
CA ILE S 499 46.58 -65.33 -21.96
C ILE S 499 45.23 -65.28 -21.25
N ARG S 500 44.73 -64.08 -21.00
CA ARG S 500 43.48 -63.92 -20.27
C ARG S 500 42.31 -64.58 -21.02
N MET S 501 42.26 -64.42 -22.33
CA MET S 501 41.18 -65.04 -23.11
C MET S 501 41.35 -66.55 -23.20
N LEU S 502 42.57 -67.02 -23.44
CA LEU S 502 42.79 -68.44 -23.65
C LEU S 502 42.56 -69.25 -22.38
N THR S 503 42.75 -68.64 -21.22
CA THR S 503 42.64 -69.40 -19.97
C THR S 503 41.20 -69.49 -19.45
N VAL S 504 40.34 -68.52 -19.76
CA VAL S 504 38.97 -68.58 -19.25
C VAL S 504 38.04 -69.42 -20.13
N GLN S 505 38.40 -69.63 -21.40
CA GLN S 505 37.67 -70.54 -22.28
C GLN S 505 38.69 -71.47 -22.94
N PRO S 506 39.32 -72.37 -22.17
CA PRO S 506 40.37 -73.22 -22.74
C PRO S 506 39.86 -74.27 -23.71
N ASP S 507 38.57 -74.53 -23.73
CA ASP S 507 38.00 -75.46 -24.70
C ASP S 507 37.74 -74.81 -26.05
N LEU S 508 37.86 -73.48 -26.16
CA LEU S 508 37.63 -72.76 -27.40
C LEU S 508 38.93 -72.39 -28.10
N MET S 509 39.97 -73.20 -27.91
CA MET S 509 41.27 -72.92 -28.51
C MET S 509 41.27 -73.13 -30.02
N ASN S 510 40.23 -73.73 -30.59
CA ASN S 510 40.14 -73.96 -32.02
C ASN S 510 38.90 -73.35 -32.65
N ASP S 511 38.09 -72.61 -31.89
CA ASP S 511 36.93 -71.95 -32.46
C ASP S 511 37.36 -70.66 -33.14
N LYS S 512 37.05 -70.54 -34.43
CA LYS S 512 37.56 -69.41 -35.21
C LYS S 512 37.00 -68.09 -34.72
N GLY S 513 35.74 -68.07 -34.31
CA GLY S 513 35.16 -66.84 -33.79
C GLY S 513 35.81 -66.38 -32.49
N TYR S 514 36.07 -67.32 -31.58
CA TYR S 514 36.72 -66.96 -30.33
C TYR S 514 38.14 -66.47 -30.58
N LEU S 515 38.83 -67.03 -31.57
CA LEU S 515 40.18 -66.59 -31.89
C LEU S 515 40.20 -65.15 -32.40
N GLU S 516 39.22 -64.79 -33.24
CA GLU S 516 39.13 -63.40 -33.69
C GLU S 516 38.84 -62.47 -32.52
N ARG S 517 37.93 -62.87 -31.63
CA ARG S 517 37.64 -62.07 -30.45
C ARG S 517 38.86 -61.96 -29.54
N THR S 518 39.59 -63.06 -29.37
CA THR S 518 40.80 -63.05 -28.54
C THR S 518 41.84 -62.09 -29.11
N ALA S 519 42.04 -62.12 -30.42
CA ALA S 519 43.03 -61.23 -31.04
C ALA S 519 42.63 -59.77 -30.88
N ARG S 520 41.35 -59.46 -31.01
CA ARG S 520 40.90 -58.08 -30.85
C ARG S 520 41.04 -57.62 -29.40
N TYR S 521 40.76 -58.50 -28.44
CA TYR S 521 40.93 -58.17 -27.04
C TYR S 521 42.40 -57.89 -26.71
N ALA S 522 43.32 -58.67 -27.27
CA ALA S 522 44.74 -58.44 -27.05
C ALA S 522 45.17 -57.09 -27.61
N ILE S 523 44.65 -56.71 -28.78
CA ILE S 523 44.96 -55.43 -29.39
C ILE S 523 44.54 -54.29 -28.47
N GLU S 524 43.34 -54.39 -27.89
CA GLU S 524 42.85 -53.34 -27.00
C GLU S 524 43.68 -53.25 -25.73
N CYS S 525 44.06 -54.40 -25.15
CA CYS S 525 44.91 -54.39 -23.95
C CYS S 525 46.26 -53.75 -24.24
N GLY S 526 46.85 -54.04 -25.41
CA GLY S 526 48.11 -53.43 -25.75
C GLY S 526 48.00 -51.93 -25.95
N VAL S 527 46.90 -51.47 -26.56
CA VAL S 527 46.72 -50.05 -26.78
C VAL S 527 46.59 -49.29 -25.47
N VAL S 528 45.78 -49.82 -24.55
CA VAL S 528 45.57 -49.15 -23.28
C VAL S 528 46.86 -49.13 -22.45
N ASP S 529 47.60 -50.22 -22.45
CA ASP S 529 48.84 -50.28 -21.67
C ASP S 529 49.88 -49.31 -22.21
N GLN S 530 50.01 -49.21 -23.53
CA GLN S 530 50.91 -48.23 -24.12
C GLN S 530 50.47 -46.81 -23.80
N TRP S 531 49.17 -46.54 -23.90
CA TRP S 531 48.63 -45.21 -23.62
C TRP S 531 48.90 -44.79 -22.18
N LEU S 532 48.70 -45.72 -21.23
CA LEU S 532 48.95 -45.42 -19.83
C LEU S 532 50.43 -45.12 -19.57
N LEU S 533 51.33 -45.88 -20.21
CA LEU S 533 52.75 -45.70 -19.94
C LEU S 533 53.23 -44.33 -20.38
N ALA S 534 52.68 -43.79 -21.46
CA ALA S 534 53.03 -42.44 -21.88
C ALA S 534 52.65 -41.41 -20.82
N GLN S 535 51.47 -41.57 -20.20
CA GLN S 535 51.05 -40.65 -19.15
C GLN S 535 51.94 -40.78 -17.92
N THR S 536 52.26 -42.01 -17.51
CA THR S 536 53.09 -42.19 -16.31
C THR S 536 54.49 -41.63 -16.49
N ARG S 537 55.12 -41.91 -17.64
CA ARG S 537 56.52 -41.55 -17.82
C ARG S 537 56.71 -40.11 -18.29
N GLY S 538 55.84 -39.62 -19.17
CA GLY S 538 55.99 -38.27 -19.68
C GLY S 538 57.11 -38.14 -20.69
N TYR S 539 57.63 -36.92 -20.81
CA TYR S 539 58.60 -36.52 -21.82
C TYR S 539 59.89 -36.01 -21.17
N PRO S 540 61.03 -36.19 -21.83
CA PRO S 540 62.24 -35.51 -21.38
C PRO S 540 62.12 -34.00 -21.61
N PRO S 541 62.76 -33.19 -20.76
CA PRO S 541 62.64 -31.73 -20.85
C PRO S 541 63.47 -31.15 -21.99
N ASN S 562 68.63 -40.59 -8.10
CA ASN S 562 68.25 -40.87 -9.49
C ASN S 562 67.72 -39.61 -10.15
N GLY S 563 68.62 -38.76 -10.63
CA GLY S 563 68.15 -37.55 -11.27
C GLY S 563 67.47 -37.87 -12.58
N ILE S 564 66.14 -37.85 -12.57
CA ILE S 564 65.33 -38.14 -13.75
C ILE S 564 64.34 -37.00 -13.91
N ARG S 565 64.35 -36.38 -15.08
CA ARG S 565 63.59 -35.15 -15.32
C ARG S 565 62.55 -35.43 -16.40
N SER S 566 61.29 -35.19 -16.06
CA SER S 566 60.20 -35.39 -17.01
C SER S 566 59.20 -34.26 -16.90
N ILE S 567 58.52 -34.00 -18.01
CA ILE S 567 57.48 -32.99 -18.10
C ILE S 567 56.24 -33.67 -18.66
N THR S 568 55.09 -33.03 -18.42
CA THR S 568 53.86 -33.60 -18.95
C THR S 568 53.72 -33.26 -20.43
N GLU S 569 52.78 -33.94 -21.08
CA GLU S 569 52.48 -33.66 -22.48
C GLU S 569 51.89 -32.27 -22.67
N ARG S 570 51.19 -31.76 -21.65
CA ARG S 570 50.74 -30.37 -21.71
C ARG S 570 51.93 -29.41 -21.77
N GLU S 571 52.96 -29.66 -20.97
CA GLU S 571 54.17 -28.84 -21.04
C GLU S 571 54.94 -29.09 -22.33
N TYR S 572 54.90 -30.31 -22.85
CA TYR S 572 55.60 -30.60 -24.10
C TYR S 572 54.98 -29.84 -25.27
N ARG S 573 53.68 -29.58 -25.23
CA ARG S 573 52.99 -28.89 -26.31
C ARG S 573 52.82 -27.40 -26.04
N THR S 574 53.62 -26.83 -25.15
CA THR S 574 53.56 -25.40 -24.84
C THR S 574 54.72 -24.70 -25.54
N SER S 575 54.39 -23.73 -26.39
CA SER S 575 55.39 -23.01 -27.17
C SER S 575 55.95 -21.82 -26.39
N LYS S 576 57.02 -21.23 -26.93
CA LYS S 576 57.60 -20.02 -26.35
C LYS S 576 56.79 -18.79 -26.73
N PRO S 577 56.81 -17.75 -25.90
CA PRO S 577 55.96 -16.57 -26.15
C PRO S 577 56.25 -15.84 -27.45
N TYR S 578 57.49 -15.88 -27.95
CA TYR S 578 57.92 -15.06 -29.08
C TYR S 578 57.75 -13.57 -28.79
N ASP S 579 58.08 -13.17 -27.56
CA ASP S 579 57.96 -11.78 -27.11
C ASP S 579 59.30 -11.06 -27.10
N GLU S 580 60.27 -11.53 -27.88
CA GLU S 580 61.59 -10.94 -27.87
C GLU S 580 61.55 -9.51 -28.39
N PRO S 581 62.07 -8.53 -27.63
CA PRO S 581 61.99 -7.12 -28.08
C PRO S 581 62.63 -6.88 -29.44
N ASP S 582 63.69 -7.61 -29.77
CA ASP S 582 64.26 -7.53 -31.12
C ASP S 582 63.40 -8.25 -32.14
N GLY S 583 62.57 -9.20 -31.70
CA GLY S 583 61.81 -10.06 -32.59
C GLY S 583 60.71 -9.33 -33.34
N PRO S 584 60.23 -9.94 -34.43
CA PRO S 584 59.29 -9.27 -35.33
C PRO S 584 57.83 -9.34 -34.91
N TYR S 585 57.51 -9.82 -33.71
CA TYR S 585 56.13 -10.03 -33.32
C TYR S 585 55.69 -9.10 -32.19
N VAL S 586 56.54 -8.17 -31.77
CA VAL S 586 56.21 -7.24 -30.71
C VAL S 586 56.20 -5.81 -31.26
N MET S 587 55.78 -4.88 -30.41
CA MET S 587 55.68 -3.47 -30.77
C MET S 587 57.01 -2.79 -30.48
N LYS S 588 57.77 -2.50 -31.52
CA LYS S 588 58.99 -1.73 -31.42
C LYS S 588 58.67 -0.26 -31.22
N PRO S 589 59.63 0.53 -30.74
CA PRO S 589 59.46 1.99 -30.75
C PRO S 589 59.31 2.52 -32.17
N VAL S 590 58.96 3.81 -32.26
CA VAL S 590 58.64 4.42 -33.55
C VAL S 590 59.83 4.44 -34.49
N GLU S 591 61.06 4.32 -33.96
CA GLU S 591 62.25 4.41 -34.80
C GLU S 591 62.29 3.28 -35.82
N GLU S 592 62.41 2.04 -35.36
CA GLU S 592 62.48 0.88 -36.24
C GLU S 592 61.09 0.28 -36.34
N ARG S 593 60.30 0.75 -37.29
CA ARG S 593 58.95 0.25 -37.50
C ARG S 593 58.79 -0.44 -38.84
N GLU S 594 59.09 0.26 -39.94
CA GLU S 594 58.84 -0.24 -41.30
C GLU S 594 57.37 -0.64 -41.46
N TYR S 595 56.50 0.37 -41.34
CA TYR S 595 55.07 0.17 -41.56
C TYR S 595 54.82 -0.40 -42.94
N ARG S 596 54.36 -1.64 -43.01
CA ARG S 596 54.16 -2.32 -44.28
C ARG S 596 53.02 -1.66 -45.04
N LYS S 597 53.33 -1.15 -46.24
CA LYS S 597 52.32 -0.47 -47.04
C LYS S 597 51.26 -1.45 -47.50
N LEU S 598 50.00 -1.01 -47.47
CA LEU S 598 48.88 -1.86 -47.87
C LEU S 598 48.76 -1.91 -49.38
N MET T 37 -41.90 32.51 -63.88
CA MET T 37 -43.05 31.67 -64.20
C MET T 37 -43.65 32.08 -65.54
N GLN T 38 -44.82 31.50 -65.86
CA GLN T 38 -45.47 31.82 -67.13
C GLN T 38 -46.17 33.17 -67.10
N THR T 39 -46.72 33.58 -65.96
CA THR T 39 -47.48 34.82 -65.90
C THR T 39 -46.55 36.02 -65.99
N PRO T 40 -46.86 37.01 -66.82
CA PRO T 40 -46.01 38.20 -66.91
C PRO T 40 -46.04 39.01 -65.62
N LEU T 41 -44.97 39.77 -65.41
CA LEU T 41 -44.84 40.56 -64.19
C LEU T 41 -45.93 41.62 -64.11
N GLU T 42 -46.31 42.21 -65.24
CA GLU T 42 -47.35 43.24 -65.24
C GLU T 42 -48.67 42.69 -64.73
N GLU T 43 -49.03 41.48 -65.16
CA GLU T 43 -50.26 40.86 -64.67
C GLU T 43 -50.15 40.52 -63.19
N LEU T 44 -49.02 39.97 -62.77
CA LEU T 44 -48.85 39.56 -61.38
C LEU T 44 -48.92 40.74 -60.42
N TYR T 45 -48.27 41.85 -60.78
CA TYR T 45 -48.12 42.97 -59.88
C TYR T 45 -49.15 44.08 -60.10
N ASN T 46 -50.10 43.89 -61.01
CA ASN T 46 -51.17 44.85 -61.26
C ASN T 46 -50.56 46.21 -61.65
N VAL T 47 -49.72 46.17 -62.68
CA VAL T 47 -49.11 47.38 -63.23
C VAL T 47 -49.83 47.66 -64.54
N LYS T 48 -50.76 48.60 -64.51
CA LYS T 48 -51.51 48.96 -65.71
C LYS T 48 -50.59 49.78 -66.62
N VAL T 49 -50.57 49.43 -67.90
CA VAL T 49 -49.74 50.11 -68.89
C VAL T 49 -50.59 50.40 -70.12
N GLU T 50 -50.38 51.55 -70.72
CA GLU T 50 -51.15 52.04 -71.86
C GLU T 50 -50.24 52.49 -72.99
N ARG T 51 -49.32 51.61 -73.40
CA ARG T 51 -48.33 51.90 -74.42
C ARG T 51 -48.94 52.62 -75.63
N LYS T 52 -48.17 53.56 -76.18
CA LYS T 52 -48.59 54.40 -77.31
C LYS T 52 -49.89 55.16 -77.00
N VAL T 53 -49.81 56.02 -75.97
CA VAL T 53 -50.97 56.80 -75.57
C VAL T 53 -51.28 57.85 -76.63
N SER T 54 -52.57 57.98 -76.96
CA SER T 54 -53.00 59.03 -77.86
C SER T 54 -52.97 60.38 -77.14
N GLN T 55 -52.83 61.45 -77.93
CA GLN T 55 -52.81 62.80 -77.36
C GLN T 55 -54.14 63.13 -76.69
N ARG T 56 -55.24 62.55 -77.16
CA ARG T 56 -56.53 62.78 -76.54
C ARG T 56 -56.53 62.31 -75.09
N ARG T 57 -55.99 61.12 -74.83
CA ARG T 57 -55.94 60.60 -73.48
C ARG T 57 -55.05 61.44 -72.58
N LEU T 58 -53.94 61.95 -73.13
CA LEU T 58 -53.05 62.82 -72.36
C LEU T 58 -53.77 64.08 -71.91
N GLU T 59 -54.55 64.69 -72.80
CA GLU T 59 -55.25 65.92 -72.45
C GLU T 59 -56.43 65.64 -71.52
N GLU T 60 -57.05 64.47 -71.64
CA GLU T 60 -58.10 64.11 -70.69
C GLU T 60 -57.54 63.98 -69.29
N LEU T 61 -56.32 63.46 -69.16
CA LEU T 61 -55.64 63.34 -67.88
C LEU T 61 -55.00 64.63 -67.41
N GLY T 62 -54.87 65.63 -68.28
CA GLY T 62 -54.17 66.85 -67.91
C GLY T 62 -52.70 66.66 -67.68
N VAL T 63 -52.03 65.87 -68.53
CA VAL T 63 -50.63 65.54 -68.33
C VAL T 63 -49.73 66.77 -68.44
N SER T 64 -50.15 67.76 -69.25
CA SER T 64 -49.31 68.93 -69.45
C SER T 64 -49.09 69.73 -68.17
N ARG T 65 -49.94 69.55 -67.16
CA ARG T 65 -49.78 70.22 -65.87
C ARG T 65 -49.11 69.35 -64.81
N TRP T 66 -48.71 68.14 -65.17
CA TRP T 66 -48.04 67.26 -64.22
C TRP T 66 -46.60 67.70 -63.98
N SER T 67 -46.08 67.33 -62.82
CA SER T 67 -44.70 67.65 -62.48
C SER T 67 -43.75 66.78 -63.29
N VAL T 68 -42.49 67.22 -63.34
CA VAL T 68 -41.45 66.60 -64.16
C VAL T 68 -40.43 65.95 -63.25
N TRP T 69 -40.00 64.74 -63.62
CA TRP T 69 -38.89 64.05 -62.97
C TRP T 69 -37.98 63.48 -64.04
N LYS T 70 -36.67 63.63 -63.85
CA LYS T 70 -35.71 63.13 -64.83
C LYS T 70 -34.49 62.59 -64.11
N THR T 71 -33.70 61.80 -64.84
CA THR T 71 -32.54 61.16 -64.28
C THR T 71 -31.61 60.74 -65.41
N GLY T 72 -30.39 60.36 -65.04
CA GLY T 72 -29.49 59.70 -65.94
C GLY T 72 -29.35 58.23 -65.58
N LYS T 73 -28.21 57.63 -65.91
CA LYS T 73 -27.96 56.22 -65.58
C LYS T 73 -27.81 56.08 -64.07
N CYS T 74 -28.75 55.39 -63.44
CA CYS T 74 -28.75 55.25 -61.98
C CYS T 74 -29.67 54.10 -61.59
N LYS T 75 -29.94 54.00 -60.29
CA LYS T 75 -30.72 52.91 -59.71
C LYS T 75 -31.54 53.47 -58.57
N LEU T 76 -32.86 53.35 -58.66
CA LEU T 76 -33.76 53.94 -57.67
C LEU T 76 -34.63 52.89 -57.00
N PRO T 77 -34.41 52.56 -55.72
CA PRO T 77 -35.36 51.71 -55.00
C PRO T 77 -36.51 52.54 -54.47
N TRP T 78 -37.72 51.97 -54.52
CA TRP T 78 -38.89 52.69 -54.06
C TRP T 78 -39.97 51.72 -53.63
N ASP T 79 -40.69 52.09 -52.57
CA ASP T 79 -41.92 51.44 -52.15
C ASP T 79 -43.06 52.42 -52.30
N TRP T 80 -43.99 52.12 -53.19
CA TRP T 80 -45.08 53.06 -53.48
C TRP T 80 -46.07 53.07 -52.33
N GLN T 81 -46.31 54.25 -51.76
CA GLN T 81 -47.28 54.41 -50.69
C GLN T 81 -48.64 54.84 -51.21
N VAL T 82 -48.70 55.39 -52.43
CA VAL T 82 -49.95 55.63 -53.13
C VAL T 82 -49.72 55.26 -54.59
N ASP T 83 -50.82 55.12 -55.33
CA ASP T 83 -50.73 54.89 -56.76
C ASP T 83 -50.07 56.09 -57.43
N GLN T 84 -49.27 55.82 -58.47
CA GLN T 84 -48.61 56.88 -59.23
C GLN T 84 -48.81 56.65 -60.71
N LEU T 85 -49.27 57.68 -61.40
CA LEU T 85 -49.38 57.68 -62.85
C LEU T 85 -48.14 58.35 -63.44
N VAL T 86 -47.48 57.67 -64.36
CA VAL T 86 -46.25 58.16 -64.96
C VAL T 86 -46.39 58.14 -66.47
N TYR T 87 -46.11 59.26 -67.11
CA TYR T 87 -46.04 59.33 -68.56
C TYR T 87 -44.59 59.55 -68.95
N ILE T 88 -43.99 58.56 -69.61
CA ILE T 88 -42.59 58.63 -69.99
C ILE T 88 -42.46 59.45 -71.26
N GLU T 89 -41.64 60.50 -71.21
CA GLU T 89 -41.42 61.38 -72.35
C GLU T 89 -40.13 61.07 -73.10
N GLU T 90 -39.11 60.54 -72.44
CA GLU T 90 -37.85 60.22 -73.07
C GLU T 90 -37.18 59.09 -72.31
N GLY T 91 -36.53 58.19 -73.03
CA GLY T 91 -35.75 57.14 -72.42
C GLY T 91 -36.57 55.90 -72.12
N GLU T 92 -36.02 55.09 -71.22
CA GLU T 92 -36.68 53.86 -70.81
C GLU T 92 -36.22 53.47 -69.41
N VAL T 93 -37.06 52.69 -68.75
CA VAL T 93 -36.81 52.22 -67.38
C VAL T 93 -37.11 50.74 -67.32
N ARG T 94 -36.29 50.00 -66.58
CA ARG T 94 -36.54 48.59 -66.31
C ARG T 94 -36.83 48.44 -64.82
N VAL T 95 -37.98 47.86 -64.50
CA VAL T 95 -38.49 47.81 -63.14
C VAL T 95 -38.37 46.38 -62.65
N VAL T 96 -37.63 46.19 -61.56
CA VAL T 96 -37.39 44.88 -60.96
C VAL T 96 -38.11 44.85 -59.61
N PRO T 97 -39.23 44.13 -59.49
CA PRO T 97 -39.89 44.02 -58.18
C PRO T 97 -39.00 43.32 -57.18
N GLU T 98 -39.27 43.58 -55.90
CA GLU T 98 -38.44 43.07 -54.82
C GLU T 98 -38.34 41.55 -54.87
N GLY T 99 -37.11 41.04 -54.91
CA GLY T 99 -36.85 39.63 -54.96
C GLY T 99 -36.96 38.99 -56.33
N SER T 100 -37.19 39.79 -57.39
CA SER T 100 -37.46 39.25 -58.71
C SER T 100 -36.18 39.08 -59.52
N LYS T 101 -36.22 38.13 -60.46
CA LYS T 101 -35.15 37.94 -61.42
C LYS T 101 -35.51 38.45 -62.80
N ARG T 102 -36.75 38.83 -63.04
CA ARG T 102 -37.21 39.40 -64.29
C ARG T 102 -37.47 40.89 -64.11
N PHE T 103 -37.75 41.55 -65.22
CA PHE T 103 -38.00 42.99 -65.19
C PHE T 103 -39.16 43.34 -66.12
N MET T 104 -39.78 44.48 -65.83
CA MET T 104 -40.74 45.11 -66.72
C MET T 104 -40.06 46.29 -67.40
N GLN T 105 -40.27 46.43 -68.70
CA GLN T 105 -39.66 47.49 -69.48
C GLN T 105 -40.74 48.44 -69.99
N PHE T 106 -40.55 49.74 -69.72
CA PHE T 106 -41.43 50.78 -70.20
C PHE T 106 -40.62 51.80 -70.99
N LEU T 107 -41.14 52.20 -72.13
CA LEU T 107 -40.45 53.07 -73.07
C LEU T 107 -41.17 54.39 -73.20
N ALA T 108 -40.52 55.34 -73.88
CA ALA T 108 -41.09 56.65 -74.10
C ALA T 108 -42.41 56.53 -74.87
N GLY T 109 -43.42 57.26 -74.40
CA GLY T 109 -44.76 57.16 -74.95
C GLY T 109 -45.72 56.31 -74.14
N ASP T 110 -45.22 55.52 -73.19
CA ASP T 110 -46.06 54.67 -72.36
C ASP T 110 -46.58 55.44 -71.16
N LEU T 111 -47.82 55.13 -70.77
CA LEU T 111 -48.41 55.64 -69.54
C LEU T 111 -48.54 54.49 -68.55
N VAL T 112 -47.85 54.61 -67.43
CA VAL T 112 -47.75 53.54 -66.44
C VAL T 112 -48.46 53.97 -65.17
N ARG T 113 -49.19 53.05 -64.56
CA ARG T 113 -49.76 53.24 -63.24
C ARG T 113 -49.10 52.25 -62.29
N TYR T 114 -48.22 52.76 -61.42
CA TYR T 114 -47.63 51.94 -60.39
C TYR T 114 -48.58 51.80 -59.22
N PRO T 115 -48.93 50.59 -58.79
CA PRO T 115 -49.93 50.43 -57.73
C PRO T 115 -49.39 50.76 -56.35
N LYS T 116 -50.31 51.07 -55.45
CA LYS T 116 -49.98 51.23 -54.05
C LYS T 116 -49.42 49.94 -53.48
N TRP T 117 -48.45 50.07 -52.58
CA TRP T 117 -47.77 48.98 -51.87
C TRP T 117 -46.80 48.20 -52.73
N LEU T 118 -46.46 48.69 -53.92
CA LEU T 118 -45.49 48.02 -54.76
C LEU T 118 -44.08 48.36 -54.29
N GLU T 119 -43.24 47.35 -54.12
CA GLU T 119 -41.83 47.53 -53.80
C GLU T 119 -41.02 47.04 -55.00
N ALA T 120 -40.17 47.90 -55.53
CA ALA T 120 -39.46 47.58 -56.76
C ALA T 120 -38.18 48.38 -56.82
N ASP T 121 -37.32 47.99 -57.76
CA ASP T 121 -36.11 48.73 -58.09
C ASP T 121 -36.24 49.23 -59.51
N LEU T 122 -36.02 50.52 -59.70
CA LEU T 122 -36.08 51.14 -61.02
C LEU T 122 -34.65 51.34 -61.54
N PHE T 123 -34.39 50.88 -62.76
CA PHE T 123 -33.07 50.94 -63.37
C PHE T 123 -33.13 51.81 -64.60
N PHE T 124 -32.19 52.74 -64.72
CA PHE T 124 -32.04 53.58 -65.90
C PHE T 124 -30.63 53.41 -66.43
N ASN T 125 -30.48 53.47 -67.75
CA ASN T 125 -29.19 53.28 -68.40
C ASN T 125 -28.84 54.42 -69.34
N ALA T 126 -29.66 55.46 -69.39
CA ALA T 126 -29.55 56.55 -70.35
C ALA T 126 -30.44 57.69 -69.86
N PRO T 127 -30.35 58.89 -70.44
CA PRO T 127 -31.23 59.97 -70.00
C PRO T 127 -32.70 59.58 -70.07
N TYR T 128 -33.43 59.94 -69.01
CA TYR T 128 -34.83 59.57 -68.86
C TYR T 128 -35.60 60.78 -68.37
N SER T 129 -36.82 60.95 -68.89
CA SER T 129 -37.67 62.07 -68.51
C SER T 129 -39.11 61.59 -68.45
N GLU T 130 -39.85 62.08 -67.45
CA GLU T 130 -41.22 61.63 -67.23
C GLU T 130 -42.04 62.76 -66.63
N ARG T 131 -43.36 62.62 -66.74
CA ARG T 131 -44.31 63.46 -66.03
C ARG T 131 -45.17 62.55 -65.17
N TYR T 132 -45.33 62.91 -63.89
CA TYR T 132 -45.96 62.01 -62.93
C TYR T 132 -47.10 62.70 -62.22
N CYS T 133 -47.91 61.89 -61.54
CA CYS T 133 -48.99 62.37 -60.70
C CYS T 133 -49.36 61.25 -59.74
N PHE T 134 -49.38 61.56 -58.45
CA PHE T 134 -49.76 60.58 -57.44
C PHE T 134 -51.26 60.66 -57.18
N LYS T 135 -51.90 59.49 -57.07
CA LYS T 135 -53.34 59.39 -56.95
C LYS T 135 -53.71 58.77 -55.62
N ALA T 136 -54.53 59.46 -54.84
CA ALA T 136 -55.08 58.90 -53.61
C ALA T 136 -56.31 58.05 -53.94
N TYR T 137 -56.94 57.52 -52.89
CA TYR T 137 -58.15 56.72 -53.10
C TYR T 137 -59.23 57.55 -53.78
N ALA T 138 -59.97 56.90 -54.68
CA ALA T 138 -60.83 57.57 -55.66
C ALA T 138 -59.96 58.39 -56.59
N ASP T 139 -60.08 59.72 -56.54
CA ASP T 139 -59.27 60.61 -57.36
C ASP T 139 -59.40 60.28 -58.85
N ASP T 140 -58.45 59.51 -59.37
CA ASP T 140 -58.46 59.10 -60.76
C ASP T 140 -57.96 57.67 -60.91
N ALA U 79 22.51 85.94 8.81
CA ALA U 79 23.33 87.07 8.42
C ALA U 79 22.67 87.86 7.30
N GLU U 80 22.24 89.08 7.61
CA GLU U 80 21.66 89.96 6.61
C GLU U 80 22.70 90.28 5.53
N TYR U 81 22.29 90.17 4.28
CA TYR U 81 23.20 90.45 3.17
C TYR U 81 23.61 91.91 3.16
N LYS U 82 24.90 92.15 2.92
CA LYS U 82 25.46 93.49 2.87
C LYS U 82 25.65 93.87 1.40
N PHE U 83 24.89 94.87 0.95
CA PHE U 83 25.00 95.31 -0.43
C PHE U 83 26.33 96.05 -0.64
N PRO U 84 26.86 96.03 -1.86
CA PRO U 84 28.08 96.79 -2.14
C PRO U 84 27.87 98.28 -1.91
N ASP U 85 28.94 98.94 -1.46
CA ASP U 85 28.87 100.36 -1.17
C ASP U 85 28.70 101.16 -2.47
N PRO U 86 28.00 102.29 -2.41
CA PRO U 86 27.86 103.13 -3.60
C PRO U 86 29.20 103.65 -4.09
N ILE U 87 29.34 103.75 -5.41
CA ILE U 87 30.55 104.23 -6.04
C ILE U 87 30.32 105.67 -6.48
N PRO U 88 30.98 106.66 -5.89
CA PRO U 88 30.78 108.06 -6.33
C PRO U 88 31.12 108.27 -7.80
N GLU U 89 32.16 107.59 -8.30
CA GLU U 89 32.52 107.75 -9.71
C GLU U 89 31.43 107.25 -10.64
N PHE U 90 30.83 106.10 -10.30
CA PHE U 90 29.71 105.60 -11.09
C PHE U 90 28.52 106.55 -11.02
N ALA U 91 28.26 107.12 -9.85
CA ALA U 91 27.13 108.04 -9.70
C ALA U 91 27.28 109.27 -10.58
N GLU U 92 28.51 109.81 -10.67
CA GLU U 92 28.74 110.97 -11.51
C GLU U 92 28.50 110.65 -12.98
N ALA U 93 28.97 109.49 -13.44
CA ALA U 93 28.77 109.11 -14.84
C ALA U 93 27.30 108.87 -15.15
N GLU U 94 26.59 108.16 -14.27
CA GLU U 94 25.18 107.88 -14.50
C GLU U 94 24.35 109.16 -14.43
N THR U 95 24.69 110.06 -13.52
CA THR U 95 23.91 111.29 -13.37
C THR U 95 23.97 112.15 -14.63
N LYS U 96 25.15 112.24 -15.25
CA LYS U 96 25.28 112.99 -16.49
C LYS U 96 24.42 112.36 -17.60
N LYS U 97 24.45 111.03 -17.70
CA LYS U 97 23.59 110.35 -18.68
C LYS U 97 22.11 110.56 -18.37
N PHE U 98 21.76 110.51 -17.09
CA PHE U 98 20.37 110.74 -16.68
C PHE U 98 19.92 112.16 -17.03
N ARG U 99 20.78 113.14 -16.76
CA ARG U 99 20.42 114.54 -17.02
C ARG U 99 20.26 114.81 -18.51
N ASP U 100 21.15 114.25 -19.33
CA ASP U 100 21.05 114.46 -20.78
C ASP U 100 19.77 113.85 -21.33
N HIS U 101 19.42 112.65 -20.89
CA HIS U 101 18.19 112.02 -21.35
C HIS U 101 16.96 112.81 -20.93
N MET U 102 16.95 113.30 -19.69
CA MET U 102 15.80 114.08 -19.21
C MET U 102 15.63 115.37 -20.00
N ALA U 103 16.75 116.05 -20.30
CA ALA U 103 16.66 117.29 -21.05
C ALA U 103 16.09 117.06 -22.45
N LYS U 104 16.53 116.00 -23.11
CA LYS U 104 16.02 115.70 -24.45
C LYS U 104 14.57 115.23 -24.41
N LYS U 105 14.23 114.41 -23.41
CA LYS U 105 12.88 113.86 -23.33
C LYS U 105 11.86 114.94 -22.95
N LEU U 106 12.16 115.73 -21.91
CA LEU U 106 11.19 116.70 -21.42
C LEU U 106 11.02 117.89 -22.35
N ALA U 107 12.02 118.19 -23.18
CA ALA U 107 11.89 119.30 -24.12
C ALA U 107 10.89 118.99 -25.22
N LYS U 108 10.73 117.72 -25.57
CA LYS U 108 9.82 117.33 -26.64
C LYS U 108 8.36 117.47 -26.26
N ARG U 109 8.05 117.69 -24.99
CA ARG U 109 6.68 117.82 -24.50
C ARG U 109 6.38 119.27 -24.19
N ASP U 110 5.25 119.76 -24.71
CA ASP U 110 4.82 121.13 -24.46
C ASP U 110 4.29 121.34 -23.04
N LEU U 111 4.07 120.25 -22.28
CA LEU U 111 3.52 120.38 -20.94
C LEU U 111 4.46 121.11 -20.00
N PHE U 112 5.77 121.00 -20.23
CA PHE U 112 6.76 121.60 -19.34
C PHE U 112 7.09 123.04 -19.70
N GLU U 113 6.84 123.45 -20.93
CA GLU U 113 7.05 124.84 -21.38
C GLU U 113 8.42 125.38 -21.02
N ASP U 114 8.45 126.43 -20.20
CA ASP U 114 9.68 127.12 -19.86
C ASP U 114 10.33 126.60 -18.58
N SER U 115 9.77 125.58 -17.94
CA SER U 115 10.30 125.04 -16.70
C SER U 115 11.11 123.76 -16.93
N VAL U 116 11.51 123.50 -18.17
CA VAL U 116 12.25 122.27 -18.48
C VAL U 116 13.57 122.24 -17.72
N ASP U 117 14.31 123.35 -17.75
CA ASP U 117 15.61 123.40 -17.08
C ASP U 117 15.46 123.24 -15.58
N GLU U 118 14.48 123.92 -14.98
CA GLU U 118 14.28 123.82 -13.54
C GLU U 118 13.87 122.41 -13.13
N ILE U 119 12.97 121.79 -13.89
CA ILE U 119 12.53 120.44 -13.57
C ILE U 119 13.68 119.45 -13.72
N VAL U 120 14.45 119.56 -14.79
CA VAL U 120 15.59 118.67 -14.99
C VAL U 120 16.62 118.88 -13.88
N GLY U 121 16.87 120.12 -13.50
CA GLY U 121 17.79 120.39 -12.41
C GLY U 121 17.35 119.76 -11.11
N VAL U 122 16.05 119.84 -10.80
CA VAL U 122 15.53 119.18 -9.61
C VAL U 122 15.58 117.65 -9.79
N CYS U 123 15.33 117.18 -11.01
CA CYS U 123 15.44 115.75 -11.30
C CYS U 123 16.87 115.27 -11.11
N THR U 124 17.84 116.05 -11.56
CA THR U 124 19.23 115.63 -11.47
C THR U 124 19.69 115.54 -10.02
N GLU U 125 19.24 116.49 -9.18
CA GLU U 125 19.74 116.54 -7.80
C GLU U 125 19.31 115.32 -7.00
N ILE U 126 18.02 114.97 -7.05
CA ILE U 126 17.53 113.86 -6.26
C ILE U 126 18.12 112.54 -6.75
N PHE U 127 18.17 112.34 -8.06
CA PHE U 127 18.72 111.11 -8.60
C PHE U 127 20.19 110.95 -8.27
N GLU U 128 20.96 112.04 -8.33
CA GLU U 128 22.37 111.99 -7.99
C GLU U 128 22.55 111.63 -6.51
N THR U 129 21.74 112.21 -5.64
CA THR U 129 21.85 111.93 -4.21
C THR U 129 21.57 110.47 -3.90
N PHE U 130 20.55 109.89 -4.56
CA PHE U 130 20.22 108.49 -4.32
C PHE U 130 21.37 107.57 -4.75
N LEU U 131 21.96 107.85 -5.91
CA LEU U 131 23.07 107.02 -6.39
C LEU U 131 24.30 107.13 -5.50
N ARG U 132 24.53 108.32 -4.94
CA ARG U 132 25.73 108.53 -4.12
C ARG U 132 25.64 107.85 -2.77
N ASN U 133 24.44 107.66 -2.24
CA ASN U 133 24.26 107.25 -0.86
C ASN U 133 23.56 105.92 -0.66
N GLU U 134 22.65 105.53 -1.55
CA GLU U 134 21.82 104.36 -1.32
C GLU U 134 21.97 103.26 -2.37
N TYR U 135 22.28 103.61 -3.61
CA TYR U 135 22.33 102.61 -4.67
C TYR U 135 23.61 101.77 -4.54
N GLY U 136 23.45 100.45 -4.54
CA GLY U 136 24.58 99.56 -4.42
C GLY U 136 24.58 98.44 -5.45
N GLY U 137 23.89 98.65 -6.56
CA GLY U 137 23.84 97.68 -7.63
C GLY U 137 22.45 97.12 -7.84
N PRO U 138 22.35 95.99 -8.55
CA PRO U 138 21.04 95.36 -8.77
C PRO U 138 20.39 95.00 -7.44
N GLY U 139 19.08 95.22 -7.37
CA GLY U 139 18.32 94.98 -6.16
C GLY U 139 18.23 96.17 -5.22
N THR U 140 18.91 97.27 -5.52
CA THR U 140 18.86 98.47 -4.70
C THR U 140 18.24 99.67 -5.40
N LEU U 141 17.78 99.51 -6.65
CA LEU U 141 17.13 100.59 -7.36
C LEU U 141 15.75 100.84 -6.77
N LEU U 142 15.66 101.76 -5.81
CA LEU U 142 14.42 101.99 -5.09
C LEU U 142 13.50 102.92 -5.86
N VAL U 143 12.19 102.81 -5.57
CA VAL U 143 11.19 103.69 -6.17
C VAL U 143 11.00 104.97 -5.36
N ILE U 144 11.54 105.04 -4.15
CA ILE U 144 11.34 106.22 -3.30
C ILE U 144 11.88 107.49 -3.95
N PRO U 145 13.10 107.52 -4.50
CA PRO U 145 13.55 108.77 -5.16
C PRO U 145 12.64 109.21 -6.29
N PHE U 146 12.01 108.29 -7.00
CA PHE U 146 11.05 108.66 -8.04
C PHE U 146 9.73 109.14 -7.44
N ILE U 147 9.35 108.60 -6.28
CA ILE U 147 8.21 109.16 -5.56
C ILE U 147 8.51 110.58 -5.10
N ASP U 148 9.72 110.81 -4.59
CA ASP U 148 10.14 112.16 -4.23
C ASP U 148 10.20 113.09 -5.43
N MET U 149 10.37 112.53 -6.64
CA MET U 149 10.43 113.36 -7.84
C MET U 149 9.09 114.04 -8.10
N ALA U 150 8.00 113.27 -8.04
CA ALA U 150 6.68 113.84 -8.28
C ALA U 150 6.29 114.80 -7.16
N ASP U 151 6.63 114.48 -5.92
CA ASP U 151 6.26 115.33 -4.79
C ASP U 151 6.97 116.67 -4.83
N THR U 152 8.29 116.65 -5.08
CA THR U 152 9.07 117.88 -5.05
C THR U 152 8.61 118.85 -6.13
N LEU U 153 8.36 118.35 -7.34
CA LEU U 153 7.84 119.21 -8.41
C LEU U 153 6.46 119.75 -8.07
N ASN U 154 5.59 118.90 -7.51
CA ASN U 154 4.26 119.34 -7.12
C ASN U 154 4.32 120.35 -5.98
N GLU U 155 5.23 120.14 -5.02
CA GLU U 155 5.37 121.09 -3.92
C GLU U 155 5.88 122.44 -4.40
N ARG U 156 6.68 122.47 -5.46
CA ARG U 156 7.17 123.70 -6.05
C ARG U 156 6.23 124.26 -7.11
N GLU U 157 5.07 123.65 -7.30
CA GLU U 157 4.07 124.07 -8.28
C GLU U 157 4.64 124.05 -9.70
N LEU U 158 5.49 123.07 -9.99
CA LEU U 158 6.03 122.92 -11.34
C LEU U 158 5.17 121.96 -12.15
N PRO U 159 4.93 122.26 -13.42
CA PRO U 159 4.07 121.40 -14.24
C PRO U 159 4.76 120.08 -14.58
N GLY U 160 3.92 119.09 -14.90
CA GLY U 160 4.42 117.79 -15.32
C GLY U 160 5.18 117.02 -14.26
N GLY U 161 4.69 117.03 -13.02
CA GLY U 161 5.32 116.30 -11.94
C GLY U 161 5.32 114.80 -12.17
N PRO U 162 4.14 114.19 -12.23
CA PRO U 162 4.08 112.74 -12.50
C PRO U 162 4.73 112.35 -13.81
N GLN U 163 4.60 113.16 -14.85
CA GLN U 163 5.19 112.84 -16.15
C GLN U 163 6.71 112.81 -16.08
N ALA U 164 7.31 113.79 -15.39
CA ALA U 164 8.76 113.80 -15.26
C ALA U 164 9.26 112.61 -14.45
N ALA U 165 8.55 112.27 -13.37
CA ALA U 165 8.95 111.11 -12.56
C ALA U 165 8.80 109.82 -13.35
N ARG U 166 7.73 109.70 -14.15
CA ARG U 166 7.54 108.51 -14.97
C ARG U 166 8.64 108.37 -16.00
N ALA U 167 9.05 109.48 -16.63
CA ALA U 167 10.16 109.43 -17.58
C ALA U 167 11.46 109.03 -16.89
N ALA U 168 11.71 109.57 -15.70
CA ALA U 168 12.94 109.26 -14.99
C ALA U 168 12.99 107.79 -14.59
N ILE U 169 11.89 107.25 -14.07
CA ILE U 169 11.88 105.86 -13.63
C ILE U 169 11.99 104.90 -14.79
N LYS U 170 11.48 105.28 -15.97
CA LYS U 170 11.59 104.42 -17.14
C LYS U 170 13.03 104.32 -17.62
N TRP U 171 13.75 105.45 -17.61
CA TRP U 171 15.16 105.43 -17.99
C TRP U 171 16.00 104.62 -17.00
N ALA U 172 15.72 104.76 -15.71
CA ALA U 172 16.48 104.04 -14.70
C ALA U 172 16.27 102.53 -14.81
N GLN U 173 15.04 102.10 -15.11
CA GLN U 173 14.76 100.68 -15.24
C GLN U 173 15.54 100.06 -16.39
N ASP U 174 15.86 100.85 -17.42
CA ASP U 174 16.51 100.33 -18.61
C ASP U 174 18.02 100.51 -18.62
N HIS U 175 18.57 101.35 -17.75
CA HIS U 175 19.99 101.67 -17.87
C HIS U 175 20.77 101.49 -16.58
N VAL U 176 20.18 101.82 -15.42
CA VAL U 176 20.95 101.92 -14.18
C VAL U 176 21.53 100.55 -13.80
N ASP U 177 20.69 99.51 -13.79
CA ASP U 177 21.17 98.20 -13.38
C ASP U 177 22.16 97.63 -14.38
N LYS U 178 21.90 97.80 -15.68
CA LYS U 178 22.81 97.29 -16.71
C LYS U 178 24.16 98.00 -16.65
N ASP U 179 24.15 99.33 -16.47
CA ASP U 179 25.40 100.08 -16.44
C ASP U 179 26.25 99.73 -15.22
N TRP U 180 25.62 99.43 -14.09
CA TRP U 180 26.36 99.03 -12.91
C TRP U 180 27.13 97.73 -13.15
N LYS U 181 26.49 96.78 -13.85
CA LYS U 181 27.16 95.52 -14.16
C LYS U 181 28.36 95.75 -15.07
N GLU U 182 28.21 96.60 -16.08
CA GLU U 182 29.33 96.93 -16.96
C GLU U 182 30.44 97.65 -16.20
N TRP U 183 30.06 98.57 -15.31
CA TRP U 183 31.06 99.32 -14.55
C TRP U 183 31.85 98.41 -13.61
N THR U 184 31.17 97.47 -12.95
CA THR U 184 31.80 96.61 -11.96
C THR U 184 32.28 95.28 -12.52
N GLY U 185 31.83 94.89 -13.71
CA GLY U 185 32.22 93.62 -14.26
C GLY U 185 31.55 92.42 -13.63
N THR U 186 30.40 92.62 -12.99
CA THR U 186 29.66 91.55 -12.35
C THR U 186 28.49 91.12 -13.22
N ASP U 187 28.20 89.82 -13.21
CA ASP U 187 27.10 89.28 -13.99
C ASP U 187 25.78 89.37 -13.22
#